data_5ZN7
#
_entry.id   5ZN7
#
_cell.length_a   173.915
_cell.length_b   124.865
_cell.length_c   177.716
_cell.angle_alpha   90.00
_cell.angle_beta   116.98
_cell.angle_gamma   90.00
#
_symmetry.space_group_name_H-M   'P 1 21 1'
#
loop_
_entity.id
_entity.type
_entity.pdbx_description
1 polymer 'alpha-xylosidase MeXyl31'
2 non-polymer alpha-D-xylopyranose
3 water water
#
_entity_poly.entity_id   1
_entity_poly.type   'polypeptide(L)'
_entity_poly.pdbx_seq_one_letter_code
;MSEFILTSDKLVWTYDGHKLQIEPWGENSLRVRATVAPELNGNDWALLPAKPSTKVKVSEFEDSARIVNGNISAVVNGRG
QLSFYNQNGKLLLEEYWRTRFVAGQGEDTSSKYFSPLTHEARELKPIQGGKFELRARFESQPDERIYGLGQYQQPFLNVK
GCTMELAQRNSQASVPFMMSSLGYGMLWNNPAIGEVSFANNVTTWMARVTEQLDYWITAADTPAEISQQYAAATGAAPML
PDYAAGFWQCKLRYRTQDELMEVAREYKRRSLPISVIVADFFHWPNQGDWCFDTREWPDPKAMIDELKEMGIELMVSIWP
TVDNRTENYKIMKEKGYLVKAERGVPVTMTFLGNTTFFDATHPGARKYVWEQAKKNYHDLGIKIFWLDEAEPEYSVYDFE
NYRYHLGPVLEVGNIYPRGYAQAFYEGMEEAGQTEIVNLLRCAWAGSQRYGALVWSGDINSTFGALRNQLMAGLNMGIAG
IPWWTTDIGGFDGGDINDPAFQELLIRWFQWGVFCPVTRLHGFRQPMEEPAETYRDGIAQCMTGAANEIWSYGEDNYAIM
KSCLELRERLRPYVMRVMKAAHDTGAPVMRPLFFDFPDQAEAWQIEDQYMFGPDILVAPVLEAGQRSRKVWLPEGCAWID
LNTGARQNGGQWCDCDAPLEAIPVFIREAAAVQAELSIALEHHHHHH
;
_entity_poly.pdbx_strand_id   A,B,C,D,E,F,H,G
#
# COMPACT_ATOMS: atom_id res chain seq x y z
N SER A 2 16.34 34.72 -12.61
CA SER A 2 17.11 33.95 -11.60
C SER A 2 16.27 33.81 -10.33
N GLU A 3 16.03 32.57 -9.90
CA GLU A 3 15.18 32.31 -8.75
C GLU A 3 15.69 31.15 -7.90
N PHE A 4 15.94 31.42 -6.62
CA PHE A 4 16.18 30.35 -5.67
C PHE A 4 14.85 29.86 -5.08
N ILE A 5 14.70 28.54 -5.03
CA ILE A 5 13.63 27.88 -4.30
C ILE A 5 14.34 27.07 -3.21
N LEU A 6 14.31 27.60 -1.99
CA LEU A 6 15.09 27.04 -0.88
C LEU A 6 14.21 26.44 0.20
N THR A 7 14.69 25.33 0.77
CA THR A 7 14.16 24.81 2.02
C THR A 7 15.34 24.64 2.97
N SER A 8 15.05 24.19 4.19
CA SER A 8 16.08 24.03 5.22
C SER A 8 17.13 22.95 4.90
N ASP A 9 16.83 22.04 3.97
CA ASP A 9 17.78 21.01 3.54
C ASP A 9 17.82 20.74 2.01
N LYS A 10 17.42 21.72 1.20
CA LYS A 10 17.49 21.58 -0.25
C LYS A 10 17.66 22.93 -0.92
N LEU A 11 18.57 22.97 -1.90
CA LEU A 11 18.85 24.18 -2.68
C LEU A 11 18.44 23.90 -4.11
N VAL A 12 17.43 24.61 -4.59
CA VAL A 12 17.06 24.62 -5.99
C VAL A 12 17.30 26.03 -6.57
N TRP A 13 17.85 26.06 -7.78
CA TRP A 13 17.97 27.29 -8.54
C TRP A 13 17.35 27.04 -9.90
N THR A 14 16.71 28.06 -10.46
CA THR A 14 16.08 27.92 -11.76
C THR A 14 16.09 29.19 -12.62
N TYR A 15 16.23 28.98 -13.92
CA TYR A 15 16.11 30.04 -14.91
C TYR A 15 15.84 29.37 -16.26
N ASP A 16 14.83 29.89 -16.96
CA ASP A 16 14.46 29.44 -18.30
C ASP A 16 14.30 27.93 -18.43
N GLY A 17 13.61 27.34 -17.47
CA GLY A 17 13.35 25.91 -17.47
C GLY A 17 14.47 25.05 -16.92
N HIS A 18 15.70 25.59 -16.83
CA HIS A 18 16.84 24.90 -16.24
C HIS A 18 16.61 24.85 -14.73
N LYS A 19 16.56 23.64 -14.19
CA LYS A 19 16.44 23.42 -12.75
C LYS A 19 17.73 22.80 -12.24
N LEU A 20 18.36 23.44 -11.26
CA LEU A 20 19.55 22.90 -10.58
C LEU A 20 19.11 22.55 -9.16
N GLN A 21 19.30 21.29 -8.75
CA GLN A 21 18.92 20.83 -7.41
C GLN A 21 20.11 20.19 -6.70
N ILE A 22 20.42 20.72 -5.52
CA ILE A 22 21.53 20.25 -4.69
C ILE A 22 20.98 19.91 -3.30
N GLU A 23 21.33 18.72 -2.80
CA GLU A 23 20.78 18.21 -1.54
C GLU A 23 21.77 17.28 -0.84
N PRO A 24 21.59 17.06 0.49
CA PRO A 24 22.43 16.05 1.16
C PRO A 24 22.24 14.66 0.55
N TRP A 25 23.30 13.87 0.54
CA TRP A 25 23.21 12.47 0.14
C TRP A 25 24.25 11.63 0.88
N GLY A 26 24.05 11.55 2.19
CA GLY A 26 24.98 10.90 3.11
C GLY A 26 25.83 11.95 3.78
N GLU A 27 26.50 11.55 4.87
CA GLU A 27 27.38 12.45 5.61
C GLU A 27 28.48 13.01 4.72
N ASN A 28 28.72 14.32 4.85
CA ASN A 28 29.78 15.04 4.13
C ASN A 28 29.64 15.02 2.60
N SER A 29 28.42 14.84 2.11
CA SER A 29 28.19 14.55 0.70
C SER A 29 26.95 15.26 0.16
N LEU A 30 27.00 15.64 -1.11
CA LEU A 30 25.88 16.27 -1.80
C LEU A 30 25.60 15.55 -3.12
N ARG A 31 24.34 15.56 -3.51
CA ARG A 31 23.94 15.15 -4.85
C ARG A 31 23.55 16.40 -5.62
N VAL A 32 23.97 16.45 -6.88
CA VAL A 32 23.73 17.58 -7.76
C VAL A 32 23.02 17.03 -9.00
N ARG A 33 21.84 17.56 -9.28
CA ARG A 33 21.09 17.23 -10.49
C ARG A 33 20.65 18.49 -11.22
N ALA A 34 20.62 18.42 -12.54
CA ALA A 34 20.12 19.50 -13.36
C ALA A 34 19.40 18.96 -14.59
N THR A 35 18.31 19.63 -14.96
CA THR A 35 17.51 19.25 -16.12
C THR A 35 16.83 20.47 -16.69
N VAL A 36 16.47 20.41 -17.97
CA VAL A 36 15.53 21.35 -18.60
C VAL A 36 14.19 20.70 -18.93
N ALA A 37 14.01 19.43 -18.52
CA ALA A 37 12.71 18.77 -18.62
C ALA A 37 11.78 19.34 -17.53
N PRO A 38 10.46 19.05 -17.61
CA PRO A 38 9.55 19.61 -16.60
C PRO A 38 9.98 19.35 -15.15
N GLU A 39 10.42 18.12 -14.85
CA GLU A 39 10.92 17.76 -13.53
C GLU A 39 12.10 16.80 -13.67
N LEU A 40 12.84 16.62 -12.58
CA LEU A 40 13.82 15.54 -12.46
C LEU A 40 13.10 14.20 -12.60
N ASN A 41 13.76 13.21 -13.19
CA ASN A 41 13.19 11.86 -13.29
C ASN A 41 13.50 11.02 -12.02
N GLY A 42 13.07 9.77 -12.02
CA GLY A 42 13.29 8.85 -10.91
C GLY A 42 14.55 7.97 -10.96
N ASN A 43 15.47 8.25 -11.90
CA ASN A 43 16.68 7.42 -12.06
C ASN A 43 17.72 7.76 -11.01
N ASP A 44 18.00 6.83 -10.11
CA ASP A 44 19.09 6.96 -9.14
C ASP A 44 20.36 6.19 -9.49
N TRP A 45 20.27 5.33 -10.52
CA TRP A 45 21.41 4.59 -11.05
C TRP A 45 22.24 3.87 -9.96
N ALA A 46 23.43 4.36 -9.60
CA ALA A 46 24.27 3.68 -8.62
C ALA A 46 24.06 4.16 -7.19
N LEU A 47 23.32 5.25 -6.98
CA LEU A 47 23.15 5.79 -5.62
C LEU A 47 22.06 5.03 -4.84
N LEU A 48 22.47 4.51 -3.69
CA LEU A 48 21.55 3.89 -2.73
C LEU A 48 20.85 5.00 -1.94
N PRO A 49 19.71 4.68 -1.29
CA PRO A 49 19.05 5.66 -0.44
C PRO A 49 20.01 6.27 0.59
N ALA A 50 19.98 7.59 0.73
CA ALA A 50 20.88 8.30 1.63
C ALA A 50 20.41 8.15 3.06
N LYS A 51 21.34 7.86 3.97
CA LYS A 51 21.05 7.95 5.40
C LYS A 51 20.86 9.44 5.74
N PRO A 52 19.78 9.80 6.46
CA PRO A 52 19.51 11.21 6.82
C PRO A 52 20.72 11.92 7.46
N SER A 53 20.95 13.18 7.06
CA SER A 53 22.17 13.90 7.45
C SER A 53 22.08 14.67 8.76
N THR A 54 23.21 14.72 9.48
CA THR A 54 23.36 15.52 10.68
C THR A 54 23.70 16.96 10.29
N LYS A 55 22.85 17.90 10.70
CA LYS A 55 23.19 19.32 10.71
C LYS A 55 23.43 19.92 9.30
N VAL A 56 22.40 19.84 8.46
CA VAL A 56 22.42 20.47 7.14
C VAL A 56 22.01 21.92 7.33
N LYS A 57 22.67 22.85 6.64
CA LYS A 57 22.31 24.27 6.73
C LYS A 57 22.27 24.97 5.37
N VAL A 58 21.10 25.49 5.03
CA VAL A 58 20.90 26.29 3.84
C VAL A 58 20.78 27.76 4.24
N SER A 59 21.49 28.63 3.53
CA SER A 59 21.51 30.06 3.83
C SER A 59 21.63 30.90 2.56
N GLU A 60 21.32 32.19 2.70
CA GLU A 60 21.48 33.17 1.63
C GLU A 60 22.46 34.27 2.05
N PHE A 61 23.33 34.65 1.13
CA PHE A 61 24.32 35.71 1.33
C PHE A 61 24.77 36.21 -0.06
N GLU A 62 25.08 37.51 -0.15
CA GLU A 62 25.56 38.16 -1.39
C GLU A 62 24.82 37.74 -2.67
N ASP A 63 23.49 37.72 -2.63
CA ASP A 63 22.67 37.24 -3.77
C ASP A 63 22.94 35.79 -4.24
N SER A 64 23.53 34.98 -3.35
CA SER A 64 23.82 33.58 -3.60
C SER A 64 23.05 32.75 -2.59
N ALA A 65 23.07 31.44 -2.79
CA ALA A 65 22.58 30.49 -1.78
C ALA A 65 23.68 29.46 -1.49
N ARG A 66 23.75 29.01 -0.24
CA ARG A 66 24.73 28.01 0.20
C ARG A 66 23.99 26.84 0.85
N ILE A 67 24.44 25.62 0.58
CA ILE A 67 24.03 24.44 1.35
C ILE A 67 25.29 23.75 1.89
N VAL A 68 25.37 23.62 3.21
CA VAL A 68 26.47 22.95 3.90
C VAL A 68 25.97 21.60 4.41
N ASN A 69 26.75 20.55 4.17
CA ASN A 69 26.49 19.24 4.78
C ASN A 69 27.78 18.71 5.36
N GLY A 70 28.04 19.06 6.62
CA GLY A 70 29.27 18.70 7.29
C GLY A 70 30.49 19.29 6.60
N ASN A 71 31.35 18.43 6.07
CA ASN A 71 32.64 18.87 5.52
C ASN A 71 32.61 19.40 4.08
N ILE A 72 31.44 19.39 3.44
CA ILE A 72 31.28 19.97 2.12
C ILE A 72 30.20 21.05 2.13
N SER A 73 30.42 22.08 1.31
CA SER A 73 29.39 23.07 1.03
C SER A 73 29.38 23.45 -0.45
N ALA A 74 28.18 23.74 -0.95
CA ALA A 74 27.99 24.17 -2.32
C ALA A 74 27.47 25.60 -2.28
N VAL A 75 28.06 26.46 -3.10
CA VAL A 75 27.63 27.85 -3.25
C VAL A 75 27.15 28.03 -4.70
N VAL A 76 25.88 28.42 -4.86
CA VAL A 76 25.30 28.78 -6.15
C VAL A 76 25.06 30.28 -6.15
N ASN A 77 25.74 31.01 -7.04
CA ASN A 77 25.56 32.47 -7.13
C ASN A 77 24.28 32.82 -7.89
N GLY A 78 23.99 34.11 -7.98
CA GLY A 78 22.77 34.61 -8.61
C GLY A 78 22.68 34.35 -10.11
N ARG A 79 23.83 34.07 -10.73
CA ARG A 79 23.91 33.64 -12.12
C ARG A 79 23.84 32.12 -12.29
N GLY A 80 23.51 31.39 -11.23
CA GLY A 80 23.37 29.94 -11.28
C GLY A 80 24.67 29.16 -11.38
N GLN A 81 25.78 29.80 -11.02
CA GLN A 81 27.11 29.20 -11.16
C GLN A 81 27.54 28.62 -9.82
N LEU A 82 28.06 27.40 -9.88
CA LEU A 82 28.22 26.53 -8.70
C LEU A 82 29.70 26.26 -8.40
N SER A 83 30.05 26.30 -7.11
CA SER A 83 31.38 25.95 -6.63
C SER A 83 31.26 25.22 -5.29
N PHE A 84 32.25 24.37 -4.99
CA PHE A 84 32.26 23.55 -3.77
C PHE A 84 33.47 23.84 -2.90
N TYR A 85 33.25 23.87 -1.58
CA TYR A 85 34.29 24.16 -0.60
C TYR A 85 34.25 23.14 0.51
N ASN A 86 35.40 22.90 1.15
CA ASN A 86 35.42 22.05 2.35
C ASN A 86 35.20 22.89 3.62
N GLN A 87 35.22 22.24 4.78
CA GLN A 87 34.95 22.92 6.06
C GLN A 87 35.96 24.00 6.43
N ASN A 88 37.16 23.95 5.85
CA ASN A 88 38.17 24.99 6.06
C ASN A 88 38.09 26.14 5.04
N GLY A 89 37.05 26.18 4.22
CA GLY A 89 36.91 27.19 3.19
C GLY A 89 37.78 27.01 1.95
N LYS A 90 38.45 25.86 1.81
CA LYS A 90 39.29 25.62 0.63
C LYS A 90 38.42 25.22 -0.56
N LEU A 91 38.74 25.79 -1.72
CA LEU A 91 38.07 25.45 -2.97
C LEU A 91 38.40 24.03 -3.38
N LEU A 92 37.37 23.22 -3.61
CA LEU A 92 37.53 21.84 -4.07
C LEU A 92 37.30 21.73 -5.58
N LEU A 93 36.22 22.34 -6.05
CA LEU A 93 35.75 22.18 -7.43
C LEU A 93 34.88 23.38 -7.80
N GLU A 94 35.17 24.02 -8.95
CA GLU A 94 34.31 25.11 -9.44
C GLU A 94 33.94 24.86 -10.89
N GLU A 95 32.71 25.19 -11.20
CA GLU A 95 32.21 25.14 -12.57
C GLU A 95 32.99 26.07 -13.48
N TYR A 96 33.07 25.66 -14.74
CA TYR A 96 33.74 26.43 -15.80
C TYR A 96 32.65 27.14 -16.61
N TRP A 97 32.65 28.47 -16.55
CA TRP A 97 31.77 29.31 -17.35
C TRP A 97 32.65 30.28 -18.14
N ARG A 98 32.32 30.46 -19.41
CA ARG A 98 33.00 31.43 -20.27
C ARG A 98 31.93 32.09 -21.13
N THR A 99 31.28 33.12 -20.58
CA THR A 99 30.18 33.84 -21.24
C THR A 99 30.24 35.33 -20.93
N ARG A 100 29.50 36.12 -21.70
CA ARG A 100 29.26 37.53 -21.40
C ARG A 100 27.85 37.79 -20.87
N PHE A 101 26.98 36.80 -21.03
CA PHE A 101 25.59 36.91 -20.62
C PHE A 101 25.15 35.53 -20.13
N VAL A 102 24.60 35.48 -18.92
CA VAL A 102 24.22 34.21 -18.30
C VAL A 102 23.08 34.44 -17.33
N ALA A 103 22.09 33.55 -17.34
CA ALA A 103 20.92 33.65 -16.47
C ALA A 103 20.23 35.02 -16.54
N GLY A 104 20.09 35.55 -17.76
CA GLY A 104 19.48 36.86 -17.98
C GLY A 104 20.26 38.06 -17.49
N GLN A 105 21.55 37.88 -17.20
CA GLN A 105 22.37 38.92 -16.59
C GLN A 105 23.68 39.05 -17.33
N GLY A 106 24.27 40.24 -17.30
CA GLY A 106 25.62 40.44 -17.79
C GLY A 106 26.61 39.78 -16.86
N GLU A 107 27.65 39.19 -17.44
CA GLU A 107 28.71 38.55 -16.65
C GLU A 107 29.62 39.64 -16.08
N ASP A 108 30.19 39.35 -14.92
CA ASP A 108 31.13 40.23 -14.22
C ASP A 108 32.46 40.28 -14.98
N THR A 109 32.82 41.45 -15.50
CA THR A 109 34.08 41.63 -16.27
C THR A 109 35.36 41.43 -15.44
N SER A 110 35.28 41.53 -14.12
CA SER A 110 36.45 41.26 -13.26
C SER A 110 36.77 39.76 -13.12
N SER A 111 35.86 38.90 -13.56
CA SER A 111 36.00 37.45 -13.41
C SER A 111 36.57 36.76 -14.67
N LYS A 112 37.34 35.70 -14.44
CA LYS A 112 37.76 34.78 -15.52
C LYS A 112 36.59 34.11 -16.26
N TYR A 113 35.42 34.09 -15.63
CA TYR A 113 34.19 33.71 -16.28
C TYR A 113 33.76 34.60 -17.46
N PHE A 114 34.26 35.84 -17.51
CA PHE A 114 33.86 36.77 -18.56
C PHE A 114 34.58 36.47 -19.87
N SER A 115 33.82 36.09 -20.89
CA SER A 115 34.38 35.65 -22.15
C SER A 115 33.31 35.60 -23.27
N PRO A 116 33.66 36.06 -24.48
CA PRO A 116 32.74 35.88 -25.61
C PRO A 116 32.61 34.44 -26.17
N LEU A 117 33.45 33.52 -25.69
CA LEU A 117 33.45 32.14 -26.20
C LEU A 117 32.07 31.44 -26.06
N THR A 118 31.40 31.68 -24.93
CA THR A 118 30.05 31.17 -24.65
C THR A 118 30.02 29.66 -24.39
N HIS A 119 30.77 29.24 -23.38
CA HIS A 119 30.72 27.87 -22.88
C HIS A 119 29.98 27.90 -21.54
N GLU A 120 28.98 27.03 -21.41
CA GLU A 120 28.25 26.84 -20.16
C GLU A 120 28.83 25.67 -19.36
N ALA A 121 28.69 25.74 -18.03
CA ALA A 121 29.15 24.66 -17.15
C ALA A 121 28.22 23.45 -17.14
N ARG A 122 26.93 23.69 -17.35
CA ARG A 122 25.92 22.62 -17.41
C ARG A 122 25.21 22.77 -18.77
N GLU A 123 25.84 22.19 -19.79
CA GLU A 123 25.33 22.26 -21.15
C GLU A 123 24.44 21.05 -21.42
N LEU A 124 23.13 21.28 -21.49
CA LEU A 124 22.15 20.27 -21.87
C LEU A 124 21.69 20.60 -23.29
N LYS A 125 22.44 20.10 -24.27
CA LYS A 125 22.24 20.43 -25.67
C LYS A 125 21.17 19.50 -26.25
N PRO A 126 20.02 20.06 -26.68
CA PRO A 126 18.94 19.17 -27.12
C PRO A 126 19.26 18.42 -28.42
N ILE A 127 18.99 17.12 -28.41
CA ILE A 127 19.10 16.30 -29.61
C ILE A 127 17.76 16.41 -30.35
N GLN A 128 17.81 16.68 -31.64
CA GLN A 128 16.60 16.89 -32.43
C GLN A 128 15.72 15.65 -32.38
N GLY A 129 14.45 15.84 -32.04
CA GLY A 129 13.51 14.74 -31.85
C GLY A 129 13.71 13.86 -30.62
N GLY A 130 14.73 14.14 -29.82
CA GLY A 130 15.17 13.21 -28.77
C GLY A 130 15.45 13.89 -27.44
N LYS A 131 16.49 13.43 -26.77
CA LYS A 131 16.80 13.84 -25.40
C LYS A 131 17.93 14.89 -25.44
N PHE A 132 19.00 14.72 -24.65
CA PHE A 132 20.02 15.75 -24.51
C PHE A 132 21.43 15.18 -24.53
N GLU A 133 22.33 15.94 -25.14
CA GLU A 133 23.76 15.68 -25.11
C GLU A 133 24.31 16.59 -24.01
N LEU A 134 24.94 16.00 -23.00
CA LEU A 134 25.35 16.72 -21.79
C LEU A 134 26.84 16.93 -21.72
N ARG A 135 27.28 18.17 -21.46
CA ARG A 135 28.64 18.44 -21.05
C ARG A 135 28.64 19.20 -19.72
N ALA A 136 29.32 18.63 -18.73
CA ALA A 136 29.54 19.28 -17.45
C ALA A 136 31.00 19.71 -17.37
N ARG A 137 31.22 21.02 -17.37
CA ARG A 137 32.57 21.59 -17.40
C ARG A 137 32.95 22.15 -16.04
N PHE A 138 34.17 21.85 -15.61
CA PHE A 138 34.74 22.38 -14.37
C PHE A 138 36.12 22.94 -14.66
N GLU A 139 36.55 23.91 -13.86
CA GLU A 139 37.87 24.49 -14.01
C GLU A 139 38.89 23.42 -13.64
N SER A 140 39.99 23.39 -14.38
CA SER A 140 41.16 22.64 -13.97
C SER A 140 41.82 23.39 -12.81
N GLN A 141 42.60 22.68 -12.00
CA GLN A 141 43.37 23.33 -10.92
C GLN A 141 44.84 22.90 -11.07
N PRO A 142 45.78 23.86 -10.88
CA PRO A 142 47.20 23.59 -11.17
C PRO A 142 47.85 22.40 -10.40
N ASP A 143 47.48 22.27 -9.13
N ASP A 143 47.58 22.21 -9.11
CA ASP A 143 48.02 21.26 -8.21
CA ASP A 143 48.21 21.07 -8.43
C ASP A 143 47.33 19.89 -8.20
C ASP A 143 47.24 19.94 -8.08
N GLU A 144 46.18 19.79 -8.88
CA GLU A 144 45.23 18.68 -8.68
C GLU A 144 45.72 17.37 -9.31
N ARG A 145 45.70 16.30 -8.51
CA ARG A 145 46.02 14.95 -8.96
C ARG A 145 44.74 14.14 -8.79
N ILE A 146 44.44 13.30 -9.79
CA ILE A 146 43.14 12.64 -9.89
C ILE A 146 43.30 11.14 -10.08
N TYR A 147 42.50 10.36 -9.35
CA TYR A 147 42.62 8.91 -9.33
C TYR A 147 41.24 8.29 -9.43
N GLY A 148 41.20 6.98 -9.72
CA GLY A 148 39.96 6.23 -9.85
C GLY A 148 39.54 6.07 -11.30
N LEU A 149 38.24 6.24 -11.55
CA LEU A 149 37.62 6.16 -12.89
C LEU A 149 37.41 4.74 -13.44
N GLY A 150 38.13 3.76 -12.90
CA GLY A 150 37.95 2.36 -13.22
C GLY A 150 39.26 1.75 -13.66
N GLN A 151 39.20 1.01 -14.77
CA GLN A 151 40.28 0.19 -15.27
C GLN A 151 40.58 0.62 -16.71
N TYR A 152 41.68 1.34 -16.89
CA TYR A 152 42.10 1.77 -18.24
C TYR A 152 43.50 1.27 -18.56
N GLN A 153 43.71 0.98 -19.84
CA GLN A 153 44.93 0.35 -20.31
C GLN A 153 45.94 1.41 -20.66
N GLN A 154 46.53 2.00 -19.63
CA GLN A 154 47.43 3.14 -19.78
C GLN A 154 48.37 3.25 -18.56
N PRO A 155 49.64 3.65 -18.78
CA PRO A 155 50.63 3.67 -17.69
C PRO A 155 50.58 4.95 -16.83
N PHE A 156 49.38 5.30 -16.34
CA PHE A 156 49.17 6.50 -15.54
C PHE A 156 48.30 6.14 -14.35
N LEU A 157 48.82 6.36 -13.14
CA LEU A 157 48.01 6.23 -11.94
C LEU A 157 47.21 7.52 -11.76
N ASN A 158 47.93 8.63 -11.59
CA ASN A 158 47.33 9.97 -11.63
C ASN A 158 46.91 10.24 -13.07
N VAL A 159 45.62 10.52 -13.28
CA VAL A 159 45.08 10.73 -14.62
C VAL A 159 44.77 12.21 -14.96
N LYS A 160 45.16 13.16 -14.11
CA LYS A 160 45.14 14.57 -14.49
C LYS A 160 45.97 14.72 -15.77
N GLY A 161 45.36 15.29 -16.81
CA GLY A 161 45.99 15.36 -18.13
C GLY A 161 45.58 14.25 -19.11
N CYS A 162 44.86 13.23 -18.62
CA CYS A 162 44.35 12.13 -19.44
C CYS A 162 42.88 12.32 -19.78
N THR A 163 42.47 11.68 -20.86
CA THR A 163 41.11 11.62 -21.31
C THR A 163 40.68 10.15 -21.39
N MET A 164 39.58 9.82 -20.72
CA MET A 164 39.08 8.45 -20.58
C MET A 164 37.72 8.32 -21.24
N GLU A 165 37.58 7.30 -22.08
CA GLU A 165 36.31 6.97 -22.70
C GLU A 165 35.39 6.39 -21.62
N LEU A 166 34.17 6.89 -21.54
CA LEU A 166 33.16 6.33 -20.66
C LEU A 166 32.37 5.31 -21.46
N ALA A 167 32.97 4.13 -21.61
CA ALA A 167 32.38 3.02 -22.36
C ALA A 167 33.01 1.71 -21.90
N GLN A 168 32.31 0.60 -22.12
CA GLN A 168 32.79 -0.73 -21.75
C GLN A 168 33.31 -1.47 -22.99
N ARG A 169 34.57 -1.87 -22.93
CA ARG A 169 35.22 -2.70 -23.94
C ARG A 169 36.10 -3.70 -23.24
N ASN A 170 36.36 -4.83 -23.90
CA ASN A 170 37.26 -5.88 -23.39
C ASN A 170 38.60 -5.27 -22.96
N SER A 171 38.90 -5.37 -21.65
CA SER A 171 40.10 -4.86 -20.98
C SER A 171 39.96 -3.44 -20.41
N GLN A 172 38.77 -2.86 -20.55
CA GLN A 172 38.43 -1.54 -20.02
C GLN A 172 37.16 -1.66 -19.20
N ALA A 173 37.13 -0.97 -18.05
CA ALA A 173 35.93 -0.88 -17.22
C ALA A 173 35.77 0.57 -16.79
N SER A 174 34.68 1.21 -17.22
CA SER A 174 34.33 2.56 -16.75
C SER A 174 33.59 2.44 -15.43
N VAL A 175 34.23 2.86 -14.35
CA VAL A 175 33.63 2.92 -13.02
C VAL A 175 33.83 4.36 -12.53
N PRO A 176 32.90 5.27 -12.90
CA PRO A 176 33.23 6.70 -12.89
C PRO A 176 33.16 7.40 -11.53
N PHE A 177 33.85 6.86 -10.53
CA PHE A 177 34.11 7.57 -9.30
C PHE A 177 35.57 7.99 -9.32
N MET A 178 35.80 9.29 -9.15
CA MET A 178 37.16 9.87 -9.06
C MET A 178 37.45 10.37 -7.65
N MET A 179 38.71 10.29 -7.25
CA MET A 179 39.19 10.88 -6.00
C MET A 179 40.28 11.91 -6.35
N SER A 180 40.18 13.10 -5.76
CA SER A 180 41.13 14.21 -6.02
C SER A 180 42.03 14.47 -4.82
N SER A 181 43.27 14.85 -5.11
CA SER A 181 44.22 15.26 -4.07
C SER A 181 43.82 16.52 -3.32
N LEU A 182 42.89 17.29 -3.87
CA LEU A 182 42.32 18.47 -3.19
C LEU A 182 41.41 18.12 -2.02
N GLY A 183 40.99 16.86 -1.90
CA GLY A 183 40.23 16.38 -0.72
C GLY A 183 38.75 16.21 -0.96
N TYR A 184 38.38 15.79 -2.17
CA TYR A 184 37.00 15.43 -2.49
C TYR A 184 37.00 14.21 -3.41
N GLY A 185 35.85 13.57 -3.48
CA GLY A 185 35.58 12.53 -4.47
C GLY A 185 34.28 12.85 -5.18
N MET A 186 34.15 12.35 -6.42
CA MET A 186 32.99 12.64 -7.25
C MET A 186 32.61 11.42 -8.07
N LEU A 187 31.34 11.01 -7.97
CA LEU A 187 30.75 9.99 -8.83
C LEU A 187 29.92 10.66 -9.91
N TRP A 188 30.20 10.30 -11.16
CA TRP A 188 29.38 10.69 -12.30
C TRP A 188 28.29 9.63 -12.37
N ASN A 189 27.13 9.96 -11.81
CA ASN A 189 26.04 9.00 -11.61
C ASN A 189 25.17 8.96 -12.86
N ASN A 190 25.74 8.47 -13.95
CA ASN A 190 25.11 8.52 -15.26
C ASN A 190 25.78 7.46 -16.15
N PRO A 191 25.02 6.42 -16.55
CA PRO A 191 25.61 5.29 -17.30
C PRO A 191 25.72 5.50 -18.82
N ALA A 192 25.57 6.72 -19.30
CA ALA A 192 25.59 7.01 -20.74
C ALA A 192 26.99 6.86 -21.35
N ILE A 193 27.04 6.48 -22.61
CA ILE A 193 28.30 6.47 -23.34
C ILE A 193 28.79 7.91 -23.41
N GLY A 194 30.09 8.10 -23.20
CA GLY A 194 30.66 9.43 -23.30
C GLY A 194 32.14 9.48 -23.01
N GLU A 195 32.56 10.51 -22.27
CA GLU A 195 33.98 10.78 -22.08
C GLU A 195 34.21 11.67 -20.85
N VAL A 196 35.33 11.45 -20.18
CA VAL A 196 35.81 12.41 -19.17
C VAL A 196 37.24 12.82 -19.53
N SER A 197 37.42 14.12 -19.78
CA SER A 197 38.75 14.66 -20.05
C SER A 197 39.17 15.56 -18.90
N PHE A 198 40.23 15.16 -18.22
CA PHE A 198 40.86 15.98 -17.19
C PHE A 198 42.02 16.74 -17.84
N ALA A 199 41.67 17.56 -18.85
CA ALA A 199 42.68 18.32 -19.57
C ALA A 199 43.24 19.41 -18.65
N ASN A 200 44.48 19.81 -18.90
CA ASN A 200 45.12 20.84 -18.09
C ASN A 200 44.36 22.17 -18.11
N ASN A 201 43.72 22.47 -19.24
CA ASN A 201 42.99 23.72 -19.43
C ASN A 201 41.50 23.71 -19.02
N VAL A 202 40.88 22.53 -18.94
CA VAL A 202 39.47 22.40 -18.53
C VAL A 202 39.09 20.92 -18.31
N THR A 203 38.27 20.67 -17.28
CA THR A 203 37.69 19.35 -17.03
C THR A 203 36.27 19.27 -17.62
N THR A 204 36.03 18.26 -18.44
CA THR A 204 34.75 18.08 -19.14
C THR A 204 34.28 16.64 -19.03
N TRP A 205 33.09 16.46 -18.46
CA TRP A 205 32.39 15.16 -18.44
C TRP A 205 31.31 15.23 -19.50
N MET A 206 31.19 14.19 -20.31
CA MET A 206 30.23 14.19 -21.42
C MET A 206 29.37 12.93 -21.44
N ALA A 207 28.09 13.12 -21.72
CA ALA A 207 27.14 12.04 -21.99
C ALA A 207 26.51 12.27 -23.36
N ARG A 208 26.57 11.26 -24.23
CA ARG A 208 26.06 11.34 -25.60
C ARG A 208 24.55 11.54 -25.64
N VAL A 209 23.85 10.73 -24.85
CA VAL A 209 22.40 10.83 -24.68
C VAL A 209 22.07 10.69 -23.18
N THR A 210 21.35 11.66 -22.63
CA THR A 210 20.89 11.58 -21.25
C THR A 210 19.66 12.47 -21.05
N GLU A 211 18.89 12.18 -20.00
CA GLU A 211 17.76 13.02 -19.65
C GLU A 211 18.14 14.19 -18.74
N GLN A 212 19.23 14.05 -17.98
CA GLN A 212 19.59 15.01 -16.94
C GLN A 212 21.03 14.83 -16.42
N LEU A 213 21.58 15.92 -15.89
CA LEU A 213 22.84 15.90 -15.16
C LEU A 213 22.61 15.29 -13.79
N ASP A 214 23.52 14.42 -13.36
CA ASP A 214 23.46 13.79 -12.04
C ASP A 214 24.86 13.40 -11.61
N TYR A 215 25.31 13.98 -10.49
CA TYR A 215 26.55 13.56 -9.87
C TYR A 215 26.52 13.69 -8.36
N TRP A 216 27.42 12.97 -7.72
CA TRP A 216 27.50 12.89 -6.27
C TRP A 216 28.92 13.29 -5.89
N ILE A 217 29.04 14.15 -4.89
CA ILE A 217 30.31 14.72 -4.51
C ILE A 217 30.44 14.67 -2.99
N THR A 218 31.64 14.34 -2.52
CA THR A 218 31.89 14.12 -1.10
C THR A 218 33.24 14.71 -0.71
N ALA A 219 33.39 15.07 0.56
CA ALA A 219 34.62 15.71 1.05
C ALA A 219 35.05 15.12 2.38
N ALA A 220 36.35 14.94 2.55
CA ALA A 220 36.93 14.54 3.83
C ALA A 220 38.42 14.87 3.84
N ASP A 221 38.99 14.90 5.04
CA ASP A 221 40.41 15.26 5.21
C ASP A 221 41.39 14.16 4.78
N THR A 222 40.94 12.92 4.62
CA THR A 222 41.82 11.82 4.17
C THR A 222 41.15 10.98 3.07
N PRO A 223 41.97 10.35 2.21
CA PRO A 223 41.46 9.38 1.22
C PRO A 223 40.60 8.27 1.82
N ALA A 224 41.01 7.71 2.95
CA ALA A 224 40.25 6.62 3.60
C ALA A 224 38.81 7.00 3.89
N GLU A 225 38.58 8.23 4.36
CA GLU A 225 37.23 8.71 4.63
C GLU A 225 36.43 8.88 3.33
N ILE A 226 37.07 9.39 2.28
CA ILE A 226 36.41 9.54 0.97
C ILE A 226 35.95 8.16 0.48
N SER A 227 36.82 7.17 0.56
CA SER A 227 36.49 5.80 0.16
C SER A 227 35.33 5.21 0.96
N GLN A 228 35.30 5.47 2.27
CA GLN A 228 34.22 4.98 3.13
C GLN A 228 32.88 5.64 2.76
N GLN A 229 32.92 6.94 2.55
CA GLN A 229 31.74 7.71 2.18
C GLN A 229 31.19 7.22 0.81
N TYR A 230 32.09 6.96 -0.14
CA TYR A 230 31.67 6.37 -1.42
C TYR A 230 31.05 4.98 -1.27
N ALA A 231 31.63 4.12 -0.43
CA ALA A 231 31.05 2.79 -0.18
C ALA A 231 29.67 2.89 0.48
N ALA A 232 29.48 3.86 1.37
CA ALA A 232 28.16 4.14 1.94
C ALA A 232 27.16 4.61 0.87
N ALA A 233 27.63 5.34 -0.13
CA ALA A 233 26.78 5.84 -1.20
C ALA A 233 26.35 4.80 -2.23
N THR A 234 27.26 3.90 -2.62
CA THR A 234 27.01 2.92 -3.70
C THR A 234 27.00 1.43 -3.29
N GLY A 235 27.37 1.13 -2.05
CA GLY A 235 27.28 -0.22 -1.50
C GLY A 235 28.63 -0.76 -1.09
N ALA A 236 28.64 -1.53 -0.01
CA ALA A 236 29.85 -2.15 0.48
C ALA A 236 30.13 -3.43 -0.28
N ALA A 237 31.40 -3.72 -0.54
CA ALA A 237 31.79 -5.08 -0.95
C ALA A 237 31.32 -6.03 0.15
N PRO A 238 30.78 -7.20 -0.22
CA PRO A 238 30.51 -8.18 0.83
C PRO A 238 31.82 -8.74 1.39
N MET A 239 31.72 -9.66 2.35
N MET A 239 31.70 -9.67 2.34
CA MET A 239 32.91 -10.35 2.87
CA MET A 239 32.86 -10.40 2.86
C MET A 239 33.30 -11.43 1.87
C MET A 239 33.28 -11.45 1.85
N LEU A 240 34.58 -11.51 1.57
CA LEU A 240 35.13 -12.47 0.61
C LEU A 240 35.09 -13.87 1.26
N PRO A 241 34.66 -14.89 0.49
CA PRO A 241 34.75 -16.25 1.02
C PRO A 241 36.20 -16.69 1.13
N ASP A 242 36.51 -17.45 2.18
CA ASP A 242 37.90 -17.87 2.51
C ASP A 242 38.64 -18.53 1.35
N TYR A 243 37.94 -19.35 0.58
CA TYR A 243 38.54 -20.03 -0.58
C TYR A 243 39.08 -19.10 -1.67
N ALA A 244 38.51 -17.90 -1.80
CA ALA A 244 38.92 -16.93 -2.83
C ALA A 244 40.30 -16.28 -2.60
N ALA A 245 40.85 -16.37 -1.38
CA ALA A 245 42.19 -15.87 -1.08
C ALA A 245 43.32 -16.85 -1.41
N GLY A 246 42.98 -18.09 -1.75
CA GLY A 246 43.97 -19.08 -2.17
C GLY A 246 44.30 -18.98 -3.64
N PHE A 247 44.95 -20.01 -4.18
CA PHE A 247 45.37 -20.01 -5.58
C PHE A 247 44.26 -20.44 -6.55
N TRP A 248 44.07 -19.68 -7.63
CA TRP A 248 43.13 -20.01 -8.70
C TRP A 248 43.93 -20.50 -9.91
N GLN A 249 43.69 -21.75 -10.34
CA GLN A 249 44.37 -22.32 -11.51
C GLN A 249 43.42 -22.35 -12.69
N CYS A 250 43.86 -21.79 -13.82
CA CYS A 250 43.04 -21.75 -15.02
C CYS A 250 43.92 -21.68 -16.26
N LYS A 251 43.35 -22.11 -17.39
CA LYS A 251 43.92 -21.85 -18.70
C LYS A 251 42.80 -21.79 -19.73
N LEU A 252 43.12 -21.25 -20.90
CA LEU A 252 42.30 -21.44 -22.09
C LEU A 252 42.90 -22.62 -22.86
N ARG A 253 42.30 -23.82 -22.84
CA ARG A 253 41.16 -24.20 -22.00
C ARG A 253 41.26 -25.69 -21.66
N TYR A 254 40.85 -26.07 -20.45
CA TYR A 254 40.70 -27.49 -20.13
C TYR A 254 39.44 -27.95 -20.89
N ARG A 255 39.66 -28.76 -21.92
CA ARG A 255 38.61 -29.17 -22.89
C ARG A 255 37.71 -30.30 -22.39
N THR A 256 38.18 -31.11 -21.44
CA THR A 256 37.42 -32.24 -20.94
C THR A 256 37.50 -32.35 -19.42
N GLN A 257 36.54 -33.07 -18.85
CA GLN A 257 36.52 -33.38 -17.42
C GLN A 257 37.80 -34.07 -16.95
N ASP A 258 38.25 -35.08 -17.71
CA ASP A 258 39.50 -35.80 -17.41
C ASP A 258 40.73 -34.88 -17.44
N GLU A 259 40.80 -33.98 -18.42
CA GLU A 259 41.93 -33.04 -18.50
C GLU A 259 41.97 -32.13 -17.27
N LEU A 260 40.83 -31.56 -16.92
CA LEU A 260 40.72 -30.67 -15.77
C LEU A 260 41.07 -31.40 -14.47
N MET A 261 40.52 -32.59 -14.30
CA MET A 261 40.77 -33.39 -13.10
C MET A 261 42.23 -33.86 -12.97
N GLU A 262 42.88 -34.17 -14.09
CA GLU A 262 44.31 -34.52 -14.04
C GLU A 262 45.19 -33.37 -13.55
N VAL A 263 44.91 -32.14 -13.99
CA VAL A 263 45.61 -30.97 -13.46
C VAL A 263 45.37 -30.84 -11.95
N ALA A 264 44.13 -30.96 -11.51
CA ALA A 264 43.80 -30.82 -10.08
C ALA A 264 44.51 -31.87 -9.23
N ARG A 265 44.46 -33.12 -9.68
CA ARG A 265 45.13 -34.23 -9.00
C ARG A 265 46.65 -34.05 -8.96
N GLU A 266 47.21 -33.52 -10.04
CA GLU A 266 48.64 -33.28 -10.11
C GLU A 266 49.08 -32.21 -9.11
N TYR A 267 48.29 -31.14 -8.96
CA TYR A 267 48.52 -30.16 -7.90
C TYR A 267 48.52 -30.82 -6.51
N LYS A 268 47.50 -31.66 -6.22
CA LYS A 268 47.42 -32.33 -4.92
C LYS A 268 48.54 -33.37 -4.71
N ARG A 269 48.91 -34.09 -5.77
CA ARG A 269 50.05 -35.01 -5.76
C ARG A 269 51.39 -34.35 -5.42
N ARG A 270 51.60 -33.11 -5.89
CA ARG A 270 52.81 -32.35 -5.58
C ARG A 270 52.70 -31.56 -4.26
N SER A 271 51.63 -31.75 -3.51
CA SER A 271 51.35 -31.01 -2.27
C SER A 271 51.39 -29.49 -2.44
N LEU A 272 50.92 -29.03 -3.61
CA LEU A 272 50.89 -27.62 -3.95
C LEU A 272 49.56 -27.04 -3.49
N PRO A 273 49.55 -25.76 -3.06
CA PRO A 273 48.28 -25.11 -2.77
C PRO A 273 47.41 -24.93 -4.03
N ILE A 274 46.11 -25.14 -3.88
CA ILE A 274 45.14 -24.85 -4.93
C ILE A 274 43.75 -24.79 -4.29
N SER A 275 43.05 -23.67 -4.49
CA SER A 275 41.71 -23.44 -3.93
C SER A 275 40.60 -23.41 -4.98
N VAL A 276 40.90 -23.01 -6.20
CA VAL A 276 39.92 -22.94 -7.29
C VAL A 276 40.56 -23.47 -8.56
N ILE A 277 39.81 -24.25 -9.30
CA ILE A 277 40.18 -24.66 -10.65
C ILE A 277 39.01 -24.31 -11.58
N VAL A 278 39.28 -24.11 -12.87
CA VAL A 278 38.34 -23.43 -13.75
C VAL A 278 38.10 -24.13 -15.09
N ALA A 279 36.84 -24.33 -15.43
CA ALA A 279 36.44 -24.77 -16.76
C ALA A 279 36.14 -23.51 -17.61
N ASP A 280 37.06 -23.19 -18.52
CA ASP A 280 36.90 -22.04 -19.43
C ASP A 280 35.77 -22.29 -20.43
N PHE A 281 35.52 -21.29 -21.26
CA PHE A 281 34.48 -21.31 -22.27
C PHE A 281 34.45 -22.50 -23.24
N PHE A 282 33.29 -22.64 -23.90
CA PHE A 282 33.00 -23.64 -24.91
C PHE A 282 33.12 -25.10 -24.43
N HIS A 283 32.84 -25.29 -23.15
CA HIS A 283 32.61 -26.59 -22.55
C HIS A 283 31.15 -27.02 -22.73
N TRP A 284 30.37 -26.20 -23.46
CA TRP A 284 28.93 -26.34 -23.60
C TRP A 284 28.58 -26.81 -25.02
N PRO A 285 27.36 -27.38 -25.20
CA PRO A 285 26.94 -27.77 -26.57
C PRO A 285 26.80 -26.60 -27.55
N ASN A 286 26.19 -25.52 -27.10
CA ASN A 286 26.10 -24.30 -27.91
C ASN A 286 25.93 -23.10 -27.00
N GLN A 287 26.24 -21.92 -27.51
CA GLN A 287 26.12 -20.68 -26.74
C GLN A 287 24.65 -20.41 -26.47
N GLY A 288 24.33 -20.15 -25.21
CA GLY A 288 22.95 -20.01 -24.75
C GLY A 288 22.34 -21.25 -24.11
N ASP A 289 23.05 -22.39 -24.13
CA ASP A 289 22.60 -23.61 -23.44
C ASP A 289 22.93 -23.59 -21.94
N TRP A 290 24.05 -22.97 -21.57
CA TRP A 290 24.48 -22.86 -20.16
C TRP A 290 24.44 -24.21 -19.41
N CYS A 291 25.08 -25.20 -20.02
CA CYS A 291 25.27 -26.51 -19.40
C CYS A 291 26.54 -27.14 -19.94
N PHE A 292 27.00 -28.19 -19.25
CA PHE A 292 28.14 -28.96 -19.71
C PHE A 292 27.75 -29.79 -20.93
N ASP A 293 28.69 -29.91 -21.88
CA ASP A 293 28.53 -30.83 -22.99
C ASP A 293 28.92 -32.21 -22.46
N THR A 294 27.95 -33.11 -22.44
CA THR A 294 28.12 -34.43 -21.85
C THR A 294 29.17 -35.30 -22.57
N ARG A 295 29.43 -35.03 -23.84
CA ARG A 295 30.47 -35.72 -24.61
C ARG A 295 31.90 -35.49 -24.09
N GLU A 296 32.20 -34.27 -23.64
CA GLU A 296 33.51 -33.93 -23.04
C GLU A 296 33.50 -33.91 -21.50
N TRP A 297 32.31 -33.82 -20.89
CA TRP A 297 32.15 -33.69 -19.45
C TRP A 297 31.08 -34.71 -18.99
N PRO A 298 31.43 -36.03 -18.98
CA PRO A 298 30.41 -37.07 -18.83
C PRO A 298 29.69 -37.13 -17.48
N ASP A 299 30.32 -36.65 -16.41
CA ASP A 299 29.72 -36.73 -15.08
C ASP A 299 30.16 -35.56 -14.19
N PRO A 300 29.58 -34.36 -14.43
CA PRO A 300 29.96 -33.14 -13.70
C PRO A 300 29.86 -33.22 -12.17
N LYS A 301 28.82 -33.88 -11.66
CA LYS A 301 28.66 -34.04 -10.20
C LYS A 301 29.81 -34.85 -9.60
N ALA A 302 30.23 -35.92 -10.28
CA ALA A 302 31.41 -36.69 -9.84
C ALA A 302 32.68 -35.83 -9.81
N MET A 303 32.89 -35.00 -10.83
CA MET A 303 33.99 -34.02 -10.86
C MET A 303 33.93 -33.08 -9.65
N ILE A 304 32.76 -32.48 -9.45
CA ILE A 304 32.55 -31.52 -8.37
C ILE A 304 32.73 -32.18 -6.99
N ASP A 305 32.23 -33.41 -6.85
CA ASP A 305 32.35 -34.15 -5.58
C ASP A 305 33.81 -34.49 -5.27
N GLU A 306 34.55 -34.98 -6.27
CA GLU A 306 35.96 -35.28 -6.06
C GLU A 306 36.76 -34.01 -5.73
N LEU A 307 36.49 -32.93 -6.46
CA LEU A 307 37.13 -31.63 -6.17
C LEU A 307 36.89 -31.14 -4.74
N LYS A 308 35.68 -31.34 -4.22
CA LYS A 308 35.37 -30.97 -2.83
C LYS A 308 36.18 -31.78 -1.82
N GLU A 309 36.32 -33.08 -2.04
CA GLU A 309 37.21 -33.92 -1.21
C GLU A 309 38.65 -33.38 -1.21
N MET A 310 39.09 -32.91 -2.37
CA MET A 310 40.41 -32.33 -2.55
C MET A 310 40.57 -30.90 -2.00
N GLY A 311 39.48 -30.29 -1.52
CA GLY A 311 39.51 -28.90 -1.01
C GLY A 311 39.53 -27.84 -2.11
N ILE A 312 38.94 -28.14 -3.27
CA ILE A 312 38.99 -27.26 -4.44
C ILE A 312 37.58 -26.92 -4.91
N GLU A 313 37.33 -25.63 -5.15
CA GLU A 313 36.07 -25.15 -5.73
C GLU A 313 36.19 -25.14 -7.24
N LEU A 314 35.15 -25.56 -7.93
CA LEU A 314 35.09 -25.42 -9.39
C LEU A 314 34.42 -24.10 -9.74
N MET A 315 35.03 -23.33 -10.64
CA MET A 315 34.37 -22.21 -11.31
C MET A 315 34.13 -22.60 -12.78
N VAL A 316 32.99 -22.16 -13.33
CA VAL A 316 32.67 -22.41 -14.74
C VAL A 316 32.43 -21.11 -15.49
N SER A 317 32.86 -21.10 -16.75
CA SER A 317 32.60 -19.99 -17.68
C SER A 317 31.12 -19.84 -17.97
N ILE A 318 30.64 -18.61 -17.83
CA ILE A 318 29.35 -18.20 -18.35
C ILE A 318 29.62 -17.17 -19.45
N TRP A 319 29.06 -17.40 -20.63
CA TRP A 319 28.99 -16.39 -21.68
C TRP A 319 27.56 -15.86 -21.78
N PRO A 320 27.42 -14.54 -21.96
CA PRO A 320 26.11 -13.91 -22.05
C PRO A 320 25.49 -14.01 -23.45
N THR A 321 26.13 -14.76 -24.34
CA THR A 321 25.69 -14.91 -25.72
C THR A 321 24.63 -16.00 -25.85
N VAL A 322 23.70 -15.80 -26.78
CA VAL A 322 22.70 -16.79 -27.13
C VAL A 322 22.74 -17.00 -28.64
N ASP A 323 23.20 -18.17 -29.06
CA ASP A 323 23.24 -18.56 -30.47
C ASP A 323 21.82 -18.78 -30.97
N ASN A 324 21.54 -18.30 -32.18
CA ASN A 324 20.17 -18.31 -32.71
C ASN A 324 19.61 -19.68 -33.14
N ARG A 325 20.41 -20.75 -33.01
CA ARG A 325 19.92 -22.13 -33.22
C ARG A 325 19.46 -22.82 -31.94
N THR A 326 19.64 -22.19 -30.77
CA THR A 326 19.35 -22.84 -29.50
C THR A 326 17.88 -22.73 -29.09
N GLU A 327 17.47 -23.62 -28.18
CA GLU A 327 16.13 -23.56 -27.58
C GLU A 327 15.94 -22.25 -26.80
N ASN A 328 16.94 -21.87 -26.01
CA ASN A 328 16.86 -20.64 -25.23
C ASN A 328 16.74 -19.36 -26.10
N TYR A 329 17.35 -19.34 -27.29
CA TYR A 329 17.14 -18.19 -28.20
C TYR A 329 15.66 -17.98 -28.51
N LYS A 330 14.98 -19.07 -28.88
CA LYS A 330 13.57 -19.04 -29.23
C LYS A 330 12.72 -18.52 -28.09
N ILE A 331 12.96 -19.04 -26.88
CA ILE A 331 12.21 -18.63 -25.70
C ILE A 331 12.53 -17.18 -25.30
N MET A 332 13.81 -16.83 -25.28
CA MET A 332 14.24 -15.48 -24.88
C MET A 332 13.81 -14.42 -25.90
N LYS A 333 13.84 -14.76 -27.19
CA LYS A 333 13.27 -13.91 -28.24
C LYS A 333 11.78 -13.69 -28.05
N GLU A 334 11.02 -14.76 -27.77
CA GLU A 334 9.57 -14.65 -27.45
C GLU A 334 9.30 -13.66 -26.31
N LYS A 335 10.09 -13.75 -25.25
CA LYS A 335 9.89 -12.95 -24.04
C LYS A 335 10.52 -11.55 -24.09
N GLY A 336 11.30 -11.26 -25.14
CA GLY A 336 11.98 -9.97 -25.27
C GLY A 336 13.13 -9.82 -24.27
N TYR A 337 13.88 -10.90 -24.06
CA TYR A 337 14.99 -10.92 -23.10
C TYR A 337 16.37 -10.71 -23.74
N LEU A 338 16.40 -10.39 -25.03
CA LEU A 338 17.66 -10.20 -25.76
C LEU A 338 17.90 -8.75 -26.09
N VAL A 339 19.17 -8.37 -26.21
CA VAL A 339 19.51 -7.02 -26.68
C VAL A 339 19.11 -6.94 -28.15
N LYS A 340 18.86 -5.73 -28.63
CA LYS A 340 18.39 -5.53 -30.00
C LYS A 340 19.36 -4.67 -30.78
N ALA A 341 19.62 -5.07 -32.02
CA ALA A 341 20.31 -4.24 -32.99
C ALA A 341 19.33 -3.20 -33.52
N GLU A 342 19.75 -1.93 -33.55
CA GLU A 342 18.92 -0.84 -34.06
C GLU A 342 18.77 -0.92 -35.58
N ARG A 343 19.86 -1.23 -36.27
CA ARG A 343 19.87 -1.38 -37.74
C ARG A 343 20.70 -2.60 -38.13
N GLY A 344 20.44 -3.13 -39.32
CA GLY A 344 21.23 -4.25 -39.85
C GLY A 344 20.82 -5.60 -39.26
N VAL A 345 21.61 -6.62 -39.56
CA VAL A 345 21.27 -7.98 -39.13
C VAL A 345 21.18 -8.06 -37.60
N PRO A 346 20.17 -8.79 -37.07
CA PRO A 346 19.93 -8.88 -35.63
C PRO A 346 20.91 -9.84 -34.92
N VAL A 347 22.20 -9.50 -35.01
CA VAL A 347 23.29 -10.29 -34.46
C VAL A 347 24.24 -9.32 -33.79
N THR A 348 24.56 -9.56 -32.53
CA THR A 348 25.47 -8.69 -31.78
C THR A 348 26.90 -9.21 -31.71
N MET A 349 27.10 -10.51 -31.92
CA MET A 349 28.45 -11.10 -31.91
C MET A 349 28.50 -12.29 -32.88
N THR A 350 29.63 -12.45 -33.56
CA THR A 350 29.82 -13.51 -34.56
C THR A 350 30.90 -14.54 -34.19
N PHE A 351 31.31 -14.58 -32.93
CA PHE A 351 32.35 -15.51 -32.49
C PHE A 351 31.79 -16.95 -32.36
N LEU A 352 32.26 -17.83 -33.24
CA LEU A 352 31.84 -19.24 -33.30
C LEU A 352 30.33 -19.47 -33.46
N GLY A 353 29.66 -18.52 -34.09
CA GLY A 353 28.21 -18.57 -34.30
C GLY A 353 27.61 -17.18 -34.28
N ASN A 354 26.41 -17.06 -34.81
CA ASN A 354 25.66 -15.80 -34.78
C ASN A 354 24.87 -15.74 -33.48
N THR A 355 25.34 -14.90 -32.55
CA THR A 355 24.73 -14.80 -31.22
C THR A 355 24.20 -13.41 -30.91
N THR A 356 23.29 -13.37 -29.93
CA THR A 356 22.72 -12.14 -29.41
C THR A 356 22.89 -12.16 -27.89
N PHE A 357 23.31 -11.04 -27.31
CA PHE A 357 23.51 -10.95 -25.87
C PHE A 357 22.18 -10.93 -25.12
N PHE A 358 22.11 -11.59 -23.98
CA PHE A 358 20.96 -11.42 -23.10
C PHE A 358 21.03 -10.01 -22.53
N ASP A 359 19.86 -9.43 -22.28
CA ASP A 359 19.75 -8.07 -21.77
C ASP A 359 19.85 -8.04 -20.24
N ALA A 360 21.03 -7.70 -19.75
CA ALA A 360 21.31 -7.63 -18.32
C ALA A 360 20.63 -6.46 -17.62
N THR A 361 20.08 -5.50 -18.37
CA THR A 361 19.23 -4.45 -17.80
C THR A 361 17.73 -4.83 -17.68
N HIS A 362 17.36 -5.99 -18.22
CA HIS A 362 15.99 -6.50 -18.15
C HIS A 362 15.90 -7.43 -16.94
N PRO A 363 15.12 -7.07 -15.90
CA PRO A 363 15.03 -7.96 -14.71
C PRO A 363 14.55 -9.37 -15.02
N GLY A 364 13.64 -9.49 -15.98
CA GLY A 364 13.18 -10.79 -16.48
C GLY A 364 14.29 -11.62 -17.10
N ALA A 365 15.14 -10.98 -17.90
CA ALA A 365 16.26 -11.67 -18.55
C ALA A 365 17.29 -12.12 -17.53
N ARG A 366 17.60 -11.26 -16.56
CA ARG A 366 18.51 -11.59 -15.47
C ARG A 366 18.05 -12.87 -14.76
N LYS A 367 16.77 -12.90 -14.42
CA LYS A 367 16.19 -14.04 -13.72
C LYS A 367 16.21 -15.30 -14.60
N TYR A 368 15.86 -15.16 -15.88
CA TYR A 368 15.88 -16.29 -16.81
C TYR A 368 17.26 -16.94 -16.91
N VAL A 369 18.29 -16.12 -17.13
CA VAL A 369 19.64 -16.62 -17.31
C VAL A 369 20.18 -17.23 -16.03
N TRP A 370 19.92 -16.60 -14.89
CA TRP A 370 20.31 -17.18 -13.60
C TRP A 370 19.70 -18.58 -13.42
N GLU A 371 18.41 -18.72 -13.68
CA GLU A 371 17.73 -19.98 -13.42
C GLU A 371 18.18 -21.13 -14.34
N GLN A 372 18.67 -20.79 -15.53
CA GLN A 372 19.39 -21.74 -16.38
C GLN A 372 20.69 -22.19 -15.69
N ALA A 373 21.47 -21.23 -15.21
CA ALA A 373 22.73 -21.52 -14.53
C ALA A 373 22.50 -22.28 -13.22
N LYS A 374 21.44 -21.94 -12.51
CA LYS A 374 21.10 -22.61 -11.26
C LYS A 374 20.81 -24.09 -11.49
N LYS A 375 19.94 -24.36 -12.46
CA LYS A 375 19.54 -25.70 -12.84
C LYS A 375 20.73 -26.58 -13.25
N ASN A 376 21.60 -26.04 -14.12
CA ASN A 376 22.64 -26.83 -14.78
C ASN A 376 24.00 -26.78 -14.12
N TYR A 377 24.23 -25.80 -13.24
CA TYR A 377 25.50 -25.65 -12.54
C TYR A 377 25.37 -25.57 -11.02
N HIS A 378 24.61 -24.59 -10.52
CA HIS A 378 24.59 -24.29 -9.08
C HIS A 378 24.00 -25.43 -8.25
N ASP A 379 22.95 -26.06 -8.77
CA ASP A 379 22.33 -27.23 -8.13
C ASP A 379 23.29 -28.42 -7.99
N LEU A 380 24.32 -28.50 -8.84
CA LEU A 380 25.37 -29.53 -8.73
C LEU A 380 26.48 -29.22 -7.71
N GLY A 381 26.44 -28.04 -7.08
CA GLY A 381 27.45 -27.62 -6.10
C GLY A 381 28.49 -26.61 -6.58
N ILE A 382 28.33 -26.06 -7.79
CA ILE A 382 29.21 -24.99 -8.28
C ILE A 382 28.83 -23.70 -7.57
N LYS A 383 29.79 -23.07 -6.90
CA LYS A 383 29.55 -21.87 -6.08
C LYS A 383 30.22 -20.58 -6.61
N ILE A 384 30.90 -20.67 -7.76
CA ILE A 384 31.59 -19.52 -8.38
C ILE A 384 31.29 -19.53 -9.87
N PHE A 385 30.92 -18.37 -10.41
CA PHE A 385 30.69 -18.23 -11.85
C PHE A 385 31.66 -17.23 -12.45
N TRP A 386 32.12 -17.56 -13.64
CA TRP A 386 33.03 -16.72 -14.40
C TRP A 386 32.18 -15.98 -15.42
N LEU A 387 31.78 -14.77 -15.06
CA LEU A 387 30.88 -13.96 -15.87
C LEU A 387 31.71 -13.16 -16.89
N ASP A 388 32.00 -13.84 -18.00
CA ASP A 388 32.90 -13.37 -19.04
C ASP A 388 32.12 -12.56 -20.07
N GLU A 389 32.82 -11.79 -20.91
CA GLU A 389 32.21 -10.96 -21.96
C GLU A 389 31.21 -9.96 -21.38
N ALA A 390 31.54 -9.41 -20.22
CA ALA A 390 30.58 -8.69 -19.37
C ALA A 390 30.29 -7.24 -19.78
N GLU A 391 30.89 -6.77 -20.87
CA GLU A 391 30.78 -5.38 -21.32
C GLU A 391 29.41 -4.97 -21.93
N PRO A 392 28.81 -5.71 -22.88
CA PRO A 392 29.31 -6.93 -23.50
C PRO A 392 30.19 -6.69 -24.72
N GLU A 393 30.92 -7.72 -25.14
CA GLU A 393 31.89 -7.59 -26.23
C GLU A 393 31.21 -7.71 -27.58
N TYR A 394 30.59 -6.61 -28.02
CA TYR A 394 30.07 -6.54 -29.37
C TYR A 394 31.23 -6.80 -30.33
N SER A 395 30.97 -7.56 -31.39
CA SER A 395 31.93 -7.75 -32.48
C SER A 395 32.44 -6.42 -33.05
N VAL A 396 31.53 -5.43 -33.11
N VAL A 396 31.54 -5.43 -33.12
CA VAL A 396 31.88 -4.05 -33.45
CA VAL A 396 31.93 -4.06 -33.42
C VAL A 396 31.25 -3.13 -32.41
C VAL A 396 31.27 -3.14 -32.41
N TYR A 397 32.07 -2.27 -31.80
CA TYR A 397 31.60 -1.38 -30.72
C TYR A 397 30.90 -0.13 -31.25
N ASP A 398 29.78 -0.33 -31.96
CA ASP A 398 28.98 0.76 -32.50
C ASP A 398 27.82 0.93 -31.55
N PHE A 399 28.08 1.66 -30.47
CA PHE A 399 27.18 1.76 -29.32
C PHE A 399 25.82 2.33 -29.72
N GLU A 400 25.85 3.28 -30.65
CA GLU A 400 24.65 3.82 -31.30
C GLU A 400 23.70 2.80 -31.96
N ASN A 401 24.23 1.64 -32.36
CA ASN A 401 23.44 0.61 -33.05
C ASN A 401 22.78 -0.45 -32.15
N TYR A 402 22.82 -0.29 -30.83
CA TYR A 402 22.22 -1.28 -29.92
C TYR A 402 21.29 -0.63 -28.89
N ARG A 403 20.28 -1.38 -28.45
CA ARG A 403 19.27 -0.89 -27.51
C ARG A 403 18.98 -1.94 -26.44
N TYR A 404 18.82 -1.49 -25.21
CA TYR A 404 18.49 -2.33 -24.07
C TYR A 404 17.08 -2.03 -23.57
N HIS A 405 16.61 -2.84 -22.64
CA HIS A 405 15.34 -2.67 -21.92
C HIS A 405 15.22 -1.26 -21.33
N LEU A 406 16.29 -0.76 -20.71
CA LEU A 406 16.30 0.59 -20.12
C LEU A 406 16.55 1.73 -21.10
N GLY A 407 16.85 1.42 -22.36
CA GLY A 407 16.96 2.43 -23.41
C GLY A 407 18.12 2.19 -24.34
N PRO A 408 18.39 3.15 -25.24
CA PRO A 408 19.53 3.04 -26.15
C PRO A 408 20.83 2.87 -25.37
N VAL A 409 21.74 2.05 -25.90
CA VAL A 409 23.05 1.86 -25.29
C VAL A 409 23.76 3.20 -25.08
N LEU A 410 23.55 4.18 -25.98
CA LEU A 410 24.11 5.53 -25.78
C LEU A 410 23.71 6.18 -24.46
N GLU A 411 22.49 5.90 -23.99
CA GLU A 411 21.95 6.47 -22.76
C GLU A 411 22.26 5.67 -21.48
N VAL A 412 22.20 4.34 -21.56
CA VAL A 412 22.25 3.47 -20.38
C VAL A 412 23.30 2.37 -20.44
N GLY A 413 24.11 2.32 -21.49
CA GLY A 413 24.93 1.15 -21.81
C GLY A 413 25.90 0.68 -20.75
N ASN A 414 26.49 1.61 -20.01
CA ASN A 414 27.56 1.27 -19.09
C ASN A 414 27.12 0.46 -17.88
N ILE A 415 25.83 0.47 -17.56
CA ILE A 415 25.32 -0.32 -16.44
C ILE A 415 25.19 -1.83 -16.74
N TYR A 416 25.31 -2.24 -18.00
CA TYR A 416 25.21 -3.66 -18.38
C TYR A 416 26.00 -4.63 -17.47
N PRO A 417 27.33 -4.41 -17.26
CA PRO A 417 28.11 -5.33 -16.39
C PRO A 417 27.64 -5.43 -14.94
N ARG A 418 27.13 -4.33 -14.39
CA ARG A 418 26.52 -4.32 -13.05
C ARG A 418 25.29 -5.24 -12.99
N GLY A 419 24.42 -5.12 -14.00
CA GLY A 419 23.23 -5.98 -14.10
C GLY A 419 23.57 -7.46 -14.26
N TYR A 420 24.65 -7.73 -14.98
CA TYR A 420 25.13 -9.08 -15.22
C TYR A 420 25.60 -9.73 -13.93
N ALA A 421 26.41 -8.98 -13.17
CA ALA A 421 26.83 -9.38 -11.83
C ALA A 421 25.63 -9.54 -10.87
N GLN A 422 24.70 -8.58 -10.93
CA GLN A 422 23.48 -8.59 -10.12
C GLN A 422 22.63 -9.85 -10.35
N ALA A 423 22.48 -10.25 -11.61
CA ALA A 423 21.69 -11.46 -11.95
C ALA A 423 22.17 -12.67 -11.16
N PHE A 424 23.48 -12.88 -11.13
CA PHE A 424 24.05 -14.02 -10.43
C PHE A 424 24.12 -13.83 -8.91
N TYR A 425 24.45 -12.63 -8.44
CA TYR A 425 24.50 -12.39 -6.99
C TYR A 425 23.13 -12.57 -6.30
N GLU A 426 22.09 -11.93 -6.86
CA GLU A 426 20.74 -12.02 -6.30
C GLU A 426 20.22 -13.45 -6.37
N GLY A 427 20.46 -14.10 -7.50
CA GLY A 427 20.09 -15.49 -7.71
C GLY A 427 20.75 -16.44 -6.73
N MET A 428 22.06 -16.29 -6.54
CA MET A 428 22.81 -17.13 -5.63
C MET A 428 22.41 -16.88 -4.17
N GLU A 429 22.25 -15.62 -3.80
CA GLU A 429 21.78 -15.24 -2.46
C GLU A 429 20.40 -15.83 -2.16
N GLU A 430 19.50 -15.73 -3.13
CA GLU A 430 18.15 -16.31 -3.06
C GLU A 430 18.20 -17.84 -2.90
N ALA A 431 19.15 -18.48 -3.57
CA ALA A 431 19.36 -19.93 -3.43
C ALA A 431 20.04 -20.35 -2.11
N GLY A 432 20.38 -19.40 -1.23
CA GLY A 432 20.90 -19.70 0.10
C GLY A 432 22.42 -19.58 0.28
N GLN A 433 23.15 -19.15 -0.75
CA GLN A 433 24.60 -18.94 -0.62
C GLN A 433 24.84 -17.60 0.08
N THR A 434 25.66 -17.62 1.14
CA THR A 434 25.88 -16.43 1.96
C THR A 434 27.09 -15.61 1.54
N GLU A 435 28.18 -16.28 1.17
CA GLU A 435 29.38 -15.59 0.72
C GLU A 435 29.55 -15.89 -0.77
N ILE A 436 29.49 -14.83 -1.56
CA ILE A 436 29.39 -14.93 -3.02
C ILE A 436 30.49 -14.07 -3.64
N VAL A 437 31.28 -14.71 -4.50
CA VAL A 437 32.20 -14.01 -5.39
C VAL A 437 32.03 -14.63 -6.78
N ASN A 438 31.91 -13.77 -7.79
CA ASN A 438 31.94 -14.19 -9.17
C ASN A 438 33.01 -13.36 -9.87
N LEU A 439 33.63 -13.95 -10.87
CA LEU A 439 34.67 -13.27 -11.66
C LEU A 439 34.02 -12.53 -12.85
N LEU A 440 34.02 -11.20 -12.77
CA LEU A 440 33.42 -10.34 -13.80
C LEU A 440 34.50 -9.72 -14.66
N ARG A 441 34.31 -9.66 -15.97
CA ARG A 441 35.28 -8.96 -16.82
C ARG A 441 35.14 -7.44 -16.82
N CYS A 442 33.99 -6.95 -16.37
CA CYS A 442 33.73 -5.52 -16.40
C CYS A 442 32.83 -5.13 -15.23
N ALA A 443 32.64 -3.83 -15.07
CA ALA A 443 31.88 -3.30 -13.94
C ALA A 443 31.44 -1.87 -14.20
N TRP A 444 30.43 -1.44 -13.44
CA TRP A 444 30.07 -0.03 -13.34
C TRP A 444 30.07 0.34 -11.86
N ALA A 445 29.82 1.62 -11.55
CA ALA A 445 29.68 2.08 -10.19
C ALA A 445 28.71 1.20 -9.41
N GLY A 446 29.16 0.77 -8.24
CA GLY A 446 28.39 -0.08 -7.35
C GLY A 446 28.46 -1.58 -7.62
N SER A 447 29.21 -2.01 -8.65
CA SER A 447 29.36 -3.45 -8.95
C SER A 447 29.90 -4.23 -7.77
N GLN A 448 30.71 -3.57 -6.93
CA GLN A 448 31.24 -4.20 -5.72
C GLN A 448 30.18 -4.83 -4.82
N ARG A 449 28.98 -4.25 -4.76
CA ARG A 449 27.91 -4.76 -3.90
C ARG A 449 27.36 -6.12 -4.37
N TYR A 450 27.58 -6.46 -5.65
CA TYR A 450 27.17 -7.76 -6.19
C TYR A 450 28.32 -8.77 -6.28
N GLY A 451 29.31 -8.62 -5.40
CA GLY A 451 30.39 -9.60 -5.26
C GLY A 451 31.24 -9.74 -6.51
N ALA A 452 31.45 -8.62 -7.21
CA ALA A 452 32.20 -8.64 -8.47
C ALA A 452 33.70 -8.60 -8.19
N LEU A 453 34.36 -9.74 -8.41
CA LEU A 453 35.81 -9.80 -8.55
C LEU A 453 36.09 -9.50 -10.00
N VAL A 454 36.71 -8.35 -10.28
CA VAL A 454 36.94 -7.93 -11.66
C VAL A 454 38.35 -8.31 -12.08
N TRP A 455 38.50 -8.79 -13.32
CA TRP A 455 39.82 -8.96 -13.91
C TRP A 455 39.93 -8.18 -15.22
N SER A 456 41.17 -7.88 -15.60
CA SER A 456 41.45 -6.89 -16.62
C SER A 456 41.40 -7.35 -18.07
N GLY A 457 40.88 -8.55 -18.31
CA GLY A 457 40.53 -9.00 -19.64
C GLY A 457 41.70 -9.45 -20.48
N ASP A 458 41.49 -9.45 -21.79
CA ASP A 458 42.34 -10.13 -22.76
C ASP A 458 43.52 -9.29 -23.23
N ILE A 459 44.30 -8.79 -22.28
CA ILE A 459 45.52 -8.04 -22.56
C ILE A 459 46.63 -8.93 -23.09
N ASN A 460 47.60 -8.32 -23.79
CA ASN A 460 48.74 -9.06 -24.29
C ASN A 460 49.76 -9.38 -23.19
N SER A 461 50.64 -10.33 -23.49
CA SER A 461 51.64 -10.80 -22.53
C SER A 461 52.97 -10.06 -22.69
N THR A 462 53.02 -8.84 -22.17
CA THR A 462 54.23 -7.99 -22.22
C THR A 462 54.44 -7.24 -20.91
N PHE A 463 55.64 -6.69 -20.78
CA PHE A 463 55.95 -5.82 -19.65
C PHE A 463 55.19 -4.50 -19.73
N GLY A 464 54.91 -4.02 -20.94
CA GLY A 464 54.03 -2.88 -21.19
C GLY A 464 52.64 -3.08 -20.58
N ALA A 465 52.07 -4.26 -20.80
CA ALA A 465 50.78 -4.62 -20.23
C ALA A 465 50.82 -4.74 -18.71
N LEU A 466 51.88 -5.34 -18.17
CA LEU A 466 52.04 -5.49 -16.72
C LEU A 466 51.98 -4.13 -16.03
N ARG A 467 52.75 -3.17 -16.55
CA ARG A 467 52.74 -1.80 -16.04
C ARG A 467 51.33 -1.19 -16.07
N ASN A 468 50.63 -1.34 -17.19
CA ASN A 468 49.27 -0.85 -17.32
C ASN A 468 48.34 -1.50 -16.29
N GLN A 469 48.49 -2.81 -16.07
CA GLN A 469 47.63 -3.51 -15.12
C GLN A 469 47.81 -3.02 -13.68
N LEU A 470 49.05 -2.74 -13.28
CA LEU A 470 49.32 -2.19 -11.94
C LEU A 470 48.56 -0.87 -11.69
N MET A 471 48.60 0.02 -12.66
CA MET A 471 47.91 1.31 -12.54
C MET A 471 46.40 1.12 -12.53
N ALA A 472 45.90 0.27 -13.44
CA ALA A 472 44.48 0.00 -13.58
C ALA A 472 43.86 -0.61 -12.32
N GLY A 473 44.57 -1.55 -11.70
CA GLY A 473 44.10 -2.21 -10.48
C GLY A 473 44.04 -1.30 -9.28
N LEU A 474 45.05 -0.44 -9.15
CA LEU A 474 45.07 0.58 -8.10
C LEU A 474 43.94 1.59 -8.29
N ASN A 475 43.74 2.04 -9.53
CA ASN A 475 42.64 2.95 -9.85
C ASN A 475 41.27 2.29 -9.66
N MET A 476 41.15 1.00 -9.95
CA MET A 476 39.90 0.26 -9.68
C MET A 476 39.54 0.26 -8.19
N GLY A 477 40.55 0.05 -7.35
CA GLY A 477 40.36 0.09 -5.90
C GLY A 477 39.88 1.45 -5.40
N ILE A 478 40.45 2.52 -5.96
CA ILE A 478 40.00 3.89 -5.64
C ILE A 478 38.57 4.14 -6.12
N ALA A 479 38.21 3.56 -7.26
CA ALA A 479 36.84 3.59 -7.78
C ALA A 479 35.84 2.64 -7.06
N GLY A 480 36.26 2.01 -5.97
CA GLY A 480 35.36 1.23 -5.09
C GLY A 480 35.21 -0.25 -5.41
N ILE A 481 36.13 -0.78 -6.22
CA ILE A 481 36.16 -2.19 -6.60
C ILE A 481 37.40 -2.83 -5.93
N PRO A 482 37.25 -3.29 -4.66
CA PRO A 482 38.40 -3.86 -3.95
C PRO A 482 38.82 -5.25 -4.44
N TRP A 483 37.87 -6.03 -4.97
CA TRP A 483 38.16 -7.36 -5.49
C TRP A 483 38.55 -7.22 -6.96
N TRP A 484 39.84 -7.31 -7.22
CA TRP A 484 40.37 -7.13 -8.57
C TRP A 484 41.58 -8.02 -8.78
N THR A 485 41.75 -8.50 -10.01
CA THR A 485 42.89 -9.36 -10.35
C THR A 485 43.20 -9.29 -11.84
N THR A 486 44.22 -10.04 -12.27
CA THR A 486 44.56 -10.18 -13.69
C THR A 486 44.81 -11.64 -14.05
N ASP A 487 44.94 -11.90 -15.34
CA ASP A 487 45.57 -13.12 -15.83
C ASP A 487 47.06 -13.02 -15.52
N ILE A 488 47.57 -13.83 -14.61
CA ILE A 488 49.02 -13.85 -14.39
C ILE A 488 49.71 -14.29 -15.69
N GLY A 489 50.66 -13.46 -16.13
CA GLY A 489 51.31 -13.59 -17.42
C GLY A 489 50.65 -12.85 -18.56
N GLY A 490 49.51 -12.20 -18.30
CA GLY A 490 48.68 -11.65 -19.36
C GLY A 490 47.94 -12.75 -20.10
N PHE A 491 47.06 -12.34 -21.02
CA PHE A 491 46.21 -13.28 -21.75
C PHE A 491 46.85 -13.80 -23.02
N ASP A 492 47.29 -12.89 -23.88
CA ASP A 492 47.56 -13.22 -25.27
C ASP A 492 49.03 -13.07 -25.64
N GLY A 493 49.62 -14.14 -26.19
CA GLY A 493 50.94 -14.08 -26.83
C GLY A 493 52.09 -14.79 -26.14
N GLY A 494 51.84 -15.40 -24.99
CA GLY A 494 52.90 -16.05 -24.21
C GLY A 494 53.21 -17.45 -24.72
N ASP A 495 54.38 -17.61 -25.37
CA ASP A 495 54.87 -18.95 -25.75
C ASP A 495 55.58 -19.56 -24.53
N ILE A 496 55.14 -20.75 -24.12
CA ILE A 496 55.62 -21.38 -22.89
C ILE A 496 57.09 -21.78 -22.93
N ASN A 497 57.68 -21.88 -24.13
CA ASN A 497 59.10 -22.19 -24.32
C ASN A 497 60.01 -20.95 -24.42
N ASP A 498 59.42 -19.76 -24.56
CA ASP A 498 60.18 -18.53 -24.83
C ASP A 498 60.75 -17.92 -23.53
N PRO A 499 62.09 -17.72 -23.45
CA PRO A 499 62.71 -17.07 -22.28
C PRO A 499 62.15 -15.69 -21.91
N ALA A 500 61.82 -14.88 -22.92
CA ALA A 500 61.27 -13.54 -22.67
C ALA A 500 59.90 -13.59 -21.97
N PHE A 501 59.02 -14.48 -22.43
CA PHE A 501 57.74 -14.66 -21.78
C PHE A 501 57.87 -15.29 -20.39
N GLN A 502 58.78 -16.25 -20.23
CA GLN A 502 58.99 -16.89 -18.93
C GLN A 502 59.42 -15.88 -17.88
N GLU A 503 60.25 -14.91 -18.27
CA GLU A 503 60.67 -13.87 -17.34
C GLU A 503 59.50 -12.97 -16.96
N LEU A 504 58.72 -12.55 -17.95
CA LEU A 504 57.48 -11.81 -17.69
C LEU A 504 56.55 -12.57 -16.75
N LEU A 505 56.31 -13.84 -17.05
CA LEU A 505 55.47 -14.72 -16.20
C LEU A 505 55.88 -14.68 -14.74
N ILE A 506 57.18 -14.81 -14.48
CA ILE A 506 57.69 -14.84 -13.10
C ILE A 506 57.44 -13.50 -12.39
N ARG A 507 57.77 -12.39 -13.06
CA ARG A 507 57.53 -11.05 -12.49
C ARG A 507 56.06 -10.79 -12.20
N TRP A 508 55.20 -11.21 -13.13
CA TRP A 508 53.76 -11.04 -13.02
C TRP A 508 53.21 -11.95 -11.91
N PHE A 509 53.73 -13.17 -11.81
CA PHE A 509 53.35 -14.09 -10.71
C PHE A 509 53.70 -13.51 -9.34
N GLN A 510 54.92 -12.97 -9.24
CA GLN A 510 55.42 -12.34 -8.01
C GLN A 510 54.56 -11.15 -7.59
N TRP A 511 54.14 -10.35 -8.56
CA TRP A 511 53.14 -9.31 -8.31
C TRP A 511 51.80 -9.94 -7.88
N GLY A 512 51.38 -10.97 -8.59
CA GLY A 512 50.11 -11.67 -8.34
C GLY A 512 49.90 -12.17 -6.92
N VAL A 513 50.99 -12.57 -6.27
CA VAL A 513 50.98 -12.94 -4.83
C VAL A 513 50.43 -11.80 -3.96
N PHE A 514 50.74 -10.55 -4.34
CA PHE A 514 50.27 -9.36 -3.65
C PHE A 514 49.16 -8.59 -4.39
N CYS A 515 48.31 -9.33 -5.09
CA CYS A 515 47.07 -8.81 -5.65
C CYS A 515 45.91 -9.33 -4.81
N PRO A 516 44.75 -8.65 -4.88
CA PRO A 516 43.59 -9.08 -4.07
C PRO A 516 43.23 -10.56 -4.25
N VAL A 517 43.27 -11.03 -5.49
CA VAL A 517 43.17 -12.46 -5.78
C VAL A 517 44.38 -12.88 -6.62
N THR A 518 44.92 -14.06 -6.31
CA THR A 518 46.07 -14.65 -7.01
C THR A 518 45.57 -15.71 -7.98
N ARG A 519 45.59 -15.39 -9.28
CA ARG A 519 44.94 -16.19 -10.31
C ARG A 519 45.81 -16.34 -11.53
N LEU A 520 46.12 -17.60 -11.87
CA LEU A 520 46.88 -17.92 -13.08
C LEU A 520 45.92 -18.27 -14.20
N HIS A 521 46.02 -17.54 -15.31
CA HIS A 521 45.22 -17.80 -16.50
C HIS A 521 45.96 -17.30 -17.74
N GLY A 522 45.64 -17.88 -18.90
CA GLY A 522 46.12 -17.37 -20.16
C GLY A 522 45.75 -18.22 -21.36
N PHE A 523 46.00 -17.64 -22.54
CA PHE A 523 45.89 -18.32 -23.82
C PHE A 523 47.31 -18.49 -24.33
N ARG A 524 47.96 -19.57 -23.89
CA ARG A 524 49.38 -19.79 -24.15
C ARG A 524 49.64 -20.39 -25.53
N GLN A 525 50.77 -19.99 -26.13
CA GLN A 525 51.23 -20.52 -27.40
C GLN A 525 52.25 -21.64 -27.13
N PRO A 526 52.42 -22.60 -28.04
CA PRO A 526 51.68 -22.68 -29.32
C PRO A 526 50.25 -23.20 -29.13
N MET A 527 49.30 -22.51 -29.75
CA MET A 527 47.89 -22.91 -29.69
C MET A 527 47.66 -24.18 -30.51
N GLU A 528 46.56 -24.87 -30.23
CA GLU A 528 46.19 -26.09 -30.93
C GLU A 528 44.77 -25.95 -31.47
N GLU A 529 44.63 -26.07 -32.80
CA GLU A 529 43.30 -26.12 -33.42
C GLU A 529 42.54 -27.35 -32.96
N PRO A 530 41.20 -27.29 -32.92
CA PRO A 530 40.45 -28.49 -32.54
C PRO A 530 40.56 -29.56 -33.64
N ALA A 531 40.45 -30.83 -33.23
CA ALA A 531 40.54 -31.96 -34.16
C ALA A 531 39.60 -31.76 -35.36
N GLU A 532 38.33 -31.52 -35.05
CA GLU A 532 37.31 -31.22 -36.06
C GLU A 532 36.92 -29.75 -35.93
N THR A 533 36.91 -29.04 -37.06
CA THR A 533 36.59 -27.61 -37.09
C THR A 533 35.14 -27.37 -36.68
N TYR A 534 34.24 -28.24 -37.14
CA TYR A 534 32.82 -28.17 -36.81
C TYR A 534 32.33 -29.50 -36.26
N ARG A 535 31.26 -29.42 -35.46
CA ARG A 535 30.50 -30.59 -35.02
C ARG A 535 29.03 -30.19 -34.98
N ASP A 536 28.17 -30.96 -35.66
CA ASP A 536 26.74 -30.63 -35.80
C ASP A 536 26.52 -29.21 -36.37
N GLY A 537 27.44 -28.75 -37.24
CA GLY A 537 27.40 -27.39 -37.79
C GLY A 537 27.84 -26.26 -36.87
N ILE A 538 28.28 -26.59 -35.66
CA ILE A 538 28.68 -25.61 -34.65
C ILE A 538 30.21 -25.58 -34.65
N ALA A 539 30.77 -24.39 -34.85
CA ALA A 539 32.22 -24.22 -34.85
C ALA A 539 32.80 -24.56 -33.49
N GLN A 540 33.92 -25.29 -33.48
CA GLN A 540 34.53 -25.81 -32.26
C GLN A 540 35.66 -24.91 -31.82
N CYS A 541 35.85 -24.82 -30.50
CA CYS A 541 36.81 -23.90 -29.91
C CYS A 541 38.16 -24.57 -29.69
N MET A 542 39.20 -23.88 -30.16
CA MET A 542 40.59 -24.27 -29.92
C MET A 542 41.00 -24.26 -28.44
N THR A 543 42.24 -24.63 -28.19
CA THR A 543 42.88 -24.46 -26.88
C THR A 543 44.28 -23.89 -27.04
N GLY A 544 44.79 -23.25 -25.98
CA GLY A 544 46.19 -22.87 -25.90
C GLY A 544 47.01 -24.03 -25.36
N ALA A 545 48.30 -23.79 -25.19
CA ALA A 545 49.22 -24.75 -24.59
C ALA A 545 49.00 -24.85 -23.08
N ALA A 546 49.84 -25.63 -22.40
CA ALA A 546 49.75 -25.79 -20.94
C ALA A 546 50.01 -24.51 -20.19
N ASN A 547 49.44 -24.41 -18.98
CA ASN A 547 49.59 -23.23 -18.13
C ASN A 547 49.52 -23.58 -16.65
N GLU A 548 50.26 -24.60 -16.26
CA GLU A 548 50.38 -24.97 -14.86
C GLU A 548 51.75 -24.52 -14.41
N ILE A 549 51.99 -24.45 -13.09
CA ILE A 549 53.24 -23.88 -12.57
C ILE A 549 54.49 -24.71 -12.87
N TRP A 550 54.29 -25.98 -13.24
CA TRP A 550 55.36 -26.90 -13.68
C TRP A 550 55.55 -26.94 -15.21
N SER A 551 54.83 -26.10 -15.94
CA SER A 551 54.86 -26.11 -17.41
C SER A 551 56.01 -25.30 -18.02
N TYR A 552 56.82 -24.64 -17.20
CA TYR A 552 57.81 -23.66 -17.68
C TYR A 552 59.25 -23.97 -17.25
N GLY A 553 59.55 -25.25 -17.03
CA GLY A 553 60.89 -25.68 -16.57
C GLY A 553 61.03 -25.71 -15.07
N GLU A 554 62.12 -26.34 -14.60
CA GLU A 554 62.33 -26.63 -13.19
C GLU A 554 62.63 -25.39 -12.35
N ASP A 555 63.49 -24.50 -12.85
CA ASP A 555 63.87 -23.27 -12.14
C ASP A 555 62.67 -22.35 -11.92
N ASN A 556 61.84 -22.21 -12.96
CA ASN A 556 60.61 -21.41 -12.87
C ASN A 556 59.57 -22.04 -11.94
N TYR A 557 59.46 -23.37 -11.98
CA TYR A 557 58.58 -24.12 -11.07
C TYR A 557 58.93 -23.87 -9.60
N ALA A 558 60.22 -23.88 -9.27
CA ALA A 558 60.66 -23.62 -7.90
C ALA A 558 60.27 -22.20 -7.44
N ILE A 559 60.41 -21.21 -8.32
CA ILE A 559 60.01 -19.83 -8.01
C ILE A 559 58.50 -19.75 -7.79
N MET A 560 57.72 -20.32 -8.71
CA MET A 560 56.26 -20.25 -8.64
C MET A 560 55.70 -21.07 -7.49
N LYS A 561 56.35 -22.19 -7.17
CA LYS A 561 56.00 -22.97 -5.97
C LYS A 561 56.16 -22.13 -4.69
N SER A 562 57.27 -21.42 -4.56
CA SER A 562 57.49 -20.57 -3.38
C SER A 562 56.54 -19.37 -3.36
N CYS A 563 56.12 -18.89 -4.55
CA CYS A 563 55.04 -17.88 -4.63
C CYS A 563 53.72 -18.42 -4.06
N LEU A 564 53.37 -19.65 -4.43
CA LEU A 564 52.15 -20.28 -3.89
C LEU A 564 52.20 -20.46 -2.38
N GLU A 565 53.35 -20.90 -1.87
CA GLU A 565 53.55 -21.10 -0.43
C GLU A 565 53.51 -19.77 0.34
N LEU A 566 54.07 -18.71 -0.25
CA LEU A 566 53.99 -17.37 0.34
C LEU A 566 52.54 -16.88 0.39
N ARG A 567 51.81 -17.07 -0.71
CA ARG A 567 50.41 -16.67 -0.77
C ARG A 567 49.59 -17.38 0.31
N GLU A 568 49.85 -18.67 0.54
CA GLU A 568 49.17 -19.41 1.62
C GLU A 568 49.43 -18.80 2.98
N ARG A 569 50.69 -18.47 3.26
CA ARG A 569 51.05 -17.80 4.51
C ARG A 569 50.38 -16.42 4.68
N LEU A 570 50.11 -15.74 3.56
CA LEU A 570 49.44 -14.44 3.56
C LEU A 570 47.92 -14.51 3.73
N ARG A 571 47.31 -15.68 3.57
CA ARG A 571 45.85 -15.78 3.55
C ARG A 571 45.15 -15.18 4.78
N PRO A 572 45.65 -15.45 6.00
CA PRO A 572 45.04 -14.80 7.16
C PRO A 572 45.03 -13.25 7.08
N TYR A 573 46.17 -12.68 6.69
CA TYR A 573 46.28 -11.24 6.45
C TYR A 573 45.33 -10.74 5.35
N VAL A 574 45.29 -11.46 4.23
CA VAL A 574 44.41 -11.10 3.11
C VAL A 574 42.95 -11.05 3.59
N MET A 575 42.53 -12.05 4.38
CA MET A 575 41.17 -12.08 4.89
C MET A 575 40.88 -10.94 5.86
N ARG A 576 41.87 -10.54 6.67
CA ARG A 576 41.73 -9.34 7.51
C ARG A 576 41.53 -8.07 6.66
N VAL A 577 42.33 -7.95 5.60
CA VAL A 577 42.23 -6.79 4.70
C VAL A 577 40.91 -6.81 3.92
N MET A 578 40.44 -8.00 3.53
CA MET A 578 39.14 -8.14 2.86
C MET A 578 37.97 -7.73 3.77
N LYS A 579 38.06 -8.13 5.05
CA LYS A 579 37.07 -7.70 6.04
C LYS A 579 37.05 -6.18 6.16
N ALA A 580 38.23 -5.54 6.22
CA ALA A 580 38.33 -4.09 6.29
C ALA A 580 37.76 -3.41 5.04
N ALA A 581 37.89 -4.03 3.87
CA ALA A 581 37.25 -3.55 2.66
C ALA A 581 35.73 -3.58 2.80
N HIS A 582 35.21 -4.69 3.32
CA HIS A 582 33.78 -4.84 3.59
C HIS A 582 33.32 -3.81 4.61
N ASP A 583 34.09 -3.63 5.68
CA ASP A 583 33.73 -2.70 6.77
C ASP A 583 33.88 -1.21 6.44
N THR A 584 34.90 -0.82 5.68
CA THR A 584 35.30 0.61 5.54
C THR A 584 35.37 1.17 4.11
N GLY A 585 35.15 0.35 3.09
CA GLY A 585 35.33 0.77 1.70
C GLY A 585 36.78 0.94 1.24
N ALA A 586 37.74 0.59 2.10
CA ALA A 586 39.15 0.70 1.74
C ALA A 586 39.47 -0.33 0.66
N PRO A 587 40.30 0.04 -0.34
CA PRO A 587 40.75 -0.97 -1.29
C PRO A 587 41.73 -1.95 -0.63
N VAL A 588 42.01 -3.06 -1.32
CA VAL A 588 42.90 -4.09 -0.80
C VAL A 588 44.32 -3.74 -1.24
N MET A 589 44.49 -3.58 -2.55
CA MET A 589 45.70 -2.99 -3.12
C MET A 589 45.42 -1.50 -3.28
N ARG A 590 46.32 -0.66 -2.77
CA ARG A 590 46.06 0.77 -2.76
C ARG A 590 47.29 1.63 -2.95
N PRO A 591 47.13 2.83 -3.56
CA PRO A 591 48.28 3.73 -3.69
C PRO A 591 48.85 4.14 -2.34
N LEU A 592 50.12 4.53 -2.35
CA LEU A 592 50.82 4.86 -1.12
C LEU A 592 50.12 5.97 -0.36
N PHE A 593 49.51 6.91 -1.07
CA PHE A 593 48.78 8.02 -0.45
C PHE A 593 47.55 7.58 0.36
N PHE A 594 47.02 6.39 0.10
CA PHE A 594 45.91 5.90 0.92
C PHE A 594 46.32 5.73 2.39
N ASP A 595 47.51 5.17 2.61
CA ASP A 595 48.03 4.93 3.96
C ASP A 595 48.94 6.03 4.49
N PHE A 596 49.52 6.84 3.59
CA PHE A 596 50.46 7.90 3.95
C PHE A 596 50.10 9.21 3.24
N PRO A 597 48.87 9.71 3.43
CA PRO A 597 48.38 10.89 2.69
C PRO A 597 49.14 12.19 2.96
N ASP A 598 49.81 12.30 4.12
CA ASP A 598 50.58 13.50 4.48
C ASP A 598 51.99 13.55 3.91
N GLN A 599 52.43 12.54 3.17
CA GLN A 599 53.80 12.48 2.64
C GLN A 599 53.78 12.74 1.15
N ALA A 600 54.58 13.72 0.71
CA ALA A 600 54.59 14.17 -0.69
C ALA A 600 54.87 13.04 -1.68
N GLU A 601 55.84 12.19 -1.34
CA GLU A 601 56.27 11.09 -2.20
C GLU A 601 55.16 10.06 -2.46
N ALA A 602 54.26 9.90 -1.48
CA ALA A 602 53.12 8.99 -1.59
C ALA A 602 52.15 9.37 -2.72
N TRP A 603 52.12 10.67 -3.06
CA TRP A 603 51.32 11.18 -4.18
C TRP A 603 52.05 11.22 -5.52
N GLN A 604 53.37 10.98 -5.51
CA GLN A 604 54.21 10.99 -6.74
C GLN A 604 54.53 9.59 -7.27
N ILE A 605 54.78 8.64 -6.36
CA ILE A 605 55.21 7.29 -6.73
C ILE A 605 54.06 6.43 -7.26
N GLU A 606 54.25 5.92 -8.47
CA GLU A 606 53.25 5.09 -9.13
C GLU A 606 53.66 3.62 -9.34
N ASP A 607 54.92 3.29 -9.07
CA ASP A 607 55.44 1.92 -9.23
C ASP A 607 55.62 1.17 -7.90
N GLN A 608 55.03 1.69 -6.83
CA GLN A 608 54.93 1.01 -5.54
C GLN A 608 53.50 1.14 -5.04
N TYR A 609 53.11 0.24 -4.14
CA TYR A 609 51.78 0.30 -3.53
C TYR A 609 51.76 -0.44 -2.20
N MET A 610 50.64 -0.30 -1.50
CA MET A 610 50.42 -0.97 -0.23
C MET A 610 49.44 -2.12 -0.44
N PHE A 611 49.85 -3.34 -0.08
CA PHE A 611 48.95 -4.49 -0.07
C PHE A 611 48.39 -4.58 1.34
N GLY A 612 47.24 -3.96 1.55
CA GLY A 612 46.75 -3.67 2.90
C GLY A 612 47.63 -2.62 3.56
N PRO A 613 47.40 -2.34 4.86
CA PRO A 613 48.19 -1.31 5.55
C PRO A 613 49.63 -1.70 5.93
N ASP A 614 49.95 -3.00 5.89
CA ASP A 614 51.19 -3.51 6.50
C ASP A 614 52.27 -4.02 5.54
N ILE A 615 51.98 -4.04 4.24
CA ILE A 615 52.93 -4.58 3.25
C ILE A 615 53.14 -3.62 2.08
N LEU A 616 54.39 -3.20 1.92
CA LEU A 616 54.82 -2.32 0.84
C LEU A 616 55.37 -3.19 -0.27
N VAL A 617 54.82 -3.06 -1.48
CA VAL A 617 55.21 -3.88 -2.62
C VAL A 617 55.81 -2.98 -3.69
N ALA A 618 56.92 -3.45 -4.29
CA ALA A 618 57.62 -2.71 -5.34
C ALA A 618 57.87 -3.62 -6.53
N PRO A 619 56.86 -3.80 -7.40
CA PRO A 619 57.01 -4.76 -8.52
C PRO A 619 58.12 -4.41 -9.50
N VAL A 620 58.61 -5.42 -10.23
CA VAL A 620 59.58 -5.22 -11.30
C VAL A 620 58.78 -5.19 -12.59
N LEU A 621 58.92 -4.08 -13.31
CA LEU A 621 58.12 -3.78 -14.48
C LEU A 621 58.91 -3.74 -15.78
N GLU A 622 60.18 -4.14 -15.73
CA GLU A 622 61.05 -4.16 -16.92
C GLU A 622 61.76 -5.51 -17.08
N ALA A 623 61.78 -6.02 -18.31
CA ALA A 623 62.57 -7.20 -18.65
C ALA A 623 64.04 -6.90 -18.40
N GLY A 624 64.74 -7.88 -17.82
CA GLY A 624 66.17 -7.82 -17.59
C GLY A 624 66.57 -7.14 -16.29
N GLN A 625 65.63 -6.47 -15.63
CA GLN A 625 65.92 -5.64 -14.46
C GLN A 625 66.21 -6.53 -13.27
N ARG A 626 67.35 -6.31 -12.63
CA ARG A 626 67.77 -7.09 -11.47
C ARG A 626 68.00 -6.27 -10.20
N SER A 627 67.60 -4.99 -10.25
CA SER A 627 67.58 -4.12 -9.09
C SER A 627 66.63 -2.95 -9.36
N ARG A 628 66.10 -2.35 -8.31
CA ARG A 628 65.29 -1.13 -8.44
C ARG A 628 65.34 -0.32 -7.16
N LYS A 629 65.02 0.97 -7.25
CA LYS A 629 64.92 1.81 -6.05
C LYS A 629 63.52 1.70 -5.43
N VAL A 630 63.46 1.79 -4.11
CA VAL A 630 62.23 1.64 -3.33
C VAL A 630 62.22 2.75 -2.29
N TRP A 631 61.14 3.54 -2.26
CA TRP A 631 60.95 4.52 -1.20
C TRP A 631 60.24 3.87 -0.03
N LEU A 632 60.77 4.08 1.18
CA LEU A 632 60.16 3.56 2.40
C LEU A 632 59.43 4.70 3.09
N PRO A 633 58.09 4.60 3.25
CA PRO A 633 57.35 5.67 3.91
C PRO A 633 57.83 5.97 5.32
N GLU A 634 57.77 7.25 5.71
CA GLU A 634 58.11 7.68 7.06
C GLU A 634 57.01 7.27 8.04
N GLY A 635 57.38 7.08 9.31
CA GLY A 635 56.43 6.81 10.41
C GLY A 635 56.53 5.43 11.03
N CYS A 636 57.24 4.52 10.36
CA CYS A 636 57.55 3.21 10.94
C CYS A 636 58.84 2.66 10.34
N ALA A 637 59.34 1.60 10.96
CA ALA A 637 60.42 0.79 10.41
C ALA A 637 59.84 -0.29 9.51
N TRP A 638 60.66 -0.77 8.59
CA TRP A 638 60.26 -1.73 7.58
C TRP A 638 61.22 -2.92 7.58
N ILE A 639 60.67 -4.13 7.47
CA ILE A 639 61.45 -5.35 7.43
C ILE A 639 61.44 -5.84 5.99
N ASP A 640 62.64 -5.99 5.43
CA ASP A 640 62.82 -6.52 4.07
C ASP A 640 62.45 -8.01 4.07
N LEU A 641 61.39 -8.37 3.35
CA LEU A 641 60.90 -9.76 3.31
C LEU A 641 61.93 -10.78 2.83
N ASN A 642 62.81 -10.35 1.92
CA ASN A 642 63.77 -11.25 1.29
C ASN A 642 65.12 -11.36 2.02
N THR A 643 65.51 -10.35 2.78
CA THR A 643 66.78 -10.36 3.55
C THR A 643 66.64 -10.33 5.07
N GLY A 644 65.48 -9.95 5.58
CA GLY A 644 65.28 -9.77 7.01
C GLY A 644 65.88 -8.50 7.61
N ALA A 645 66.51 -7.66 6.79
CA ALA A 645 67.11 -6.40 7.29
C ALA A 645 66.02 -5.44 7.72
N ARG A 646 66.27 -4.73 8.81
CA ARG A 646 65.38 -3.70 9.33
C ARG A 646 65.83 -2.37 8.76
N GLN A 647 64.89 -1.61 8.18
CA GLN A 647 65.18 -0.32 7.56
C GLN A 647 64.27 0.72 8.17
N ASN A 648 64.83 1.89 8.50
CA ASN A 648 64.03 3.00 9.01
C ASN A 648 63.18 3.59 7.88
N GLY A 649 62.01 4.11 8.22
CA GLY A 649 61.18 4.82 7.26
C GLY A 649 61.78 6.17 6.88
N GLY A 650 61.32 6.72 5.76
CA GLY A 650 61.72 8.04 5.29
C GLY A 650 63.03 8.06 4.51
N GLN A 651 63.28 7.02 3.71
CA GLN A 651 64.48 6.93 2.89
C GLN A 651 64.25 6.14 1.61
N TRP A 652 65.17 6.27 0.66
CA TRP A 652 65.18 5.49 -0.56
C TRP A 652 66.23 4.37 -0.44
N CYS A 653 65.84 3.13 -0.73
CA CYS A 653 66.76 1.98 -0.74
C CYS A 653 66.99 1.48 -2.16
N ASP A 654 68.24 1.19 -2.49
CA ASP A 654 68.60 0.56 -3.77
C ASP A 654 68.52 -0.95 -3.55
N CYS A 655 67.40 -1.56 -3.94
CA CYS A 655 67.11 -2.95 -3.59
C CYS A 655 67.48 -3.93 -4.67
N ASP A 656 68.11 -5.03 -4.25
CA ASP A 656 68.35 -6.17 -5.14
C ASP A 656 66.98 -6.75 -5.56
N ALA A 657 66.88 -7.12 -6.84
CA ALA A 657 65.66 -7.68 -7.38
C ALA A 657 66.04 -8.83 -8.32
N PRO A 658 66.57 -9.93 -7.76
CA PRO A 658 66.92 -11.05 -8.62
C PRO A 658 65.65 -11.64 -9.23
N LEU A 659 65.81 -12.50 -10.23
CA LEU A 659 64.67 -13.20 -10.83
C LEU A 659 63.76 -13.89 -9.79
N GLU A 660 64.34 -14.31 -8.66
CA GLU A 660 63.64 -15.09 -7.63
C GLU A 660 62.76 -14.27 -6.67
N ALA A 661 62.86 -12.93 -6.69
CA ALA A 661 62.05 -12.10 -5.80
C ALA A 661 61.93 -10.65 -6.24
N ILE A 662 60.75 -10.06 -6.02
CA ILE A 662 60.58 -8.61 -6.13
C ILE A 662 60.74 -7.99 -4.74
N PRO A 663 61.19 -6.72 -4.65
CA PRO A 663 61.29 -6.10 -3.32
C PRO A 663 59.94 -5.93 -2.61
N VAL A 664 59.87 -6.42 -1.37
CA VAL A 664 58.67 -6.32 -0.54
C VAL A 664 59.11 -6.03 0.90
N PHE A 665 58.42 -5.11 1.55
CA PHE A 665 58.74 -4.72 2.93
C PHE A 665 57.51 -4.84 3.82
N ILE A 666 57.73 -5.28 5.06
CA ILE A 666 56.65 -5.47 6.02
C ILE A 666 56.75 -4.40 7.09
N ARG A 667 55.63 -3.79 7.44
CA ARG A 667 55.57 -2.82 8.53
C ARG A 667 56.00 -3.54 9.81
N GLU A 668 57.07 -3.04 10.44
CA GLU A 668 57.60 -3.71 11.64
C GLU A 668 56.53 -3.86 12.72
N ALA A 669 56.50 -5.05 13.33
CA ALA A 669 55.58 -5.37 14.44
C ALA A 669 54.10 -5.52 14.06
N ALA A 670 53.78 -5.46 12.77
CA ALA A 670 52.43 -5.80 12.32
C ALA A 670 52.26 -7.31 12.49
N ALA A 671 51.02 -7.73 12.76
CA ALA A 671 50.71 -9.15 12.98
C ALA A 671 51.17 -10.04 11.82
N VAL A 672 51.10 -9.52 10.59
CA VAL A 672 51.56 -10.26 9.41
C VAL A 672 53.06 -10.59 9.42
N GLN A 673 53.88 -9.79 10.08
CA GLN A 673 55.33 -10.09 10.18
C GLN A 673 55.58 -11.48 10.75
N ALA A 674 54.95 -11.77 11.89
CA ALA A 674 55.09 -13.07 12.55
C ALA A 674 54.47 -14.24 11.75
N GLU A 675 53.46 -13.94 10.92
CA GLU A 675 52.82 -14.95 10.08
C GLU A 675 53.66 -15.38 8.87
N LEU A 676 54.68 -14.61 8.52
CA LEU A 676 55.57 -14.93 7.41
C LEU A 676 56.89 -15.50 7.92
N SER A 677 57.52 -16.32 7.08
CA SER A 677 58.87 -16.81 7.32
C SER A 677 59.82 -15.88 6.58
N ILE A 678 60.60 -15.12 7.33
CA ILE A 678 61.53 -14.13 6.77
C ILE A 678 62.95 -14.66 6.93
N ALA A 679 63.58 -15.00 5.81
CA ALA A 679 64.91 -15.60 5.82
C ALA A 679 65.97 -14.52 5.93
N LEU A 680 67.08 -14.85 6.59
CA LEU A 680 68.20 -13.93 6.80
C LEU A 680 69.23 -14.11 5.68
N GLU A 681 69.45 -13.04 4.90
CA GLU A 681 70.48 -13.01 3.86
C GLU A 681 71.07 -11.62 3.76
N SER B 2 4.95 -16.31 -29.45
CA SER B 2 3.63 -15.64 -29.50
C SER B 2 2.82 -15.96 -28.26
N GLU B 3 2.30 -14.93 -27.59
CA GLU B 3 1.61 -15.11 -26.32
C GLU B 3 0.48 -14.11 -26.15
N PHE B 4 -0.72 -14.61 -25.87
CA PHE B 4 -1.86 -13.78 -25.46
C PHE B 4 -1.93 -13.71 -23.94
N ILE B 5 -2.18 -12.52 -23.41
CA ILE B 5 -2.46 -12.32 -21.99
C ILE B 5 -3.85 -11.71 -21.96
N LEU B 6 -4.84 -12.52 -21.57
CA LEU B 6 -6.26 -12.16 -21.67
C LEU B 6 -6.92 -12.07 -20.32
N THR B 7 -7.79 -11.08 -20.18
CA THR B 7 -8.71 -10.94 -19.04
C THR B 7 -10.11 -10.81 -19.63
N SER B 8 -11.11 -10.60 -18.78
CA SER B 8 -12.51 -10.49 -19.22
C SER B 8 -12.81 -9.25 -20.06
N ASP B 9 -11.99 -8.20 -19.94
CA ASP B 9 -12.21 -6.96 -20.70
C ASP B 9 -10.92 -6.33 -21.30
N LYS B 10 -9.91 -7.16 -21.57
CA LYS B 10 -8.66 -6.68 -22.18
C LYS B 10 -7.95 -7.80 -22.95
N LEU B 11 -7.56 -7.49 -24.18
CA LEU B 11 -6.76 -8.39 -25.02
C LEU B 11 -5.36 -7.80 -25.12
N VAL B 12 -4.36 -8.56 -24.68
CA VAL B 12 -2.95 -8.22 -24.89
C VAL B 12 -2.26 -9.35 -25.66
N TRP B 13 -1.47 -8.99 -26.67
CA TRP B 13 -0.63 -9.93 -27.40
C TRP B 13 0.80 -9.43 -27.30
N THR B 14 1.75 -10.35 -27.22
CA THR B 14 3.16 -9.97 -27.12
C THR B 14 4.12 -10.96 -27.78
N TYR B 15 5.17 -10.39 -28.37
CA TYR B 15 6.28 -11.15 -28.93
C TYR B 15 7.49 -10.23 -29.02
N ASP B 16 8.60 -10.65 -28.43
CA ASP B 16 9.87 -9.94 -28.49
C ASP B 16 9.80 -8.49 -28.00
N GLY B 17 9.09 -8.28 -26.88
CA GLY B 17 8.94 -6.96 -26.29
C GLY B 17 7.85 -6.09 -26.90
N HIS B 18 7.39 -6.43 -28.11
CA HIS B 18 6.26 -5.74 -28.72
C HIS B 18 5.01 -6.13 -27.94
N LYS B 19 4.33 -5.14 -27.37
CA LYS B 19 3.06 -5.34 -26.68
C LYS B 19 1.96 -4.67 -27.50
N LEU B 20 0.89 -5.41 -27.78
CA LEU B 20 -0.32 -4.89 -28.43
C LEU B 20 -1.44 -5.00 -27.41
N GLN B 21 -2.08 -3.88 -27.07
CA GLN B 21 -3.16 -3.86 -26.08
C GLN B 21 -4.44 -3.29 -26.69
N ILE B 22 -5.51 -4.09 -26.62
CA ILE B 22 -6.82 -3.71 -27.15
C ILE B 22 -7.86 -3.82 -26.03
N GLU B 23 -8.68 -2.79 -25.89
CA GLU B 23 -9.62 -2.70 -24.79
C GLU B 23 -10.81 -1.81 -25.15
N PRO B 24 -11.96 -2.00 -24.48
CA PRO B 24 -13.10 -1.12 -24.74
C PRO B 24 -12.81 0.30 -24.29
N TRP B 25 -13.34 1.27 -25.03
CA TRP B 25 -13.16 2.68 -24.69
C TRP B 25 -14.43 3.43 -25.11
N GLY B 26 -15.51 3.14 -24.40
CA GLY B 26 -16.83 3.66 -24.72
C GLY B 26 -17.61 2.64 -25.53
N GLU B 27 -18.91 2.88 -25.66
CA GLU B 27 -19.83 2.00 -26.38
C GLU B 27 -19.39 1.81 -27.83
N ASN B 28 -19.43 0.57 -28.31
CA ASN B 28 -19.12 0.23 -29.70
C ASN B 28 -17.73 0.66 -30.17
N SER B 29 -16.80 0.78 -29.23
CA SER B 29 -15.50 1.40 -29.47
C SER B 29 -14.37 0.63 -28.81
N LEU B 30 -13.20 0.64 -29.44
CA LEU B 30 -11.98 0.04 -28.88
C LEU B 30 -10.81 1.03 -28.92
N ARG B 31 -9.93 0.96 -27.92
CA ARG B 31 -8.64 1.63 -27.97
C ARG B 31 -7.58 0.62 -28.33
N VAL B 32 -6.67 1.00 -29.24
CA VAL B 32 -5.56 0.15 -29.64
C VAL B 32 -4.25 0.87 -29.34
N ARG B 33 -3.38 0.21 -28.57
CA ARG B 33 -2.06 0.73 -28.26
C ARG B 33 -1.01 -0.34 -28.52
N ALA B 34 0.18 0.09 -28.97
CA ALA B 34 1.32 -0.81 -29.10
C ALA B 34 2.64 -0.10 -28.80
N THR B 35 3.57 -0.84 -28.21
CA THR B 35 4.89 -0.31 -27.86
C THR B 35 5.92 -1.43 -27.80
N VAL B 36 7.19 -1.06 -27.95
CA VAL B 36 8.32 -1.96 -27.63
C VAL B 36 9.08 -1.48 -26.38
N ALA B 37 8.61 -0.42 -25.73
CA ALA B 37 9.11 -0.01 -24.41
C ALA B 37 8.68 -1.05 -23.37
N PRO B 38 9.28 -1.01 -22.16
CA PRO B 38 8.88 -1.93 -21.08
C PRO B 38 7.37 -1.98 -20.84
N GLU B 39 6.73 -0.82 -20.80
CA GLU B 39 5.27 -0.71 -20.64
C GLU B 39 4.73 0.44 -21.47
N LEU B 40 3.40 0.48 -21.59
CA LEU B 40 2.71 1.64 -22.13
C LEU B 40 2.87 2.82 -21.18
N ASN B 41 3.01 4.02 -21.74
CA ASN B 41 3.09 5.24 -20.95
C ASN B 41 1.69 5.69 -20.51
N GLY B 42 1.62 6.81 -19.80
CA GLY B 42 0.35 7.38 -19.32
C GLY B 42 -0.31 8.44 -20.17
N ASN B 43 0.16 8.62 -21.42
CA ASN B 43 -0.39 9.65 -22.31
C ASN B 43 -1.72 9.20 -22.91
N ASP B 44 -2.78 9.93 -22.60
CA ASP B 44 -4.09 9.73 -23.22
C ASP B 44 -4.44 10.74 -24.31
N TRP B 45 -3.64 11.80 -24.41
CA TRP B 45 -3.80 12.83 -25.43
C TRP B 45 -5.25 13.34 -25.51
N ALA B 46 -6.00 13.01 -26.58
CA ALA B 46 -7.37 13.55 -26.75
C ALA B 46 -8.46 12.67 -26.14
N LEU B 47 -8.13 11.46 -25.69
CA LEU B 47 -9.16 10.54 -25.16
C LEU B 47 -9.52 10.84 -23.71
N LEU B 48 -10.80 11.11 -23.48
CA LEU B 48 -11.33 11.27 -22.13
C LEU B 48 -11.53 9.89 -21.50
N PRO B 49 -11.65 9.82 -20.16
CA PRO B 49 -11.91 8.52 -19.54
C PRO B 49 -13.20 7.90 -20.07
N ALA B 50 -13.17 6.60 -20.34
CA ALA B 50 -14.29 5.89 -20.95
C ALA B 50 -15.32 5.48 -19.89
N LYS B 51 -16.60 5.59 -20.24
CA LYS B 51 -17.68 5.06 -19.39
C LYS B 51 -17.59 3.52 -19.49
N PRO B 52 -17.74 2.81 -18.35
CA PRO B 52 -17.57 1.34 -18.40
C PRO B 52 -18.57 0.62 -19.32
N SER B 53 -18.04 -0.22 -20.22
CA SER B 53 -18.85 -1.10 -21.06
C SER B 53 -19.09 -2.39 -20.28
N THR B 54 -20.35 -2.79 -20.15
CA THR B 54 -20.74 -3.93 -19.30
C THR B 54 -20.67 -5.27 -20.04
N LYS B 55 -21.16 -5.31 -21.28
CA LYS B 55 -21.09 -6.51 -22.12
C LYS B 55 -19.91 -6.42 -23.08
N VAL B 56 -18.73 -6.76 -22.57
CA VAL B 56 -17.51 -6.93 -23.36
C VAL B 56 -17.15 -8.40 -23.26
N LYS B 57 -16.80 -9.00 -24.40
CA LYS B 57 -16.54 -10.43 -24.47
C LYS B 57 -15.17 -10.70 -25.09
N VAL B 58 -14.30 -11.36 -24.32
CA VAL B 58 -12.95 -11.72 -24.75
C VAL B 58 -12.82 -13.25 -24.83
N SER B 59 -12.40 -13.76 -26.00
CA SER B 59 -12.28 -15.20 -26.25
C SER B 59 -10.97 -15.53 -26.93
N GLU B 60 -10.60 -16.80 -26.89
CA GLU B 60 -9.53 -17.33 -27.74
C GLU B 60 -9.96 -18.62 -28.42
N PHE B 61 -9.53 -18.78 -29.67
CA PHE B 61 -9.92 -19.90 -30.51
C PHE B 61 -8.77 -20.23 -31.46
N GLU B 62 -8.51 -21.51 -31.68
CA GLU B 62 -7.40 -21.98 -32.51
C GLU B 62 -6.08 -21.40 -31.97
N ASP B 63 -5.39 -20.54 -32.74
CA ASP B 63 -4.23 -19.79 -32.26
C ASP B 63 -4.53 -18.29 -32.09
N SER B 64 -5.79 -17.88 -32.22
CA SER B 64 -6.20 -16.46 -32.22
C SER B 64 -6.92 -16.01 -30.95
N ALA B 65 -7.13 -14.70 -30.84
CA ALA B 65 -7.92 -14.10 -29.77
C ALA B 65 -8.81 -13.00 -30.30
N ARG B 66 -9.88 -12.72 -29.56
CA ARG B 66 -10.95 -11.86 -30.02
C ARG B 66 -11.51 -11.04 -28.87
N ILE B 67 -11.74 -9.75 -29.12
CA ILE B 67 -12.43 -8.88 -28.16
C ILE B 67 -13.59 -8.21 -28.88
N VAL B 68 -14.78 -8.35 -28.30
CA VAL B 68 -16.02 -7.78 -28.85
C VAL B 68 -16.53 -6.73 -27.88
N ASN B 69 -16.90 -5.56 -28.41
CA ASN B 69 -17.56 -4.53 -27.62
C ASN B 69 -18.69 -3.91 -28.44
N GLY B 70 -19.91 -4.42 -28.22
CA GLY B 70 -21.07 -3.94 -28.95
C GLY B 70 -20.94 -4.16 -30.45
N ASN B 71 -21.00 -3.07 -31.22
CA ASN B 71 -20.98 -3.14 -32.68
C ASN B 71 -19.60 -3.34 -33.31
N ILE B 72 -18.53 -3.43 -32.50
CA ILE B 72 -17.18 -3.65 -33.04
C ILE B 72 -16.51 -4.83 -32.36
N SER B 73 -15.74 -5.58 -33.15
CA SER B 73 -14.89 -6.64 -32.63
C SER B 73 -13.51 -6.57 -33.28
N ALA B 74 -12.48 -6.88 -32.49
CA ALA B 74 -11.11 -6.97 -32.98
C ALA B 74 -10.68 -8.42 -32.87
N VAL B 75 -10.07 -8.92 -33.94
CA VAL B 75 -9.49 -10.26 -33.99
C VAL B 75 -7.99 -10.13 -34.21
N VAL B 76 -7.22 -10.75 -33.32
CA VAL B 76 -5.76 -10.83 -33.42
C VAL B 76 -5.41 -12.31 -33.61
N ASN B 77 -4.74 -12.64 -34.72
CA ASN B 77 -4.29 -14.02 -34.96
C ASN B 77 -3.00 -14.32 -34.20
N GLY B 78 -2.53 -15.57 -34.29
CA GLY B 78 -1.33 -16.02 -33.59
C GLY B 78 -0.03 -15.33 -34.00
N ARG B 79 -0.03 -14.71 -35.19
CA ARG B 79 1.09 -13.87 -35.65
C ARG B 79 0.95 -12.38 -35.26
N GLY B 80 -0.03 -12.05 -34.41
CA GLY B 80 -0.21 -10.70 -33.91
C GLY B 80 -0.82 -9.72 -34.92
N GLN B 81 -1.48 -10.26 -35.94
CA GLN B 81 -2.04 -9.46 -37.02
C GLN B 81 -3.52 -9.19 -36.71
N LEU B 82 -3.92 -7.93 -36.86
CA LEU B 82 -5.18 -7.42 -36.32
C LEU B 82 -6.14 -6.99 -37.43
N SER B 83 -7.42 -7.31 -37.24
CA SER B 83 -8.49 -6.85 -38.12
C SER B 83 -9.75 -6.55 -37.31
N PHE B 84 -10.60 -5.66 -37.85
CA PHE B 84 -11.81 -5.21 -37.18
C PHE B 84 -13.05 -5.57 -37.98
N TYR B 85 -14.10 -5.96 -37.27
CA TYR B 85 -15.39 -6.34 -37.86
C TYR B 85 -16.53 -5.69 -37.11
N ASN B 86 -17.65 -5.45 -37.78
CA ASN B 86 -18.86 -4.97 -37.12
C ASN B 86 -19.73 -6.15 -36.66
N GLN B 87 -20.88 -5.85 -36.04
CA GLN B 87 -21.81 -6.88 -35.53
C GLN B 87 -22.38 -7.81 -36.61
N ASN B 88 -22.43 -7.35 -37.86
CA ASN B 88 -22.85 -8.17 -38.99
C ASN B 88 -21.72 -9.01 -39.60
N GLY B 89 -20.55 -9.06 -38.96
CA GLY B 89 -19.39 -9.78 -39.49
C GLY B 89 -18.71 -9.15 -40.70
N LYS B 90 -19.05 -7.90 -41.03
CA LYS B 90 -18.46 -7.21 -42.17
C LYS B 90 -17.09 -6.65 -41.77
N LEU B 91 -16.12 -6.78 -42.67
CA LEU B 91 -14.77 -6.26 -42.42
C LEU B 91 -14.80 -4.74 -42.50
N LEU B 92 -14.30 -4.10 -41.45
CA LEU B 92 -14.19 -2.66 -41.37
C LEU B 92 -12.79 -2.19 -41.75
N LEU B 93 -11.78 -2.76 -41.10
CA LEU B 93 -10.39 -2.33 -41.23
C LEU B 93 -9.44 -3.49 -40.97
N GLU B 94 -8.45 -3.64 -41.83
CA GLU B 94 -7.52 -4.76 -41.79
C GLU B 94 -6.09 -4.22 -41.83
N GLU B 95 -5.24 -4.69 -40.92
CA GLU B 95 -3.80 -4.39 -40.94
C GLU B 95 -3.14 -4.87 -42.24
N TYR B 96 -2.13 -4.12 -42.67
CA TYR B 96 -1.34 -4.43 -43.86
C TYR B 96 -0.03 -5.03 -43.42
N TRP B 97 0.16 -6.31 -43.74
CA TRP B 97 1.39 -7.06 -43.49
C TRP B 97 1.86 -7.63 -44.82
N ARG B 98 3.17 -7.61 -45.05
CA ARG B 98 3.79 -8.18 -46.25
C ARG B 98 5.13 -8.78 -45.85
N THR B 99 5.10 -10.01 -45.32
CA THR B 99 6.29 -10.68 -44.76
C THR B 99 6.25 -12.16 -45.09
N ARG B 100 7.41 -12.81 -45.03
CA ARG B 100 7.51 -14.27 -45.06
C ARG B 100 7.67 -14.89 -43.67
N PHE B 101 7.97 -14.05 -42.68
CA PHE B 101 8.27 -14.50 -41.33
C PHE B 101 7.88 -13.39 -40.37
N VAL B 102 7.01 -13.71 -39.41
CA VAL B 102 6.47 -12.72 -38.48
C VAL B 102 6.16 -13.40 -37.15
N ALA B 103 6.47 -12.71 -36.05
CA ALA B 103 6.26 -13.24 -34.69
C ALA B 103 6.86 -14.63 -34.48
N GLY B 104 8.05 -14.84 -35.03
CA GLY B 104 8.75 -16.13 -34.93
C GLY B 104 8.17 -17.30 -35.73
N GLN B 105 7.24 -17.03 -36.65
CA GLN B 105 6.57 -18.08 -37.42
C GLN B 105 6.59 -17.75 -38.91
N GLY B 106 6.55 -18.77 -39.74
CA GLY B 106 6.39 -18.60 -41.19
C GLY B 106 5.04 -18.00 -41.49
N GLU B 107 4.97 -17.15 -42.51
CA GLU B 107 3.70 -16.58 -42.94
C GLU B 107 2.97 -17.60 -43.81
N ASP B 108 1.66 -17.49 -43.85
CA ASP B 108 0.78 -18.36 -44.63
C ASP B 108 0.89 -18.02 -46.12
N THR B 109 1.40 -18.95 -46.94
CA THR B 109 1.56 -18.72 -48.38
C THR B 109 0.25 -18.55 -49.18
N SER B 110 -0.89 -18.97 -48.62
CA SER B 110 -2.19 -18.74 -49.25
C SER B 110 -2.77 -17.33 -48.99
N SER B 111 -2.10 -16.54 -48.15
CA SER B 111 -2.57 -15.19 -47.79
C SER B 111 -1.86 -14.11 -48.59
N LYS B 112 -2.56 -13.01 -48.84
CA LYS B 112 -1.95 -11.80 -49.43
C LYS B 112 -0.87 -11.18 -48.54
N TYR B 113 -0.85 -11.55 -47.26
CA TYR B 113 0.22 -11.21 -46.33
C TYR B 113 1.57 -11.84 -46.64
N PHE B 114 1.61 -12.90 -47.45
CA PHE B 114 2.88 -13.54 -47.80
C PHE B 114 3.61 -12.75 -48.87
N SER B 115 4.80 -12.25 -48.52
CA SER B 115 5.59 -11.42 -49.41
C SER B 115 7.02 -11.22 -48.90
N PRO B 116 8.03 -11.34 -49.78
CA PRO B 116 9.40 -11.02 -49.36
C PRO B 116 9.68 -9.54 -49.00
N LEU B 117 8.76 -8.63 -49.32
CA LEU B 117 8.97 -7.19 -49.13
C LEU B 117 9.32 -6.82 -47.68
N THR B 118 8.70 -7.52 -46.72
CA THR B 118 8.96 -7.32 -45.29
C THR B 118 8.49 -5.93 -44.79
N HIS B 119 7.18 -5.67 -44.94
CA HIS B 119 6.54 -4.52 -44.34
C HIS B 119 5.69 -5.00 -43.16
N GLU B 120 5.84 -4.33 -42.01
CA GLU B 120 5.02 -4.60 -40.83
C GLU B 120 3.85 -3.62 -40.77
N ALA B 121 2.74 -4.08 -40.19
CA ALA B 121 1.58 -3.21 -39.95
C ALA B 121 1.81 -2.23 -38.81
N ARG B 122 2.57 -2.64 -37.80
CA ARG B 122 2.91 -1.81 -36.66
C ARG B 122 4.43 -1.63 -36.57
N GLU B 123 4.94 -0.72 -37.40
CA GLU B 123 6.38 -0.48 -37.48
C GLU B 123 6.82 0.60 -36.50
N LEU B 124 7.44 0.16 -35.40
CA LEU B 124 8.08 1.05 -34.44
C LEU B 124 9.59 1.01 -34.69
N LYS B 125 10.04 1.85 -35.63
CA LYS B 125 11.42 1.86 -36.07
C LYS B 125 12.26 2.71 -35.12
N PRO B 126 13.23 2.10 -34.43
CA PRO B 126 13.97 2.88 -33.42
C PRO B 126 14.82 4.00 -34.04
N ILE B 127 14.74 5.18 -33.44
CA ILE B 127 15.59 6.31 -33.79
C ILE B 127 16.83 6.19 -32.92
N GLN B 128 18.01 6.27 -33.54
CA GLN B 128 19.26 6.01 -32.85
C GLN B 128 19.45 7.04 -31.73
N GLY B 129 19.74 6.55 -30.53
CA GLY B 129 19.83 7.39 -29.33
C GLY B 129 18.51 7.92 -28.78
N GLY B 130 17.38 7.55 -29.38
CA GLY B 130 16.11 8.24 -29.15
C GLY B 130 14.92 7.32 -29.08
N LYS B 131 13.78 7.82 -29.58
CA LYS B 131 12.50 7.15 -29.43
C LYS B 131 12.18 6.34 -30.70
N PHE B 132 10.97 6.46 -31.25
CA PHE B 132 10.55 5.63 -32.40
C PHE B 132 9.89 6.43 -33.50
N GLU B 133 10.11 5.98 -34.72
CA GLU B 133 9.44 6.48 -35.92
C GLU B 133 8.37 5.44 -36.23
N LEU B 134 7.11 5.86 -36.18
CA LEU B 134 5.98 4.92 -36.24
C LEU B 134 5.32 4.98 -37.61
N ARG B 135 5.12 3.81 -38.22
CA ARG B 135 4.20 3.67 -39.35
C ARG B 135 3.18 2.59 -39.03
N ALA B 136 1.89 2.95 -39.14
CA ALA B 136 0.78 2.02 -38.95
C ALA B 136 0.10 1.84 -40.30
N ARG B 137 0.19 0.62 -40.83
CA ARG B 137 -0.28 0.33 -42.18
C ARG B 137 -1.56 -0.49 -42.13
N PHE B 138 -2.53 -0.10 -42.95
CA PHE B 138 -3.79 -0.83 -43.11
C PHE B 138 -4.05 -1.07 -44.59
N GLU B 139 -4.69 -2.19 -44.90
CA GLU B 139 -5.12 -2.50 -46.26
C GLU B 139 -6.07 -1.40 -46.73
N SER B 140 -5.92 -0.96 -47.97
CA SER B 140 -6.93 -0.13 -48.61
C SER B 140 -8.09 -1.04 -48.99
N GLN B 141 -9.26 -0.45 -49.25
CA GLN B 141 -10.46 -1.19 -49.64
C GLN B 141 -11.08 -0.50 -50.86
N PRO B 142 -11.48 -1.29 -51.89
CA PRO B 142 -11.79 -0.76 -53.22
C PRO B 142 -12.88 0.32 -53.29
N ASP B 143 -13.89 0.24 -52.44
CA ASP B 143 -14.99 1.23 -52.46
C ASP B 143 -15.12 2.05 -51.17
N GLU B 144 -14.01 2.18 -50.45
CA GLU B 144 -13.98 2.96 -49.22
C GLU B 144 -13.89 4.45 -49.58
N ARG B 145 -14.77 5.23 -48.96
CA ARG B 145 -14.73 6.68 -49.05
C ARG B 145 -14.45 7.20 -47.64
N ILE B 146 -13.58 8.20 -47.54
CA ILE B 146 -13.02 8.63 -46.26
C ILE B 146 -13.20 10.14 -46.08
N TYR B 147 -13.68 10.52 -44.89
CA TYR B 147 -14.01 11.90 -44.58
C TYR B 147 -13.37 12.31 -43.25
N GLY B 148 -13.32 13.61 -43.01
CA GLY B 148 -12.79 14.17 -41.77
C GLY B 148 -11.36 14.66 -41.89
N LEU B 149 -10.53 14.32 -40.90
CA LEU B 149 -9.09 14.65 -40.83
C LEU B 149 -8.77 16.12 -40.49
N GLY B 150 -9.76 17.01 -40.62
CA GLY B 150 -9.63 18.40 -40.22
C GLY B 150 -9.85 19.33 -41.37
N GLN B 151 -8.91 20.26 -41.55
CA GLN B 151 -9.07 21.40 -42.44
C GLN B 151 -7.88 21.47 -43.39
N TYR B 152 -8.08 21.03 -44.63
CA TYR B 152 -7.05 21.05 -45.65
C TYR B 152 -7.51 21.82 -46.88
N GLN B 153 -6.56 22.57 -47.45
CA GLN B 153 -6.80 23.47 -48.58
C GLN B 153 -6.74 22.68 -49.88
N GLN B 154 -7.84 21.97 -50.15
CA GLN B 154 -7.91 21.06 -51.29
C GLN B 154 -9.38 20.78 -51.66
N PRO B 155 -9.69 20.69 -52.98
CA PRO B 155 -11.07 20.50 -53.43
C PRO B 155 -11.50 19.03 -53.44
N PHE B 156 -11.45 18.40 -52.26
CA PHE B 156 -11.84 17.01 -52.09
C PHE B 156 -12.54 16.88 -50.75
N LEU B 157 -13.82 16.50 -50.76
CA LEU B 157 -14.53 16.14 -49.52
C LEU B 157 -14.10 14.72 -49.14
N ASN B 158 -14.38 13.77 -50.02
CA ASN B 158 -13.84 12.40 -49.91
C ASN B 158 -12.34 12.45 -50.17
N VAL B 159 -11.54 11.98 -49.21
CA VAL B 159 -10.07 12.04 -49.30
C VAL B 159 -9.39 10.68 -49.52
N LYS B 160 -10.15 9.64 -49.88
CA LYS B 160 -9.57 8.40 -50.40
C LYS B 160 -8.73 8.77 -51.61
N GLY B 161 -7.47 8.35 -51.60
CA GLY B 161 -6.52 8.70 -52.65
C GLY B 161 -5.69 9.94 -52.35
N CYS B 162 -6.04 10.68 -51.29
CA CYS B 162 -5.29 11.87 -50.88
C CYS B 162 -4.32 11.56 -49.73
N THR B 163 -3.30 12.41 -49.63
CA THR B 163 -2.33 12.34 -48.55
C THR B 163 -2.32 13.68 -47.83
N MET B 164 -2.53 13.62 -46.51
CA MET B 164 -2.64 14.80 -45.65
C MET B 164 -1.46 14.85 -44.67
N GLU B 165 -0.83 16.01 -44.58
CA GLU B 165 0.23 16.26 -43.62
C GLU B 165 -0.41 16.40 -42.23
N LEU B 166 0.10 15.64 -41.27
CA LEU B 166 -0.27 15.79 -39.87
C LEU B 166 0.65 16.85 -39.27
N ALA B 167 0.33 18.09 -39.57
CA ALA B 167 1.03 19.27 -39.06
C ALA B 167 0.11 20.48 -39.07
N GLN B 168 0.42 21.46 -38.24
CA GLN B 168 -0.33 22.70 -38.16
C GLN B 168 0.43 23.82 -38.90
N ARG B 169 -0.25 24.42 -39.87
CA ARG B 169 0.25 25.58 -40.60
C ARG B 169 -0.94 26.51 -40.82
N ASN B 170 -0.66 27.80 -40.99
CA ASN B 170 -1.68 28.80 -41.27
C ASN B 170 -2.55 28.36 -42.46
N SER B 171 -3.85 28.21 -42.18
CA SER B 171 -4.90 27.75 -43.11
C SER B 171 -5.07 26.23 -43.14
N GLN B 172 -4.34 25.51 -42.27
CA GLN B 172 -4.44 24.06 -42.16
C GLN B 172 -4.64 23.67 -40.70
N ALA B 173 -5.48 22.66 -40.45
CA ALA B 173 -5.68 22.12 -39.12
C ALA B 173 -5.77 20.61 -39.21
N SER B 174 -4.82 19.93 -38.59
CA SER B 174 -4.85 18.48 -38.45
C SER B 174 -5.70 18.13 -37.23
N VAL B 175 -6.88 17.56 -37.48
CA VAL B 175 -7.77 17.05 -36.45
C VAL B 175 -8.01 15.60 -36.85
N PRO B 176 -7.13 14.67 -36.43
CA PRO B 176 -7.03 13.38 -37.09
C PRO B 176 -8.09 12.34 -36.69
N PHE B 177 -9.36 12.70 -36.82
CA PHE B 177 -10.46 11.75 -36.77
C PHE B 177 -11.02 11.60 -38.19
N MET B 178 -11.08 10.35 -38.64
CA MET B 178 -11.62 10.00 -39.97
C MET B 178 -12.90 9.19 -39.80
N MET B 179 -13.82 9.36 -40.73
CA MET B 179 -15.03 8.55 -40.82
C MET B 179 -15.03 7.86 -42.17
N SER B 180 -15.23 6.54 -42.16
CA SER B 180 -15.26 5.75 -43.37
C SER B 180 -16.70 5.39 -43.74
N SER B 181 -16.94 5.31 -45.05
CA SER B 181 -18.19 4.78 -45.61
C SER B 181 -18.42 3.28 -45.31
N LEU B 182 -17.38 2.55 -44.94
CA LEU B 182 -17.52 1.16 -44.49
C LEU B 182 -18.25 1.01 -43.14
N GLY B 183 -18.44 2.11 -42.43
CA GLY B 183 -19.18 2.12 -41.17
C GLY B 183 -18.32 2.09 -39.93
N TYR B 184 -17.16 2.77 -39.99
CA TYR B 184 -16.34 2.99 -38.80
C TYR B 184 -15.74 4.39 -38.78
N GLY B 185 -15.32 4.80 -37.60
CA GLY B 185 -14.54 6.01 -37.38
C GLY B 185 -13.26 5.64 -36.65
N MET B 186 -12.19 6.38 -36.92
CA MET B 186 -10.88 6.15 -36.30
C MET B 186 -10.21 7.48 -35.94
N LEU B 187 -9.80 7.59 -34.67
CA LEU B 187 -8.96 8.70 -34.19
C LEU B 187 -7.51 8.23 -34.08
N TRP B 188 -6.60 8.93 -34.77
CA TRP B 188 -5.16 8.76 -34.56
C TRP B 188 -4.81 9.60 -33.33
N ASN B 189 -4.73 8.92 -32.18
CA ASN B 189 -4.56 9.59 -30.88
C ASN B 189 -3.08 9.79 -30.60
N ASN B 190 -2.47 10.66 -31.41
CA ASN B 190 -1.03 10.86 -31.37
C ASN B 190 -0.72 12.22 -32.01
N PRO B 191 -0.19 13.18 -31.21
CA PRO B 191 0.06 14.54 -31.69
C PRO B 191 1.38 14.75 -32.46
N ALA B 192 2.07 13.68 -32.85
CA ALA B 192 3.35 13.80 -33.55
C ALA B 192 3.20 14.40 -34.94
N ILE B 193 4.24 15.09 -35.38
CA ILE B 193 4.34 15.54 -36.76
C ILE B 193 4.43 14.28 -37.61
N GLY B 194 3.74 14.28 -38.74
CA GLY B 194 3.72 13.11 -39.59
C GLY B 194 2.86 13.24 -40.81
N GLU B 195 2.18 12.16 -41.16
CA GLU B 195 1.41 12.08 -42.39
C GLU B 195 0.38 10.95 -42.32
N VAL B 196 -0.76 11.14 -42.98
CA VAL B 196 -1.71 10.05 -43.27
C VAL B 196 -1.93 10.02 -44.79
N SER B 197 -1.60 8.89 -45.41
CA SER B 197 -1.83 8.69 -46.83
C SER B 197 -2.88 7.61 -46.98
N PHE B 198 -4.03 7.98 -47.55
CA PHE B 198 -5.07 7.01 -47.91
C PHE B 198 -4.88 6.64 -49.38
N ALA B 199 -3.73 6.08 -49.70
CA ALA B 199 -3.40 5.71 -51.07
C ALA B 199 -4.25 4.50 -51.48
N ASN B 200 -4.48 4.38 -52.79
CA ASN B 200 -5.31 3.29 -53.33
C ASN B 200 -4.71 1.92 -53.06
N ASN B 201 -3.38 1.84 -52.97
CA ASN B 201 -2.67 0.59 -52.72
C ASN B 201 -2.42 0.23 -51.24
N VAL B 202 -2.45 1.21 -50.34
CA VAL B 202 -2.24 0.98 -48.89
C VAL B 202 -2.52 2.27 -48.10
N THR B 203 -3.05 2.13 -46.89
CA THR B 203 -3.25 3.27 -45.99
C THR B 203 -2.10 3.27 -44.98
N THR B 204 -1.40 4.40 -44.83
CA THR B 204 -0.30 4.51 -43.87
C THR B 204 -0.47 5.77 -43.01
N TRP B 205 -0.55 5.57 -41.69
CA TRP B 205 -0.39 6.66 -40.72
C TRP B 205 1.06 6.68 -40.29
N MET B 206 1.66 7.87 -40.21
CA MET B 206 3.06 8.01 -39.82
C MET B 206 3.24 9.06 -38.72
N ALA B 207 4.10 8.74 -37.75
CA ALA B 207 4.55 9.68 -36.71
C ALA B 207 6.08 9.72 -36.75
N ARG B 208 6.63 10.93 -36.90
CA ARG B 208 8.09 11.13 -36.98
C ARG B 208 8.81 10.69 -35.71
N VAL B 209 8.27 11.08 -34.56
CA VAL B 209 8.80 10.74 -33.24
C VAL B 209 7.63 10.41 -32.32
N THR B 210 7.68 9.24 -31.70
CA THR B 210 6.65 8.84 -30.74
C THR B 210 7.16 7.74 -29.82
N GLU B 211 6.53 7.62 -28.67
CA GLU B 211 6.83 6.54 -27.73
C GLU B 211 6.05 5.26 -28.03
N GLN B 212 4.88 5.40 -28.64
CA GLN B 212 3.98 4.25 -28.83
C GLN B 212 2.85 4.53 -29.82
N LEU B 213 2.32 3.44 -30.39
CA LEU B 213 1.12 3.49 -31.23
C LEU B 213 -0.10 3.66 -30.34
N ASP B 214 -1.03 4.53 -30.76
CA ASP B 214 -2.27 4.78 -30.02
C ASP B 214 -3.32 5.27 -31.02
N TYR B 215 -4.38 4.48 -31.21
CA TYR B 215 -5.58 4.93 -31.91
C TYR B 215 -6.86 4.41 -31.25
N TRP B 216 -7.96 5.08 -31.56
CA TRP B 216 -9.29 4.75 -31.05
C TRP B 216 -10.16 4.49 -32.28
N ILE B 217 -10.95 3.42 -32.24
CA ILE B 217 -11.77 3.00 -33.37
C ILE B 217 -13.18 2.68 -32.89
N THR B 218 -14.17 3.09 -33.67
CA THR B 218 -15.58 2.99 -33.29
C THR B 218 -16.41 2.56 -34.50
N ALA B 219 -17.48 1.82 -34.26
CA ALA B 219 -18.34 1.28 -35.33
C ALA B 219 -19.83 1.53 -35.05
N ALA B 220 -20.56 1.91 -36.08
CA ALA B 220 -22.02 2.06 -35.99
C ALA B 220 -22.65 2.05 -37.38
N ASP B 221 -23.96 1.84 -37.42
CA ASP B 221 -24.70 1.70 -38.68
C ASP B 221 -24.91 3.01 -39.43
N THR B 222 -24.79 4.15 -38.74
CA THR B 222 -24.96 5.46 -39.36
C THR B 222 -23.82 6.42 -38.97
N PRO B 223 -23.50 7.39 -39.86
CA PRO B 223 -22.62 8.51 -39.54
C PRO B 223 -22.96 9.22 -38.22
N ALA B 224 -24.23 9.55 -38.02
CA ALA B 224 -24.67 10.27 -36.81
C ALA B 224 -24.27 9.56 -35.52
N GLU B 225 -24.35 8.23 -35.51
CA GLU B 225 -23.90 7.43 -34.37
C GLU B 225 -22.37 7.47 -34.20
N ILE B 226 -21.63 7.41 -35.29
CA ILE B 226 -20.16 7.50 -35.25
C ILE B 226 -19.76 8.86 -34.67
N SER B 227 -20.35 9.94 -35.18
CA SER B 227 -20.11 11.30 -34.66
C SER B 227 -20.44 11.46 -33.17
N GLN B 228 -21.50 10.78 -32.73
CA GLN B 228 -21.91 10.77 -31.32
C GLN B 228 -20.89 10.04 -30.45
N GLN B 229 -20.49 8.85 -30.90
CA GLN B 229 -19.48 8.06 -30.19
C GLN B 229 -18.12 8.79 -30.11
N TYR B 230 -17.76 9.54 -31.17
CA TYR B 230 -16.51 10.33 -31.16
C TYR B 230 -16.56 11.50 -30.16
N ALA B 231 -17.69 12.20 -30.11
CA ALA B 231 -17.89 13.28 -29.14
C ALA B 231 -17.87 12.79 -27.69
N ALA B 232 -18.37 11.58 -27.44
CA ALA B 232 -18.25 10.96 -26.12
C ALA B 232 -16.79 10.64 -25.78
N ALA B 233 -16.00 10.27 -26.78
CA ALA B 233 -14.57 9.95 -26.58
C ALA B 233 -13.67 11.17 -26.38
N THR B 234 -13.90 12.26 -27.11
CA THR B 234 -13.02 13.44 -27.04
C THR B 234 -13.61 14.69 -26.42
N GLY B 235 -14.92 14.71 -26.17
CA GLY B 235 -15.58 15.81 -25.48
C GLY B 235 -16.59 16.50 -26.38
N ALA B 236 -17.73 16.87 -25.79
CA ALA B 236 -18.80 17.53 -26.52
C ALA B 236 -18.48 19.00 -26.68
N ALA B 237 -18.85 19.57 -27.82
CA ALA B 237 -18.90 21.03 -27.94
C ALA B 237 -19.81 21.57 -26.85
N PRO B 238 -19.47 22.72 -26.23
CA PRO B 238 -20.43 23.30 -25.29
C PRO B 238 -21.61 23.93 -26.04
N MET B 239 -22.56 24.49 -25.31
CA MET B 239 -23.65 25.23 -25.95
C MET B 239 -23.09 26.59 -26.40
N LEU B 240 -23.41 26.97 -27.63
CA LEU B 240 -22.98 28.24 -28.20
C LEU B 240 -23.77 29.38 -27.55
N PRO B 241 -23.09 30.50 -27.23
CA PRO B 241 -23.84 31.66 -26.72
C PRO B 241 -24.63 32.33 -27.84
N ASP B 242 -25.78 32.90 -27.51
CA ASP B 242 -26.73 33.37 -28.51
C ASP B 242 -26.18 34.44 -29.47
N TYR B 243 -25.36 35.35 -28.94
CA TYR B 243 -24.71 36.39 -29.76
C TYR B 243 -23.86 35.84 -30.90
N ALA B 244 -23.26 34.66 -30.72
CA ALA B 244 -22.39 34.05 -31.73
C ALA B 244 -23.09 33.60 -33.01
N ALA B 245 -24.43 33.45 -32.98
CA ALA B 245 -25.23 33.14 -34.18
C ALA B 245 -25.59 34.36 -35.02
N GLY B 246 -25.34 35.57 -34.51
CA GLY B 246 -25.54 36.80 -35.27
C GLY B 246 -24.38 37.13 -36.18
N PHE B 247 -24.34 38.38 -36.64
CA PHE B 247 -23.33 38.84 -37.60
C PHE B 247 -22.07 39.34 -36.89
N TRP B 248 -20.91 38.85 -37.34
CA TRP B 248 -19.60 39.27 -36.83
C TRP B 248 -18.95 40.17 -37.90
N GLN B 249 -18.69 41.42 -37.53
CA GLN B 249 -18.08 42.41 -38.43
C GLN B 249 -16.62 42.56 -38.06
N CYS B 250 -15.73 42.41 -39.04
CA CYS B 250 -14.30 42.53 -38.82
C CYS B 250 -13.59 42.94 -40.09
N LYS B 251 -12.40 43.51 -39.92
CA LYS B 251 -11.48 43.75 -41.01
C LYS B 251 -10.08 43.84 -40.43
N LEU B 252 -9.08 43.72 -41.32
CA LEU B 252 -7.70 44.07 -41.02
C LEU B 252 -7.48 45.49 -41.54
N ARG B 253 -7.46 46.51 -40.69
CA ARG B 253 -7.76 46.45 -39.26
C ARG B 253 -8.34 47.79 -38.81
N TYR B 254 -9.26 47.76 -37.85
CA TYR B 254 -9.70 48.99 -37.20
C TYR B 254 -8.57 49.42 -36.26
N ARG B 255 -7.89 50.50 -36.63
CA ARG B 255 -6.66 50.96 -35.96
C ARG B 255 -6.90 51.73 -34.66
N THR B 256 -8.05 52.39 -34.52
CA THR B 256 -8.34 53.21 -33.34
C THR B 256 -9.70 52.87 -32.76
N GLN B 257 -9.88 53.27 -31.50
CA GLN B 257 -11.17 53.15 -30.82
C GLN B 257 -12.26 53.89 -31.61
N ASP B 258 -11.97 55.12 -32.04
CA ASP B 258 -12.90 55.93 -32.84
C ASP B 258 -13.32 55.26 -34.14
N GLU B 259 -12.37 54.68 -34.86
CA GLU B 259 -12.67 54.02 -36.13
C GLU B 259 -13.61 52.82 -35.94
N LEU B 260 -13.32 52.01 -34.93
CA LEU B 260 -14.15 50.83 -34.63
C LEU B 260 -15.57 51.26 -34.23
N MET B 261 -15.67 52.27 -33.37
CA MET B 261 -16.96 52.75 -32.90
C MET B 261 -17.78 53.44 -33.99
N GLU B 262 -17.12 54.15 -34.90
CA GLU B 262 -17.77 54.72 -36.09
C GLU B 262 -18.48 53.66 -36.92
N VAL B 263 -17.82 52.50 -37.09
CA VAL B 263 -18.40 51.38 -37.82
C VAL B 263 -19.57 50.77 -37.05
N ALA B 264 -19.42 50.57 -35.74
CA ALA B 264 -20.50 50.02 -34.92
C ALA B 264 -21.75 50.91 -34.96
N ARG B 265 -21.55 52.20 -34.71
CA ARG B 265 -22.65 53.18 -34.72
C ARG B 265 -23.31 53.30 -36.09
N GLU B 266 -22.53 53.21 -37.15
CA GLU B 266 -23.06 53.27 -38.51
C GLU B 266 -23.92 52.04 -38.84
N TYR B 267 -23.56 50.87 -38.30
CA TYR B 267 -24.41 49.68 -38.42
C TYR B 267 -25.77 49.89 -37.72
N LYS B 268 -25.74 50.46 -36.51
CA LYS B 268 -26.96 50.75 -35.76
C LYS B 268 -27.78 51.86 -36.41
N ARG B 269 -27.11 52.89 -36.91
CA ARG B 269 -27.78 54.01 -37.59
C ARG B 269 -28.56 53.58 -38.85
N ARG B 270 -28.06 52.55 -39.54
CA ARG B 270 -28.77 51.95 -40.69
C ARG B 270 -29.73 50.81 -40.30
N SER B 271 -29.94 50.59 -39.00
CA SER B 271 -30.80 49.51 -38.49
C SER B 271 -30.39 48.12 -38.99
N LEU B 272 -29.09 47.91 -39.12
CA LEU B 272 -28.56 46.64 -39.62
C LEU B 272 -28.25 45.70 -38.45
N PRO B 273 -28.45 44.38 -38.64
CA PRO B 273 -28.02 43.44 -37.59
C PRO B 273 -26.51 43.39 -37.42
N ILE B 274 -26.05 43.37 -36.18
CA ILE B 274 -24.64 43.21 -35.83
C ILE B 274 -24.57 42.72 -34.38
N SER B 275 -23.95 41.57 -34.16
CA SER B 275 -23.78 40.99 -32.82
C SER B 275 -22.34 41.05 -32.26
N VAL B 276 -21.35 40.99 -33.15
CA VAL B 276 -19.94 41.04 -32.74
C VAL B 276 -19.19 42.02 -33.63
N ILE B 277 -18.37 42.86 -33.02
CA ILE B 277 -17.38 43.68 -33.74
C ILE B 277 -15.99 43.37 -33.17
N VAL B 278 -14.96 43.49 -34.01
CA VAL B 278 -13.66 42.90 -33.71
C VAL B 278 -12.50 43.89 -33.86
N ALA B 279 -11.66 43.97 -32.82
CA ALA B 279 -10.39 44.70 -32.89
C ALA B 279 -9.28 43.73 -33.29
N ASP B 280 -8.75 43.90 -34.51
CA ASP B 280 -7.71 43.01 -35.05
C ASP B 280 -6.37 43.27 -34.38
N PHE B 281 -5.36 42.51 -34.81
CA PHE B 281 -3.99 42.58 -34.31
C PHE B 281 -3.33 43.98 -34.31
N PHE B 282 -2.30 44.10 -33.49
CA PHE B 282 -1.44 45.29 -33.37
C PHE B 282 -2.14 46.58 -32.93
N HIS B 283 -3.17 46.36 -32.11
CA HIS B 283 -3.82 47.40 -31.30
C HIS B 283 -3.09 47.58 -29.96
N TRP B 284 -2.00 46.84 -29.77
CA TRP B 284 -1.23 46.78 -28.52
C TRP B 284 0.09 47.54 -28.68
N PRO B 285 0.74 47.91 -27.55
CA PRO B 285 2.03 48.61 -27.68
C PRO B 285 3.13 47.71 -28.25
N ASN B 286 3.21 46.48 -27.77
CA ASN B 286 4.14 45.49 -28.31
C ASN B 286 3.56 44.09 -28.15
N GLN B 287 4.07 43.16 -28.95
CA GLN B 287 3.68 41.76 -28.86
C GLN B 287 4.12 41.20 -27.51
N GLY B 288 3.18 40.60 -26.78
CA GLY B 288 3.42 40.08 -25.43
C GLY B 288 3.00 41.00 -24.29
N ASP B 289 2.51 42.21 -24.61
CA ASP B 289 1.91 43.10 -23.61
C ASP B 289 0.45 42.73 -23.32
N TRP B 290 -0.27 42.23 -24.33
CA TRP B 290 -1.68 41.81 -24.19
C TRP B 290 -2.54 42.86 -23.50
N CYS B 291 -2.51 44.08 -24.04
CA CYS B 291 -3.36 45.19 -23.60
C CYS B 291 -3.56 46.18 -24.74
N PHE B 292 -4.60 46.99 -24.64
CA PHE B 292 -4.79 48.08 -25.60
C PHE B 292 -3.67 49.11 -25.48
N ASP B 293 -3.23 49.64 -26.63
CA ASP B 293 -2.35 50.81 -26.66
C ASP B 293 -3.24 52.04 -26.46
N THR B 294 -3.03 52.77 -25.36
CA THR B 294 -3.89 53.91 -25.01
C THR B 294 -3.78 55.09 -25.98
N ARG B 295 -2.70 55.18 -26.74
CA ARG B 295 -2.55 56.22 -27.77
C ARG B 295 -3.62 56.12 -28.87
N GLU B 296 -3.95 54.90 -29.28
CA GLU B 296 -5.01 54.64 -30.27
C GLU B 296 -6.35 54.23 -29.63
N TRP B 297 -6.31 53.74 -28.39
CA TRP B 297 -7.49 53.22 -27.70
C TRP B 297 -7.58 53.84 -26.30
N PRO B 298 -7.92 55.15 -26.23
CA PRO B 298 -7.77 55.90 -24.96
C PRO B 298 -8.68 55.50 -23.79
N ASP B 299 -9.81 54.85 -24.06
CA ASP B 299 -10.74 54.46 -23.00
C ASP B 299 -11.49 53.18 -23.41
N PRO B 300 -10.84 52.01 -23.26
CA PRO B 300 -11.45 50.73 -23.64
C PRO B 300 -12.77 50.41 -22.91
N LYS B 301 -12.83 50.74 -21.63
CA LYS B 301 -14.05 50.57 -20.82
C LYS B 301 -15.26 51.28 -21.45
N ALA B 302 -15.09 52.54 -21.82
CA ALA B 302 -16.15 53.33 -22.45
C ALA B 302 -16.61 52.73 -23.79
N MET B 303 -15.64 52.24 -24.58
CA MET B 303 -15.95 51.51 -25.82
C MET B 303 -16.84 50.29 -25.57
N ILE B 304 -16.46 49.47 -24.59
CA ILE B 304 -17.16 48.22 -24.30
C ILE B 304 -18.57 48.48 -23.75
N ASP B 305 -18.68 49.46 -22.86
CA ASP B 305 -19.99 49.86 -22.29
C ASP B 305 -20.95 50.37 -23.36
N GLU B 306 -20.48 51.22 -24.27
CA GLU B 306 -21.34 51.70 -25.37
C GLU B 306 -21.74 50.56 -26.32
N LEU B 307 -20.78 49.70 -26.69
CA LEU B 307 -21.10 48.53 -27.51
C LEU B 307 -22.13 47.63 -26.83
N LYS B 308 -22.04 47.50 -25.51
CA LYS B 308 -23.02 46.74 -24.73
C LYS B 308 -24.44 47.37 -24.80
N GLU B 309 -24.52 48.70 -24.64
CA GLU B 309 -25.79 49.44 -24.88
C GLU B 309 -26.34 49.18 -26.29
N MET B 310 -25.44 49.06 -27.26
CA MET B 310 -25.80 48.81 -28.65
C MET B 310 -26.14 47.35 -28.98
N GLY B 311 -26.04 46.45 -28.00
CA GLY B 311 -26.28 45.02 -28.21
C GLY B 311 -25.16 44.32 -28.97
N ILE B 312 -23.93 44.81 -28.81
CA ILE B 312 -22.76 44.30 -29.56
C ILE B 312 -21.66 43.83 -28.60
N GLU B 313 -21.11 42.66 -28.87
CA GLU B 313 -19.94 42.12 -28.14
C GLU B 313 -18.65 42.51 -28.86
N LEU B 314 -17.66 42.98 -28.10
CA LEU B 314 -16.31 43.21 -28.64
C LEU B 314 -15.50 41.92 -28.54
N MET B 315 -14.82 41.56 -29.63
CA MET B 315 -13.76 40.54 -29.61
C MET B 315 -12.43 41.25 -29.87
N VAL B 316 -11.38 40.80 -29.19
CA VAL B 316 -10.03 41.35 -29.41
C VAL B 316 -9.02 40.28 -29.84
N SER B 317 -8.11 40.69 -30.72
CA SER B 317 -7.01 39.86 -31.18
C SER B 317 -6.05 39.52 -30.05
N ILE B 318 -5.77 38.22 -29.90
CA ILE B 318 -4.69 37.74 -29.05
C ILE B 318 -3.67 37.10 -29.99
N TRP B 319 -2.42 37.53 -29.90
CA TRP B 319 -1.30 36.83 -30.54
C TRP B 319 -0.51 36.10 -29.45
N PRO B 320 -0.02 34.88 -29.76
CA PRO B 320 0.75 34.09 -28.80
C PRO B 320 2.24 34.43 -28.78
N THR B 321 2.62 35.45 -29.56
CA THR B 321 4.00 35.91 -29.65
C THR B 321 4.38 36.80 -28.47
N VAL B 322 5.64 36.72 -28.08
CA VAL B 322 6.19 37.57 -27.04
C VAL B 322 7.50 38.20 -27.56
N ASP B 323 7.45 39.50 -27.84
CA ASP B 323 8.61 40.24 -28.34
C ASP B 323 9.64 40.36 -27.23
N ASN B 324 10.91 40.20 -27.60
CA ASN B 324 12.00 40.08 -26.62
C ASN B 324 12.38 41.37 -25.88
N ARG B 325 11.78 42.49 -26.26
CA ARG B 325 11.95 43.75 -25.53
C ARG B 325 10.89 43.99 -24.46
N THR B 326 9.91 43.10 -24.32
CA THR B 326 8.80 43.32 -23.40
C THR B 326 9.11 42.84 -21.99
N GLU B 327 8.31 43.33 -21.05
CA GLU B 327 8.43 42.91 -19.66
C GLU B 327 7.98 41.45 -19.49
N ASN B 328 6.90 41.06 -20.16
CA ASN B 328 6.44 39.67 -20.11
C ASN B 328 7.45 38.68 -20.69
N TYR B 329 8.22 39.07 -21.71
CA TYR B 329 9.31 38.21 -22.19
C TYR B 329 10.30 37.88 -21.07
N LYS B 330 10.77 38.91 -20.38
CA LYS B 330 11.74 38.75 -19.28
C LYS B 330 11.24 37.75 -18.22
N ILE B 331 10.01 37.95 -17.76
CA ILE B 331 9.40 37.10 -16.74
C ILE B 331 9.14 35.69 -17.27
N MET B 332 8.57 35.61 -18.48
CA MET B 332 8.27 34.30 -19.07
C MET B 332 9.55 33.51 -19.39
N LYS B 333 10.63 34.19 -19.75
CA LYS B 333 11.92 33.53 -19.89
C LYS B 333 12.44 33.02 -18.55
N GLU B 334 12.37 33.84 -17.51
CA GLU B 334 12.79 33.41 -16.16
C GLU B 334 12.08 32.13 -15.72
N LYS B 335 10.78 32.04 -16.00
CA LYS B 335 9.94 30.91 -15.57
C LYS B 335 9.92 29.69 -16.50
N GLY B 336 10.48 29.81 -17.70
CA GLY B 336 10.49 28.71 -18.67
C GLY B 336 9.17 28.52 -19.39
N TYR B 337 8.47 29.63 -19.64
CA TYR B 337 7.12 29.60 -20.23
C TYR B 337 7.11 29.81 -21.76
N LEU B 338 8.29 29.87 -22.38
CA LEU B 338 8.41 30.12 -23.81
C LEU B 338 8.82 28.86 -24.56
N VAL B 339 8.41 28.80 -25.82
CA VAL B 339 8.87 27.78 -26.75
C VAL B 339 10.37 28.01 -26.98
N LYS B 340 11.10 26.94 -27.23
CA LYS B 340 12.55 27.02 -27.42
C LYS B 340 12.93 26.52 -28.80
N ALA B 341 13.83 27.26 -29.45
CA ALA B 341 14.52 26.78 -30.65
C ALA B 341 15.62 25.80 -30.25
N GLU B 342 15.75 24.71 -30.99
CA GLU B 342 16.76 23.68 -30.70
C GLU B 342 18.15 24.16 -31.14
N ARG B 343 18.19 24.85 -32.28
CA ARG B 343 19.42 25.43 -32.81
C ARG B 343 19.17 26.82 -33.37
N GLY B 344 20.23 27.62 -33.43
CA GLY B 344 20.19 28.93 -34.04
C GLY B 344 19.64 30.00 -33.11
N VAL B 345 19.39 31.18 -33.66
CA VAL B 345 18.89 32.31 -32.86
C VAL B 345 17.59 31.94 -32.13
N PRO B 346 17.45 32.33 -30.84
CA PRO B 346 16.29 31.95 -30.05
C PRO B 346 15.05 32.82 -30.35
N VAL B 347 14.56 32.70 -31.59
CA VAL B 347 13.50 33.53 -32.18
C VAL B 347 12.64 32.59 -33.03
N THR B 348 11.34 32.53 -32.75
CA THR B 348 10.42 31.63 -33.48
C THR B 348 9.64 32.33 -34.59
N MET B 349 9.46 33.65 -34.46
CA MET B 349 8.83 34.46 -35.51
C MET B 349 9.47 35.85 -35.56
N THR B 350 9.60 36.40 -36.77
CA THR B 350 10.23 37.71 -37.02
C THR B 350 9.26 38.78 -37.58
N PHE B 351 7.95 38.53 -37.50
CA PHE B 351 6.94 39.46 -37.99
C PHE B 351 6.78 40.68 -37.06
N LEU B 352 7.22 41.84 -37.55
CA LEU B 352 7.19 43.12 -36.81
C LEU B 352 7.95 43.11 -35.47
N GLY B 353 8.97 42.26 -35.38
CA GLY B 353 9.78 42.12 -34.16
C GLY B 353 10.25 40.70 -34.01
N ASN B 354 11.27 40.50 -33.18
CA ASN B 354 11.77 39.16 -32.88
C ASN B 354 10.99 38.65 -31.69
N THR B 355 10.13 37.66 -31.93
CA THR B 355 9.25 37.13 -30.90
C THR B 355 9.50 35.66 -30.67
N THR B 356 9.08 35.21 -29.49
CA THR B 356 9.06 33.79 -29.14
C THR B 356 7.64 33.44 -28.70
N PHE B 357 7.14 32.29 -29.14
CA PHE B 357 5.79 31.85 -28.78
C PHE B 357 5.72 31.44 -27.32
N PHE B 358 4.61 31.76 -26.65
CA PHE B 358 4.32 31.16 -25.35
C PHE B 358 4.04 29.68 -25.58
N ASP B 359 4.44 28.84 -24.63
CA ASP B 359 4.29 27.40 -24.74
C ASP B 359 2.90 26.96 -24.24
N ALA B 360 1.98 26.81 -25.18
CA ALA B 360 0.62 26.36 -24.88
C ALA B 360 0.50 24.93 -24.35
N THR B 361 1.59 24.15 -24.42
CA THR B 361 1.61 22.83 -23.75
C THR B 361 2.08 22.91 -22.29
N HIS B 362 2.53 24.08 -21.84
CA HIS B 362 3.01 24.28 -20.46
C HIS B 362 1.85 24.83 -19.61
N PRO B 363 1.38 24.06 -18.59
CA PRO B 363 0.25 24.53 -17.78
C PRO B 363 0.45 25.89 -17.12
N GLY B 364 1.65 26.10 -16.58
CA GLY B 364 2.04 27.40 -16.01
C GLY B 364 1.99 28.54 -17.01
N ALA B 365 2.40 28.29 -18.24
CA ALA B 365 2.40 29.33 -19.29
C ALA B 365 0.98 29.66 -19.75
N ARG B 366 0.11 28.64 -19.84
CA ARG B 366 -1.30 28.84 -20.14
C ARG B 366 -1.94 29.79 -19.12
N LYS B 367 -1.72 29.49 -17.85
CA LYS B 367 -2.23 30.31 -16.76
C LYS B 367 -1.66 31.73 -16.80
N TYR B 368 -0.36 31.86 -17.07
CA TYR B 368 0.28 33.19 -17.15
C TYR B 368 -0.34 34.08 -18.23
N VAL B 369 -0.53 33.53 -19.43
CA VAL B 369 -1.09 34.30 -20.55
C VAL B 369 -2.57 34.62 -20.32
N TRP B 370 -3.33 33.65 -19.84
CA TRP B 370 -4.73 33.88 -19.48
C TRP B 370 -4.84 35.08 -18.52
N GLU B 371 -4.06 35.06 -17.44
CA GLU B 371 -4.16 36.08 -16.39
C GLU B 371 -3.77 37.49 -16.86
N GLN B 372 -2.93 37.56 -17.90
CA GLN B 372 -2.63 38.84 -18.57
C GLN B 372 -3.86 39.32 -19.33
N ALA B 373 -4.45 38.42 -20.12
CA ALA B 373 -5.67 38.73 -20.87
C ALA B 373 -6.84 39.05 -19.94
N LYS B 374 -6.89 38.36 -18.79
CA LYS B 374 -7.92 38.61 -17.80
C LYS B 374 -7.81 40.02 -17.23
N LYS B 375 -6.61 40.38 -16.78
CA LYS B 375 -6.36 41.70 -16.19
C LYS B 375 -6.65 42.85 -17.17
N ASN B 376 -6.26 42.68 -18.43
CA ASN B 376 -6.26 43.77 -19.41
C ASN B 376 -7.48 43.80 -20.34
N TYR B 377 -8.19 42.67 -20.45
CA TYR B 377 -9.34 42.57 -21.37
C TYR B 377 -10.61 42.04 -20.68
N HIS B 378 -10.54 40.83 -20.12
CA HIS B 378 -11.72 40.17 -19.59
C HIS B 378 -12.35 40.90 -18.41
N ASP B 379 -11.54 41.48 -17.52
CA ASP B 379 -12.05 42.28 -16.40
C ASP B 379 -12.81 43.53 -16.84
N LEU B 380 -12.49 44.05 -18.03
CA LEU B 380 -13.21 45.18 -18.64
C LEU B 380 -14.57 44.81 -19.29
N GLY B 381 -14.85 43.51 -19.44
CA GLY B 381 -16.12 43.03 -20.00
C GLY B 381 -16.06 42.40 -21.40
N ILE B 382 -14.84 42.20 -21.92
CA ILE B 382 -14.66 41.46 -23.17
C ILE B 382 -14.92 39.98 -22.88
N LYS B 383 -15.81 39.37 -23.67
CA LYS B 383 -16.22 37.97 -23.49
C LYS B 383 -15.74 37.02 -24.59
N ILE B 384 -15.09 37.55 -25.63
CA ILE B 384 -14.68 36.77 -26.79
C ILE B 384 -13.23 37.10 -27.14
N PHE B 385 -12.40 36.08 -27.34
CA PHE B 385 -11.02 36.28 -27.72
C PHE B 385 -10.74 35.67 -29.08
N TRP B 386 -9.96 36.40 -29.88
CA TRP B 386 -9.53 35.96 -31.19
C TRP B 386 -8.12 35.39 -31.01
N LEU B 387 -8.06 34.07 -30.87
CA LEU B 387 -6.81 33.37 -30.62
C LEU B 387 -6.15 33.06 -31.98
N ASP B 388 -5.46 34.07 -32.49
CA ASP B 388 -4.82 34.02 -33.82
C ASP B 388 -3.46 33.33 -33.73
N GLU B 389 -2.89 32.96 -34.89
CA GLU B 389 -1.56 32.36 -34.98
C GLU B 389 -1.47 31.08 -34.15
N ALA B 390 -2.55 30.29 -34.14
CA ALA B 390 -2.73 29.21 -33.16
C ALA B 390 -1.97 27.93 -33.46
N GLU B 391 -1.20 27.90 -34.54
CA GLU B 391 -0.52 26.68 -34.98
C GLU B 391 0.65 26.18 -34.12
N PRO B 392 1.62 27.01 -33.70
CA PRO B 392 1.75 28.43 -34.02
C PRO B 392 2.46 28.66 -35.36
N GLU B 393 2.33 29.88 -35.89
CA GLU B 393 2.88 30.21 -37.22
C GLU B 393 4.35 30.56 -37.11
N TYR B 394 5.19 29.54 -37.06
CA TYR B 394 6.64 29.73 -37.17
C TYR B 394 6.91 30.44 -38.49
N SER B 395 7.82 31.41 -38.48
CA SER B 395 8.28 32.04 -39.72
C SER B 395 8.82 31.00 -40.71
N VAL B 396 9.45 29.96 -40.18
CA VAL B 396 9.86 28.81 -40.96
C VAL B 396 9.37 27.56 -40.26
N TYR B 397 8.64 26.72 -40.99
CA TYR B 397 8.00 25.53 -40.43
C TYR B 397 8.98 24.34 -40.32
N ASP B 398 10.13 24.57 -39.69
CA ASP B 398 11.11 23.51 -39.46
C ASP B 398 10.79 22.90 -38.11
N PHE B 399 9.89 21.93 -38.12
CA PHE B 399 9.31 21.36 -36.88
C PHE B 399 10.38 20.73 -36.00
N GLU B 400 11.33 20.07 -36.63
CA GLU B 400 12.53 19.51 -35.99
C GLU B 400 13.35 20.50 -35.15
N ASN B 401 13.25 21.81 -35.43
CA ASN B 401 14.01 22.83 -34.72
C ASN B 401 13.33 23.48 -33.50
N TYR B 402 12.19 22.97 -33.04
CA TYR B 402 11.50 23.57 -31.90
C TYR B 402 11.10 22.51 -30.87
N ARG B 403 11.07 22.91 -29.60
CA ARG B 403 10.75 22.03 -28.48
C ARG B 403 9.78 22.71 -27.52
N TYR B 404 8.83 21.92 -27.01
CA TYR B 404 7.84 22.36 -26.04
C TYR B 404 8.05 21.67 -24.71
N HIS B 405 7.33 22.15 -23.70
CA HIS B 405 7.30 21.57 -22.35
C HIS B 405 7.07 20.06 -22.39
N LEU B 406 6.14 19.60 -23.23
CA LEU B 406 5.81 18.17 -23.35
C LEU B 406 6.74 17.37 -24.27
N GLY B 407 7.69 18.04 -24.92
CA GLY B 407 8.72 17.37 -25.71
C GLY B 407 8.98 18.08 -27.03
N PRO B 408 9.85 17.51 -27.89
CA PRO B 408 10.11 18.06 -29.21
C PRO B 408 8.80 18.24 -30.00
N VAL B 409 8.74 19.28 -30.80
CA VAL B 409 7.57 19.53 -31.67
C VAL B 409 7.27 18.31 -32.56
N LEU B 410 8.31 17.59 -33.00
CA LEU B 410 8.12 16.36 -33.78
C LEU B 410 7.25 15.30 -33.09
N GLU B 411 7.34 15.21 -31.76
CA GLU B 411 6.59 14.25 -30.96
C GLU B 411 5.21 14.75 -30.50
N VAL B 412 5.09 16.03 -30.15
CA VAL B 412 3.88 16.55 -29.51
C VAL B 412 3.27 17.81 -30.15
N GLY B 413 3.84 18.26 -31.26
CA GLY B 413 3.55 19.58 -31.81
C GLY B 413 2.09 19.92 -32.11
N ASN B 414 1.34 18.95 -32.62
CA ASN B 414 -0.01 19.22 -33.11
C ASN B 414 -1.04 19.57 -32.01
N ILE B 415 -0.73 19.27 -30.75
CA ILE B 415 -1.62 19.60 -29.63
C ILE B 415 -1.58 21.07 -29.18
N TYR B 416 -0.63 21.85 -29.69
CA TYR B 416 -0.47 23.27 -29.32
C TYR B 416 -1.77 24.11 -29.43
N PRO B 417 -2.48 24.04 -30.58
CA PRO B 417 -3.73 24.82 -30.67
C PRO B 417 -4.83 24.43 -29.67
N ARG B 418 -4.86 23.17 -29.26
CA ARG B 418 -5.78 22.70 -28.21
C ARG B 418 -5.44 23.32 -26.86
N GLY B 419 -4.14 23.34 -26.52
CA GLY B 419 -3.69 23.97 -25.29
C GLY B 419 -3.94 25.48 -25.26
N TYR B 420 -3.79 26.12 -26.42
CA TYR B 420 -4.04 27.56 -26.58
C TYR B 420 -5.52 27.86 -26.33
N ALA B 421 -6.40 27.05 -26.92
CA ALA B 421 -7.84 27.12 -26.66
C ALA B 421 -8.17 26.85 -25.19
N GLN B 422 -7.57 25.79 -24.65
CA GLN B 422 -7.73 25.38 -23.25
C GLN B 422 -7.36 26.47 -22.25
N ALA B 423 -6.29 27.20 -22.55
CA ALA B 423 -5.82 28.27 -21.68
C ALA B 423 -6.89 29.32 -21.44
N PHE B 424 -7.56 29.73 -22.51
CA PHE B 424 -8.61 30.75 -22.44
C PHE B 424 -9.94 30.18 -21.94
N TYR B 425 -10.31 28.98 -22.40
CA TYR B 425 -11.55 28.34 -21.95
C TYR B 425 -11.57 28.08 -20.43
N GLU B 426 -10.51 27.44 -19.92
CA GLU B 426 -10.40 27.16 -18.48
C GLU B 426 -10.36 28.43 -17.64
N GLY B 427 -9.64 29.44 -18.14
CA GLY B 427 -9.54 30.72 -17.45
C GLY B 427 -10.86 31.49 -17.40
N MET B 428 -11.58 31.52 -18.52
CA MET B 428 -12.86 32.21 -18.59
C MET B 428 -13.91 31.49 -17.74
N GLU B 429 -13.91 30.16 -17.80
CA GLU B 429 -14.78 29.35 -16.92
C GLU B 429 -14.49 29.58 -15.44
N GLU B 430 -13.21 29.62 -15.07
CA GLU B 430 -12.80 29.90 -13.68
C GLU B 430 -13.24 31.30 -13.23
N ALA B 431 -13.25 32.25 -14.15
CA ALA B 431 -13.72 33.62 -13.89
C ALA B 431 -15.26 33.78 -13.82
N GLY B 432 -16.01 32.69 -14.03
CA GLY B 432 -17.46 32.70 -13.90
C GLY B 432 -18.26 32.78 -15.19
N GLN B 433 -17.59 32.84 -16.35
CA GLN B 433 -18.28 32.90 -17.64
C GLN B 433 -18.76 31.51 -18.06
N THR B 434 -20.03 31.42 -18.46
CA THR B 434 -20.63 30.22 -19.04
C THR B 434 -20.87 30.49 -20.53
N GLU B 435 -21.02 29.42 -21.32
CA GLU B 435 -21.25 29.51 -22.77
C GLU B 435 -20.12 30.25 -23.52
N ILE B 436 -18.91 29.69 -23.41
CA ILE B 436 -17.71 30.35 -23.92
C ILE B 436 -17.49 29.98 -25.40
N VAL B 437 -17.17 30.99 -26.21
CA VAL B 437 -16.70 30.79 -27.57
C VAL B 437 -15.51 31.73 -27.83
N ASN B 438 -14.42 31.15 -28.35
CA ASN B 438 -13.27 31.92 -28.78
C ASN B 438 -12.97 31.54 -30.23
N LEU B 439 -12.46 32.49 -31.01
CA LEU B 439 -12.13 32.26 -32.42
C LEU B 439 -10.68 31.76 -32.54
N LEU B 440 -10.53 30.48 -32.86
CA LEU B 440 -9.23 29.80 -32.98
C LEU B 440 -8.84 29.63 -34.46
N ARG B 441 -7.58 29.87 -34.81
CA ARG B 441 -7.15 29.61 -36.19
C ARG B 441 -6.84 28.13 -36.46
N CYS B 442 -6.67 27.35 -35.41
CA CYS B 442 -6.25 25.96 -35.57
C CYS B 442 -6.79 25.12 -34.42
N ALA B 443 -6.65 23.80 -34.57
CA ALA B 443 -7.23 22.85 -33.64
C ALA B 443 -6.54 21.49 -33.71
N TRP B 444 -6.74 20.70 -32.66
CA TRP B 444 -6.42 19.27 -32.67
C TRP B 444 -7.66 18.50 -32.20
N ALA B 445 -7.61 17.18 -32.24
CA ALA B 445 -8.68 16.33 -31.70
C ALA B 445 -9.07 16.79 -30.31
N GLY B 446 -10.37 17.04 -30.12
CA GLY B 446 -10.89 17.48 -28.83
C GLY B 446 -10.93 18.97 -28.61
N SER B 447 -10.41 19.78 -29.55
CA SER B 447 -10.47 21.25 -29.42
C SER B 447 -11.90 21.77 -29.19
N GLN B 448 -12.88 21.07 -29.76
CA GLN B 448 -14.31 21.44 -29.59
C GLN B 448 -14.75 21.61 -28.13
N ARG B 449 -14.19 20.84 -27.22
CA ARG B 449 -14.56 20.92 -25.80
C ARG B 449 -14.11 22.22 -25.13
N TYR B 450 -13.18 22.94 -25.75
CA TYR B 450 -12.70 24.23 -25.25
C TYR B 450 -13.30 25.43 -25.99
N GLY B 451 -14.50 25.26 -26.55
CA GLY B 451 -15.24 26.36 -27.17
C GLY B 451 -14.58 26.95 -28.41
N ALA B 452 -13.90 26.09 -29.16
CA ALA B 452 -13.10 26.52 -30.30
C ALA B 452 -13.95 26.70 -31.54
N LEU B 453 -14.21 27.96 -31.88
CA LEU B 453 -14.76 28.31 -33.19
C LEU B 453 -13.57 28.45 -34.13
N VAL B 454 -13.38 27.50 -35.03
CA VAL B 454 -12.20 27.52 -35.90
C VAL B 454 -12.54 28.25 -37.20
N TRP B 455 -11.60 29.06 -37.70
CA TRP B 455 -11.73 29.61 -39.04
C TRP B 455 -10.50 29.27 -39.87
N SER B 456 -10.67 29.29 -41.19
CA SER B 456 -9.72 28.66 -42.11
C SER B 456 -8.51 29.51 -42.53
N GLY B 457 -8.24 30.59 -41.80
CA GLY B 457 -6.97 31.32 -41.93
C GLY B 457 -6.85 32.23 -43.13
N ASP B 458 -5.60 32.50 -43.51
CA ASP B 458 -5.26 33.59 -44.44
C ASP B 458 -5.23 33.15 -45.90
N ILE B 459 -6.33 32.54 -46.33
CA ILE B 459 -6.52 32.11 -47.71
C ILE B 459 -6.66 33.29 -48.67
N ASN B 460 -6.40 33.04 -49.95
CA ASN B 460 -6.59 34.07 -50.96
C ASN B 460 -8.07 34.24 -51.34
N SER B 461 -8.37 35.38 -51.98
CA SER B 461 -9.75 35.75 -52.34
C SER B 461 -10.06 35.35 -53.78
N THR B 462 -10.32 34.05 -53.97
CA THR B 462 -10.68 33.49 -55.26
C THR B 462 -11.83 32.50 -55.14
N PHE B 463 -12.43 32.16 -56.28
CA PHE B 463 -13.44 31.09 -56.33
C PHE B 463 -12.83 29.71 -56.06
N GLY B 464 -11.56 29.53 -56.44
CA GLY B 464 -10.80 28.34 -56.09
C GLY B 464 -10.69 28.13 -54.58
N ALA B 465 -10.38 29.21 -53.86
CA ALA B 465 -10.32 29.19 -52.41
C ALA B 465 -11.67 28.85 -51.80
N LEU B 466 -12.74 29.53 -52.27
CA LEU B 466 -14.11 29.29 -51.81
C LEU B 466 -14.50 27.82 -51.92
N ARG B 467 -14.19 27.21 -53.06
CA ARG B 467 -14.42 25.77 -53.27
C ARG B 467 -13.69 24.91 -52.24
N ASN B 468 -12.40 25.23 -51.99
CA ASN B 468 -11.62 24.53 -50.97
C ASN B 468 -12.25 24.67 -49.57
N GLN B 469 -12.74 25.87 -49.24
CA GLN B 469 -13.27 26.12 -47.89
C GLN B 469 -14.54 25.32 -47.58
N LEU B 470 -15.41 25.15 -48.59
CA LEU B 470 -16.59 24.28 -48.45
C LEU B 470 -16.21 22.86 -48.04
N MET B 471 -15.24 22.29 -48.75
CA MET B 471 -14.77 20.93 -48.46
C MET B 471 -14.15 20.85 -47.07
N ALA B 472 -13.34 21.85 -46.75
CA ALA B 472 -12.61 21.94 -45.50
C ALA B 472 -13.56 22.06 -44.31
N GLY B 473 -14.57 22.93 -44.44
CA GLY B 473 -15.57 23.14 -43.39
C GLY B 473 -16.40 21.91 -43.09
N LEU B 474 -16.78 21.18 -44.14
CA LEU B 474 -17.53 19.94 -43.99
C LEU B 474 -16.68 18.84 -43.33
N ASN B 475 -15.44 18.71 -43.77
CA ASN B 475 -14.52 17.73 -43.16
C ASN B 475 -14.15 18.06 -41.71
N MET B 476 -14.09 19.35 -41.38
CA MET B 476 -13.91 19.76 -39.98
C MET B 476 -15.07 19.31 -39.09
N GLY B 477 -16.29 19.43 -39.61
CA GLY B 477 -17.48 18.94 -38.91
C GLY B 477 -17.43 17.45 -38.66
N ILE B 478 -17.03 16.69 -39.66
CA ILE B 478 -16.87 15.23 -39.52
C ILE B 478 -15.76 14.91 -38.49
N ALA B 479 -14.71 15.74 -38.47
CA ALA B 479 -13.62 15.63 -37.50
C ALA B 479 -13.98 16.12 -36.08
N GLY B 480 -15.24 16.52 -35.87
CA GLY B 480 -15.78 16.80 -34.54
C GLY B 480 -15.66 18.25 -34.10
N ILE B 481 -15.47 19.14 -35.07
CA ILE B 481 -15.39 20.59 -34.84
C ILE B 481 -16.65 21.21 -35.47
N PRO B 482 -17.76 21.29 -34.70
CA PRO B 482 -19.01 21.84 -35.25
C PRO B 482 -18.98 23.35 -35.46
N TRP B 483 -18.24 24.07 -34.63
CA TRP B 483 -18.13 25.52 -34.72
C TRP B 483 -16.99 25.86 -35.66
N TRP B 484 -17.34 26.31 -36.86
CA TRP B 484 -16.37 26.59 -37.90
C TRP B 484 -16.86 27.71 -38.82
N THR B 485 -15.94 28.52 -39.34
CA THR B 485 -16.30 29.60 -40.27
C THR B 485 -15.13 30.01 -41.17
N THR B 486 -15.34 31.03 -42.01
CA THR B 486 -14.29 31.60 -42.86
C THR B 486 -14.30 33.12 -42.78
N ASP B 487 -13.29 33.73 -43.39
CA ASP B 487 -13.33 35.14 -43.77
C ASP B 487 -14.24 35.21 -45.01
N ILE B 488 -15.38 35.87 -44.89
CA ILE B 488 -16.23 36.08 -46.08
C ILE B 488 -15.47 36.94 -47.10
N GLY B 489 -15.38 36.41 -48.32
CA GLY B 489 -14.57 36.97 -49.40
C GLY B 489 -13.14 36.47 -49.45
N GLY B 490 -12.72 35.65 -48.47
CA GLY B 490 -11.32 35.27 -48.33
C GLY B 490 -10.52 36.34 -47.64
N PHE B 491 -9.27 36.02 -47.28
CA PHE B 491 -8.41 36.97 -46.55
C PHE B 491 -7.67 37.90 -47.50
N ASP B 492 -6.90 37.33 -48.41
CA ASP B 492 -5.87 38.08 -49.15
C ASP B 492 -6.22 38.28 -50.62
N GLY B 493 -6.19 39.53 -51.09
CA GLY B 493 -6.21 39.84 -52.52
C GLY B 493 -7.46 40.50 -53.10
N GLY B 494 -8.49 40.70 -52.29
CA GLY B 494 -9.72 41.33 -52.77
C GLY B 494 -9.60 42.84 -52.81
N ASP B 495 -9.65 43.41 -54.02
CA ASP B 495 -9.75 44.87 -54.15
C ASP B 495 -11.23 45.25 -54.10
N ILE B 496 -11.58 46.21 -53.24
CA ILE B 496 -12.98 46.60 -53.05
C ILE B 496 -13.63 47.28 -54.26
N ASN B 497 -12.82 47.85 -55.15
CA ASN B 497 -13.32 48.53 -56.35
C ASN B 497 -13.34 47.62 -57.58
N ASP B 498 -12.94 46.35 -57.41
CA ASP B 498 -12.85 45.38 -58.50
C ASP B 498 -14.15 44.59 -58.62
N PRO B 499 -14.85 44.69 -59.78
CA PRO B 499 -16.08 43.90 -59.99
C PRO B 499 -15.92 42.39 -59.80
N ALA B 500 -14.79 41.84 -60.22
CA ALA B 500 -14.53 40.42 -60.09
C ALA B 500 -14.48 39.98 -58.62
N PHE B 501 -13.89 40.79 -57.75
CA PHE B 501 -13.91 40.48 -56.31
C PHE B 501 -15.29 40.69 -55.69
N GLN B 502 -16.00 41.72 -56.13
CA GLN B 502 -17.34 41.99 -55.64
C GLN B 502 -18.29 40.82 -55.91
N GLU B 503 -18.21 40.25 -57.11
CA GLU B 503 -18.91 39.00 -57.49
C GLU B 503 -18.61 37.87 -56.48
N LEU B 504 -17.32 37.64 -56.21
CA LEU B 504 -16.90 36.61 -55.26
C LEU B 504 -17.38 36.91 -53.85
N LEU B 505 -17.29 38.17 -53.43
CA LEU B 505 -17.73 38.58 -52.11
C LEU B 505 -19.19 38.21 -51.88
N ILE B 506 -20.04 38.51 -52.87
CA ILE B 506 -21.46 38.22 -52.79
C ILE B 506 -21.72 36.72 -52.65
N ARG B 507 -21.11 35.89 -53.50
CA ARG B 507 -21.30 34.44 -53.42
C ARG B 507 -20.82 33.85 -52.08
N TRP B 508 -19.68 34.37 -51.60
CA TRP B 508 -19.11 33.91 -50.33
C TRP B 508 -20.00 34.35 -49.15
N PHE B 509 -20.51 35.59 -49.22
CA PHE B 509 -21.44 36.09 -48.19
C PHE B 509 -22.71 35.23 -48.13
N GLN B 510 -23.26 34.91 -49.30
CA GLN B 510 -24.47 34.08 -49.42
C GLN B 510 -24.25 32.69 -48.81
N TRP B 511 -23.08 32.10 -49.08
CA TRP B 511 -22.65 30.86 -48.40
C TRP B 511 -22.50 31.06 -46.88
N GLY B 512 -21.86 32.15 -46.50
CA GLY B 512 -21.64 32.51 -45.09
C GLY B 512 -22.90 32.56 -44.22
N VAL B 513 -24.02 33.02 -44.81
CA VAL B 513 -25.33 32.98 -44.15
C VAL B 513 -25.63 31.56 -43.65
N PHE B 514 -25.21 30.56 -44.42
CA PHE B 514 -25.41 29.14 -44.08
C PHE B 514 -24.12 28.42 -43.64
N CYS B 515 -23.24 29.15 -42.96
CA CYS B 515 -22.12 28.55 -42.23
C CYS B 515 -22.45 28.60 -40.74
N PRO B 516 -21.77 27.79 -39.91
CA PRO B 516 -22.05 27.79 -38.47
C PRO B 516 -21.99 29.19 -37.82
N VAL B 517 -21.01 29.99 -38.22
CA VAL B 517 -20.94 31.40 -37.87
C VAL B 517 -20.82 32.23 -39.15
N THR B 518 -21.50 33.38 -39.19
CA THR B 518 -21.51 34.30 -40.32
C THR B 518 -20.61 35.46 -39.95
N ARG B 519 -19.43 35.54 -40.58
CA ARG B 519 -18.36 36.44 -40.16
C ARG B 519 -17.71 37.10 -41.37
N LEU B 520 -17.76 38.43 -41.40
CA LEU B 520 -17.11 39.20 -42.46
C LEU B 520 -15.73 39.65 -41.97
N HIS B 521 -14.71 39.25 -42.71
CA HIS B 521 -13.34 39.66 -42.42
C HIS B 521 -12.49 39.60 -43.70
N GLY B 522 -11.41 40.36 -43.70
CA GLY B 522 -10.37 40.21 -44.71
C GLY B 522 -9.36 41.33 -44.65
N PHE B 523 -8.36 41.21 -45.53
CA PHE B 523 -7.33 42.21 -45.71
C PHE B 523 -7.53 42.76 -47.12
N ARG B 524 -8.36 43.79 -47.22
CA ARG B 524 -8.81 44.30 -48.51
C ARG B 524 -7.81 45.30 -49.09
N GLN B 525 -7.68 45.28 -50.42
CA GLN B 525 -6.91 46.26 -51.17
C GLN B 525 -7.85 47.40 -51.58
N PRO B 526 -7.34 48.63 -51.81
CA PRO B 526 -5.91 48.98 -51.70
C PRO B 526 -5.49 49.15 -50.24
N MET B 527 -4.38 48.53 -49.87
CA MET B 527 -3.87 48.58 -48.50
C MET B 527 -3.18 49.93 -48.27
N GLU B 528 -3.09 50.31 -47.00
CA GLU B 528 -2.47 51.57 -46.58
C GLU B 528 -1.35 51.28 -45.62
N GLU B 529 -0.14 51.72 -45.96
CA GLU B 529 1.03 51.64 -45.07
C GLU B 529 0.80 52.54 -43.86
N PRO B 530 1.43 52.22 -42.70
CA PRO B 530 1.30 53.12 -41.56
C PRO B 530 2.00 54.46 -41.82
N ALA B 531 1.50 55.52 -41.19
CA ALA B 531 2.08 56.87 -41.32
C ALA B 531 3.55 56.87 -40.90
N GLU B 532 3.82 56.27 -39.74
CA GLU B 532 5.18 56.04 -39.24
C GLU B 532 5.50 54.55 -39.38
N THR B 533 6.59 54.22 -40.08
CA THR B 533 7.05 52.83 -40.19
C THR B 533 7.42 52.24 -38.82
N TYR B 534 8.02 53.06 -37.97
CA TYR B 534 8.38 52.69 -36.60
C TYR B 534 7.88 53.72 -35.61
N ARG B 535 7.70 53.28 -34.37
CA ARG B 535 7.42 54.16 -33.25
C ARG B 535 8.05 53.52 -32.01
N ASP B 536 8.93 54.25 -31.33
CA ASP B 536 9.76 53.72 -30.23
C ASP B 536 10.62 52.51 -30.66
N GLY B 537 11.03 52.46 -31.93
CA GLY B 537 11.74 51.31 -32.49
C GLY B 537 10.91 50.06 -32.77
N ILE B 538 9.61 50.13 -32.58
CA ILE B 538 8.72 49.01 -32.82
C ILE B 538 8.03 49.21 -34.17
N ALA B 539 8.20 48.25 -35.07
CA ALA B 539 7.58 48.28 -36.39
C ALA B 539 6.06 48.33 -36.28
N GLN B 540 5.44 49.23 -37.04
CA GLN B 540 4.00 49.48 -36.97
C GLN B 540 3.27 48.70 -38.05
N CYS B 541 2.03 48.32 -37.74
CA CYS B 541 1.25 47.44 -38.61
C CYS B 541 0.34 48.24 -39.52
N MET B 542 0.36 47.88 -40.79
CA MET B 542 -0.53 48.45 -41.81
C MET B 542 -2.03 48.11 -41.57
N THR B 543 -2.88 48.68 -42.42
CA THR B 543 -4.29 48.31 -42.53
C THR B 543 -4.64 48.10 -44.01
N GLY B 544 -5.60 47.22 -44.25
CA GLY B 544 -6.27 47.12 -45.55
C GLY B 544 -7.33 48.20 -45.70
N ALA B 545 -8.06 48.13 -46.82
CA ALA B 545 -9.16 49.06 -47.12
C ALA B 545 -10.42 48.69 -46.33
N ALA B 546 -11.49 49.46 -46.51
CA ALA B 546 -12.77 49.22 -45.83
C ALA B 546 -13.37 47.84 -46.17
N ASN B 547 -14.12 47.28 -45.22
CA ASN B 547 -14.73 45.96 -45.38
C ASN B 547 -16.06 45.84 -44.61
N GLU B 548 -16.91 46.84 -44.80
CA GLU B 548 -18.26 46.86 -44.24
C GLU B 548 -19.22 46.61 -45.39
N ILE B 549 -20.47 46.24 -45.11
CA ILE B 549 -21.39 45.83 -46.18
C ILE B 549 -21.81 46.95 -47.14
N TRP B 550 -21.61 48.22 -46.74
CA TRP B 550 -21.85 49.39 -47.60
C TRP B 550 -20.62 49.83 -48.42
N SER B 551 -19.50 49.14 -48.27
CA SER B 551 -18.23 49.56 -48.88
C SER B 551 -18.05 49.15 -50.34
N TYR B 552 -18.99 48.39 -50.90
CA TYR B 552 -18.85 47.79 -52.24
C TYR B 552 -19.96 48.25 -53.23
N GLY B 553 -20.46 49.46 -53.05
CA GLY B 553 -21.51 50.02 -53.92
C GLY B 553 -22.91 49.67 -53.45
N GLU B 554 -23.90 50.41 -53.95
CA GLU B 554 -25.30 50.27 -53.50
C GLU B 554 -25.99 48.96 -53.86
N ASP B 555 -25.73 48.44 -55.05
CA ASP B 555 -26.34 47.18 -55.49
C ASP B 555 -25.85 45.99 -54.65
N ASN B 556 -24.56 45.96 -54.34
CA ASN B 556 -24.01 44.95 -53.45
C ASN B 556 -24.46 45.14 -51.99
N TYR B 557 -24.63 46.39 -51.56
CA TYR B 557 -25.17 46.70 -50.22
C TYR B 557 -26.54 46.08 -50.00
N ALA B 558 -27.42 46.19 -51.00
CA ALA B 558 -28.77 45.61 -50.90
C ALA B 558 -28.73 44.09 -50.73
N ILE B 559 -27.84 43.41 -51.46
CA ILE B 559 -27.76 41.94 -51.37
C ILE B 559 -27.25 41.52 -49.99
N MET B 560 -26.18 42.16 -49.51
CA MET B 560 -25.59 41.82 -48.21
C MET B 560 -26.53 42.20 -47.05
N LYS B 561 -27.26 43.31 -47.19
CA LYS B 561 -28.30 43.71 -46.24
C LYS B 561 -29.37 42.61 -46.07
N SER B 562 -29.87 42.11 -47.19
CA SER B 562 -30.85 41.02 -47.17
C SER B 562 -30.25 39.71 -46.63
N CYS B 563 -28.96 39.47 -46.90
CA CYS B 563 -28.22 38.35 -46.29
C CYS B 563 -28.21 38.43 -44.76
N LEU B 564 -27.95 39.62 -44.23
CA LEU B 564 -27.95 39.83 -42.78
C LEU B 564 -29.34 39.61 -42.17
N GLU B 565 -30.37 40.13 -42.84
CA GLU B 565 -31.75 39.96 -42.40
C GLU B 565 -32.16 38.48 -42.41
N LEU B 566 -31.79 37.76 -43.47
CA LEU B 566 -32.02 36.31 -43.54
C LEU B 566 -31.31 35.54 -42.41
N ARG B 567 -30.07 35.93 -42.11
CA ARG B 567 -29.33 35.30 -41.00
C ARG B 567 -30.05 35.50 -39.67
N GLU B 568 -30.58 36.70 -39.42
CA GLU B 568 -31.35 36.96 -38.18
C GLU B 568 -32.58 36.07 -38.07
N ARG B 569 -33.32 35.91 -39.17
CA ARG B 569 -34.47 34.99 -39.20
C ARG B 569 -34.06 33.53 -38.95
N LEU B 570 -32.85 33.17 -39.38
CA LEU B 570 -32.28 31.83 -39.15
C LEU B 570 -31.78 31.55 -37.73
N ARG B 571 -31.61 32.58 -36.90
CA ARG B 571 -30.97 32.40 -35.58
C ARG B 571 -31.60 31.34 -34.66
N PRO B 572 -32.94 31.37 -34.47
CA PRO B 572 -33.58 30.31 -33.67
C PRO B 572 -33.22 28.88 -34.14
N TYR B 573 -33.29 28.65 -35.45
CA TYR B 573 -32.89 27.38 -36.05
C TYR B 573 -31.41 27.08 -35.80
N VAL B 574 -30.55 28.08 -35.98
CA VAL B 574 -29.10 27.92 -35.73
C VAL B 574 -28.88 27.44 -34.28
N MET B 575 -29.54 28.10 -33.33
CA MET B 575 -29.39 27.77 -31.91
C MET B 575 -29.91 26.37 -31.57
N ARG B 576 -30.96 25.91 -32.27
CA ARG B 576 -31.44 24.52 -32.13
C ARG B 576 -30.41 23.52 -32.67
N VAL B 577 -29.83 23.83 -33.83
CA VAL B 577 -28.80 22.97 -34.44
C VAL B 577 -27.50 22.97 -33.60
N MET B 578 -27.15 24.12 -33.04
CA MET B 578 -26.02 24.23 -32.10
C MET B 578 -26.24 23.40 -30.83
N LYS B 579 -27.47 23.38 -30.33
CA LYS B 579 -27.81 22.54 -29.17
C LYS B 579 -27.68 21.07 -29.51
N ALA B 580 -28.12 20.69 -30.72
CA ALA B 580 -27.97 19.32 -31.20
C ALA B 580 -26.51 18.90 -31.34
N ALA B 581 -25.64 19.83 -31.75
CA ALA B 581 -24.20 19.57 -31.80
C ALA B 581 -23.66 19.32 -30.39
N HIS B 582 -24.05 20.16 -29.43
CA HIS B 582 -23.72 19.96 -28.02
C HIS B 582 -24.21 18.62 -27.46
N ASP B 583 -25.46 18.25 -27.77
CA ASP B 583 -26.08 17.01 -27.24
C ASP B 583 -25.67 15.72 -27.95
N THR B 584 -25.48 15.76 -29.27
CA THR B 584 -25.28 14.55 -30.08
C THR B 584 -23.94 14.45 -30.81
N GLY B 585 -23.13 15.51 -30.77
CA GLY B 585 -21.87 15.53 -31.52
C GLY B 585 -22.02 15.70 -33.03
N ALA B 586 -23.23 16.01 -33.49
CA ALA B 586 -23.49 16.17 -34.92
C ALA B 586 -22.92 17.51 -35.37
N PRO B 587 -22.33 17.57 -36.58
CA PRO B 587 -21.88 18.87 -37.09
C PRO B 587 -23.06 19.77 -37.48
N VAL B 588 -22.80 21.07 -37.60
CA VAL B 588 -23.81 22.06 -37.97
C VAL B 588 -23.96 22.07 -39.49
N MET B 589 -22.85 22.24 -40.20
CA MET B 589 -22.81 22.05 -41.65
C MET B 589 -22.33 20.63 -41.91
N ARG B 590 -23.14 19.83 -42.61
CA ARG B 590 -22.92 18.39 -42.77
C ARG B 590 -22.95 18.00 -44.25
N PRO B 591 -22.12 17.00 -44.65
CA PRO B 591 -22.32 16.44 -45.98
C PRO B 591 -23.68 15.74 -46.09
N LEU B 592 -24.16 15.57 -47.33
CA LEU B 592 -25.49 15.00 -47.57
C LEU B 592 -25.64 13.61 -46.93
N PHE B 593 -24.56 12.82 -46.92
CA PHE B 593 -24.60 11.48 -46.34
C PHE B 593 -24.89 11.42 -44.84
N PHE B 594 -24.62 12.49 -44.11
CA PHE B 594 -24.93 12.55 -42.68
C PHE B 594 -26.43 12.44 -42.39
N ASP B 595 -27.23 13.15 -43.18
CA ASP B 595 -28.70 13.14 -43.07
C ASP B 595 -29.41 12.15 -43.98
N PHE B 596 -28.73 11.69 -45.03
CA PHE B 596 -29.31 10.75 -46.00
C PHE B 596 -28.33 9.62 -46.36
N PRO B 597 -27.87 8.87 -45.35
CA PRO B 597 -26.82 7.85 -45.55
C PRO B 597 -27.18 6.67 -46.46
N ASP B 598 -28.48 6.38 -46.62
CA ASP B 598 -28.93 5.29 -47.49
C ASP B 598 -29.00 5.62 -48.98
N GLN B 599 -28.78 6.89 -49.34
CA GLN B 599 -28.91 7.35 -50.73
C GLN B 599 -27.53 7.54 -51.37
N ALA B 600 -27.32 6.90 -52.52
CA ALA B 600 -26.00 6.87 -53.18
C ALA B 600 -25.46 8.25 -53.56
N GLU B 601 -26.35 9.13 -54.03
CA GLU B 601 -25.96 10.48 -54.43
C GLU B 601 -25.43 11.31 -53.24
N ALA B 602 -25.90 11.01 -52.03
CA ALA B 602 -25.42 11.68 -50.82
C ALA B 602 -23.93 11.44 -50.52
N TRP B 603 -23.40 10.28 -50.92
CA TRP B 603 -21.97 9.97 -50.79
C TRP B 603 -21.12 10.42 -52.00
N GLN B 604 -21.74 10.95 -53.05
CA GLN B 604 -21.04 11.40 -54.26
C GLN B 604 -20.94 12.93 -54.38
N ILE B 605 -21.99 13.64 -53.95
CA ILE B 605 -22.10 15.08 -54.16
C ILE B 605 -21.28 15.86 -53.14
N GLU B 606 -20.37 16.69 -53.65
CA GLU B 606 -19.45 17.47 -52.83
C GLU B 606 -19.66 19.00 -52.90
N ASP B 607 -20.61 19.45 -53.72
CA ASP B 607 -20.93 20.89 -53.85
C ASP B 607 -22.33 21.25 -53.33
N GLN B 608 -22.92 20.35 -52.54
CA GLN B 608 -24.12 20.64 -51.76
C GLN B 608 -23.89 20.13 -50.36
N TYR B 609 -24.61 20.69 -49.40
CA TYR B 609 -24.58 20.21 -48.03
C TYR B 609 -25.87 20.52 -47.30
N MET B 610 -25.98 19.93 -46.11
CA MET B 610 -27.08 20.21 -45.19
C MET B 610 -26.62 21.15 -44.08
N PHE B 611 -27.35 22.26 -43.91
CA PHE B 611 -27.15 23.18 -42.80
C PHE B 611 -28.18 22.84 -41.73
N GLY B 612 -27.81 21.96 -40.82
CA GLY B 612 -28.76 21.28 -39.95
C GLY B 612 -29.56 20.26 -40.76
N PRO B 613 -30.56 19.61 -40.13
CA PRO B 613 -31.32 18.58 -40.84
C PRO B 613 -32.40 19.09 -41.82
N ASP B 614 -32.67 20.40 -41.82
CA ASP B 614 -33.85 20.97 -42.53
C ASP B 614 -33.56 21.93 -43.68
N ILE B 615 -32.29 22.26 -43.94
CA ILE B 615 -31.93 23.23 -45.00
C ILE B 615 -30.86 22.61 -45.91
N LEU B 616 -31.20 22.49 -47.19
CA LEU B 616 -30.28 22.01 -48.23
C LEU B 616 -29.67 23.23 -48.89
N VAL B 617 -28.34 23.32 -48.90
CA VAL B 617 -27.63 24.46 -49.50
C VAL B 617 -26.85 24.00 -50.72
N ALA B 618 -26.88 24.80 -51.78
CA ALA B 618 -26.20 24.49 -53.03
C ALA B 618 -25.47 25.75 -53.51
N PRO B 619 -24.31 26.05 -52.88
CA PRO B 619 -23.60 27.30 -53.17
C PRO B 619 -23.17 27.43 -54.63
N VAL B 620 -22.99 28.68 -55.08
CA VAL B 620 -22.43 28.98 -56.39
C VAL B 620 -20.93 29.21 -56.20
N LEU B 621 -20.13 28.36 -56.85
CA LEU B 621 -18.68 28.31 -56.68
C LEU B 621 -17.89 28.67 -57.95
N GLU B 622 -18.52 29.40 -58.89
CA GLU B 622 -17.86 29.88 -60.11
C GLU B 622 -18.32 31.30 -60.45
N ALA B 623 -17.38 32.13 -60.91
CA ALA B 623 -17.68 33.47 -61.40
C ALA B 623 -18.59 33.40 -62.62
N GLY B 624 -19.54 34.33 -62.72
CA GLY B 624 -20.46 34.40 -63.86
C GLY B 624 -21.61 33.40 -63.89
N GLN B 625 -21.60 32.40 -63.00
CA GLN B 625 -22.61 31.35 -63.00
C GLN B 625 -23.92 31.92 -62.48
N ARG B 626 -24.99 31.72 -63.25
CA ARG B 626 -26.33 32.21 -62.91
C ARG B 626 -27.41 31.12 -62.83
N SER B 627 -26.98 29.85 -62.88
CA SER B 627 -27.85 28.71 -62.59
C SER B 627 -26.98 27.50 -62.33
N ARG B 628 -27.49 26.54 -61.57
CA ARG B 628 -26.79 25.28 -61.35
C ARG B 628 -27.72 24.12 -61.09
N LYS B 629 -27.23 22.91 -61.35
CA LYS B 629 -27.96 21.70 -61.01
C LYS B 629 -27.93 21.46 -59.50
N VAL B 630 -29.06 21.04 -58.95
CA VAL B 630 -29.20 20.73 -57.52
C VAL B 630 -29.94 19.41 -57.36
N TRP B 631 -29.31 18.45 -56.70
CA TRP B 631 -29.99 17.20 -56.32
C TRP B 631 -30.79 17.41 -55.05
N LEU B 632 -32.07 17.06 -55.09
CA LEU B 632 -32.95 17.10 -53.93
C LEU B 632 -33.07 15.68 -53.37
N PRO B 633 -32.68 15.47 -52.09
CA PRO B 633 -32.79 14.13 -51.50
C PRO B 633 -34.21 13.56 -51.40
N GLU B 634 -34.32 12.25 -51.53
CA GLU B 634 -35.59 11.52 -51.43
C GLU B 634 -36.07 11.48 -49.98
N GLY B 635 -37.37 11.20 -49.78
CA GLY B 635 -37.96 11.03 -48.45
C GLY B 635 -38.69 12.24 -47.89
N CYS B 636 -38.61 13.39 -48.56
CA CYS B 636 -39.41 14.56 -48.21
C CYS B 636 -39.58 15.49 -49.39
N ALA B 637 -40.47 16.47 -49.24
CA ALA B 637 -40.65 17.54 -50.21
C ALA B 637 -39.80 18.75 -49.80
N TRP B 638 -39.47 19.59 -50.78
CA TRP B 638 -38.54 20.71 -50.58
C TRP B 638 -39.15 22.02 -51.04
N ILE B 639 -39.04 23.05 -50.19
CA ILE B 639 -39.52 24.39 -50.51
C ILE B 639 -38.34 25.26 -50.94
N ASP B 640 -38.39 25.77 -52.17
CA ASP B 640 -37.41 26.74 -52.67
C ASP B 640 -37.52 28.01 -51.81
N LEU B 641 -36.42 28.37 -51.15
CA LEU B 641 -36.37 29.57 -50.29
C LEU B 641 -36.64 30.87 -51.03
N ASN B 642 -36.22 30.94 -52.30
CA ASN B 642 -36.26 32.18 -53.07
C ASN B 642 -37.57 32.41 -53.83
N THR B 643 -38.14 31.36 -54.42
CA THR B 643 -39.41 31.45 -55.18
C THR B 643 -40.64 31.04 -54.35
N GLY B 644 -40.45 30.08 -53.45
CA GLY B 644 -41.55 29.50 -52.67
C GLY B 644 -42.14 28.24 -53.28
N ALA B 645 -41.62 27.81 -54.44
CA ALA B 645 -42.13 26.63 -55.12
C ALA B 645 -41.84 25.36 -54.32
N ARG B 646 -42.67 24.34 -54.55
CA ARG B 646 -42.57 23.05 -53.89
C ARG B 646 -42.02 22.05 -54.89
N GLN B 647 -41.02 21.27 -54.47
CA GLN B 647 -40.40 20.24 -55.31
C GLN B 647 -40.37 18.92 -54.55
N ASN B 648 -40.66 17.83 -55.25
CA ASN B 648 -40.62 16.48 -54.69
C ASN B 648 -39.18 16.02 -54.54
N GLY B 649 -38.89 15.27 -53.48
CA GLY B 649 -37.57 14.69 -53.28
C GLY B 649 -37.27 13.61 -54.31
N GLY B 650 -35.98 13.34 -54.52
CA GLY B 650 -35.53 12.27 -55.42
C GLY B 650 -35.42 12.68 -56.87
N GLN B 651 -34.87 13.87 -57.12
CA GLN B 651 -34.68 14.36 -58.49
C GLN B 651 -33.60 15.42 -58.58
N TRP B 652 -33.05 15.59 -59.78
CA TRP B 652 -32.17 16.69 -60.11
C TRP B 652 -33.00 17.85 -60.66
N CYS B 653 -32.86 19.03 -60.04
CA CYS B 653 -33.51 20.25 -60.51
C CYS B 653 -32.50 21.18 -61.12
N ASP B 654 -32.90 21.88 -62.18
CA ASP B 654 -32.07 22.92 -62.80
C ASP B 654 -32.50 24.25 -62.17
N CYS B 655 -31.73 24.73 -61.19
CA CYS B 655 -32.15 25.85 -60.35
C CYS B 655 -31.58 27.18 -60.81
N ASP B 656 -32.40 28.21 -60.70
CA ASP B 656 -31.99 29.58 -61.00
C ASP B 656 -31.09 30.06 -59.86
N ALA B 657 -30.05 30.80 -60.21
CA ALA B 657 -29.07 31.28 -59.25
C ALA B 657 -28.56 32.66 -59.66
N PRO B 658 -29.45 33.67 -59.62
CA PRO B 658 -29.02 35.01 -59.99
C PRO B 658 -28.06 35.57 -58.93
N LEU B 659 -27.36 36.66 -59.25
CA LEU B 659 -26.42 37.28 -58.31
C LEU B 659 -27.01 37.50 -56.90
N GLU B 660 -28.32 37.72 -56.85
CA GLU B 660 -29.03 38.09 -55.63
C GLU B 660 -29.35 36.89 -54.71
N ALA B 661 -29.22 35.66 -55.20
CA ALA B 661 -29.50 34.47 -54.37
C ALA B 661 -28.84 33.18 -54.88
N ILE B 662 -28.44 32.32 -53.95
CA ILE B 662 -28.00 30.95 -54.29
C ILE B 662 -29.16 29.98 -54.03
N PRO B 663 -29.15 28.82 -54.72
CA PRO B 663 -30.21 27.83 -54.48
C PRO B 663 -30.17 27.25 -53.06
N VAL B 664 -31.24 27.49 -52.32
CA VAL B 664 -31.43 26.93 -50.98
C VAL B 664 -32.83 26.35 -50.91
N PHE B 665 -32.96 25.17 -50.30
CA PHE B 665 -34.23 24.48 -50.13
C PHE B 665 -34.49 24.12 -48.66
N ILE B 666 -35.74 24.27 -48.23
CA ILE B 666 -36.16 23.98 -46.87
C ILE B 666 -37.00 22.69 -46.87
N ARG B 667 -36.73 21.81 -45.89
CA ARG B 667 -37.53 20.60 -45.68
C ARG B 667 -38.98 21.04 -45.39
N GLU B 668 -39.93 20.51 -46.15
CA GLU B 668 -41.34 20.93 -46.01
C GLU B 668 -41.85 20.64 -44.60
N ALA B 669 -42.50 21.64 -44.01
CA ALA B 669 -43.16 21.54 -42.70
C ALA B 669 -42.22 21.54 -41.48
N ALA B 670 -40.92 21.67 -41.70
CA ALA B 670 -39.96 21.90 -40.62
C ALA B 670 -40.25 23.28 -40.05
N ALA B 671 -40.01 23.44 -38.75
CA ALA B 671 -40.29 24.68 -38.02
C ALA B 671 -39.60 25.90 -38.63
N VAL B 672 -38.42 25.70 -39.21
CA VAL B 672 -37.67 26.79 -39.86
C VAL B 672 -38.40 27.41 -41.06
N GLN B 673 -39.21 26.62 -41.78
CA GLN B 673 -40.00 27.14 -42.91
C GLN B 673 -40.86 28.32 -42.46
N ALA B 674 -41.63 28.12 -41.40
CA ALA B 674 -42.46 29.18 -40.82
C ALA B 674 -41.63 30.39 -40.38
N GLU B 675 -40.49 30.12 -39.75
CA GLU B 675 -39.59 31.18 -39.25
C GLU B 675 -39.00 32.06 -40.37
N LEU B 676 -38.79 31.46 -41.55
CA LEU B 676 -38.22 32.17 -42.70
C LEU B 676 -39.22 33.06 -43.47
N SER B 677 -40.52 32.84 -43.25
CA SER B 677 -41.58 33.71 -43.79
C SER B 677 -41.59 33.68 -45.32
N ILE B 678 -41.61 32.48 -45.88
CA ILE B 678 -41.48 32.28 -47.32
C ILE B 678 -42.86 32.41 -47.95
N ALA B 679 -43.09 33.55 -48.61
CA ALA B 679 -44.35 33.83 -49.27
C ALA B 679 -44.33 33.37 -50.73
N LEU B 680 -45.48 33.47 -51.37
CA LEU B 680 -45.64 33.19 -52.80
C LEU B 680 -46.80 34.07 -53.29
N GLU B 681 -46.45 35.21 -53.88
CA GLU B 681 -47.45 36.20 -54.34
C GLU B 681 -47.95 35.89 -55.76
N HIS B 682 -49.22 36.26 -56.01
CA HIS B 682 -49.84 36.16 -57.34
C HIS B 682 -50.02 37.57 -57.91
N HIS B 683 -49.23 37.91 -58.93
CA HIS B 683 -49.15 39.30 -59.45
C HIS B 683 -50.22 39.60 -60.50
N SER C 2 46.61 -6.38 -48.11
CA SER C 2 47.61 -5.31 -47.88
C SER C 2 48.46 -5.18 -49.14
N GLU C 3 48.45 -4.00 -49.76
CA GLU C 3 49.12 -3.78 -51.03
C GLU C 3 49.79 -2.39 -51.04
N PHE C 4 51.08 -2.37 -51.37
CA PHE C 4 51.79 -1.13 -51.65
C PHE C 4 51.78 -0.84 -53.15
N ILE C 5 51.57 0.43 -53.50
CA ILE C 5 51.72 0.92 -54.87
C ILE C 5 52.77 2.02 -54.78
N LEU C 6 53.99 1.69 -55.20
CA LEU C 6 55.16 2.53 -55.02
C LEU C 6 55.65 3.09 -56.36
N THR C 7 55.96 4.39 -56.37
CA THR C 7 56.65 5.06 -57.46
C THR C 7 57.90 5.74 -56.89
N SER C 8 58.68 6.40 -57.74
CA SER C 8 59.92 7.04 -57.29
C SER C 8 59.72 8.15 -56.24
N ASP C 9 58.54 8.76 -56.19
CA ASP C 9 58.27 9.90 -55.30
C ASP C 9 56.89 9.86 -54.58
N LYS C 10 56.31 8.67 -54.44
CA LYS C 10 54.99 8.51 -53.81
C LYS C 10 54.83 7.11 -53.22
N LEU C 11 54.37 7.06 -51.97
CA LEU C 11 54.04 5.82 -51.28
C LEU C 11 52.52 5.77 -51.14
N VAL C 12 51.92 4.72 -51.68
CA VAL C 12 50.49 4.44 -51.47
C VAL C 12 50.37 3.06 -50.84
N TRP C 13 49.50 2.95 -49.83
CA TRP C 13 49.13 1.68 -49.22
C TRP C 13 47.62 1.57 -49.26
N THR C 14 47.12 0.35 -49.48
CA THR C 14 45.68 0.13 -49.56
C THR C 14 45.19 -1.22 -49.03
N TYR C 15 44.05 -1.18 -48.36
CA TYR C 15 43.32 -2.37 -47.92
C TYR C 15 41.85 -1.99 -47.76
N ASP C 16 40.96 -2.79 -48.34
CA ASP C 16 39.51 -2.64 -48.20
C ASP C 16 39.00 -1.24 -48.52
N GLY C 17 39.48 -0.68 -49.63
CA GLY C 17 39.11 0.66 -50.05
C GLY C 17 39.82 1.79 -49.33
N HIS C 18 40.52 1.50 -48.24
CA HIS C 18 41.28 2.51 -47.52
C HIS C 18 42.56 2.78 -48.33
N LYS C 19 42.76 4.03 -48.73
CA LYS C 19 43.97 4.47 -49.43
C LYS C 19 44.74 5.42 -48.52
N LEU C 20 46.00 5.10 -48.26
CA LEU C 20 46.92 5.94 -47.50
C LEU C 20 47.97 6.37 -48.50
N GLN C 21 48.16 7.69 -48.66
CA GLN C 21 49.07 8.25 -49.64
C GLN C 21 50.03 9.26 -48.98
N ILE C 22 51.34 8.98 -49.09
CA ILE C 22 52.39 9.81 -48.52
C ILE C 22 53.32 10.26 -49.64
N GLU C 23 53.66 11.55 -49.66
CA GLU C 23 54.48 12.13 -50.74
C GLU C 23 55.25 13.36 -50.24
N PRO C 24 56.34 13.74 -50.93
CA PRO C 24 57.04 14.97 -50.54
C PRO C 24 56.17 16.20 -50.74
N TRP C 25 56.36 17.21 -49.89
CA TRP C 25 55.61 18.47 -50.00
C TRP C 25 56.45 19.64 -49.46
N GLY C 26 57.55 19.90 -50.18
CA GLY C 26 58.60 20.83 -49.76
C GLY C 26 59.73 20.06 -49.10
N GLU C 27 60.89 20.71 -48.99
CA GLU C 27 62.08 20.09 -48.38
C GLU C 27 61.79 19.64 -46.94
N ASN C 28 62.26 18.44 -46.59
CA ASN C 28 62.15 17.89 -45.23
C ASN C 28 60.70 17.68 -44.76
N SER C 29 59.79 17.55 -45.71
CA SER C 29 58.36 17.55 -45.41
C SER C 29 57.62 16.50 -46.23
N LEU C 30 56.55 15.96 -45.64
CA LEU C 30 55.65 15.03 -46.32
C LEU C 30 54.19 15.45 -46.14
N ARG C 31 53.38 15.20 -47.16
CA ARG C 31 51.94 15.27 -47.02
C ARG C 31 51.39 13.86 -46.87
N VAL C 32 50.44 13.69 -45.95
CA VAL C 32 49.80 12.41 -45.69
C VAL C 32 48.31 12.59 -45.94
N ARG C 33 47.74 11.70 -46.76
CA ARG C 33 46.32 11.69 -47.02
C ARG C 33 45.76 10.30 -46.93
N ALA C 34 44.49 10.22 -46.53
CA ALA C 34 43.80 8.94 -46.46
C ALA C 34 42.31 9.08 -46.68
N THR C 35 41.73 8.14 -47.43
CA THR C 35 40.32 8.16 -47.75
C THR C 35 39.80 6.73 -47.91
N VAL C 36 38.49 6.55 -47.74
CA VAL C 36 37.79 5.34 -48.19
C VAL C 36 36.83 5.59 -49.36
N ALA C 37 36.77 6.83 -49.83
CA ALA C 37 36.10 7.17 -51.09
C ALA C 37 36.92 6.56 -52.24
N PRO C 38 36.37 6.52 -53.47
CA PRO C 38 37.10 5.92 -54.58
C PRO C 38 38.50 6.51 -54.83
N GLU C 39 38.62 7.82 -54.71
CA GLU C 39 39.89 8.54 -54.87
C GLU C 39 39.99 9.71 -53.89
N LEU C 40 41.20 10.20 -53.71
CA LEU C 40 41.41 11.47 -53.03
C LEU C 40 40.76 12.58 -53.85
N ASN C 41 40.23 13.60 -53.17
CA ASN C 41 39.63 14.75 -53.84
C ASN C 41 40.70 15.80 -54.17
N GLY C 42 40.29 16.92 -54.75
CA GLY C 42 41.20 18.02 -55.10
C GLY C 42 41.40 19.13 -54.07
N ASN C 43 40.89 18.96 -52.85
CA ASN C 43 41.02 19.99 -51.79
C ASN C 43 42.43 20.03 -51.23
N ASP C 44 43.14 21.13 -51.47
CA ASP C 44 44.45 21.41 -50.86
C ASP C 44 44.42 22.31 -49.63
N TRP C 45 43.29 22.97 -49.40
CA TRP C 45 43.07 23.84 -48.25
C TRP C 45 44.18 24.89 -48.03
N ALA C 46 45.06 24.71 -47.04
CA ALA C 46 46.09 25.70 -46.73
C ALA C 46 47.41 25.46 -47.46
N LEU C 47 47.58 24.29 -48.10
CA LEU C 47 48.85 23.93 -48.69
C LEU C 47 48.99 24.51 -50.09
N LEU C 48 50.08 25.24 -50.31
CA LEU C 48 50.44 25.78 -51.62
C LEU C 48 51.13 24.69 -52.42
N PRO C 49 51.25 24.88 -53.76
CA PRO C 49 51.98 23.89 -54.56
C PRO C 49 53.42 23.71 -54.05
N ALA C 50 53.87 22.48 -53.97
CA ALA C 50 55.19 22.16 -53.43
C ALA C 50 56.27 22.43 -54.47
N LYS C 51 57.36 23.06 -54.03
CA LYS C 51 58.58 23.14 -54.84
C LYS C 51 59.13 21.71 -54.93
N PRO C 52 59.45 21.23 -56.15
CA PRO C 52 59.85 19.81 -56.29
C PRO C 52 61.05 19.42 -55.43
N SER C 53 60.96 18.29 -54.75
CA SER C 53 62.06 17.77 -53.94
C SER C 53 62.93 16.88 -54.84
N THR C 54 64.22 17.18 -54.86
CA THR C 54 65.19 16.39 -55.63
C THR C 54 65.58 15.10 -54.92
N LYS C 55 65.52 15.10 -53.58
CA LYS C 55 66.11 14.03 -52.76
C LYS C 55 65.13 12.94 -52.29
N VAL C 56 63.92 12.89 -52.84
CA VAL C 56 62.93 11.87 -52.40
C VAL C 56 63.37 10.45 -52.81
N LYS C 57 63.21 9.50 -51.89
CA LYS C 57 63.60 8.12 -52.12
C LYS C 57 62.57 7.15 -51.50
N VAL C 58 61.97 6.33 -52.35
CA VAL C 58 60.97 5.34 -51.92
C VAL C 58 61.61 3.96 -51.96
N SER C 59 61.49 3.22 -50.86
CA SER C 59 62.10 1.90 -50.70
C SER C 59 61.08 0.90 -50.17
N GLU C 60 61.43 -0.37 -50.34
CA GLU C 60 60.67 -1.49 -49.80
C GLU C 60 61.67 -2.36 -49.02
N PHE C 61 61.30 -2.81 -47.82
CA PHE C 61 62.16 -3.70 -47.04
C PHE C 61 61.34 -4.61 -46.10
N GLU C 62 61.63 -5.90 -46.14
CA GLU C 62 60.82 -6.95 -45.50
C GLU C 62 59.35 -6.85 -45.93
N ASP C 63 58.41 -6.61 -44.99
CA ASP C 63 56.99 -6.42 -45.32
C ASP C 63 56.58 -4.94 -45.38
N SER C 64 57.53 -4.02 -45.19
CA SER C 64 57.26 -2.58 -45.08
C SER C 64 57.61 -1.81 -46.37
N ALA C 65 57.19 -0.55 -46.39
CA ALA C 65 57.63 0.44 -47.38
C ALA C 65 58.03 1.73 -46.66
N ARG C 66 58.95 2.47 -47.27
CA ARG C 66 59.54 3.64 -46.68
C ARG C 66 59.63 4.77 -47.71
N ILE C 67 59.43 6.01 -47.27
CA ILE C 67 59.68 7.20 -48.10
C ILE C 67 60.48 8.21 -47.29
N VAL C 68 61.62 8.65 -47.85
CA VAL C 68 62.49 9.65 -47.22
C VAL C 68 62.43 10.92 -48.06
N ASN C 69 62.28 12.05 -47.38
CA ASN C 69 62.47 13.34 -48.01
C ASN C 69 63.34 14.20 -47.11
N GLY C 70 64.64 14.16 -47.35
CA GLY C 70 65.60 14.93 -46.56
C GLY C 70 65.58 14.45 -45.11
N ASN C 71 65.29 15.37 -44.19
CA ASN C 71 65.37 15.11 -42.77
C ASN C 71 64.17 14.38 -42.16
N ILE C 72 63.16 14.03 -42.96
CA ILE C 72 62.05 13.22 -42.50
C ILE C 72 61.88 11.95 -43.34
N SER C 73 61.50 10.87 -42.67
CA SER C 73 61.10 9.65 -43.36
C SER C 73 59.84 9.08 -42.71
N ALA C 74 59.04 8.41 -43.52
CA ALA C 74 57.83 7.72 -43.08
C ALA C 74 58.00 6.25 -43.39
N VAL C 75 57.70 5.40 -42.41
CA VAL C 75 57.68 3.94 -42.58
C VAL C 75 56.26 3.46 -42.39
N VAL C 76 55.78 2.67 -43.35
CA VAL C 76 54.48 2.00 -43.27
C VAL C 76 54.74 0.50 -43.30
N ASN C 77 54.33 -0.21 -42.23
CA ASN C 77 54.49 -1.66 -42.15
C ASN C 77 53.43 -2.39 -42.96
N GLY C 78 53.50 -3.72 -43.00
CA GLY C 78 52.52 -4.54 -43.72
C GLY C 78 51.07 -4.46 -43.26
N ARG C 79 50.86 -3.98 -42.03
CA ARG C 79 49.52 -3.73 -41.50
C ARG C 79 49.02 -2.28 -41.71
N GLY C 80 49.73 -1.50 -42.52
CA GLY C 80 49.32 -0.15 -42.87
C GLY C 80 49.52 0.87 -41.75
N GLN C 81 50.41 0.56 -40.82
CA GLN C 81 50.63 1.39 -39.63
C GLN C 81 51.88 2.23 -39.85
N LEU C 82 51.77 3.50 -39.50
CA LEU C 82 52.70 4.54 -39.96
C LEU C 82 53.43 5.14 -38.78
N SER C 83 54.74 5.35 -38.96
CA SER C 83 55.54 6.14 -38.02
C SER C 83 56.58 6.98 -38.77
N PHE C 84 57.04 8.05 -38.12
CA PHE C 84 57.95 9.04 -38.72
C PHE C 84 59.24 9.14 -37.94
N TYR C 85 60.34 9.34 -38.68
CA TYR C 85 61.67 9.42 -38.09
C TYR C 85 62.45 10.58 -38.72
N ASN C 86 63.40 11.14 -37.98
CA ASN C 86 64.31 12.14 -38.53
C ASN C 86 65.58 11.49 -39.15
N GLN C 87 66.48 12.32 -39.67
CA GLN C 87 67.69 11.84 -40.37
C GLN C 87 68.67 11.07 -39.50
N ASN C 88 68.57 11.24 -38.18
CA ASN C 88 69.35 10.47 -37.23
C ASN C 88 68.69 9.15 -36.84
N GLY C 89 67.51 8.86 -37.41
CA GLY C 89 66.77 7.64 -37.10
C GLY C 89 65.90 7.70 -35.85
N LYS C 90 65.82 8.87 -35.20
CA LYS C 90 65.04 9.04 -33.97
C LYS C 90 63.54 9.08 -34.28
N LEU C 91 62.74 8.51 -33.39
CA LEU C 91 61.28 8.54 -33.56
C LEU C 91 60.78 9.97 -33.36
N LEU C 92 60.04 10.46 -34.35
CA LEU C 92 59.34 11.74 -34.24
C LEU C 92 57.90 11.55 -33.77
N LEU C 93 57.19 10.65 -34.44
CA LEU C 93 55.75 10.50 -34.28
C LEU C 93 55.33 9.12 -34.77
N GLU C 94 54.50 8.42 -34.00
CA GLU C 94 53.97 7.13 -34.41
C GLU C 94 52.47 7.08 -34.22
N GLU C 95 51.80 6.41 -35.14
CA GLU C 95 50.36 6.20 -35.04
C GLU C 95 49.99 5.37 -33.81
N TYR C 96 48.76 5.56 -33.36
CA TYR C 96 48.18 4.87 -32.22
C TYR C 96 47.18 3.84 -32.74
N TRP C 97 47.52 2.57 -32.58
CA TRP C 97 46.67 1.45 -32.94
C TRP C 97 46.48 0.60 -31.69
N ARG C 98 45.26 0.14 -31.46
CA ARG C 98 44.94 -0.77 -30.36
C ARG C 98 43.91 -1.75 -30.89
N THR C 99 44.39 -2.80 -31.56
CA THR C 99 43.52 -3.81 -32.18
C THR C 99 44.15 -5.20 -32.04
N ARG C 100 43.34 -6.23 -32.24
CA ARG C 100 43.81 -7.61 -32.37
C ARG C 100 43.87 -8.06 -33.82
N PHE C 101 43.23 -7.30 -34.72
CA PHE C 101 43.14 -7.66 -36.12
C PHE C 101 43.09 -6.37 -36.93
N VAL C 102 43.96 -6.28 -37.93
CA VAL C 102 44.13 -5.05 -38.71
C VAL C 102 44.67 -5.39 -40.09
N ALA C 103 44.11 -4.76 -41.11
CA ALA C 103 44.53 -4.96 -42.50
C ALA C 103 44.48 -6.43 -42.91
N GLY C 104 43.43 -7.11 -42.46
CA GLY C 104 43.24 -8.54 -42.72
C GLY C 104 44.21 -9.48 -42.03
N GLN C 105 44.94 -8.99 -41.03
CA GLN C 105 46.01 -9.75 -40.38
C GLN C 105 45.85 -9.67 -38.86
N GLY C 106 46.28 -10.72 -38.16
CA GLY C 106 46.36 -10.67 -36.70
C GLY C 106 47.42 -9.66 -36.29
N GLU C 107 47.17 -8.94 -35.19
CA GLU C 107 48.15 -7.99 -34.67
C GLU C 107 49.23 -8.78 -33.93
N ASP C 108 50.43 -8.20 -33.88
CA ASP C 108 51.58 -8.74 -33.17
C ASP C 108 51.36 -8.62 -31.65
N THR C 109 51.25 -9.76 -30.96
CA THR C 109 51.06 -9.78 -29.51
C THR C 109 52.21 -9.22 -28.67
N SER C 110 53.41 -9.11 -29.23
CA SER C 110 54.54 -8.48 -28.53
C SER C 110 54.54 -6.93 -28.57
N SER C 111 53.59 -6.34 -29.30
CA SER C 111 53.52 -4.89 -29.49
C SER C 111 52.41 -4.28 -28.63
N LYS C 112 52.64 -3.07 -28.14
CA LYS C 112 51.59 -2.25 -27.49
C LYS C 112 50.39 -1.98 -28.40
N TYR C 113 50.54 -2.21 -29.71
CA TYR C 113 49.42 -2.17 -30.62
C TYR C 113 48.38 -3.28 -30.40
N PHE C 114 48.74 -4.38 -29.74
CA PHE C 114 47.80 -5.48 -29.50
C PHE C 114 46.85 -5.18 -28.37
N SER C 115 45.56 -5.08 -28.70
CA SER C 115 44.55 -4.77 -27.69
C SER C 115 43.15 -5.09 -28.22
N PRO C 116 42.28 -5.69 -27.35
CA PRO C 116 40.87 -5.90 -27.77
C PRO C 116 40.03 -4.63 -27.92
N LEU C 117 40.53 -3.47 -27.51
CA LEU C 117 39.75 -2.24 -27.48
C LEU C 117 39.26 -1.81 -28.87
N THR C 118 40.09 -2.05 -29.88
CA THR C 118 39.76 -1.79 -31.29
C THR C 118 39.68 -0.29 -31.61
N HIS C 119 40.80 0.40 -31.42
CA HIS C 119 40.98 1.78 -31.87
C HIS C 119 41.94 1.79 -33.06
N GLU C 120 41.51 2.43 -34.15
CA GLU C 120 42.37 2.63 -35.32
C GLU C 120 43.01 4.01 -35.28
N ALA C 121 44.18 4.12 -35.91
CA ALA C 121 44.90 5.39 -36.00
C ALA C 121 44.25 6.33 -36.98
N ARG C 122 43.64 5.77 -38.02
CA ARG C 122 42.99 6.55 -39.07
C ARG C 122 41.54 6.08 -39.18
N GLU C 123 40.71 6.61 -38.29
CA GLU C 123 39.30 6.23 -38.19
C GLU C 123 38.47 7.16 -39.07
N LEU C 124 38.00 6.61 -40.19
CA LEU C 124 37.05 7.28 -41.05
C LEU C 124 35.69 6.64 -40.84
N LYS C 125 34.93 7.21 -39.91
CA LYS C 125 33.66 6.62 -39.46
C LYS C 125 32.54 7.18 -40.32
N PRO C 126 31.86 6.31 -41.11
CA PRO C 126 30.82 6.84 -42.00
C PRO C 126 29.64 7.46 -41.26
N ILE C 127 29.23 8.63 -41.71
CA ILE C 127 28.02 9.29 -41.23
C ILE C 127 26.91 8.79 -42.14
N GLN C 128 25.81 8.33 -41.55
CA GLN C 128 24.73 7.72 -42.32
C GLN C 128 24.11 8.76 -43.26
N GLY C 129 24.03 8.39 -44.54
CA GLY C 129 23.58 9.29 -45.60
C GLY C 129 24.57 10.33 -46.06
N GLY C 130 25.76 10.40 -45.45
CA GLY C 130 26.67 11.53 -45.63
C GLY C 130 28.13 11.16 -45.80
N LYS C 131 29.00 11.95 -45.18
CA LYS C 131 30.44 11.83 -45.38
C LYS C 131 31.04 11.06 -44.19
N PHE C 132 32.13 11.54 -43.59
CA PHE C 132 32.85 10.80 -42.55
C PHE C 132 33.20 11.67 -41.35
N GLU C 133 33.14 11.04 -40.19
CA GLU C 133 33.62 11.59 -38.94
C GLU C 133 35.04 11.02 -38.78
N LEU C 134 36.04 11.89 -38.70
CA LEU C 134 37.44 11.48 -38.73
C LEU C 134 38.11 11.62 -37.37
N ARG C 135 38.81 10.58 -36.94
CA ARG C 135 39.74 10.66 -35.82
C ARG C 135 41.09 10.11 -36.22
N ALA C 136 42.12 10.93 -36.09
CA ALA C 136 43.50 10.53 -36.35
C ALA C 136 44.21 10.46 -35.01
N ARG C 137 44.66 9.28 -34.64
CA ARG C 137 45.25 9.05 -33.33
C ARG C 137 46.75 8.76 -33.44
N PHE C 138 47.51 9.38 -32.54
CA PHE C 138 48.95 9.22 -32.43
C PHE C 138 49.33 8.92 -30.99
N GLU C 139 50.39 8.15 -30.80
CA GLU C 139 50.89 7.85 -29.45
C GLU C 139 51.39 9.14 -28.81
N SER C 140 51.09 9.31 -27.53
CA SER C 140 51.70 10.37 -26.74
C SER C 140 53.14 9.99 -26.44
N GLN C 141 53.95 10.98 -26.06
CA GLN C 141 55.30 10.73 -25.59
C GLN C 141 55.49 11.50 -24.29
N PRO C 142 56.12 10.87 -23.27
CA PRO C 142 56.24 11.48 -21.94
C PRO C 142 57.04 12.79 -21.91
N ASP C 143 57.99 12.93 -22.83
CA ASP C 143 58.87 14.10 -22.89
C ASP C 143 58.47 15.15 -23.94
N GLU C 144 57.30 15.00 -24.56
CA GLU C 144 56.91 15.85 -25.68
C GLU C 144 56.25 17.14 -25.19
N ARG C 145 56.78 18.28 -25.61
CA ARG C 145 56.19 19.58 -25.37
C ARG C 145 55.69 20.12 -26.72
N ILE C 146 54.52 20.76 -26.70
CA ILE C 146 53.77 21.08 -27.92
C ILE C 146 53.33 22.54 -27.90
N TYR C 147 53.51 23.21 -29.04
CA TYR C 147 53.25 24.65 -29.16
C TYR C 147 52.52 24.94 -30.46
N GLY C 148 51.97 26.14 -30.55
CA GLY C 148 51.24 26.59 -31.72
C GLY C 148 49.73 26.46 -31.55
N LEU C 149 49.08 25.97 -32.60
CA LEU C 149 47.62 25.73 -32.67
C LEU C 149 46.76 26.98 -32.84
N GLY C 150 47.33 28.17 -32.63
CA GLY C 150 46.64 29.42 -32.85
C GLY C 150 46.53 30.23 -31.56
N GLN C 151 45.32 30.73 -31.30
CA GLN C 151 45.07 31.67 -30.21
C GLN C 151 43.97 31.14 -29.30
N TYR C 152 44.35 30.68 -28.11
CA TYR C 152 43.41 30.13 -27.14
C TYR C 152 43.52 30.89 -25.82
N GLN C 153 42.37 31.11 -25.19
CA GLN C 153 42.30 31.94 -23.99
C GLN C 153 42.59 31.09 -22.77
N GLN C 154 43.87 30.78 -22.59
CA GLN C 154 44.30 29.86 -21.55
C GLN C 154 45.76 30.14 -21.16
N PRO C 155 46.10 29.94 -19.88
CA PRO C 155 47.44 30.25 -19.37
C PRO C 155 48.46 29.10 -19.58
N PHE C 156 48.61 28.66 -20.82
CA PHE C 156 49.53 27.57 -21.17
C PHE C 156 50.23 27.89 -22.47
N LEU C 157 51.57 27.95 -22.44
CA LEU C 157 52.36 28.05 -23.68
C LEU C 157 52.53 26.64 -24.24
N ASN C 158 53.18 25.78 -23.47
CA ASN C 158 53.22 24.34 -23.74
C ASN C 158 51.79 23.82 -23.54
N VAL C 159 51.21 23.30 -24.62
CA VAL C 159 49.83 22.77 -24.60
C VAL C 159 49.74 21.23 -24.54
N LYS C 160 50.85 20.54 -24.25
CA LYS C 160 50.80 19.11 -23.93
C LYS C 160 49.93 18.92 -22.68
N GLY C 161 48.91 18.07 -22.78
CA GLY C 161 47.92 17.89 -21.72
C GLY C 161 46.63 18.69 -21.91
N CYS C 162 46.63 19.64 -22.84
CA CYS C 162 45.46 20.48 -23.11
C CYS C 162 44.69 19.94 -24.29
N THR C 163 43.41 20.28 -24.31
CA THR C 163 42.53 19.98 -25.43
C THR C 163 41.99 21.31 -25.98
N MET C 164 42.15 21.48 -27.30
CA MET C 164 41.78 22.71 -28.00
C MET C 164 40.67 22.42 -28.99
N GLU C 165 39.60 23.20 -28.92
CA GLU C 165 38.50 23.11 -29.88
C GLU C 165 38.95 23.67 -31.22
N LEU C 166 38.71 22.92 -32.30
CA LEU C 166 38.98 23.37 -33.66
C LEU C 166 37.71 24.05 -34.19
N ALA C 167 37.53 25.29 -33.73
CA ALA C 167 36.40 26.12 -34.10
C ALA C 167 36.79 27.58 -33.92
N GLN C 168 36.07 28.48 -34.59
CA GLN C 168 36.32 29.92 -34.49
C GLN C 168 35.22 30.60 -33.64
N ARG C 169 35.63 31.26 -32.55
CA ARG C 169 34.76 32.06 -31.69
C ARG C 169 35.49 33.35 -31.36
N ASN C 170 34.71 34.36 -30.97
CA ASN C 170 35.27 35.66 -30.57
C ASN C 170 36.29 35.46 -29.44
N SER C 171 37.54 35.81 -29.73
CA SER C 171 38.73 35.73 -28.84
C SER C 171 39.53 34.43 -29.00
N GLN C 172 39.08 33.58 -29.93
CA GLN C 172 39.75 32.32 -30.24
C GLN C 172 40.02 32.27 -31.74
N ALA C 173 41.18 31.72 -32.11
CA ALA C 173 41.50 31.46 -33.51
C ALA C 173 42.17 30.11 -33.61
N SER C 174 41.55 29.18 -34.33
CA SER C 174 42.16 27.89 -34.64
C SER C 174 43.04 28.02 -35.89
N VAL C 175 44.35 27.92 -35.68
CA VAL C 175 45.35 27.92 -36.76
C VAL C 175 46.15 26.63 -36.50
N PRO C 176 45.69 25.50 -37.07
CA PRO C 176 46.12 24.19 -36.55
C PRO C 176 47.47 23.67 -37.06
N PHE C 177 48.51 24.49 -36.91
CA PHE C 177 49.90 24.06 -37.04
C PHE C 177 50.49 23.94 -35.63
N MET C 178 51.10 22.80 -35.36
CA MET C 178 51.75 22.55 -34.07
C MET C 178 53.24 22.30 -34.27
N MET C 179 54.02 22.65 -33.25
CA MET C 179 55.45 22.40 -33.22
C MET C 179 55.76 21.60 -31.98
N SER C 180 56.48 20.50 -32.16
CA SER C 180 56.84 19.61 -31.08
C SER C 180 58.31 19.78 -30.74
N SER C 181 58.61 19.68 -29.44
CA SER C 181 59.98 19.66 -28.94
C SER C 181 60.78 18.42 -29.36
N LEU C 182 60.09 17.38 -29.85
CA LEU C 182 60.76 16.19 -30.41
C LEU C 182 61.40 16.41 -31.79
N GLY C 183 61.15 17.57 -32.42
CA GLY C 183 61.83 17.94 -33.67
C GLY C 183 61.01 17.85 -34.93
N TYR C 184 59.69 17.99 -34.81
CA TYR C 184 58.79 18.05 -35.95
C TYR C 184 57.71 19.10 -35.77
N GLY C 185 57.09 19.48 -36.89
CA GLY C 185 55.90 20.31 -36.91
C GLY C 185 54.84 19.61 -37.73
N MET C 186 53.57 19.88 -37.45
CA MET C 186 52.47 19.23 -38.15
C MET C 186 51.30 20.18 -38.36
N LEU C 187 50.83 20.27 -39.60
CA LEU C 187 49.62 21.01 -39.97
C LEU C 187 48.46 20.05 -40.19
N TRP C 188 47.37 20.26 -39.46
CA TRP C 188 46.12 19.55 -39.71
C TRP C 188 45.43 20.31 -40.84
N ASN C 189 45.59 19.82 -42.07
CA ASN C 189 45.14 20.55 -43.25
C ASN C 189 43.68 20.22 -43.53
N ASN C 190 42.81 20.64 -42.63
CA ASN C 190 41.41 20.25 -42.67
C ASN C 190 40.62 21.28 -41.88
N PRO C 191 39.74 22.04 -42.56
CA PRO C 191 39.00 23.13 -41.93
C PRO C 191 37.74 22.69 -41.16
N ALA C 192 37.54 21.40 -40.94
CA ALA C 192 36.31 20.93 -40.30
C ALA C 192 36.26 21.34 -38.83
N ILE C 193 35.06 21.57 -38.32
CA ILE C 193 34.84 21.75 -36.88
C ILE C 193 35.29 20.46 -36.21
N GLY C 194 35.98 20.59 -35.09
CA GLY C 194 36.39 19.43 -34.33
C GLY C 194 37.22 19.77 -33.12
N GLU C 195 38.26 18.98 -32.88
CA GLU C 195 39.06 19.11 -31.67
C GLU C 195 40.43 18.47 -31.84
N VAL C 196 41.42 19.02 -31.14
CA VAL C 196 42.71 18.36 -30.98
C VAL C 196 42.99 18.18 -29.48
N SER C 197 43.14 16.93 -29.06
N SER C 197 43.18 16.92 -29.09
CA SER C 197 43.44 16.62 -27.66
CA SER C 197 43.45 16.55 -27.70
C SER C 197 44.84 16.03 -27.55
C SER C 197 44.87 16.02 -27.59
N PHE C 198 45.75 16.76 -26.92
CA PHE C 198 47.12 16.30 -26.64
C PHE C 198 47.14 15.72 -25.23
N ALA C 199 46.34 14.68 -25.02
CA ALA C 199 46.18 14.09 -23.70
C ALA C 199 47.42 13.26 -23.41
N ASN C 200 47.70 13.09 -22.13
CA ASN C 200 48.89 12.35 -21.70
C ASN C 200 48.88 10.91 -22.21
N ASN C 201 47.68 10.32 -22.38
CA ASN C 201 47.52 8.93 -22.79
C ASN C 201 47.42 8.68 -24.30
N VAL C 202 47.08 9.69 -25.09
CA VAL C 202 46.98 9.56 -26.55
C VAL C 202 46.72 10.94 -27.16
N THR C 203 47.25 11.18 -28.35
CA THR C 203 46.97 12.38 -29.12
C THR C 203 45.86 12.07 -30.13
N THR C 204 44.78 12.84 -30.13
CA THR C 204 43.65 12.63 -31.05
C THR C 204 43.27 13.93 -31.75
N TRP C 205 43.34 13.92 -33.08
CA TRP C 205 42.76 14.98 -33.91
C TRP C 205 41.41 14.49 -34.42
N MET C 206 40.40 15.36 -34.36
CA MET C 206 39.05 15.00 -34.78
C MET C 206 38.46 16.04 -35.73
N ALA C 207 37.75 15.54 -36.74
CA ALA C 207 36.95 16.33 -37.67
C ALA C 207 35.52 15.78 -37.67
N ARG C 208 34.55 16.65 -37.37
CA ARG C 208 33.14 16.25 -37.26
C ARG C 208 32.57 15.71 -38.57
N VAL C 209 32.88 16.40 -39.67
CA VAL C 209 32.47 16.00 -41.02
C VAL C 209 33.63 16.28 -41.98
N THR C 210 34.06 15.26 -42.72
CA THR C 210 35.10 15.45 -43.72
C THR C 210 35.08 14.34 -44.76
N GLU C 211 35.71 14.61 -45.90
CA GLU C 211 35.84 13.63 -46.97
C GLU C 211 37.06 12.74 -46.79
N GLN C 212 38.11 13.26 -46.18
CA GLN C 212 39.39 12.56 -46.11
C GLN C 212 40.34 13.13 -45.06
N LEU C 213 41.28 12.29 -44.64
N LEU C 213 41.29 12.29 -44.65
CA LEU C 213 42.37 12.70 -43.77
CA LEU C 213 42.37 12.69 -43.79
C LEU C 213 43.41 13.43 -44.62
C LEU C 213 43.42 13.42 -44.62
N ASP C 214 43.94 14.53 -44.08
CA ASP C 214 44.95 15.33 -44.77
C ASP C 214 45.77 16.06 -43.70
N TYR C 215 47.08 15.77 -43.67
CA TYR C 215 48.01 16.53 -42.86
C TYR C 215 49.39 16.63 -43.50
N TRP C 216 50.16 17.58 -42.98
CA TRP C 216 51.48 17.92 -43.50
C TRP C 216 52.42 17.91 -42.32
N ILE C 217 53.54 17.22 -42.47
CA ILE C 217 54.48 17.03 -41.37
C ILE C 217 55.88 17.37 -41.86
N THR C 218 56.64 18.05 -41.00
CA THR C 218 57.95 18.56 -41.36
C THR C 218 58.93 18.29 -40.22
N ALA C 219 60.20 18.09 -40.58
CA ALA C 219 61.24 17.76 -39.60
C ALA C 219 62.47 18.64 -39.78
N ALA C 220 63.01 19.13 -38.66
CA ALA C 220 64.28 19.86 -38.67
C ALA C 220 64.91 19.88 -37.28
N ASP C 221 66.20 20.16 -37.23
CA ASP C 221 66.95 20.19 -35.98
C ASP C 221 66.67 21.41 -35.11
N THR C 222 66.05 22.46 -35.67
CA THR C 222 65.69 23.65 -34.89
C THR C 222 64.27 24.15 -35.20
N PRO C 223 63.63 24.81 -34.21
CA PRO C 223 62.37 25.51 -34.42
C PRO C 223 62.38 26.48 -35.59
N ALA C 224 63.45 27.25 -35.74
CA ALA C 224 63.54 28.23 -36.84
C ALA C 224 63.37 27.59 -38.20
N GLU C 225 64.01 26.44 -38.41
CA GLU C 225 63.85 25.70 -39.67
C GLU C 225 62.43 25.17 -39.85
N ILE C 226 61.81 24.70 -38.77
CA ILE C 226 60.42 24.24 -38.81
C ILE C 226 59.50 25.38 -39.24
N SER C 227 59.65 26.54 -38.60
CA SER C 227 58.86 27.73 -38.95
C SER C 227 59.06 28.13 -40.41
N GLN C 228 60.30 28.05 -40.89
CA GLN C 228 60.61 28.36 -42.29
C GLN C 228 59.93 27.37 -43.25
N GLN C 229 60.01 26.08 -42.91
CA GLN C 229 59.42 25.05 -43.75
C GLN C 229 57.89 25.18 -43.80
N TYR C 230 57.29 25.54 -42.66
CA TYR C 230 55.86 25.79 -42.59
C TYR C 230 55.41 26.99 -43.42
N ALA C 231 56.18 28.09 -43.36
CA ALA C 231 55.90 29.28 -44.15
C ALA C 231 56.02 29.01 -45.66
N ALA C 232 56.97 28.17 -46.07
CA ALA C 232 57.04 27.72 -47.48
C ALA C 232 55.82 26.86 -47.86
N ALA C 233 55.27 26.10 -46.90
CA ALA C 233 54.10 25.26 -47.16
C ALA C 233 52.79 26.03 -47.32
N THR C 234 52.60 27.06 -46.49
CA THR C 234 51.31 27.78 -46.42
C THR C 234 51.35 29.25 -46.83
N GLY C 235 52.55 29.82 -47.02
CA GLY C 235 52.70 31.18 -47.56
C GLY C 235 53.42 32.09 -46.58
N ALA C 236 54.25 32.96 -47.13
CA ALA C 236 55.02 33.94 -46.34
C ALA C 236 54.12 35.10 -45.95
N ALA C 237 54.32 35.65 -44.75
CA ALA C 237 53.78 36.97 -44.46
C ALA C 237 54.37 37.93 -45.49
N PRO C 238 53.58 38.90 -45.99
CA PRO C 238 54.22 39.90 -46.86
C PRO C 238 55.06 40.85 -46.02
N MET C 239 55.64 41.85 -46.67
CA MET C 239 56.34 42.91 -45.98
C MET C 239 55.35 43.82 -45.28
N LEU C 240 55.61 44.14 -44.02
CA LEU C 240 54.75 45.05 -43.26
C LEU C 240 55.00 46.47 -43.75
N PRO C 241 53.93 47.24 -44.03
CA PRO C 241 54.16 48.64 -44.36
C PRO C 241 54.65 49.41 -43.12
N ASP C 242 55.56 50.36 -43.37
CA ASP C 242 56.17 51.21 -42.35
C ASP C 242 55.23 51.75 -41.31
N TYR C 243 54.11 52.32 -41.78
CA TYR C 243 53.14 52.96 -40.89
C TYR C 243 52.57 52.03 -39.83
N ALA C 244 52.50 50.73 -40.13
CA ALA C 244 51.99 49.74 -39.17
C ALA C 244 52.85 49.54 -37.92
N ALA C 245 54.13 49.94 -37.98
CA ALA C 245 55.05 49.83 -36.83
C ALA C 245 54.92 50.98 -35.81
N GLY C 246 54.15 52.01 -36.12
CA GLY C 246 53.91 53.13 -35.21
C GLY C 246 52.75 52.85 -34.28
N PHE C 247 52.23 53.91 -33.68
CA PHE C 247 51.14 53.82 -32.70
C PHE C 247 49.79 53.83 -33.41
N TRP C 248 48.91 52.92 -33.00
CA TRP C 248 47.54 52.82 -33.50
C TRP C 248 46.62 53.28 -32.37
N GLN C 249 45.87 54.37 -32.60
CA GLN C 249 44.95 54.90 -31.59
C GLN C 249 43.51 54.52 -31.95
N CYS C 250 42.81 53.92 -30.98
CA CYS C 250 41.44 53.47 -31.18
C CYS C 250 40.67 53.44 -29.86
N LYS C 251 39.36 53.51 -29.97
CA LYS C 251 38.46 53.20 -28.86
C LYS C 251 37.12 52.77 -29.44
N LEU C 252 36.31 52.15 -28.59
CA LEU C 252 34.88 51.96 -28.87
C LEU C 252 34.14 53.13 -28.20
N ARG C 253 33.71 54.15 -28.94
CA ARG C 253 33.99 54.39 -30.35
C ARG C 253 33.95 55.89 -30.60
N TYR C 254 34.73 56.36 -31.58
CA TYR C 254 34.59 57.74 -32.05
C TYR C 254 33.32 57.78 -32.90
N ARG C 255 32.29 58.43 -32.36
CA ARG C 255 30.94 58.42 -32.92
C ARG C 255 30.75 59.39 -34.08
N THR C 256 31.62 60.37 -34.20
CA THR C 256 31.51 61.38 -35.26
C THR C 256 32.87 61.71 -35.83
N GLN C 257 32.86 62.24 -37.04
CA GLN C 257 34.06 62.77 -37.68
C GLN C 257 34.77 63.80 -36.82
N ASP C 258 33.99 64.71 -36.22
CA ASP C 258 34.56 65.74 -35.36
C ASP C 258 35.23 65.15 -34.11
N GLU C 259 34.59 64.15 -33.48
CA GLU C 259 35.19 63.50 -32.30
C GLU C 259 36.53 62.84 -32.64
N LEU C 260 36.56 62.07 -33.73
CA LEU C 260 37.79 61.41 -34.18
C LEU C 260 38.87 62.44 -34.49
N MET C 261 38.52 63.45 -35.28
CA MET C 261 39.48 64.50 -35.66
C MET C 261 40.03 65.29 -34.47
N GLU C 262 39.20 65.53 -33.45
CA GLU C 262 39.68 66.21 -32.23
C GLU C 262 40.75 65.41 -31.47
N VAL C 263 40.63 64.08 -31.46
CA VAL C 263 41.67 63.23 -30.87
C VAL C 263 42.97 63.34 -31.67
N ALA C 264 42.88 63.19 -32.99
CA ALA C 264 44.07 63.26 -33.84
C ALA C 264 44.76 64.62 -33.68
N ARG C 265 43.97 65.70 -33.70
CA ARG C 265 44.48 67.05 -33.51
C ARG C 265 45.14 67.24 -32.14
N GLU C 266 44.62 66.59 -31.11
CA GLU C 266 45.24 66.67 -29.78
C GLU C 266 46.59 65.95 -29.73
N TYR C 267 46.68 64.79 -30.41
CA TYR C 267 47.98 64.09 -30.54
C TYR C 267 49.01 64.97 -31.22
N LYS C 268 48.63 65.61 -32.33
CA LYS C 268 49.55 66.51 -33.06
C LYS C 268 49.86 67.77 -32.27
N ARG C 269 48.87 68.35 -31.60
CA ARG C 269 49.07 69.53 -30.75
C ARG C 269 50.16 69.31 -29.70
N ARG C 270 50.24 68.09 -29.17
CA ARG C 270 51.23 67.72 -28.16
C ARG C 270 52.50 67.05 -28.71
N SER C 271 52.67 67.06 -30.04
CA SER C 271 53.81 66.43 -30.72
C SER C 271 54.04 64.98 -30.27
N LEU C 272 52.95 64.23 -30.09
CA LEU C 272 53.02 62.82 -29.71
C LEU C 272 53.04 61.97 -30.97
N PRO C 273 53.73 60.81 -30.93
CA PRO C 273 53.62 59.89 -32.06
C PRO C 273 52.20 59.35 -32.24
N ILE C 274 51.78 59.24 -33.50
CA ILE C 274 50.53 58.59 -33.86
C ILE C 274 50.59 58.26 -35.36
N SER C 275 50.43 56.99 -35.69
CA SER C 275 50.53 56.52 -37.07
C SER C 275 49.19 56.15 -37.68
N VAL C 276 48.33 55.52 -36.88
CA VAL C 276 47.02 55.09 -37.33
C VAL C 276 45.98 55.55 -36.31
N ILE C 277 44.85 56.06 -36.82
CA ILE C 277 43.66 56.33 -36.01
C ILE C 277 42.50 55.57 -36.63
N VAL C 278 41.52 55.20 -35.80
CA VAL C 278 40.52 54.20 -36.19
C VAL C 278 39.07 54.64 -35.92
N ALA C 279 38.22 54.50 -36.93
CA ALA C 279 36.77 54.62 -36.78
C ALA C 279 36.18 53.21 -36.57
N ASP C 280 35.75 52.95 -35.34
CA ASP C 280 35.14 51.68 -34.94
C ASP C 280 33.74 51.54 -35.55
N PHE C 281 33.10 50.42 -35.24
CA PHE C 281 31.81 50.03 -35.78
C PHE C 281 30.64 51.01 -35.61
N PHE C 282 29.62 50.79 -36.43
CA PHE C 282 28.36 51.54 -36.43
C PHE C 282 28.53 53.04 -36.69
N HIS C 283 29.51 53.32 -37.55
CA HIS C 283 29.67 54.62 -38.19
C HIS C 283 28.89 54.68 -39.50
N TRP C 284 28.10 53.64 -39.76
CA TRP C 284 27.42 53.41 -41.02
C TRP C 284 25.92 53.57 -40.80
N PRO C 285 25.14 53.83 -41.89
CA PRO C 285 23.68 53.92 -41.71
C PRO C 285 23.04 52.61 -41.27
N ASN C 286 23.44 51.51 -41.90
CA ASN C 286 22.97 50.17 -41.52
C ASN C 286 24.05 49.14 -41.85
N GLN C 287 23.95 47.98 -41.21
CA GLN C 287 24.87 46.87 -41.46
C GLN C 287 24.65 46.34 -42.87
N GLY C 288 25.71 46.29 -43.67
CA GLY C 288 25.64 45.91 -45.08
C GLY C 288 25.66 47.07 -46.07
N ASP C 289 25.67 48.31 -45.56
CA ASP C 289 25.84 49.48 -46.41
C ASP C 289 27.32 49.73 -46.72
N TRP C 290 28.20 49.42 -45.77
CA TRP C 290 29.65 49.60 -45.92
C TRP C 290 30.01 51.01 -46.42
N CYS C 291 29.49 52.00 -45.71
CA CYS C 291 29.80 53.41 -46.00
C CYS C 291 29.61 54.24 -44.75
N PHE C 292 30.17 55.44 -44.76
CA PHE C 292 29.98 56.40 -43.67
C PHE C 292 28.56 56.94 -43.67
N ASP C 293 27.96 57.06 -42.48
CA ASP C 293 26.68 57.77 -42.33
C ASP C 293 26.98 59.26 -42.30
N THR C 294 26.52 59.99 -43.31
CA THR C 294 26.87 61.42 -43.45
C THR C 294 26.29 62.34 -42.37
N ARG C 295 25.31 61.87 -41.62
CA ARG C 295 24.80 62.61 -40.45
C ARG C 295 25.86 62.80 -39.36
N GLU C 296 26.68 61.78 -39.11
CA GLU C 296 27.79 61.84 -38.14
C GLU C 296 29.16 62.04 -38.80
N TRP C 297 29.26 61.76 -40.10
CA TRP C 297 30.52 61.84 -40.85
C TRP C 297 30.26 62.65 -42.13
N PRO C 298 30.09 63.98 -42.01
CA PRO C 298 29.64 64.81 -43.13
C PRO C 298 30.55 64.82 -44.36
N ASP C 299 31.86 64.69 -44.18
CA ASP C 299 32.82 64.84 -45.27
C ASP C 299 34.03 63.93 -45.02
N PRO C 300 33.88 62.61 -45.32
CA PRO C 300 34.96 61.64 -45.08
C PRO C 300 36.26 61.97 -45.81
N LYS C 301 36.15 62.43 -47.05
CA LYS C 301 37.32 62.84 -47.83
C LYS C 301 38.13 63.93 -47.08
N ALA C 302 37.43 64.92 -46.52
CA ALA C 302 38.07 66.00 -45.76
C ALA C 302 38.78 65.50 -44.50
N MET C 303 38.20 64.49 -43.85
CA MET C 303 38.82 63.85 -42.69
C MET C 303 40.12 63.14 -43.08
N ILE C 304 40.06 62.37 -44.16
CA ILE C 304 41.20 61.59 -44.64
C ILE C 304 42.33 62.52 -45.10
N ASP C 305 41.97 63.62 -45.77
CA ASP C 305 42.96 64.61 -46.26
C ASP C 305 43.68 65.32 -45.11
N GLU C 306 42.93 65.77 -44.11
CA GLU C 306 43.55 66.37 -42.93
C GLU C 306 44.44 65.37 -42.17
N LEU C 307 43.97 64.13 -42.04
CA LEU C 307 44.78 63.07 -41.40
C LEU C 307 46.07 62.78 -42.18
N LYS C 308 45.98 62.80 -43.50
CA LYS C 308 47.14 62.64 -44.38
C LYS C 308 48.17 63.77 -44.20
N GLU C 309 47.69 65.01 -44.08
CA GLU C 309 48.55 66.16 -43.75
C GLU C 309 49.29 65.99 -42.42
N MET C 310 48.61 65.38 -41.46
CA MET C 310 49.17 65.07 -40.14
C MET C 310 50.09 63.83 -40.13
N GLY C 311 50.16 63.10 -41.25
CA GLY C 311 50.94 61.87 -41.33
C GLY C 311 50.27 60.67 -40.67
N ILE C 312 48.93 60.64 -40.69
CA ILE C 312 48.13 59.60 -40.02
C ILE C 312 47.29 58.87 -41.07
N GLU C 313 47.27 57.54 -40.99
CA GLU C 313 46.37 56.72 -41.80
C GLU C 313 45.08 56.43 -41.03
N LEU C 314 43.95 56.46 -41.73
CA LEU C 314 42.65 56.09 -41.14
C LEU C 314 42.36 54.61 -41.44
N MET C 315 42.01 53.85 -40.39
CA MET C 315 41.45 52.49 -40.55
C MET C 315 39.96 52.57 -40.21
N VAL C 316 39.14 51.82 -40.96
CA VAL C 316 37.70 51.80 -40.72
C VAL C 316 37.19 50.39 -40.41
N SER C 317 36.22 50.32 -39.51
CA SER C 317 35.54 49.06 -39.17
C SER C 317 34.76 48.52 -40.35
N ILE C 318 34.97 47.25 -40.64
CA ILE C 318 34.15 46.49 -41.56
C ILE C 318 33.49 45.38 -40.74
N TRP C 319 32.16 45.30 -40.85
CA TRP C 319 31.42 44.16 -40.32
C TRP C 319 30.94 43.33 -41.50
N PRO C 320 31.01 41.99 -41.38
CA PRO C 320 30.59 41.08 -42.44
C PRO C 320 29.08 40.83 -42.44
N THR C 321 28.36 41.51 -41.55
CA THR C 321 26.93 41.37 -41.39
C THR C 321 26.18 42.14 -42.47
N VAL C 322 25.02 41.61 -42.89
CA VAL C 322 24.14 42.31 -43.84
C VAL C 322 22.73 42.34 -43.27
N ASP C 323 22.27 43.53 -42.88
CA ASP C 323 20.93 43.69 -42.32
C ASP C 323 19.91 43.50 -43.44
N ASN C 324 18.82 42.80 -43.12
CA ASN C 324 17.86 42.38 -44.16
C ASN C 324 16.95 43.47 -44.73
N ARG C 325 17.06 44.69 -44.18
CA ARG C 325 16.37 45.87 -44.71
C ARG C 325 17.19 46.66 -45.75
N THR C 326 18.43 46.24 -46.00
CA THR C 326 19.34 47.00 -46.88
C THR C 326 19.21 46.60 -48.34
N GLU C 327 19.66 47.50 -49.21
CA GLU C 327 19.71 47.22 -50.65
C GLU C 327 20.71 46.08 -50.94
N ASN C 328 21.86 46.07 -50.26
CA ASN C 328 22.85 45.00 -50.46
C ASN C 328 22.35 43.62 -50.03
N TYR C 329 21.49 43.54 -49.01
CA TYR C 329 20.88 42.25 -48.66
C TYR C 329 20.10 41.69 -49.84
N LYS C 330 19.22 42.52 -50.40
CA LYS C 330 18.40 42.15 -51.57
C LYS C 330 19.24 41.56 -52.69
N ILE C 331 20.29 42.29 -53.08
CA ILE C 331 21.15 41.91 -54.20
C ILE C 331 22.03 40.69 -53.87
N MET C 332 22.57 40.66 -52.66
CA MET C 332 23.37 39.51 -52.23
C MET C 332 22.52 38.25 -52.08
N LYS C 333 21.27 38.42 -51.63
CA LYS C 333 20.31 37.30 -51.58
C LYS C 333 20.02 36.79 -53.00
N GLU C 334 19.76 37.69 -53.95
CA GLU C 334 19.56 37.29 -55.35
C GLU C 334 20.72 36.45 -55.89
N LYS C 335 21.94 36.90 -55.63
CA LYS C 335 23.15 36.25 -56.16
C LYS C 335 23.62 35.01 -55.38
N GLY C 336 23.06 34.77 -54.19
CA GLY C 336 23.44 33.64 -53.36
C GLY C 336 24.77 33.86 -52.66
N TYR C 337 25.02 35.11 -52.22
CA TYR C 337 26.30 35.51 -51.61
C TYR C 337 26.28 35.53 -50.08
N LEU C 338 25.21 35.02 -49.47
CA LEU C 338 25.05 35.02 -48.03
C LEU C 338 25.14 33.62 -47.44
N VAL C 339 25.58 33.57 -46.20
CA VAL C 339 25.56 32.34 -45.39
C VAL C 339 24.10 31.91 -45.21
N LYS C 340 23.86 30.61 -45.09
CA LYS C 340 22.51 30.08 -44.91
C LYS C 340 22.34 29.34 -43.58
N ALA C 341 21.22 29.59 -42.91
CA ALA C 341 20.80 28.78 -41.79
C ALA C 341 20.21 27.49 -42.34
N GLU C 342 20.57 26.35 -41.74
CA GLU C 342 20.07 25.05 -42.15
C GLU C 342 18.61 24.91 -41.73
N ARG C 343 18.32 25.36 -40.52
CA ARG C 343 16.97 25.33 -39.95
C ARG C 343 16.67 26.65 -39.26
N GLY C 344 15.38 26.96 -39.14
CA GLY C 344 14.90 28.11 -38.38
C GLY C 344 14.97 29.39 -39.16
N VAL C 345 14.75 30.50 -38.47
CA VAL C 345 14.72 31.81 -39.12
C VAL C 345 16.06 32.09 -39.83
N PRO C 346 16.01 32.65 -41.05
CA PRO C 346 17.22 32.87 -41.85
C PRO C 346 18.01 34.10 -41.38
N VAL C 347 18.48 34.02 -40.13
CA VAL C 347 19.19 35.10 -39.45
C VAL C 347 20.39 34.46 -38.73
N THR C 348 21.59 34.99 -38.95
CA THR C 348 22.79 34.46 -38.30
C THR C 348 23.27 35.28 -37.10
N MET C 349 22.84 36.54 -36.99
CA MET C 349 23.21 37.39 -35.85
C MET C 349 22.08 38.41 -35.60
N THR C 350 21.82 38.70 -34.33
CA THR C 350 20.76 39.65 -33.95
C THR C 350 21.27 40.93 -33.24
N PHE C 351 22.56 41.24 -33.39
CA PHE C 351 23.14 42.43 -32.78
C PHE C 351 22.76 43.71 -33.56
N LEU C 352 21.88 44.52 -32.95
CA LEU C 352 21.38 45.78 -33.50
C LEU C 352 20.63 45.68 -34.85
N GLY C 353 20.08 44.50 -35.14
CA GLY C 353 19.40 44.22 -36.40
C GLY C 353 19.43 42.74 -36.68
N ASN C 354 18.53 42.25 -37.54
CA ASN C 354 18.57 40.87 -38.00
C ASN C 354 19.48 40.82 -39.23
N THR C 355 20.68 40.27 -39.03
CA THR C 355 21.68 40.22 -40.08
C THR C 355 22.05 38.79 -40.49
N THR C 356 22.58 38.70 -41.70
CA THR C 356 23.13 37.49 -42.27
C THR C 356 24.56 37.80 -42.71
N PHE C 357 25.50 36.91 -42.40
CA PHE C 357 26.90 37.09 -42.79
C PHE C 357 27.07 36.88 -44.28
N PHE C 358 27.95 37.66 -44.90
CA PHE C 358 28.37 37.37 -46.27
C PHE C 358 29.19 36.10 -46.24
N ASP C 359 29.18 35.36 -47.34
CA ASP C 359 29.88 34.09 -47.38
C ASP C 359 31.31 34.28 -47.87
N ALA C 360 32.25 34.29 -46.94
CA ALA C 360 33.67 34.47 -47.25
C ALA C 360 34.32 33.30 -48.00
N THR C 361 33.64 32.14 -48.07
CA THR C 361 34.11 31.03 -48.90
C THR C 361 33.59 31.07 -50.35
N HIS C 362 32.69 32.01 -50.65
CA HIS C 362 32.14 32.17 -52.00
C HIS C 362 33.00 33.24 -52.70
N PRO C 363 33.72 32.88 -53.79
CA PRO C 363 34.54 33.87 -54.49
C PRO C 363 33.79 35.10 -55.01
N GLY C 364 32.54 34.90 -55.46
CA GLY C 364 31.65 36.00 -55.87
C GLY C 364 31.28 36.95 -54.73
N ALA C 365 30.97 36.40 -53.57
CA ALA C 365 30.65 37.21 -52.40
C ALA C 365 31.85 38.02 -51.91
N ARG C 366 33.03 37.41 -51.94
CA ARG C 366 34.27 38.11 -51.61
C ARG C 366 34.48 39.35 -52.48
N LYS C 367 34.32 39.16 -53.79
CA LYS C 367 34.47 40.25 -54.76
C LYS C 367 33.42 41.34 -54.54
N TYR C 368 32.17 40.94 -54.28
CA TYR C 368 31.08 41.88 -54.06
C TYR C 368 31.35 42.78 -52.85
N VAL C 369 31.68 42.17 -51.72
CA VAL C 369 31.94 42.92 -50.49
C VAL C 369 33.16 43.83 -50.67
N TRP C 370 34.24 43.29 -51.25
CA TRP C 370 35.42 44.12 -51.54
C TRP C 370 35.05 45.37 -52.37
N GLU C 371 34.28 45.16 -53.44
CA GLU C 371 33.96 46.27 -54.35
C GLU C 371 33.06 47.34 -53.70
N GLN C 372 32.24 46.93 -52.74
CA GLN C 372 31.52 47.90 -51.89
C GLN C 372 32.51 48.71 -51.06
N ALA C 373 33.43 48.04 -50.38
CA ALA C 373 34.45 48.72 -49.58
C ALA C 373 35.38 49.57 -50.43
N LYS C 374 35.67 49.11 -51.65
CA LYS C 374 36.49 49.90 -52.58
C LYS C 374 35.83 51.24 -52.90
N LYS C 375 34.56 51.17 -53.30
CA LYS C 375 33.79 52.32 -53.75
C LYS C 375 33.61 53.39 -52.66
N ASN C 376 33.30 52.93 -51.44
CA ASN C 376 32.92 53.82 -50.34
C ASN C 376 34.07 54.21 -49.41
N TYR C 377 35.16 53.44 -49.44
CA TYR C 377 36.29 53.68 -48.54
C TYR C 377 37.62 53.77 -49.28
N HIS C 378 38.00 52.71 -50.01
CA HIS C 378 39.34 52.65 -50.63
C HIS C 378 39.59 53.75 -51.66
N ASP C 379 38.57 54.05 -52.46
CA ASP C 379 38.64 55.15 -53.43
C ASP C 379 38.82 56.53 -52.79
N LEU C 380 38.46 56.68 -51.51
CA LEU C 380 38.72 57.92 -50.75
C LEU C 380 40.13 58.05 -50.15
N GLY C 381 40.93 56.98 -50.19
CA GLY C 381 42.26 56.96 -49.59
C GLY C 381 42.41 56.16 -48.30
N ILE C 382 41.38 55.40 -47.91
CA ILE C 382 41.51 54.46 -46.80
C ILE C 382 42.26 53.23 -47.31
N LYS C 383 43.33 52.84 -46.63
CA LYS C 383 44.12 51.69 -47.08
C LYS C 383 44.39 50.64 -45.99
N ILE C 384 43.66 50.73 -44.88
CA ILE C 384 43.69 49.73 -43.82
C ILE C 384 42.24 49.46 -43.45
N PHE C 385 41.86 48.18 -43.42
CA PHE C 385 40.52 47.78 -42.98
C PHE C 385 40.58 46.92 -41.73
N TRP C 386 39.61 47.16 -40.85
CA TRP C 386 39.44 46.45 -39.60
C TRP C 386 38.36 45.40 -39.87
N LEU C 387 38.81 44.20 -40.21
CA LEU C 387 37.93 43.10 -40.58
C LEU C 387 37.49 42.38 -39.33
N ASP C 388 36.48 42.97 -38.69
CA ASP C 388 35.99 42.56 -37.39
C ASP C 388 34.97 41.44 -37.59
N GLU C 389 34.64 40.73 -36.50
CA GLU C 389 33.64 39.64 -36.53
C GLU C 389 34.01 38.55 -37.53
N ALA C 390 35.29 38.21 -37.55
CA ALA C 390 35.87 37.42 -38.63
C ALA C 390 35.68 35.91 -38.51
N GLU C 391 34.98 35.45 -37.46
CA GLU C 391 34.87 34.02 -37.17
C GLU C 391 33.97 33.20 -38.12
N PRO C 392 32.72 33.62 -38.41
CA PRO C 392 32.06 34.84 -37.93
C PRO C 392 31.30 34.63 -36.62
N GLU C 393 30.98 35.74 -35.94
CA GLU C 393 30.41 35.66 -34.60
C GLU C 393 28.90 35.43 -34.63
N TYR C 394 28.52 34.18 -34.91
CA TYR C 394 27.12 33.77 -34.79
C TYR C 394 26.62 34.14 -33.40
N SER C 395 25.40 34.65 -33.32
CA SER C 395 24.76 34.91 -32.03
C SER C 395 24.71 33.65 -31.18
N VAL C 396 24.51 32.52 -31.84
CA VAL C 396 24.59 31.20 -31.22
C VAL C 396 25.53 30.33 -32.05
N TYR C 397 26.59 29.81 -31.41
CA TYR C 397 27.60 28.99 -32.09
C TYR C 397 27.13 27.54 -32.33
N ASP C 398 26.01 27.39 -33.04
CA ASP C 398 25.49 26.07 -33.42
C ASP C 398 25.98 25.80 -34.83
N PHE C 399 27.21 25.28 -34.92
CA PHE C 399 27.92 25.15 -36.19
C PHE C 399 27.20 24.26 -37.19
N GLU C 400 26.58 23.21 -36.65
CA GLU C 400 25.68 22.30 -37.39
C GLU C 400 24.49 22.98 -38.13
N ASN C 401 24.09 24.17 -37.68
CA ASN C 401 22.96 24.88 -38.26
C ASN C 401 23.32 25.87 -39.37
N TYR C 402 24.55 25.88 -39.86
CA TYR C 402 24.94 26.86 -40.89
C TYR C 402 25.70 26.23 -42.04
N ARG C 403 25.53 26.79 -43.23
CA ARG C 403 26.11 26.22 -44.45
C ARG C 403 26.71 27.32 -45.30
N TYR C 404 27.91 27.03 -45.83
CA TYR C 404 28.62 27.90 -46.73
C TYR C 404 28.64 27.34 -48.16
N HIS C 405 29.08 28.19 -49.08
CA HIS C 405 29.32 27.85 -50.49
C HIS C 405 30.13 26.55 -50.64
N LEU C 406 31.18 26.40 -49.84
CA LEU C 406 32.05 25.23 -49.89
C LEU C 406 31.54 24.02 -49.11
N GLY C 407 30.45 24.20 -48.37
CA GLY C 407 29.75 23.09 -47.75
C GLY C 407 29.29 23.46 -46.35
N PRO C 408 28.76 22.46 -45.61
CA PRO C 408 28.34 22.70 -44.22
C PRO C 408 29.48 23.25 -43.38
N VAL C 409 29.15 24.14 -42.45
CA VAL C 409 30.13 24.72 -41.53
C VAL C 409 30.89 23.64 -40.73
N LEU C 410 30.23 22.53 -40.39
CA LEU C 410 30.91 21.37 -39.80
C LEU C 410 32.09 20.87 -40.63
N GLU C 411 31.96 20.90 -41.95
CA GLU C 411 33.00 20.42 -42.86
C GLU C 411 34.06 21.46 -43.21
N VAL C 412 33.67 22.73 -43.37
CA VAL C 412 34.60 23.75 -43.90
C VAL C 412 34.72 25.04 -43.08
N GLY C 413 34.05 25.11 -41.94
CA GLY C 413 33.80 26.37 -41.26
C GLY C 413 35.01 27.20 -40.86
N ASN C 414 36.09 26.53 -40.50
CA ASN C 414 37.26 27.21 -39.94
C ASN C 414 38.03 28.09 -40.94
N ILE C 415 37.83 27.87 -42.24
CA ILE C 415 38.48 28.67 -43.29
C ILE C 415 37.82 30.06 -43.54
N TYR C 416 36.64 30.31 -42.95
CA TYR C 416 35.96 31.60 -43.10
C TYR C 416 36.87 32.85 -42.90
N PRO C 417 37.58 32.93 -41.76
CA PRO C 417 38.43 34.12 -41.55
C PRO C 417 39.55 34.32 -42.56
N ARG C 418 40.06 33.21 -43.11
CA ARG C 418 41.06 33.25 -44.19
C ARG C 418 40.46 33.86 -45.46
N GLY C 419 39.27 33.40 -45.84
CA GLY C 419 38.56 33.95 -46.98
C GLY C 419 38.20 35.42 -46.82
N TYR C 420 37.89 35.81 -45.58
CA TYR C 420 37.53 37.19 -45.27
C TYR C 420 38.74 38.12 -45.48
N ALA C 421 39.88 37.70 -44.95
CA ALA C 421 41.15 38.39 -45.19
C ALA C 421 41.55 38.41 -46.67
N GLN C 422 41.38 37.27 -47.35
CA GLN C 422 41.64 37.14 -48.78
C GLN C 422 40.83 38.12 -49.64
N ALA C 423 39.54 38.28 -49.32
CA ALA C 423 38.65 39.19 -50.06
C ALA C 423 39.26 40.58 -50.16
N PHE C 424 39.75 41.07 -49.02
CA PHE C 424 40.31 42.41 -48.95
C PHE C 424 41.74 42.48 -49.49
N TYR C 425 42.56 41.48 -49.18
CA TYR C 425 43.93 41.47 -49.68
C TYR C 425 43.98 41.38 -51.21
N GLU C 426 43.21 40.48 -51.80
CA GLU C 426 43.18 40.33 -53.27
C GLU C 426 42.59 41.58 -53.93
N GLY C 427 41.58 42.17 -53.29
CA GLY C 427 40.96 43.39 -53.79
C GLY C 427 41.90 44.58 -53.77
N MET C 428 42.59 44.75 -52.65
CA MET C 428 43.53 45.87 -52.49
C MET C 428 44.75 45.71 -53.40
N GLU C 429 45.21 44.47 -53.58
CA GLU C 429 46.32 44.19 -54.50
C GLU C 429 45.94 44.50 -55.95
N GLU C 430 44.74 44.09 -56.35
CA GLU C 430 44.23 44.38 -57.69
C GLU C 430 44.03 45.90 -57.93
N ALA C 431 43.69 46.64 -56.87
CA ALA C 431 43.62 48.11 -56.94
C ALA C 431 44.98 48.83 -56.93
N GLY C 432 46.08 48.09 -56.89
CA GLY C 432 47.42 48.68 -57.01
C GLY C 432 48.17 48.88 -55.70
N GLN C 433 47.58 48.52 -54.57
CA GLN C 433 48.25 48.67 -53.26
C GLN C 433 49.27 47.54 -53.04
N THR C 434 50.45 47.90 -52.52
CA THR C 434 51.48 46.93 -52.08
C THR C 434 51.68 47.02 -50.57
N GLU C 435 52.27 45.97 -49.99
CA GLU C 435 52.49 45.89 -48.54
C GLU C 435 51.19 46.07 -47.72
N ILE C 436 50.20 45.23 -48.01
CA ILE C 436 48.87 45.35 -47.41
C ILE C 436 48.86 44.81 -45.98
N VAL C 437 48.18 45.52 -45.08
CA VAL C 437 47.88 45.00 -43.73
C VAL C 437 46.44 45.36 -43.36
N ASN C 438 45.69 44.36 -42.89
CA ASN C 438 44.33 44.55 -42.38
C ASN C 438 44.26 43.92 -40.99
N LEU C 439 43.44 44.52 -40.12
CA LEU C 439 43.26 44.01 -38.76
C LEU C 439 42.14 42.96 -38.75
N LEU C 440 42.52 41.69 -38.60
CA LEU C 440 41.58 40.56 -38.59
C LEU C 440 41.33 40.10 -37.18
N ARG C 441 40.10 39.77 -36.81
CA ARG C 441 39.86 39.20 -35.47
C ARG C 441 40.13 37.71 -35.38
N CYS C 442 40.27 37.04 -36.52
CA CYS C 442 40.44 35.59 -36.52
C CYS C 442 41.25 35.17 -37.75
N ALA C 443 41.70 33.92 -37.76
CA ALA C 443 42.55 33.40 -38.82
C ALA C 443 42.44 31.89 -38.90
N TRP C 444 42.86 31.35 -40.04
CA TRP C 444 43.12 29.92 -40.21
C TRP C 444 44.55 29.78 -40.73
N ALA C 445 45.01 28.54 -40.93
CA ALA C 445 46.29 28.25 -41.55
C ALA C 445 46.43 29.01 -42.87
N GLY C 446 47.54 29.71 -43.01
CA GLY C 446 47.81 30.49 -44.20
C GLY C 446 47.27 31.89 -44.25
N SER C 447 46.49 32.31 -43.23
CA SER C 447 45.97 33.69 -43.16
C SER C 447 47.09 34.74 -43.26
N GLN C 448 48.27 34.41 -42.76
CA GLN C 448 49.43 35.30 -42.86
C GLN C 448 49.73 35.79 -44.29
N ARG C 449 49.44 34.97 -45.32
CA ARG C 449 49.71 35.37 -46.71
C ARG C 449 48.78 36.47 -47.22
N TYR C 450 47.63 36.65 -46.58
CA TYR C 450 46.68 37.71 -46.90
C TYR C 450 46.81 38.94 -45.98
N GLY C 451 48.01 39.15 -45.42
CA GLY C 451 48.30 40.36 -44.66
C GLY C 451 47.51 40.52 -43.37
N ALA C 452 47.17 39.39 -42.74
CA ALA C 452 46.30 39.42 -41.58
C ALA C 452 47.09 39.76 -40.33
N LEU C 453 46.90 40.98 -39.85
CA LEU C 453 47.27 41.36 -38.49
C LEU C 453 46.14 40.91 -37.59
N VAL C 454 46.37 39.90 -36.77
CA VAL C 454 45.31 39.34 -35.93
C VAL C 454 45.38 39.96 -34.55
N TRP C 455 44.22 40.28 -33.96
CA TRP C 455 44.17 40.64 -32.54
C TRP C 455 43.22 39.70 -31.82
N SER C 456 43.39 39.63 -30.50
CA SER C 456 42.77 38.60 -29.68
C SER C 456 41.34 38.88 -29.17
N GLY C 457 40.65 39.82 -29.79
CA GLY C 457 39.22 40.02 -29.57
C GLY C 457 38.78 40.63 -28.25
N ASP C 458 37.52 40.36 -27.89
CA ASP C 458 36.80 41.09 -26.85
C ASP C 458 36.99 40.49 -25.46
N ILE C 459 38.26 40.35 -25.07
CA ILE C 459 38.68 39.84 -23.77
C ILE C 459 38.39 40.85 -22.65
N ASN C 460 38.35 40.38 -21.41
CA ASN C 460 38.15 41.29 -20.27
C ASN C 460 39.45 41.98 -19.82
N SER C 461 39.29 43.08 -19.09
CA SER C 461 40.42 43.91 -18.65
C SER C 461 40.92 43.51 -17.27
N THR C 462 41.65 42.41 -17.20
CA THR C 462 42.24 41.88 -15.98
C THR C 462 43.64 41.38 -16.23
N PHE C 463 44.39 41.22 -15.14
CA PHE C 463 45.72 40.65 -15.20
C PHE C 463 45.71 39.18 -15.64
N GLY C 464 44.66 38.45 -15.24
CA GLY C 464 44.45 37.08 -15.73
C GLY C 464 44.35 37.03 -17.26
N ALA C 465 43.64 37.98 -17.84
CA ALA C 465 43.54 38.09 -19.31
C ALA C 465 44.87 38.42 -19.95
N LEU C 466 45.61 39.36 -19.36
CA LEU C 466 46.94 39.74 -19.88
C LEU C 466 47.85 38.53 -19.96
N ARG C 467 47.84 37.70 -18.91
CA ARG C 467 48.64 36.48 -18.89
C ARG C 467 48.25 35.55 -20.03
N ASN C 468 46.95 35.32 -20.23
CA ASN C 468 46.46 34.52 -21.35
C ASN C 468 46.92 35.07 -22.70
N GLN C 469 46.88 36.39 -22.86
CA GLN C 469 47.25 37.02 -24.15
C GLN C 469 48.72 36.80 -24.50
N LEU C 470 49.59 36.82 -23.50
CA LEU C 470 51.01 36.54 -23.75
C LEU C 470 51.22 35.14 -24.33
N MET C 471 50.57 34.16 -23.71
CA MET C 471 50.62 32.78 -24.19
C MET C 471 50.04 32.65 -25.59
N ALA C 472 48.89 33.28 -25.81
CA ALA C 472 48.18 33.17 -27.08
C ALA C 472 48.96 33.78 -28.24
N GLY C 473 49.56 34.95 -28.02
CA GLY C 473 50.37 35.62 -29.02
C GLY C 473 51.61 34.86 -29.41
N LEU C 474 52.26 34.25 -28.44
CA LEU C 474 53.43 33.42 -28.68
C LEU C 474 53.07 32.18 -29.48
N ASN C 475 51.97 31.54 -29.12
CA ASN C 475 51.49 30.36 -29.84
C ASN C 475 51.00 30.70 -31.26
N MET C 476 50.45 31.91 -31.45
CA MET C 476 50.07 32.37 -32.79
C MET C 476 51.29 32.52 -33.70
N GLY C 477 52.38 33.03 -33.16
CA GLY C 477 53.62 33.15 -33.91
C GLY C 477 54.16 31.79 -34.34
N ILE C 478 54.10 30.82 -33.42
CA ILE C 478 54.49 29.44 -33.73
C ILE C 478 53.61 28.82 -34.81
N ALA C 479 52.31 29.14 -34.77
CA ALA C 479 51.36 28.72 -35.81
C ALA C 479 51.44 29.52 -37.12
N GLY C 480 52.48 30.35 -37.29
CA GLY C 480 52.76 31.03 -38.54
C GLY C 480 52.10 32.38 -38.73
N ILE C 481 51.59 32.97 -37.65
CA ILE C 481 50.92 34.28 -37.69
C ILE C 481 51.81 35.29 -36.98
N PRO C 482 52.77 35.90 -37.72
CA PRO C 482 53.72 36.85 -37.09
C PRO C 482 53.12 38.20 -36.72
N TRP C 483 52.13 38.66 -37.49
CA TRP C 483 51.48 39.94 -37.24
C TRP C 483 50.33 39.71 -36.26
N TRP C 484 50.58 40.00 -34.98
CA TRP C 484 49.60 39.77 -33.94
C TRP C 484 49.67 40.87 -32.89
N THR C 485 48.53 41.18 -32.28
CA THR C 485 48.44 42.25 -31.28
C THR C 485 47.24 42.05 -30.36
N THR C 486 47.05 42.98 -29.42
CA THR C 486 45.89 42.96 -28.53
C THR C 486 45.32 44.36 -28.39
N ASP C 487 44.16 44.44 -27.72
CA ASP C 487 43.67 45.69 -27.16
C ASP C 487 44.52 46.00 -25.94
N ILE C 488 45.37 47.03 -26.02
CA ILE C 488 46.10 47.46 -24.82
C ILE C 488 45.11 47.88 -23.73
N GLY C 489 45.25 47.23 -22.58
CA GLY C 489 44.32 47.34 -21.45
C GLY C 489 43.18 46.34 -21.46
N GLY C 490 43.10 45.48 -22.47
CA GLY C 490 41.95 44.59 -22.66
C GLY C 490 40.75 45.33 -23.23
N PHE C 491 39.71 44.58 -23.59
CA PHE C 491 38.54 45.16 -24.24
C PHE C 491 37.50 45.65 -23.23
N ASP C 492 37.06 44.74 -22.36
CA ASP C 492 35.85 44.93 -21.59
C ASP C 492 36.11 45.04 -20.08
N GLY C 493 35.64 46.11 -19.46
CA GLY C 493 35.56 46.23 -18.00
C GLY C 493 36.47 47.26 -17.34
N GLY C 494 37.27 47.98 -18.12
CA GLY C 494 38.19 48.98 -17.57
C GLY C 494 37.54 50.33 -17.34
N ASP C 495 37.42 50.73 -16.07
CA ASP C 495 36.94 52.08 -15.72
C ASP C 495 38.14 53.03 -15.72
N ILE C 496 38.04 54.12 -16.49
CA ILE C 496 39.16 55.05 -16.65
C ILE C 496 39.54 55.81 -15.38
N ASN C 497 38.64 55.86 -14.41
CA ASN C 497 38.89 56.52 -13.12
C ASN C 497 39.34 55.57 -12.02
N ASP C 498 39.44 54.27 -12.33
CA ASP C 498 39.78 53.25 -11.35
C ASP C 498 41.31 53.07 -11.30
N PRO C 499 41.95 53.33 -10.13
CA PRO C 499 43.40 53.12 -10.01
C PRO C 499 43.87 51.72 -10.38
N ALA C 500 43.08 50.69 -10.04
CA ALA C 500 43.46 49.29 -10.33
C ALA C 500 43.54 49.04 -11.84
N PHE C 501 42.53 49.47 -12.58
CA PHE C 501 42.58 49.40 -14.03
C PHE C 501 43.77 50.20 -14.61
N GLN C 502 44.01 51.40 -14.09
CA GLN C 502 45.11 52.24 -14.56
C GLN C 502 46.47 51.53 -14.44
N GLU C 503 46.68 50.79 -13.34
CA GLU C 503 47.88 49.96 -13.20
C GLU C 503 47.95 48.86 -14.27
N LEU C 504 46.87 48.13 -14.47
CA LEU C 504 46.81 47.14 -15.55
C LEU C 504 47.11 47.78 -16.89
N LEU C 505 46.50 48.93 -17.16
CA LEU C 505 46.69 49.64 -18.43
C LEU C 505 48.17 49.92 -18.69
N ILE C 506 48.87 50.42 -17.68
CA ILE C 506 50.30 50.71 -17.79
C ILE C 506 51.11 49.44 -18.10
N ARG C 507 50.88 48.37 -17.33
CA ARG C 507 51.58 47.09 -17.56
C ARG C 507 51.33 46.51 -18.96
N TRP C 508 50.10 46.63 -19.42
CA TRP C 508 49.71 46.11 -20.74
C TRP C 508 50.30 46.97 -21.85
N PHE C 509 50.36 48.29 -21.62
CA PHE C 509 50.96 49.23 -22.57
C PHE C 509 52.46 48.95 -22.72
N GLN C 510 53.13 48.77 -21.59
CA GLN C 510 54.57 48.48 -21.56
C GLN C 510 54.90 47.20 -22.33
N TRP C 511 54.06 46.18 -22.15
CA TRP C 511 54.13 44.97 -22.97
C TRP C 511 53.86 45.27 -24.45
N GLY C 512 52.81 46.04 -24.72
CA GLY C 512 52.41 46.41 -26.11
C GLY C 512 53.48 47.09 -26.94
N VAL C 513 54.37 47.83 -26.28
CA VAL C 513 55.58 48.38 -26.93
C VAL C 513 56.43 47.26 -27.56
N PHE C 514 56.49 46.11 -26.88
CA PHE C 514 57.22 44.93 -27.38
C PHE C 514 56.31 43.83 -27.95
N CYS C 515 55.20 44.25 -28.56
CA CYS C 515 54.35 43.39 -29.37
C CYS C 515 54.57 43.75 -30.84
N PRO C 516 54.21 42.83 -31.77
CA PRO C 516 54.42 43.12 -33.20
C PRO C 516 53.77 44.41 -33.67
N VAL C 517 52.57 44.71 -33.19
CA VAL C 517 51.93 46.02 -33.38
C VAL C 517 51.55 46.57 -32.00
N THR C 518 51.79 47.88 -31.82
CA THR C 518 51.42 48.59 -30.59
C THR C 518 50.10 49.34 -30.83
N ARG C 519 49.02 48.87 -30.19
CA ARG C 519 47.67 49.34 -30.49
C ARG C 519 46.82 49.53 -29.23
N LEU C 520 46.39 50.78 -28.99
CA LEU C 520 45.51 51.10 -27.89
C LEU C 520 44.07 51.03 -28.39
N HIS C 521 43.27 50.18 -27.73
CA HIS C 521 41.85 50.05 -27.99
C HIS C 521 41.15 49.54 -26.74
N GLY C 522 39.85 49.77 -26.67
CA GLY C 522 39.01 49.16 -25.66
C GLY C 522 37.63 49.76 -25.60
N PHE C 523 36.80 49.17 -24.76
CA PHE C 523 35.45 49.63 -24.47
C PHE C 523 35.48 50.01 -22.99
N ARG C 524 35.83 51.25 -22.73
CA ARG C 524 36.09 51.72 -21.38
C ARG C 524 34.83 52.17 -20.67
N GLN C 525 34.78 51.95 -19.36
CA GLN C 525 33.70 52.46 -18.51
C GLN C 525 34.11 53.83 -17.97
N PRO C 526 33.16 54.72 -17.62
CA PRO C 526 31.70 54.48 -17.73
C PRO C 526 31.20 54.65 -19.16
N MET C 527 30.48 53.64 -19.65
CA MET C 527 29.87 53.68 -20.98
C MET C 527 28.71 54.69 -21.01
N GLU C 528 28.35 55.09 -22.23
CA GLU C 528 27.27 56.04 -22.47
C GLU C 528 26.32 55.47 -23.52
N GLU C 529 25.05 55.35 -23.14
CA GLU C 529 23.99 54.92 -24.06
C GLU C 529 23.80 55.99 -25.12
N PRO C 530 23.36 55.60 -26.34
CA PRO C 530 23.05 56.64 -27.34
C PRO C 530 21.86 57.50 -26.87
N ALA C 531 21.89 58.77 -27.26
CA ALA C 531 20.81 59.72 -26.93
C ALA C 531 19.46 59.18 -27.42
N GLU C 532 19.44 58.71 -28.66
N GLU C 532 19.41 58.73 -28.66
CA GLU C 532 18.29 58.06 -29.28
CA GLU C 532 18.21 58.06 -29.19
C GLU C 532 18.55 56.55 -29.33
C GLU C 532 18.51 56.57 -29.37
N THR C 533 17.65 55.74 -28.77
CA THR C 533 17.79 54.27 -28.85
C THR C 533 17.65 53.76 -30.29
N TYR C 534 16.73 54.37 -31.04
CA TYR C 534 16.49 54.05 -32.44
C TYR C 534 16.49 55.31 -33.27
N ARG C 535 16.85 55.15 -34.54
CA ARG C 535 16.70 56.20 -35.54
C ARG C 535 16.34 55.50 -36.85
N ASP C 536 15.20 55.90 -37.43
CA ASP C 536 14.63 55.23 -38.62
C ASP C 536 14.42 53.73 -38.40
N GLY C 537 14.06 53.36 -37.17
CA GLY C 537 13.86 51.96 -36.77
C GLY C 537 15.11 51.11 -36.61
N ILE C 538 16.29 51.72 -36.70
CA ILE C 538 17.56 51.01 -36.63
C ILE C 538 18.16 51.29 -35.26
N ALA C 539 18.43 50.23 -34.50
CA ALA C 539 18.99 50.37 -33.15
C ALA C 539 20.37 51.04 -33.20
N GLN C 540 20.57 52.05 -32.36
CA GLN C 540 21.79 52.86 -32.37
C GLN C 540 22.81 52.29 -31.40
N CYS C 541 24.09 52.43 -31.76
CA CYS C 541 25.19 51.84 -31.00
C CYS C 541 25.75 52.82 -29.96
N MET C 542 25.89 52.31 -28.73
CA MET C 542 26.54 53.05 -27.64
C MET C 542 28.02 53.36 -27.87
N THR C 543 28.62 54.07 -26.91
CA THR C 543 30.07 54.24 -26.83
C THR C 543 30.57 53.96 -25.42
N GLY C 544 31.86 53.64 -25.32
CA GLY C 544 32.58 53.67 -24.06
C GLY C 544 33.13 55.07 -23.78
N ALA C 545 33.87 55.18 -22.68
CA ALA C 545 34.54 56.41 -22.27
C ALA C 545 35.79 56.67 -23.11
N ALA C 546 36.46 57.78 -22.83
CA ALA C 546 37.69 58.15 -23.55
C ALA C 546 38.77 57.11 -23.35
N ASN C 547 39.67 57.00 -24.32
CA ASN C 547 40.78 56.03 -24.26
C ASN C 547 42.03 56.56 -24.96
N GLU C 548 42.41 57.79 -24.65
CA GLU C 548 43.59 58.42 -25.21
C GLU C 548 44.66 58.43 -24.12
N ILE C 549 45.93 58.65 -24.46
CA ILE C 549 46.99 58.54 -23.44
C ILE C 549 46.96 59.64 -22.36
N TRP C 550 46.21 60.72 -22.61
CA TRP C 550 45.98 61.78 -21.63
C TRP C 550 44.69 61.58 -20.79
N SER C 551 43.97 60.48 -21.01
CA SER C 551 42.67 60.26 -20.35
C SER C 551 42.73 59.65 -18.94
N TYR C 552 43.94 59.33 -18.46
CA TYR C 552 44.12 58.62 -17.20
C TYR C 552 44.99 59.38 -16.19
N GLY C 553 45.01 60.71 -16.27
CA GLY C 553 45.84 61.53 -15.40
C GLY C 553 47.25 61.76 -15.93
N GLU C 554 48.00 62.62 -15.24
CA GLU C 554 49.28 63.13 -15.75
C GLU C 554 50.43 62.17 -15.52
N ASP C 555 50.41 61.50 -14.36
CA ASP C 555 51.40 60.47 -14.03
C ASP C 555 51.38 59.31 -15.05
N ASN C 556 50.17 58.86 -15.39
CA ASN C 556 49.99 57.81 -16.39
C ASN C 556 50.29 58.34 -17.80
N TYR C 557 49.96 59.61 -18.06
CA TYR C 557 50.30 60.28 -19.32
C TYR C 557 51.79 60.26 -19.61
N ALA C 558 52.59 60.61 -18.61
CA ALA C 558 54.04 60.65 -18.76
C ALA C 558 54.59 59.25 -19.06
N ILE C 559 54.05 58.24 -18.41
CA ILE C 559 54.50 56.85 -18.64
C ILE C 559 54.19 56.43 -20.08
N MET C 560 52.95 56.63 -20.50
CA MET C 560 52.53 56.23 -21.85
C MET C 560 53.22 57.05 -22.95
N LYS C 561 53.47 58.34 -22.68
CA LYS C 561 54.22 59.19 -23.59
C LYS C 561 55.63 58.63 -23.83
N SER C 562 56.30 58.25 -22.76
CA SER C 562 57.63 57.63 -22.86
C SER C 562 57.56 56.26 -23.58
N CYS C 563 56.49 55.49 -23.35
CA CYS C 563 56.24 54.25 -24.11
C CYS C 563 56.15 54.50 -25.62
N LEU C 564 55.42 55.54 -26.03
CA LEU C 564 55.32 55.90 -27.44
C LEU C 564 56.66 56.32 -28.02
N GLU C 565 57.42 57.11 -27.25
CA GLU C 565 58.76 57.52 -27.67
C GLU C 565 59.71 56.31 -27.80
N LEU C 566 59.61 55.36 -26.88
CA LEU C 566 60.36 54.10 -26.97
C LEU C 566 59.98 53.29 -28.21
N ARG C 567 58.68 53.19 -28.47
CA ARG C 567 58.22 52.46 -29.66
C ARG C 567 58.76 53.08 -30.95
N GLU C 568 58.85 54.40 -31.02
CA GLU C 568 59.41 55.08 -32.20
C GLU C 568 60.88 54.74 -32.41
N ARG C 569 61.65 54.74 -31.32
CA ARG C 569 63.06 54.33 -31.37
C ARG C 569 63.23 52.86 -31.77
N LEU C 570 62.25 52.03 -31.43
CA LEU C 570 62.24 50.62 -31.83
C LEU C 570 61.91 50.33 -33.29
N ARG C 571 61.42 51.33 -34.04
CA ARG C 571 60.85 51.06 -35.35
C ARG C 571 61.79 50.43 -36.37
N PRO C 572 63.04 50.92 -36.47
CA PRO C 572 63.95 50.24 -37.42
C PRO C 572 64.18 48.76 -37.09
N TYR C 573 64.34 48.45 -35.80
CA TYR C 573 64.45 47.06 -35.36
C TYR C 573 63.19 46.25 -35.68
N VAL C 574 62.01 46.83 -35.44
CA VAL C 574 60.74 46.17 -35.78
C VAL C 574 60.67 45.87 -37.27
N MET C 575 61.07 46.83 -38.13
CA MET C 575 61.05 46.59 -39.58
C MET C 575 62.05 45.50 -39.99
N ARG C 576 63.21 45.44 -39.33
CA ARG C 576 64.17 44.35 -39.58
C ARG C 576 63.56 43.00 -39.21
N VAL C 577 62.95 42.92 -38.04
CA VAL C 577 62.32 41.67 -37.57
C VAL C 577 61.11 41.30 -38.47
N MET C 578 60.36 42.31 -38.93
CA MET C 578 59.25 42.07 -39.87
C MET C 578 59.72 41.55 -41.24
N LYS C 579 60.82 42.09 -41.74
CA LYS C 579 61.44 41.58 -42.97
C LYS C 579 61.91 40.12 -42.80
N ALA C 580 62.50 39.83 -41.65
CA ALA C 580 62.90 38.46 -41.31
C ALA C 580 61.71 37.50 -41.27
N ALA C 581 60.58 37.95 -40.71
CA ALA C 581 59.34 37.16 -40.73
C ALA C 581 58.89 36.86 -42.16
N HIS C 582 58.98 37.86 -43.02
CA HIS C 582 58.65 37.70 -44.43
C HIS C 582 59.64 36.74 -45.13
N ASP C 583 60.93 36.91 -44.86
CA ASP C 583 61.98 36.15 -45.52
C ASP C 583 62.07 34.70 -45.06
N THR C 584 61.85 34.44 -43.77
CA THR C 584 62.15 33.15 -43.13
C THR C 584 61.01 32.49 -42.35
N GLY C 585 59.86 33.14 -42.24
CA GLY C 585 58.74 32.60 -41.46
C GLY C 585 58.89 32.62 -39.95
N ALA C 586 59.93 33.28 -39.45
CA ALA C 586 60.14 33.39 -38.01
C ALA C 586 59.09 34.32 -37.41
N PRO C 587 58.58 33.99 -36.21
CA PRO C 587 57.68 34.94 -35.55
C PRO C 587 58.42 36.22 -35.14
N VAL C 588 57.64 37.24 -34.78
CA VAL C 588 58.19 38.52 -34.33
C VAL C 588 58.39 38.43 -32.82
N MET C 589 57.31 38.09 -32.11
CA MET C 589 57.40 37.73 -30.69
C MET C 589 57.53 36.20 -30.62
N ARG C 590 58.62 35.72 -30.02
CA ARG C 590 58.96 34.27 -30.03
C ARG C 590 59.16 33.74 -28.62
N PRO C 591 58.77 32.47 -28.37
CA PRO C 591 59.19 31.84 -27.10
C PRO C 591 60.72 31.77 -27.02
N LEU C 592 61.25 31.63 -25.81
CA LEU C 592 62.70 31.62 -25.62
C LEU C 592 63.41 30.53 -26.41
N PHE C 593 62.77 29.36 -26.52
CA PHE C 593 63.35 28.22 -27.25
C PHE C 593 63.55 28.44 -28.74
N PHE C 594 62.89 29.45 -29.31
CA PHE C 594 63.08 29.78 -30.72
C PHE C 594 64.49 30.27 -30.99
N ASP C 595 65.01 31.11 -30.09
CA ASP C 595 66.37 31.66 -30.21
C ASP C 595 67.42 30.88 -29.41
N PHE C 596 66.99 30.11 -28.40
CA PHE C 596 67.90 29.32 -27.56
C PHE C 596 67.38 27.89 -27.38
N PRO C 597 67.22 27.15 -28.49
CA PRO C 597 66.64 25.80 -28.44
C PRO C 597 67.46 24.73 -27.70
N ASP C 598 68.77 24.96 -27.54
CA ASP C 598 69.67 24.06 -26.81
C ASP C 598 69.65 24.21 -25.30
N GLN C 599 68.93 25.19 -24.78
CA GLN C 599 68.95 25.47 -23.34
C GLN C 599 67.64 25.03 -22.71
N ALA C 600 67.74 24.18 -21.69
CA ALA C 600 66.58 23.58 -21.00
C ALA C 600 65.55 24.61 -20.52
N GLU C 601 66.04 25.67 -19.91
CA GLU C 601 65.18 26.71 -19.32
C GLU C 601 64.32 27.41 -20.39
N ALA C 602 64.83 27.51 -21.61
CA ALA C 602 64.10 28.13 -22.72
C ALA C 602 62.80 27.38 -23.09
N TRP C 603 62.78 26.07 -22.84
CA TRP C 603 61.59 25.24 -23.07
C TRP C 603 60.65 25.17 -21.85
N GLN C 604 61.01 25.79 -20.73
CA GLN C 604 60.19 25.80 -19.52
C GLN C 604 59.52 27.14 -19.22
N ILE C 605 60.23 28.24 -19.49
CA ILE C 605 59.78 29.58 -19.10
C ILE C 605 58.68 30.07 -20.05
N GLU C 606 57.56 30.46 -19.47
CA GLU C 606 56.39 30.93 -20.21
C GLU C 606 56.01 32.39 -19.88
N ASP C 607 56.79 33.08 -19.05
CA ASP C 607 56.51 34.50 -18.72
C ASP C 607 57.62 35.46 -19.18
N GLN C 608 58.46 34.97 -20.09
CA GLN C 608 59.46 35.78 -20.79
C GLN C 608 59.42 35.39 -22.26
N TYR C 609 59.89 36.29 -23.12
CA TYR C 609 59.94 36.00 -24.56
C TYR C 609 60.98 36.86 -25.27
N MET C 610 61.23 36.53 -26.52
CA MET C 610 62.12 37.30 -27.37
C MET C 610 61.31 38.14 -28.34
N PHE C 611 61.54 39.45 -28.32
CA PHE C 611 60.98 40.35 -29.31
C PHE C 611 62.07 40.49 -30.38
N GLY C 612 61.95 39.66 -31.43
CA GLY C 612 63.05 39.42 -32.36
C GLY C 612 64.24 38.74 -31.68
N PRO C 613 65.37 38.59 -32.40
CA PRO C 613 66.51 37.88 -31.83
C PRO C 613 67.29 38.63 -30.75
N ASP C 614 67.08 39.94 -30.59
CA ASP C 614 67.96 40.79 -29.78
C ASP C 614 67.37 41.38 -28.50
N ILE C 615 66.08 41.20 -28.24
CA ILE C 615 65.43 41.79 -27.06
C ILE C 615 64.70 40.74 -26.25
N LEU C 616 65.07 40.64 -24.98
CA LEU C 616 64.45 39.75 -24.00
C LEU C 616 63.49 40.58 -23.15
N VAL C 617 62.23 40.16 -23.10
CA VAL C 617 61.17 40.91 -22.46
C VAL C 617 60.59 40.04 -21.35
N ALA C 618 60.40 40.64 -20.17
CA ALA C 618 59.89 39.94 -18.99
C ALA C 618 58.72 40.75 -18.42
N PRO C 619 57.52 40.59 -19.01
CA PRO C 619 56.37 41.40 -18.58
C PRO C 619 56.01 41.23 -17.11
N VAL C 620 55.47 42.28 -16.51
CA VAL C 620 54.88 42.19 -15.18
C VAL C 620 53.41 41.81 -15.37
N LEU C 621 53.02 40.67 -14.79
CA LEU C 621 51.72 40.05 -15.03
C LEU C 621 50.82 39.99 -13.78
N GLU C 622 51.16 40.78 -12.76
CA GLU C 622 50.42 40.81 -11.50
C GLU C 622 50.28 42.24 -10.99
N ALA C 623 49.10 42.57 -10.47
CA ALA C 623 48.86 43.84 -9.77
C ALA C 623 49.75 43.97 -8.53
N GLY C 624 50.32 45.16 -8.35
CA GLY C 624 51.14 45.49 -7.18
C GLY C 624 52.60 45.02 -7.23
N GLN C 625 52.98 44.28 -8.27
CA GLN C 625 54.31 43.71 -8.36
C GLN C 625 55.30 44.78 -8.77
N ARG C 626 56.37 44.91 -7.98
CA ARG C 626 57.41 45.89 -8.21
C ARG C 626 58.82 45.31 -8.42
N SER C 627 58.90 43.98 -8.55
CA SER C 627 60.12 43.30 -8.98
C SER C 627 59.76 41.89 -9.45
N ARG C 628 60.62 41.28 -10.25
CA ARG C 628 60.43 39.89 -10.65
C ARG C 628 61.73 39.22 -11.04
N LYS C 629 61.72 37.89 -11.02
CA LYS C 629 62.87 37.09 -11.45
C LYS C 629 62.89 37.09 -12.97
N VAL C 630 64.09 37.20 -13.53
CA VAL C 630 64.30 37.12 -14.97
C VAL C 630 65.47 36.19 -15.23
N TRP C 631 65.24 35.16 -16.04
CA TRP C 631 66.31 34.29 -16.53
C TRP C 631 66.95 34.90 -17.77
N LEU C 632 68.27 35.05 -17.74
CA LEU C 632 69.06 35.54 -18.88
C LEU C 632 69.70 34.35 -19.61
N PRO C 633 69.32 34.10 -20.89
CA PRO C 633 69.94 33.01 -21.65
C PRO C 633 71.46 33.06 -21.74
N GLU C 634 72.08 31.89 -21.78
CA GLU C 634 73.53 31.75 -21.92
C GLU C 634 73.94 32.04 -23.36
N GLY C 635 75.19 32.46 -23.55
CA GLY C 635 75.79 32.62 -24.87
C GLY C 635 76.01 34.06 -25.31
N CYS C 636 75.46 35.01 -24.57
CA CYS C 636 75.75 36.42 -24.76
C CYS C 636 75.57 37.16 -23.45
N ALA C 637 76.13 38.37 -23.40
CA ALA C 637 75.88 39.30 -22.30
C ALA C 637 74.63 40.08 -22.64
N TRP C 638 73.98 40.61 -21.62
CA TRP C 638 72.70 41.31 -21.75
C TRP C 638 72.81 42.70 -21.14
N ILE C 639 72.26 43.68 -21.85
CA ILE C 639 72.26 45.07 -21.37
C ILE C 639 70.86 45.43 -20.89
N ASP C 640 70.76 45.83 -19.62
CA ASP C 640 69.51 46.30 -19.01
C ASP C 640 69.06 47.58 -19.71
N LEU C 641 67.88 47.56 -20.32
CA LEU C 641 67.36 48.70 -21.07
C LEU C 641 67.18 49.95 -20.20
N ASN C 642 66.82 49.74 -18.94
CA ASN C 642 66.44 50.80 -18.04
C ASN C 642 67.59 51.37 -17.19
N THR C 643 68.66 50.59 -16.99
CA THR C 643 69.86 51.07 -16.27
C THR C 643 71.14 51.15 -17.10
N GLY C 644 71.20 50.47 -18.24
CA GLY C 644 72.42 50.33 -19.01
C GLY C 644 73.44 49.34 -18.44
N ALA C 645 73.09 48.64 -17.36
CA ALA C 645 74.01 47.69 -16.73
C ALA C 645 74.19 46.39 -17.55
N ARG C 646 75.40 45.87 -17.53
CA ARG C 646 75.79 44.66 -18.26
C ARG C 646 75.67 43.45 -17.34
N GLN C 647 75.02 42.40 -17.82
CA GLN C 647 74.82 41.16 -17.07
C GLN C 647 75.25 40.00 -17.95
N ASN C 648 76.02 39.07 -17.38
CA ASN C 648 76.40 37.85 -18.09
C ASN C 648 75.19 36.94 -18.30
N GLY C 649 75.19 36.23 -19.42
CA GLY C 649 74.16 35.24 -19.70
C GLY C 649 74.29 34.03 -18.79
N GLY C 650 73.21 33.25 -18.72
CA GLY C 650 73.19 31.98 -18.00
C GLY C 650 73.01 32.15 -16.50
N GLN C 651 72.10 33.03 -16.10
CA GLN C 651 71.81 33.27 -14.69
C GLN C 651 70.41 33.83 -14.48
N TRP C 652 69.89 33.65 -13.26
CA TRP C 652 68.67 34.30 -12.80
C TRP C 652 69.04 35.61 -12.11
N CYS C 653 68.28 36.67 -12.43
CA CYS C 653 68.44 37.99 -11.80
C CYS C 653 67.12 38.41 -11.19
N ASP C 654 67.17 39.02 -10.00
CA ASP C 654 65.99 39.64 -9.42
C ASP C 654 65.99 41.07 -9.92
N CYS C 655 65.03 41.40 -10.79
CA CYS C 655 65.04 42.69 -11.50
C CYS C 655 64.02 43.67 -10.93
N ASP C 656 64.44 44.94 -10.87
CA ASP C 656 63.57 46.02 -10.47
C ASP C 656 62.47 46.17 -11.52
N ALA C 657 61.23 46.32 -11.07
CA ALA C 657 60.10 46.52 -11.97
C ALA C 657 59.16 47.57 -11.41
N PRO C 658 59.63 48.84 -11.36
CA PRO C 658 58.75 49.89 -10.85
C PRO C 658 57.59 50.10 -11.81
N LEU C 659 56.52 50.76 -11.36
CA LEU C 659 55.37 51.03 -12.22
C LEU C 659 55.77 51.59 -13.60
N GLU C 660 56.84 52.38 -13.62
CA GLU C 660 57.28 53.09 -14.82
C GLU C 660 58.10 52.25 -15.83
N ALA C 661 58.48 51.02 -15.49
CA ALA C 661 59.17 50.13 -16.44
C ALA C 661 59.07 48.64 -16.12
N ILE C 662 59.00 47.82 -17.16
CA ILE C 662 59.12 46.36 -17.02
C ILE C 662 60.55 45.95 -17.37
N PRO C 663 61.05 44.82 -16.83
CA PRO C 663 62.42 44.40 -17.18
C PRO C 663 62.56 44.04 -18.67
N VAL C 664 63.52 44.67 -19.33
CA VAL C 664 63.85 44.38 -20.72
C VAL C 664 65.37 44.37 -20.85
N PHE C 665 65.89 43.38 -21.56
CA PHE C 665 67.33 43.25 -21.80
C PHE C 665 67.62 43.18 -23.30
N ILE C 666 68.73 43.78 -23.70
CA ILE C 666 69.18 43.83 -25.08
C ILE C 666 70.43 42.95 -25.22
N ARG C 667 70.46 42.12 -26.26
CA ARG C 667 71.65 41.35 -26.61
C ARG C 667 72.81 42.32 -26.80
N GLU C 668 73.93 42.07 -26.11
CA GLU C 668 75.06 42.99 -26.19
C GLU C 668 75.60 43.09 -27.62
N ALA C 669 75.89 44.32 -28.05
CA ALA C 669 76.43 44.62 -29.38
C ALA C 669 75.48 44.41 -30.57
N ALA C 670 74.21 44.05 -30.30
CA ALA C 670 73.20 44.06 -31.36
C ALA C 670 72.99 45.50 -31.78
N ALA C 671 72.69 45.71 -33.06
CA ALA C 671 72.48 47.05 -33.62
C ALA C 671 71.41 47.86 -32.86
N VAL C 672 70.39 47.18 -32.34
CA VAL C 672 69.32 47.85 -31.59
C VAL C 672 69.79 48.49 -30.27
N GLN C 673 70.89 48.00 -29.69
CA GLN C 673 71.44 48.60 -28.46
C GLN C 673 71.71 50.09 -28.68
N ALA C 674 72.49 50.41 -29.71
CA ALA C 674 72.81 51.81 -30.05
C ALA C 674 71.56 52.63 -30.38
N GLU C 675 70.59 51.99 -31.05
CA GLU C 675 69.31 52.65 -31.39
C GLU C 675 68.46 53.08 -30.19
N LEU C 676 68.56 52.37 -29.07
CA LEU C 676 67.68 52.58 -27.91
C LEU C 676 68.19 53.53 -26.81
N SER C 677 69.48 53.87 -26.79
CA SER C 677 70.00 54.84 -25.81
C SER C 677 70.60 56.05 -26.53
N SER D 2 -24.41 10.64 61.53
CA SER D 2 -23.56 9.90 62.49
C SER D 2 -24.31 9.79 63.80
N GLU D 3 -24.66 8.55 64.18
CA GLU D 3 -25.47 8.30 65.36
C GLU D 3 -24.84 7.19 66.17
N PHE D 4 -24.53 7.50 67.43
CA PHE D 4 -24.23 6.48 68.43
C PHE D 4 -25.53 6.01 69.09
N ILE D 5 -25.65 4.69 69.24
CA ILE D 5 -26.72 4.08 70.02
C ILE D 5 -26.01 3.27 71.10
N LEU D 6 -26.02 3.79 72.33
CA LEU D 6 -25.19 3.26 73.41
C LEU D 6 -26.03 2.73 74.55
N THR D 7 -25.54 1.65 75.16
CA THR D 7 -26.05 1.15 76.43
C THR D 7 -24.85 1.03 77.36
N SER D 8 -25.07 0.53 78.57
CA SER D 8 -24.00 0.36 79.55
C SER D 8 -22.95 -0.68 79.14
N ASP D 9 -23.29 -1.60 78.24
CA ASP D 9 -22.35 -2.65 77.82
C ASP D 9 -22.38 -2.98 76.32
N LYS D 10 -22.80 -2.04 75.48
CA LYS D 10 -22.74 -2.21 74.02
C LYS D 10 -22.61 -0.85 73.33
N LEU D 11 -21.73 -0.81 72.33
CA LEU D 11 -21.50 0.37 71.51
C LEU D 11 -21.96 0.05 70.09
N VAL D 12 -22.98 0.76 69.63
CA VAL D 12 -23.42 0.75 68.24
C VAL D 12 -23.21 2.15 67.64
N TRP D 13 -22.63 2.18 66.45
CA TRP D 13 -22.55 3.40 65.63
C TRP D 13 -23.24 3.11 64.32
N THR D 14 -23.95 4.10 63.78
CA THR D 14 -24.63 3.92 62.50
C THR D 14 -24.65 5.15 61.60
N TYR D 15 -24.55 4.89 60.29
CA TYR D 15 -24.71 5.89 59.25
C TYR D 15 -25.04 5.21 57.91
N ASP D 16 -26.04 5.72 57.21
CA ASP D 16 -26.47 5.21 55.90
C ASP D 16 -26.73 3.70 55.85
N GLY D 17 -27.37 3.17 56.88
CA GLY D 17 -27.64 1.72 56.95
C GLY D 17 -26.48 0.86 57.43
N HIS D 18 -25.26 1.41 57.47
CA HIS D 18 -24.10 0.74 58.05
C HIS D 18 -24.24 0.70 59.57
N LYS D 19 -24.32 -0.51 60.12
CA LYS D 19 -24.35 -0.73 61.58
C LYS D 19 -23.02 -1.30 62.04
N LEU D 20 -22.38 -0.64 62.99
CA LEU D 20 -21.15 -1.14 63.63
C LEU D 20 -21.51 -1.45 65.07
N GLN D 21 -21.22 -2.67 65.51
CA GLN D 21 -21.59 -3.13 66.86
C GLN D 21 -20.39 -3.76 67.57
N ILE D 22 -20.04 -3.17 68.71
CA ILE D 22 -18.91 -3.61 69.52
C ILE D 22 -19.42 -3.92 70.92
N GLU D 23 -19.06 -5.10 71.42
CA GLU D 23 -19.55 -5.57 72.71
C GLU D 23 -18.54 -6.50 73.39
N PRO D 24 -18.65 -6.67 74.72
CA PRO D 24 -17.79 -7.64 75.40
C PRO D 24 -18.01 -9.07 74.90
N TRP D 25 -16.96 -9.86 74.87
CA TRP D 25 -17.07 -11.27 74.50
C TRP D 25 -15.99 -12.09 75.19
N GLY D 26 -16.13 -12.20 76.52
CA GLY D 26 -15.12 -12.78 77.39
C GLY D 26 -14.26 -11.70 78.00
N GLU D 27 -13.56 -12.05 79.08
CA GLU D 27 -12.66 -11.13 79.78
C GLU D 27 -11.60 -10.60 78.81
N ASN D 28 -11.35 -9.30 78.89
CA ASN D 28 -10.33 -8.61 78.10
C ASN D 28 -10.54 -8.67 76.59
N SER D 29 -11.78 -8.90 76.17
CA SER D 29 -12.08 -9.22 74.78
C SER D 29 -13.34 -8.50 74.29
N LEU D 30 -13.36 -8.20 72.99
CA LEU D 30 -14.50 -7.58 72.34
C LEU D 30 -14.84 -8.32 71.05
N ARG D 31 -16.13 -8.37 70.73
CA ARG D 31 -16.58 -8.80 69.42
C ARG D 31 -16.97 -7.57 68.62
N VAL D 32 -16.59 -7.55 67.35
CA VAL D 32 -16.86 -6.45 66.45
C VAL D 32 -17.62 -7.02 65.27
N ARG D 33 -18.82 -6.48 65.01
CA ARG D 33 -19.61 -6.82 63.83
C ARG D 33 -20.05 -5.58 63.09
N ALA D 34 -20.18 -5.71 61.77
CA ALA D 34 -20.70 -4.63 60.95
C ALA D 34 -21.49 -5.19 59.75
N THR D 35 -22.59 -4.52 59.42
CA THR D 35 -23.43 -4.93 58.31
C THR D 35 -24.12 -3.73 57.72
N VAL D 36 -24.55 -3.87 56.46
CA VAL D 36 -25.50 -2.92 55.86
C VAL D 36 -26.87 -3.55 55.61
N ALA D 37 -27.05 -4.80 56.03
CA ALA D 37 -28.36 -5.46 55.99
C ALA D 37 -29.25 -4.86 57.10
N PRO D 38 -30.56 -5.17 57.08
CA PRO D 38 -31.43 -4.62 58.12
C PRO D 38 -30.93 -4.83 59.55
N GLU D 39 -30.43 -6.03 59.86
CA GLU D 39 -29.89 -6.37 61.17
C GLU D 39 -28.73 -7.35 61.04
N LEU D 40 -27.99 -7.52 62.12
CA LEU D 40 -26.99 -8.58 62.21
C LEU D 40 -27.71 -9.94 62.14
N ASN D 41 -27.06 -10.93 61.53
CA ASN D 41 -27.62 -12.29 61.50
C ASN D 41 -27.24 -13.05 62.78
N GLY D 42 -27.68 -14.31 62.85
CA GLY D 42 -27.41 -15.19 64.00
C GLY D 42 -26.17 -16.07 63.91
N ASN D 43 -25.32 -15.85 62.90
CA ASN D 43 -24.11 -16.65 62.72
C ASN D 43 -23.02 -16.27 63.71
N ASP D 44 -22.71 -17.19 64.63
CA ASP D 44 -21.56 -17.04 65.54
C ASP D 44 -20.31 -17.82 65.12
N TRP D 45 -20.46 -18.73 64.15
CA TRP D 45 -19.34 -19.48 63.57
C TRP D 45 -18.48 -20.15 64.67
N ALA D 46 -17.28 -19.65 64.94
CA ALA D 46 -16.37 -20.29 65.88
C ALA D 46 -16.51 -19.78 67.32
N LEU D 47 -17.26 -18.70 67.53
CA LEU D 47 -17.39 -18.11 68.88
C LEU D 47 -18.42 -18.84 69.73
N LEU D 48 -17.98 -19.33 70.88
CA LEU D 48 -18.86 -19.90 71.90
C LEU D 48 -19.55 -18.76 72.66
N PRO D 49 -20.66 -19.07 73.38
CA PRO D 49 -21.29 -18.09 74.25
C PRO D 49 -20.29 -17.45 75.21
N ALA D 50 -20.32 -16.13 75.31
CA ALA D 50 -19.39 -15.41 76.16
C ALA D 50 -19.81 -15.53 77.61
N LYS D 51 -18.85 -15.81 78.49
CA LYS D 51 -19.09 -15.69 79.93
C LYS D 51 -19.12 -14.21 80.27
N PRO D 52 -20.16 -13.76 81.01
CA PRO D 52 -20.45 -12.33 81.16
C PRO D 52 -19.31 -11.54 81.79
N SER D 53 -19.13 -10.29 81.34
CA SER D 53 -18.03 -9.44 81.82
C SER D 53 -18.47 -8.59 83.01
N THR D 54 -17.59 -8.48 83.99
CA THR D 54 -17.88 -7.77 85.23
C THR D 54 -17.75 -6.25 85.08
N LYS D 55 -16.62 -5.81 84.50
CA LYS D 55 -16.21 -4.39 84.51
C LYS D 55 -16.19 -3.78 83.10
N VAL D 56 -17.38 -3.68 82.50
CA VAL D 56 -17.54 -3.07 81.18
C VAL D 56 -17.94 -1.61 81.37
N LYS D 57 -17.29 -0.70 80.64
CA LYS D 57 -17.62 0.74 80.71
C LYS D 57 -17.74 1.38 79.33
N VAL D 58 -18.94 1.88 79.02
CA VAL D 58 -19.22 2.63 77.81
C VAL D 58 -19.32 4.11 78.17
N SER D 59 -18.62 4.96 77.40
CA SER D 59 -18.57 6.39 77.68
C SER D 59 -18.46 7.23 76.40
N GLU D 60 -18.81 8.51 76.52
CA GLU D 60 -18.68 9.48 75.44
C GLU D 60 -17.69 10.58 75.84
N PHE D 61 -16.81 10.92 74.91
CA PHE D 61 -15.81 11.97 75.09
C PHE D 61 -15.44 12.51 73.71
N GLU D 62 -15.21 13.82 73.61
CA GLU D 62 -14.70 14.47 72.39
C GLU D 62 -15.38 14.00 71.09
N ASP D 63 -16.71 13.94 71.11
CA ASP D 63 -17.52 13.47 69.96
C ASP D 63 -17.27 12.02 69.49
N SER D 64 -16.70 11.21 70.39
CA SER D 64 -16.43 9.79 70.16
C SER D 64 -17.18 8.98 71.21
N ALA D 65 -17.24 7.67 70.98
CA ALA D 65 -17.72 6.72 71.97
C ALA D 65 -16.60 5.72 72.26
N ARG D 66 -16.56 5.22 73.48
CA ARG D 66 -15.53 4.29 73.93
C ARG D 66 -16.19 3.12 74.65
N ILE D 67 -15.68 1.91 74.42
CA ILE D 67 -16.07 0.73 75.23
C ILE D 67 -14.80 0.03 75.76
N VAL D 68 -14.68 -0.02 77.09
CA VAL D 68 -13.58 -0.68 77.79
C VAL D 68 -14.10 -2.00 78.37
N ASN D 69 -13.35 -3.06 78.15
CA ASN D 69 -13.59 -4.33 78.82
C ASN D 69 -12.27 -4.87 79.32
N GLY D 70 -11.96 -4.62 80.60
CA GLY D 70 -10.68 -5.00 81.17
C GLY D 70 -9.50 -4.39 80.42
N ASN D 71 -8.64 -5.24 79.86
CA ASN D 71 -7.39 -4.79 79.24
C ASN D 71 -7.51 -4.29 77.80
N ILE D 72 -8.71 -4.29 77.24
CA ILE D 72 -8.90 -3.76 75.90
C ILE D 72 -9.95 -2.65 75.90
N SER D 73 -9.73 -1.63 75.07
N SER D 73 -9.72 -1.64 75.07
CA SER D 73 -10.71 -0.59 74.85
CA SER D 73 -10.64 -0.53 74.84
C SER D 73 -10.81 -0.30 73.35
C SER D 73 -10.80 -0.35 73.32
N ALA D 74 -12.02 -0.03 72.89
CA ALA D 74 -12.30 0.31 71.50
C ALA D 74 -12.83 1.73 71.49
N VAL D 75 -12.26 2.58 70.63
CA VAL D 75 -12.71 3.96 70.45
C VAL D 75 -13.27 4.10 69.03
N VAL D 76 -14.51 4.56 68.93
CA VAL D 76 -15.14 4.90 67.66
C VAL D 76 -15.37 6.42 67.65
N ASN D 77 -14.73 7.13 66.73
CA ASN D 77 -14.93 8.58 66.61
C ASN D 77 -16.25 8.92 65.89
N GLY D 78 -16.53 10.21 65.73
CA GLY D 78 -17.75 10.68 65.12
C GLY D 78 -17.90 10.39 63.64
N ARG D 79 -16.80 10.02 62.98
CA ARG D 79 -16.83 9.56 61.58
C ARG D 79 -16.95 8.02 61.46
N GLY D 80 -17.19 7.33 62.58
CA GLY D 80 -17.33 5.88 62.59
C GLY D 80 -16.04 5.09 62.42
N GLN D 81 -14.90 5.70 62.75
CA GLN D 81 -13.58 5.12 62.54
C GLN D 81 -13.08 4.57 63.88
N LEU D 82 -12.58 3.34 63.85
CA LEU D 82 -12.35 2.52 65.03
C LEU D 82 -10.86 2.27 65.28
N SER D 83 -10.46 2.35 66.54
CA SER D 83 -9.12 1.95 66.97
C SER D 83 -9.20 1.27 68.34
N PHE D 84 -8.19 0.44 68.63
CA PHE D 84 -8.13 -0.35 69.86
C PHE D 84 -6.89 0.00 70.66
N TYR D 85 -7.06 0.10 71.97
CA TYR D 85 -5.97 0.40 72.90
C TYR D 85 -5.97 -0.61 74.05
N ASN D 86 -4.82 -0.81 74.69
CA ASN D 86 -4.76 -1.64 75.90
C ASN D 86 -4.95 -0.77 77.15
N GLN D 87 -4.85 -1.37 78.33
CA GLN D 87 -5.08 -0.65 79.60
C GLN D 87 -4.01 0.42 79.94
N ASN D 88 -2.86 0.36 79.27
CA ASN D 88 -1.81 1.37 79.41
C ASN D 88 -1.94 2.51 78.37
N GLY D 89 -3.02 2.52 77.60
CA GLY D 89 -3.22 3.52 76.56
C GLY D 89 -2.45 3.27 75.27
N LYS D 90 -1.82 2.11 75.13
CA LYS D 90 -0.99 1.85 73.96
C LYS D 90 -1.89 1.42 72.79
N LEU D 91 -1.62 1.97 71.61
CA LEU D 91 -2.33 1.62 70.38
C LEU D 91 -2.02 0.17 70.01
N LEU D 92 -3.06 -0.64 69.89
CA LEU D 92 -2.98 -2.04 69.47
C LEU D 92 -3.24 -2.21 67.97
N LEU D 93 -4.31 -1.58 67.49
CA LEU D 93 -4.83 -1.79 66.15
C LEU D 93 -5.70 -0.59 65.76
N GLU D 94 -5.46 -0.02 64.59
CA GLU D 94 -6.35 1.03 64.07
C GLU D 94 -6.79 0.75 62.65
N GLU D 95 -8.04 1.10 62.38
CA GLU D 95 -8.61 1.01 61.05
C GLU D 95 -7.84 1.90 60.07
N TYR D 96 -7.82 1.46 58.81
CA TYR D 96 -7.20 2.19 57.69
C TYR D 96 -8.30 2.89 56.90
N TRP D 97 -8.30 4.21 56.96
CA TRP D 97 -9.23 5.05 56.20
C TRP D 97 -8.41 5.99 55.31
N ARG D 98 -8.80 6.13 54.05
CA ARG D 98 -8.16 7.07 53.12
C ARG D 98 -9.27 7.69 52.28
N THR D 99 -9.86 8.76 52.81
CA THR D 99 -10.99 9.46 52.19
C THR D 99 -10.92 10.96 52.46
N ARG D 100 -11.70 11.73 51.70
CA ARG D 100 -11.94 13.15 51.96
C ARG D 100 -13.31 13.40 52.57
N PHE D 101 -14.18 12.40 52.51
CA PHE D 101 -15.56 12.54 52.95
C PHE D 101 -15.99 11.20 53.49
N VAL D 102 -16.51 11.18 54.72
CA VAL D 102 -16.82 9.95 55.43
C VAL D 102 -17.92 10.24 56.46
N ALA D 103 -18.91 9.36 56.53
CA ALA D 103 -20.04 9.49 57.45
C ALA D 103 -20.73 10.86 57.34
N GLY D 104 -20.92 11.32 56.09
CA GLY D 104 -21.53 12.61 55.81
C GLY D 104 -20.75 13.84 56.26
N GLN D 105 -19.44 13.69 56.48
CA GLN D 105 -18.58 14.75 57.01
C GLN D 105 -17.28 14.83 56.22
N GLY D 106 -16.71 16.03 56.15
CA GLY D 106 -15.37 16.20 55.64
C GLY D 106 -14.35 15.51 56.54
N GLU D 107 -13.34 14.90 55.94
CA GLU D 107 -12.26 14.30 56.70
C GLU D 107 -11.33 15.42 57.20
N ASP D 108 -10.69 15.16 58.32
CA ASP D 108 -9.73 16.06 58.96
C ASP D 108 -8.43 16.10 58.15
N THR D 109 -8.11 17.25 57.56
CA THR D 109 -6.89 17.42 56.75
C THR D 109 -5.57 17.24 57.51
N SER D 110 -5.58 17.36 58.84
CA SER D 110 -4.38 17.11 59.64
C SER D 110 -4.06 15.61 59.82
N SER D 111 -4.99 14.73 59.48
CA SER D 111 -4.83 13.28 59.68
C SER D 111 -4.30 12.56 58.44
N LYS D 112 -3.58 11.48 58.67
CA LYS D 112 -3.16 10.55 57.62
C LYS D 112 -4.35 9.88 56.91
N TYR D 113 -5.51 9.87 57.58
CA TYR D 113 -6.76 9.45 56.95
C TYR D 113 -7.23 10.32 55.77
N PHE D 114 -6.74 11.55 55.65
CA PHE D 114 -7.17 12.44 54.57
C PHE D 114 -6.50 12.11 53.26
N SER D 115 -7.31 11.68 52.29
CA SER D 115 -6.80 11.22 51.00
C SER D 115 -7.91 11.19 49.95
N PRO D 116 -7.62 11.60 48.71
CA PRO D 116 -8.61 11.41 47.63
C PRO D 116 -8.81 9.97 47.18
N LEU D 117 -7.99 9.02 47.65
CA LEU D 117 -8.03 7.63 47.18
C LEU D 117 -9.36 6.93 47.41
N THR D 118 -10.01 7.24 48.53
CA THR D 118 -11.35 6.72 48.88
C THR D 118 -11.35 5.20 49.16
N HIS D 119 -10.56 4.81 50.16
CA HIS D 119 -10.58 3.46 50.71
C HIS D 119 -11.25 3.51 52.08
N GLU D 120 -12.26 2.68 52.28
CA GLU D 120 -12.92 2.52 53.59
C GLU D 120 -12.32 1.35 54.37
N ALA D 121 -12.34 1.46 55.70
CA ALA D 121 -11.83 0.41 56.58
C ALA D 121 -12.76 -0.79 56.67
N ARG D 122 -14.05 -0.57 56.50
CA ARG D 122 -15.07 -1.61 56.51
C ARG D 122 -15.84 -1.53 55.19
N GLU D 123 -15.28 -2.15 54.15
CA GLU D 123 -15.86 -2.13 52.81
C GLU D 123 -16.76 -3.35 52.64
N LEU D 124 -18.06 -3.11 52.60
CA LEU D 124 -19.05 -4.13 52.28
C LEU D 124 -19.57 -3.83 50.88
N LYS D 125 -18.83 -4.30 49.88
CA LYS D 125 -19.17 -4.02 48.49
C LYS D 125 -20.24 -5.00 48.03
N PRO D 126 -21.44 -4.49 47.66
CA PRO D 126 -22.51 -5.40 47.27
C PRO D 126 -22.22 -6.18 45.98
N ILE D 127 -22.50 -7.47 46.00
CA ILE D 127 -22.42 -8.32 44.82
C ILE D 127 -23.80 -8.28 44.16
N GLN D 128 -23.82 -8.03 42.85
CA GLN D 128 -25.08 -7.82 42.14
C GLN D 128 -25.95 -9.08 42.24
N GLY D 129 -27.21 -8.87 42.63
CA GLY D 129 -28.13 -9.98 42.90
C GLY D 129 -27.83 -10.80 44.14
N GLY D 130 -26.79 -10.44 44.89
CA GLY D 130 -26.20 -11.34 45.87
C GLY D 130 -25.93 -10.67 47.21
N LYS D 131 -24.87 -11.15 47.85
CA LYS D 131 -24.53 -10.72 49.21
C LYS D 131 -23.44 -9.65 49.11
N PHE D 132 -22.36 -9.74 49.90
CA PHE D 132 -21.32 -8.71 49.91
C PHE D 132 -19.92 -9.30 49.81
N GLU D 133 -19.04 -8.54 49.17
CA GLU D 133 -17.62 -8.79 49.13
C GLU D 133 -17.00 -7.84 50.16
N LEU D 134 -16.29 -8.41 51.14
CA LEU D 134 -15.86 -7.68 52.32
C LEU D 134 -14.34 -7.49 52.34
N ARG D 135 -13.90 -6.26 52.57
CA ARG D 135 -12.53 -5.95 52.90
C ARG D 135 -12.48 -5.13 54.18
N ALA D 136 -11.75 -5.64 55.16
CA ALA D 136 -11.51 -4.95 56.42
C ALA D 136 -10.03 -4.54 56.42
N ARG D 137 -9.79 -3.24 56.45
CA ARG D 137 -8.44 -2.68 56.33
C ARG D 137 -8.00 -2.08 57.66
N PHE D 138 -6.76 -2.35 58.02
CA PHE D 138 -6.12 -1.80 59.22
C PHE D 138 -4.75 -1.23 58.86
N GLU D 139 -4.31 -0.22 59.60
CA GLU D 139 -2.97 0.32 59.40
C GLU D 139 -1.97 -0.76 59.75
N SER D 140 -0.91 -0.83 58.97
CA SER D 140 0.27 -1.60 59.34
C SER D 140 1.00 -0.80 60.42
N GLN D 141 1.79 -1.47 61.24
CA GLN D 141 2.58 -0.81 62.27
C GLN D 141 4.03 -1.24 62.10
N PRO D 142 4.99 -0.29 62.16
CA PRO D 142 6.39 -0.62 61.84
C PRO D 142 7.02 -1.69 62.76
N ASP D 143 6.66 -1.69 64.03
CA ASP D 143 7.22 -2.65 64.99
C ASP D 143 6.55 -4.05 65.01
N GLU D 144 5.47 -4.23 64.24
CA GLU D 144 4.57 -5.36 64.45
C GLU D 144 5.05 -6.69 63.83
N ARG D 145 5.09 -7.72 64.67
CA ARG D 145 5.34 -9.09 64.26
C ARG D 145 4.05 -9.87 64.49
N ILE D 146 3.74 -10.79 63.57
CA ILE D 146 2.42 -11.42 63.52
C ILE D 146 2.59 -12.94 63.41
N TYR D 147 1.79 -13.66 64.18
CA TYR D 147 1.89 -15.12 64.28
C TYR D 147 0.51 -15.74 64.23
N GLY D 148 0.47 -17.04 63.97
CA GLY D 148 -0.78 -17.79 63.93
C GLY D 148 -1.26 -18.01 62.51
N LEU D 149 -2.58 -17.84 62.31
CA LEU D 149 -3.28 -17.97 61.02
C LEU D 149 -3.52 -19.40 60.53
N GLY D 150 -2.80 -20.37 61.09
CA GLY D 150 -2.95 -21.78 60.75
C GLY D 150 -1.66 -22.40 60.24
N GLN D 151 -1.79 -23.14 59.14
CA GLN D 151 -0.74 -24.00 58.59
C GLN D 151 -0.50 -23.62 57.12
N TYR D 152 0.61 -22.94 56.88
CA TYR D 152 0.98 -22.49 55.53
C TYR D 152 2.35 -23.02 55.16
N GLN D 153 2.49 -23.38 53.89
CA GLN D 153 3.72 -24.02 53.39
C GLN D 153 4.71 -22.95 52.97
N GLN D 154 5.37 -22.37 53.98
CA GLN D 154 6.27 -21.24 53.78
C GLN D 154 7.26 -21.11 54.96
N PRO D 155 8.51 -20.67 54.70
CA PRO D 155 9.55 -20.62 55.74
C PRO D 155 9.54 -19.31 56.55
N PHE D 156 8.39 -18.99 57.15
CA PHE D 156 8.19 -17.76 57.91
C PHE D 156 7.36 -18.11 59.14
N LEU D 157 7.92 -17.84 60.33
CA LEU D 157 7.15 -17.94 61.57
C LEU D 157 6.40 -16.64 61.73
N ASN D 158 7.14 -15.53 61.82
CA ASN D 158 6.58 -14.18 61.75
C ASN D 158 6.08 -13.94 60.33
N VAL D 159 4.78 -13.69 60.18
CA VAL D 159 4.14 -13.52 58.86
C VAL D 159 3.81 -12.06 58.49
N LYS D 160 4.29 -11.09 59.28
CA LYS D 160 4.25 -9.69 58.83
C LYS D 160 4.99 -9.60 57.49
N GLY D 161 4.34 -9.04 56.49
CA GLY D 161 4.90 -8.97 55.13
C GLY D 161 4.42 -10.07 54.21
N CYS D 162 3.77 -11.11 54.76
CA CYS D 162 3.22 -12.21 53.99
C CYS D 162 1.74 -12.03 53.74
N THR D 163 1.27 -12.70 52.70
CA THR D 163 -0.13 -12.75 52.34
C THR D 163 -0.54 -14.22 52.32
N MET D 164 -1.65 -14.52 53.00
CA MET D 164 -2.14 -15.89 53.20
C MET D 164 -3.53 -16.06 52.59
N GLU D 165 -3.72 -17.12 51.81
CA GLU D 165 -5.02 -17.46 51.27
C GLU D 165 -5.89 -18.06 52.39
N LEU D 166 -7.09 -17.50 52.56
CA LEU D 166 -8.09 -18.06 53.48
C LEU D 166 -8.87 -19.09 52.69
N ALA D 167 -8.29 -20.28 52.57
CA ALA D 167 -8.90 -21.42 51.88
C ALA D 167 -8.22 -22.70 52.34
N GLN D 168 -8.93 -23.81 52.18
CA GLN D 168 -8.44 -25.13 52.59
C GLN D 168 -7.98 -25.91 51.35
N ARG D 169 -6.69 -26.27 51.34
CA ARG D 169 -6.09 -27.13 50.32
C ARG D 169 -5.18 -28.14 51.02
N ASN D 170 -4.96 -29.27 50.37
CA ASN D 170 -4.05 -30.32 50.87
C ASN D 170 -2.68 -29.71 51.20
N SER D 171 -2.34 -29.78 52.49
CA SER D 171 -1.11 -29.27 53.12
C SER D 171 -1.22 -27.84 53.68
N GLN D 172 -2.41 -27.24 53.59
CA GLN D 172 -2.71 -25.89 54.08
C GLN D 172 -3.97 -25.93 54.94
N ALA D 173 -3.96 -25.20 56.06
CA ALA D 173 -5.13 -25.09 56.93
C ALA D 173 -5.29 -23.65 57.35
N SER D 174 -6.39 -23.01 56.91
CA SER D 174 -6.71 -21.66 57.36
C SER D 174 -7.40 -21.77 58.72
N VAL D 175 -6.71 -21.28 59.75
CA VAL D 175 -7.25 -21.20 61.12
C VAL D 175 -7.02 -19.76 61.55
N PRO D 176 -7.95 -18.86 61.21
CA PRO D 176 -7.63 -17.43 61.15
C PRO D 176 -7.66 -16.69 62.50
N PHE D 177 -6.87 -17.17 63.46
CA PHE D 177 -6.57 -16.43 64.68
C PHE D 177 -5.12 -16.00 64.58
N MET D 178 -4.90 -14.69 64.69
CA MET D 178 -3.54 -14.12 64.70
C MET D 178 -3.18 -13.60 66.10
N MET D 179 -1.88 -13.67 66.43
CA MET D 179 -1.33 -13.07 67.64
C MET D 179 -0.27 -12.07 67.24
N SER D 180 -0.37 -10.86 67.78
CA SER D 180 0.57 -9.77 67.47
C SER D 180 1.52 -9.50 68.63
N SER D 181 2.76 -9.13 68.29
CA SER D 181 3.75 -8.68 69.28
C SER D 181 3.36 -7.40 70.00
N LEU D 182 2.38 -6.65 69.47
CA LEU D 182 1.85 -5.46 70.13
C LEU D 182 0.96 -5.76 71.36
N GLY D 183 0.58 -7.01 71.54
CA GLY D 183 -0.12 -7.46 72.75
C GLY D 183 -1.62 -7.64 72.60
N TYR D 184 -2.04 -8.07 71.41
CA TYR D 184 -3.43 -8.43 71.16
C TYR D 184 -3.47 -9.69 70.30
N GLY D 185 -4.64 -10.33 70.29
CA GLY D 185 -4.95 -11.40 69.35
C GLY D 185 -6.23 -11.05 68.65
N MET D 186 -6.42 -11.61 67.45
CA MET D 186 -7.62 -11.34 66.66
C MET D 186 -8.06 -12.59 65.88
N LEU D 187 -9.34 -12.97 66.04
CA LEU D 187 -9.99 -14.00 65.25
C LEU D 187 -10.86 -13.36 64.16
N TRP D 188 -10.57 -13.71 62.91
CA TRP D 188 -11.44 -13.41 61.78
C TRP D 188 -12.53 -14.47 61.77
N ASN D 189 -13.68 -14.14 62.36
CA ASN D 189 -14.76 -15.10 62.63
C ASN D 189 -15.67 -15.14 61.42
N ASN D 190 -15.13 -15.68 60.34
CA ASN D 190 -15.77 -15.66 59.04
C ASN D 190 -15.12 -16.76 58.19
N PRO D 191 -15.90 -17.81 57.85
CA PRO D 191 -15.39 -18.96 57.09
C PRO D 191 -15.37 -18.77 55.56
N ALA D 192 -15.52 -17.54 55.08
CA ALA D 192 -15.56 -17.29 53.64
C ALA D 192 -14.19 -17.46 53.01
N ILE D 193 -14.20 -17.89 51.75
CA ILE D 193 -12.99 -17.94 50.95
C ILE D 193 -12.50 -16.50 50.84
N GLY D 194 -11.20 -16.30 50.99
CA GLY D 194 -10.65 -14.96 50.87
C GLY D 194 -9.15 -14.91 51.07
N GLU D 195 -8.69 -13.86 51.75
CA GLU D 195 -7.27 -13.61 51.89
C GLU D 195 -6.99 -12.68 53.05
N VAL D 196 -5.84 -12.88 53.71
CA VAL D 196 -5.32 -11.89 54.65
C VAL D 196 -3.92 -11.48 54.20
N SER D 197 -3.74 -10.18 53.93
CA SER D 197 -2.42 -9.66 53.59
C SER D 197 -1.93 -8.75 54.69
N PHE D 198 -0.83 -9.16 55.32
CA PHE D 198 -0.16 -8.33 56.30
C PHE D 198 0.97 -7.55 55.61
N ALA D 199 0.60 -6.80 54.56
CA ALA D 199 1.56 -6.04 53.78
C ALA D 199 2.18 -4.94 54.64
N ASN D 200 3.39 -4.52 54.29
CA ASN D 200 4.08 -3.47 55.04
C ASN D 200 3.31 -2.14 54.99
N ASN D 201 2.58 -1.89 53.90
CA ASN D 201 1.84 -0.62 53.71
C ASN D 201 0.39 -0.60 54.22
N VAL D 202 -0.24 -1.77 54.39
CA VAL D 202 -1.62 -1.86 54.88
C VAL D 202 -1.99 -3.33 55.16
N THR D 203 -2.77 -3.58 56.22
CA THR D 203 -3.31 -4.90 56.51
C THR D 203 -4.75 -5.02 55.98
N THR D 204 -5.02 -6.05 55.18
CA THR D 204 -6.32 -6.25 54.56
C THR D 204 -6.80 -7.70 54.76
N TRP D 205 -7.98 -7.85 55.36
CA TRP D 205 -8.69 -9.12 55.42
C TRP D 205 -9.81 -9.07 54.41
N MET D 206 -9.98 -10.13 53.63
CA MET D 206 -10.95 -10.14 52.53
C MET D 206 -11.81 -11.39 52.59
N ALA D 207 -13.11 -11.21 52.38
CA ALA D 207 -14.06 -12.30 52.21
C ALA D 207 -14.76 -12.12 50.85
N ARG D 208 -14.69 -13.16 50.01
CA ARG D 208 -15.27 -13.12 48.67
C ARG D 208 -16.80 -12.95 48.68
N VAL D 209 -17.46 -13.67 49.59
CA VAL D 209 -18.90 -13.60 49.78
C VAL D 209 -19.20 -13.69 51.28
N THR D 210 -19.95 -12.73 51.80
CA THR D 210 -20.37 -12.77 53.21
C THR D 210 -21.57 -11.85 53.44
N GLU D 211 -22.29 -12.10 54.52
CA GLU D 211 -23.40 -11.22 54.93
C GLU D 211 -22.94 -10.04 55.77
N GLN D 212 -21.84 -10.20 56.50
CA GLN D 212 -21.42 -9.19 57.48
C GLN D 212 -19.97 -9.38 57.94
N LEU D 213 -19.40 -8.27 58.42
CA LEU D 213 -18.10 -8.28 59.09
C LEU D 213 -18.29 -8.87 60.49
N ASP D 214 -17.32 -9.67 60.93
CA ASP D 214 -17.35 -10.30 62.25
C ASP D 214 -15.93 -10.67 62.64
N TYR D 215 -15.45 -10.08 63.73
CA TYR D 215 -14.20 -10.50 64.32
C TYR D 215 -14.18 -10.33 65.85
N TRP D 216 -13.23 -11.01 66.46
CA TRP D 216 -13.07 -11.06 67.91
C TRP D 216 -11.65 -10.63 68.20
N ILE D 217 -11.49 -9.72 69.15
CA ILE D 217 -10.18 -9.16 69.46
C ILE D 217 -9.98 -9.18 70.97
N THR D 218 -8.76 -9.50 71.40
CA THR D 218 -8.46 -9.72 72.81
C THR D 218 -7.09 -9.12 73.14
N ALA D 219 -6.95 -8.60 74.37
CA ALA D 219 -5.70 -7.97 74.79
C ALA D 219 -5.22 -8.58 76.11
N ALA D 220 -3.91 -8.76 76.22
CA ALA D 220 -3.27 -9.14 77.48
C ALA D 220 -1.76 -8.88 77.43
N ASP D 221 -1.15 -8.82 78.61
CA ASP D 221 0.26 -8.45 78.73
C ASP D 221 1.24 -9.52 78.27
N THR D 222 0.79 -10.78 78.17
CA THR D 222 1.64 -11.89 77.72
C THR D 222 0.95 -12.76 76.68
N PRO D 223 1.74 -13.38 75.78
CA PRO D 223 1.20 -14.36 74.85
C PRO D 223 0.37 -15.49 75.49
N ALA D 224 0.81 -15.98 76.65
CA ALA D 224 0.08 -17.04 77.36
C ALA D 224 -1.36 -16.66 77.70
N GLU D 225 -1.58 -15.43 78.17
CA GLU D 225 -2.93 -14.95 78.47
C GLU D 225 -3.80 -14.81 77.21
N ILE D 226 -3.21 -14.35 76.12
CA ILE D 226 -3.92 -14.26 74.83
C ILE D 226 -4.37 -15.65 74.38
N SER D 227 -3.47 -16.64 74.46
CA SER D 227 -3.84 -18.02 74.09
C SER D 227 -4.97 -18.57 74.98
N GLN D 228 -4.93 -18.25 76.28
CA GLN D 228 -5.98 -18.67 77.22
C GLN D 228 -7.32 -18.04 76.86
N GLN D 229 -7.30 -16.72 76.63
CA GLN D 229 -8.50 -15.98 76.25
C GLN D 229 -9.10 -16.50 74.94
N TYR D 230 -8.25 -16.85 73.97
CA TYR D 230 -8.73 -17.46 72.71
C TYR D 230 -9.34 -18.86 72.90
N ALA D 231 -8.72 -19.69 73.74
CA ALA D 231 -9.27 -21.01 74.06
C ALA D 231 -10.65 -20.90 74.76
N ALA D 232 -10.82 -19.90 75.62
CA ALA D 232 -12.14 -19.61 76.20
C ALA D 232 -13.14 -19.13 75.15
N ALA D 233 -12.68 -18.41 74.13
CA ALA D 233 -13.55 -17.94 73.04
C ALA D 233 -14.03 -19.03 72.09
N THR D 234 -13.13 -19.93 71.69
CA THR D 234 -13.43 -20.94 70.66
C THR D 234 -13.47 -22.40 71.13
N GLY D 235 -13.12 -22.65 72.39
CA GLY D 235 -13.17 -23.98 72.97
C GLY D 235 -11.80 -24.53 73.32
N ALA D 236 -11.74 -25.25 74.44
CA ALA D 236 -10.51 -25.86 74.92
C ALA D 236 -10.25 -27.15 74.17
N ALA D 237 -8.98 -27.44 73.88
CA ALA D 237 -8.61 -28.80 73.50
C ALA D 237 -9.05 -29.74 74.66
N PRO D 238 -9.60 -30.91 74.32
CA PRO D 238 -9.87 -31.87 75.38
C PRO D 238 -8.57 -32.49 75.90
N MET D 239 -8.69 -33.45 76.79
CA MET D 239 -7.53 -34.19 77.29
C MET D 239 -7.12 -35.26 76.29
N LEU D 240 -5.81 -35.34 76.02
CA LEU D 240 -5.27 -36.31 75.07
C LEU D 240 -5.29 -37.69 75.73
N PRO D 241 -5.74 -38.75 75.00
CA PRO D 241 -5.62 -40.09 75.58
C PRO D 241 -4.15 -40.50 75.71
N ASP D 242 -3.84 -41.28 76.74
CA ASP D 242 -2.44 -41.69 77.02
C ASP D 242 -1.74 -42.35 75.83
N TYR D 243 -2.45 -43.22 75.10
CA TYR D 243 -1.87 -43.92 73.94
C TYR D 243 -1.37 -42.98 72.82
N ALA D 244 -1.99 -41.81 72.68
CA ALA D 244 -1.62 -40.85 71.64
C ALA D 244 -0.22 -40.23 71.79
N ALA D 245 0.33 -40.25 73.01
CA ALA D 245 1.70 -39.75 73.26
C ALA D 245 2.83 -40.72 72.89
N GLY D 246 2.48 -41.98 72.61
CA GLY D 246 3.46 -42.98 72.14
C GLY D 246 3.68 -42.93 70.64
N PHE D 247 4.30 -43.98 70.09
CA PHE D 247 4.71 -44.00 68.68
C PHE D 247 3.57 -44.47 67.78
N TRP D 248 3.34 -43.73 66.69
CA TRP D 248 2.35 -44.07 65.66
C TRP D 248 3.10 -44.58 64.43
N GLN D 249 2.83 -45.83 64.04
CA GLN D 249 3.48 -46.45 62.90
C GLN D 249 2.51 -46.51 61.73
N CYS D 250 2.91 -45.96 60.60
CA CYS D 250 2.05 -45.93 59.41
C CYS D 250 2.87 -45.96 58.13
N LYS D 251 2.21 -46.37 57.05
CA LYS D 251 2.74 -46.15 55.70
C LYS D 251 1.57 -46.17 54.70
N LEU D 252 1.86 -45.70 53.49
CA LEU D 252 0.99 -45.90 52.33
C LEU D 252 1.54 -47.09 51.56
N ARG D 253 0.93 -48.27 51.63
CA ARG D 253 -0.12 -48.65 52.57
C ARG D 253 0.02 -50.13 52.92
N TYR D 254 -0.37 -50.48 54.15
CA TYR D 254 -0.53 -51.89 54.51
C TYR D 254 -1.81 -52.35 53.81
N ARG D 255 -1.63 -53.21 52.81
CA ARG D 255 -2.71 -53.63 51.91
C ARG D 255 -3.59 -54.73 52.48
N THR D 256 -3.07 -55.51 53.41
CA THR D 256 -3.80 -56.64 53.98
C THR D 256 -3.69 -56.71 55.49
N GLN D 257 -4.64 -57.41 56.11
CA GLN D 257 -4.61 -57.71 57.54
C GLN D 257 -3.30 -58.38 57.96
N ASP D 258 -2.88 -59.38 57.18
CA ASP D 258 -1.61 -60.09 57.45
C ASP D 258 -0.40 -59.16 57.43
N GLU D 259 -0.32 -58.30 56.40
CA GLU D 259 0.82 -57.37 56.28
C GLU D 259 0.90 -56.43 57.49
N LEU D 260 -0.21 -55.80 57.83
CA LEU D 260 -0.28 -54.90 58.99
C LEU D 260 0.10 -55.60 60.30
N MET D 261 -0.45 -56.79 60.52
CA MET D 261 -0.16 -57.55 61.75
C MET D 261 1.30 -58.01 61.85
N GLU D 262 1.93 -58.36 60.74
CA GLU D 262 3.34 -58.77 60.75
C GLU D 262 4.28 -57.61 61.08
N VAL D 263 3.93 -56.40 60.63
CA VAL D 263 4.66 -55.19 61.06
C VAL D 263 4.51 -55.00 62.58
N ALA D 264 3.29 -55.10 63.08
CA ALA D 264 3.02 -54.89 64.51
C ALA D 264 3.71 -55.95 65.36
N ARG D 265 3.64 -57.21 64.93
CA ARG D 265 4.31 -58.31 65.63
C ARG D 265 5.84 -58.17 65.62
N GLU D 266 6.39 -57.65 64.53
CA GLU D 266 7.85 -57.44 64.41
C GLU D 266 8.35 -56.32 65.34
N TYR D 267 7.56 -55.25 65.49
CA TYR D 267 7.85 -54.21 66.49
C TYR D 267 7.91 -54.82 67.91
N LYS D 268 6.92 -55.63 68.26
CA LYS D 268 6.87 -56.28 69.57
C LYS D 268 8.00 -57.30 69.76
N ARG D 269 8.27 -58.09 68.72
CA ARG D 269 9.39 -59.05 68.70
C ARG D 269 10.75 -58.39 68.98
N ARG D 270 10.94 -57.16 68.50
CA ARG D 270 12.18 -56.39 68.74
C ARG D 270 12.15 -55.56 70.03
N SER D 271 11.10 -55.70 70.84
CA SER D 271 10.90 -54.89 72.07
C SER D 271 10.89 -53.37 71.82
N LEU D 272 10.37 -52.98 70.66
CA LEU D 272 10.30 -51.58 70.27
C LEU D 272 8.97 -50.98 70.72
N PRO D 273 8.98 -49.72 71.19
CA PRO D 273 7.72 -49.04 71.50
C PRO D 273 6.83 -48.88 70.28
N ILE D 274 5.53 -49.13 70.48
CA ILE D 274 4.52 -48.86 69.46
C ILE D 274 3.16 -48.78 70.16
N SER D 275 2.49 -47.63 70.03
CA SER D 275 1.17 -47.38 70.63
C SER D 275 0.03 -47.34 69.62
N VAL D 276 0.30 -46.92 68.39
CA VAL D 276 -0.71 -46.89 67.32
C VAL D 276 -0.14 -47.48 66.03
N ILE D 277 -0.95 -48.29 65.34
CA ILE D 277 -0.66 -48.75 63.98
C ILE D 277 -1.87 -48.43 63.11
N VAL D 278 -1.64 -48.25 61.81
CA VAL D 278 -2.64 -47.61 60.96
C VAL D 278 -2.89 -48.35 59.65
N ALA D 279 -4.17 -48.54 59.33
CA ALA D 279 -4.59 -49.02 58.02
C ALA D 279 -4.96 -47.79 57.16
N ASP D 280 -4.13 -47.53 56.16
CA ASP D 280 -4.29 -46.39 55.25
C ASP D 280 -5.44 -46.66 54.28
N PHE D 281 -5.69 -45.70 53.40
CA PHE D 281 -6.80 -45.73 52.45
C PHE D 281 -6.87 -46.95 51.53
N PHE D 282 -8.07 -47.14 50.96
CA PHE D 282 -8.37 -48.18 49.97
C PHE D 282 -8.15 -49.60 50.48
N HIS D 283 -8.49 -49.76 51.76
CA HIS D 283 -8.69 -51.05 52.41
C HIS D 283 -10.16 -51.47 52.29
N TRP D 284 -10.96 -50.66 51.58
CA TRP D 284 -12.41 -50.78 51.52
C TRP D 284 -12.82 -51.28 50.12
N PRO D 285 -14.04 -51.85 49.99
CA PRO D 285 -14.48 -52.30 48.66
C PRO D 285 -14.68 -51.17 47.65
N ASN D 286 -15.28 -50.08 48.11
CA ASN D 286 -15.43 -48.86 47.30
C ASN D 286 -15.52 -47.65 48.22
N GLN D 287 -15.25 -46.48 47.65
CA GLN D 287 -15.32 -45.21 48.38
C GLN D 287 -16.77 -44.92 48.75
N GLY D 288 -17.03 -44.68 50.03
CA GLY D 288 -18.38 -44.49 50.54
C GLY D 288 -19.02 -45.73 51.16
N ASP D 289 -18.32 -46.87 51.16
CA ASP D 289 -18.77 -48.07 51.90
C ASP D 289 -18.39 -47.99 53.37
N TRP D 290 -17.24 -47.37 53.66
CA TRP D 290 -16.75 -47.21 55.03
C TRP D 290 -16.75 -48.53 55.83
N CYS D 291 -16.10 -49.54 55.25
CA CYS D 291 -15.90 -50.84 55.90
C CYS D 291 -14.64 -51.49 55.34
N PHE D 292 -14.13 -52.48 56.06
CA PHE D 292 -13.04 -53.33 55.55
C PHE D 292 -13.52 -54.21 54.38
N ASP D 293 -12.68 -54.35 53.35
CA ASP D 293 -12.87 -55.33 52.29
C ASP D 293 -12.39 -56.70 52.81
N THR D 294 -13.32 -57.64 53.00
CA THR D 294 -12.98 -58.94 53.63
C THR D 294 -12.02 -59.81 52.81
N ARG D 295 -11.92 -59.55 51.50
CA ARG D 295 -10.92 -60.21 50.66
C ARG D 295 -9.50 -59.97 51.16
N GLU D 296 -9.18 -58.73 51.54
CA GLU D 296 -7.86 -58.39 52.10
C GLU D 296 -7.82 -58.31 53.63
N TRP D 297 -8.98 -58.17 54.26
CA TRP D 297 -9.09 -58.00 55.72
C TRP D 297 -10.16 -58.99 56.24
N PRO D 298 -9.82 -60.30 56.26
CA PRO D 298 -10.86 -61.32 56.47
C PRO D 298 -11.48 -61.39 57.87
N ASP D 299 -10.78 -60.91 58.90
CA ASP D 299 -11.30 -60.96 60.28
C ASP D 299 -10.81 -59.74 61.09
N PRO D 300 -11.44 -58.56 60.87
CA PRO D 300 -11.01 -57.33 61.55
C PRO D 300 -11.11 -57.39 63.08
N LYS D 301 -12.11 -58.08 63.60
CA LYS D 301 -12.25 -58.29 65.05
C LYS D 301 -11.03 -58.96 65.66
N ALA D 302 -10.53 -60.02 65.01
CA ALA D 302 -9.35 -60.75 65.48
C ALA D 302 -8.08 -59.90 65.42
N MET D 303 -7.92 -59.12 64.35
CA MET D 303 -6.84 -58.12 64.24
C MET D 303 -6.86 -57.16 65.43
N ILE D 304 -8.02 -56.56 65.69
CA ILE D 304 -8.18 -55.55 66.74
C ILE D 304 -7.97 -56.16 68.14
N ASP D 305 -8.51 -57.36 68.37
CA ASP D 305 -8.32 -58.06 69.64
C ASP D 305 -6.85 -58.42 69.91
N GLU D 306 -6.12 -58.87 68.88
CA GLU D 306 -4.70 -59.18 69.03
C GLU D 306 -3.85 -57.92 69.26
N LEU D 307 -4.13 -56.85 68.52
CA LEU D 307 -3.47 -55.56 68.75
C LEU D 307 -3.70 -55.03 70.17
N LYS D 308 -4.92 -55.19 70.69
CA LYS D 308 -5.23 -54.83 72.07
C LYS D 308 -4.39 -55.62 73.09
N GLU D 309 -4.20 -56.92 72.86
CA GLU D 309 -3.25 -57.74 73.68
C GLU D 309 -1.81 -57.23 73.59
N MET D 310 -1.43 -56.78 72.40
CA MET D 310 -0.09 -56.20 72.16
C MET D 310 0.09 -54.77 72.71
N GLY D 311 -0.97 -54.16 73.25
CA GLY D 311 -0.91 -52.77 73.74
C GLY D 311 -0.93 -51.73 72.62
N ILE D 312 -1.59 -52.06 71.51
CA ILE D 312 -1.61 -51.22 70.30
C ILE D 312 -3.05 -50.90 69.89
N GLU D 313 -3.29 -49.62 69.60
CA GLU D 313 -4.55 -49.16 69.00
C GLU D 313 -4.47 -49.20 67.48
N LEU D 314 -5.55 -49.61 66.84
CA LEU D 314 -5.69 -49.49 65.40
C LEU D 314 -6.38 -48.17 65.07
N MET D 315 -5.84 -47.44 64.09
CA MET D 315 -6.53 -46.33 63.44
C MET D 315 -6.80 -46.72 61.99
N VAL D 316 -7.96 -46.33 61.47
CA VAL D 316 -8.32 -46.58 60.08
C VAL D 316 -8.57 -45.30 59.31
N SER D 317 -8.17 -45.31 58.04
CA SER D 317 -8.47 -44.25 57.09
C SER D 317 -9.99 -44.13 56.85
N ILE D 318 -10.49 -42.90 57.01
CA ILE D 318 -11.81 -42.51 56.52
C ILE D 318 -11.59 -41.52 55.37
N TRP D 319 -12.20 -41.79 54.23
CA TRP D 319 -12.28 -40.81 53.15
C TRP D 319 -13.71 -40.27 53.11
N PRO D 320 -13.85 -38.95 52.88
CA PRO D 320 -15.16 -38.30 52.81
C PRO D 320 -15.84 -38.44 51.44
N THR D 321 -15.22 -39.20 50.54
CA THR D 321 -15.71 -39.43 49.19
C THR D 321 -16.77 -40.52 49.19
N VAL D 322 -17.75 -40.34 48.29
CA VAL D 322 -18.77 -41.35 48.03
C VAL D 322 -18.83 -41.60 46.51
N ASP D 323 -18.39 -42.79 46.12
CA ASP D 323 -18.40 -43.21 44.72
C ASP D 323 -19.83 -43.43 44.30
N ASN D 324 -20.17 -42.97 43.09
CA ASN D 324 -21.56 -42.96 42.62
C ASN D 324 -22.17 -44.32 42.26
N ARG D 325 -21.38 -45.40 42.36
CA ARG D 325 -21.89 -46.77 42.21
C ARG D 325 -22.27 -47.45 43.53
N THR D 326 -22.11 -46.76 44.66
CA THR D 326 -22.32 -47.39 45.98
C THR D 326 -23.75 -47.26 46.48
N GLU D 327 -24.11 -48.13 47.42
CA GLU D 327 -25.41 -48.06 48.07
C GLU D 327 -25.55 -46.75 48.83
N ASN D 328 -24.50 -46.35 49.53
CA ASN D 328 -24.50 -45.10 50.29
C ASN D 328 -24.67 -43.84 49.44
N TYR D 329 -24.13 -43.82 48.22
CA TYR D 329 -24.38 -42.70 47.30
C TYR D 329 -25.87 -42.49 47.06
N LYS D 330 -26.56 -43.58 46.72
CA LYS D 330 -27.98 -43.58 46.42
C LYS D 330 -28.80 -43.02 47.58
N ILE D 331 -28.50 -43.48 48.79
CA ILE D 331 -29.22 -43.05 49.99
C ILE D 331 -28.89 -41.60 50.35
N MET D 332 -27.60 -41.26 50.32
CA MET D 332 -27.15 -39.90 50.63
C MET D 332 -27.63 -38.87 49.60
N LYS D 333 -27.70 -39.26 48.33
CA LYS D 333 -28.31 -38.41 47.30
C LYS D 333 -29.82 -38.24 47.53
N GLU D 334 -30.53 -39.31 47.88
CA GLU D 334 -31.95 -39.21 48.22
C GLU D 334 -32.21 -38.19 49.33
N LYS D 335 -31.36 -38.21 50.36
CA LYS D 335 -31.51 -37.37 51.54
C LYS D 335 -30.87 -35.98 51.43
N GLY D 336 -30.12 -35.72 50.37
CA GLY D 336 -29.44 -34.45 50.17
C GLY D 336 -28.24 -34.25 51.10
N TYR D 337 -27.50 -35.34 51.35
CA TYR D 337 -26.33 -35.29 52.22
C TYR D 337 -24.99 -35.08 51.49
N LEU D 338 -25.04 -34.85 50.18
CA LEU D 338 -23.82 -34.68 49.38
C LEU D 338 -23.56 -33.21 49.04
N VAL D 339 -22.28 -32.88 48.92
CA VAL D 339 -21.85 -31.61 48.34
C VAL D 339 -22.36 -31.54 46.88
N LYS D 340 -22.67 -30.34 46.40
CA LYS D 340 -23.15 -30.15 45.04
C LYS D 340 -22.21 -29.29 44.19
N ALA D 341 -22.06 -29.68 42.93
CA ALA D 341 -21.40 -28.86 41.93
C ALA D 341 -22.43 -27.86 41.39
N GLU D 342 -22.02 -26.59 41.30
CA GLU D 342 -22.86 -25.52 40.79
C GLU D 342 -23.05 -25.66 39.28
N ARG D 343 -21.96 -26.00 38.57
CA ARG D 343 -22.00 -26.22 37.12
C ARG D 343 -21.18 -27.46 36.73
N GLY D 344 -21.51 -28.02 35.56
CA GLY D 344 -20.79 -29.17 35.01
C GLY D 344 -21.18 -30.50 35.64
N VAL D 345 -20.41 -31.54 35.34
CA VAL D 345 -20.75 -32.89 35.82
C VAL D 345 -20.78 -32.93 37.37
N PRO D 346 -21.75 -33.66 37.97
CA PRO D 346 -21.90 -33.64 39.42
C PRO D 346 -20.90 -34.59 40.10
N VAL D 347 -19.62 -34.24 39.98
CA VAL D 347 -18.50 -35.01 40.51
C VAL D 347 -17.52 -34.01 41.14
N THR D 348 -17.12 -34.26 42.38
CA THR D 348 -16.18 -33.36 43.06
C THR D 348 -14.72 -33.85 43.03
N MET D 349 -14.52 -35.17 43.00
CA MET D 349 -13.18 -35.75 42.90
C MET D 349 -13.18 -36.95 41.96
N THR D 350 -12.11 -37.12 41.18
CA THR D 350 -11.98 -38.22 40.23
C THR D 350 -10.89 -39.26 40.58
N PHE D 351 -10.43 -39.26 41.83
CA PHE D 351 -9.39 -40.20 42.26
C PHE D 351 -9.94 -41.62 42.46
N LEU D 352 -9.58 -42.51 41.52
CA LEU D 352 -9.97 -43.94 41.52
C LEU D 352 -11.48 -44.20 41.45
N GLY D 353 -12.21 -43.30 40.78
CA GLY D 353 -13.66 -43.37 40.65
C GLY D 353 -14.22 -41.96 40.67
N ASN D 354 -15.45 -41.79 40.18
CA ASN D 354 -16.13 -40.49 40.23
C ASN D 354 -16.87 -40.39 41.54
N THR D 355 -16.37 -39.52 42.43
CA THR D 355 -16.94 -39.38 43.77
C THR D 355 -17.46 -38.00 44.05
N THR D 356 -18.36 -37.93 45.03
CA THR D 356 -18.88 -36.69 45.56
C THR D 356 -18.62 -36.71 47.06
N PHE D 357 -18.20 -35.57 47.61
CA PHE D 357 -17.97 -35.45 49.06
C PHE D 357 -19.27 -35.43 49.86
N PHE D 358 -19.26 -36.03 51.05
CA PHE D 358 -20.37 -35.81 51.99
C PHE D 358 -20.29 -34.38 52.51
N ASP D 359 -21.43 -33.79 52.78
CA ASP D 359 -21.49 -32.40 53.23
C ASP D 359 -21.33 -32.35 54.74
N ALA D 360 -20.10 -32.04 55.18
CA ALA D 360 -19.78 -31.91 56.60
C ALA D 360 -20.45 -30.71 57.31
N THR D 361 -21.04 -29.78 56.55
CA THR D 361 -21.82 -28.69 57.15
C THR D 361 -23.30 -29.07 57.37
N HIS D 362 -23.74 -30.20 56.82
CA HIS D 362 -25.10 -30.71 57.00
C HIS D 362 -25.11 -31.61 58.25
N PRO D 363 -25.91 -31.25 59.29
CA PRO D 363 -25.92 -32.09 60.51
C PRO D 363 -26.41 -33.52 60.29
N GLY D 364 -27.39 -33.70 59.41
CA GLY D 364 -27.84 -35.02 58.99
C GLY D 364 -26.78 -35.85 58.28
N ALA D 365 -25.98 -35.20 57.42
CA ALA D 365 -24.88 -35.89 56.72
C ALA D 365 -23.78 -36.31 57.68
N ARG D 366 -23.44 -35.43 58.62
CA ARG D 366 -22.48 -35.75 59.67
C ARG D 366 -22.92 -37.00 60.42
N LYS D 367 -24.17 -36.99 60.88
CA LYS D 367 -24.74 -38.12 61.60
C LYS D 367 -24.71 -39.39 60.74
N TYR D 368 -25.09 -39.29 59.47
CA TYR D 368 -25.15 -40.45 58.59
C TYR D 368 -23.78 -41.13 58.46
N VAL D 369 -22.75 -40.35 58.17
CA VAL D 369 -21.40 -40.87 57.96
C VAL D 369 -20.83 -41.46 59.26
N TRP D 370 -21.05 -40.79 60.38
CA TRP D 370 -20.66 -41.32 61.69
C TRP D 370 -21.29 -42.71 61.94
N GLU D 371 -22.59 -42.83 61.70
CA GLU D 371 -23.30 -44.09 62.00
C GLU D 371 -22.76 -45.26 61.16
N GLN D 372 -22.33 -44.96 59.93
CA GLN D 372 -21.66 -45.95 59.07
C GLN D 372 -20.32 -46.39 59.65
N ALA D 373 -19.51 -45.42 60.10
CA ALA D 373 -18.23 -45.70 60.76
C ALA D 373 -18.42 -46.37 62.12
N LYS D 374 -19.50 -46.03 62.81
CA LYS D 374 -19.82 -46.64 64.09
C LYS D 374 -20.07 -48.15 63.93
N LYS D 375 -20.95 -48.48 62.99
CA LYS D 375 -21.34 -49.86 62.71
C LYS D 375 -20.19 -50.74 62.24
N ASN D 376 -19.39 -50.21 61.30
CA ASN D 376 -18.36 -50.98 60.60
C ASN D 376 -16.96 -50.91 61.23
N TYR D 377 -16.71 -49.92 62.11
CA TYR D 377 -15.39 -49.73 62.72
C TYR D 377 -15.43 -49.58 64.24
N HIS D 378 -16.19 -48.60 64.74
CA HIS D 378 -16.19 -48.28 66.18
C HIS D 378 -16.77 -49.40 67.05
N ASP D 379 -17.83 -50.05 66.59
CA ASP D 379 -18.41 -51.22 67.31
C ASP D 379 -17.42 -52.39 67.45
N LEU D 380 -16.44 -52.48 66.56
CA LEU D 380 -15.39 -53.51 66.63
C LEU D 380 -14.24 -53.21 67.60
N GLY D 381 -14.18 -51.98 68.12
CA GLY D 381 -13.16 -51.56 69.07
C GLY D 381 -12.13 -50.55 68.55
N ILE D 382 -12.29 -50.06 67.32
CA ILE D 382 -11.43 -48.97 66.80
C ILE D 382 -11.82 -47.67 67.51
N LYS D 383 -10.84 -47.01 68.12
CA LYS D 383 -11.05 -45.78 68.90
C LYS D 383 -10.43 -44.52 68.27
N ILE D 384 -9.78 -44.67 67.11
CA ILE D 384 -9.09 -43.56 66.43
C ILE D 384 -9.46 -43.63 64.94
N PHE D 385 -9.83 -42.48 64.37
CA PHE D 385 -10.16 -42.38 62.95
C PHE D 385 -9.24 -41.38 62.28
N TRP D 386 -8.82 -41.74 61.08
CA TRP D 386 -7.92 -40.92 60.27
C TRP D 386 -8.82 -40.20 59.28
N LEU D 387 -9.19 -38.98 59.64
CA LEU D 387 -10.13 -38.19 58.86
C LEU D 387 -9.36 -37.43 57.77
N ASP D 388 -9.12 -38.14 56.68
CA ASP D 388 -8.28 -37.70 55.58
C ASP D 388 -9.11 -36.90 54.58
N GLU D 389 -8.44 -36.16 53.69
CA GLU D 389 -9.10 -35.37 52.65
C GLU D 389 -10.08 -34.35 53.26
N ALA D 390 -9.66 -33.74 54.36
CA ALA D 390 -10.58 -32.99 55.22
C ALA D 390 -10.88 -31.56 54.77
N GLU D 391 -10.33 -31.16 53.62
CA GLU D 391 -10.44 -29.78 53.13
C GLU D 391 -11.83 -29.37 52.58
N PRO D 392 -12.49 -30.12 51.68
CA PRO D 392 -12.05 -31.38 51.11
C PRO D 392 -11.22 -31.18 49.86
N GLU D 393 -10.48 -32.21 49.45
CA GLU D 393 -9.55 -32.10 48.33
C GLU D 393 -10.28 -32.27 47.01
N TYR D 394 -10.94 -31.20 46.58
CA TYR D 394 -11.50 -31.14 45.23
C TYR D 394 -10.39 -31.42 44.22
N SER D 395 -10.70 -32.19 43.18
CA SER D 395 -9.76 -32.42 42.07
C SER D 395 -9.28 -31.10 41.44
N VAL D 396 -10.19 -30.14 41.36
CA VAL D 396 -9.89 -28.78 40.97
C VAL D 396 -10.44 -27.83 42.03
N TYR D 397 -9.60 -26.93 42.54
CA TYR D 397 -9.97 -26.02 43.64
C TYR D 397 -10.71 -24.78 43.13
N ASP D 398 -11.81 -25.01 42.41
CA ASP D 398 -12.64 -23.92 41.90
C ASP D 398 -13.76 -23.73 42.92
N PHE D 399 -13.46 -22.98 43.97
CA PHE D 399 -14.34 -22.83 45.15
C PHE D 399 -15.72 -22.29 44.78
N GLU D 400 -15.72 -21.34 43.86
CA GLU D 400 -16.94 -20.81 43.23
C GLU D 400 -17.91 -21.85 42.64
N ASN D 401 -17.41 -23.03 42.25
CA ASN D 401 -18.25 -24.07 41.61
C ASN D 401 -18.88 -25.09 42.56
N TYR D 402 -18.79 -24.88 43.88
CA TYR D 402 -19.37 -25.85 44.84
C TYR D 402 -20.22 -25.17 45.91
N ARG D 403 -21.21 -25.91 46.40
CA ARG D 403 -22.19 -25.40 47.36
C ARG D 403 -22.45 -26.45 48.42
N TYR D 404 -22.54 -25.97 49.67
CA TYR D 404 -22.83 -26.77 50.84
C TYR D 404 -24.20 -26.41 51.37
N HIS D 405 -24.65 -27.22 52.33
CA HIS D 405 -25.89 -27.03 53.08
C HIS D 405 -25.98 -25.63 53.68
N LEU D 406 -24.87 -25.13 54.23
CA LEU D 406 -24.83 -23.79 54.84
C LEU D 406 -24.62 -22.64 53.84
N GLY D 407 -24.46 -22.95 52.55
CA GLY D 407 -24.35 -21.95 51.50
C GLY D 407 -23.22 -22.25 50.52
N PRO D 408 -22.98 -21.35 49.54
CA PRO D 408 -21.86 -21.46 48.61
C PRO D 408 -20.54 -21.62 49.36
N VAL D 409 -19.66 -22.47 48.82
CA VAL D 409 -18.31 -22.63 49.39
C VAL D 409 -17.59 -21.29 49.51
N LEU D 410 -17.80 -20.38 48.56
CA LEU D 410 -17.27 -19.00 48.69
C LEU D 410 -17.65 -18.31 50.01
N GLU D 411 -18.86 -18.56 50.51
CA GLU D 411 -19.35 -17.94 51.74
C GLU D 411 -18.98 -18.68 53.02
N VAL D 412 -19.04 -20.02 53.01
CA VAL D 412 -18.91 -20.84 54.22
C VAL D 412 -17.87 -21.97 54.16
N GLY D 413 -17.08 -22.03 53.10
CA GLY D 413 -16.32 -23.22 52.76
C GLY D 413 -15.30 -23.69 53.77
N ASN D 414 -14.65 -22.75 54.44
CA ASN D 414 -13.53 -23.05 55.32
C ASN D 414 -13.92 -23.84 56.58
N ILE D 415 -15.20 -23.85 56.94
CA ILE D 415 -15.65 -24.58 58.13
C ILE D 415 -15.80 -26.09 57.93
N TYR D 416 -15.77 -26.57 56.68
CA TYR D 416 -15.90 -28.01 56.36
C TYR D 416 -15.06 -28.95 57.25
N PRO D 417 -13.72 -28.74 57.33
CA PRO D 417 -12.89 -29.60 58.18
C PRO D 417 -13.30 -29.64 59.65
N ARG D 418 -13.83 -28.52 60.15
CA ARG D 418 -14.34 -28.43 61.52
C ARG D 418 -15.57 -29.32 61.69
N GLY D 419 -16.48 -29.26 60.72
CA GLY D 419 -17.66 -30.14 60.72
C GLY D 419 -17.30 -31.62 60.60
N TYR D 420 -16.28 -31.92 59.81
CA TYR D 420 -15.81 -33.30 59.60
C TYR D 420 -15.28 -33.89 60.92
N ALA D 421 -14.45 -33.11 61.62
CA ALA D 421 -14.01 -33.47 62.97
C ALA D 421 -15.18 -33.61 63.94
N GLN D 422 -16.12 -32.66 63.89
CA GLN D 422 -17.29 -32.63 64.77
C GLN D 422 -18.16 -33.90 64.64
N ALA D 423 -18.37 -34.34 63.39
CA ALA D 423 -19.16 -35.54 63.10
C ALA D 423 -18.68 -36.75 63.89
N PHE D 424 -17.37 -36.98 63.86
CA PHE D 424 -16.78 -38.12 64.56
C PHE D 424 -16.66 -37.88 66.07
N TYR D 425 -16.29 -36.68 66.49
CA TYR D 425 -16.15 -36.36 67.92
C TYR D 425 -17.48 -36.53 68.67
N GLU D 426 -18.52 -35.88 68.18
CA GLU D 426 -19.86 -35.97 68.78
C GLU D 426 -20.39 -37.39 68.78
N GLY D 427 -20.23 -38.08 67.65
CA GLY D 427 -20.60 -39.48 67.51
C GLY D 427 -19.90 -40.41 68.49
N MET D 428 -18.58 -40.26 68.58
CA MET D 428 -17.77 -41.08 69.50
C MET D 428 -18.12 -40.78 70.96
N GLU D 429 -18.31 -39.51 71.30
CA GLU D 429 -18.72 -39.12 72.65
C GLU D 429 -20.09 -39.69 73.02
N GLU D 430 -21.03 -39.63 72.09
CA GLU D 430 -22.39 -40.18 72.27
C GLU D 430 -22.38 -41.70 72.51
N ALA D 431 -21.41 -42.40 71.90
CA ALA D 431 -21.25 -43.85 72.09
C ALA D 431 -20.48 -44.22 73.37
N GLY D 432 -20.03 -43.25 74.14
CA GLY D 432 -19.40 -43.49 75.45
C GLY D 432 -17.88 -43.39 75.53
N GLN D 433 -17.22 -42.93 74.46
CA GLN D 433 -15.77 -42.71 74.50
C GLN D 433 -15.49 -41.35 75.12
N THR D 434 -14.72 -41.33 76.21
CA THR D 434 -14.49 -40.11 76.98
C THR D 434 -13.27 -39.32 76.51
N GLU D 435 -12.22 -40.03 76.10
CA GLU D 435 -11.02 -39.38 75.59
C GLU D 435 -10.90 -39.73 74.11
N ILE D 436 -10.92 -38.68 73.27
CA ILE D 436 -11.07 -38.82 71.83
C ILE D 436 -10.01 -37.99 71.12
N VAL D 437 -9.29 -38.64 70.21
CA VAL D 437 -8.42 -37.97 69.26
C VAL D 437 -8.64 -38.61 67.90
N ASN D 438 -8.84 -37.78 66.88
CA ASN D 438 -8.88 -38.24 65.50
C ASN D 438 -7.84 -37.44 64.72
N LEU D 439 -7.24 -38.08 63.71
CA LEU D 439 -6.21 -37.44 62.90
C LEU D 439 -6.86 -36.73 61.71
N LEU D 440 -6.81 -35.40 61.72
CA LEU D 440 -7.46 -34.53 60.72
C LEU D 440 -6.42 -33.94 59.77
N ARG D 441 -6.71 -33.87 58.47
CA ARG D 441 -5.77 -33.23 57.56
C ARG D 441 -5.90 -31.71 57.53
N CYS D 442 -7.02 -31.20 58.04
CA CYS D 442 -7.28 -29.77 57.99
C CYS D 442 -8.13 -29.34 59.19
N ALA D 443 -8.29 -28.02 59.33
CA ALA D 443 -8.98 -27.45 60.48
C ALA D 443 -9.45 -26.05 60.17
N TRP D 444 -10.40 -25.58 60.98
CA TRP D 444 -10.77 -24.17 61.05
C TRP D 444 -10.76 -23.77 62.53
N ALA D 445 -10.97 -22.48 62.82
CA ALA D 445 -11.07 -21.99 64.19
C ALA D 445 -12.04 -22.84 65.01
N GLY D 446 -11.60 -23.23 66.20
CA GLY D 446 -12.37 -24.09 67.08
C GLY D 446 -12.24 -25.58 66.84
N SER D 447 -11.54 -26.02 65.78
CA SER D 447 -11.36 -27.45 65.52
C SER D 447 -10.76 -28.21 66.71
N GLN D 448 -9.94 -27.53 67.51
CA GLN D 448 -9.34 -28.13 68.71
C GLN D 448 -10.38 -28.75 69.67
N ARG D 449 -11.56 -28.16 69.78
CA ARG D 449 -12.59 -28.66 70.71
C ARG D 449 -13.19 -30.02 70.28
N TYR D 450 -13.04 -30.38 69.00
CA TYR D 450 -13.46 -31.69 68.49
C TYR D 450 -12.32 -32.70 68.41
N GLY D 451 -11.30 -32.52 69.25
CA GLY D 451 -10.20 -33.48 69.37
C GLY D 451 -9.43 -33.68 68.09
N ALA D 452 -9.18 -32.58 67.38
CA ALA D 452 -8.55 -32.65 66.07
C ALA D 452 -7.05 -32.61 66.24
N LEU D 453 -6.41 -33.75 66.00
CA LEU D 453 -4.95 -33.82 65.85
C LEU D 453 -4.70 -33.58 64.38
N VAL D 454 -4.13 -32.43 64.04
CA VAL D 454 -3.94 -32.07 62.64
C VAL D 454 -2.54 -32.48 62.18
N TRP D 455 -2.43 -32.98 60.95
CA TRP D 455 -1.11 -33.16 60.32
C TRP D 455 -1.06 -32.42 58.98
N SER D 456 0.16 -32.09 58.56
CA SER D 456 0.37 -31.16 57.45
C SER D 456 0.26 -31.71 56.04
N GLY D 457 -0.31 -32.90 55.88
CA GLY D 457 -0.68 -33.42 54.57
C GLY D 457 0.47 -33.87 53.69
N ASP D 458 0.22 -33.88 52.38
CA ASP D 458 1.03 -34.58 51.39
C ASP D 458 2.19 -33.74 50.84
N ILE D 459 3.02 -33.25 51.75
CA ILE D 459 4.22 -32.50 51.40
C ILE D 459 5.31 -33.39 50.84
N ASN D 460 6.25 -32.80 50.10
CA ASN D 460 7.38 -33.57 49.58
C ASN D 460 8.43 -33.84 50.65
N SER D 461 9.30 -34.81 50.37
CA SER D 461 10.34 -35.23 51.30
C SER D 461 11.68 -34.52 51.02
N THR D 462 11.78 -33.29 51.52
CA THR D 462 12.97 -32.44 51.37
C THR D 462 13.22 -31.66 52.65
N PHE D 463 14.41 -31.09 52.74
CA PHE D 463 14.76 -30.24 53.88
C PHE D 463 13.98 -28.92 53.83
N GLY D 464 13.69 -28.44 52.61
CA GLY D 464 12.79 -27.30 52.39
C GLY D 464 11.43 -27.48 53.03
N ALA D 465 10.83 -28.65 52.81
CA ALA D 465 9.55 -28.99 53.42
C ALA D 465 9.68 -29.08 54.95
N LEU D 466 10.77 -29.69 55.44
CA LEU D 466 10.98 -29.78 56.89
C LEU D 466 10.98 -28.41 57.55
N ARG D 467 11.69 -27.45 56.95
CA ARG D 467 11.70 -26.07 57.41
C ARG D 467 10.30 -25.47 57.44
N ASN D 468 9.54 -25.66 56.36
CA ASN D 468 8.16 -25.17 56.30
C ASN D 468 7.30 -25.75 57.42
N GLN D 469 7.46 -27.05 57.71
CA GLN D 469 6.62 -27.72 58.70
C GLN D 469 6.85 -27.20 60.11
N LEU D 470 8.10 -26.93 60.46
CA LEU D 470 8.45 -26.35 61.76
C LEU D 470 7.72 -25.02 62.02
N MET D 471 7.73 -24.16 61.00
CA MET D 471 7.05 -22.86 61.06
C MET D 471 5.55 -23.05 61.15
N ALA D 472 5.02 -23.93 60.30
CA ALA D 472 3.59 -24.17 60.21
C ALA D 472 3.01 -24.74 61.52
N GLY D 473 3.72 -25.71 62.11
CA GLY D 473 3.30 -26.34 63.35
C GLY D 473 3.27 -25.39 64.53
N LEU D 474 4.30 -24.54 64.61
CA LEU D 474 4.37 -23.48 65.62
C LEU D 474 3.24 -22.46 65.45
N ASN D 475 2.95 -22.08 64.20
CA ASN D 475 1.87 -21.15 63.92
C ASN D 475 0.50 -21.78 64.17
N MET D 476 0.37 -23.08 63.92
CA MET D 476 -0.87 -23.80 64.28
C MET D 476 -1.14 -23.78 65.77
N GLY D 477 -0.08 -23.92 66.58
CA GLY D 477 -0.20 -23.82 68.04
C GLY D 477 -0.68 -22.45 68.50
N ILE D 478 -0.13 -21.40 67.90
CA ILE D 478 -0.56 -20.03 68.17
C ILE D 478 -2.02 -19.83 67.73
N ALA D 479 -2.43 -20.47 66.64
CA ALA D 479 -3.82 -20.44 66.18
C ALA D 479 -4.78 -21.35 66.97
N GLY D 480 -4.32 -21.92 68.09
CA GLY D 480 -5.15 -22.67 69.02
C GLY D 480 -5.33 -24.16 68.71
N ILE D 481 -4.42 -24.72 67.93
CA ILE D 481 -4.42 -26.14 67.57
C ILE D 481 -3.16 -26.76 68.21
N PRO D 482 -3.26 -27.19 69.49
CA PRO D 482 -2.09 -27.75 70.17
C PRO D 482 -1.69 -29.15 69.69
N TRP D 483 -2.67 -29.93 69.22
CA TRP D 483 -2.43 -31.28 68.74
C TRP D 483 -2.11 -31.20 67.25
N TRP D 484 -0.83 -31.30 66.93
CA TRP D 484 -0.37 -31.19 65.56
C TRP D 484 0.85 -32.09 65.35
N THR D 485 1.01 -32.57 64.11
CA THR D 485 2.11 -33.46 63.76
C THR D 485 2.35 -33.45 62.26
N THR D 486 3.29 -34.28 61.80
CA THR D 486 3.58 -34.43 60.36
C THR D 486 3.85 -35.88 60.03
N ASP D 487 3.98 -36.17 58.75
CA ASP D 487 4.60 -37.39 58.28
C ASP D 487 6.09 -37.25 58.53
N ILE D 488 6.66 -38.05 59.44
CA ILE D 488 8.11 -38.08 59.59
C ILE D 488 8.72 -38.53 58.26
N GLY D 489 9.65 -37.72 57.77
CA GLY D 489 10.30 -37.87 56.46
C GLY D 489 9.55 -37.20 55.32
N GLY D 490 8.44 -36.53 55.60
CA GLY D 490 7.55 -36.04 54.56
C GLY D 490 6.78 -37.17 53.88
N PHE D 491 5.84 -36.79 53.01
CA PHE D 491 4.95 -37.74 52.36
C PHE D 491 5.55 -38.28 51.06
N ASP D 492 5.90 -37.37 50.15
CA ASP D 492 6.14 -37.74 48.76
C ASP D 492 7.59 -37.62 48.34
N GLY D 493 8.15 -38.71 47.82
CA GLY D 493 9.43 -38.67 47.10
C GLY D 493 10.63 -39.34 47.76
N GLY D 494 10.45 -39.91 48.94
CA GLY D 494 11.55 -40.53 49.68
C GLY D 494 11.81 -41.96 49.22
N ASP D 495 12.94 -42.18 48.55
CA ASP D 495 13.39 -43.52 48.19
C ASP D 495 14.12 -44.12 49.39
N ILE D 496 13.71 -45.32 49.81
CA ILE D 496 14.27 -45.95 51.03
C ILE D 496 15.75 -46.32 50.93
N ASN D 497 16.27 -46.41 49.70
CA ASN D 497 17.68 -46.70 49.46
C ASN D 497 18.56 -45.44 49.31
N ASP D 498 17.93 -44.27 49.15
CA ASP D 498 18.66 -43.03 48.81
C ASP D 498 19.30 -42.39 50.05
N PRO D 499 20.64 -42.18 50.03
CA PRO D 499 21.34 -41.54 51.17
C PRO D 499 20.83 -40.14 51.55
N ALA D 500 20.44 -39.35 50.56
CA ALA D 500 19.91 -37.99 50.81
C ALA D 500 18.59 -38.05 51.58
N PHE D 501 17.68 -38.95 51.17
CA PHE D 501 16.43 -39.11 51.90
C PHE D 501 16.63 -39.67 53.31
N GLN D 502 17.55 -40.64 53.45
CA GLN D 502 17.81 -41.23 54.76
C GLN D 502 18.31 -40.19 55.75
N GLU D 503 19.13 -39.25 55.29
CA GLU D 503 19.60 -38.18 56.16
C GLU D 503 18.44 -37.28 56.59
N LEU D 504 17.59 -36.92 55.64
CA LEU D 504 16.37 -36.16 55.93
C LEU D 504 15.49 -36.91 56.93
N LEU D 505 15.26 -38.20 56.68
CA LEU D 505 14.42 -39.04 57.56
C LEU D 505 14.87 -38.96 59.03
N ILE D 506 16.18 -39.08 59.26
CA ILE D 506 16.75 -39.05 60.61
C ILE D 506 16.52 -37.69 61.28
N ARG D 507 16.80 -36.60 60.56
CA ARG D 507 16.60 -35.25 61.12
C ARG D 507 15.13 -34.95 61.42
N TRP D 508 14.24 -35.42 60.55
CA TRP D 508 12.80 -35.23 60.72
C TRP D 508 12.29 -36.09 61.88
N PHE D 509 12.79 -37.33 61.98
CA PHE D 509 12.48 -38.22 63.12
C PHE D 509 12.91 -37.59 64.44
N GLN D 510 14.13 -37.06 64.46
CA GLN D 510 14.69 -36.40 65.65
C GLN D 510 13.85 -35.20 66.10
N TRP D 511 13.36 -34.43 65.15
CA TRP D 511 12.40 -33.36 65.42
C TRP D 511 11.03 -33.94 65.86
N GLY D 512 10.60 -35.01 65.19
CA GLY D 512 9.35 -35.70 65.52
C GLY D 512 9.22 -36.19 66.95
N VAL D 513 10.35 -36.53 67.58
CA VAL D 513 10.39 -36.90 68.99
C VAL D 513 9.88 -35.73 69.88
N PHE D 514 10.15 -34.50 69.45
CA PHE D 514 9.70 -33.30 70.15
C PHE D 514 8.58 -32.55 69.43
N CYS D 515 7.71 -33.30 68.76
CA CYS D 515 6.46 -32.78 68.23
C CYS D 515 5.33 -33.29 69.13
N PRO D 516 4.16 -32.63 69.08
CA PRO D 516 3.06 -33.04 69.95
C PRO D 516 2.68 -34.51 69.84
N VAL D 517 2.65 -35.02 68.61
CA VAL D 517 2.56 -36.46 68.36
C VAL D 517 3.75 -36.90 67.48
N THR D 518 4.30 -38.09 67.79
CA THR D 518 5.43 -38.68 67.06
C THR D 518 4.88 -39.77 66.16
N ARG D 519 4.88 -39.51 64.85
CA ARG D 519 4.17 -40.35 63.88
C ARG D 519 4.98 -40.52 62.61
N LEU D 520 5.30 -41.78 62.29
CA LEU D 520 5.99 -42.14 61.05
C LEU D 520 4.93 -42.47 60.00
N HIS D 521 5.01 -41.78 58.87
CA HIS D 521 4.15 -42.07 57.74
C HIS D 521 4.84 -41.61 56.46
N GLY D 522 4.44 -42.20 55.33
CA GLY D 522 4.82 -41.68 54.03
C GLY D 522 4.47 -42.60 52.89
N PHE D 523 4.69 -42.08 51.67
CA PHE D 523 4.53 -42.81 50.42
C PHE D 523 5.95 -42.98 49.87
N ARG D 524 6.61 -44.05 50.30
CA ARG D 524 8.03 -44.26 49.98
C ARG D 524 8.23 -44.91 48.62
N GLN D 525 9.31 -44.51 47.95
CA GLN D 525 9.71 -45.13 46.69
C GLN D 525 10.71 -46.26 47.00
N PRO D 526 10.84 -47.27 46.13
CA PRO D 526 10.09 -47.41 44.88
C PRO D 526 8.65 -47.92 45.10
N MET D 527 7.69 -47.27 44.45
CA MET D 527 6.28 -47.64 44.57
C MET D 527 5.98 -48.92 43.82
N GLU D 528 4.88 -49.59 44.19
CA GLU D 528 4.45 -50.83 43.55
C GLU D 528 3.03 -50.72 43.04
N GLU D 529 2.86 -50.85 41.72
CA GLU D 529 1.53 -50.90 41.09
C GLU D 529 0.77 -52.11 41.64
N PRO D 530 -0.57 -52.01 41.73
CA PRO D 530 -1.32 -53.22 42.13
C PRO D 530 -1.24 -54.27 41.03
N ALA D 531 -1.31 -55.55 41.44
CA ALA D 531 -1.24 -56.68 40.49
C ALA D 531 -2.28 -56.56 39.39
N GLU D 532 -3.52 -56.25 39.78
CA GLU D 532 -4.62 -56.01 38.85
C GLU D 532 -5.02 -54.53 38.96
N THR D 533 -5.01 -53.84 37.82
CA THR D 533 -5.36 -52.42 37.75
C THR D 533 -6.80 -52.16 38.20
N TYR D 534 -7.72 -53.05 37.80
CA TYR D 534 -9.12 -52.98 38.20
C TYR D 534 -9.60 -54.30 38.80
N ARG D 535 -10.58 -54.21 39.70
CA ARG D 535 -11.31 -55.37 40.20
C ARG D 535 -12.79 -54.98 40.29
N ASP D 536 -13.64 -55.72 39.56
CA ASP D 536 -15.08 -55.41 39.45
C ASP D 536 -15.34 -53.99 38.90
N GLY D 537 -14.48 -53.53 37.99
CA GLY D 537 -14.55 -52.18 37.41
C GLY D 537 -14.06 -51.04 38.28
N ILE D 538 -13.61 -51.35 39.50
CA ILE D 538 -13.12 -50.36 40.45
C ILE D 538 -11.59 -50.34 40.38
N ALA D 539 -11.04 -49.17 40.06
CA ALA D 539 -9.59 -48.96 40.02
C ALA D 539 -8.96 -49.22 41.39
N GLN D 540 -7.88 -50.02 41.39
CA GLN D 540 -7.21 -50.45 42.62
C GLN D 540 -6.07 -49.51 42.98
N CYS D 541 -5.79 -49.43 44.28
CA CYS D 541 -4.83 -48.49 44.81
C CYS D 541 -3.43 -49.11 44.97
N MET D 542 -2.42 -48.43 44.44
CA MET D 542 -1.00 -48.81 44.64
C MET D 542 -0.56 -48.75 46.10
N THR D 543 0.69 -49.14 46.34
CA THR D 543 1.37 -48.96 47.63
C THR D 543 2.77 -48.39 47.38
N GLY D 544 3.31 -47.73 48.38
CA GLY D 544 4.73 -47.37 48.42
C GLY D 544 5.53 -48.51 49.03
N ALA D 545 6.85 -48.33 49.07
CA ALA D 545 7.78 -49.27 49.70
C ALA D 545 7.63 -49.29 51.23
N ALA D 546 8.42 -50.13 51.89
CA ALA D 546 8.42 -50.26 53.35
C ALA D 546 8.73 -48.93 54.04
N ASN D 547 8.23 -48.78 55.27
CA ASN D 547 8.45 -47.56 56.05
C ASN D 547 8.46 -47.83 57.55
N GLU D 548 9.24 -48.82 57.94
CA GLU D 548 9.41 -49.15 59.35
C GLU D 548 10.81 -48.72 59.73
N ILE D 549 11.10 -48.60 61.03
CA ILE D 549 12.37 -48.03 61.47
C ILE D 549 13.60 -48.93 61.18
N TRP D 550 13.36 -50.19 60.81
CA TRP D 550 14.40 -51.12 60.37
C TRP D 550 14.54 -51.20 58.84
N SER D 551 13.82 -50.36 58.11
CA SER D 551 13.75 -50.45 56.65
C SER D 551 14.83 -49.65 55.93
N TYR D 552 15.71 -48.98 56.69
CA TYR D 552 16.66 -48.00 56.14
C TYR D 552 18.12 -48.30 56.55
N GLY D 553 18.43 -49.57 56.82
CA GLY D 553 19.77 -49.98 57.22
C GLY D 553 19.98 -49.96 58.72
N GLU D 554 21.08 -50.57 59.15
CA GLU D 554 21.35 -50.81 60.58
C GLU D 554 21.74 -49.57 61.39
N ASP D 555 22.56 -48.69 60.80
CA ASP D 555 22.98 -47.46 61.49
C ASP D 555 21.78 -46.56 61.74
N ASN D 556 20.94 -46.41 60.72
CA ASN D 556 19.71 -45.62 60.83
C ASN D 556 18.71 -46.24 61.83
N TYR D 557 18.64 -47.58 61.85
CA TYR D 557 17.77 -48.30 62.80
C TYR D 557 18.13 -47.99 64.26
N ALA D 558 19.42 -47.99 64.57
CA ALA D 558 19.89 -47.69 65.93
C ALA D 558 19.51 -46.27 66.36
N ILE D 559 19.59 -45.31 65.43
CA ILE D 559 19.22 -43.92 65.72
C ILE D 559 17.72 -43.80 65.99
N MET D 560 16.91 -44.34 65.09
CA MET D 560 15.45 -44.28 65.23
C MET D 560 14.95 -45.10 66.42
N LYS D 561 15.64 -46.19 66.74
CA LYS D 561 15.34 -46.98 67.93
C LYS D 561 15.55 -46.13 69.18
N SER D 562 16.67 -45.41 69.26
CA SER D 562 16.93 -44.54 70.41
C SER D 562 15.97 -43.34 70.45
N CYS D 563 15.50 -42.88 69.28
CA CYS D 563 14.42 -41.88 69.21
C CYS D 563 13.13 -42.39 69.85
N LEU D 564 12.74 -43.63 69.52
CA LEU D 564 11.54 -44.23 70.12
C LEU D 564 11.65 -44.38 71.64
N GLU D 565 12.83 -44.80 72.11
CA GLU D 565 13.10 -44.92 73.55
C GLU D 565 13.08 -43.57 74.25
N LEU D 566 13.62 -42.54 73.61
CA LEU D 566 13.56 -41.17 74.15
C LEU D 566 12.11 -40.69 74.26
N ARG D 567 11.30 -40.92 73.23
CA ARG D 567 9.90 -40.54 73.23
C ARG D 567 9.14 -41.20 74.37
N GLU D 568 9.39 -42.49 74.61
CA GLU D 568 8.76 -43.18 75.75
C GLU D 568 9.10 -42.56 77.09
N ARG D 569 10.38 -42.22 77.30
CA ARG D 569 10.79 -41.51 78.52
C ARG D 569 10.13 -40.12 78.64
N LEU D 570 9.82 -39.49 77.50
CA LEU D 570 9.15 -38.19 77.46
C LEU D 570 7.63 -38.21 77.68
N ARG D 571 7.00 -39.38 77.62
CA ARG D 571 5.53 -39.45 77.67
C ARG D 571 4.88 -38.81 78.91
N PRO D 572 5.39 -39.09 80.13
CA PRO D 572 4.84 -38.38 81.30
C PRO D 572 4.84 -36.84 81.14
N TYR D 573 5.96 -36.29 80.70
CA TYR D 573 6.07 -34.85 80.43
C TYR D 573 5.07 -34.38 79.36
N VAL D 574 4.98 -35.13 78.27
CA VAL D 574 4.04 -34.82 77.18
C VAL D 574 2.61 -34.76 77.72
N MET D 575 2.23 -35.73 78.54
CA MET D 575 0.88 -35.76 79.11
C MET D 575 0.63 -34.60 80.05
N ARG D 576 1.64 -34.20 80.84
CA ARG D 576 1.54 -32.98 81.64
C ARG D 576 1.35 -31.72 80.75
N VAL D 577 2.11 -31.64 79.65
CA VAL D 577 2.00 -30.49 78.74
C VAL D 577 0.66 -30.49 77.98
N MET D 578 0.17 -31.68 77.64
CA MET D 578 -1.16 -31.84 77.06
C MET D 578 -2.28 -31.43 78.02
N LYS D 579 -2.13 -31.76 79.30
CA LYS D 579 -3.06 -31.30 80.34
C LYS D 579 -3.07 -29.77 80.43
N ALA D 580 -1.89 -29.16 80.41
CA ALA D 580 -1.76 -27.69 80.41
C ALA D 580 -2.45 -27.06 79.19
N ALA D 581 -2.33 -27.71 78.03
CA ALA D 581 -3.02 -27.24 76.82
C ALA D 581 -4.54 -27.25 77.00
N HIS D 582 -5.06 -28.34 77.56
CA HIS D 582 -6.46 -28.46 77.89
C HIS D 582 -6.89 -27.41 78.94
N ASP D 583 -6.06 -27.22 79.97
CA ASP D 583 -6.40 -26.29 81.05
C ASP D 583 -6.26 -24.81 80.69
N THR D 584 -5.26 -24.46 79.87
CA THR D 584 -4.87 -23.05 79.66
C THR D 584 -4.84 -22.55 78.21
N GLY D 585 -5.08 -23.42 77.24
CA GLY D 585 -4.97 -23.06 75.82
C GLY D 585 -3.56 -22.87 75.29
N ALA D 586 -2.54 -23.21 76.10
CA ALA D 586 -1.16 -23.09 75.67
C ALA D 586 -0.86 -24.14 74.61
N PRO D 587 -0.06 -23.78 73.57
CA PRO D 587 0.37 -24.83 72.64
C PRO D 587 1.38 -25.79 73.30
N VAL D 588 1.57 -26.93 72.65
CA VAL D 588 2.51 -27.96 73.12
C VAL D 588 3.90 -27.60 72.61
N MET D 589 4.02 -27.42 71.29
CA MET D 589 5.23 -26.81 70.69
C MET D 589 4.97 -25.32 70.50
N ARG D 590 5.80 -24.49 71.14
CA ARG D 590 5.59 -23.04 71.21
C ARG D 590 6.82 -22.30 70.71
N PRO D 591 6.62 -21.14 70.04
CA PRO D 591 7.74 -20.22 69.81
C PRO D 591 8.37 -19.77 71.13
N LEU D 592 9.63 -19.35 71.06
CA LEU D 592 10.39 -18.94 72.24
C LEU D 592 9.73 -17.81 73.00
N PHE D 593 9.08 -16.89 72.28
CA PHE D 593 8.39 -15.76 72.91
C PHE D 593 7.22 -16.15 73.81
N PHE D 594 6.69 -17.37 73.62
CA PHE D 594 5.61 -17.84 74.47
C PHE D 594 6.06 -18.01 75.93
N ASP D 595 7.24 -18.58 76.13
CA ASP D 595 7.80 -18.81 77.46
C ASP D 595 8.72 -17.67 77.92
N PHE D 596 9.30 -16.94 76.97
CA PHE D 596 10.23 -15.84 77.28
C PHE D 596 9.85 -14.56 76.52
N PRO D 597 8.64 -14.02 76.76
CA PRO D 597 8.16 -12.83 76.03
C PRO D 597 8.95 -11.53 76.28
N ASP D 598 9.63 -11.42 77.42
CA ASP D 598 10.41 -10.22 77.76
C ASP D 598 11.78 -10.15 77.06
N GLN D 599 12.20 -11.22 76.40
CA GLN D 599 13.53 -11.28 75.79
C GLN D 599 13.44 -11.08 74.27
N ALA D 600 14.22 -10.13 73.77
CA ALA D 600 14.17 -9.71 72.36
C ALA D 600 14.46 -10.84 71.36
N GLU D 601 15.42 -11.70 71.69
CA GLU D 601 15.83 -12.79 70.79
C GLU D 601 14.72 -13.85 70.62
N ALA D 602 13.87 -13.99 71.64
CA ALA D 602 12.71 -14.88 71.59
C ALA D 602 11.69 -14.51 70.51
N TRP D 603 11.65 -13.23 70.14
CA TRP D 603 10.79 -12.75 69.04
C TRP D 603 11.49 -12.75 67.67
N GLN D 604 12.81 -13.04 67.65
CA GLN D 604 13.62 -13.06 66.42
C GLN D 604 13.92 -14.47 65.92
N ILE D 605 14.18 -15.40 66.83
CA ILE D 605 14.59 -16.77 66.48
C ILE D 605 13.42 -17.63 66.01
N GLU D 606 13.56 -18.18 64.81
CA GLU D 606 12.53 -19.02 64.18
C GLU D 606 12.93 -20.50 63.99
N ASP D 607 14.19 -20.84 64.25
CA ASP D 607 14.69 -22.22 64.09
C ASP D 607 14.97 -22.91 65.45
N GLN D 608 14.38 -22.38 66.52
CA GLN D 608 14.37 -23.00 67.85
C GLN D 608 12.95 -22.86 68.38
N TYR D 609 12.58 -23.76 69.30
CA TYR D 609 11.28 -23.67 69.96
C TYR D 609 11.29 -24.34 71.33
N MET D 610 10.20 -24.16 72.06
CA MET D 610 9.99 -24.80 73.35
C MET D 610 8.99 -25.94 73.20
N PHE D 611 9.40 -27.15 73.58
CA PHE D 611 8.50 -28.31 73.67
C PHE D 611 8.03 -28.35 75.11
N GLY D 612 6.88 -27.71 75.35
CA GLY D 612 6.45 -27.37 76.70
C GLY D 612 7.39 -26.33 77.32
N PRO D 613 7.19 -25.99 78.61
CA PRO D 613 8.00 -24.96 79.25
C PRO D 613 9.46 -25.37 79.57
N ASP D 614 9.78 -26.67 79.52
CA ASP D 614 11.03 -27.19 80.08
C ASP D 614 12.05 -27.78 79.09
N ILE D 615 11.72 -27.84 77.81
CA ILE D 615 12.65 -28.39 76.81
C ILE D 615 12.82 -27.42 75.64
N LEU D 616 14.06 -27.00 75.41
CA LEU D 616 14.44 -26.15 74.30
C LEU D 616 14.97 -27.05 73.19
N VAL D 617 14.39 -26.93 72.00
CA VAL D 617 14.73 -27.77 70.85
C VAL D 617 15.25 -26.91 69.71
N ALA D 618 16.35 -27.36 69.10
CA ALA D 618 17.02 -26.63 68.03
C ALA D 618 17.23 -27.60 66.84
N PRO D 619 16.19 -27.79 66.01
CA PRO D 619 16.30 -28.77 64.92
C PRO D 619 17.37 -28.42 63.89
N VAL D 620 17.82 -29.45 63.18
CA VAL D 620 18.75 -29.30 62.08
C VAL D 620 17.89 -29.37 60.82
N LEU D 621 18.01 -28.33 60.00
CA LEU D 621 17.14 -28.11 58.85
C LEU D 621 17.89 -28.07 57.52
N GLU D 622 19.16 -28.47 57.53
CA GLU D 622 19.98 -28.51 56.31
C GLU D 622 20.65 -29.87 56.16
N ALA D 623 20.67 -30.39 54.92
CA ALA D 623 21.46 -31.57 54.58
C ALA D 623 22.95 -31.29 54.80
N GLY D 624 23.63 -32.26 55.40
CA GLY D 624 25.07 -32.21 55.63
C GLY D 624 25.49 -31.46 56.88
N GLN D 625 24.55 -30.82 57.57
CA GLN D 625 24.88 -29.96 58.70
C GLN D 625 25.22 -30.81 59.92
N ARG D 626 26.40 -30.55 60.49
CA ARG D 626 26.86 -31.29 61.67
C ARG D 626 27.14 -30.41 62.89
N SER D 627 26.74 -29.14 62.80
CA SER D 627 26.79 -28.24 63.95
C SER D 627 25.87 -27.05 63.68
N ARG D 628 25.41 -26.42 64.75
CA ARG D 628 24.63 -25.20 64.65
C ARG D 628 24.72 -24.39 65.93
N LYS D 629 24.40 -23.10 65.83
CA LYS D 629 24.37 -22.23 67.00
C LYS D 629 22.98 -22.33 67.65
N VAL D 630 22.94 -22.19 68.97
CA VAL D 630 21.72 -22.29 69.75
C VAL D 630 21.72 -21.18 70.80
N TRP D 631 20.69 -20.35 70.79
CA TRP D 631 20.49 -19.36 71.83
C TRP D 631 19.81 -20.00 73.04
N LEU D 632 20.39 -19.81 74.22
CA LEU D 632 19.82 -20.28 75.48
C LEU D 632 19.15 -19.10 76.19
N PRO D 633 17.82 -19.16 76.39
CA PRO D 633 17.11 -18.05 77.07
C PRO D 633 17.64 -17.73 78.47
N GLU D 634 17.58 -16.44 78.82
CA GLU D 634 17.94 -16.01 80.16
C GLU D 634 16.85 -16.35 81.17
N GLY D 635 17.25 -16.51 82.45
CA GLY D 635 16.32 -16.77 83.55
C GLY D 635 16.49 -18.12 84.25
N CYS D 636 17.14 -19.06 83.59
CA CYS D 636 17.46 -20.36 84.18
C CYS D 636 18.74 -20.92 83.60
N ALA D 637 19.24 -21.98 84.22
CA ALA D 637 20.33 -22.77 83.66
C ALA D 637 19.73 -23.85 82.75
N TRP D 638 20.56 -24.35 81.83
CA TRP D 638 20.13 -25.34 80.85
C TRP D 638 21.08 -26.55 80.84
N ILE D 639 20.50 -27.75 80.79
CA ILE D 639 21.26 -29.00 80.73
C ILE D 639 21.22 -29.54 79.31
N ASP D 640 22.40 -29.75 78.73
CA ASP D 640 22.55 -30.33 77.40
C ASP D 640 22.17 -31.82 77.45
N LEU D 641 21.07 -32.17 76.76
CA LEU D 641 20.56 -33.54 76.76
C LEU D 641 21.57 -34.56 76.23
N ASN D 642 22.43 -34.13 75.31
CA ASN D 642 23.37 -35.03 74.63
C ASN D 642 24.76 -35.12 75.27
N THR D 643 25.15 -34.13 76.07
CA THR D 643 26.47 -34.14 76.75
C THR D 643 26.42 -34.11 78.27
N GLY D 644 25.30 -33.69 78.84
CA GLY D 644 25.19 -33.53 80.31
C GLY D 644 25.75 -32.23 80.84
N ALA D 645 26.34 -31.39 79.98
CA ALA D 645 26.94 -30.12 80.41
C ALA D 645 25.86 -29.14 80.86
N ARG D 646 26.15 -28.41 81.93
CA ARG D 646 25.28 -27.35 82.43
C ARG D 646 25.74 -26.04 81.80
N GLN D 647 24.81 -25.33 81.16
CA GLN D 647 25.08 -24.04 80.53
C GLN D 647 24.19 -22.99 81.17
N ASN D 648 24.75 -21.82 81.47
CA ASN D 648 23.95 -20.71 81.99
C ASN D 648 23.09 -20.13 80.87
N GLY D 649 21.94 -19.56 81.26
CA GLY D 649 21.06 -18.88 80.32
C GLY D 649 21.63 -17.54 79.87
N GLY D 650 21.11 -17.03 78.76
CA GLY D 650 21.50 -15.72 78.24
C GLY D 650 22.80 -15.73 77.44
N GLN D 651 22.98 -16.75 76.62
CA GLN D 651 24.16 -16.86 75.76
C GLN D 651 23.87 -17.68 74.52
N TRP D 652 24.76 -17.57 73.53
CA TRP D 652 24.75 -18.41 72.34
C TRP D 652 25.81 -19.50 72.50
N CYS D 653 25.46 -20.74 72.14
CA CYS D 653 26.38 -21.88 72.15
C CYS D 653 26.59 -22.37 70.74
N ASP D 654 27.83 -22.72 70.40
CA ASP D 654 28.12 -23.40 69.13
C ASP D 654 28.04 -24.90 69.43
N CYS D 655 26.93 -25.52 69.03
CA CYS D 655 26.60 -26.88 69.45
C CYS D 655 26.90 -27.91 68.37
N ASP D 656 27.47 -29.04 68.79
N ASP D 656 27.46 -29.04 68.78
CA ASP D 656 27.67 -30.18 67.90
CA ASP D 656 27.67 -30.17 67.89
C ASP D 656 26.31 -30.77 67.55
C ASP D 656 26.31 -30.77 67.55
N ALA D 657 26.17 -31.20 66.31
CA ALA D 657 24.90 -31.75 65.81
C ALA D 657 25.24 -32.89 64.87
N PRO D 658 25.82 -33.97 65.41
CA PRO D 658 26.13 -35.10 64.55
C PRO D 658 24.83 -35.73 64.04
N LEU D 659 24.93 -36.61 63.04
CA LEU D 659 23.76 -37.31 62.52
C LEU D 659 22.92 -37.97 63.63
N GLU D 660 23.57 -38.38 64.72
CA GLU D 660 22.92 -39.12 65.81
C GLU D 660 22.09 -38.26 66.78
N ALA D 661 22.24 -36.93 66.75
CA ALA D 661 21.44 -36.05 67.63
C ALA D 661 21.31 -34.59 67.14
N ILE D 662 20.14 -34.00 67.40
CA ILE D 662 19.93 -32.55 67.23
C ILE D 662 20.11 -31.92 68.61
N PRO D 663 20.57 -30.64 68.67
CA PRO D 663 20.74 -30.03 69.99
C PRO D 663 19.43 -29.85 70.76
N VAL D 664 19.41 -30.33 71.99
CA VAL D 664 18.25 -30.20 72.88
C VAL D 664 18.75 -29.86 74.29
N PHE D 665 18.09 -28.90 74.93
CA PHE D 665 18.43 -28.49 76.29
C PHE D 665 17.22 -28.58 77.22
N ILE D 666 17.47 -29.03 78.45
CA ILE D 666 16.45 -29.16 79.48
C ILE D 666 16.63 -28.04 80.50
N ARG D 667 15.53 -27.38 80.88
CA ARG D 667 15.52 -26.42 81.99
C ARG D 667 15.98 -27.14 83.25
N GLU D 668 17.05 -26.64 83.88
CA GLU D 668 17.61 -27.29 85.06
C GLU D 668 16.59 -27.42 86.18
N ALA D 669 16.55 -28.60 86.79
CA ALA D 669 15.66 -28.91 87.91
C ALA D 669 14.17 -28.97 87.56
N ALA D 670 13.84 -29.02 86.26
CA ALA D 670 12.48 -29.36 85.84
C ALA D 670 12.29 -30.83 86.11
N ALA D 671 11.06 -31.21 86.46
CA ALA D 671 10.71 -32.61 86.73
C ALA D 671 11.15 -33.55 85.59
N VAL D 672 11.03 -33.10 84.35
CA VAL D 672 11.43 -33.89 83.18
C VAL D 672 12.93 -34.19 83.11
N GLN D 673 13.77 -33.38 83.75
CA GLN D 673 15.21 -33.66 83.80
C GLN D 673 15.50 -35.05 84.41
N ALA D 674 14.90 -35.32 85.57
CA ALA D 674 15.08 -36.61 86.25
C ALA D 674 14.39 -37.77 85.53
N GLU D 675 13.36 -37.46 84.73
CA GLU D 675 12.66 -38.45 83.91
C GLU D 675 13.46 -38.93 82.70
N LEU D 676 14.49 -38.18 82.31
CA LEU D 676 15.36 -38.58 81.20
C LEU D 676 16.71 -39.14 81.69
N SER D 677 17.23 -40.09 80.92
CA SER D 677 18.58 -40.59 81.13
C SER D 677 19.53 -39.69 80.34
N ILE D 678 20.37 -38.95 81.05
CA ILE D 678 21.29 -37.97 80.45
C ILE D 678 22.72 -38.43 80.66
N ALA D 679 23.37 -38.86 79.56
CA ALA D 679 24.75 -39.34 79.61
C ALA D 679 25.73 -38.17 79.75
N LEU D 680 26.80 -38.40 80.50
CA LEU D 680 27.84 -37.40 80.69
C LEU D 680 28.98 -37.73 79.75
N GLU D 681 29.21 -36.88 78.75
CA GLU D 681 30.31 -37.06 77.80
C GLU D 681 31.52 -36.27 78.27
N SER E 2 -27.17 12.07 15.11
CA SER E 2 -27.63 11.19 14.01
C SER E 2 -26.84 11.50 12.74
N GLU E 3 -26.06 10.53 12.26
CA GLU E 3 -25.22 10.73 11.09
C GLU E 3 -25.31 9.53 10.15
N PHE E 4 -25.58 9.79 8.87
CA PHE E 4 -25.48 8.76 7.83
C PHE E 4 -24.15 8.85 7.10
N ILE E 5 -23.55 7.70 6.83
CA ILE E 5 -22.38 7.60 5.95
C ILE E 5 -22.78 6.65 4.82
N LEU E 6 -22.97 7.23 3.63
CA LEU E 6 -23.54 6.53 2.49
C LEU E 6 -22.50 6.41 1.39
N THR E 7 -22.44 5.23 0.79
CA THR E 7 -21.74 4.99 -0.47
C THR E 7 -22.75 4.40 -1.45
N SER E 8 -22.32 4.12 -2.68
CA SER E 8 -23.23 3.58 -3.70
C SER E 8 -23.86 2.22 -3.37
N ASP E 9 -23.18 1.42 -2.53
CA ASP E 9 -23.67 0.07 -2.16
C ASP E 9 -23.65 -0.26 -0.64
N LYS E 10 -23.69 0.77 0.21
CA LYS E 10 -23.64 0.55 1.67
C LYS E 10 -24.25 1.72 2.42
N LEU E 11 -25.14 1.40 3.38
CA LEU E 11 -25.74 2.38 4.25
C LEU E 11 -25.19 2.19 5.66
N VAL E 12 -24.56 3.24 6.20
CA VAL E 12 -24.11 3.25 7.59
C VAL E 12 -24.84 4.39 8.32
N TRP E 13 -25.36 4.08 9.50
CA TRP E 13 -25.93 5.07 10.41
C TRP E 13 -25.18 4.97 11.74
N THR E 14 -24.95 6.09 12.39
CA THR E 14 -24.24 6.09 13.66
C THR E 14 -24.69 7.18 14.64
N TYR E 15 -24.76 6.79 15.91
CA TYR E 15 -24.96 7.70 17.03
C TYR E 15 -24.38 7.06 18.29
N ASP E 16 -23.60 7.83 19.04
CA ASP E 16 -22.99 7.41 20.31
C ASP E 16 -22.21 6.09 20.23
N GLY E 17 -21.42 5.94 19.16
CA GLY E 17 -20.65 4.73 18.95
C GLY E 17 -21.40 3.54 18.34
N HIS E 18 -22.73 3.58 18.35
CA HIS E 18 -23.55 2.56 17.74
C HIS E 18 -23.45 2.72 16.23
N LYS E 19 -22.92 1.71 15.54
CA LYS E 19 -22.82 1.68 14.08
C LYS E 19 -23.83 0.67 13.58
N LEU E 20 -24.70 1.11 12.66
CA LEU E 20 -25.64 0.23 11.97
C LEU E 20 -25.17 0.17 10.53
N GLN E 21 -24.94 -1.03 10.00
CA GLN E 21 -24.46 -1.20 8.63
C GLN E 21 -25.34 -2.15 7.83
N ILE E 22 -25.86 -1.65 6.73
CA ILE E 22 -26.76 -2.40 5.85
C ILE E 22 -26.18 -2.39 4.43
N GLU E 23 -26.16 -3.55 3.79
CA GLU E 23 -25.53 -3.73 2.49
C GLU E 23 -26.12 -4.93 1.75
N PRO E 24 -25.99 -4.96 0.40
CA PRO E 24 -26.49 -6.13 -0.33
C PRO E 24 -25.68 -7.38 0.01
N TRP E 25 -26.35 -8.52 0.03
CA TRP E 25 -25.68 -9.80 0.26
C TRP E 25 -26.36 -10.89 -0.56
N GLY E 26 -26.25 -10.74 -1.87
CA GLY E 26 -26.97 -11.59 -2.84
C GLY E 26 -28.20 -10.87 -3.36
N GLU E 27 -28.75 -11.39 -4.46
CA GLU E 27 -29.95 -10.81 -5.08
C GLU E 27 -31.14 -10.81 -4.12
N ASN E 28 -31.85 -9.67 -4.07
CA ASN E 28 -33.06 -9.50 -3.26
C ASN E 28 -32.85 -9.67 -1.75
N SER E 29 -31.61 -9.40 -1.30
CA SER E 29 -31.20 -9.69 0.07
C SER E 29 -30.27 -8.61 0.64
N LEU E 30 -30.33 -8.44 1.96
CA LEU E 30 -29.48 -7.50 2.67
C LEU E 30 -28.88 -8.15 3.91
N ARG E 31 -27.65 -7.77 4.23
CA ARG E 31 -27.04 -8.10 5.52
C ARG E 31 -27.10 -6.88 6.43
N VAL E 32 -27.45 -7.11 7.70
CA VAL E 32 -27.60 -6.06 8.70
C VAL E 32 -26.67 -6.35 9.86
N ARG E 33 -25.75 -5.43 10.14
CA ARG E 33 -24.87 -5.57 11.29
C ARG E 33 -24.92 -4.33 12.16
N ALA E 34 -24.74 -4.52 13.46
CA ALA E 34 -24.64 -3.41 14.40
C ALA E 34 -23.71 -3.75 15.55
N THR E 35 -22.93 -2.76 15.97
CA THR E 35 -21.99 -2.90 17.08
C THR E 35 -21.79 -1.56 17.77
N VAL E 36 -21.31 -1.61 19.01
CA VAL E 36 -20.78 -0.42 19.70
C VAL E 36 -19.26 -0.49 19.92
N ALA E 37 -18.62 -1.57 19.44
CA ALA E 37 -17.17 -1.68 19.41
C ALA E 37 -16.63 -0.67 18.39
N PRO E 38 -15.30 -0.43 18.39
CA PRO E 38 -14.73 0.52 17.41
C PRO E 38 -15.15 0.25 15.96
N GLU E 39 -15.10 -1.02 15.55
CA GLU E 39 -15.50 -1.45 14.22
C GLU E 39 -16.19 -2.81 14.28
N LEU E 40 -16.88 -3.14 13.20
CA LEU E 40 -17.38 -4.51 12.99
C LEU E 40 -16.18 -5.46 12.91
N ASN E 41 -16.36 -6.69 13.39
CA ASN E 41 -15.30 -7.70 13.32
C ASN E 41 -15.39 -8.46 11.98
N GLY E 42 -14.51 -9.46 11.80
CA GLY E 42 -14.47 -10.25 10.57
C GLY E 42 -15.25 -11.54 10.57
N ASN E 43 -16.12 -11.76 11.56
CA ASN E 43 -16.92 -12.99 11.63
C ASN E 43 -18.08 -12.95 10.64
N ASP E 44 -18.07 -13.89 9.69
CA ASP E 44 -19.17 -14.09 8.74
C ASP E 44 -20.06 -15.30 9.06
N TRP E 45 -19.59 -16.15 9.96
CA TRP E 45 -20.35 -17.31 10.43
C TRP E 45 -20.91 -18.16 9.26
N ALA E 46 -22.22 -18.15 9.02
CA ALA E 46 -22.82 -19.02 7.99
C ALA E 46 -22.90 -18.37 6.61
N LEU E 47 -22.62 -17.07 6.52
CA LEU E 47 -22.77 -16.36 5.24
C LEU E 47 -21.52 -16.52 4.38
N LEU E 48 -21.73 -17.02 3.16
CA LEU E 48 -20.68 -17.16 2.17
C LEU E 48 -20.49 -15.81 1.46
N PRO E 49 -19.37 -15.65 0.73
CA PRO E 49 -19.18 -14.39 0.00
C PRO E 49 -20.33 -14.11 -0.99
N ALA E 50 -20.80 -12.88 -1.02
CA ALA E 50 -21.94 -12.50 -1.86
C ALA E 50 -21.53 -12.24 -3.30
N LYS E 51 -22.30 -12.78 -4.24
CA LYS E 51 -22.21 -12.38 -5.66
C LYS E 51 -22.68 -10.92 -5.74
N PRO E 52 -21.83 -10.00 -6.27
CA PRO E 52 -22.24 -8.59 -6.37
C PRO E 52 -23.56 -8.38 -7.12
N SER E 53 -24.43 -7.54 -6.58
CA SER E 53 -25.79 -7.36 -7.11
C SER E 53 -25.85 -6.26 -8.17
N THR E 54 -26.78 -6.43 -9.11
CA THR E 54 -27.07 -5.40 -10.12
C THR E 54 -28.13 -4.43 -9.58
N LYS E 55 -27.89 -3.14 -9.82
CA LYS E 55 -28.71 -2.04 -9.30
C LYS E 55 -29.06 -2.16 -7.80
N VAL E 56 -28.04 -1.98 -6.99
CA VAL E 56 -28.21 -1.56 -5.61
C VAL E 56 -28.32 -0.04 -5.70
N LYS E 57 -29.25 0.53 -4.94
CA LYS E 57 -29.42 1.99 -4.91
C LYS E 57 -29.53 2.45 -3.47
N VAL E 58 -28.60 3.30 -3.06
CA VAL E 58 -28.61 3.95 -1.75
C VAL E 58 -28.95 5.43 -1.96
N SER E 59 -29.90 5.94 -1.19
CA SER E 59 -30.31 7.34 -1.31
C SER E 59 -30.63 7.95 0.05
N GLU E 60 -30.44 9.26 0.11
CA GLU E 60 -30.71 10.06 1.28
C GLU E 60 -31.94 10.90 0.97
N PHE E 61 -32.91 10.96 1.90
CA PHE E 61 -34.07 11.82 1.76
C PHE E 61 -34.41 12.45 3.11
N GLU E 62 -34.64 13.77 3.10
CA GLU E 62 -34.73 14.64 4.31
C GLU E 62 -33.81 14.20 5.47
N ASP E 63 -34.34 13.56 6.52
CA ASP E 63 -33.53 13.10 7.66
C ASP E 63 -33.37 11.57 7.70
N SER E 64 -33.68 10.89 6.59
CA SER E 64 -33.64 9.44 6.50
C SER E 64 -32.73 8.97 5.37
N ALA E 65 -32.54 7.66 5.32
CA ALA E 65 -31.81 7.02 4.23
C ALA E 65 -32.42 5.66 3.91
N ARG E 66 -32.16 5.21 2.69
CA ARG E 66 -32.78 4.02 2.15
C ARG E 66 -31.76 3.25 1.32
N ILE E 67 -31.81 1.93 1.40
CA ILE E 67 -31.04 1.06 0.52
C ILE E 67 -31.99 0.02 -0.06
N VAL E 68 -32.01 -0.08 -1.40
CA VAL E 68 -32.82 -1.07 -2.11
C VAL E 68 -31.87 -2.02 -2.84
N ASN E 69 -32.16 -3.31 -2.75
CA ASN E 69 -31.45 -4.32 -3.53
C ASN E 69 -32.49 -5.24 -4.12
N GLY E 70 -32.93 -4.92 -5.35
CA GLY E 70 -33.95 -5.69 -6.05
C GLY E 70 -35.28 -5.62 -5.34
N ASN E 71 -35.76 -6.77 -4.86
CA ASN E 71 -37.10 -6.88 -4.27
C ASN E 71 -37.16 -6.61 -2.75
N ILE E 72 -36.06 -6.16 -2.15
CA ILE E 72 -36.07 -5.73 -0.75
C ILE E 72 -35.50 -4.33 -0.65
N SER E 73 -36.05 -3.55 0.28
CA SER E 73 -35.46 -2.28 0.67
C SER E 73 -35.46 -2.14 2.18
N ALA E 74 -34.53 -1.34 2.68
CA ALA E 74 -34.46 -1.03 4.10
C ALA E 74 -34.49 0.47 4.23
N VAL E 75 -35.32 0.97 5.15
CA VAL E 75 -35.41 2.39 5.44
C VAL E 75 -34.94 2.61 6.88
N VAL E 76 -34.02 3.56 7.05
CA VAL E 76 -33.53 3.96 8.36
C VAL E 76 -33.85 5.43 8.53
N ASN E 77 -34.68 5.75 9.53
CA ASN E 77 -35.06 7.14 9.81
C ASN E 77 -33.96 7.89 10.58
N GLY E 78 -34.21 9.15 10.88
CA GLY E 78 -33.24 9.99 11.59
C GLY E 78 -32.93 9.56 13.00
N ARG E 79 -33.85 8.84 13.62
CA ARG E 79 -33.65 8.24 14.95
C ARG E 79 -32.98 6.84 14.91
N GLY E 80 -32.51 6.40 13.75
CA GLY E 80 -31.82 5.13 13.60
C GLY E 80 -32.70 3.89 13.63
N GLN E 81 -33.99 4.07 13.36
CA GLN E 81 -34.98 3.01 13.47
C GLN E 81 -35.23 2.45 12.06
N LEU E 82 -35.22 1.12 11.96
CA LEU E 82 -35.11 0.39 10.70
C LEU E 82 -36.38 -0.41 10.41
N SER E 83 -36.82 -0.37 9.16
CA SER E 83 -37.92 -1.20 8.67
C SER E 83 -37.61 -1.69 7.25
N PHE E 84 -38.22 -2.82 6.89
CA PHE E 84 -37.96 -3.47 5.61
C PHE E 84 -39.23 -3.56 4.77
N TYR E 85 -39.11 -3.24 3.48
CA TYR E 85 -40.24 -3.27 2.53
C TYR E 85 -39.87 -4.12 1.30
N ASN E 86 -40.89 -4.69 0.62
CA ASN E 86 -40.68 -5.37 -0.67
C ASN E 86 -40.87 -4.41 -1.86
N GLN E 87 -40.74 -4.93 -3.08
CA GLN E 87 -40.86 -4.11 -4.31
C GLN E 87 -42.26 -3.48 -4.53
N ASN E 88 -43.29 -3.98 -3.83
CA ASN E 88 -44.64 -3.41 -3.83
C ASN E 88 -44.89 -2.38 -2.71
N GLY E 89 -43.85 -2.02 -1.96
CA GLY E 89 -44.00 -1.10 -0.84
C GLY E 89 -44.68 -1.69 0.39
N LYS E 90 -44.84 -3.02 0.45
CA LYS E 90 -45.48 -3.68 1.58
C LYS E 90 -44.47 -3.85 2.71
N LEU E 91 -44.89 -3.56 3.94
CA LEU E 91 -44.06 -3.75 5.12
C LEU E 91 -43.82 -5.23 5.36
N LEU E 92 -42.54 -5.61 5.45
CA LEU E 92 -42.15 -6.99 5.74
C LEU E 92 -41.86 -7.17 7.22
N LEU E 93 -41.04 -6.27 7.76
CA LEU E 93 -40.48 -6.40 9.09
C LEU E 93 -40.10 -5.03 9.60
N GLU E 94 -40.53 -4.68 10.80
CA GLU E 94 -40.12 -3.41 11.41
C GLU E 94 -39.60 -3.61 12.82
N GLU E 95 -38.60 -2.82 13.16
CA GLU E 95 -38.03 -2.81 14.51
C GLU E 95 -39.06 -2.36 15.54
N TYR E 96 -38.92 -2.91 16.74
CA TYR E 96 -39.72 -2.59 17.91
C TYR E 96 -38.92 -1.61 18.76
N TRP E 97 -39.44 -0.39 18.86
CA TRP E 97 -38.91 0.66 19.73
C TRP E 97 -40.04 1.13 20.64
N ARG E 98 -39.74 1.32 21.92
CA ARG E 98 -40.67 1.89 22.89
C ARG E 98 -39.90 2.85 23.78
N THR E 99 -39.76 4.10 23.33
CA THR E 99 -38.95 5.10 24.06
C THR E 99 -39.58 6.48 23.95
N ARG E 100 -39.18 7.38 24.84
CA ARG E 100 -39.52 8.80 24.72
C ARG E 100 -38.37 9.61 24.15
N PHE E 101 -37.18 9.03 24.14
CA PHE E 101 -35.98 9.72 23.72
C PHE E 101 -35.04 8.69 23.08
N VAL E 102 -34.58 8.97 21.86
CA VAL E 102 -33.75 8.02 21.11
C VAL E 102 -32.89 8.77 20.11
N ALA E 103 -31.63 8.33 19.97
CA ALA E 103 -30.64 8.99 19.12
C ALA E 103 -30.54 10.50 19.39
N GLY E 104 -30.61 10.88 20.67
CA GLY E 104 -30.54 12.28 21.09
C GLY E 104 -31.70 13.17 20.67
N GLN E 105 -32.86 12.56 20.40
CA GLN E 105 -34.04 13.29 19.90
C GLN E 105 -35.28 12.81 20.62
N GLY E 106 -36.26 13.70 20.76
CA GLY E 106 -37.57 13.31 21.28
C GLY E 106 -38.24 12.36 20.31
N GLU E 107 -38.93 11.35 20.83
CA GLU E 107 -39.69 10.42 19.99
C GLU E 107 -41.02 11.10 19.56
N ASP E 108 -41.54 10.66 18.43
CA ASP E 108 -42.82 11.15 17.88
C ASP E 108 -44.00 10.64 18.70
N THR E 109 -44.74 11.54 19.34
CA THR E 109 -45.90 11.16 20.17
C THR E 109 -47.07 10.53 19.40
N SER E 110 -47.16 10.74 18.09
CA SER E 110 -48.19 10.11 17.25
C SER E 110 -47.91 8.62 16.94
N SER E 111 -46.70 8.15 17.22
CA SER E 111 -46.28 6.79 16.87
C SER E 111 -46.43 5.81 18.04
N LYS E 112 -46.69 4.55 17.71
CA LYS E 112 -46.65 3.46 18.70
C LYS E 112 -45.27 3.30 19.35
N TYR E 113 -44.23 3.81 18.69
CA TYR E 113 -42.90 3.90 19.28
C TYR E 113 -42.79 4.76 20.56
N PHE E 114 -43.70 5.70 20.78
CA PHE E 114 -43.63 6.58 21.95
C PHE E 114 -44.09 5.87 23.21
N SER E 115 -43.18 5.68 24.15
CA SER E 115 -43.49 4.98 25.39
C SER E 115 -42.41 5.23 26.45
N PRO E 116 -42.81 5.45 27.71
CA PRO E 116 -41.80 5.55 28.78
C PRO E 116 -41.11 4.23 29.19
N LEU E 117 -41.51 3.10 28.62
CA LEU E 117 -40.93 1.79 28.97
C LEU E 117 -39.43 1.72 28.68
N THR E 118 -39.01 2.35 27.58
CA THR E 118 -37.59 2.44 27.18
C THR E 118 -37.01 1.07 26.76
N HIS E 119 -37.57 0.50 25.69
CA HIS E 119 -37.00 -0.68 25.03
C HIS E 119 -36.42 -0.27 23.69
N GLU E 120 -35.18 -0.68 23.42
CA GLU E 120 -34.53 -0.45 22.13
C GLU E 120 -34.70 -1.68 21.25
N ALA E 121 -34.68 -1.45 19.94
CA ALA E 121 -34.73 -2.54 18.96
C ALA E 121 -33.40 -3.29 18.85
N ARG E 122 -32.29 -2.58 19.02
CA ARG E 122 -30.95 -3.16 18.94
C ARG E 122 -30.23 -2.94 20.27
N GLU E 123 -30.55 -3.78 21.25
CA GLU E 123 -29.99 -3.67 22.61
C GLU E 123 -28.67 -4.42 22.72
N LEU E 124 -27.57 -3.68 22.75
CA LEU E 124 -26.24 -4.25 23.04
C LEU E 124 -25.88 -3.91 24.49
N LYS E 125 -26.37 -4.74 25.41
CA LYS E 125 -26.19 -4.52 26.84
C LYS E 125 -24.81 -5.02 27.26
N PRO E 126 -23.92 -4.13 27.73
CA PRO E 126 -22.56 -4.56 28.03
C PRO E 126 -22.49 -5.48 29.25
N ILE E 127 -21.74 -6.57 29.11
CA ILE E 127 -21.47 -7.50 30.19
C ILE E 127 -20.23 -6.97 30.88
N GLN E 128 -20.26 -6.90 32.22
CA GLN E 128 -19.18 -6.25 32.96
C GLN E 128 -17.88 -7.03 32.78
N GLY E 129 -16.81 -6.32 32.42
CA GLY E 129 -15.52 -6.93 32.09
C GLY E 129 -15.44 -7.69 30.76
N GLY E 130 -16.54 -7.75 30.01
CA GLY E 130 -16.66 -8.68 28.90
C GLY E 130 -17.29 -8.07 27.67
N LYS E 131 -18.14 -8.85 27.00
CA LYS E 131 -18.68 -8.46 25.70
C LYS E 131 -20.12 -7.93 25.87
N PHE E 132 -21.08 -8.39 25.06
CA PHE E 132 -22.42 -7.84 25.05
C PHE E 132 -23.48 -8.93 25.07
N GLU E 133 -24.54 -8.64 25.80
CA GLU E 133 -25.79 -9.40 25.78
C GLU E 133 -26.68 -8.67 24.79
N LEU E 134 -27.10 -9.38 23.73
CA LEU E 134 -27.81 -8.76 22.62
C LEU E 134 -29.26 -9.18 22.64
N ARG E 135 -30.15 -8.20 22.54
CA ARG E 135 -31.56 -8.45 22.21
C ARG E 135 -31.94 -7.63 20.98
N ALA E 136 -32.47 -8.31 19.96
CA ALA E 136 -33.00 -7.66 18.75
C ALA E 136 -34.51 -7.81 18.73
N ARG E 137 -35.21 -6.68 18.85
CA ARG E 137 -36.68 -6.66 18.95
C ARG E 137 -37.32 -6.19 17.63
N PHE E 138 -38.38 -6.88 17.23
CA PHE E 138 -39.18 -6.53 16.06
C PHE E 138 -40.66 -6.56 16.42
N GLU E 139 -41.45 -5.70 15.78
CA GLU E 139 -42.90 -5.69 16.00
C GLU E 139 -43.45 -7.03 15.54
N SER E 140 -44.36 -7.60 16.32
CA SER E 140 -45.16 -8.73 15.84
C SER E 140 -46.17 -8.20 14.81
N GLN E 141 -46.71 -9.08 13.98
CA GLN E 141 -47.70 -8.71 12.97
C GLN E 141 -48.87 -9.69 13.10
N PRO E 142 -50.11 -9.18 13.03
CA PRO E 142 -51.28 -9.97 13.42
C PRO E 142 -51.54 -11.21 12.56
N ASP E 143 -51.24 -11.15 11.26
CA ASP E 143 -51.48 -12.30 10.39
C ASP E 143 -50.19 -13.02 9.93
N GLU E 144 -49.10 -12.83 10.67
CA GLU E 144 -47.81 -13.45 10.32
C GLU E 144 -47.76 -14.91 10.76
N ARG E 145 -47.36 -15.78 9.83
CA ARG E 145 -47.11 -17.19 10.11
C ARG E 145 -45.62 -17.41 9.85
N ILE E 146 -44.97 -18.16 10.74
CA ILE E 146 -43.52 -18.26 10.78
C ILE E 146 -43.08 -19.72 10.78
N TYR E 147 -42.12 -20.04 9.91
CA TYR E 147 -41.67 -21.42 9.72
C TYR E 147 -40.14 -21.48 9.74
N GLY E 148 -39.60 -22.69 9.88
CA GLY E 148 -38.16 -22.91 9.89
C GLY E 148 -37.60 -23.03 11.29
N LEU E 149 -36.48 -22.34 11.54
CA LEU E 149 -35.75 -22.33 12.84
C LEU E 149 -34.96 -23.60 13.19
N GLY E 150 -35.28 -24.73 12.58
CA GLY E 150 -34.55 -25.97 12.75
C GLY E 150 -35.48 -27.09 13.18
N GLN E 151 -35.04 -27.84 14.19
CA GLN E 151 -35.70 -29.05 14.64
C GLN E 151 -36.01 -28.95 16.14
N TYR E 152 -37.29 -28.77 16.46
CA TYR E 152 -37.75 -28.69 17.85
C TYR E 152 -38.81 -29.73 18.12
N GLN E 153 -38.82 -30.25 19.35
CA GLN E 153 -39.70 -31.35 19.73
C GLN E 153 -41.02 -30.78 20.23
N GLN E 154 -41.84 -30.37 19.27
CA GLN E 154 -43.10 -29.70 19.55
C GLN E 154 -44.08 -29.85 18.37
N PRO E 155 -45.40 -29.94 18.65
CA PRO E 155 -46.38 -30.22 17.59
C PRO E 155 -46.89 -28.95 16.89
N PHE E 156 -45.97 -28.13 16.39
CA PHE E 156 -46.30 -26.85 15.76
C PHE E 156 -45.44 -26.68 14.51
N LEU E 157 -46.08 -26.60 13.34
CA LEU E 157 -45.36 -26.25 12.12
C LEU E 157 -45.17 -24.74 12.10
N ASN E 158 -46.29 -24.00 12.11
CA ASN E 158 -46.27 -22.56 12.31
C ASN E 158 -45.83 -22.32 13.76
N VAL E 159 -44.76 -21.54 13.94
CA VAL E 159 -44.21 -21.28 15.27
C VAL E 159 -44.44 -19.85 15.76
N LYS E 160 -45.30 -19.09 15.07
CA LYS E 160 -45.81 -17.82 15.60
C LYS E 160 -46.53 -18.12 16.91
N GLY E 161 -46.12 -17.42 17.97
CA GLY E 161 -46.61 -17.68 19.32
C GLY E 161 -45.71 -18.60 20.14
N CYS E 162 -44.72 -19.23 19.49
CA CYS E 162 -43.79 -20.13 20.18
C CYS E 162 -42.47 -19.43 20.45
N THR E 163 -41.76 -19.96 21.44
CA THR E 163 -40.43 -19.50 21.81
C THR E 163 -39.48 -20.69 21.70
N MET E 164 -38.39 -20.50 20.97
CA MET E 164 -37.40 -21.54 20.71
C MET E 164 -36.04 -21.18 21.31
N GLU E 165 -35.46 -22.15 22.01
CA GLU E 165 -34.12 -22.01 22.58
C GLU E 165 -33.09 -22.12 21.46
N LEU E 166 -32.17 -21.17 21.40
CA LEU E 166 -31.06 -21.21 20.43
C LEU E 166 -29.92 -21.92 21.11
N ALA E 167 -30.02 -23.24 21.15
CA ALA E 167 -29.00 -24.10 21.74
C ALA E 167 -29.15 -25.51 21.19
N GLN E 168 -28.07 -26.28 21.28
CA GLN E 168 -28.00 -27.64 20.74
C GLN E 168 -28.09 -28.67 21.88
N ARG E 169 -29.12 -29.52 21.81
CA ARG E 169 -29.33 -30.63 22.73
C ARG E 169 -29.78 -31.86 21.94
N ASN E 170 -29.55 -33.04 22.50
CA ASN E 170 -29.98 -34.30 21.87
C ASN E 170 -31.49 -34.22 21.53
N SER E 171 -31.78 -34.28 20.23
CA SER E 171 -33.14 -34.22 19.65
C SER E 171 -33.59 -32.83 19.23
N GLN E 172 -32.68 -31.85 19.36
CA GLN E 172 -32.93 -30.46 19.00
C GLN E 172 -31.79 -29.97 18.12
N ALA E 173 -32.13 -29.14 17.13
CA ALA E 173 -31.14 -28.49 16.27
C ALA E 173 -31.58 -27.07 15.99
N SER E 174 -30.78 -26.11 16.42
CA SER E 174 -31.00 -24.70 16.12
C SER E 174 -30.36 -24.43 14.76
N VAL E 175 -31.21 -24.15 13.77
CA VAL E 175 -30.75 -23.71 12.43
C VAL E 175 -31.56 -22.45 12.18
N PRO E 176 -31.02 -21.29 12.60
CA PRO E 176 -31.88 -20.13 12.80
C PRO E 176 -32.16 -19.30 11.54
N PHE E 177 -32.67 -19.95 10.50
CA PHE E 177 -33.27 -19.29 9.36
C PHE E 177 -34.77 -19.48 9.46
N MET E 178 -35.51 -18.37 9.39
CA MET E 178 -36.98 -18.38 9.44
C MET E 178 -37.55 -17.89 8.11
N MET E 179 -38.73 -18.38 7.76
CA MET E 179 -39.48 -17.94 6.60
C MET E 179 -40.84 -17.44 7.09
N SER E 180 -41.22 -16.24 6.66
CA SER E 180 -42.49 -15.65 7.07
C SER E 180 -43.50 -15.68 5.93
N SER E 181 -44.77 -15.86 6.28
CA SER E 181 -45.89 -15.73 5.33
C SER E 181 -46.01 -14.33 4.71
N LEU E 182 -45.42 -13.32 5.35
CA LEU E 182 -45.40 -11.95 4.80
C LEU E 182 -44.52 -11.77 3.55
N GLY E 183 -43.72 -12.78 3.20
CA GLY E 183 -42.90 -12.75 1.98
C GLY E 183 -41.43 -12.37 2.19
N TYR E 184 -40.88 -12.75 3.35
CA TYR E 184 -39.45 -12.60 3.62
C TYR E 184 -38.91 -13.80 4.38
N GLY E 185 -37.59 -13.95 4.35
CA GLY E 185 -36.88 -14.89 5.20
C GLY E 185 -35.77 -14.18 5.93
N MET E 186 -35.39 -14.70 7.09
CA MET E 186 -34.37 -14.05 7.94
C MET E 186 -33.46 -15.08 8.61
N LEU E 187 -32.15 -14.92 8.42
CA LEU E 187 -31.12 -15.70 9.10
C LEU E 187 -30.54 -14.89 10.26
N TRP E 188 -30.63 -15.45 11.46
CA TRP E 188 -29.92 -14.93 12.63
C TRP E 188 -28.49 -15.49 12.54
N ASN E 189 -27.58 -14.68 12.01
CA ASN E 189 -26.23 -15.11 11.67
C ASN E 189 -25.30 -14.95 12.87
N ASN E 190 -25.60 -15.72 13.91
CA ASN E 190 -24.97 -15.55 15.21
C ASN E 190 -25.09 -16.88 15.95
N PRO E 191 -23.95 -17.53 16.27
CA PRO E 191 -23.96 -18.84 16.90
C PRO E 191 -24.08 -18.84 18.43
N ALA E 192 -24.39 -17.68 19.02
CA ALA E 192 -24.44 -17.55 20.47
C ALA E 192 -25.60 -18.33 21.06
N ILE E 193 -25.41 -18.85 22.28
CA ILE E 193 -26.51 -19.42 23.05
C ILE E 193 -27.52 -18.29 23.31
N GLY E 194 -28.80 -18.61 23.19
CA GLY E 194 -29.85 -17.64 23.44
C GLY E 194 -31.24 -18.17 23.16
N GLU E 195 -32.07 -17.32 22.57
CA GLU E 195 -33.48 -17.63 22.39
C GLU E 195 -34.09 -16.77 21.30
N VAL E 196 -35.12 -17.31 20.64
CA VAL E 196 -35.98 -16.52 19.76
C VAL E 196 -37.44 -16.75 20.19
N SER E 197 -38.13 -15.66 20.53
CA SER E 197 -39.53 -15.72 20.90
C SER E 197 -40.33 -14.94 19.87
N PHE E 198 -41.24 -15.64 19.19
CA PHE E 198 -42.18 -15.02 18.29
C PHE E 198 -43.48 -14.84 19.05
N ALA E 199 -43.43 -14.03 20.10
CA ALA E 199 -44.58 -13.83 20.97
C ALA E 199 -45.59 -12.95 20.24
N ASN E 200 -46.87 -13.09 20.57
CA ASN E 200 -47.92 -12.31 19.93
C ASN E 200 -47.71 -10.79 20.08
N ASN E 201 -47.15 -10.39 21.23
CA ASN E 201 -46.95 -8.96 21.55
C ASN E 201 -45.63 -8.36 21.04
N VAL E 202 -44.65 -9.19 20.70
CA VAL E 202 -43.32 -8.70 20.23
C VAL E 202 -42.42 -9.89 19.85
N THR E 203 -41.58 -9.70 18.82
CA THR E 203 -40.60 -10.71 18.41
C THR E 203 -39.24 -10.31 18.96
N THR E 204 -38.60 -11.22 19.69
CA THR E 204 -37.30 -10.94 20.32
C THR E 204 -36.30 -12.04 20.04
N TRP E 205 -35.19 -11.69 19.41
CA TRP E 205 -34.03 -12.56 19.25
C TRP E 205 -33.02 -12.19 20.34
N MET E 206 -32.39 -13.18 20.96
CA MET E 206 -31.46 -12.93 22.06
C MET E 206 -30.19 -13.76 21.91
N ALA E 207 -29.04 -13.12 22.13
CA ALA E 207 -27.75 -13.78 22.27
C ALA E 207 -27.17 -13.43 23.65
N ARG E 208 -26.80 -14.46 24.41
CA ARG E 208 -26.30 -14.26 25.79
C ARG E 208 -24.93 -13.56 25.85
N VAL E 209 -24.05 -13.90 24.91
CA VAL E 209 -22.74 -13.27 24.77
C VAL E 209 -22.44 -13.12 23.28
N THR E 210 -22.14 -11.90 22.85
CA THR E 210 -21.76 -11.65 21.46
C THR E 210 -21.02 -10.33 21.32
N GLU E 211 -20.32 -10.17 20.20
CA GLU E 211 -19.60 -8.92 19.90
C GLU E 211 -20.46 -7.94 19.12
N GLN E 212 -21.44 -8.45 18.36
CA GLN E 212 -22.21 -7.60 17.44
C GLN E 212 -23.50 -8.28 16.95
N LEU E 213 -24.46 -7.46 16.56
CA LEU E 213 -25.67 -7.89 15.86
C LEU E 213 -25.30 -8.26 14.42
N ASP E 214 -25.87 -9.36 13.92
CA ASP E 214 -25.65 -9.80 12.55
C ASP E 214 -26.84 -10.66 12.10
N TYR E 215 -27.57 -10.16 11.10
CA TYR E 215 -28.58 -10.98 10.44
C TYR E 215 -28.66 -10.70 8.94
N TRP E 216 -29.26 -11.64 8.23
CA TRP E 216 -29.39 -11.61 6.78
C TRP E 216 -30.88 -11.75 6.50
N ILE E 217 -31.42 -10.88 5.65
CA ILE E 217 -32.85 -10.85 5.35
C ILE E 217 -33.05 -10.82 3.83
N THR E 218 -34.06 -11.55 3.36
CA THR E 218 -34.32 -11.73 1.93
C THR E 218 -35.81 -11.65 1.63
N ALA E 219 -36.16 -11.11 0.46
CA ALA E 219 -37.56 -10.91 0.06
C ALA E 219 -37.86 -11.53 -1.31
N ALA E 220 -39.02 -12.19 -1.40
CA ALA E 220 -39.52 -12.72 -2.67
C ALA E 220 -41.01 -13.07 -2.59
N ASP E 221 -41.64 -13.16 -3.76
CA ASP E 221 -43.09 -13.38 -3.86
C ASP E 221 -43.51 -14.82 -3.53
N THR E 222 -42.58 -15.77 -3.58
CA THR E 222 -42.89 -17.17 -3.30
C THR E 222 -41.89 -17.78 -2.32
N PRO E 223 -42.34 -18.75 -1.49
CA PRO E 223 -41.45 -19.54 -0.63
C PRO E 223 -40.24 -20.15 -1.36
N ALA E 224 -40.47 -20.72 -2.54
CA ALA E 224 -39.38 -21.33 -3.33
C ALA E 224 -38.26 -20.36 -3.65
N GLU E 225 -38.61 -19.12 -3.99
CA GLU E 225 -37.61 -18.08 -4.22
C GLU E 225 -36.81 -17.75 -2.95
N ILE E 226 -37.49 -17.69 -1.81
CA ILE E 226 -36.83 -17.43 -0.52
C ILE E 226 -35.82 -18.54 -0.19
N SER E 227 -36.26 -19.79 -0.32
CA SER E 227 -35.37 -20.96 -0.13
C SER E 227 -34.15 -20.95 -1.06
N GLN E 228 -34.36 -20.60 -2.32
CA GLN E 228 -33.26 -20.44 -3.28
C GLN E 228 -32.26 -19.38 -2.85
N GLN E 229 -32.77 -18.21 -2.47
CA GLN E 229 -31.92 -17.11 -2.02
C GLN E 229 -31.12 -17.48 -0.76
N TYR E 230 -31.75 -18.19 0.17
CA TYR E 230 -31.07 -18.66 1.38
C TYR E 230 -29.98 -19.69 1.06
N ALA E 231 -30.23 -20.62 0.14
CA ALA E 231 -29.21 -21.58 -0.31
C ALA E 231 -28.01 -20.90 -1.00
N ALA E 232 -28.26 -19.84 -1.77
CA ALA E 232 -27.16 -19.05 -2.33
C ALA E 232 -26.32 -18.36 -1.22
N ALA E 233 -26.98 -17.95 -0.14
CA ALA E 233 -26.33 -17.24 0.97
C ALA E 233 -25.45 -18.13 1.86
N THR E 234 -25.97 -19.31 2.23
CA THR E 234 -25.29 -20.24 3.15
C THR E 234 -24.77 -21.53 2.51
N GLY E 235 -25.09 -21.75 1.24
CA GLY E 235 -24.52 -22.87 0.47
C GLY E 235 -25.53 -23.93 0.09
N ALA E 236 -25.39 -24.46 -1.13
CA ALA E 236 -26.25 -25.51 -1.66
C ALA E 236 -25.94 -26.85 -1.00
N ALA E 237 -26.98 -27.64 -0.73
CA ALA E 237 -26.78 -29.07 -0.48
C ALA E 237 -26.10 -29.64 -1.72
N PRO E 238 -25.11 -30.54 -1.52
CA PRO E 238 -24.48 -31.16 -2.69
C PRO E 238 -25.40 -32.23 -3.29
N MET E 239 -24.92 -32.95 -4.30
CA MET E 239 -25.68 -34.06 -4.86
C MET E 239 -25.69 -35.24 -3.91
N LEU E 240 -26.87 -35.79 -3.65
CA LEU E 240 -27.00 -36.98 -2.83
C LEU E 240 -26.47 -38.18 -3.62
N PRO E 241 -25.60 -39.01 -2.99
CA PRO E 241 -25.21 -40.24 -3.67
C PRO E 241 -26.39 -41.20 -3.79
N ASP E 242 -26.40 -41.94 -4.90
CA ASP E 242 -27.53 -42.80 -5.27
C ASP E 242 -27.90 -43.80 -4.15
N TYR E 243 -26.91 -44.39 -3.50
CA TYR E 243 -27.15 -45.34 -2.41
C TYR E 243 -27.97 -44.79 -1.23
N ALA E 244 -27.87 -43.48 -0.97
CA ALA E 244 -28.60 -42.85 0.15
C ALA E 244 -30.12 -42.82 -0.01
N ALA E 245 -30.62 -42.91 -1.25
CA ALA E 245 -32.07 -42.96 -1.50
C ALA E 245 -32.72 -44.33 -1.26
N GLY E 246 -31.90 -45.38 -1.08
CA GLY E 246 -32.40 -46.72 -0.75
C GLY E 246 -32.62 -46.90 0.74
N PHE E 247 -32.73 -48.16 1.17
CA PHE E 247 -33.08 -48.48 2.56
C PHE E 247 -31.84 -48.57 3.47
N TRP E 248 -31.91 -47.90 4.61
CA TRP E 248 -30.87 -47.91 5.63
C TRP E 248 -31.33 -48.80 6.78
N GLN E 249 -30.56 -49.84 7.09
CA GLN E 249 -30.88 -50.78 8.17
C GLN E 249 -29.91 -50.55 9.31
N CYS E 250 -30.46 -50.38 10.51
CA CYS E 250 -29.65 -50.12 11.69
C CYS E 250 -30.40 -50.52 12.95
N LYS E 251 -29.64 -50.81 14.00
CA LYS E 251 -30.20 -50.95 15.34
C LYS E 251 -29.12 -50.59 16.35
N LEU E 252 -29.55 -50.44 17.60
CA LEU E 252 -28.65 -50.34 18.74
C LEU E 252 -28.72 -51.72 19.40
N ARG E 253 -27.72 -52.59 19.22
CA ARG E 253 -26.58 -52.42 18.31
C ARG E 253 -26.10 -53.80 17.84
N TYR E 254 -25.65 -53.88 16.58
CA TYR E 254 -24.98 -55.09 16.10
C TYR E 254 -23.60 -55.09 16.78
N ARG E 255 -23.43 -56.00 17.75
CA ARG E 255 -22.25 -56.06 18.63
C ARG E 255 -21.01 -56.65 17.96
N THR E 256 -21.18 -57.42 16.89
CA THR E 256 -20.09 -58.12 16.24
C THR E 256 -20.20 -58.07 14.72
N GLN E 257 -19.08 -58.34 14.07
CA GLN E 257 -19.01 -58.47 12.62
C GLN E 257 -19.96 -59.55 12.08
N ASP E 258 -19.95 -60.73 12.71
CA ASP E 258 -20.83 -61.83 12.30
C ASP E 258 -22.31 -61.45 12.41
N GLU E 259 -22.69 -60.79 13.49
CA GLU E 259 -24.09 -60.40 13.71
C GLU E 259 -24.57 -59.42 12.63
N LEU E 260 -23.74 -58.41 12.34
CA LEU E 260 -24.05 -57.45 11.29
C LEU E 260 -24.17 -58.14 9.93
N MET E 261 -23.21 -59.00 9.60
CA MET E 261 -23.21 -59.70 8.30
C MET E 261 -24.37 -60.69 8.17
N GLU E 262 -24.72 -61.39 9.25
CA GLU E 262 -25.93 -62.25 9.28
C GLU E 262 -27.19 -61.50 8.82
N VAL E 263 -27.39 -60.29 9.36
CA VAL E 263 -28.52 -59.44 8.98
C VAL E 263 -28.43 -59.05 7.50
N ALA E 264 -27.26 -58.56 7.08
CA ALA E 264 -27.02 -58.16 5.69
C ALA E 264 -27.36 -59.30 4.71
N ARG E 265 -26.86 -60.49 5.01
CA ARG E 265 -27.08 -61.67 4.17
C ARG E 265 -28.53 -62.12 4.13
N GLU E 266 -29.23 -61.99 5.25
CA GLU E 266 -30.65 -62.37 5.32
C GLU E 266 -31.55 -61.41 4.51
N TYR E 267 -31.26 -60.11 4.57
CA TYR E 267 -31.94 -59.13 3.69
C TYR E 267 -31.78 -59.49 2.20
N LYS E 268 -30.57 -59.83 1.79
CA LYS E 268 -30.31 -60.22 0.39
C LYS E 268 -30.91 -61.57 0.03
N ARG E 269 -30.90 -62.52 0.96
CA ARG E 269 -31.47 -63.85 0.74
C ARG E 269 -32.98 -63.78 0.46
N ARG E 270 -33.69 -62.94 1.22
CA ARG E 270 -35.12 -62.72 1.03
C ARG E 270 -35.45 -61.79 -0.16
N SER E 271 -34.45 -61.43 -0.97
CA SER E 271 -34.60 -60.46 -2.07
C SER E 271 -35.22 -59.12 -1.62
N LEU E 272 -34.90 -58.70 -0.40
CA LEU E 272 -35.38 -57.43 0.14
C LEU E 272 -34.37 -56.35 -0.24
N PRO E 273 -34.86 -55.12 -0.55
CA PRO E 273 -33.90 -54.06 -0.84
C PRO E 273 -33.15 -53.61 0.42
N ILE E 274 -31.87 -53.30 0.24
CA ILE E 274 -31.02 -52.79 1.32
C ILE E 274 -29.81 -52.09 0.71
N SER E 275 -29.63 -50.80 1.03
CA SER E 275 -28.54 -49.99 0.47
C SER E 275 -27.45 -49.66 1.48
N VAL E 276 -27.83 -49.50 2.75
CA VAL E 276 -26.90 -49.16 3.82
C VAL E 276 -27.18 -50.05 5.03
N ILE E 277 -26.13 -50.54 5.66
CA ILE E 277 -26.21 -51.20 6.97
C ILE E 277 -25.19 -50.54 7.90
N VAL E 278 -25.51 -50.52 9.20
CA VAL E 278 -24.82 -49.63 10.15
C VAL E 278 -24.25 -50.37 11.37
N ALA E 279 -22.98 -50.10 11.66
CA ALA E 279 -22.37 -50.48 12.93
C ALA E 279 -22.51 -49.30 13.91
N ASP E 280 -23.33 -49.48 14.93
CA ASP E 280 -23.62 -48.44 15.91
C ASP E 280 -22.44 -48.34 16.91
N PHE E 281 -22.58 -47.45 17.87
CA PHE E 281 -21.55 -47.14 18.85
C PHE E 281 -20.98 -48.32 19.66
N PHE E 282 -19.84 -48.05 20.29
CA PHE E 282 -19.09 -48.98 21.14
C PHE E 282 -18.71 -50.30 20.47
N HIS E 283 -18.40 -50.19 19.18
CA HIS E 283 -17.71 -51.22 18.41
C HIS E 283 -16.20 -51.08 18.51
N TRP E 284 -15.75 -50.14 19.37
CA TRP E 284 -14.37 -49.70 19.45
C TRP E 284 -13.78 -50.12 20.80
N PRO E 285 -12.44 -50.18 20.93
CA PRO E 285 -11.88 -50.56 22.24
C PRO E 285 -12.14 -49.51 23.32
N ASN E 286 -12.02 -48.24 22.97
CA ASN E 286 -12.31 -47.14 23.89
C ASN E 286 -12.70 -45.90 23.11
N GLN E 287 -13.41 -44.99 23.78
CA GLN E 287 -13.84 -43.73 23.16
C GLN E 287 -12.60 -42.89 22.86
N GLY E 288 -12.48 -42.40 21.63
CA GLY E 288 -11.28 -41.70 21.16
C GLY E 288 -10.26 -42.56 20.40
N ASP E 289 -10.51 -43.87 20.29
CA ASP E 289 -9.67 -44.74 19.46
C ASP E 289 -10.04 -44.64 17.97
N TRP E 290 -11.33 -44.46 17.68
CA TRP E 290 -11.85 -44.36 16.30
C TRP E 290 -11.35 -45.51 15.43
N CYS E 291 -11.63 -46.74 15.87
CA CYS E 291 -11.27 -47.96 15.16
C CYS E 291 -12.10 -49.14 15.67
N PHE E 292 -12.16 -50.19 14.85
CA PHE E 292 -12.85 -51.42 15.24
C PHE E 292 -12.06 -52.15 16.32
N ASP E 293 -12.75 -52.69 17.32
CA ASP E 293 -12.17 -53.62 18.28
C ASP E 293 -12.13 -54.99 17.60
N THR E 294 -10.93 -55.53 17.39
CA THR E 294 -10.78 -56.79 16.63
C THR E 294 -11.29 -58.04 17.36
N ARG E 295 -11.51 -57.95 18.66
CA ARG E 295 -12.11 -59.06 19.43
C ARG E 295 -13.56 -59.36 19.01
N GLU E 296 -14.29 -58.32 18.60
CA GLU E 296 -15.65 -58.46 18.05
C GLU E 296 -15.72 -58.22 16.54
N TRP E 297 -14.69 -57.59 15.96
CA TRP E 297 -14.68 -57.22 14.54
C TRP E 297 -13.34 -57.66 13.93
N PRO E 298 -13.14 -58.99 13.76
CA PRO E 298 -11.81 -59.55 13.42
C PRO E 298 -11.23 -59.14 12.07
N ASP E 299 -12.07 -58.89 11.08
CA ASP E 299 -11.59 -58.58 9.73
C ASP E 299 -12.54 -57.59 9.04
N PRO E 300 -12.41 -56.28 9.39
CA PRO E 300 -13.28 -55.24 8.84
C PRO E 300 -13.22 -55.08 7.31
N LYS E 301 -12.02 -55.22 6.73
CA LYS E 301 -11.89 -55.18 5.26
C LYS E 301 -12.69 -56.30 4.59
N ALA E 302 -12.65 -57.51 5.14
CA ALA E 302 -13.43 -58.64 4.60
C ALA E 302 -14.95 -58.43 4.68
N MET E 303 -15.42 -57.83 5.77
CA MET E 303 -16.83 -57.41 5.91
C MET E 303 -17.21 -56.39 4.83
N ILE E 304 -16.39 -55.35 4.69
CA ILE E 304 -16.63 -54.27 3.74
C ILE E 304 -16.61 -54.77 2.29
N ASP E 305 -15.66 -55.66 1.97
CA ASP E 305 -15.57 -56.27 0.64
C ASP E 305 -16.79 -57.13 0.32
N GLU E 306 -17.25 -57.94 1.28
CA GLU E 306 -18.46 -58.75 1.09
C GLU E 306 -19.72 -57.88 0.92
N LEU E 307 -19.82 -56.78 1.67
CA LEU E 307 -20.94 -55.86 1.53
C LEU E 307 -20.93 -55.18 0.16
N LYS E 308 -19.74 -54.79 -0.33
CA LYS E 308 -19.59 -54.26 -1.70
C LYS E 308 -20.14 -55.24 -2.74
N GLU E 309 -19.70 -56.50 -2.66
CA GLU E 309 -20.23 -57.61 -3.48
C GLU E 309 -21.77 -57.63 -3.48
N MET E 310 -22.37 -57.49 -2.30
CA MET E 310 -23.83 -57.48 -2.14
C MET E 310 -24.50 -56.14 -2.50
N GLY E 311 -23.73 -55.14 -2.93
CA GLY E 311 -24.25 -53.81 -3.22
C GLY E 311 -24.74 -53.05 -2.00
N ILE E 312 -24.12 -53.30 -0.84
CA ILE E 312 -24.45 -52.63 0.42
C ILE E 312 -23.26 -51.78 0.89
N GLU E 313 -23.55 -50.53 1.29
CA GLU E 313 -22.56 -49.63 1.90
C GLU E 313 -22.61 -49.77 3.42
N LEU E 314 -21.44 -49.81 4.05
CA LEU E 314 -21.33 -49.80 5.51
C LEU E 314 -21.22 -48.36 6.00
N MET E 315 -21.96 -48.04 7.08
CA MET E 315 -21.75 -46.81 7.87
C MET E 315 -21.31 -47.21 9.28
N VAL E 316 -20.39 -46.43 9.87
CA VAL E 316 -19.90 -46.69 11.22
C VAL E 316 -20.12 -45.50 12.16
N SER E 317 -20.42 -45.81 13.42
CA SER E 317 -20.57 -44.80 14.46
C SER E 317 -19.25 -44.10 14.77
N ILE E 318 -19.28 -42.77 14.71
CA ILE E 318 -18.23 -41.92 15.24
C ILE E 318 -18.81 -41.19 16.43
N TRP E 319 -18.12 -41.26 17.57
CA TRP E 319 -18.41 -40.40 18.73
C TRP E 319 -17.30 -39.36 18.86
N PRO E 320 -17.67 -38.09 19.19
CA PRO E 320 -16.67 -37.03 19.33
C PRO E 320 -15.97 -37.04 20.70
N THR E 321 -16.27 -38.05 21.52
CA THR E 321 -15.71 -38.20 22.84
C THR E 321 -14.30 -38.79 22.79
N VAL E 322 -13.45 -38.34 23.70
CA VAL E 322 -12.11 -38.88 23.88
C VAL E 322 -11.95 -39.23 25.37
N ASP E 323 -11.84 -40.52 25.65
CA ASP E 323 -11.69 -41.01 27.02
C ASP E 323 -10.27 -40.73 27.48
N ASN E 324 -10.12 -40.30 28.73
CA ASN E 324 -8.84 -39.79 29.22
C ASN E 324 -7.73 -40.84 29.44
N ARG E 325 -8.07 -42.12 29.27
CA ARG E 325 -7.08 -43.21 29.31
C ARG E 325 -6.45 -43.53 27.95
N THR E 326 -6.98 -42.98 26.86
CA THR E 326 -6.52 -43.32 25.51
C THR E 326 -5.26 -42.57 25.11
N GLU E 327 -4.58 -43.09 24.09
CA GLU E 327 -3.42 -42.42 23.50
C GLU E 327 -3.79 -41.12 22.80
N ASN E 328 -4.94 -41.11 22.13
CA ASN E 328 -5.41 -39.88 21.46
C ASN E 328 -5.75 -38.74 22.43
N TYR E 329 -6.25 -39.05 23.63
CA TYR E 329 -6.44 -38.02 24.65
C TYR E 329 -5.12 -37.29 24.91
N LYS E 330 -4.09 -38.07 25.22
CA LYS E 330 -2.74 -37.56 25.53
C LYS E 330 -2.20 -36.63 24.45
N ILE E 331 -2.28 -37.07 23.20
CA ILE E 331 -1.80 -36.27 22.06
C ILE E 331 -2.69 -35.05 21.83
N MET E 332 -4.00 -35.24 21.88
CA MET E 332 -4.94 -34.14 21.66
C MET E 332 -4.88 -33.10 22.78
N LYS E 333 -4.63 -33.56 24.00
CA LYS E 333 -4.39 -32.66 25.13
C LYS E 333 -3.10 -31.86 24.92
N GLU E 334 -2.02 -32.52 24.51
CA GLU E 334 -0.76 -31.83 24.18
C GLU E 334 -0.95 -30.71 23.17
N LYS E 335 -1.72 -31.01 22.11
CA LYS E 335 -1.95 -30.06 21.01
C LYS E 335 -3.08 -29.04 21.25
N GLY E 336 -3.89 -29.23 22.29
CA GLY E 336 -4.98 -28.30 22.62
C GLY E 336 -6.19 -28.45 21.72
N TYR E 337 -6.52 -29.70 21.37
CA TYR E 337 -7.58 -30.02 20.43
C TYR E 337 -8.89 -30.45 21.11
N LEU E 338 -8.95 -30.30 22.44
CA LEU E 338 -10.10 -30.71 23.23
C LEU E 338 -10.88 -29.50 23.74
N VAL E 339 -12.18 -29.69 23.89
CA VAL E 339 -13.06 -28.75 24.59
C VAL E 339 -12.58 -28.62 26.04
N LYS E 340 -12.74 -27.43 26.63
CA LYS E 340 -12.33 -27.15 28.00
C LYS E 340 -13.50 -26.82 28.91
N ALA E 341 -13.49 -27.40 30.11
CA ALA E 341 -14.41 -27.03 31.17
C ALA E 341 -13.85 -25.79 31.87
N GLU E 342 -14.70 -24.77 32.04
CA GLU E 342 -14.31 -23.50 32.64
C GLU E 342 -14.01 -23.67 34.13
N ARG E 343 -14.86 -24.44 34.82
CA ARG E 343 -14.68 -24.75 36.24
C ARG E 343 -14.97 -26.22 36.50
N GLY E 344 -14.42 -26.72 37.60
CA GLY E 344 -14.68 -28.09 38.05
C GLY E 344 -13.87 -29.11 37.28
N VAL E 345 -14.20 -30.38 37.47
CA VAL E 345 -13.43 -31.46 36.86
C VAL E 345 -13.40 -31.34 35.33
N PRO E 346 -12.22 -31.55 34.71
CA PRO E 346 -12.09 -31.37 33.26
C PRO E 346 -12.65 -32.58 32.46
N VAL E 347 -13.96 -32.78 32.59
CA VAL E 347 -14.69 -33.88 31.99
C VAL E 347 -16.00 -33.28 31.44
N THR E 348 -16.27 -33.49 30.15
CA THR E 348 -17.48 -32.97 29.52
C THR E 348 -18.62 -33.99 29.43
N MET E 349 -18.30 -35.29 29.45
CA MET E 349 -19.32 -36.35 29.46
C MET E 349 -18.84 -37.57 30.26
N THR E 350 -19.78 -38.21 30.97
CA THR E 350 -19.47 -39.37 31.83
C THR E 350 -20.13 -40.67 31.38
N PHE E 351 -20.56 -40.76 30.12
CA PHE E 351 -21.16 -42.00 29.58
C PHE E 351 -20.11 -43.08 29.31
N LEU E 352 -20.12 -44.12 30.14
CA LEU E 352 -19.20 -45.28 30.04
C LEU E 352 -17.70 -44.92 30.10
N GLY E 353 -17.38 -43.86 30.85
CA GLY E 353 -16.01 -43.35 30.97
C GLY E 353 -16.02 -41.84 31.10
N ASN E 354 -14.93 -41.26 31.62
CA ASN E 354 -14.81 -39.80 31.72
C ASN E 354 -14.18 -39.31 30.43
N THR E 355 -14.98 -38.67 29.58
CA THR E 355 -14.51 -38.22 28.27
C THR E 355 -14.54 -36.70 28.12
N THR E 356 -13.76 -36.23 27.15
CA THR E 356 -13.73 -34.84 26.75
C THR E 356 -13.97 -34.79 25.24
N PHE E 357 -14.81 -33.85 24.80
CA PHE E 357 -15.14 -33.71 23.39
C PHE E 357 -13.99 -33.10 22.63
N PHE E 358 -13.78 -33.58 21.40
CA PHE E 358 -12.85 -32.91 20.51
C PHE E 358 -13.50 -31.59 20.11
N ASP E 359 -12.65 -30.61 19.81
CA ASP E 359 -13.13 -29.27 19.53
C ASP E 359 -13.35 -29.08 18.04
N ALA E 360 -14.61 -29.20 17.63
CA ALA E 360 -15.02 -29.07 16.23
C ALA E 360 -14.84 -27.67 15.63
N THR E 361 -14.66 -26.64 16.47
CA THR E 361 -14.34 -25.29 16.01
C THR E 361 -12.83 -25.05 15.83
N HIS E 362 -12.01 -26.04 16.19
CA HIS E 362 -10.56 -25.97 16.06
C HIS E 362 -10.18 -26.69 14.75
N PRO E 363 -9.64 -25.95 13.74
CA PRO E 363 -9.28 -26.59 12.46
C PRO E 363 -8.27 -27.74 12.58
N GLY E 364 -7.31 -27.60 13.48
CA GLY E 364 -6.37 -28.67 13.79
C GLY E 364 -7.02 -29.92 14.36
N ALA E 365 -7.97 -29.72 15.27
CA ALA E 365 -8.71 -30.84 15.85
C ALA E 365 -9.61 -31.53 14.83
N ARG E 366 -10.25 -30.75 13.95
CA ARG E 366 -11.06 -31.32 12.87
C ARG E 366 -10.22 -32.27 12.01
N LYS E 367 -9.07 -31.76 11.57
CA LYS E 367 -8.11 -32.49 10.76
C LYS E 367 -7.58 -33.74 11.50
N TYR E 368 -7.25 -33.60 12.78
CA TYR E 368 -6.76 -34.73 13.59
C TYR E 368 -7.76 -35.88 13.68
N VAL E 369 -9.01 -35.57 13.98
CA VAL E 369 -10.06 -36.59 14.12
C VAL E 369 -10.38 -37.21 12.76
N TRP E 370 -10.48 -36.39 11.72
CA TRP E 370 -10.66 -36.91 10.36
C TRP E 370 -9.58 -37.95 10.02
N GLU E 371 -8.31 -37.59 10.24
CA GLU E 371 -7.19 -38.47 9.87
C GLU E 371 -7.13 -39.78 10.68
N GLN E 372 -7.64 -39.77 11.91
CA GLN E 372 -7.86 -41.02 12.64
C GLN E 372 -8.93 -41.86 11.93
N ALA E 373 -10.07 -41.23 11.59
CA ALA E 373 -11.15 -41.90 10.87
C ALA E 373 -10.72 -42.36 9.47
N LYS E 374 -9.87 -41.57 8.81
CA LYS E 374 -9.36 -41.94 7.50
C LYS E 374 -8.53 -43.22 7.57
N LYS E 375 -7.57 -43.23 8.49
CA LYS E 375 -6.64 -44.35 8.69
C LYS E 375 -7.33 -45.67 9.04
N ASN E 376 -8.33 -45.60 9.92
CA ASN E 376 -8.97 -46.79 10.50
C ASN E 376 -10.30 -47.22 9.84
N TYR E 377 -10.91 -46.34 9.06
CA TYR E 377 -12.21 -46.64 8.41
C TYR E 377 -12.23 -46.34 6.92
N HIS E 378 -11.96 -45.07 6.55
CA HIS E 378 -12.12 -44.62 5.15
C HIS E 378 -11.19 -45.36 4.17
N ASP E 379 -9.95 -45.61 4.61
CA ASP E 379 -8.97 -46.37 3.80
C ASP E 379 -9.38 -47.83 3.57
N LEU E 380 -10.21 -48.39 4.46
CA LEU E 380 -10.77 -49.72 4.28
C LEU E 380 -11.96 -49.76 3.31
N GLY E 381 -12.46 -48.60 2.88
CA GLY E 381 -13.57 -48.52 1.92
C GLY E 381 -14.92 -48.06 2.48
N ILE E 382 -14.95 -47.66 3.76
CA ILE E 382 -16.16 -47.07 4.35
C ILE E 382 -16.35 -45.65 3.77
N LYS E 383 -17.56 -45.39 3.25
CA LYS E 383 -17.86 -44.13 2.55
C LYS E 383 -18.93 -43.26 3.24
N ILE E 384 -19.44 -43.71 4.39
CA ILE E 384 -20.49 -43.02 5.14
C ILE E 384 -20.13 -43.07 6.63
N PHE E 385 -20.17 -41.92 7.31
CA PHE E 385 -19.92 -41.86 8.75
C PHE E 385 -21.13 -41.36 9.52
N TRP E 386 -21.35 -41.97 10.68
CA TRP E 386 -22.45 -41.63 11.58
C TRP E 386 -21.88 -40.70 12.66
N LEU E 387 -22.05 -39.40 12.45
CA LEU E 387 -21.48 -38.39 13.33
C LEU E 387 -22.46 -38.11 14.45
N ASP E 388 -22.41 -38.99 15.45
CA ASP E 388 -23.36 -39.02 16.56
C ASP E 388 -22.90 -38.01 17.64
N GLU E 389 -23.80 -37.65 18.55
CA GLU E 389 -23.49 -36.74 19.68
C GLU E 389 -22.99 -35.40 19.17
N ALA E 390 -23.60 -34.90 18.11
CA ALA E 390 -23.06 -33.78 17.33
C ALA E 390 -23.28 -32.39 17.94
N GLU E 391 -23.95 -32.33 19.08
CA GLU E 391 -24.36 -31.06 19.71
C GLU E 391 -23.23 -30.18 20.29
N PRO E 392 -22.31 -30.70 21.12
CA PRO E 392 -22.23 -32.09 21.60
C PRO E 392 -23.03 -32.33 22.87
N GLU E 393 -23.28 -33.60 23.18
CA GLU E 393 -24.15 -33.96 24.30
C GLU E 393 -23.37 -33.96 25.62
N TYR E 394 -23.23 -32.76 26.20
CA TYR E 394 -22.71 -32.63 27.56
C TYR E 394 -23.63 -33.40 28.48
N SER E 395 -23.05 -34.11 29.46
CA SER E 395 -23.85 -34.77 30.49
C SER E 395 -24.74 -33.77 31.24
N VAL E 396 -24.23 -32.54 31.39
CA VAL E 396 -25.00 -31.43 31.92
C VAL E 396 -24.86 -30.26 30.96
N TYR E 397 -25.98 -29.77 30.44
CA TYR E 397 -25.99 -28.67 29.46
C TYR E 397 -25.77 -27.31 30.13
N ASP E 398 -24.65 -27.14 30.84
CA ASP E 398 -24.30 -25.87 31.46
C ASP E 398 -23.36 -25.16 30.51
N PHE E 399 -23.94 -24.48 29.52
CA PHE E 399 -23.19 -23.88 28.40
C PHE E 399 -22.14 -22.87 28.87
N GLU E 400 -22.50 -22.08 29.88
CA GLU E 400 -21.57 -21.16 30.54
C GLU E 400 -20.27 -21.80 31.03
N ASN E 401 -20.31 -23.10 31.33
CA ASN E 401 -19.16 -23.82 31.86
C ASN E 401 -18.20 -24.43 30.82
N TYR E 402 -18.39 -24.18 29.53
CA TYR E 402 -17.51 -24.77 28.51
C TYR E 402 -16.99 -23.74 27.52
N ARG E 403 -15.79 -23.99 26.98
CA ARG E 403 -15.12 -23.07 26.07
C ARG E 403 -14.47 -23.79 24.90
N TYR E 404 -14.60 -23.18 23.72
CA TYR E 404 -14.03 -23.70 22.48
C TYR E 404 -12.88 -22.80 22.00
N HIS E 405 -12.18 -23.29 20.98
CA HIS E 405 -11.14 -22.57 20.24
C HIS E 405 -11.62 -21.17 19.83
N LEU E 406 -12.84 -21.09 19.32
CA LEU E 406 -13.41 -19.83 18.84
C LEU E 406 -14.04 -18.96 19.95
N GLY E 407 -14.14 -19.49 21.17
CA GLY E 407 -14.53 -18.71 22.34
C GLY E 407 -15.42 -19.50 23.27
N PRO E 408 -15.97 -18.82 24.29
CA PRO E 408 -16.92 -19.47 25.19
C PRO E 408 -18.12 -20.05 24.42
N VAL E 409 -18.64 -21.16 24.92
CA VAL E 409 -19.80 -21.80 24.29
C VAL E 409 -21.01 -20.85 24.23
N LEU E 410 -21.16 -19.97 25.23
CA LEU E 410 -22.21 -18.94 25.19
C LEU E 410 -22.13 -18.03 23.95
N GLU E 411 -20.92 -17.76 23.47
CA GLU E 411 -20.72 -16.90 22.30
C GLU E 411 -20.78 -17.63 20.96
N VAL E 412 -20.25 -18.85 20.90
CA VAL E 412 -20.05 -19.56 19.63
C VAL E 412 -20.61 -20.99 19.57
N GLY E 413 -21.24 -21.45 20.65
CA GLY E 413 -21.52 -22.87 20.87
C GLY E 413 -22.30 -23.61 19.79
N ASN E 414 -23.25 -22.91 19.16
CA ASN E 414 -24.18 -23.56 18.25
C ASN E 414 -23.57 -23.99 16.91
N ILE E 415 -22.41 -23.45 16.56
CA ILE E 415 -21.73 -23.80 15.32
C ILE E 415 -20.98 -25.16 15.38
N TYR E 416 -20.84 -25.74 16.57
CA TYR E 416 -20.12 -27.02 16.75
C TYR E 416 -20.54 -28.15 15.78
N PRO E 417 -21.85 -28.45 15.66
CA PRO E 417 -22.27 -29.51 14.72
C PRO E 417 -21.88 -29.26 13.26
N ARG E 418 -21.89 -27.99 12.83
CA ARG E 418 -21.41 -27.60 11.50
C ARG E 418 -19.92 -27.89 11.33
N GLY E 419 -19.13 -27.59 12.36
CA GLY E 419 -17.70 -27.92 12.36
C GLY E 419 -17.45 -29.41 12.29
N TYR E 420 -18.22 -30.17 13.07
CA TYR E 420 -18.13 -31.63 13.11
C TYR E 420 -18.41 -32.22 11.73
N ALA E 421 -19.47 -31.74 11.08
CA ALA E 421 -19.80 -32.14 9.71
C ALA E 421 -18.70 -31.73 8.72
N GLN E 422 -18.19 -30.51 8.89
CA GLN E 422 -17.12 -29.97 8.05
C GLN E 422 -15.84 -30.82 8.08
N ALA E 423 -15.48 -31.29 9.27
CA ALA E 423 -14.27 -32.09 9.44
C ALA E 423 -14.27 -33.30 8.51
N PHE E 424 -15.38 -34.02 8.47
CA PHE E 424 -15.50 -35.24 7.66
C PHE E 424 -15.73 -34.95 6.18
N TYR E 425 -16.58 -33.97 5.86
CA TYR E 425 -16.83 -33.62 4.46
C TYR E 425 -15.55 -33.12 3.76
N GLU E 426 -14.85 -32.17 4.39
CA GLU E 426 -13.59 -31.65 3.83
C GLU E 426 -12.54 -32.75 3.72
N GLY E 427 -12.48 -33.63 4.72
CA GLY E 427 -11.56 -34.75 4.73
C GLY E 427 -11.83 -35.77 3.63
N MET E 428 -13.10 -36.16 3.53
CA MET E 428 -13.53 -37.13 2.52
C MET E 428 -13.37 -36.58 1.11
N GLU E 429 -13.62 -35.29 0.94
CA GLU E 429 -13.43 -34.60 -0.34
C GLU E 429 -11.96 -34.55 -0.74
N GLU E 430 -11.08 -34.27 0.22
CA GLU E 430 -9.63 -34.25 -0.02
C GLU E 430 -9.08 -35.65 -0.37
N ALA E 431 -9.69 -36.68 0.21
CA ALA E 431 -9.30 -38.07 -0.06
C ALA E 431 -9.87 -38.66 -1.37
N GLY E 432 -10.59 -37.85 -2.15
CA GLY E 432 -11.04 -38.24 -3.49
C GLY E 432 -12.53 -38.51 -3.65
N GLN E 433 -13.26 -38.66 -2.54
CA GLN E 433 -14.69 -39.00 -2.58
C GLN E 433 -15.50 -37.81 -3.09
N THR E 434 -16.29 -38.01 -4.15
CA THR E 434 -17.00 -36.91 -4.82
C THR E 434 -18.44 -36.73 -4.31
N GLU E 435 -19.10 -37.83 -4.00
CA GLU E 435 -20.47 -37.77 -3.47
C GLU E 435 -20.43 -38.22 -2.02
N ILE E 436 -20.77 -37.29 -1.12
CA ILE E 436 -20.57 -37.46 0.32
C ILE E 436 -21.88 -37.18 1.06
N VAL E 437 -22.29 -38.15 1.86
CA VAL E 437 -23.34 -37.93 2.85
C VAL E 437 -22.89 -38.57 4.17
N ASN E 438 -23.06 -37.83 5.25
CA ASN E 438 -22.82 -38.33 6.60
C ASN E 438 -24.06 -38.09 7.44
N LEU E 439 -24.32 -39.00 8.40
CA LEU E 439 -25.47 -38.89 9.28
C LEU E 439 -25.09 -38.05 10.51
N LEU E 440 -25.64 -36.84 10.60
CA LEU E 440 -25.37 -35.90 11.71
C LEU E 440 -26.55 -35.84 12.66
N ARG E 441 -26.32 -35.85 13.98
CA ARG E 441 -27.42 -35.69 14.93
C ARG E 441 -27.87 -34.24 15.09
N CYS E 442 -27.04 -33.29 14.67
CA CYS E 442 -27.34 -31.88 14.85
C CYS E 442 -26.72 -31.04 13.73
N ALA E 443 -27.14 -29.79 13.65
CA ALA E 443 -26.70 -28.87 12.60
C ALA E 443 -26.85 -27.42 13.04
N TRP E 444 -26.20 -26.53 12.28
CA TRP E 444 -26.43 -25.09 12.36
C TRP E 444 -26.64 -24.59 10.92
N ALA E 445 -26.94 -23.30 10.76
CA ALA E 445 -27.02 -22.66 9.45
C ALA E 445 -25.84 -23.02 8.55
N GLY E 446 -26.15 -23.47 7.34
CA GLY E 446 -25.14 -23.90 6.38
C GLY E 446 -24.59 -25.32 6.54
N SER E 447 -25.09 -26.11 7.50
CA SER E 447 -24.66 -27.52 7.63
C SER E 447 -24.93 -28.35 6.38
N GLN E 448 -25.96 -27.97 5.62
CA GLN E 448 -26.30 -28.64 4.35
C GLN E 448 -25.16 -28.72 3.34
N ARG E 449 -24.28 -27.71 3.32
CA ARG E 449 -23.13 -27.69 2.41
C ARG E 449 -22.05 -28.74 2.73
N TYR E 450 -22.07 -29.30 3.95
CA TYR E 450 -21.15 -30.36 4.36
C TYR E 450 -21.78 -31.76 4.32
N GLY E 451 -22.79 -31.93 3.46
CA GLY E 451 -23.41 -33.24 3.23
C GLY E 451 -24.11 -33.81 4.44
N ALA E 452 -24.69 -32.92 5.26
CA ALA E 452 -25.26 -33.32 6.54
C ALA E 452 -26.68 -33.81 6.35
N LEU E 453 -26.84 -35.12 6.43
CA LEU E 453 -28.14 -35.76 6.61
C LEU E 453 -28.41 -35.75 8.10
N VAL E 454 -29.35 -34.93 8.55
CA VAL E 454 -29.63 -34.80 9.97
C VAL E 454 -30.73 -35.78 10.35
N TRP E 455 -30.61 -36.39 11.53
CA TRP E 455 -31.75 -37.12 12.10
C TRP E 455 -32.08 -36.60 13.48
N SER E 456 -33.33 -36.85 13.91
CA SER E 456 -33.94 -36.13 15.02
C SER E 456 -33.65 -36.69 16.42
N GLY E 457 -32.66 -37.58 16.54
CA GLY E 457 -32.10 -37.96 17.82
C GLY E 457 -32.92 -38.97 18.61
N ASP E 458 -32.63 -39.04 19.91
CA ASP E 458 -33.07 -40.11 20.79
C ASP E 458 -34.45 -39.86 21.40
N ILE E 459 -35.41 -39.59 20.51
CA ILE E 459 -36.82 -39.42 20.84
C ILE E 459 -37.44 -40.71 21.33
N ASN E 460 -38.53 -40.61 22.09
CA ASN E 460 -39.26 -41.80 22.55
C ASN E 460 -40.17 -42.37 21.45
N SER E 461 -40.58 -43.63 21.64
CA SER E 461 -41.40 -44.36 20.68
C SER E 461 -42.90 -44.24 21.01
N THR E 462 -43.45 -43.08 20.67
CA THR E 462 -44.87 -42.78 20.86
C THR E 462 -45.43 -42.08 19.63
N PHE E 463 -46.76 -42.11 19.49
CA PHE E 463 -47.43 -41.34 18.45
C PHE E 463 -47.28 -39.82 18.66
N GLY E 464 -47.19 -39.41 19.93
CA GLY E 464 -46.86 -38.03 20.27
C GLY E 464 -45.55 -37.58 19.64
N ALA E 465 -44.52 -38.40 19.80
CA ALA E 465 -43.22 -38.16 19.15
C ALA E 465 -43.33 -38.12 17.63
N LEU E 466 -44.07 -39.06 17.05
CA LEU E 466 -44.23 -39.10 15.58
C LEU E 466 -44.78 -37.79 15.04
N ARG E 467 -45.84 -37.30 15.70
N ARG E 467 -45.84 -37.28 15.67
CA ARG E 467 -46.46 -36.01 15.38
CA ARG E 467 -46.42 -35.99 15.27
C ARG E 467 -45.44 -34.85 15.43
C ARG E 467 -45.42 -34.83 15.40
N ASN E 468 -44.60 -34.85 16.46
CA ASN E 468 -43.52 -33.85 16.61
C ASN E 468 -42.48 -33.91 15.49
N GLN E 469 -42.09 -35.13 15.08
CA GLN E 469 -41.05 -35.31 14.06
C GLN E 469 -41.50 -34.80 12.70
N LEU E 470 -42.79 -35.01 12.38
CA LEU E 470 -43.36 -34.50 11.14
C LEU E 470 -43.15 -32.99 11.04
N MET E 471 -43.58 -32.26 12.07
CA MET E 471 -43.40 -30.79 12.13
C MET E 471 -41.93 -30.40 12.07
N ALA E 472 -41.11 -31.10 12.85
CA ALA E 472 -39.68 -30.81 12.94
C ALA E 472 -38.95 -30.97 11.61
N GLY E 473 -39.24 -32.06 10.89
CA GLY E 473 -38.67 -32.34 9.58
C GLY E 473 -39.01 -31.30 8.53
N LEU E 474 -40.29 -30.91 8.50
CA LEU E 474 -40.75 -29.86 7.59
C LEU E 474 -40.06 -28.53 7.88
N ASN E 475 -40.00 -28.17 9.18
CA ASN E 475 -39.32 -26.93 9.58
C ASN E 475 -37.81 -26.98 9.27
N MET E 476 -37.17 -28.13 9.45
CA MET E 476 -35.77 -28.31 9.05
C MET E 476 -35.53 -28.05 7.56
N GLY E 477 -36.45 -28.51 6.72
CA GLY E 477 -36.39 -28.23 5.30
C GLY E 477 -36.50 -26.76 4.96
N ILE E 478 -37.40 -26.06 5.66
CA ILE E 478 -37.53 -24.61 5.50
C ILE E 478 -36.26 -23.89 5.98
N ALA E 479 -35.63 -24.43 7.03
CA ALA E 479 -34.34 -23.90 7.54
C ALA E 479 -33.12 -24.19 6.64
N GLY E 480 -33.32 -24.82 5.49
CA GLY E 480 -32.26 -25.09 4.52
C GLY E 480 -31.55 -26.42 4.67
N ILE E 481 -32.18 -27.37 5.37
CA ILE E 481 -31.61 -28.70 5.61
C ILE E 481 -32.50 -29.72 4.87
N PRO E 482 -32.25 -29.95 3.56
CA PRO E 482 -33.08 -30.88 2.78
C PRO E 482 -32.92 -32.35 3.14
N TRP E 483 -31.72 -32.75 3.55
CA TRP E 483 -31.45 -34.13 3.91
C TRP E 483 -31.76 -34.31 5.39
N TRP E 484 -32.91 -34.91 5.65
CA TRP E 484 -33.39 -35.12 7.02
C TRP E 484 -34.14 -36.45 7.12
N THR E 485 -34.08 -37.06 8.29
CA THR E 485 -34.73 -38.36 8.53
C THR E 485 -34.96 -38.58 10.03
N THR E 486 -35.53 -39.73 10.39
CA THR E 486 -35.69 -40.12 11.79
C THR E 486 -35.34 -41.58 12.00
N ASP E 487 -35.34 -41.97 13.27
CA ASP E 487 -35.43 -43.37 13.65
C ASP E 487 -36.86 -43.82 13.38
N ILE E 488 -37.06 -44.67 12.36
CA ILE E 488 -38.37 -45.28 12.14
C ILE E 488 -38.74 -46.09 13.39
N GLY E 489 -39.90 -45.78 13.95
CA GLY E 489 -40.35 -46.32 15.24
C GLY E 489 -39.96 -45.50 16.46
N GLY E 490 -39.20 -44.43 16.27
CA GLY E 490 -38.58 -43.71 17.39
C GLY E 490 -37.39 -44.46 17.95
N PHE E 491 -36.66 -43.83 18.87
CA PHE E 491 -35.46 -44.44 19.47
C PHE E 491 -35.78 -45.31 20.68
N ASP E 492 -36.44 -44.71 21.68
CA ASP E 492 -36.50 -45.25 23.04
C ASP E 492 -37.90 -45.73 23.44
N GLY E 493 -37.99 -46.96 23.97
CA GLY E 493 -39.23 -47.48 24.56
C GLY E 493 -40.07 -48.46 23.76
N GLY E 494 -39.67 -48.76 22.52
CA GLY E 494 -40.40 -49.70 21.67
C GLY E 494 -40.08 -51.15 21.97
N ASP E 495 -41.03 -51.86 22.58
CA ASP E 495 -40.90 -53.29 22.81
C ASP E 495 -41.36 -54.03 21.54
N ILE E 496 -40.51 -54.91 21.02
CA ILE E 496 -40.80 -55.61 19.75
C ILE E 496 -41.97 -56.61 19.84
N ASN E 497 -42.29 -57.08 21.04
CA ASN E 497 -43.42 -57.99 21.29
C ASN E 497 -44.72 -57.25 21.60
N ASP E 498 -44.67 -55.92 21.77
CA ASP E 498 -45.83 -55.13 22.16
C ASP E 498 -46.64 -54.73 20.92
N PRO E 499 -47.93 -55.12 20.86
CA PRO E 499 -48.76 -54.76 19.69
C PRO E 499 -49.00 -53.26 19.49
N ALA E 500 -49.04 -52.48 20.58
CA ALA E 500 -49.20 -51.04 20.50
C ALA E 500 -48.00 -50.36 19.83
N PHE E 501 -46.79 -50.81 20.16
CA PHE E 501 -45.58 -50.32 19.47
C PHE E 501 -45.56 -50.78 18.01
N GLN E 502 -45.96 -52.03 17.77
CA GLN E 502 -46.02 -52.57 16.40
C GLN E 502 -46.88 -51.72 15.49
N GLU E 503 -48.02 -51.24 15.99
CA GLU E 503 -48.87 -50.33 15.22
C GLU E 503 -48.15 -49.01 14.93
N LEU E 504 -47.54 -48.42 15.96
CA LEU E 504 -46.74 -47.19 15.79
C LEU E 504 -45.66 -47.38 14.73
N LEU E 505 -44.90 -48.48 14.85
CA LEU E 505 -43.80 -48.80 13.93
C LEU E 505 -44.26 -48.79 12.49
N ILE E 506 -45.38 -49.44 12.20
CA ILE E 506 -45.92 -49.50 10.83
C ILE E 506 -46.30 -48.11 10.33
N ARG E 507 -47.00 -47.34 11.16
CA ARG E 507 -47.40 -45.99 10.78
C ARG E 507 -46.19 -45.09 10.53
N TRP E 508 -45.15 -45.26 11.34
CA TRP E 508 -43.92 -44.50 11.21
C TRP E 508 -43.14 -44.96 9.98
N PHE E 509 -43.14 -46.27 9.72
CA PHE E 509 -42.46 -46.86 8.56
C PHE E 509 -43.10 -46.34 7.27
N GLN E 510 -44.43 -46.38 7.21
CA GLN E 510 -45.18 -45.84 6.06
C GLN E 510 -44.87 -44.38 5.79
N TRP E 511 -44.76 -43.58 6.86
CA TRP E 511 -44.29 -42.19 6.72
C TRP E 511 -42.84 -42.14 6.25
N GLY E 512 -41.99 -43.01 6.83
CA GLY E 512 -40.58 -43.13 6.47
C GLY E 512 -40.30 -43.32 4.98
N VAL E 513 -41.22 -44.03 4.30
CA VAL E 513 -41.13 -44.22 2.84
C VAL E 513 -41.10 -42.88 2.11
N PHE E 514 -41.83 -41.90 2.64
CA PHE E 514 -41.90 -40.55 2.06
C PHE E 514 -41.17 -39.49 2.88
N CYS E 515 -40.07 -39.88 3.54
CA CYS E 515 -39.10 -38.96 4.12
C CYS E 515 -37.87 -38.90 3.20
N PRO E 516 -37.04 -37.84 3.33
CA PRO E 516 -35.89 -37.72 2.42
C PRO E 516 -34.96 -38.95 2.40
N VAL E 517 -34.76 -39.57 3.57
CA VAL E 517 -34.08 -40.86 3.67
C VAL E 517 -34.97 -41.82 4.48
N THR E 518 -35.04 -43.07 4.04
CA THR E 518 -35.80 -44.12 4.70
C THR E 518 -34.84 -44.95 5.54
N ARG E 519 -34.92 -44.79 6.87
CA ARG E 519 -33.96 -45.41 7.79
C ARG E 519 -34.64 -46.02 9.01
N LEU E 520 -34.38 -47.31 9.21
CA LEU E 520 -34.86 -48.05 10.37
C LEU E 520 -33.76 -48.09 11.41
N HIS E 521 -34.07 -47.58 12.61
CA HIS E 521 -33.16 -47.63 13.75
C HIS E 521 -33.97 -47.57 15.04
N GLY E 522 -33.37 -48.06 16.11
CA GLY E 522 -33.86 -47.81 17.46
C GLY E 522 -33.13 -48.61 18.51
N PHE E 523 -33.49 -48.33 19.75
CA PHE E 523 -33.04 -49.07 20.92
C PHE E 523 -34.29 -49.83 21.41
N ARG E 524 -34.50 -51.02 20.85
CA ARG E 524 -35.72 -51.81 21.10
C ARG E 524 -35.63 -52.62 22.37
N GLN E 525 -36.74 -52.72 23.11
CA GLN E 525 -36.85 -53.60 24.28
C GLN E 525 -37.30 -55.01 23.85
N PRO E 526 -37.00 -56.06 24.61
CA PRO E 526 -36.23 -56.01 25.86
C PRO E 526 -34.72 -55.92 25.62
N MET E 527 -34.07 -54.98 26.30
CA MET E 527 -32.62 -54.78 26.17
C MET E 527 -31.85 -55.89 26.89
N GLU E 528 -30.62 -56.12 26.46
CA GLU E 528 -29.74 -57.12 27.05
C GLU E 528 -28.50 -56.43 27.60
N GLU E 529 -28.23 -56.63 28.89
CA GLU E 529 -26.99 -56.16 29.51
C GLU E 529 -25.81 -56.90 28.87
N PRO E 530 -24.62 -56.28 28.82
CA PRO E 530 -23.46 -57.02 28.32
C PRO E 530 -23.09 -58.16 29.30
N ALA E 531 -22.49 -59.22 28.77
CA ALA E 531 -22.14 -60.41 29.57
C ALA E 531 -21.25 -60.03 30.76
N GLU E 532 -20.18 -59.29 30.49
CA GLU E 532 -19.36 -58.66 31.55
C GLU E 532 -19.59 -57.15 31.55
N THR E 533 -19.80 -56.58 32.73
CA THR E 533 -20.05 -55.14 32.90
C THR E 533 -18.83 -54.29 32.52
N TYR E 534 -17.64 -54.80 32.85
CA TYR E 534 -16.37 -54.17 32.53
C TYR E 534 -15.42 -55.15 31.84
N ARG E 535 -14.58 -54.63 30.93
CA ARG E 535 -13.45 -55.37 30.36
C ARG E 535 -12.26 -54.43 30.29
N ASP E 536 -11.13 -54.82 30.89
CA ASP E 536 -9.93 -53.95 31.02
C ASP E 536 -10.25 -52.61 31.71
N GLY E 537 -11.17 -52.62 32.68
CA GLY E 537 -11.62 -51.41 33.35
C GLY E 537 -12.52 -50.47 32.57
N ILE E 538 -12.89 -50.84 31.34
CA ILE E 538 -13.72 -50.02 30.47
C ILE E 538 -15.13 -50.59 30.52
N ALA E 539 -16.10 -49.75 30.89
CA ALA E 539 -17.49 -50.17 30.98
C ALA E 539 -17.99 -50.54 29.58
N GLN E 540 -18.67 -51.68 29.50
CA GLN E 540 -19.14 -52.24 28.22
C GLN E 540 -20.56 -51.78 27.91
N CYS E 541 -20.82 -51.57 26.62
CA CYS E 541 -22.12 -51.08 26.17
C CYS E 541 -23.13 -52.20 25.92
N MET E 542 -24.34 -52.02 26.43
CA MET E 542 -25.45 -52.94 26.21
C MET E 542 -25.94 -52.96 24.75
N THR E 543 -26.96 -53.77 24.50
CA THR E 543 -27.70 -53.77 23.23
C THR E 543 -29.21 -53.84 23.47
N GLY E 544 -29.97 -53.28 22.53
CA GLY E 544 -31.39 -53.52 22.44
C GLY E 544 -31.69 -54.84 21.74
N ALA E 545 -32.98 -55.13 21.61
CA ALA E 545 -33.46 -56.33 20.92
C ALA E 545 -33.35 -56.15 19.41
N ALA E 546 -33.80 -57.15 18.64
CA ALA E 546 -33.75 -57.10 17.18
C ALA E 546 -34.59 -55.96 16.60
N ASN E 547 -34.22 -55.50 15.41
CA ASN E 547 -34.91 -54.41 14.73
C ASN E 547 -34.78 -54.53 13.22
N GLU E 548 -35.08 -55.73 12.71
CA GLU E 548 -35.13 -55.99 11.26
C GLU E 548 -36.61 -56.06 10.91
N ILE E 549 -36.96 -55.95 9.63
CA ILE E 549 -38.37 -55.91 9.23
C ILE E 549 -39.13 -57.22 9.46
N TRP E 550 -38.41 -58.31 9.69
CA TRP E 550 -39.00 -59.62 10.01
C TRP E 550 -39.06 -59.91 11.52
N SER E 551 -38.74 -58.92 12.36
CA SER E 551 -38.64 -59.13 13.80
C SER E 551 -39.95 -58.90 14.57
N TYR E 552 -41.02 -58.55 13.85
CA TYR E 552 -42.29 -58.12 14.46
C TYR E 552 -43.50 -58.95 13.97
N GLY E 553 -43.26 -60.19 13.56
CA GLY E 553 -44.32 -61.07 13.03
C GLY E 553 -44.52 -60.96 11.53
N GLU E 554 -45.22 -61.94 10.96
CA GLU E 554 -45.39 -62.08 9.50
C GLU E 554 -46.30 -61.02 8.88
N ASP E 555 -47.38 -60.67 9.56
CA ASP E 555 -48.31 -59.65 9.07
C ASP E 555 -47.63 -58.28 8.95
N ASN E 556 -46.83 -57.92 9.96
CA ASN E 556 -46.05 -56.67 9.94
C ASN E 556 -44.92 -56.73 8.90
N TYR E 557 -44.27 -57.89 8.82
CA TYR E 557 -43.25 -58.14 7.79
C TYR E 557 -43.77 -57.85 6.38
N ALA E 558 -44.97 -58.35 6.08
CA ALA E 558 -45.60 -58.17 4.77
C ALA E 558 -45.81 -56.68 4.44
N ILE E 559 -46.28 -55.91 5.43
CA ILE E 559 -46.48 -54.47 5.27
C ILE E 559 -45.14 -53.77 5.02
N MET E 560 -44.14 -54.09 5.84
CA MET E 560 -42.82 -53.45 5.74
C MET E 560 -42.06 -53.84 4.48
N LYS E 561 -42.21 -55.09 4.05
CA LYS E 561 -41.66 -55.54 2.77
C LYS E 561 -42.19 -54.68 1.62
N SER E 562 -43.52 -54.49 1.58
CA SER E 562 -44.14 -53.68 0.53
C SER E 562 -43.77 -52.19 0.63
N CYS E 563 -43.50 -51.71 1.85
CA CYS E 563 -42.92 -50.38 2.06
C CYS E 563 -41.53 -50.25 1.43
N LEU E 564 -40.67 -51.24 1.67
CA LEU E 564 -39.33 -51.24 1.05
C LEU E 564 -39.38 -51.28 -0.47
N GLU E 565 -40.27 -52.11 -1.01
CA GLU E 565 -40.46 -52.22 -2.47
C GLU E 565 -41.01 -50.93 -3.06
N LEU E 566 -41.95 -50.30 -2.36
CA LEU E 566 -42.46 -48.98 -2.73
C LEU E 566 -41.33 -47.95 -2.78
N ARG E 567 -40.49 -47.96 -1.75
CA ARG E 567 -39.34 -47.05 -1.68
C ARG E 567 -38.40 -47.23 -2.88
N GLU E 568 -38.16 -48.49 -3.27
CA GLU E 568 -37.34 -48.78 -4.46
C GLU E 568 -37.91 -48.18 -5.73
N ARG E 569 -39.22 -48.34 -5.94
CA ARG E 569 -39.90 -47.74 -7.08
C ARG E 569 -39.85 -46.21 -7.06
N LEU E 570 -39.78 -45.62 -5.86
CA LEU E 570 -39.66 -44.17 -5.68
C LEU E 570 -38.27 -43.58 -5.97
N ARG E 571 -37.23 -44.41 -6.02
CA ARG E 571 -35.84 -43.91 -6.03
C ARG E 571 -35.50 -42.95 -7.16
N PRO E 572 -35.94 -43.25 -8.41
CA PRO E 572 -35.69 -42.28 -9.48
C PRO E 572 -36.31 -40.90 -9.21
N TYR E 573 -37.52 -40.87 -8.66
CA TYR E 573 -38.18 -39.61 -8.25
C TYR E 573 -37.41 -38.91 -7.12
N VAL E 574 -37.02 -39.67 -6.10
CA VAL E 574 -36.24 -39.14 -4.97
C VAL E 574 -34.98 -38.43 -5.47
N MET E 575 -34.23 -39.09 -6.36
CA MET E 575 -32.99 -38.52 -6.90
C MET E 575 -33.26 -37.26 -7.72
N ARG E 576 -34.39 -37.20 -8.41
CA ARG E 576 -34.79 -35.98 -9.13
C ARG E 576 -35.10 -34.83 -8.16
N VAL E 577 -35.78 -35.13 -7.05
CA VAL E 577 -36.09 -34.11 -6.04
C VAL E 577 -34.80 -33.68 -5.31
N MET E 578 -33.92 -34.63 -5.05
CA MET E 578 -32.59 -34.34 -4.46
C MET E 578 -31.73 -33.46 -5.35
N LYS E 579 -31.75 -33.72 -6.66
CA LYS E 579 -31.07 -32.84 -7.63
C LYS E 579 -31.65 -31.43 -7.59
N ALA E 580 -32.98 -31.31 -7.49
CA ALA E 580 -33.62 -30.00 -7.38
C ALA E 580 -33.28 -29.28 -6.06
N ALA E 581 -33.11 -30.05 -4.98
CA ALA E 581 -32.63 -29.48 -3.70
C ALA E 581 -31.23 -28.87 -3.87
N HIS E 582 -30.35 -29.61 -4.55
CA HIS E 582 -29.02 -29.11 -4.92
C HIS E 582 -29.08 -27.85 -5.80
N ASP E 583 -29.92 -27.87 -6.84
CA ASP E 583 -29.98 -26.77 -7.81
C ASP E 583 -30.70 -25.53 -7.28
N THR E 584 -31.78 -25.71 -6.52
CA THR E 584 -32.69 -24.58 -6.18
C THR E 584 -32.86 -24.27 -4.70
N GLY E 585 -32.28 -25.07 -3.80
CA GLY E 585 -32.45 -24.88 -2.36
C GLY E 585 -33.80 -25.34 -1.81
N ALA E 586 -34.62 -25.99 -2.65
CA ALA E 586 -35.94 -26.44 -2.24
C ALA E 586 -35.80 -27.65 -1.33
N PRO E 587 -36.61 -27.73 -0.26
CA PRO E 587 -36.58 -28.95 0.56
C PRO E 587 -37.19 -30.15 -0.17
N VAL E 588 -36.96 -31.35 0.38
CA VAL E 588 -37.44 -32.59 -0.21
C VAL E 588 -38.85 -32.88 0.30
N MET E 589 -39.01 -32.90 1.63
CA MET E 589 -40.34 -32.85 2.25
C MET E 589 -40.63 -31.38 2.55
N ARG E 590 -41.73 -30.86 2.00
CA ARG E 590 -42.09 -29.45 2.07
C ARG E 590 -43.50 -29.29 2.62
N PRO E 591 -43.77 -28.17 3.34
CA PRO E 591 -45.16 -27.86 3.65
C PRO E 591 -45.98 -27.57 2.38
N LEU E 592 -47.29 -27.76 2.49
CA LEU E 592 -48.20 -27.54 1.35
C LEU E 592 -48.03 -26.17 0.71
N PHE E 593 -47.79 -25.14 1.53
CA PHE E 593 -47.61 -23.76 1.01
C PHE E 593 -46.38 -23.58 0.11
N PHE E 594 -45.41 -24.48 0.19
CA PHE E 594 -44.23 -24.40 -0.69
C PHE E 594 -44.63 -24.60 -2.16
N ASP E 595 -45.49 -25.58 -2.42
CA ASP E 595 -45.97 -25.90 -3.77
C ASP E 595 -47.25 -25.18 -4.17
N PHE E 596 -48.08 -24.83 -3.17
CA PHE E 596 -49.35 -24.12 -3.41
C PHE E 596 -49.47 -22.88 -2.51
N PRO E 597 -48.55 -21.90 -2.69
CA PRO E 597 -48.52 -20.71 -1.84
C PRO E 597 -49.73 -19.78 -1.94
N ASP E 598 -50.48 -19.85 -3.04
CA ASP E 598 -51.68 -19.00 -3.25
C ASP E 598 -52.97 -19.57 -2.69
N GLN E 599 -52.91 -20.73 -2.01
CA GLN E 599 -54.10 -21.39 -1.51
C GLN E 599 -54.13 -21.37 0.02
N ALA E 600 -55.20 -20.81 0.59
CA ALA E 600 -55.27 -20.52 2.02
C ALA E 600 -55.09 -21.76 2.92
N GLU E 601 -55.65 -22.89 2.49
CA GLU E 601 -55.55 -24.14 3.26
C GLU E 601 -54.12 -24.67 3.35
N ALA E 602 -53.31 -24.41 2.32
CA ALA E 602 -51.89 -24.77 2.31
C ALA E 602 -51.10 -24.16 3.49
N TRP E 603 -51.47 -22.95 3.90
CA TRP E 603 -50.87 -22.29 5.08
C TRP E 603 -51.46 -22.70 6.44
N GLN E 604 -52.53 -23.51 6.45
CA GLN E 604 -53.20 -23.96 7.70
C GLN E 604 -52.94 -25.42 8.06
N ILE E 605 -52.88 -26.29 7.06
CA ILE E 605 -52.80 -27.73 7.29
C ILE E 605 -51.36 -28.11 7.67
N GLU E 606 -51.23 -28.81 8.80
CA GLU E 606 -49.94 -29.23 9.34
C GLU E 606 -49.75 -30.74 9.46
N ASP E 607 -50.80 -31.52 9.14
CA ASP E 607 -50.71 -33.00 9.12
C ASP E 607 -50.71 -33.57 7.70
N GLN E 608 -50.40 -32.72 6.70
CA GLN E 608 -50.13 -33.13 5.32
C GLN E 608 -48.91 -32.38 4.81
N TYR E 609 -48.22 -32.99 3.85
CA TYR E 609 -47.08 -32.34 3.21
C TYR E 609 -46.87 -32.86 1.78
N MET E 610 -45.98 -32.18 1.07
CA MET E 610 -45.56 -32.56 -0.26
C MET E 610 -44.20 -33.25 -0.20
N PHE E 611 -44.14 -34.51 -0.65
CA PHE E 611 -42.86 -35.20 -0.87
C PHE E 611 -42.42 -34.90 -2.29
N GLY E 612 -41.66 -33.82 -2.44
CA GLY E 612 -41.39 -33.22 -3.74
C GLY E 612 -42.66 -32.62 -4.32
N PRO E 613 -42.60 -32.11 -5.57
CA PRO E 613 -43.75 -31.41 -6.14
C PRO E 613 -44.96 -32.27 -6.57
N ASP E 614 -44.80 -33.60 -6.64
CA ASP E 614 -45.80 -34.48 -7.24
C ASP E 614 -46.49 -35.47 -6.30
N ILE E 615 -46.09 -35.55 -5.03
CA ILE E 615 -46.69 -36.53 -4.11
C ILE E 615 -47.22 -35.85 -2.85
N LEU E 616 -48.53 -36.02 -2.63
CA LEU E 616 -49.21 -35.51 -1.44
C LEU E 616 -49.28 -36.64 -0.44
N VAL E 617 -48.72 -36.42 0.75
CA VAL E 617 -48.70 -37.43 1.81
C VAL E 617 -49.56 -36.91 2.95
N ALA E 618 -50.33 -37.82 3.54
CA ALA E 618 -51.23 -37.51 4.66
C ALA E 618 -51.05 -38.60 5.70
N PRO E 619 -50.02 -38.48 6.55
CA PRO E 619 -49.72 -39.54 7.51
C PRO E 619 -50.82 -39.79 8.55
N VAL E 620 -50.87 -40.99 9.09
CA VAL E 620 -51.72 -41.32 10.22
C VAL E 620 -50.88 -41.12 11.49
N LEU E 621 -51.37 -40.27 12.39
CA LEU E 621 -50.64 -39.84 13.58
C LEU E 621 -51.32 -40.22 14.91
N GLU E 622 -52.27 -41.16 14.85
CA GLU E 622 -52.97 -41.66 16.04
C GLU E 622 -53.10 -43.16 16.01
N ALA E 623 -52.96 -43.80 17.17
CA ALA E 623 -53.18 -45.25 17.31
C ALA E 623 -54.66 -45.58 17.06
N GLY E 624 -54.90 -46.68 16.35
CA GLY E 624 -56.26 -47.16 16.06
C GLY E 624 -57.00 -46.45 14.93
N GLN E 625 -56.43 -45.39 14.38
CA GLN E 625 -57.09 -44.62 13.31
C GLN E 625 -57.04 -45.42 12.00
N ARG E 626 -58.21 -45.58 11.38
CA ARG E 626 -58.34 -46.32 10.12
C ARG E 626 -58.93 -45.51 8.95
N SER E 627 -59.13 -44.21 9.17
CA SER E 627 -59.48 -43.28 8.11
C SER E 627 -59.15 -41.87 8.57
N ARG E 628 -59.02 -40.95 7.61
CA ARG E 628 -58.80 -39.55 7.94
C ARG E 628 -59.18 -38.65 6.79
N LYS E 629 -59.35 -37.36 7.10
CA LYS E 629 -59.68 -36.36 6.11
C LYS E 629 -58.38 -35.90 5.45
N VAL E 630 -58.44 -35.64 4.15
CA VAL E 630 -57.30 -35.21 3.36
C VAL E 630 -57.76 -34.10 2.41
N TRP E 631 -57.14 -32.93 2.53
CA TRP E 631 -57.36 -31.85 1.57
C TRP E 631 -56.49 -32.08 0.33
N LEU E 632 -57.12 -32.06 -0.85
CA LEU E 632 -56.42 -32.14 -2.13
C LEU E 632 -56.30 -30.72 -2.72
N PRO E 633 -55.08 -30.21 -2.92
CA PRO E 633 -54.91 -28.85 -3.46
C PRO E 633 -55.48 -28.62 -4.87
N GLU E 634 -55.98 -27.41 -5.11
CA GLU E 634 -56.52 -27.00 -6.43
C GLU E 634 -55.40 -26.83 -7.46
N GLY E 635 -55.77 -26.95 -8.75
CA GLY E 635 -54.84 -26.70 -9.86
C GLY E 635 -54.38 -27.95 -10.61
N CYS E 636 -54.69 -29.13 -10.07
CA CYS E 636 -54.43 -30.39 -10.74
C CYS E 636 -55.32 -31.49 -10.18
N ALA E 637 -55.44 -32.58 -10.96
CA ALA E 637 -56.09 -33.80 -10.51
C ALA E 637 -55.07 -34.66 -9.78
N TRP E 638 -55.57 -35.54 -8.91
CA TRP E 638 -54.75 -36.35 -8.03
C TRP E 638 -55.14 -37.83 -8.17
N ILE E 639 -54.14 -38.70 -8.24
CA ILE E 639 -54.33 -40.15 -8.35
C ILE E 639 -54.06 -40.82 -7.01
N ASP E 640 -55.06 -41.49 -6.45
CA ASP E 640 -54.93 -42.25 -5.20
C ASP E 640 -53.92 -43.36 -5.44
N LEU E 641 -52.81 -43.33 -4.69
CA LEU E 641 -51.74 -44.32 -4.85
C LEU E 641 -52.22 -45.75 -4.55
N ASN E 642 -53.15 -45.90 -3.62
CA ASN E 642 -53.58 -47.21 -3.13
C ASN E 642 -54.74 -47.84 -3.93
N THR E 643 -55.53 -47.02 -4.63
CA THR E 643 -56.67 -47.51 -5.44
C THR E 643 -56.62 -47.13 -6.93
N GLY E 644 -55.77 -46.18 -7.31
CA GLY E 644 -55.73 -45.67 -8.69
C GLY E 644 -56.84 -44.70 -9.07
N ALA E 645 -57.73 -44.37 -8.12
CA ALA E 645 -58.87 -43.51 -8.40
C ALA E 645 -58.45 -42.07 -8.62
N ARG E 646 -59.07 -41.43 -9.61
CA ARG E 646 -58.80 -40.02 -9.94
C ARG E 646 -59.78 -39.14 -9.18
N GLN E 647 -59.26 -38.11 -8.53
CA GLN E 647 -60.08 -37.09 -7.87
C GLN E 647 -59.58 -35.70 -8.21
N ASN E 648 -60.52 -34.78 -8.41
CA ASN E 648 -60.20 -33.39 -8.77
C ASN E 648 -59.63 -32.67 -7.55
N GLY E 649 -58.78 -31.68 -7.83
CA GLY E 649 -58.22 -30.82 -6.79
C GLY E 649 -59.24 -29.85 -6.24
N GLY E 650 -58.95 -29.31 -5.06
CA GLY E 650 -59.78 -28.28 -4.44
C GLY E 650 -60.95 -28.84 -3.67
N GLN E 651 -60.70 -29.92 -2.93
CA GLN E 651 -61.74 -30.57 -2.11
C GLN E 651 -61.15 -31.35 -0.94
N TRP E 652 -61.99 -31.62 0.06
CA TRP E 652 -61.67 -32.52 1.17
C TRP E 652 -62.26 -33.90 0.90
N CYS E 653 -61.52 -34.96 1.23
CA CYS E 653 -61.93 -36.34 1.02
C CYS E 653 -61.77 -37.16 2.29
N ASP E 654 -62.80 -37.94 2.65
CA ASP E 654 -62.64 -39.01 3.63
C ASP E 654 -61.86 -40.11 2.94
N CYS E 655 -60.64 -40.35 3.41
CA CYS E 655 -59.77 -41.34 2.79
C CYS E 655 -59.64 -42.54 3.70
N ASP E 656 -59.71 -43.71 3.09
CA ASP E 656 -59.47 -44.97 3.78
C ASP E 656 -58.00 -45.00 4.18
N ALA E 657 -57.73 -45.47 5.39
CA ALA E 657 -56.36 -45.55 5.90
C ALA E 657 -56.21 -46.78 6.78
N PRO E 658 -56.35 -47.98 6.19
CA PRO E 658 -56.21 -49.20 6.99
C PRO E 658 -54.76 -49.34 7.46
N LEU E 659 -54.52 -50.28 8.36
CA LEU E 659 -53.16 -50.54 8.84
C LEU E 659 -52.11 -50.67 7.70
N GLU E 660 -52.53 -51.22 6.56
CA GLU E 660 -51.61 -51.57 5.47
C GLU E 660 -51.18 -50.39 4.58
N ALA E 661 -51.87 -49.25 4.67
CA ALA E 661 -51.46 -48.04 3.93
C ALA E 661 -51.91 -46.73 4.57
N ILE E 662 -51.13 -45.68 4.33
CA ILE E 662 -51.53 -44.31 4.65
C ILE E 662 -52.00 -43.66 3.34
N PRO E 663 -52.93 -42.67 3.42
CA PRO E 663 -53.36 -42.01 2.18
C PRO E 663 -52.23 -41.22 1.52
N VAL E 664 -51.96 -41.54 0.25
CA VAL E 664 -50.96 -40.87 -0.57
C VAL E 664 -51.61 -40.59 -1.93
N PHE E 665 -51.36 -39.40 -2.49
CA PHE E 665 -51.88 -39.02 -3.79
C PHE E 665 -50.75 -38.51 -4.70
N ILE E 666 -50.82 -38.90 -5.98
CA ILE E 666 -49.85 -38.50 -6.99
C ILE E 666 -50.46 -37.45 -7.93
N ARG E 667 -49.73 -36.36 -8.19
CA ARG E 667 -50.11 -35.38 -9.20
C ARG E 667 -50.29 -36.10 -10.55
N GLU E 668 -51.43 -35.88 -11.22
CA GLU E 668 -51.78 -36.63 -12.43
C GLU E 668 -50.78 -36.36 -13.56
N ALA E 669 -50.38 -37.44 -14.24
CA ALA E 669 -49.47 -37.40 -15.39
C ALA E 669 -48.04 -36.95 -15.06
N ALA E 670 -47.70 -36.84 -13.77
CA ALA E 670 -46.32 -36.68 -13.34
C ALA E 670 -45.59 -37.98 -13.62
N ALA E 671 -44.32 -37.88 -14.01
CA ALA E 671 -43.51 -39.05 -14.36
C ALA E 671 -43.50 -40.14 -13.29
N VAL E 672 -43.50 -39.74 -12.01
CA VAL E 672 -43.53 -40.67 -10.89
C VAL E 672 -44.74 -41.62 -10.85
N GLN E 673 -45.88 -41.19 -11.39
CA GLN E 673 -47.09 -42.01 -11.46
C GLN E 673 -46.82 -43.34 -12.19
N ALA E 674 -46.24 -43.26 -13.39
CA ALA E 674 -45.90 -44.45 -14.17
C ALA E 674 -44.80 -45.29 -13.50
N GLU E 675 -43.80 -44.61 -12.94
CA GLU E 675 -42.71 -45.27 -12.19
C GLU E 675 -43.23 -46.09 -11.01
N LEU E 676 -44.30 -45.64 -10.38
CA LEU E 676 -44.94 -46.37 -9.29
C LEU E 676 -45.88 -47.45 -9.82
N SER F 2 -36.66 -40.84 46.43
CA SER F 2 -38.02 -40.23 46.44
C SER F 2 -38.69 -40.50 47.79
N GLU F 3 -39.12 -39.44 48.48
CA GLU F 3 -39.74 -39.59 49.79
C GLU F 3 -40.88 -38.61 49.97
N PHE F 4 -42.04 -39.12 50.37
CA PHE F 4 -43.17 -38.30 50.80
C PHE F 4 -43.19 -38.18 52.31
N ILE F 5 -43.38 -36.96 52.80
CA ILE F 5 -43.61 -36.71 54.22
C ILE F 5 -45.00 -36.06 54.30
N LEU F 6 -45.97 -36.82 54.81
CA LEU F 6 -47.38 -36.44 54.75
C LEU F 6 -47.98 -36.30 56.15
N THR F 7 -48.84 -35.29 56.29
CA THR F 7 -49.66 -35.13 57.48
C THR F 7 -51.10 -34.98 57.00
N SER F 8 -52.04 -34.75 57.92
CA SER F 8 -53.45 -34.61 57.56
C SER F 8 -53.76 -33.43 56.62
N ASP F 9 -52.92 -32.39 56.67
CA ASP F 9 -53.14 -31.15 55.90
C ASP F 9 -51.89 -30.59 55.18
N LYS F 10 -50.88 -31.43 54.93
CA LYS F 10 -49.65 -30.98 54.26
C LYS F 10 -48.98 -32.13 53.49
N LEU F 11 -48.68 -31.87 52.21
CA LEU F 11 -47.94 -32.80 51.37
C LEU F 11 -46.54 -32.24 51.18
N VAL F 12 -45.52 -33.00 51.61
CA VAL F 12 -44.12 -32.69 51.32
C VAL F 12 -43.52 -33.84 50.49
N TRP F 13 -42.81 -33.49 49.42
CA TRP F 13 -42.01 -34.44 48.65
C TRP F 13 -40.56 -33.96 48.64
N THR F 14 -39.62 -34.88 48.80
CA THR F 14 -38.19 -34.51 48.78
C THR F 14 -37.28 -35.51 48.07
N TYR F 15 -36.29 -34.95 47.36
CA TYR F 15 -35.20 -35.72 46.78
C TYR F 15 -34.00 -34.79 46.58
N ASP F 16 -32.82 -35.24 47.03
CA ASP F 16 -31.55 -34.51 46.88
C ASP F 16 -31.62 -33.05 47.35
N GLY F 17 -32.18 -32.86 48.54
CA GLY F 17 -32.31 -31.52 49.13
C GLY F 17 -33.45 -30.67 48.58
N HIS F 18 -34.02 -31.05 47.43
CA HIS F 18 -35.19 -30.40 46.88
C HIS F 18 -36.39 -30.76 47.75
N LYS F 19 -37.02 -29.75 48.34
CA LYS F 19 -38.26 -29.93 49.12
C LYS F 19 -39.40 -29.29 48.34
N LEU F 20 -40.44 -30.06 48.07
CA LEU F 20 -41.70 -29.55 47.50
C LEU F 20 -42.75 -29.63 48.59
N GLN F 21 -43.43 -28.51 48.86
CA GLN F 21 -44.44 -28.45 49.92
C GLN F 21 -45.74 -27.87 49.38
N ILE F 22 -46.82 -28.64 49.50
CA ILE F 22 -48.15 -28.23 49.05
C ILE F 22 -49.13 -28.31 50.22
N GLU F 23 -49.93 -27.26 50.39
CA GLU F 23 -50.80 -27.13 51.56
C GLU F 23 -52.01 -26.27 51.21
N PRO F 24 -53.10 -26.39 51.99
CA PRO F 24 -54.25 -25.51 51.75
C PRO F 24 -53.94 -24.06 52.11
N TRP F 25 -54.54 -23.13 51.39
CA TRP F 25 -54.36 -21.71 51.66
C TRP F 25 -55.62 -20.94 51.29
N GLY F 26 -56.67 -21.21 52.06
CA GLY F 26 -58.01 -20.72 51.76
C GLY F 26 -58.81 -21.80 51.08
N GLU F 27 -60.13 -21.64 51.06
CA GLU F 27 -61.04 -22.59 50.44
C GLU F 27 -60.73 -22.73 48.94
N ASN F 28 -60.76 -23.97 48.46
CA ASN F 28 -60.54 -24.30 47.03
C ASN F 28 -59.16 -23.88 46.49
N SER F 29 -58.16 -23.84 47.37
CA SER F 29 -56.88 -23.21 47.06
C SER F 29 -55.70 -23.90 47.73
N LEU F 30 -54.57 -23.93 47.02
CA LEU F 30 -53.32 -24.51 47.52
C LEU F 30 -52.17 -23.54 47.34
N ARG F 31 -51.25 -23.55 48.30
CA ARG F 31 -49.96 -22.88 48.16
C ARG F 31 -48.92 -23.94 47.85
N VAL F 32 -48.03 -23.60 46.91
CA VAL F 32 -46.97 -24.50 46.47
C VAL F 32 -45.64 -23.80 46.67
N ARG F 33 -44.75 -24.41 47.43
CA ARG F 33 -43.39 -23.90 47.63
C ARG F 33 -42.37 -25.01 47.38
N ALA F 34 -41.21 -24.61 46.85
CA ALA F 34 -40.08 -25.51 46.69
C ALA F 34 -38.75 -24.77 46.87
N THR F 35 -37.78 -25.48 47.45
CA THR F 35 -36.48 -24.90 47.72
C THR F 35 -35.43 -26.01 47.76
N VAL F 36 -34.16 -25.65 47.52
CA VAL F 36 -33.02 -26.54 47.79
C VAL F 36 -32.21 -26.07 49.01
N ALA F 37 -32.63 -24.96 49.62
CA ALA F 37 -32.09 -24.51 50.90
C ALA F 37 -32.48 -25.49 52.00
N PRO F 38 -31.83 -25.41 53.17
CA PRO F 38 -32.17 -26.32 54.27
C PRO F 38 -33.66 -26.39 54.59
N GLU F 39 -34.31 -25.22 54.63
CA GLU F 39 -35.75 -25.12 54.91
C GLU F 39 -36.37 -23.99 54.08
N LEU F 40 -37.70 -23.99 53.99
CA LEU F 40 -38.44 -22.84 53.47
C LEU F 40 -38.19 -21.64 54.37
N ASN F 41 -38.12 -20.45 53.77
CA ASN F 41 -38.01 -19.20 54.54
C ASN F 41 -39.40 -18.71 55.00
N GLY F 42 -39.42 -17.60 55.74
CA GLY F 42 -40.68 -17.00 56.24
C GLY F 42 -41.32 -15.93 55.37
N ASN F 43 -40.88 -15.79 54.12
CA ASN F 43 -41.47 -14.80 53.20
C ASN F 43 -42.84 -15.26 52.68
N ASP F 44 -43.89 -14.53 53.07
CA ASP F 44 -45.25 -14.73 52.53
C ASP F 44 -45.65 -13.75 51.43
N TRP F 45 -44.85 -12.68 51.25
CA TRP F 45 -45.05 -11.72 50.16
C TRP F 45 -46.50 -11.19 50.11
N ALA F 46 -47.29 -11.58 49.11
CA ALA F 46 -48.66 -11.07 48.93
C ALA F 46 -49.72 -11.86 49.69
N LEU F 47 -49.37 -13.03 50.22
CA LEU F 47 -50.34 -13.93 50.83
C LEU F 47 -50.59 -13.59 52.28
N LEU F 48 -51.86 -13.32 52.59
CA LEU F 48 -52.30 -13.10 53.96
C LEU F 48 -52.48 -14.46 54.63
N PRO F 49 -52.49 -14.50 55.98
CA PRO F 49 -52.78 -15.76 56.65
C PRO F 49 -54.08 -16.40 56.14
N ALA F 50 -54.05 -17.71 55.92
CA ALA F 50 -55.20 -18.41 55.35
C ALA F 50 -56.23 -18.71 56.43
N LYS F 51 -57.51 -18.61 56.07
CA LYS F 51 -58.60 -19.09 56.92
C LYS F 51 -58.59 -20.62 56.81
N PRO F 52 -58.72 -21.36 57.94
CA PRO F 52 -58.62 -22.83 57.84
C PRO F 52 -59.71 -23.47 56.95
N SER F 53 -59.31 -24.41 56.10
CA SER F 53 -60.22 -25.03 55.13
C SER F 53 -61.01 -26.19 55.73
N THR F 54 -62.13 -26.53 55.08
CA THR F 54 -63.01 -27.62 55.53
C THR F 54 -62.61 -28.97 54.90
N LYS F 55 -62.67 -29.04 53.57
CA LYS F 55 -62.55 -30.30 52.82
C LYS F 55 -61.11 -30.65 52.46
N VAL F 56 -60.23 -30.85 53.45
CA VAL F 56 -58.81 -31.15 53.21
C VAL F 56 -58.48 -32.62 53.44
N LYS F 57 -58.08 -33.32 52.37
CA LYS F 57 -57.72 -34.73 52.45
C LYS F 57 -56.35 -34.98 51.80
N VAL F 58 -55.42 -35.50 52.59
CA VAL F 58 -54.12 -35.95 52.10
C VAL F 58 -54.14 -37.48 52.09
N SER F 59 -53.77 -38.08 50.96
CA SER F 59 -53.67 -39.53 50.83
C SER F 59 -52.46 -39.95 50.01
N GLU F 60 -52.06 -41.20 50.20
CA GLU F 60 -50.91 -41.79 49.52
C GLU F 60 -51.34 -43.07 48.83
N PHE F 61 -51.36 -43.06 47.50
CA PHE F 61 -51.57 -44.27 46.71
C PHE F 61 -50.29 -44.57 45.92
N GLU F 62 -49.82 -45.82 46.02
CA GLU F 62 -48.43 -46.22 45.68
C GLU F 62 -47.83 -45.53 44.44
N ASP F 63 -46.60 -45.04 44.59
CA ASP F 63 -45.92 -44.20 43.59
C ASP F 63 -46.61 -42.84 43.38
N SER F 64 -47.29 -42.33 44.41
CA SER F 64 -47.99 -41.04 44.34
C SER F 64 -48.49 -40.54 45.69
N ALA F 65 -48.71 -39.24 45.76
CA ALA F 65 -49.41 -38.62 46.88
C ALA F 65 -50.35 -37.56 46.31
N ARG F 66 -51.46 -37.36 47.02
CA ARG F 66 -52.46 -36.37 46.64
C ARG F 66 -52.86 -35.52 47.83
N ILE F 67 -53.14 -34.25 47.56
CA ILE F 67 -53.78 -33.36 48.53
C ILE F 67 -54.96 -32.71 47.83
N VAL F 68 -56.15 -32.87 48.42
CA VAL F 68 -57.38 -32.27 47.92
C VAL F 68 -57.78 -31.15 48.88
N ASN F 69 -58.19 -30.02 48.32
CA ASN F 69 -58.81 -28.95 49.09
C ASN F 69 -60.02 -28.44 48.32
N GLY F 70 -61.19 -29.03 48.58
CA GLY F 70 -62.43 -28.65 47.92
C GLY F 70 -62.38 -28.86 46.42
N ASN F 71 -62.48 -27.76 45.66
CA ASN F 71 -62.52 -27.81 44.20
C ASN F 71 -61.17 -28.08 43.53
N ILE F 72 -60.07 -28.03 44.27
CA ILE F 72 -58.74 -28.25 43.68
C ILE F 72 -58.06 -29.46 44.33
N SER F 73 -57.28 -30.18 43.53
CA SER F 73 -56.45 -31.27 44.02
C SER F 73 -55.08 -31.27 43.31
N ALA F 74 -54.03 -31.54 44.08
CA ALA F 74 -52.66 -31.62 43.57
C ALA F 74 -52.19 -33.06 43.69
N VAL F 75 -51.70 -33.61 42.58
CA VAL F 75 -51.16 -34.97 42.54
C VAL F 75 -49.66 -34.86 42.27
N VAL F 76 -48.85 -35.46 43.14
CA VAL F 76 -47.40 -35.53 42.96
C VAL F 76 -47.01 -36.99 42.81
N ASN F 77 -46.45 -37.36 41.66
CA ASN F 77 -46.02 -38.75 41.45
C ASN F 77 -44.68 -39.04 42.15
N GLY F 78 -44.25 -40.30 42.09
CA GLY F 78 -43.00 -40.74 42.68
C GLY F 78 -41.73 -40.06 42.15
N ARG F 79 -41.82 -39.49 40.94
CA ARG F 79 -40.72 -38.68 40.38
C ARG F 79 -40.78 -37.18 40.76
N GLY F 80 -41.67 -36.81 41.69
CA GLY F 80 -41.81 -35.42 42.14
C GLY F 80 -42.45 -34.50 41.12
N GLN F 81 -43.19 -35.08 40.17
CA GLN F 81 -43.82 -34.32 39.10
C GLN F 81 -45.28 -34.04 39.48
N LEU F 82 -45.69 -32.78 39.30
CA LEU F 82 -46.90 -32.25 39.88
C LEU F 82 -47.92 -31.85 38.81
N SER F 83 -49.18 -32.19 39.05
CA SER F 83 -50.30 -31.73 38.23
C SER F 83 -51.52 -31.42 39.08
N PHE F 84 -52.39 -30.54 38.56
CA PHE F 84 -53.56 -30.06 39.29
C PHE F 84 -54.85 -30.42 38.57
N TYR F 85 -55.86 -30.81 39.33
CA TYR F 85 -57.19 -31.18 38.80
C TYR F 85 -58.30 -30.50 39.59
N ASN F 86 -59.45 -30.29 38.96
CA ASN F 86 -60.64 -29.79 39.68
C ASN F 86 -61.49 -30.95 40.25
N GLN F 87 -62.59 -30.62 40.93
CA GLN F 87 -63.49 -31.62 41.54
C GLN F 87 -64.15 -32.60 40.54
N ASN F 88 -64.20 -32.23 39.27
CA ASN F 88 -64.70 -33.11 38.20
C ASN F 88 -63.61 -33.97 37.53
N GLY F 89 -62.38 -33.93 38.04
CA GLY F 89 -61.27 -34.67 37.46
C GLY F 89 -60.67 -34.06 36.20
N LYS F 90 -61.01 -32.80 35.89
CA LYS F 90 -60.47 -32.12 34.72
C LYS F 90 -59.07 -31.60 35.02
N LEU F 91 -58.15 -31.78 34.07
CA LEU F 91 -56.80 -31.23 34.16
C LEU F 91 -56.83 -29.71 34.10
N LEU F 92 -56.31 -29.07 35.15
CA LEU F 92 -56.20 -27.61 35.20
C LEU F 92 -54.83 -27.16 34.70
N LEU F 93 -53.78 -27.76 35.26
CA LEU F 93 -52.40 -27.32 35.05
C LEU F 93 -51.45 -28.48 35.35
N GLU F 94 -50.50 -28.75 34.45
CA GLU F 94 -49.46 -29.74 34.71
C GLU F 94 -48.06 -29.21 34.45
N GLU F 95 -47.14 -29.66 35.29
CA GLU F 95 -45.73 -29.34 35.14
C GLU F 95 -45.16 -29.87 33.83
N TYR F 96 -44.16 -29.14 33.32
CA TYR F 96 -43.48 -29.48 32.08
C TYR F 96 -42.13 -30.09 32.48
N TRP F 97 -41.97 -31.37 32.15
CA TRP F 97 -40.73 -32.09 32.36
C TRP F 97 -40.32 -32.69 31.01
N ARG F 98 -39.03 -32.62 30.70
CA ARG F 98 -38.45 -33.24 29.51
C ARG F 98 -37.10 -33.82 29.91
N THR F 99 -37.11 -35.06 30.40
CA THR F 99 -35.91 -35.73 30.92
C THR F 99 -35.93 -37.23 30.62
N ARG F 100 -34.76 -37.86 30.71
CA ARG F 100 -34.64 -39.31 30.71
C ARG F 100 -34.42 -39.88 32.11
N PHE F 101 -34.04 -39.04 33.05
CA PHE F 101 -33.73 -39.46 34.41
C PHE F 101 -34.13 -38.32 35.35
N VAL F 102 -34.97 -38.63 36.34
CA VAL F 102 -35.51 -37.63 37.26
C VAL F 102 -35.75 -38.27 38.63
N ALA F 103 -35.37 -37.55 39.69
CA ALA F 103 -35.54 -38.04 41.05
C ALA F 103 -34.94 -39.44 41.27
N GLY F 104 -33.74 -39.66 40.70
CA GLY F 104 -33.05 -40.94 40.81
C GLY F 104 -33.68 -42.12 40.10
N GLN F 105 -34.59 -41.86 39.16
CA GLN F 105 -35.35 -42.92 38.49
C GLN F 105 -35.38 -42.66 36.99
N GLY F 106 -35.47 -43.72 36.20
CA GLY F 106 -35.65 -43.59 34.76
C GLY F 106 -37.03 -43.04 34.47
N GLU F 107 -37.13 -42.17 33.47
CA GLU F 107 -38.43 -41.60 33.06
C GLU F 107 -39.19 -42.62 32.20
N ASP F 108 -40.51 -42.53 32.22
CA ASP F 108 -41.39 -43.41 31.48
C ASP F 108 -41.38 -43.09 29.97
N THR F 109 -40.93 -44.04 29.15
CA THR F 109 -40.84 -43.82 27.70
C THR F 109 -42.18 -43.63 26.96
N SER F 110 -43.29 -44.06 27.57
CA SER F 110 -44.63 -43.81 26.99
C SER F 110 -45.15 -42.39 27.22
N SER F 111 -44.50 -41.63 28.11
CA SER F 111 -44.92 -40.26 28.45
C SER F 111 -44.24 -39.19 27.58
N LYS F 112 -44.96 -38.10 27.34
CA LYS F 112 -44.40 -36.90 26.68
C LYS F 112 -43.27 -36.26 27.49
N TYR F 113 -43.19 -36.60 28.77
CA TYR F 113 -42.05 -36.23 29.63
C TYR F 113 -40.71 -36.88 29.26
N PHE F 114 -40.70 -37.98 28.49
CA PHE F 114 -39.44 -38.63 28.14
C PHE F 114 -38.75 -37.88 27.01
N SER F 115 -37.53 -37.41 27.30
CA SER F 115 -36.78 -36.57 26.37
C SER F 115 -35.34 -36.40 26.80
N PRO F 116 -34.38 -36.49 25.84
CA PRO F 116 -32.98 -36.15 26.16
C PRO F 116 -32.69 -34.67 26.47
N LEU F 117 -33.64 -33.77 26.19
CA LEU F 117 -33.43 -32.33 26.36
C LEU F 117 -33.02 -31.93 27.79
N THR F 118 -33.60 -32.58 28.80
CA THR F 118 -33.27 -32.35 30.21
C THR F 118 -33.70 -30.95 30.69
N HIS F 119 -35.01 -30.68 30.60
CA HIS F 119 -35.63 -29.49 31.19
C HIS F 119 -36.44 -29.92 32.41
N GLU F 120 -36.24 -29.23 33.54
CA GLU F 120 -37.00 -29.49 34.76
C GLU F 120 -38.17 -28.52 34.91
N ALA F 121 -39.22 -28.97 35.60
CA ALA F 121 -40.38 -28.11 35.87
C ALA F 121 -40.09 -27.07 36.94
N ARG F 122 -39.31 -27.45 37.94
CA ARG F 122 -38.92 -26.58 39.02
C ARG F 122 -37.39 -26.46 38.99
N GLU F 123 -36.90 -25.53 38.16
CA GLU F 123 -35.46 -25.34 37.98
C GLU F 123 -34.95 -24.26 38.93
N LEU F 124 -34.27 -24.68 39.98
CA LEU F 124 -33.61 -23.76 40.90
C LEU F 124 -32.10 -23.77 40.58
N LYS F 125 -31.72 -22.95 39.62
CA LYS F 125 -30.34 -22.93 39.12
C LYS F 125 -29.48 -22.05 40.02
N PRO F 126 -28.48 -22.65 40.70
CA PRO F 126 -27.69 -21.83 41.63
C PRO F 126 -26.88 -20.73 40.94
N ILE F 127 -26.93 -19.54 41.52
CA ILE F 127 -26.15 -18.39 41.07
C ILE F 127 -24.86 -18.47 41.87
N GLN F 128 -23.71 -18.41 41.20
CA GLN F 128 -22.43 -18.64 41.86
C GLN F 128 -22.20 -17.57 42.94
N GLY F 129 -21.83 -18.04 44.14
CA GLY F 129 -21.69 -17.18 45.31
C GLY F 129 -22.98 -16.60 45.89
N GLY F 130 -24.14 -16.95 45.32
CA GLY F 130 -25.38 -16.24 45.59
C GLY F 130 -26.57 -17.17 45.77
N LYS F 131 -27.72 -16.74 45.27
CA LYS F 131 -28.98 -17.43 45.51
C LYS F 131 -29.33 -18.29 44.27
N PHE F 132 -30.56 -18.23 43.77
CA PHE F 132 -31.00 -19.11 42.67
C PHE F 132 -31.75 -18.34 41.60
N GLU F 133 -31.52 -18.75 40.36
CA GLU F 133 -32.30 -18.31 39.21
C GLU F 133 -33.40 -19.36 39.01
N LEU F 134 -34.66 -18.93 39.07
CA LEU F 134 -35.80 -19.85 39.10
C LEU F 134 -36.55 -19.82 37.80
N ARG F 135 -36.81 -21.00 37.23
CA ARG F 135 -37.76 -21.16 36.13
C ARG F 135 -38.77 -22.24 36.48
N ALA F 136 -40.06 -21.88 36.47
CA ALA F 136 -41.14 -22.82 36.74
C ALA F 136 -41.84 -23.09 35.41
N ARG F 137 -41.76 -24.33 34.93
CA ARG F 137 -42.27 -24.69 33.61
C ARG F 137 -43.55 -25.51 33.73
N PHE F 138 -44.55 -25.15 32.92
CA PHE F 138 -45.82 -25.87 32.84
C PHE F 138 -46.17 -26.11 31.37
N GLU F 139 -46.83 -27.24 31.10
CA GLU F 139 -47.31 -27.53 29.76
C GLU F 139 -48.31 -26.46 29.33
N SER F 140 -48.22 -26.02 28.07
CA SER F 140 -49.29 -25.22 27.47
C SER F 140 -50.46 -26.14 27.18
N GLN F 141 -51.65 -25.56 27.02
CA GLN F 141 -52.86 -26.32 26.69
C GLN F 141 -53.50 -25.67 25.46
N PRO F 142 -53.97 -26.48 24.51
CA PRO F 142 -54.37 -25.94 23.19
C PRO F 142 -55.53 -24.92 23.20
N ASP F 143 -56.53 -25.10 24.06
CA ASP F 143 -57.67 -24.17 24.09
C ASP F 143 -57.67 -23.20 25.29
N GLU F 144 -56.54 -23.12 26.00
CA GLU F 144 -56.42 -22.27 27.18
C GLU F 144 -56.31 -20.81 26.80
N ARG F 145 -57.16 -20.00 27.41
CA ARG F 145 -57.11 -18.55 27.30
C ARG F 145 -56.75 -18.00 28.69
N ILE F 146 -55.92 -16.96 28.72
CA ILE F 146 -55.26 -16.48 29.94
C ILE F 146 -55.43 -14.98 30.10
N TYR F 147 -55.79 -14.57 31.32
CA TYR F 147 -56.13 -13.18 31.62
C TYR F 147 -55.47 -12.72 32.93
N GLY F 148 -55.44 -11.42 33.13
CA GLY F 148 -54.83 -10.82 34.32
C GLY F 148 -53.40 -10.37 34.08
N LEU F 149 -52.52 -10.65 35.05
CA LEU F 149 -51.07 -10.32 35.02
C LEU F 149 -50.72 -8.86 35.35
N GLY F 150 -51.69 -7.95 35.25
CA GLY F 150 -51.50 -6.57 35.61
C GLY F 150 -51.84 -5.66 34.46
N GLN F 151 -50.93 -4.73 34.17
CA GLN F 151 -51.18 -3.66 33.22
C GLN F 151 -50.03 -3.61 32.22
N TYR F 152 -50.28 -4.11 31.01
CA TYR F 152 -49.28 -4.11 29.94
C TYR F 152 -49.79 -3.32 28.73
N GLN F 153 -48.85 -2.66 28.05
CA GLN F 153 -49.18 -1.73 26.98
C GLN F 153 -49.21 -2.47 25.65
N GLN F 154 -50.28 -3.26 25.48
CA GLN F 154 -50.41 -4.19 24.35
C GLN F 154 -51.90 -4.46 24.04
N PRO F 155 -52.27 -4.57 22.74
CA PRO F 155 -53.66 -4.78 22.36
C PRO F 155 -54.08 -6.26 22.43
N PHE F 156 -53.99 -6.84 23.60
CA PHE F 156 -54.36 -8.24 23.82
C PHE F 156 -54.99 -8.34 25.21
N LEU F 157 -56.26 -8.75 25.26
CA LEU F 157 -56.90 -9.08 26.53
C LEU F 157 -56.46 -10.48 26.94
N ASN F 158 -56.77 -11.47 26.09
CA ASN F 158 -56.25 -12.83 26.23
C ASN F 158 -54.74 -12.77 25.91
N VAL F 159 -53.93 -13.24 26.87
CA VAL F 159 -52.46 -13.16 26.73
C VAL F 159 -51.79 -14.51 26.48
N LYS F 160 -52.56 -15.55 26.15
CA LYS F 160 -51.99 -16.79 25.63
C LYS F 160 -51.22 -16.45 24.34
N GLY F 161 -49.97 -16.89 24.27
CA GLY F 161 -49.05 -16.52 23.18
C GLY F 161 -48.22 -15.27 23.41
N CYS F 162 -48.52 -14.51 24.48
CA CYS F 162 -47.76 -13.31 24.82
C CYS F 162 -46.74 -13.63 25.92
N THR F 163 -45.69 -12.81 25.96
CA THR F 163 -44.66 -12.87 26.98
C THR F 163 -44.65 -11.52 27.69
N MET F 164 -44.77 -11.56 29.02
CA MET F 164 -44.86 -10.36 29.87
C MET F 164 -43.63 -10.26 30.77
N GLU F 165 -43.01 -9.08 30.76
CA GLU F 165 -41.92 -8.77 31.69
C GLU F 165 -42.47 -8.60 33.13
N LEU F 166 -41.88 -9.32 34.08
CA LEU F 166 -42.21 -9.14 35.49
C LEU F 166 -41.30 -8.05 36.06
N ALA F 167 -41.67 -6.80 35.74
CA ALA F 167 -40.94 -5.63 36.19
C ALA F 167 -41.84 -4.41 36.12
N GLN F 168 -41.49 -3.40 36.92
CA GLN F 168 -42.25 -2.17 37.02
C GLN F 168 -41.57 -1.07 36.22
N ARG F 169 -42.28 -0.52 35.24
CA ARG F 169 -41.83 0.63 34.45
C ARG F 169 -43.01 1.57 34.26
N ASN F 170 -42.73 2.86 34.06
CA ASN F 170 -43.78 3.87 33.83
C ASN F 170 -44.71 3.39 32.69
N SER F 171 -45.99 3.25 33.04
CA SER F 171 -47.08 2.75 32.18
C SER F 171 -47.28 1.22 32.20
N GLN F 172 -46.49 0.53 33.03
CA GLN F 172 -46.57 -0.92 33.19
C GLN F 172 -46.67 -1.25 34.68
N ALA F 173 -47.50 -2.24 35.02
CA ALA F 173 -47.57 -2.76 36.38
C ALA F 173 -47.65 -4.27 36.33
N SER F 174 -46.69 -4.93 36.96
CA SER F 174 -46.72 -6.37 37.12
C SER F 174 -47.53 -6.69 38.37
N VAL F 175 -48.71 -7.28 38.18
CA VAL F 175 -49.55 -7.78 39.25
C VAL F 175 -49.82 -9.23 38.92
N PRO F 176 -48.89 -10.13 39.30
CA PRO F 176 -48.82 -11.45 38.65
C PRO F 176 -49.85 -12.49 39.13
N PHE F 177 -51.13 -12.14 39.03
CA PHE F 177 -52.21 -13.10 39.21
C PHE F 177 -52.87 -13.31 37.86
N MET F 178 -52.94 -14.57 37.43
CA MET F 178 -53.53 -14.94 36.15
C MET F 178 -54.80 -15.75 36.39
N MET F 179 -55.77 -15.60 35.50
CA MET F 179 -56.99 -16.41 35.47
C MET F 179 -57.03 -17.14 34.14
N SER F 180 -57.34 -18.44 34.18
CA SER F 180 -57.42 -19.27 33.00
C SER F 180 -58.87 -19.65 32.68
N SER F 181 -59.18 -19.75 31.39
CA SER F 181 -60.44 -20.32 30.91
C SER F 181 -60.66 -21.78 31.33
N LEU F 182 -59.58 -22.50 31.68
CA LEU F 182 -59.69 -23.86 32.20
C LEU F 182 -60.33 -23.96 33.60
N GLY F 183 -60.49 -22.83 34.29
CA GLY F 183 -61.19 -22.78 35.57
C GLY F 183 -60.27 -22.83 36.78
N TYR F 184 -59.10 -22.19 36.65
CA TYR F 184 -58.20 -21.95 37.78
C TYR F 184 -57.63 -20.54 37.73
N GLY F 185 -57.11 -20.11 38.88
CA GLY F 185 -56.34 -18.87 38.99
C GLY F 185 -55.00 -19.19 39.65
N MET F 186 -53.99 -18.39 39.36
CA MET F 186 -52.64 -18.61 39.89
C MET F 186 -51.91 -17.29 40.16
N LEU F 187 -51.45 -17.15 41.41
CA LEU F 187 -50.60 -16.03 41.81
C LEU F 187 -49.15 -16.50 41.85
N TRP F 188 -48.28 -15.83 41.10
CA TRP F 188 -46.83 -15.97 41.25
C TRP F 188 -46.44 -15.11 42.45
N ASN F 189 -46.34 -15.74 43.61
CA ASN F 189 -46.09 -15.05 44.88
C ASN F 189 -44.59 -14.87 45.06
N ASN F 190 -44.02 -14.03 44.21
CA ASN F 190 -42.57 -13.80 44.16
C ASN F 190 -42.32 -12.45 43.48
N PRO F 191 -41.77 -11.46 44.23
CA PRO F 191 -41.54 -10.11 43.70
C PRO F 191 -40.25 -9.91 42.89
N ALA F 192 -39.55 -10.99 42.53
CA ALA F 192 -38.29 -10.90 41.77
C ALA F 192 -38.50 -10.37 40.36
N ILE F 193 -37.50 -9.65 39.86
CA ILE F 193 -37.46 -9.25 38.45
C ILE F 193 -37.41 -10.55 37.63
N GLY F 194 -38.20 -10.60 36.56
CA GLY F 194 -38.26 -11.81 35.76
C GLY F 194 -39.18 -11.69 34.57
N GLU F 195 -39.85 -12.79 34.25
CA GLU F 195 -40.68 -12.88 33.07
C GLU F 195 -41.68 -14.03 33.19
N VAL F 196 -42.85 -13.84 32.56
CA VAL F 196 -43.78 -14.94 32.32
C VAL F 196 -44.09 -15.01 30.82
N SER F 197 -43.81 -16.17 30.23
CA SER F 197 -44.10 -16.43 28.82
C SER F 197 -45.15 -17.53 28.73
N PHE F 198 -46.32 -17.16 28.19
CA PHE F 198 -47.38 -18.10 27.89
C PHE F 198 -47.27 -18.48 26.41
N ALA F 199 -46.13 -19.07 26.05
CA ALA F 199 -45.88 -19.48 24.66
C ALA F 199 -46.76 -20.67 24.33
N ASN F 200 -47.06 -20.84 23.04
CA ASN F 200 -47.90 -21.95 22.58
C ASN F 200 -47.27 -23.31 22.91
N ASN F 201 -45.94 -23.36 22.92
CA ASN F 201 -45.20 -24.63 23.15
C ASN F 201 -44.90 -24.97 24.62
N VAL F 202 -44.85 -23.96 25.48
CA VAL F 202 -44.57 -24.15 26.92
C VAL F 202 -44.83 -22.85 27.71
N THR F 203 -45.29 -22.99 28.95
CA THR F 203 -45.46 -21.86 29.87
C THR F 203 -44.29 -21.84 30.83
N THR F 204 -43.59 -20.71 30.90
CA THR F 204 -42.43 -20.54 31.77
C THR F 204 -42.57 -19.25 32.61
N TRP F 205 -42.55 -19.43 33.93
CA TRP F 205 -42.41 -18.31 34.87
C TRP F 205 -40.94 -18.27 35.27
N MET F 206 -40.35 -17.08 35.29
CA MET F 206 -38.92 -16.90 35.64
C MET F 206 -38.71 -15.81 36.68
N ALA F 207 -37.80 -16.08 37.62
CA ALA F 207 -37.29 -15.09 38.59
C ALA F 207 -35.77 -15.07 38.47
N ARG F 208 -35.19 -13.88 38.24
CA ARG F 208 -33.75 -13.71 38.06
C ARG F 208 -32.97 -14.11 39.31
N VAL F 209 -33.44 -13.65 40.48
CA VAL F 209 -32.85 -14.02 41.76
C VAL F 209 -33.97 -14.29 42.74
N THR F 210 -33.90 -15.43 43.42
CA THR F 210 -34.84 -15.77 44.47
C THR F 210 -34.28 -16.87 45.35
N GLU F 211 -34.85 -16.99 46.55
CA GLU F 211 -34.52 -18.06 47.48
C GLU F 211 -35.30 -19.34 47.24
N GLN F 212 -36.51 -19.22 46.68
CA GLN F 212 -37.43 -20.36 46.61
C GLN F 212 -38.62 -20.11 45.67
N LEU F 213 -39.16 -21.20 45.13
CA LEU F 213 -40.40 -21.18 44.36
C LEU F 213 -41.58 -20.96 45.32
N ASP F 214 -42.52 -20.11 44.92
CA ASP F 214 -43.72 -19.83 45.72
C ASP F 214 -44.85 -19.35 44.81
N TYR F 215 -45.91 -20.16 44.73
CA TYR F 215 -47.14 -19.76 44.06
C TYR F 215 -48.39 -20.28 44.76
N TRP F 216 -49.49 -19.65 44.45
CA TRP F 216 -50.80 -19.94 45.03
C TRP F 216 -51.73 -20.20 43.86
N ILE F 217 -52.49 -21.29 43.95
CA ILE F 217 -53.38 -21.72 42.87
C ILE F 217 -54.75 -22.04 43.46
N THR F 218 -55.79 -21.69 42.71
CA THR F 218 -57.18 -21.79 43.17
C THR F 218 -58.05 -22.28 42.02
N ALA F 219 -59.10 -23.03 42.33
CA ALA F 219 -60.03 -23.54 41.33
C ALA F 219 -61.48 -23.24 41.69
N ALA F 220 -62.27 -22.89 40.69
CA ALA F 220 -63.72 -22.73 40.86
C ALA F 220 -64.41 -22.84 39.51
N ASP F 221 -65.72 -23.10 39.56
CA ASP F 221 -66.53 -23.29 38.35
C ASP F 221 -66.75 -22.00 37.56
N THR F 222 -66.62 -20.84 38.21
CA THR F 222 -66.82 -19.54 37.55
C THR F 222 -65.70 -18.55 37.86
N PRO F 223 -65.44 -17.60 36.93
CA PRO F 223 -64.52 -16.49 37.17
C PRO F 223 -64.75 -15.71 38.45
N ALA F 224 -66.02 -15.41 38.76
CA ALA F 224 -66.38 -14.64 39.96
C ALA F 224 -65.94 -15.30 41.26
N GLU F 225 -66.03 -16.62 41.33
CA GLU F 225 -65.55 -17.38 42.47
C GLU F 225 -64.02 -17.36 42.59
N ILE F 226 -63.33 -17.36 41.45
CA ILE F 226 -61.86 -17.28 41.42
C ILE F 226 -61.43 -15.89 41.93
N SER F 227 -62.04 -14.83 41.38
CA SER F 227 -61.77 -13.47 41.85
C SER F 227 -61.99 -13.28 43.36
N GLN F 228 -63.08 -13.87 43.87
CA GLN F 228 -63.38 -13.85 45.32
C GLN F 228 -62.33 -14.58 46.13
N GLN F 229 -61.95 -15.78 45.69
CA GLN F 229 -60.92 -16.58 46.37
C GLN F 229 -59.56 -15.88 46.38
N TYR F 230 -59.21 -15.21 45.28
CA TYR F 230 -57.99 -14.40 45.21
C TYR F 230 -58.00 -13.21 46.18
N ALA F 231 -59.12 -12.50 46.24
CA ALA F 231 -59.28 -11.39 47.19
C ALA F 231 -59.13 -11.85 48.63
N ALA F 232 -59.59 -13.07 48.94
CA ALA F 232 -59.42 -13.67 50.27
C ALA F 232 -57.95 -13.96 50.56
N ALA F 233 -57.21 -14.37 49.54
CA ALA F 233 -55.77 -14.65 49.66
C ALA F 233 -54.91 -13.40 49.85
N THR F 234 -55.14 -12.37 49.04
CA THR F 234 -54.27 -11.18 49.00
C THR F 234 -54.86 -9.89 49.61
N GLY F 235 -56.14 -9.91 49.96
CA GLY F 235 -56.79 -8.78 50.63
C GLY F 235 -57.82 -8.10 49.75
N ALA F 236 -58.96 -7.77 50.34
CA ALA F 236 -60.03 -7.09 49.62
C ALA F 236 -59.71 -5.62 49.47
N ALA F 237 -60.19 -5.02 48.37
CA ALA F 237 -60.18 -3.56 48.26
C ALA F 237 -61.08 -2.99 49.37
N PRO F 238 -60.68 -1.85 49.97
CA PRO F 238 -61.58 -1.25 50.96
C PRO F 238 -62.80 -0.62 50.27
N MET F 239 -63.68 0.00 51.04
CA MET F 239 -64.82 0.68 50.47
C MET F 239 -64.34 2.02 49.92
N LEU F 240 -64.71 2.32 48.68
CA LEU F 240 -64.33 3.57 48.03
C LEU F 240 -65.04 4.76 48.68
N PRO F 241 -64.32 5.86 48.96
CA PRO F 241 -65.03 7.05 49.45
C PRO F 241 -65.92 7.63 48.37
N ASP F 242 -67.05 8.20 48.78
CA ASP F 242 -68.11 8.62 47.86
C ASP F 242 -67.62 9.67 46.85
N TYR F 243 -66.74 10.57 47.30
CA TYR F 243 -66.17 11.61 46.42
C TYR F 243 -65.36 11.09 45.23
N ALA F 244 -64.74 9.92 45.37
CA ALA F 244 -63.94 9.32 44.28
C ALA F 244 -64.76 8.89 43.06
N ALA F 245 -66.07 8.69 43.25
CA ALA F 245 -66.99 8.33 42.16
C ALA F 245 -67.38 9.50 41.25
N GLY F 246 -67.12 10.73 41.69
CA GLY F 246 -67.35 11.92 40.88
C GLY F 246 -66.22 12.20 39.89
N PHE F 247 -66.19 13.44 39.39
CA PHE F 247 -65.25 13.85 38.36
C PHE F 247 -63.95 14.38 38.96
N TRP F 248 -62.82 13.93 38.42
CA TRP F 248 -61.48 14.38 38.85
C TRP F 248 -60.90 15.27 37.76
N GLN F 249 -60.62 16.53 38.09
CA GLN F 249 -60.07 17.51 37.17
C GLN F 249 -58.58 17.68 37.42
N CYS F 250 -57.77 17.46 36.39
CA CYS F 250 -56.33 17.59 36.52
C CYS F 250 -55.68 18.02 35.21
N LYS F 251 -54.48 18.57 35.32
CA LYS F 251 -53.61 18.76 34.17
C LYS F 251 -52.17 18.84 34.65
N LEU F 252 -51.23 18.72 33.72
CA LEU F 252 -49.83 19.08 33.94
C LEU F 252 -49.67 20.47 33.33
N ARG F 253 -49.61 21.55 34.12
CA ARG F 253 -49.84 21.56 35.57
C ARG F 253 -50.37 22.92 36.04
N TYR F 254 -51.20 22.91 37.07
CA TYR F 254 -51.60 24.14 37.74
C TYR F 254 -50.42 24.61 38.58
N ARG F 255 -49.74 25.67 38.12
CA ARG F 255 -48.50 26.17 38.73
C ARG F 255 -48.70 26.95 40.03
N THR F 256 -49.88 27.56 40.21
CA THR F 256 -50.13 28.42 41.38
C THR F 256 -51.48 28.11 42.01
N GLN F 257 -51.60 28.54 43.28
CA GLN F 257 -52.85 28.46 44.03
C GLN F 257 -53.98 29.18 43.31
N ASP F 258 -53.68 30.36 42.78
CA ASP F 258 -54.66 31.17 42.04
C ASP F 258 -55.13 30.47 40.76
N GLU F 259 -54.18 29.90 40.01
CA GLU F 259 -54.54 29.19 38.78
C GLU F 259 -55.48 28.00 39.06
N LEU F 260 -55.14 27.20 40.07
CA LEU F 260 -55.96 26.03 40.43
C LEU F 260 -57.35 26.44 40.89
N MET F 261 -57.39 27.43 41.79
CA MET F 261 -58.67 27.89 42.35
C MET F 261 -59.57 28.53 41.29
N GLU F 262 -58.98 29.23 40.33
CA GLU F 262 -59.77 29.80 39.23
C GLU F 262 -60.46 28.72 38.39
N VAL F 263 -59.77 27.61 38.15
CA VAL F 263 -60.37 26.48 37.43
C VAL F 263 -61.52 25.89 38.24
N ALA F 264 -61.28 25.60 39.52
CA ALA F 264 -62.33 25.08 40.42
C ALA F 264 -63.54 26.02 40.48
N ARG F 265 -63.28 27.32 40.64
CA ARG F 265 -64.34 28.33 40.68
C ARG F 265 -65.12 28.44 39.36
N GLU F 266 -64.43 28.27 38.24
CA GLU F 266 -65.08 28.30 36.93
C GLU F 266 -66.00 27.10 36.70
N TYR F 267 -65.62 25.92 37.20
CA TYR F 267 -66.49 24.72 37.14
C TYR F 267 -67.80 24.94 37.91
N LYS F 268 -67.68 25.48 39.12
CA LYS F 268 -68.85 25.78 39.95
C LYS F 268 -69.69 26.92 39.38
N ARG F 269 -69.03 27.91 38.78
CA ARG F 269 -69.73 29.03 38.12
C ARG F 269 -70.61 28.54 36.95
N ARG F 270 -70.13 27.55 36.20
CA ARG F 270 -70.93 26.91 35.14
C ARG F 270 -71.86 25.78 35.64
N SER F 271 -71.96 25.58 36.96
CA SER F 271 -72.76 24.52 37.58
C SER F 271 -72.44 23.11 37.04
N LEU F 272 -71.15 22.88 36.81
CA LEU F 272 -70.65 21.59 36.32
C LEU F 272 -70.26 20.73 37.52
N PRO F 273 -70.46 19.40 37.42
CA PRO F 273 -69.96 18.56 38.50
C PRO F 273 -68.43 18.57 38.58
N ILE F 274 -67.91 18.56 39.80
CA ILE F 274 -66.48 18.38 40.06
C ILE F 274 -66.31 17.93 41.51
N SER F 275 -65.66 16.77 41.69
CA SER F 275 -65.44 16.19 43.02
C SER F 275 -64.01 16.29 43.51
N VAL F 276 -63.05 16.24 42.58
CA VAL F 276 -61.64 16.29 42.90
C VAL F 276 -60.94 17.26 41.94
N ILE F 277 -60.05 18.09 42.48
CA ILE F 277 -59.13 18.89 41.69
C ILE F 277 -57.70 18.60 42.18
N VAL F 278 -56.70 18.77 41.33
CA VAL F 278 -55.38 18.20 41.58
C VAL F 278 -54.24 19.19 41.34
N ALA F 279 -53.34 19.28 42.32
CA ALA F 279 -52.08 20.00 42.20
C ALA F 279 -51.02 18.98 41.78
N ASP F 280 -50.52 19.12 40.55
CA ASP F 280 -49.55 18.19 39.98
C ASP F 280 -48.17 18.50 40.57
N PHE F 281 -47.19 17.71 40.14
CA PHE F 281 -45.79 17.82 40.57
C PHE F 281 -45.14 19.21 40.47
N PHE F 282 -44.04 19.36 41.18
CA PHE F 282 -43.20 20.58 41.22
C PHE F 282 -43.92 21.85 41.67
N HIS F 283 -44.89 21.65 42.56
CA HIS F 283 -45.48 22.72 43.36
C HIS F 283 -44.70 22.95 44.67
N TRP F 284 -43.63 22.17 44.85
CA TRP F 284 -42.78 22.17 46.05
C TRP F 284 -41.48 22.93 45.80
N PRO F 285 -40.76 23.32 46.88
CA PRO F 285 -39.47 24.01 46.67
C PRO F 285 -38.38 23.10 46.08
N ASN F 286 -38.32 21.86 46.55
CA ASN F 286 -37.38 20.87 46.02
C ASN F 286 -37.95 19.46 46.24
N GLN F 287 -37.44 18.51 45.45
CA GLN F 287 -37.85 17.12 45.57
C GLN F 287 -37.37 16.60 46.93
N GLY F 288 -38.27 16.00 47.70
CA GLY F 288 -37.98 15.55 49.06
C GLY F 288 -38.32 16.54 50.18
N ASP F 289 -38.86 17.70 49.84
CA ASP F 289 -39.41 18.63 50.85
C ASP F 289 -40.84 18.25 51.26
N TRP F 290 -41.63 17.76 50.29
CA TRP F 290 -43.01 17.31 50.53
C TRP F 290 -43.84 18.40 51.23
N CYS F 291 -43.87 19.57 50.60
CA CYS F 291 -44.67 20.72 51.08
C CYS F 291 -44.94 21.65 49.91
N PHE F 292 -45.88 22.57 50.07
CA PHE F 292 -46.14 23.59 49.05
C PHE F 292 -45.04 24.64 49.08
N ASP F 293 -44.65 25.14 47.91
CA ASP F 293 -43.80 26.31 47.81
C ASP F 293 -44.70 27.53 48.01
N THR F 294 -44.48 28.28 49.09
CA THR F 294 -45.35 29.42 49.42
C THR F 294 -45.24 30.62 48.45
N ARG F 295 -44.18 30.64 47.63
CA ARG F 295 -44.07 31.67 46.56
C ARG F 295 -45.19 31.54 45.50
N GLU F 296 -45.56 30.31 45.16
CA GLU F 296 -46.67 30.03 44.23
C GLU F 296 -47.97 29.60 44.93
N TRP F 297 -47.88 29.17 46.19
CA TRP F 297 -49.01 28.64 46.96
C TRP F 297 -49.04 29.32 48.34
N PRO F 298 -49.42 30.62 48.38
CA PRO F 298 -49.26 31.46 49.60
C PRO F 298 -50.02 31.01 50.84
N ASP F 299 -51.18 30.38 50.67
CA ASP F 299 -52.03 30.00 51.81
C ASP F 299 -52.81 28.72 51.47
N PRO F 300 -52.15 27.55 51.57
CA PRO F 300 -52.80 26.28 51.24
C PRO F 300 -54.06 25.98 52.06
N LYS F 301 -54.05 26.33 53.35
CA LYS F 301 -55.23 26.17 54.23
C LYS F 301 -56.46 26.89 53.67
N ALA F 302 -56.28 28.11 53.18
CA ALA F 302 -57.37 28.89 52.56
C ALA F 302 -57.93 28.22 51.30
N MET F 303 -57.02 27.71 50.45
CA MET F 303 -57.39 26.90 49.28
C MET F 303 -58.25 25.70 49.68
N ILE F 304 -57.77 24.93 50.66
CA ILE F 304 -58.44 23.68 51.05
C ILE F 304 -59.82 23.94 51.67
N ASP F 305 -59.90 24.95 52.54
CA ASP F 305 -61.17 25.34 53.16
C ASP F 305 -62.21 25.81 52.14
N GLU F 306 -61.79 26.64 51.18
CA GLU F 306 -62.69 27.11 50.13
C GLU F 306 -63.17 25.95 49.23
N LEU F 307 -62.24 25.05 48.86
CA LEU F 307 -62.60 23.87 48.08
C LEU F 307 -63.61 22.97 48.82
N LYS F 308 -63.45 22.84 50.14
CA LYS F 308 -64.41 22.07 50.97
C LYS F 308 -65.82 22.68 50.89
N GLU F 309 -65.92 24.00 51.05
CA GLU F 309 -67.19 24.72 50.88
C GLU F 309 -67.80 24.46 49.50
N MET F 310 -66.94 24.42 48.48
CA MET F 310 -67.36 24.13 47.10
C MET F 310 -67.70 22.65 46.82
N GLY F 311 -67.53 21.78 47.82
CA GLY F 311 -67.77 20.35 47.66
C GLY F 311 -66.67 19.63 46.87
N ILE F 312 -65.44 20.10 46.99
CA ILE F 312 -64.29 19.59 46.22
C ILE F 312 -63.14 19.18 47.14
N GLU F 313 -62.64 17.96 46.91
CA GLU F 313 -61.43 17.47 47.57
C GLU F 313 -60.19 17.84 46.76
N LEU F 314 -59.13 18.29 47.44
CA LEU F 314 -57.84 18.53 46.80
C LEU F 314 -57.00 17.26 46.88
N MET F 315 -56.38 16.89 45.76
CA MET F 315 -55.32 15.86 45.75
C MET F 315 -54.00 16.55 45.40
N VAL F 316 -52.92 16.10 46.03
CA VAL F 316 -51.57 16.65 45.76
C VAL F 316 -50.59 15.57 45.30
N SER F 317 -49.72 15.95 44.37
CA SER F 317 -48.63 15.12 43.91
C SER F 317 -47.62 14.85 45.03
N ILE F 318 -47.31 13.57 45.23
CA ILE F 318 -46.17 13.15 46.02
C ILE F 318 -45.19 12.49 45.03
N TRP F 319 -43.93 12.92 45.05
CA TRP F 319 -42.87 12.20 44.36
C TRP F 319 -42.00 11.47 45.40
N PRO F 320 -41.55 10.23 45.10
CA PRO F 320 -40.72 9.46 46.02
C PRO F 320 -39.24 9.84 45.95
N THR F 321 -38.91 10.84 45.13
CA THR F 321 -37.56 11.33 44.94
C THR F 321 -37.12 12.26 46.07
N VAL F 322 -35.83 12.20 46.40
CA VAL F 322 -35.21 13.07 47.40
C VAL F 322 -33.94 13.68 46.80
N ASP F 323 -33.98 14.99 46.55
CA ASP F 323 -32.85 15.70 45.95
C ASP F 323 -31.75 15.86 46.99
N ASN F 324 -30.51 15.60 46.57
CA ASN F 324 -29.39 15.52 47.52
C ASN F 324 -28.98 16.83 48.20
N ARG F 325 -29.58 17.95 47.80
CA ARG F 325 -29.40 19.24 48.48
C ARG F 325 -30.42 19.52 49.60
N THR F 326 -31.39 18.64 49.82
CA THR F 326 -32.46 18.90 50.81
C THR F 326 -32.09 18.43 52.21
N GLU F 327 -32.85 18.93 53.18
CA GLU F 327 -32.65 18.60 54.59
C GLU F 327 -33.06 17.15 54.83
N ASN F 328 -34.16 16.74 54.20
CA ASN F 328 -34.62 15.35 54.26
C ASN F 328 -33.62 14.35 53.64
N TYR F 329 -32.91 14.73 52.57
CA TYR F 329 -31.85 13.85 52.04
C TYR F 329 -30.82 13.51 53.12
N LYS F 330 -30.34 14.54 53.78
CA LYS F 330 -29.32 14.41 54.83
C LYS F 330 -29.79 13.49 55.96
N ILE F 331 -31.00 13.72 56.46
CA ILE F 331 -31.57 12.92 57.54
C ILE F 331 -31.84 11.47 57.08
N MET F 332 -32.44 11.32 55.91
CA MET F 332 -32.78 10.00 55.37
C MET F 332 -31.51 9.20 55.03
N LYS F 333 -30.45 9.88 54.57
CA LYS F 333 -29.17 9.21 54.36
C LYS F 333 -28.56 8.76 55.68
N GLU F 334 -28.59 9.62 56.70
CA GLU F 334 -28.12 9.24 58.04
C GLU F 334 -28.79 7.97 58.54
N LYS F 335 -30.10 7.86 58.35
CA LYS F 335 -30.91 6.75 58.88
C LYS F 335 -30.95 5.49 58.00
N GLY F 336 -30.48 5.58 56.76
CA GLY F 336 -30.49 4.44 55.84
C GLY F 336 -31.85 4.20 55.22
N TYR F 337 -32.58 5.29 54.95
CA TYR F 337 -33.94 5.23 54.41
C TYR F 337 -34.02 5.39 52.88
N LEU F 338 -32.87 5.41 52.20
CA LEU F 338 -32.82 5.62 50.76
C LEU F 338 -32.47 4.34 50.01
N VAL F 339 -32.95 4.25 48.77
CA VAL F 339 -32.52 3.23 47.82
C VAL F 339 -31.02 3.44 47.54
N LYS F 340 -30.30 2.35 47.29
CA LYS F 340 -28.86 2.42 47.03
C LYS F 340 -28.52 1.93 45.63
N ALA F 341 -27.67 2.68 44.94
CA ALA F 341 -27.03 2.20 43.72
C ALA F 341 -25.94 1.21 44.12
N GLU F 342 -25.90 0.06 43.43
CA GLU F 342 -24.88 -0.95 43.64
C GLU F 342 -23.52 -0.48 43.13
N ARG F 343 -23.51 0.18 41.97
CA ARG F 343 -22.30 0.72 41.35
C ARG F 343 -22.57 2.09 40.75
N GLY F 344 -21.49 2.88 40.60
CA GLY F 344 -21.57 4.19 39.97
C GLY F 344 -22.08 5.27 40.91
N VAL F 345 -22.35 6.45 40.36
CA VAL F 345 -22.79 7.59 41.18
C VAL F 345 -24.06 7.23 41.96
N PRO F 346 -24.16 7.66 43.24
CA PRO F 346 -25.31 7.31 44.08
C PRO F 346 -26.53 8.19 43.78
N VAL F 347 -27.05 8.05 42.57
CA VAL F 347 -28.16 8.83 42.05
C VAL F 347 -29.04 7.86 41.27
N THR F 348 -30.32 7.80 41.63
CA THR F 348 -31.27 6.90 40.98
C THR F 348 -32.09 7.60 39.89
N MET F 349 -32.23 8.92 39.97
CA MET F 349 -32.95 9.70 38.95
C MET F 349 -32.34 11.09 38.77
N THR F 350 -32.32 11.58 37.54
CA THR F 350 -31.71 12.87 37.18
C THR F 350 -32.71 13.92 36.66
N PHE F 351 -34.01 13.69 36.84
CA PHE F 351 -35.05 14.62 36.41
C PHE F 351 -35.10 15.86 37.33
N LEU F 352 -34.69 17.01 36.78
CA LEU F 352 -34.69 18.33 37.46
C LEU F 352 -33.85 18.37 38.76
N GLY F 353 -32.85 17.50 38.83
CA GLY F 353 -31.99 17.39 40.01
C GLY F 353 -31.52 15.96 40.20
N ASN F 354 -30.43 15.80 40.93
CA ASN F 354 -29.90 14.49 41.27
C ASN F 354 -30.63 14.00 42.51
N THR F 355 -31.53 13.03 42.31
CA THR F 355 -32.37 12.53 43.41
C THR F 355 -32.12 11.04 43.66
N THR F 356 -32.51 10.61 44.86
CA THR F 356 -32.50 9.22 45.24
C THR F 356 -33.89 8.86 45.75
N PHE F 357 -34.41 7.70 45.37
CA PHE F 357 -35.74 7.27 45.80
C PHE F 357 -35.73 6.89 47.28
N PHE F 358 -36.79 7.24 48.00
CA PHE F 358 -36.99 6.67 49.34
C PHE F 358 -37.27 5.17 49.18
N ASP F 359 -36.86 4.39 50.17
CA ASP F 359 -37.01 2.94 50.12
C ASP F 359 -38.36 2.54 50.69
N ALA F 360 -39.31 2.27 49.80
CA ALA F 360 -40.66 1.85 50.17
C ALA F 360 -40.73 0.46 50.78
N THR F 361 -39.66 -0.33 50.66
CA THR F 361 -39.59 -1.62 51.35
C THR F 361 -39.06 -1.52 52.79
N HIS F 362 -38.60 -0.33 53.20
CA HIS F 362 -38.04 -0.09 54.54
C HIS F 362 -39.17 0.47 55.41
N PRO F 363 -39.57 -0.26 56.48
CA PRO F 363 -40.68 0.24 57.32
C PRO F 363 -40.45 1.63 57.92
N GLY F 364 -39.24 1.87 58.41
CA GLY F 364 -38.85 3.19 58.90
C GLY F 364 -38.93 4.32 57.88
N ALA F 365 -38.57 4.03 56.64
CA ALA F 365 -38.64 5.03 55.56
C ALA F 365 -40.09 5.34 55.18
N ARG F 366 -40.94 4.32 55.14
CA ARG F 366 -42.38 4.51 54.93
C ARG F 366 -42.96 5.49 55.98
N LYS F 367 -42.69 5.19 57.24
CA LYS F 367 -43.10 6.03 58.38
C LYS F 367 -42.57 7.46 58.21
N TYR F 368 -41.28 7.58 57.89
CA TYR F 368 -40.64 8.89 57.75
C TYR F 368 -41.30 9.75 56.68
N VAL F 369 -41.47 9.17 55.49
CA VAL F 369 -42.07 9.88 54.35
C VAL F 369 -43.54 10.24 54.63
N TRP F 370 -44.30 9.29 55.19
CA TRP F 370 -45.68 9.58 55.59
C TRP F 370 -45.75 10.77 56.59
N GLU F 371 -44.91 10.76 57.61
CA GLU F 371 -44.95 11.81 58.64
C GLU F 371 -44.65 13.21 58.09
N GLN F 372 -43.83 13.27 57.04
CA GLN F 372 -43.60 14.52 56.30
C GLN F 372 -44.88 14.95 55.60
N ALA F 373 -45.49 14.03 54.87
CA ALA F 373 -46.74 14.31 54.15
C ALA F 373 -47.90 14.63 55.09
N LYS F 374 -47.89 14.03 56.29
CA LYS F 374 -48.90 14.30 57.30
C LYS F 374 -48.78 15.73 57.82
N LYS F 375 -47.57 16.12 58.22
CA LYS F 375 -47.33 17.46 58.77
C LYS F 375 -47.66 18.56 57.76
N ASN F 376 -47.29 18.37 56.50
CA ASN F 376 -47.35 19.43 55.50
C ASN F 376 -48.60 19.40 54.60
N TYR F 377 -49.31 18.27 54.54
CA TYR F 377 -50.52 18.14 53.70
C TYR F 377 -51.75 17.63 54.47
N HIS F 378 -51.65 16.46 55.09
CA HIS F 378 -52.82 15.80 55.70
C HIS F 378 -53.41 16.58 56.87
N ASP F 379 -52.55 17.13 57.72
CA ASP F 379 -52.98 18.02 58.81
C ASP F 379 -53.73 19.26 58.33
N LEU F 380 -53.49 19.70 57.10
CA LEU F 380 -54.23 20.83 56.51
C LEU F 380 -55.63 20.48 55.96
N GLY F 381 -55.95 19.21 55.84
CA GLY F 381 -57.24 18.75 55.29
C GLY F 381 -57.17 17.96 53.99
N ILE F 382 -55.97 17.75 53.44
CA ILE F 382 -55.81 16.96 52.21
C ILE F 382 -56.05 15.49 52.53
N LYS F 383 -57.01 14.88 51.83
CA LYS F 383 -57.44 13.50 52.11
C LYS F 383 -57.06 12.51 51.00
N ILE F 384 -56.47 12.99 49.91
CA ILE F 384 -56.12 12.16 48.75
C ILE F 384 -54.69 12.51 48.32
N PHE F 385 -53.86 11.49 48.13
CA PHE F 385 -52.50 11.68 47.65
C PHE F 385 -52.27 11.02 46.30
N TRP F 386 -51.52 11.72 45.45
CA TRP F 386 -51.14 11.25 44.13
C TRP F 386 -49.71 10.67 44.22
N LEU F 387 -49.65 9.37 44.47
CA LEU F 387 -48.38 8.67 44.68
C LEU F 387 -47.81 8.30 43.31
N ASP F 388 -47.16 9.30 42.70
CA ASP F 388 -46.62 9.23 41.36
C ASP F 388 -45.23 8.57 41.39
N GLU F 389 -44.71 8.19 40.22
CA GLU F 389 -43.36 7.59 40.07
C GLU F 389 -43.21 6.33 40.90
N ALA F 390 -44.28 5.54 40.94
CA ALA F 390 -44.43 4.48 41.94
C ALA F 390 -43.67 3.18 41.66
N GLU F 391 -42.94 3.12 40.56
CA GLU F 391 -42.29 1.87 40.11
C GLU F 391 -41.06 1.40 40.94
N PRO F 392 -40.06 2.23 41.25
CA PRO F 392 -39.95 3.65 40.90
C PRO F 392 -39.33 3.86 39.52
N GLU F 393 -39.49 5.06 38.96
CA GLU F 393 -39.01 5.35 37.60
C GLU F 393 -37.54 5.73 37.63
N TYR F 394 -36.67 4.71 37.68
CA TYR F 394 -35.24 4.93 37.49
C TYR F 394 -35.02 5.60 36.13
N SER F 395 -34.13 6.57 36.06
CA SER F 395 -33.72 7.16 34.77
C SER F 395 -33.25 6.08 33.80
N VAL F 396 -32.57 5.06 34.34
CA VAL F 396 -32.18 3.88 33.59
C VAL F 396 -32.67 2.63 34.33
N TYR F 397 -33.44 1.78 33.65
CA TYR F 397 -34.00 0.58 34.27
C TYR F 397 -33.00 -0.58 34.36
N ASP F 398 -31.84 -0.31 34.97
CA ASP F 398 -30.82 -1.34 35.18
C ASP F 398 -31.07 -1.92 36.56
N PHE F 399 -31.99 -2.89 36.61
CA PHE F 399 -32.51 -3.43 37.85
C PHE F 399 -31.42 -4.07 38.71
N GLU F 400 -30.46 -4.71 38.05
CA GLU F 400 -29.28 -5.28 38.71
C GLU F 400 -28.42 -4.28 39.51
N ASN F 401 -28.52 -2.98 39.18
CA ASN F 401 -27.70 -1.93 39.81
C ASN F 401 -28.33 -1.24 41.01
N TYR F 402 -29.45 -1.73 41.56
CA TYR F 402 -30.09 -1.09 42.72
C TYR F 402 -30.47 -2.11 43.79
N ARG F 403 -30.47 -1.67 45.05
CA ARG F 403 -30.72 -2.54 46.20
C ARG F 403 -31.68 -1.87 47.17
N TYR F 404 -32.60 -2.66 47.72
CA TYR F 404 -33.55 -2.21 48.73
C TYR F 404 -33.24 -2.84 50.09
N HIS F 405 -33.93 -2.33 51.10
CA HIS F 405 -33.89 -2.85 52.47
C HIS F 405 -34.05 -4.37 52.50
N LEU F 406 -35.02 -4.86 51.73
CA LEU F 406 -35.36 -6.28 51.67
C LEU F 406 -34.49 -7.11 50.73
N GLY F 407 -33.58 -6.46 49.99
CA GLY F 407 -32.58 -7.15 49.19
C GLY F 407 -32.38 -6.51 47.84
N PRO F 408 -31.54 -7.12 46.99
CA PRO F 408 -31.35 -6.63 45.61
C PRO F 408 -32.68 -6.43 44.90
N VAL F 409 -32.77 -5.40 44.06
CA VAL F 409 -33.97 -5.16 43.25
C VAL F 409 -34.31 -6.38 42.36
N LEU F 410 -33.31 -7.14 41.91
CA LEU F 410 -33.57 -8.39 41.16
C LEU F 410 -34.38 -9.42 41.94
N GLU F 411 -34.19 -9.46 43.27
CA GLU F 411 -34.89 -10.40 44.14
C GLU F 411 -36.25 -9.91 44.64
N VAL F 412 -36.38 -8.62 44.96
CA VAL F 412 -37.57 -8.08 45.65
C VAL F 412 -38.23 -6.85 45.02
N GLY F 413 -37.74 -6.42 43.86
CA GLY F 413 -38.03 -5.09 43.33
C GLY F 413 -39.49 -4.75 43.05
N ASN F 414 -40.26 -5.74 42.62
CA ASN F 414 -41.63 -5.51 42.18
C ASN F 414 -42.60 -5.16 43.30
N ILE F 415 -42.24 -5.41 44.56
CA ILE F 415 -43.09 -5.04 45.70
C ILE F 415 -43.04 -3.54 46.07
N TYR F 416 -42.12 -2.77 45.47
CA TYR F 416 -41.94 -1.34 45.79
C TYR F 416 -43.23 -0.51 45.74
N PRO F 417 -44.02 -0.58 44.64
CA PRO F 417 -45.29 0.17 44.59
C PRO F 417 -46.30 -0.20 45.69
N ARG F 418 -46.31 -1.47 46.10
CA ARG F 418 -47.15 -1.93 47.21
C ARG F 418 -46.76 -1.24 48.52
N GLY F 419 -45.46 -1.24 48.83
CA GLY F 419 -44.95 -0.53 50.02
C GLY F 419 -45.20 0.96 50.00
N TYR F 420 -45.13 1.56 48.82
CA TYR F 420 -45.41 2.99 48.64
C TYR F 420 -46.88 3.27 49.00
N ALA F 421 -47.80 2.47 48.45
CA ALA F 421 -49.22 2.57 48.78
C ALA F 421 -49.46 2.35 50.27
N GLN F 422 -48.84 1.29 50.80
CA GLN F 422 -48.92 0.94 52.22
C GLN F 422 -48.51 2.08 53.16
N ALA F 423 -47.43 2.77 52.82
CA ALA F 423 -46.92 3.87 53.62
C ALA F 423 -47.99 4.93 53.88
N PHE F 424 -48.70 5.32 52.83
CA PHE F 424 -49.77 6.31 52.94
C PHE F 424 -51.06 5.74 53.52
N TYR F 425 -51.47 4.54 53.09
CA TYR F 425 -52.67 3.90 53.64
C TYR F 425 -52.57 3.72 55.16
N GLU F 426 -51.51 3.06 55.63
CA GLU F 426 -51.30 2.82 57.06
C GLU F 426 -51.25 4.11 57.88
N GLY F 427 -50.52 5.10 57.36
CA GLY F 427 -50.39 6.40 58.01
C GLY F 427 -51.70 7.17 58.08
N MET F 428 -52.45 7.16 56.97
CA MET F 428 -53.75 7.84 56.92
C MET F 428 -54.78 7.17 57.84
N GLU F 429 -54.78 5.84 57.84
CA GLU F 429 -55.63 5.06 58.75
C GLU F 429 -55.29 5.32 60.23
N GLU F 430 -54.00 5.35 60.55
CA GLU F 430 -53.54 5.67 61.90
C GLU F 430 -53.97 7.08 62.33
N ALA F 431 -54.00 8.02 61.38
CA ALA F 431 -54.42 9.40 61.65
C ALA F 431 -55.95 9.61 61.74
N GLY F 432 -56.74 8.55 61.56
CA GLY F 432 -58.18 8.59 61.79
C GLY F 432 -59.05 8.60 60.55
N GLN F 433 -58.44 8.63 59.36
CA GLN F 433 -59.19 8.59 58.09
C GLN F 433 -59.68 7.16 57.85
N THR F 434 -61.00 7.02 57.67
CA THR F 434 -61.62 5.70 57.56
C THR F 434 -61.76 5.24 56.11
N GLU F 435 -62.00 6.18 55.20
CA GLU F 435 -62.21 5.87 53.80
C GLU F 435 -61.06 6.47 53.02
N ILE F 436 -60.18 5.59 52.51
CA ILE F 436 -58.91 6.00 51.90
C ILE F 436 -58.79 5.52 50.44
N VAL F 437 -58.53 6.46 49.55
CA VAL F 437 -58.10 6.19 48.18
C VAL F 437 -56.92 7.11 47.86
N ASN F 438 -55.86 6.53 47.33
CA ASN F 438 -54.72 7.29 46.80
C ASN F 438 -54.48 6.85 45.36
N LEU F 439 -53.98 7.76 44.54
CA LEU F 439 -53.71 7.50 43.12
C LEU F 439 -52.26 7.00 42.95
N LEU F 440 -52.12 5.71 42.67
CA LEU F 440 -50.82 5.03 42.49
C LEU F 440 -50.50 4.83 41.02
N ARG F 441 -49.26 5.10 40.58
CA ARG F 441 -48.91 4.81 39.18
C ARG F 441 -48.63 3.34 38.91
N CYS F 442 -48.38 2.56 39.95
CA CYS F 442 -48.03 1.17 39.78
C CYS F 442 -48.53 0.37 40.96
N ALA F 443 -48.45 -0.96 40.83
CA ALA F 443 -48.95 -1.87 41.85
C ALA F 443 -48.23 -3.20 41.78
N TRP F 444 -48.33 -3.95 42.86
CA TRP F 444 -48.01 -5.38 42.87
C TRP F 444 -49.21 -6.10 43.48
N ALA F 445 -49.18 -7.42 43.45
CA ALA F 445 -50.21 -8.26 44.08
C ALA F 445 -50.55 -7.78 45.49
N GLY F 446 -51.83 -7.55 45.74
CA GLY F 446 -52.30 -7.09 47.04
C GLY F 446 -52.29 -5.59 47.25
N SER F 447 -51.85 -4.81 46.25
CA SER F 447 -51.93 -3.35 46.31
C SER F 447 -53.36 -2.85 46.59
N GLN F 448 -54.36 -3.57 46.10
CA GLN F 448 -55.77 -3.22 46.31
C GLN F 448 -56.16 -2.98 47.78
N ARG F 449 -55.55 -3.71 48.71
CA ARG F 449 -55.91 -3.58 50.12
C ARG F 449 -55.37 -2.29 50.78
N TYR F 450 -54.46 -1.59 50.08
CA TYR F 450 -53.95 -0.30 50.54
C TYR F 450 -54.58 0.89 49.78
N GLY F 451 -55.82 0.70 49.32
CA GLY F 451 -56.58 1.76 48.67
C GLY F 451 -55.97 2.32 47.41
N ALA F 452 -55.33 1.44 46.64
CA ALA F 452 -54.58 1.83 45.45
C ALA F 452 -55.51 1.98 44.25
N LEU F 453 -55.78 3.23 43.87
CA LEU F 453 -56.38 3.54 42.58
C LEU F 453 -55.23 3.67 41.61
N VAL F 454 -55.12 2.73 40.67
CA VAL F 454 -54.00 2.72 39.72
C VAL F 454 -54.40 3.38 38.42
N TRP F 455 -53.52 4.19 37.86
CA TRP F 455 -53.70 4.73 36.52
C TRP F 455 -52.51 4.35 35.64
N SER F 456 -52.75 4.36 34.33
CA SER F 456 -51.85 3.71 33.38
C SER F 456 -50.62 4.51 32.92
N GLY F 457 -50.31 5.60 33.61
CA GLY F 457 -49.05 6.33 33.39
C GLY F 457 -48.99 7.14 32.12
N ASP F 458 -47.75 7.46 31.70
CA ASP F 458 -47.49 8.49 30.70
C ASP F 458 -47.54 8.01 29.25
N ILE F 459 -48.64 7.34 28.92
CA ILE F 459 -48.94 6.88 27.55
C ILE F 459 -49.14 8.05 26.60
N ASN F 460 -48.91 7.80 25.31
CA ASN F 460 -49.16 8.83 24.29
C ASN F 460 -50.66 8.97 23.98
N SER F 461 -51.02 10.09 23.37
CA SER F 461 -52.41 10.41 23.06
C SER F 461 -52.77 9.99 21.64
N THR F 462 -53.02 8.69 21.47
CA THR F 462 -53.45 8.09 20.20
C THR F 462 -54.58 7.10 20.43
N PHE F 463 -55.25 6.71 19.34
CA PHE F 463 -56.26 5.64 19.39
C PHE F 463 -55.65 4.26 19.67
N GLY F 464 -54.42 4.04 19.18
CA GLY F 464 -53.66 2.83 19.51
C GLY F 464 -53.43 2.71 21.02
N ALA F 465 -53.09 3.82 21.65
CA ALA F 465 -52.95 3.87 23.10
C ALA F 465 -54.27 3.55 23.79
N LEU F 466 -55.36 4.17 23.32
CA LEU F 466 -56.70 3.94 23.90
C LEU F 466 -57.08 2.47 23.87
N ARG F 467 -56.85 1.79 22.74
CA ARG F 467 -57.11 0.35 22.64
C ARG F 467 -56.29 -0.43 23.67
N ASN F 468 -55.00 -0.10 23.79
CA ASN F 468 -54.14 -0.74 24.81
C ASN F 468 -54.70 -0.58 26.22
N GLN F 469 -55.16 0.63 26.56
CA GLN F 469 -55.64 0.93 27.91
C GLN F 469 -56.87 0.13 28.31
N LEU F 470 -57.77 -0.10 27.35
CA LEU F 470 -58.96 -0.92 27.59
C LEU F 470 -58.60 -2.34 28.01
N MET F 471 -57.69 -2.96 27.27
CA MET F 471 -57.19 -4.32 27.58
C MET F 471 -56.47 -4.34 28.93
N ALA F 472 -55.61 -3.35 29.12
CA ALA F 472 -54.83 -3.22 30.34
C ALA F 472 -55.72 -3.08 31.57
N GLY F 473 -56.72 -2.21 31.47
CA GLY F 473 -57.68 -1.97 32.55
C GLY F 473 -58.47 -3.19 32.96
N LEU F 474 -58.93 -3.94 31.96
CA LEU F 474 -59.70 -5.16 32.20
C LEU F 474 -58.82 -6.25 32.83
N ASN F 475 -57.59 -6.35 32.35
CA ASN F 475 -56.62 -7.28 32.91
C ASN F 475 -56.20 -6.89 34.34
N MET F 476 -56.14 -5.59 34.63
CA MET F 476 -55.91 -5.14 36.01
C MET F 476 -57.03 -5.60 36.96
N GLY F 477 -58.28 -5.52 36.50
CA GLY F 477 -59.41 -5.98 37.28
C GLY F 477 -59.36 -7.48 37.57
N ILE F 478 -59.05 -8.26 36.55
CA ILE F 478 -58.85 -9.71 36.71
C ILE F 478 -57.68 -10.00 37.68
N ALA F 479 -56.62 -9.19 37.64
CA ALA F 479 -55.48 -9.31 38.57
C ALA F 479 -55.74 -8.76 39.99
N GLY F 480 -56.97 -8.34 40.27
CA GLY F 480 -57.40 -7.99 41.63
C GLY F 480 -57.29 -6.52 41.98
N ILE F 481 -57.13 -5.66 40.97
CA ILE F 481 -57.07 -4.20 41.14
C ILE F 481 -58.36 -3.62 40.54
N PRO F 482 -59.45 -3.54 41.34
CA PRO F 482 -60.72 -2.99 40.82
C PRO F 482 -60.70 -1.48 40.62
N TRP F 483 -59.95 -0.74 41.44
CA TRP F 483 -59.85 0.71 41.32
C TRP F 483 -58.78 1.04 40.29
N TRP F 484 -59.22 1.34 39.07
CA TRP F 484 -58.30 1.62 37.97
C TRP F 484 -58.87 2.71 37.05
N THR F 485 -57.98 3.51 36.47
CA THR F 485 -58.37 4.59 35.57
C THR F 485 -57.23 4.95 34.60
N THR F 486 -57.46 5.98 33.77
CA THR F 486 -56.43 6.50 32.86
C THR F 486 -56.43 8.01 32.89
N ASP F 487 -55.45 8.60 32.20
CA ASP F 487 -55.52 9.98 31.76
C ASP F 487 -56.51 10.04 30.59
N ILE F 488 -57.67 10.68 30.79
CA ILE F 488 -58.60 10.87 29.66
C ILE F 488 -57.93 11.73 28.59
N GLY F 489 -57.89 11.19 27.39
CA GLY F 489 -57.14 11.74 26.26
C GLY F 489 -55.70 11.26 26.17
N GLY F 490 -55.26 10.41 27.10
CA GLY F 490 -53.83 10.05 27.21
C GLY F 490 -52.98 11.17 27.78
N PHE F 491 -51.71 10.87 28.08
CA PHE F 491 -50.80 11.83 28.71
C PHE F 491 -50.09 12.76 27.72
N ASP F 492 -49.38 12.18 26.75
CA ASP F 492 -48.37 12.90 25.96
C ASP F 492 -48.79 13.01 24.50
N GLY F 493 -48.72 14.23 23.95
CA GLY F 493 -48.87 14.47 22.50
C GLY F 493 -50.12 15.19 22.02
N GLY F 494 -51.10 15.37 22.90
CA GLY F 494 -52.39 15.98 22.52
C GLY F 494 -52.32 17.48 22.39
N ASP F 495 -52.49 17.99 21.16
CA ASP F 495 -52.62 19.43 20.95
C ASP F 495 -54.09 19.83 21.05
N ILE F 496 -54.38 20.81 21.90
CA ILE F 496 -55.77 21.23 22.16
C ILE F 496 -56.48 21.88 20.96
N ASN F 497 -55.69 22.41 20.02
CA ASN F 497 -56.20 23.04 18.79
C ASN F 497 -56.37 22.05 17.63
N ASP F 498 -55.95 20.79 17.81
CA ASP F 498 -55.96 19.77 16.75
C ASP F 498 -57.29 18.99 16.76
N PRO F 499 -58.04 19.02 15.63
CA PRO F 499 -59.28 18.22 15.54
C PRO F 499 -59.08 16.72 15.69
N ALA F 500 -57.95 16.20 15.22
CA ALA F 500 -57.60 14.79 15.42
C ALA F 500 -57.54 14.43 16.91
N PHE F 501 -56.91 15.30 17.71
CA PHE F 501 -56.84 15.06 19.15
C PHE F 501 -58.19 15.24 19.84
N GLN F 502 -58.92 16.29 19.45
CA GLN F 502 -60.26 16.54 20.01
C GLN F 502 -61.18 15.35 19.80
N GLU F 503 -61.13 14.77 18.60
CA GLU F 503 -61.85 13.53 18.27
C GLU F 503 -61.49 12.43 19.29
N LEU F 504 -60.19 12.21 19.48
CA LEU F 504 -59.69 11.20 20.41
C LEU F 504 -60.14 11.47 21.85
N LEU F 505 -60.04 12.72 22.28
CA LEU F 505 -60.45 13.12 23.62
C LEU F 505 -61.91 12.76 23.90
N ILE F 506 -62.80 13.00 22.94
CA ILE F 506 -64.23 12.72 23.12
C ILE F 506 -64.48 11.22 23.29
N ARG F 507 -63.87 10.40 22.44
CA ARG F 507 -64.03 8.94 22.54
C ARG F 507 -63.49 8.40 23.86
N TRP F 508 -62.38 8.96 24.32
CA TRP F 508 -61.74 8.55 25.56
C TRP F 508 -62.56 9.03 26.78
N PHE F 509 -63.05 10.27 26.73
CA PHE F 509 -63.93 10.80 27.79
C PHE F 509 -65.20 9.94 27.93
N GLN F 510 -65.82 9.63 26.80
CA GLN F 510 -67.03 8.79 26.77
C GLN F 510 -66.78 7.42 27.38
N TRP F 511 -65.61 6.85 27.09
CA TRP F 511 -65.17 5.61 27.74
C TRP F 511 -64.92 5.82 29.24
N GLY F 512 -64.26 6.93 29.56
CA GLY F 512 -63.98 7.32 30.95
C GLY F 512 -65.18 7.41 31.88
N VAL F 513 -66.35 7.74 31.32
CA VAL F 513 -67.60 7.75 32.10
C VAL F 513 -67.87 6.36 32.69
N PHE F 514 -67.56 5.30 31.93
CA PHE F 514 -67.75 3.91 32.35
C PHE F 514 -66.41 3.21 32.72
N CYS F 515 -65.49 3.97 33.30
CA CYS F 515 -64.31 3.42 33.96
C CYS F 515 -64.53 3.57 35.47
N PRO F 516 -63.82 2.77 36.29
CA PRO F 516 -64.02 2.82 37.75
C PRO F 516 -63.92 4.22 38.35
N VAL F 517 -62.99 5.02 37.83
CA VAL F 517 -62.87 6.44 38.15
C VAL F 517 -62.80 7.25 36.85
N THR F 518 -63.53 8.37 36.81
CA THR F 518 -63.57 9.27 35.66
C THR F 518 -62.67 10.48 35.96
N ARG F 519 -61.52 10.51 35.28
CA ARG F 519 -60.45 11.46 35.60
C ARG F 519 -59.86 12.05 34.32
N LEU F 520 -59.88 13.38 34.24
CA LEU F 520 -59.29 14.10 33.13
C LEU F 520 -57.90 14.58 33.57
N HIS F 521 -56.88 14.19 32.80
CA HIS F 521 -55.51 14.62 33.00
C HIS F 521 -54.75 14.56 31.69
N GLY F 522 -53.68 15.35 31.60
CA GLY F 522 -52.72 15.18 30.52
C GLY F 522 -51.66 16.26 30.50
N PHE F 523 -50.69 16.06 29.62
CA PHE F 523 -49.67 17.05 29.31
C PHE F 523 -49.98 17.54 27.90
N ARG F 524 -50.82 18.57 27.82
CA ARG F 524 -51.33 19.06 26.55
C ARG F 524 -50.37 20.03 25.86
N GLN F 525 -50.33 19.96 24.54
CA GLN F 525 -49.60 20.91 23.72
C GLN F 525 -50.56 22.05 23.32
N PRO F 526 -50.04 23.25 23.02
CA PRO F 526 -48.61 23.58 23.04
C PRO F 526 -48.11 23.86 24.46
N MET F 527 -47.04 23.17 24.85
CA MET F 527 -46.45 23.33 26.18
C MET F 527 -45.75 24.68 26.32
N GLU F 528 -45.59 25.11 27.56
CA GLU F 528 -44.92 26.37 27.89
C GLU F 528 -43.70 26.10 28.77
N GLU F 529 -42.54 26.56 28.32
CA GLU F 529 -41.32 26.55 29.14
C GLU F 529 -41.50 27.53 30.31
N PRO F 530 -40.87 27.24 31.47
CA PRO F 530 -41.01 28.18 32.59
C PRO F 530 -40.29 29.49 32.31
N ALA F 531 -40.78 30.58 32.89
CA ALA F 531 -40.21 31.91 32.69
C ALA F 531 -38.70 31.89 32.96
N GLU F 532 -38.33 31.40 34.14
CA GLU F 532 -36.93 31.19 34.53
C GLU F 532 -36.61 29.69 34.53
N THR F 533 -35.52 29.31 33.85
CA THR F 533 -35.08 27.91 33.79
C THR F 533 -34.63 27.38 35.16
N TYR F 534 -34.00 28.25 35.96
CA TYR F 534 -33.52 27.91 37.30
C TYR F 534 -33.96 28.94 38.32
N ARG F 535 -34.16 28.49 39.56
CA ARG F 535 -34.39 29.36 40.71
C ARG F 535 -33.67 28.76 41.92
N ASP F 536 -32.75 29.53 42.51
CA ASP F 536 -31.87 29.05 43.59
C ASP F 536 -31.06 27.79 43.16
N GLY F 537 -30.72 27.69 41.88
CA GLY F 537 -30.10 26.50 41.31
C GLY F 537 -30.96 25.26 41.11
N ILE F 538 -32.26 25.35 41.41
CA ILE F 538 -33.21 24.25 41.24
C ILE F 538 -33.83 24.44 39.86
N ALA F 539 -33.71 23.44 39.00
CA ALA F 539 -34.34 23.47 37.68
C ALA F 539 -35.87 23.53 37.84
N GLN F 540 -36.52 24.46 37.13
CA GLN F 540 -37.96 24.69 37.25
C GLN F 540 -38.74 23.87 36.22
N CYS F 541 -39.93 23.43 36.62
CA CYS F 541 -40.76 22.55 35.81
C CYS F 541 -41.73 23.31 34.90
N MET F 542 -41.73 22.92 33.61
CA MET F 542 -42.70 23.46 32.63
C MET F 542 -44.17 23.13 32.96
N THR F 543 -45.07 23.64 32.10
CA THR F 543 -46.48 23.25 32.09
C THR F 543 -46.95 22.98 30.66
N GLY F 544 -47.95 22.12 30.54
CA GLY F 544 -48.73 21.97 29.32
C GLY F 544 -49.79 23.06 29.21
N ALA F 545 -50.55 23.00 28.12
CA ALA F 545 -51.66 23.93 27.87
C ALA F 545 -52.88 23.58 28.73
N ALA F 546 -53.98 24.32 28.56
CA ALA F 546 -55.22 24.08 29.31
C ALA F 546 -55.79 22.68 29.06
N ASN F 547 -56.48 22.14 30.05
CA ASN F 547 -57.09 20.81 29.94
C ASN F 547 -58.38 20.74 30.78
N GLU F 548 -59.26 21.71 30.55
CA GLU F 548 -60.59 21.75 31.16
C GLU F 548 -61.60 21.42 30.05
N ILE F 549 -62.81 21.05 30.43
CA ILE F 549 -63.80 20.57 29.43
C ILE F 549 -64.29 21.65 28.46
N TRP F 550 -64.15 22.91 28.87
CA TRP F 550 -64.41 24.08 27.99
C TRP F 550 -63.25 24.50 27.08
N SER F 551 -62.09 23.85 27.20
CA SER F 551 -60.86 24.29 26.50
C SER F 551 -60.76 23.84 25.04
N TYR F 552 -61.70 23.01 24.58
CA TYR F 552 -61.61 22.36 23.26
C TYR F 552 -62.74 22.80 22.30
N GLY F 553 -63.29 24.00 22.51
CA GLY F 553 -64.37 24.54 21.67
C GLY F 553 -65.74 24.23 22.24
N GLU F 554 -66.75 24.95 21.75
CA GLU F 554 -68.12 24.85 22.32
C GLU F 554 -68.83 23.53 22.01
N ASP F 555 -68.67 23.01 20.79
CA ASP F 555 -69.28 21.73 20.41
C ASP F 555 -68.74 20.57 21.24
N ASN F 556 -67.42 20.55 21.46
CA ASN F 556 -66.79 19.57 22.35
C ASN F 556 -67.17 19.80 23.83
N TYR F 557 -67.28 21.07 24.24
CA TYR F 557 -67.74 21.42 25.59
C TYR F 557 -69.11 20.80 25.91
N ALA F 558 -70.04 20.87 24.97
CA ALA F 558 -71.38 20.29 25.16
C ALA F 558 -71.34 18.77 25.36
N ILE F 559 -70.52 18.06 24.60
CA ILE F 559 -70.40 16.60 24.74
C ILE F 559 -69.81 16.21 26.10
N MET F 560 -68.73 16.87 26.50
CA MET F 560 -68.07 16.59 27.79
C MET F 560 -68.94 17.02 28.97
N LYS F 561 -69.73 18.08 28.78
CA LYS F 561 -70.73 18.51 29.78
C LYS F 561 -71.74 17.37 30.05
N SER F 562 -72.30 16.80 28.98
CA SER F 562 -73.25 15.68 29.12
C SER F 562 -72.61 14.42 29.69
N CYS F 563 -71.32 14.21 29.42
CA CYS F 563 -70.55 13.11 30.03
C CYS F 563 -70.46 13.26 31.55
N LEU F 564 -70.15 14.47 32.02
CA LEU F 564 -70.10 14.75 33.46
C LEU F 564 -71.45 14.51 34.12
N GLU F 565 -72.51 14.97 33.47
CA GLU F 565 -73.89 14.81 34.00
C GLU F 565 -74.30 13.34 34.06
N LEU F 566 -74.01 12.59 32.99
CA LEU F 566 -74.23 11.14 32.97
C LEU F 566 -73.48 10.42 34.09
N ARG F 567 -72.22 10.81 34.30
CA ARG F 567 -71.40 10.23 35.36
C ARG F 567 -72.02 10.48 36.74
N GLU F 568 -72.53 11.69 36.98
CA GLU F 568 -73.23 12.01 38.23
C GLU F 568 -74.44 11.11 38.48
N ARG F 569 -75.22 10.85 37.42
CA ARG F 569 -76.36 9.94 37.51
C ARG F 569 -75.96 8.47 37.74
N LEU F 570 -74.75 8.10 37.30
CA LEU F 570 -74.19 6.76 37.55
C LEU F 570 -73.65 6.54 38.96
N ARG F 571 -73.41 7.61 39.73
CA ARG F 571 -72.70 7.49 41.00
C ARG F 571 -73.33 6.49 41.99
N PRO F 572 -74.67 6.52 42.16
CA PRO F 572 -75.31 5.49 42.99
C PRO F 572 -74.95 4.06 42.57
N TYR F 573 -75.00 3.80 41.26
CA TYR F 573 -74.63 2.49 40.70
C TYR F 573 -73.13 2.17 40.91
N VAL F 574 -72.28 3.15 40.65
CA VAL F 574 -70.83 2.98 40.84
C VAL F 574 -70.53 2.59 42.29
N MET F 575 -71.11 3.31 43.25
CA MET F 575 -70.93 2.99 44.68
C MET F 575 -71.38 1.57 45.06
N ARG F 576 -72.45 1.08 44.42
CA ARG F 576 -72.91 -0.30 44.64
C ARG F 576 -71.91 -1.32 44.08
N VAL F 577 -71.40 -1.05 42.88
CA VAL F 577 -70.40 -1.91 42.24
C VAL F 577 -69.08 -1.90 43.03
N MET F 578 -68.71 -0.73 43.56
CA MET F 578 -67.55 -0.58 44.45
C MET F 578 -67.69 -1.37 45.75
N LYS F 579 -68.90 -1.39 46.31
CA LYS F 579 -69.19 -2.19 47.51
C LYS F 579 -69.08 -3.68 47.22
N ALA F 580 -69.58 -4.09 46.05
CA ALA F 580 -69.44 -5.48 45.57
C ALA F 580 -67.97 -5.87 45.38
N ALA F 581 -67.15 -4.95 44.88
CA ALA F 581 -65.70 -5.18 44.77
C ALA F 581 -65.08 -5.42 46.14
N HIS F 582 -65.47 -4.59 47.11
CA HIS F 582 -65.05 -4.74 48.50
C HIS F 582 -65.49 -6.09 49.10
N ASP F 583 -66.75 -6.46 48.90
CA ASP F 583 -67.33 -7.67 49.50
C ASP F 583 -66.93 -8.98 48.81
N THR F 584 -66.85 -8.98 47.49
CA THR F 584 -66.70 -10.23 46.70
C THR F 584 -65.42 -10.32 45.84
N GLY F 585 -64.60 -9.27 45.80
CA GLY F 585 -63.40 -9.26 44.95
C GLY F 585 -63.62 -9.07 43.44
N ALA F 586 -64.86 -8.81 43.03
CA ALA F 586 -65.18 -8.65 41.61
C ALA F 586 -64.63 -7.32 41.10
N PRO F 587 -64.09 -7.29 39.87
CA PRO F 587 -63.69 -6.00 39.33
C PRO F 587 -64.90 -5.11 38.99
N VAL F 588 -64.63 -3.82 38.81
CA VAL F 588 -65.66 -2.84 38.45
C VAL F 588 -65.89 -2.89 36.94
N MET F 589 -64.81 -2.71 36.17
CA MET F 589 -64.83 -2.98 34.73
C MET F 589 -64.36 -4.41 34.52
N ARG F 590 -65.22 -5.26 33.95
CA ARG F 590 -64.95 -6.70 33.82
C ARG F 590 -65.08 -7.14 32.36
N PRO F 591 -64.28 -8.14 31.94
CA PRO F 591 -64.57 -8.78 30.65
C PRO F 591 -65.95 -9.39 30.63
N LEU F 592 -66.50 -9.55 29.43
CA LEU F 592 -67.83 -10.14 29.24
C LEU F 592 -67.96 -11.51 29.91
N PHE F 593 -66.90 -12.32 29.84
CA PHE F 593 -66.89 -13.66 30.45
C PHE F 593 -67.03 -13.68 31.97
N PHE F 594 -66.73 -12.57 32.64
CA PHE F 594 -66.94 -12.48 34.09
C PHE F 594 -68.43 -12.60 34.46
N ASP F 595 -69.29 -11.97 33.66
CA ASP F 595 -70.75 -11.99 33.86
C ASP F 595 -71.46 -13.06 33.04
N PHE F 596 -70.89 -13.43 31.89
CA PHE F 596 -71.48 -14.42 30.98
C PHE F 596 -70.48 -15.53 30.62
N PRO F 597 -70.01 -16.30 31.63
CA PRO F 597 -68.97 -17.32 31.42
C PRO F 597 -69.39 -18.54 30.58
N ASP F 598 -70.69 -18.81 30.47
CA ASP F 598 -71.21 -19.95 29.70
C ASP F 598 -71.33 -19.69 28.20
N GLN F 599 -71.21 -18.44 27.77
CA GLN F 599 -71.40 -18.06 26.36
C GLN F 599 -70.05 -17.89 25.66
N ALA F 600 -69.89 -18.54 24.51
CA ALA F 600 -68.60 -18.59 23.80
C ALA F 600 -68.09 -17.22 23.40
N GLU F 601 -68.98 -16.36 22.91
CA GLU F 601 -68.59 -15.02 22.43
C GLU F 601 -67.98 -14.14 23.53
N ALA F 602 -68.41 -14.35 24.77
CA ALA F 602 -67.87 -13.63 25.93
C ALA F 602 -66.35 -13.83 26.13
N TRP F 603 -65.86 -15.02 25.81
CA TRP F 603 -64.41 -15.33 25.86
C TRP F 603 -63.62 -14.90 24.61
N GLN F 604 -64.31 -14.47 23.55
CA GLN F 604 -63.68 -14.04 22.29
C GLN F 604 -63.59 -12.52 22.15
N ILE F 605 -64.61 -11.80 22.64
CA ILE F 605 -64.73 -10.35 22.41
C ILE F 605 -63.83 -9.56 23.36
N GLU F 606 -63.03 -8.67 22.79
CA GLU F 606 -62.09 -7.84 23.56
C GLU F 606 -62.28 -6.32 23.39
N ASP F 607 -63.30 -5.91 22.63
CA ASP F 607 -63.63 -4.48 22.48
C ASP F 607 -65.01 -4.11 23.05
N GLN F 608 -65.52 -4.98 23.93
CA GLN F 608 -66.68 -4.68 24.78
C GLN F 608 -66.35 -5.15 26.19
N TYR F 609 -67.05 -4.60 27.17
CA TYR F 609 -66.88 -5.02 28.56
C TYR F 609 -68.14 -4.71 29.38
N MET F 610 -68.18 -5.23 30.60
CA MET F 610 -69.26 -4.99 31.53
C MET F 610 -68.80 -4.01 32.59
N PHE F 611 -69.48 -2.87 32.69
CA PHE F 611 -69.27 -1.92 33.78
C PHE F 611 -70.26 -2.27 34.88
N GLY F 612 -69.79 -3.07 35.83
CA GLY F 612 -70.67 -3.72 36.80
C GLY F 612 -71.54 -4.74 36.10
N PRO F 613 -72.47 -5.37 36.84
CA PRO F 613 -73.27 -6.44 36.23
C PRO F 613 -74.34 -5.97 35.21
N ASP F 614 -74.68 -4.68 35.20
CA ASP F 614 -75.87 -4.19 34.49
C ASP F 614 -75.64 -3.27 33.29
N ILE F 615 -74.39 -2.90 33.00
CA ILE F 615 -74.10 -2.00 31.87
C ILE F 615 -73.09 -2.65 30.90
N LEU F 616 -73.51 -2.84 29.66
CA LEU F 616 -72.67 -3.35 28.58
C LEU F 616 -72.13 -2.14 27.83
N VAL F 617 -70.80 -2.02 27.76
CA VAL F 617 -70.14 -0.89 27.11
C VAL F 617 -69.35 -1.40 25.90
N ALA F 618 -69.47 -0.66 24.79
CA ALA F 618 -68.81 -1.01 23.53
C ALA F 618 -68.12 0.24 22.98
N PRO F 619 -66.93 0.59 23.51
CA PRO F 619 -66.27 1.84 23.11
C PRO F 619 -65.91 1.93 21.64
N VAL F 620 -65.80 3.16 21.15
CA VAL F 620 -65.29 3.43 19.81
C VAL F 620 -63.79 3.66 19.94
N LEU F 621 -63.02 2.79 19.27
CA LEU F 621 -61.56 2.75 19.40
C LEU F 621 -60.81 3.12 18.11
N GLU F 622 -61.49 3.82 17.18
CA GLU F 622 -60.87 4.29 15.92
C GLU F 622 -61.35 5.69 15.55
N ALA F 623 -60.45 6.49 14.98
CA ALA F 623 -60.80 7.81 14.45
C ALA F 623 -61.75 7.67 13.25
N GLY F 624 -62.72 8.58 13.15
CA GLY F 624 -63.65 8.61 12.02
C GLY F 624 -64.82 7.62 12.09
N GLN F 625 -64.80 6.68 13.03
CA GLN F 625 -65.82 5.64 13.12
C GLN F 625 -67.10 6.24 13.67
N ARG F 626 -68.21 6.03 12.95
CA ARG F 626 -69.53 6.53 13.35
C ARG F 626 -70.59 5.45 13.60
N SER F 627 -70.17 4.18 13.55
CA SER F 627 -71.00 3.04 13.95
C SER F 627 -70.10 1.83 14.17
N ARG F 628 -70.60 0.85 14.92
CA ARG F 628 -69.86 -0.40 15.11
C ARG F 628 -70.77 -1.55 15.49
N LYS F 629 -70.29 -2.77 15.32
CA LYS F 629 -71.04 -3.95 15.71
C LYS F 629 -70.92 -4.17 17.22
N VAL F 630 -72.01 -4.63 17.83
CA VAL F 630 -72.07 -4.88 19.27
C VAL F 630 -72.84 -6.18 19.51
N TRP F 631 -72.16 -7.13 20.15
CA TRP F 631 -72.79 -8.37 20.57
C TRP F 631 -73.51 -8.14 21.90
N LEU F 632 -74.80 -8.46 21.93
CA LEU F 632 -75.58 -8.45 23.17
C LEU F 632 -75.65 -9.88 23.69
N PRO F 633 -75.21 -10.12 24.94
CA PRO F 633 -75.26 -11.49 25.50
C PRO F 633 -76.68 -12.05 25.74
N GLU F 634 -76.82 -13.38 25.67
CA GLU F 634 -78.07 -14.06 26.04
C GLU F 634 -78.35 -14.00 27.54
N GLY F 635 -79.60 -14.29 27.90
CA GLY F 635 -80.04 -14.35 29.29
C GLY F 635 -80.98 -13.22 29.70
N CYS F 636 -80.89 -12.09 29.01
CA CYS F 636 -81.72 -10.92 29.34
C CYS F 636 -81.90 -10.00 28.13
N ALA F 637 -82.81 -9.05 28.26
CA ALA F 637 -83.01 -8.01 27.26
C ALA F 637 -82.16 -6.78 27.61
N TRP F 638 -81.88 -5.96 26.61
CA TRP F 638 -80.96 -4.83 26.74
C TRP F 638 -81.58 -3.51 26.26
N ILE F 639 -81.53 -2.50 27.13
CA ILE F 639 -82.06 -1.16 26.83
C ILE F 639 -80.93 -0.24 26.36
N ASP F 640 -81.05 0.26 25.13
CA ASP F 640 -80.09 1.21 24.57
C ASP F 640 -80.13 2.51 25.39
N LEU F 641 -79.00 2.87 25.98
CA LEU F 641 -78.90 4.07 26.83
C LEU F 641 -79.20 5.38 26.09
N ASN F 642 -78.87 5.45 24.80
CA ASN F 642 -79.01 6.69 24.02
C ASN F 642 -80.39 6.91 23.37
N THR F 643 -81.03 5.82 22.92
CA THR F 643 -82.37 5.89 22.30
C THR F 643 -83.51 5.34 23.16
N GLY F 644 -83.21 4.43 24.09
CA GLY F 644 -84.23 3.73 24.87
C GLY F 644 -84.80 2.48 24.19
N ALA F 645 -84.27 2.12 23.02
CA ALA F 645 -84.73 0.94 22.28
C ALA F 645 -84.42 -0.36 23.02
N ARG F 646 -85.34 -1.32 22.89
CA ARG F 646 -85.22 -2.64 23.51
C ARG F 646 -84.64 -3.60 22.48
N GLN F 647 -83.66 -4.40 22.91
CA GLN F 647 -83.02 -5.41 22.07
C GLN F 647 -82.97 -6.71 22.85
N ASN F 648 -83.39 -7.80 22.23
CA ASN F 648 -83.29 -9.13 22.85
C ASN F 648 -81.84 -9.57 22.89
N GLY F 649 -81.47 -10.32 23.93
CA GLY F 649 -80.14 -10.89 24.06
C GLY F 649 -79.87 -11.96 23.00
N GLY F 650 -78.60 -12.25 22.78
CA GLY F 650 -78.17 -13.33 21.90
C GLY F 650 -78.16 -12.96 20.43
N GLN F 651 -77.65 -11.78 20.11
CA GLN F 651 -77.55 -11.31 18.73
C GLN F 651 -76.44 -10.28 18.56
N TRP F 652 -76.06 -10.03 17.31
CA TRP F 652 -75.17 -8.94 16.94
C TRP F 652 -76.02 -7.79 16.41
N CYS F 653 -75.78 -6.59 16.93
CA CYS F 653 -76.46 -5.37 16.48
C CYS F 653 -75.48 -4.43 15.81
N ASP F 654 -75.92 -3.77 14.74
CA ASP F 654 -75.16 -2.72 14.07
C ASP F 654 -75.62 -1.37 14.68
N CYS F 655 -74.83 -0.84 15.61
CA CYS F 655 -75.23 0.30 16.44
C CYS F 655 -74.71 1.63 15.93
N ASP F 656 -75.57 2.64 15.97
CA ASP F 656 -75.22 4.02 15.65
C ASP F 656 -74.23 4.50 16.73
N ALA F 657 -73.15 5.16 16.30
CA ALA F 657 -72.14 5.68 17.23
C ALA F 657 -71.62 7.03 16.74
N PRO F 658 -72.47 8.06 16.78
CA PRO F 658 -72.02 9.39 16.35
C PRO F 658 -71.03 9.97 17.37
N LEU F 659 -70.41 11.09 17.02
CA LEU F 659 -69.42 11.72 17.92
C LEU F 659 -69.95 11.96 19.34
N GLU F 660 -71.26 12.18 19.47
CA GLU F 660 -71.88 12.53 20.73
C GLU F 660 -72.14 11.33 21.65
N ALA F 661 -72.00 10.10 21.14
CA ALA F 661 -72.29 8.92 21.96
C ALA F 661 -71.59 7.63 21.49
N ILE F 662 -71.20 6.79 22.46
CA ILE F 662 -70.75 5.42 22.18
C ILE F 662 -71.87 4.44 22.54
N PRO F 663 -71.90 3.26 21.89
CA PRO F 663 -72.94 2.30 22.24
C PRO F 663 -72.84 1.78 23.67
N VAL F 664 -73.91 1.99 24.44
CA VAL F 664 -74.03 1.48 25.79
C VAL F 664 -75.44 0.92 25.99
N PHE F 665 -75.53 -0.23 26.63
CA PHE F 665 -76.79 -0.94 26.86
C PHE F 665 -76.95 -1.28 28.34
N ILE F 666 -78.18 -1.11 28.84
CA ILE F 666 -78.51 -1.39 30.24
C ILE F 666 -79.31 -2.70 30.31
N ARG F 667 -78.98 -3.54 31.28
CA ARG F 667 -79.75 -4.76 31.56
C ARG F 667 -81.19 -4.37 31.92
N GLU F 668 -82.16 -5.03 31.27
CA GLU F 668 -83.58 -4.69 31.42
C GLU F 668 -84.01 -4.67 32.89
N ALA F 669 -84.60 -3.54 33.30
CA ALA F 669 -85.21 -3.36 34.62
C ALA F 669 -84.23 -3.45 35.80
N ALA F 670 -82.94 -3.29 35.56
CA ALA F 670 -81.96 -3.18 36.64
C ALA F 670 -82.10 -1.78 37.24
N ALA F 671 -81.83 -1.67 38.54
CA ALA F 671 -82.01 -0.41 39.28
C ALA F 671 -81.43 0.84 38.60
N VAL F 672 -80.30 0.66 37.90
CA VAL F 672 -79.61 1.75 37.21
C VAL F 672 -80.39 2.36 36.03
N GLN F 673 -81.28 1.59 35.40
CA GLN F 673 -82.10 2.12 34.29
C GLN F 673 -83.01 3.28 34.73
N ALA F 674 -83.64 3.13 35.90
CA ALA F 674 -84.45 4.20 36.50
C ALA F 674 -83.59 5.41 36.89
N GLU F 675 -82.40 5.14 37.42
CA GLU F 675 -81.46 6.19 37.83
C GLU F 675 -80.92 7.05 36.67
N LEU F 676 -80.86 6.49 35.45
CA LEU F 676 -80.32 7.21 34.27
C LEU F 676 -81.39 7.96 33.47
N SER G 2 4.30 -31.58 25.96
CA SER G 2 5.27 -30.47 26.01
C SER G 2 5.99 -30.39 24.68
N GLU G 3 5.98 -29.21 24.07
CA GLU G 3 6.59 -29.02 22.76
C GLU G 3 7.27 -27.66 22.66
N PHE G 4 8.55 -27.64 22.27
CA PHE G 4 9.24 -26.41 21.90
C PHE G 4 9.14 -26.16 20.40
N ILE G 5 8.86 -24.91 20.03
CA ILE G 5 8.97 -24.45 18.64
C ILE G 5 10.02 -23.35 18.67
N LEU G 6 11.22 -23.67 18.17
CA LEU G 6 12.39 -22.79 18.26
C LEU G 6 12.82 -22.27 16.89
N THR G 7 13.14 -20.98 16.82
CA THR G 7 13.79 -20.39 15.66
C THR G 7 15.06 -19.69 16.16
N SER G 8 15.79 -19.03 15.26
CA SER G 8 17.07 -18.41 15.64
C SER G 8 16.92 -17.30 16.70
N ASP G 9 15.77 -16.63 16.74
CA ASP G 9 15.55 -15.50 17.63
C ASP G 9 14.21 -15.52 18.39
N LYS G 10 13.61 -16.71 18.56
CA LYS G 10 12.33 -16.84 19.26
C LYS G 10 12.19 -18.25 19.87
N LEU G 11 11.70 -18.30 21.11
CA LEU G 11 11.45 -19.53 21.83
C LEU G 11 9.97 -19.60 22.17
N VAL G 12 9.28 -20.58 21.59
CA VAL G 12 7.88 -20.85 21.92
C VAL G 12 7.80 -22.22 22.59
N TRP G 13 7.07 -22.30 23.69
CA TRP G 13 6.73 -23.55 24.36
C TRP G 13 5.22 -23.65 24.39
N THR G 14 4.70 -24.87 24.22
CA THR G 14 3.26 -25.06 24.20
C THR G 14 2.79 -26.42 24.73
N TYR G 15 1.64 -26.38 25.39
CA TYR G 15 0.96 -27.55 25.91
C TYR G 15 -0.50 -27.16 26.18
N ASP G 16 -1.44 -27.97 25.66
CA ASP G 16 -2.89 -27.78 25.87
C ASP G 16 -3.41 -26.39 25.55
N GLY G 17 -2.97 -25.84 24.41
CA GLY G 17 -3.36 -24.52 23.97
C GLY G 17 -2.64 -23.36 24.63
N HIS G 18 -1.88 -23.62 25.70
CA HIS G 18 -1.06 -22.62 26.35
C HIS G 18 0.17 -22.39 25.47
N LYS G 19 0.33 -21.17 24.97
CA LYS G 19 1.51 -20.76 24.22
C LYS G 19 2.30 -19.79 25.08
N LEU G 20 3.59 -20.09 25.26
CA LEU G 20 4.54 -19.20 25.92
C LEU G 20 5.55 -18.81 24.86
N GLN G 21 5.75 -17.51 24.67
CA GLN G 21 6.65 -16.97 23.65
C GLN G 21 7.62 -15.98 24.28
N ILE G 22 8.91 -16.24 24.10
CA ILE G 22 9.99 -15.42 24.62
C ILE G 22 10.88 -14.99 23.46
N GLU G 23 11.23 -13.71 23.42
CA GLU G 23 11.97 -13.13 22.31
C GLU G 23 12.75 -11.91 22.77
N PRO G 24 13.81 -11.53 22.02
CA PRO G 24 14.54 -10.30 22.35
C PRO G 24 13.66 -9.08 22.14
N TRP G 25 13.85 -8.05 22.97
CA TRP G 25 13.12 -6.79 22.80
C TRP G 25 13.98 -5.62 23.24
N GLY G 26 15.04 -5.38 22.45
CA GLY G 26 16.09 -4.44 22.80
C GLY G 26 17.27 -5.15 23.43
N GLU G 27 18.40 -4.47 23.52
CA GLU G 27 19.62 -5.05 24.08
C GLU G 27 19.39 -5.48 25.52
N ASN G 28 19.93 -6.65 25.88
CA ASN G 28 19.86 -7.19 27.25
C ASN G 28 18.45 -7.39 27.79
N SER G 29 17.48 -7.58 26.90
CA SER G 29 16.08 -7.55 27.26
C SER G 29 15.27 -8.61 26.52
N LEU G 30 14.24 -9.13 27.20
CA LEU G 30 13.33 -10.10 26.61
C LEU G 30 11.89 -9.69 26.87
N ARG G 31 11.03 -9.98 25.89
CA ARG G 31 9.60 -9.89 26.06
C ARG G 31 9.04 -11.29 26.24
N VAL G 32 8.15 -11.44 27.20
CA VAL G 32 7.52 -12.72 27.52
C VAL G 32 6.01 -12.54 27.39
N ARG G 33 5.40 -13.37 26.56
CA ARG G 33 3.96 -13.38 26.37
C ARG G 33 3.44 -14.79 26.52
N ALA G 34 2.21 -14.90 27.04
CA ALA G 34 1.53 -16.19 27.13
C ALA G 34 0.03 -16.03 26.96
N THR G 35 -0.59 -17.00 26.31
CA THR G 35 -2.03 -16.98 26.05
C THR G 35 -2.56 -18.40 25.91
N VAL G 36 -3.86 -18.59 26.17
CA VAL G 36 -4.57 -19.82 25.80
C VAL G 36 -5.54 -19.60 24.62
N ALA G 37 -5.62 -18.37 24.13
CA ALA G 37 -6.35 -18.06 22.91
C ALA G 37 -5.61 -18.70 21.71
N PRO G 38 -6.26 -18.77 20.53
CA PRO G 38 -5.61 -19.38 19.36
C PRO G 38 -4.22 -18.83 19.04
N GLU G 39 -4.05 -17.51 19.16
CA GLU G 39 -2.76 -16.83 18.92
C GLU G 39 -2.62 -15.63 19.84
N LEU G 40 -1.41 -15.09 19.91
CA LEU G 40 -1.17 -13.79 20.56
C LEU G 40 -1.87 -12.69 19.76
N ASN G 41 -2.37 -11.67 20.44
CA ASN G 41 -3.00 -10.53 19.77
C ASN G 41 -1.92 -9.51 19.36
N GLY G 42 -2.34 -8.40 18.76
CA GLY G 42 -1.42 -7.34 18.33
C GLY G 42 -1.21 -6.17 19.31
N ASN G 43 -1.66 -6.34 20.57
CA ASN G 43 -1.49 -5.29 21.59
C ASN G 43 -0.05 -5.26 22.09
N ASP G 44 0.64 -4.15 21.82
CA ASP G 44 1.97 -3.87 22.37
C ASP G 44 1.96 -2.89 23.55
N TRP G 45 0.81 -2.27 23.81
CA TRP G 45 0.64 -1.35 24.93
C TRP G 45 1.77 -0.30 25.06
N ALA G 46 2.68 -0.45 26.03
CA ALA G 46 3.75 0.54 26.24
C ALA G 46 5.02 0.28 25.44
N LEU G 47 5.14 -0.90 24.84
CA LEU G 47 6.40 -1.29 24.19
C LEU G 47 6.48 -0.72 22.78
N LEU G 48 7.54 0.03 22.53
CA LEU G 48 7.85 0.54 21.20
C LEU G 48 8.49 -0.58 20.38
N PRO G 49 8.54 -0.43 19.04
CA PRO G 49 9.27 -1.42 18.24
C PRO G 49 10.72 -1.57 18.71
N ALA G 50 11.19 -2.81 18.80
CA ALA G 50 12.51 -3.09 19.36
C ALA G 50 13.59 -2.93 18.30
N LYS G 51 14.67 -2.24 18.67
CA LYS G 51 15.89 -2.19 17.87
C LYS G 51 16.41 -3.64 17.79
N PRO G 52 16.61 -4.19 16.56
CA PRO G 52 16.96 -5.62 16.46
C PRO G 52 18.28 -6.00 17.14
N SER G 53 18.28 -7.12 17.86
CA SER G 53 19.47 -7.61 18.55
C SER G 53 20.22 -8.56 17.63
N THR G 54 21.53 -8.36 17.53
CA THR G 54 22.42 -9.27 16.81
C THR G 54 22.81 -10.46 17.69
N LYS G 55 22.96 -10.19 18.99
CA LYS G 55 23.46 -11.16 19.98
C LYS G 55 22.70 -12.49 20.19
N VAL G 56 21.49 -12.63 19.67
CA VAL G 56 20.55 -13.67 20.17
C VAL G 56 20.96 -15.09 19.83
N LYS G 57 20.88 -15.98 20.83
CA LYS G 57 21.15 -17.40 20.66
C LYS G 57 20.04 -18.22 21.32
N VAL G 58 19.38 -19.06 20.52
CA VAL G 58 18.37 -20.00 21.00
C VAL G 58 18.93 -21.43 20.88
N SER G 59 18.80 -22.22 21.94
CA SER G 59 19.39 -23.55 21.99
C SER G 59 18.61 -24.52 22.87
N GLU G 60 19.02 -25.78 22.84
CA GLU G 60 18.45 -26.83 23.68
C GLU G 60 19.55 -27.59 24.42
N PHE G 61 19.17 -28.14 25.57
CA PHE G 61 20.04 -29.03 26.34
C PHE G 61 19.10 -29.88 27.20
N GLU G 62 19.36 -31.19 27.25
CA GLU G 62 18.48 -32.14 27.95
C GLU G 62 17.02 -31.97 27.46
N ASP G 63 16.07 -31.71 28.38
CA ASP G 63 14.66 -31.49 28.03
C ASP G 63 14.25 -30.00 28.12
N SER G 64 15.22 -29.09 28.11
CA SER G 64 15.00 -27.66 28.27
C SER G 64 15.32 -26.89 27.00
N ALA G 65 14.90 -25.62 26.97
CA ALA G 65 15.29 -24.69 25.91
C ALA G 65 15.73 -23.38 26.54
N ARG G 66 16.57 -22.65 25.81
CA ARG G 66 17.23 -21.47 26.34
C ARG G 66 17.27 -20.38 25.28
N ILE G 67 17.01 -19.14 25.69
CA ILE G 67 17.21 -17.98 24.82
C ILE G 67 18.02 -16.94 25.58
N VAL G 68 19.11 -16.49 24.94
CA VAL G 68 20.03 -15.52 25.51
C VAL G 68 20.00 -14.28 24.64
N ASN G 69 19.95 -13.11 25.29
CA ASN G 69 20.09 -11.84 24.59
C ASN G 69 20.97 -10.94 25.44
N GLY G 70 22.27 -11.01 25.17
CA GLY G 70 23.26 -10.24 25.91
C GLY G 70 23.31 -10.68 27.36
N ASN G 71 23.03 -9.74 28.26
CA ASN G 71 23.19 -9.95 29.70
C ASN G 71 22.03 -10.66 30.37
N ILE G 72 21.01 -11.07 29.63
CA ILE G 72 19.91 -11.85 30.18
C ILE G 72 19.71 -13.13 29.38
N SER G 73 19.32 -14.19 30.09
CA SER G 73 18.90 -15.43 29.48
C SER G 73 17.66 -15.95 30.18
N ALA G 74 16.81 -16.63 29.42
CA ALA G 74 15.63 -17.30 29.92
C ALA G 74 15.79 -18.77 29.64
N VAL G 75 15.53 -19.61 30.65
CA VAL G 75 15.55 -21.06 30.53
C VAL G 75 14.13 -21.56 30.78
N VAL G 76 13.60 -22.34 29.85
CA VAL G 76 12.29 -23.00 30.00
C VAL G 76 12.53 -24.51 30.02
N ASN G 77 12.18 -25.16 31.14
CA ASN G 77 12.34 -26.61 31.26
C ASN G 77 11.21 -27.36 30.54
N GLY G 78 11.31 -28.69 30.51
CA GLY G 78 10.34 -29.54 29.82
C GLY G 78 8.92 -29.48 30.35
N ARG G 79 8.76 -29.00 31.58
CA ARG G 79 7.44 -28.74 32.17
C ARG G 79 6.91 -27.31 31.92
N GLY G 80 7.58 -26.53 31.08
CA GLY G 80 7.14 -25.17 30.73
C GLY G 80 7.40 -24.11 31.79
N GLN G 81 8.31 -24.41 32.73
CA GLN G 81 8.60 -23.55 33.86
C GLN G 81 9.84 -22.70 33.54
N LEU G 82 9.78 -21.41 33.88
CA LEU G 82 10.68 -20.38 33.35
C LEU G 82 11.48 -19.70 34.45
N SER G 83 12.77 -19.51 34.18
N SER G 83 12.77 -19.50 34.18
CA SER G 83 13.67 -18.78 35.07
CA SER G 83 13.65 -18.76 35.09
C SER G 83 14.59 -17.90 34.24
C SER G 83 14.63 -17.91 34.27
N PHE G 84 15.03 -16.77 34.83
CA PHE G 84 15.92 -15.82 34.16
C PHE G 84 17.26 -15.69 34.89
N TYR G 85 18.33 -15.52 34.11
CA TYR G 85 19.71 -15.43 34.65
C TYR G 85 20.46 -14.30 33.96
N ASN G 86 21.46 -13.74 34.63
CA ASN G 86 22.34 -12.75 34.00
C ASN G 86 23.56 -13.42 33.33
N GLN G 87 24.45 -12.61 32.75
CA GLN G 87 25.64 -13.10 32.04
C GLN G 87 26.64 -13.85 32.92
N ASN G 88 26.55 -13.67 34.23
CA ASN G 88 27.35 -14.43 35.19
C ASN G 88 26.68 -15.74 35.62
N GLY G 89 25.49 -16.03 35.10
CA GLY G 89 24.71 -17.19 35.50
C GLY G 89 23.94 -17.08 36.81
N LYS G 90 23.97 -15.93 37.47
CA LYS G 90 23.23 -15.73 38.74
C LYS G 90 21.74 -15.63 38.46
N LEU G 91 20.93 -16.21 39.36
CA LEU G 91 19.47 -16.19 39.23
C LEU G 91 18.94 -14.77 39.45
N LEU G 92 18.15 -14.28 38.49
CA LEU G 92 17.48 -12.98 38.61
C LEU G 92 16.04 -13.16 39.13
N LEU G 93 15.30 -14.03 38.46
CA LEU G 93 13.87 -14.21 38.71
C LEU G 93 13.45 -15.61 38.31
N GLU G 94 12.62 -16.19 39.17
CA GLU G 94 12.21 -17.58 39.06
C GLU G 94 10.68 -17.64 39.17
N GLU G 95 10.04 -18.38 38.26
CA GLU G 95 8.60 -18.63 38.36
C GLU G 95 8.25 -19.42 39.62
N TYR G 96 7.04 -19.20 40.10
CA TYR G 96 6.51 -19.87 41.27
C TYR G 96 5.49 -20.91 40.80
N TRP G 97 5.84 -22.17 41.01
CA TRP G 97 4.96 -23.31 40.73
C TRP G 97 4.81 -24.11 42.02
N ARG G 98 3.58 -24.56 42.28
CA ARG G 98 3.28 -25.42 43.43
C ARG G 98 2.22 -26.44 43.00
N THR G 99 2.68 -27.49 42.32
CA THR G 99 1.81 -28.53 41.75
C THR G 99 2.45 -29.91 41.89
N ARG G 100 1.65 -30.94 41.75
CA ARG G 100 2.14 -32.33 41.65
C ARG G 100 2.10 -32.83 40.21
N PHE G 101 1.52 -32.05 39.30
CA PHE G 101 1.30 -32.48 37.95
C PHE G 101 1.18 -31.23 37.09
N VAL G 102 2.06 -31.13 36.10
CA VAL G 102 2.18 -29.93 35.28
C VAL G 102 2.65 -30.32 33.89
N ALA G 103 2.04 -29.72 32.87
CA ALA G 103 2.35 -29.98 31.47
C ALA G 103 2.32 -31.47 31.11
N GLY G 104 1.31 -32.16 31.64
CA GLY G 104 1.11 -33.59 31.38
C GLY G 104 2.12 -34.51 32.04
N GLN G 105 2.85 -34.01 33.04
CA GLN G 105 3.96 -34.74 33.65
C GLN G 105 3.89 -34.60 35.17
N GLY G 106 4.35 -35.63 35.88
CA GLY G 106 4.51 -35.55 37.32
C GLY G 106 5.57 -34.52 37.65
N GLU G 107 5.36 -33.73 38.70
CA GLU G 107 6.35 -32.77 39.16
C GLU G 107 7.46 -33.52 39.88
N ASP G 108 8.66 -32.94 39.88
CA ASP G 108 9.82 -33.47 40.57
C ASP G 108 9.69 -33.31 42.08
N THR G 109 9.58 -34.43 42.81
CA THR G 109 9.46 -34.41 44.27
C THR G 109 10.66 -33.82 45.04
N SER G 110 11.85 -33.74 44.41
CA SER G 110 13.01 -33.11 45.06
C SER G 110 13.00 -31.57 45.02
N SER G 111 12.07 -30.98 44.27
CA SER G 111 11.96 -29.52 44.09
C SER G 111 10.92 -28.91 45.02
N LYS G 112 11.15 -27.65 45.41
CA LYS G 112 10.12 -26.83 46.09
C LYS G 112 8.87 -26.56 45.23
N TYR G 113 8.96 -26.82 43.93
CA TYR G 113 7.80 -26.81 43.05
C TYR G 113 6.77 -27.91 43.33
N PHE G 114 7.17 -28.99 44.01
CA PHE G 114 6.25 -30.10 44.28
C PHE G 114 5.33 -29.80 45.46
N SER G 115 4.03 -29.73 45.19
CA SER G 115 3.03 -29.39 46.20
C SER G 115 1.61 -29.77 45.76
N PRO G 116 0.80 -30.31 46.70
CA PRO G 116 -0.63 -30.52 46.39
C PRO G 116 -1.47 -29.23 46.21
N LEU G 117 -0.91 -28.07 46.59
CA LEU G 117 -1.67 -26.80 46.57
C LEU G 117 -2.24 -26.46 45.20
N THR G 118 -1.47 -26.72 44.14
CA THR G 118 -1.90 -26.50 42.75
C THR G 118 -2.04 -25.01 42.40
N HIS G 119 -0.92 -24.29 42.50
CA HIS G 119 -0.80 -22.93 41.99
C HIS G 119 0.12 -22.94 40.77
N GLU G 120 -0.33 -22.32 39.68
CA GLU G 120 0.46 -22.17 38.46
C GLU G 120 1.15 -20.80 38.43
N ALA G 121 2.31 -20.73 37.78
CA ALA G 121 3.04 -19.47 37.63
C ALA G 121 2.37 -18.55 36.63
N ARG G 122 1.75 -19.13 35.60
CA ARG G 122 1.03 -18.37 34.58
C ARG G 122 -0.43 -18.85 34.58
N GLU G 123 -1.23 -18.27 35.46
CA GLU G 123 -2.62 -18.65 35.62
C GLU G 123 -3.50 -17.77 34.75
N LEU G 124 -4.05 -18.36 33.69
CA LEU G 124 -5.03 -17.70 32.84
C LEU G 124 -6.39 -18.33 33.15
N LYS G 125 -7.05 -17.80 34.17
CA LYS G 125 -8.29 -18.37 34.66
C LYS G 125 -9.44 -17.80 33.81
N PRO G 126 -10.18 -18.68 33.12
CA PRO G 126 -11.22 -18.15 32.23
C PRO G 126 -12.40 -17.52 32.98
N ILE G 127 -12.86 -16.37 32.49
CA ILE G 127 -14.05 -15.70 33.02
C ILE G 127 -15.20 -16.24 32.19
N GLN G 128 -16.25 -16.70 32.87
CA GLN G 128 -17.41 -17.29 32.18
C GLN G 128 -18.01 -16.26 31.21
N GLY G 129 -18.16 -16.67 29.95
CA GLY G 129 -18.67 -15.80 28.89
C GLY G 129 -17.71 -14.74 28.37
N GLY G 130 -16.51 -14.65 28.95
CA GLY G 130 -15.61 -13.52 28.70
C GLY G 130 -14.18 -13.94 28.45
N LYS G 131 -13.25 -13.14 28.96
CA LYS G 131 -11.83 -13.29 28.68
C LYS G 131 -11.16 -14.02 29.85
N PHE G 132 -10.03 -13.52 30.36
CA PHE G 132 -9.27 -14.21 31.42
C PHE G 132 -8.90 -13.29 32.58
N GLU G 133 -8.88 -13.90 33.76
CA GLU G 133 -8.34 -13.30 34.96
C GLU G 133 -6.92 -13.88 35.06
N LEU G 134 -5.92 -13.00 35.15
CA LEU G 134 -4.52 -13.41 35.04
C LEU G 134 -3.79 -13.24 36.36
N ARG G 135 -3.10 -14.29 36.80
CA ARG G 135 -2.11 -14.19 37.88
C ARG G 135 -0.77 -14.73 37.42
N ALA G 136 0.26 -13.89 37.51
CA ALA G 136 1.63 -14.27 37.18
C ALA G 136 2.41 -14.28 38.49
N ARG G 137 2.87 -15.48 38.89
CA ARG G 137 3.51 -15.68 40.19
C ARG G 137 5.00 -15.96 40.04
N PHE G 138 5.80 -15.31 40.89
CA PHE G 138 7.24 -15.50 40.94
C PHE G 138 7.68 -15.72 42.38
N GLU G 139 8.77 -16.46 42.54
CA GLU G 139 9.33 -16.73 43.87
C GLU G 139 9.84 -15.43 44.45
N SER G 140 9.56 -15.20 45.73
CA SER G 140 10.20 -14.12 46.46
C SER G 140 11.65 -14.51 46.73
N GLN G 141 12.50 -13.53 46.97
CA GLN G 141 13.86 -13.77 47.42
C GLN G 141 14.07 -12.98 48.69
N PRO G 142 14.72 -13.58 49.70
CA PRO G 142 14.83 -12.91 51.00
C PRO G 142 15.70 -11.63 50.98
N ASP G 143 16.62 -11.52 50.02
CA ASP G 143 17.52 -10.36 49.87
C ASP G 143 17.09 -9.35 48.80
N GLU G 144 15.90 -9.51 48.21
CA GLU G 144 15.46 -8.66 47.10
C GLU G 144 14.82 -7.36 47.60
N ARG G 145 15.33 -6.24 47.10
CA ARG G 145 14.79 -4.90 47.34
C ARG G 145 14.24 -4.39 46.01
N ILE G 146 13.02 -3.83 46.03
CA ILE G 146 12.25 -3.50 44.83
C ILE G 146 11.82 -2.02 44.83
N TYR G 147 11.98 -1.38 43.67
CA TYR G 147 11.74 0.04 43.52
C TYR G 147 10.93 0.29 42.26
N GLY G 148 10.37 1.49 42.16
CA GLY G 148 9.57 1.89 41.01
C GLY G 148 8.09 1.73 41.23
N LEU G 149 7.41 1.21 40.22
CA LEU G 149 5.93 0.97 40.22
C LEU G 149 5.05 2.22 40.06
N GLY G 150 5.61 3.41 40.25
CA GLY G 150 4.90 4.65 40.02
C GLY G 150 4.83 5.52 41.27
N GLN G 151 3.64 5.99 41.59
CA GLN G 151 3.43 7.01 42.61
C GLN G 151 2.38 6.53 43.60
N TYR G 152 2.84 6.13 44.77
CA TYR G 152 1.97 5.61 45.82
C TYR G 152 2.16 6.40 47.10
N GLN G 153 1.06 6.61 47.81
CA GLN G 153 1.02 7.46 48.99
C GLN G 153 1.30 6.64 50.23
N GLN G 154 2.58 6.33 50.41
CA GLN G 154 3.05 5.44 51.48
C GLN G 154 4.53 5.74 51.77
N PRO G 155 4.97 5.58 53.04
CA PRO G 155 6.34 5.90 53.43
C PRO G 155 7.34 4.75 53.19
N PHE G 156 7.42 4.28 51.95
CA PHE G 156 8.32 3.18 51.59
C PHE G 156 8.94 3.46 50.24
N LEU G 157 10.27 3.54 50.19
CA LEU G 157 11.00 3.62 48.93
C LEU G 157 11.14 2.19 48.40
N ASN G 158 11.85 1.35 49.15
CA ASN G 158 11.85 -0.09 48.89
C ASN G 158 10.44 -0.61 49.18
N VAL G 159 9.81 -1.25 48.19
CA VAL G 159 8.43 -1.76 48.31
C VAL G 159 8.32 -3.29 48.43
N LYS G 160 9.45 -3.95 48.68
CA LYS G 160 9.42 -5.36 49.05
C LYS G 160 8.59 -5.51 50.33
N GLY G 161 7.60 -6.39 50.30
CA GLY G 161 6.68 -6.57 51.40
C GLY G 161 5.38 -5.77 51.26
N CYS G 162 5.32 -4.85 50.29
CA CYS G 162 4.15 -4.00 50.06
C CYS G 162 3.34 -4.53 48.89
N THR G 163 2.05 -4.25 48.94
CA THR G 163 1.11 -4.56 47.87
C THR G 163 0.58 -3.24 47.30
N MET G 164 0.69 -3.10 45.98
CA MET G 164 0.29 -1.88 45.27
C MET G 164 -0.87 -2.20 44.34
N GLU G 165 -1.93 -1.40 44.45
CA GLU G 165 -3.06 -1.48 43.54
C GLU G 165 -2.66 -0.97 42.15
N LEU G 166 -2.96 -1.76 41.12
CA LEU G 166 -2.74 -1.33 39.74
C LEU G 166 -4.04 -0.67 39.28
N ALA G 167 -4.18 0.59 39.67
CA ALA G 167 -5.32 1.42 39.30
C ALA G 167 -4.93 2.87 39.44
N GLN G 168 -5.66 3.75 38.75
CA GLN G 168 -5.44 5.18 38.80
C GLN G 168 -6.49 5.85 39.67
N ARG G 169 -6.04 6.53 40.73
CA ARG G 169 -6.87 7.38 41.58
C ARG G 169 -6.11 8.66 41.87
N ASN G 170 -6.86 9.72 42.18
CA ASN G 170 -6.29 11.01 42.56
C ASN G 170 -5.21 10.84 43.67
N SER G 171 -3.98 11.26 43.35
CA SER G 171 -2.77 11.14 44.20
C SER G 171 -1.98 9.84 44.02
N GLN G 172 -2.46 8.95 43.14
CA GLN G 172 -1.80 7.68 42.83
C GLN G 172 -1.63 7.57 41.32
N ALA G 173 -0.52 6.96 40.90
CA ALA G 173 -0.31 6.65 39.49
C ALA G 173 0.39 5.30 39.40
N SER G 174 -0.27 4.34 38.75
CA SER G 174 0.33 3.04 38.46
C SER G 174 1.16 3.16 37.20
N VAL G 175 2.48 3.06 37.36
CA VAL G 175 3.45 3.07 36.26
C VAL G 175 4.28 1.80 36.49
N PRO G 176 3.78 0.65 36.00
CA PRO G 176 4.24 -0.64 36.51
C PRO G 176 5.56 -1.16 35.92
N PHE G 177 6.62 -0.33 36.02
CA PHE G 177 7.98 -0.79 35.83
C PHE G 177 8.65 -0.87 37.19
N MET G 178 9.24 -2.02 37.49
CA MET G 178 9.97 -2.24 38.74
C MET G 178 11.46 -2.45 38.49
N MET G 179 12.28 -2.09 39.45
CA MET G 179 13.72 -2.35 39.42
C MET G 179 14.09 -3.09 40.69
N SER G 180 14.77 -4.22 40.53
CA SER G 180 15.20 -5.05 41.66
C SER G 180 16.70 -4.88 41.94
N SER G 181 17.05 -4.97 43.22
CA SER G 181 18.46 -5.00 43.64
C SER G 181 19.23 -6.23 43.14
N LEU G 182 18.51 -7.26 42.71
CA LEU G 182 19.16 -8.45 42.13
C LEU G 182 19.70 -8.27 40.71
N GLY G 183 19.48 -7.09 40.09
CA GLY G 183 20.09 -6.76 38.80
C GLY G 183 19.19 -6.94 37.59
N TYR G 184 17.88 -6.78 37.78
CA TYR G 184 16.94 -6.78 36.67
C TYR G 184 15.88 -5.72 36.88
N GLY G 185 15.21 -5.37 35.79
CA GLY G 185 14.01 -4.56 35.81
C GLY G 185 12.92 -5.29 35.05
N MET G 186 11.66 -5.01 35.40
CA MET G 186 10.53 -5.66 34.74
C MET G 186 9.35 -4.69 34.58
N LEU G 187 8.84 -4.60 33.34
CA LEU G 187 7.61 -3.90 33.02
C LEU G 187 6.45 -4.88 32.89
N TRP G 188 5.40 -4.67 33.68
CA TRP G 188 4.12 -5.36 33.50
C TRP G 188 3.37 -4.63 32.39
N ASN G 189 3.46 -5.16 31.17
CA ASN G 189 2.99 -4.48 29.97
C ASN G 189 1.52 -4.84 29.75
N ASN G 190 0.68 -4.37 30.66
CA ASN G 190 -0.73 -4.75 30.68
C ASN G 190 -1.48 -3.69 31.49
N PRO G 191 -2.39 -2.94 30.83
CA PRO G 191 -3.08 -1.83 31.48
C PRO G 191 -4.33 -2.23 32.29
N ALA G 192 -4.52 -3.52 32.55
CA ALA G 192 -5.71 -3.99 33.29
C ALA G 192 -5.68 -3.53 34.74
N ILE G 193 -6.87 -3.32 35.29
CA ILE G 193 -7.03 -3.10 36.71
C ILE G 193 -6.56 -4.38 37.40
N GLY G 194 -5.82 -4.22 38.49
CA GLY G 194 -5.40 -5.35 39.29
C GLY G 194 -4.50 -4.96 40.43
N GLU G 195 -3.43 -5.73 40.64
CA GLU G 195 -2.61 -5.60 41.83
C GLU G 195 -1.26 -6.27 41.63
N VAL G 196 -0.22 -5.69 42.23
CA VAL G 196 1.06 -6.38 42.37
C VAL G 196 1.37 -6.47 43.86
N SER G 197 1.59 -7.70 44.35
CA SER G 197 1.98 -7.95 45.73
C SER G 197 3.38 -8.53 45.74
N PHE G 198 4.32 -7.77 46.32
CA PHE G 198 5.67 -8.25 46.56
C PHE G 198 5.73 -8.79 47.98
N ALA G 199 4.91 -9.81 48.24
CA ALA G 199 4.81 -10.42 49.56
C ALA G 199 6.07 -11.21 49.83
N ASN G 200 6.41 -11.35 51.11
CA ASN G 200 7.62 -12.08 51.52
C ASN G 200 7.62 -13.54 51.05
N ASN G 201 6.42 -14.13 50.97
CA ASN G 201 6.25 -15.54 50.61
C ASN G 201 6.09 -15.83 49.10
N VAL G 202 5.69 -14.84 48.32
CA VAL G 202 5.48 -14.99 46.87
C VAL G 202 5.17 -13.62 46.24
N THR G 203 5.68 -13.41 45.02
CA THR G 203 5.35 -12.23 44.22
C THR G 203 4.23 -12.59 43.23
N THR G 204 3.15 -11.81 43.24
CA THR G 204 2.00 -12.06 42.37
C THR G 204 1.60 -10.77 41.66
N TRP G 205 1.64 -10.79 40.32
CA TRP G 205 1.03 -9.76 39.49
C TRP G 205 -0.34 -10.24 39.06
N MET G 206 -1.35 -9.39 39.16
CA MET G 206 -2.73 -9.77 38.84
C MET G 206 -3.38 -8.76 37.90
N ALA G 207 -4.13 -9.30 36.94
CA ALA G 207 -4.97 -8.51 36.03
C ALA G 207 -6.39 -9.06 36.12
N ARG G 208 -7.36 -8.18 36.36
CA ARG G 208 -8.74 -8.62 36.57
C ARG G 208 -9.39 -9.15 35.28
N VAL G 209 -9.11 -8.48 34.17
CA VAL G 209 -9.59 -8.89 32.85
C VAL G 209 -8.46 -8.67 31.85
N THR G 210 -8.08 -9.72 31.13
CA THR G 210 -7.07 -9.58 30.09
C THR G 210 -7.18 -10.73 29.08
N GLU G 211 -6.61 -10.50 27.90
CA GLU G 211 -6.52 -11.53 26.85
C GLU G 211 -5.29 -12.40 26.97
N GLN G 212 -4.21 -11.88 27.56
CA GLN G 212 -2.92 -12.58 27.57
C GLN G 212 -1.93 -11.98 28.57
N LEU G 213 -0.98 -12.81 28.98
CA LEU G 213 0.16 -12.37 29.78
C LEU G 213 1.14 -11.65 28.87
N ASP G 214 1.71 -10.56 29.38
CA ASP G 214 2.69 -9.78 28.63
C ASP G 214 3.57 -9.01 29.62
N TYR G 215 4.87 -9.31 29.59
CA TYR G 215 5.85 -8.51 30.31
C TYR G 215 7.18 -8.43 29.60
N TRP G 216 7.96 -7.44 30.01
CA TRP G 216 9.26 -7.13 29.43
C TRP G 216 10.25 -7.13 30.57
N ILE G 217 11.37 -7.82 30.39
CA ILE G 217 12.37 -7.97 31.45
C ILE G 217 13.75 -7.65 30.88
N THR G 218 14.57 -6.98 31.70
CA THR G 218 15.86 -6.46 31.28
C THR G 218 16.87 -6.67 32.39
N ALA G 219 18.13 -6.89 32.01
CA ALA G 219 19.22 -7.13 32.96
C ALA G 219 20.41 -6.23 32.71
N ALA G 220 21.03 -5.75 33.78
CA ALA G 220 22.29 -5.04 33.69
C ALA G 220 22.97 -4.96 35.05
N ASP G 221 24.26 -4.66 35.04
CA ASP G 221 25.07 -4.61 36.26
C ASP G 221 24.83 -3.38 37.12
N THR G 222 24.19 -2.34 36.56
CA THR G 222 23.91 -1.11 37.30
C THR G 222 22.48 -0.62 37.06
N PRO G 223 21.88 0.06 38.05
CA PRO G 223 20.59 0.74 37.88
C PRO G 223 20.52 1.64 36.66
N ALA G 224 21.58 2.42 36.40
CA ALA G 224 21.62 3.37 35.30
C ALA G 224 21.41 2.71 33.95
N GLU G 225 22.00 1.52 33.79
CA GLU G 225 21.82 0.73 32.57
C GLU G 225 20.39 0.22 32.43
N ILE G 226 19.81 -0.24 33.54
CA ILE G 226 18.42 -0.71 33.55
C ILE G 226 17.47 0.42 33.12
N SER G 227 17.65 1.60 33.71
CA SER G 227 16.87 2.79 33.35
C SER G 227 17.02 3.17 31.88
N GLN G 228 18.25 3.12 31.36
CA GLN G 228 18.51 3.39 29.93
C GLN G 228 17.79 2.37 29.05
N GLN G 229 17.84 1.10 29.45
CA GLN G 229 17.22 0.03 28.67
C GLN G 229 15.68 0.15 28.69
N TYR G 230 15.13 0.54 29.86
CA TYR G 230 13.70 0.79 29.97
C TYR G 230 13.24 1.97 29.10
N ALA G 231 14.01 3.06 29.10
CA ALA G 231 13.70 4.23 28.26
C ALA G 231 13.73 3.88 26.76
N ALA G 232 14.67 3.03 26.36
CA ALA G 232 14.71 2.53 24.98
C ALA G 232 13.47 1.68 24.64
N ALA G 233 12.94 0.95 25.61
CA ALA G 233 11.75 0.12 25.41
C ALA G 233 10.43 0.88 25.33
N THR G 234 10.25 1.88 26.19
CA THR G 234 8.99 2.63 26.32
C THR G 234 9.04 4.09 25.85
N GLY G 235 10.22 4.60 25.51
CA GLY G 235 10.37 5.93 24.94
C GLY G 235 11.10 6.89 25.85
N ALA G 236 11.90 7.77 25.25
CA ALA G 236 12.68 8.77 25.99
C ALA G 236 11.78 9.93 26.41
N ALA G 237 12.02 10.50 27.59
CA ALA G 237 11.48 11.83 27.88
C ALA G 237 12.06 12.79 26.83
N PRO G 238 11.24 13.70 26.28
CA PRO G 238 11.83 14.66 25.35
C PRO G 238 12.67 15.70 26.10
N MET G 239 13.18 16.68 25.38
CA MET G 239 13.93 17.78 25.99
C MET G 239 12.98 18.74 26.70
N LEU G 240 13.30 19.07 27.94
CA LEU G 240 12.47 19.99 28.73
C LEU G 240 12.69 21.41 28.20
N PRO G 241 11.59 22.17 27.96
CA PRO G 241 11.78 23.57 27.58
C PRO G 241 12.39 24.38 28.74
N ASP G 242 13.25 25.34 28.38
CA ASP G 242 13.95 26.21 29.33
C ASP G 242 13.09 26.78 30.45
N TYR G 243 11.95 27.34 30.06
CA TYR G 243 11.03 27.98 31.00
C TYR G 243 10.52 27.05 32.11
N ALA G 244 10.44 25.75 31.84
CA ALA G 244 9.96 24.79 32.84
C ALA G 244 10.89 24.62 34.06
N ALA G 245 12.17 24.99 33.92
CA ALA G 245 13.14 24.95 35.03
C ALA G 245 13.04 26.13 36.01
N GLY G 246 12.26 27.15 35.67
CA GLY G 246 12.05 28.31 36.55
C GLY G 246 10.93 28.07 37.56
N PHE G 247 10.42 29.15 38.12
CA PHE G 247 9.40 29.07 39.17
C PHE G 247 7.99 29.06 38.57
N TRP G 248 7.16 28.12 39.03
CA TRP G 248 5.75 28.06 38.63
C TRP G 248 4.90 28.54 39.81
N GLN G 249 4.13 29.61 39.62
CA GLN G 249 3.23 30.17 40.63
C GLN G 249 1.79 29.78 40.35
N CYS G 250 1.12 29.20 41.35
CA CYS G 250 -0.25 28.75 41.20
C CYS G 250 -0.98 28.76 42.54
N LYS G 251 -2.31 28.81 42.47
CA LYS G 251 -3.16 28.57 43.63
C LYS G 251 -4.51 28.13 43.13
N LEU G 252 -5.28 27.52 44.02
CA LEU G 252 -6.70 27.30 43.79
C LEU G 252 -7.42 28.49 44.44
N ARG G 253 -7.96 29.44 43.68
CA ARG G 253 -7.74 29.67 42.24
C ARG G 253 -7.77 31.17 41.98
N TYR G 254 -7.01 31.63 40.99
CA TYR G 254 -7.18 33.00 40.49
C TYR G 254 -8.49 33.00 39.69
N ARG G 255 -9.49 33.70 40.23
CA ARG G 255 -10.86 33.67 39.72
C ARG G 255 -11.08 34.56 38.51
N THR G 256 -10.24 35.58 38.35
CA THR G 256 -10.40 36.55 37.29
C THR G 256 -9.06 36.85 36.63
N GLN G 257 -9.14 37.36 35.41
CA GLN G 257 -7.99 37.85 34.68
C GLN G 257 -7.28 38.95 35.45
N ASP G 258 -8.05 39.84 36.06
CA ASP G 258 -7.49 40.88 36.92
C ASP G 258 -6.73 40.32 38.14
N GLU G 259 -7.27 39.32 38.81
CA GLU G 259 -6.60 38.73 39.99
C GLU G 259 -5.27 38.05 39.63
N LEU G 260 -5.28 37.27 38.55
CA LEU G 260 -4.05 36.60 38.09
C LEU G 260 -2.99 37.63 37.69
N MET G 261 -3.38 38.63 36.91
CA MET G 261 -2.44 39.67 36.45
C MET G 261 -1.84 40.50 37.59
N GLU G 262 -2.62 40.79 38.62
CA GLU G 262 -2.11 41.50 39.80
C GLU G 262 -1.02 40.72 40.54
N VAL G 263 -1.15 39.38 40.59
CA VAL G 263 -0.11 38.53 41.15
C VAL G 263 1.17 38.60 40.30
N ALA G 264 1.04 38.41 38.99
CA ALA G 264 2.19 38.48 38.08
C ALA G 264 2.88 39.85 38.19
N ARG G 265 2.08 40.91 38.15
CA ARG G 265 2.58 42.28 38.29
C ARG G 265 3.30 42.51 39.61
N GLU G 266 2.85 41.88 40.70
CA GLU G 266 3.51 42.00 42.00
C GLU G 266 4.88 41.29 42.02
N TYR G 267 4.94 40.10 41.41
CA TYR G 267 6.24 39.40 41.25
C TYR G 267 7.25 40.29 40.51
N LYS G 268 6.83 40.87 39.39
CA LYS G 268 7.70 41.73 38.58
C LYS G 268 8.05 43.05 39.26
N ARG G 269 7.06 43.65 39.94
CA ARG G 269 7.27 44.85 40.77
C ARG G 269 8.42 44.67 41.77
N ARG G 270 8.53 43.47 42.33
CA ARG G 270 9.56 43.15 43.32
C ARG G 270 10.78 42.45 42.72
N SER G 271 10.89 42.43 41.39
CA SER G 271 12.00 41.79 40.68
C SER G 271 12.24 40.36 41.18
N LEU G 272 11.17 39.58 41.30
CA LEU G 272 11.27 38.19 41.71
C LEU G 272 11.26 37.32 40.47
N PRO G 273 11.97 36.18 40.52
CA PRO G 273 11.83 35.21 39.43
C PRO G 273 10.41 34.64 39.36
N ILE G 274 9.90 34.51 38.14
CA ILE G 274 8.64 33.81 37.89
C ILE G 274 8.66 33.44 36.41
N SER G 275 8.53 32.13 36.14
CA SER G 275 8.57 31.62 34.76
C SER G 275 7.19 31.23 34.22
N VAL G 276 6.36 30.67 35.10
CA VAL G 276 5.03 30.21 34.73
C VAL G 276 4.03 30.70 35.77
N ILE G 277 2.88 31.17 35.30
CA ILE G 277 1.73 31.50 36.16
C ILE G 277 0.53 30.72 35.62
N VAL G 278 -0.41 30.39 36.50
CA VAL G 278 -1.44 29.39 36.18
C VAL G 278 -2.88 29.82 36.48
N ALA G 279 -3.74 29.63 35.49
CA ALA G 279 -5.20 29.72 35.68
C ALA G 279 -5.77 28.34 36.01
N ASP G 280 -6.16 28.14 37.27
CA ASP G 280 -6.72 26.87 37.74
C ASP G 280 -8.15 26.71 37.21
N PHE G 281 -8.76 25.60 37.59
CA PHE G 281 -10.07 25.20 37.12
C PHE G 281 -11.23 26.19 37.31
N PHE G 282 -12.30 25.90 36.59
CA PHE G 282 -13.56 26.65 36.58
C PHE G 282 -13.41 28.14 36.25
N HIS G 283 -12.46 28.41 35.36
CA HIS G 283 -12.32 29.69 34.67
C HIS G 283 -13.18 29.71 33.40
N TRP G 284 -13.94 28.65 33.18
CA TRP G 284 -14.70 28.41 31.96
C TRP G 284 -16.20 28.59 32.23
N PRO G 285 -17.02 28.76 31.17
CA PRO G 285 -18.47 28.89 31.41
C PRO G 285 -19.10 27.59 31.91
N ASN G 286 -18.71 26.47 31.33
CA ASN G 286 -19.16 25.15 31.78
C ASN G 286 -18.11 24.10 31.42
N GLN G 287 -18.13 22.98 32.13
CA GLN G 287 -17.22 21.86 31.87
C GLN G 287 -17.48 21.31 30.47
N GLY G 288 -16.44 21.22 29.65
CA GLY G 288 -16.56 20.80 28.25
C GLY G 288 -16.65 21.92 27.22
N ASP G 289 -16.66 23.18 27.66
CA ASP G 289 -16.51 24.33 26.76
C ASP G 289 -15.06 24.59 26.37
N TRP G 290 -14.13 24.35 27.30
CA TRP G 290 -12.68 24.51 27.05
C TRP G 290 -12.34 25.88 26.47
N CYS G 291 -12.77 26.91 27.19
CA CYS G 291 -12.50 28.30 26.82
C CYS G 291 -12.64 29.15 28.06
N PHE G 292 -12.09 30.36 28.00
CA PHE G 292 -12.25 31.34 29.08
C PHE G 292 -13.69 31.86 29.12
N ASP G 293 -14.21 32.06 30.33
CA ASP G 293 -15.48 32.76 30.54
C ASP G 293 -15.18 34.26 30.47
N THR G 294 -15.68 34.94 29.44
CA THR G 294 -15.33 36.36 29.22
C THR G 294 -15.85 37.31 30.30
N ARG G 295 -16.83 36.88 31.09
CA ARG G 295 -17.30 37.65 32.25
C ARG G 295 -16.20 37.86 33.30
N GLU G 296 -15.39 36.84 33.55
CA GLU G 296 -14.25 36.92 34.50
C GLU G 296 -12.90 37.12 33.81
N TRP G 297 -12.82 36.82 32.51
CA TRP G 297 -11.59 36.89 31.75
C TRP G 297 -11.90 37.64 30.44
N PRO G 298 -12.11 38.98 30.55
CA PRO G 298 -12.62 39.77 29.41
C PRO G 298 -11.76 39.76 28.15
N ASP G 299 -10.44 39.61 28.29
CA ASP G 299 -9.52 39.71 27.16
C ASP G 299 -8.30 38.80 27.38
N PRO G 300 -8.46 37.48 27.11
CA PRO G 300 -7.38 36.49 27.31
C PRO G 300 -6.09 36.80 26.55
N LYS G 301 -6.22 37.26 25.30
CA LYS G 301 -5.07 37.65 24.49
C LYS G 301 -4.24 38.77 25.13
N ALA G 302 -4.93 39.77 25.71
CA ALA G 302 -4.25 40.87 26.41
C ALA G 302 -3.51 40.39 27.68
N MET G 303 -4.10 39.42 28.38
CA MET G 303 -3.42 38.75 29.48
C MET G 303 -2.15 38.04 29.00
N ILE G 304 -2.29 37.23 27.97
CA ILE G 304 -1.17 36.45 27.43
C ILE G 304 -0.06 37.39 26.90
N ASP G 305 -0.47 38.45 26.22
CA ASP G 305 0.48 39.46 25.71
C ASP G 305 1.26 40.20 26.81
N GLU G 306 0.57 40.63 27.87
CA GLU G 306 1.27 41.29 28.99
C GLU G 306 2.23 40.33 29.69
N LEU G 307 1.78 39.10 29.95
CA LEU G 307 2.64 38.08 30.58
C LEU G 307 3.90 37.78 29.74
N LYS G 308 3.73 37.73 28.42
CA LYS G 308 4.85 37.55 27.51
C LYS G 308 5.88 38.69 27.61
N GLU G 309 5.43 39.94 27.69
CA GLU G 309 6.32 41.11 27.95
C GLU G 309 7.06 40.97 29.27
N MET G 310 6.39 40.37 30.24
CA MET G 310 6.96 40.09 31.56
C MET G 310 7.91 38.88 31.58
N GLY G 311 7.94 38.10 30.50
CA GLY G 311 8.75 36.89 30.41
C GLY G 311 8.13 35.69 31.13
N ILE G 312 6.80 35.65 31.16
CA ILE G 312 6.03 34.63 31.91
C ILE G 312 5.15 33.86 30.92
N GLU G 313 5.13 32.54 31.05
CA GLU G 313 4.22 31.68 30.29
C GLU G 313 2.94 31.44 31.11
N LEU G 314 1.79 31.45 30.45
CA LEU G 314 0.53 31.10 31.09
C LEU G 314 0.23 29.61 30.87
N MET G 315 -0.06 28.89 31.95
CA MET G 315 -0.65 27.54 31.85
C MET G 315 -2.12 27.63 32.26
N VAL G 316 -2.98 26.88 31.57
CA VAL G 316 -4.42 26.84 31.88
C VAL G 316 -4.90 25.43 32.25
N SER G 317 -5.84 25.38 33.18
CA SER G 317 -6.48 24.13 33.58
C SER G 317 -7.35 23.57 32.46
N ILE G 318 -7.11 22.30 32.14
CA ILE G 318 -7.98 21.51 31.30
C ILE G 318 -8.57 20.43 32.19
N TRP G 319 -9.89 20.34 32.19
CA TRP G 319 -10.61 19.20 32.79
C TRP G 319 -11.15 18.31 31.66
N PRO G 320 -11.08 16.97 31.82
CA PRO G 320 -11.57 16.05 30.81
C PRO G 320 -13.08 15.80 30.90
N THR G 321 -13.75 16.54 31.79
CA THR G 321 -15.18 16.40 32.02
C THR G 321 -15.97 17.15 30.93
N VAL G 322 -17.12 16.60 30.57
CA VAL G 322 -18.05 17.26 29.65
C VAL G 322 -19.44 17.28 30.28
N ASP G 323 -19.90 18.48 30.65
CA ASP G 323 -21.22 18.66 31.28
C ASP G 323 -22.29 18.41 30.22
N ASN G 324 -23.35 17.71 30.61
CA ASN G 324 -24.38 17.28 29.65
C ASN G 324 -25.28 18.38 29.07
N ARG G 325 -25.12 19.61 29.55
CA ARG G 325 -25.84 20.77 29.00
C ARG G 325 -25.06 21.52 27.90
N THR G 326 -23.81 21.14 27.65
CA THR G 326 -22.96 21.87 26.70
C THR G 326 -23.15 21.44 25.25
N GLU G 327 -22.75 22.32 24.33
CA GLU G 327 -22.75 21.99 22.91
C GLU G 327 -21.81 20.82 22.62
N ASN G 328 -20.64 20.82 23.25
CA ASN G 328 -19.66 19.74 23.03
C ASN G 328 -20.13 18.37 23.51
N TYR G 329 -20.91 18.32 24.58
CA TYR G 329 -21.53 17.06 25.00
C TYR G 329 -22.35 16.46 23.86
N LYS G 330 -23.22 17.27 23.28
CA LYS G 330 -24.12 16.85 22.19
C LYS G 330 -23.32 16.27 21.01
N ILE G 331 -22.30 16.98 20.58
CA ILE G 331 -21.47 16.58 19.43
C ILE G 331 -20.64 15.33 19.77
N MET G 332 -20.03 15.34 20.95
CA MET G 332 -19.21 14.19 21.38
C MET G 332 -20.05 12.94 21.62
N LYS G 333 -21.27 13.11 22.12
CA LYS G 333 -22.19 11.99 22.21
C LYS G 333 -22.64 11.50 20.83
N GLU G 334 -22.87 12.39 19.88
CA GLU G 334 -23.15 12.00 18.50
C GLU G 334 -22.03 11.11 17.93
N LYS G 335 -20.80 11.56 18.10
CA LYS G 335 -19.63 10.87 17.54
C LYS G 335 -19.14 9.66 18.34
N GLY G 336 -19.62 9.48 19.58
CA GLY G 336 -19.19 8.37 20.44
C GLY G 336 -17.81 8.58 21.05
N TYR G 337 -17.53 9.82 21.44
CA TYR G 337 -16.23 10.22 22.00
C TYR G 337 -16.22 10.27 23.55
N LEU G 338 -17.29 9.81 24.20
CA LEU G 338 -17.38 9.85 25.66
C LEU G 338 -17.21 8.47 26.28
N VAL G 339 -16.69 8.46 27.51
CA VAL G 339 -16.65 7.27 28.36
C VAL G 339 -18.10 6.84 28.65
N LYS G 340 -18.35 5.55 28.76
CA LYS G 340 -19.69 5.04 29.02
C LYS G 340 -19.81 4.32 30.36
N ALA G 341 -20.88 4.63 31.08
CA ALA G 341 -21.28 3.85 32.25
C ALA G 341 -21.93 2.55 31.78
N GLU G 342 -21.55 1.44 32.39
CA GLU G 342 -22.06 0.12 32.05
C GLU G 342 -23.49 -0.03 32.55
N ARG G 343 -23.72 0.42 33.78
CA ARG G 343 -25.03 0.42 34.41
C ARG G 343 -25.30 1.75 35.10
N GLY G 344 -26.57 2.06 35.30
CA GLY G 344 -26.99 3.23 36.06
C GLY G 344 -26.99 4.48 35.22
N VAL G 345 -27.15 5.64 35.87
CA VAL G 345 -27.25 6.90 35.13
C VAL G 345 -25.96 7.15 34.34
N PRO G 346 -26.07 7.69 33.11
CA PRO G 346 -24.91 7.86 32.24
C PRO G 346 -24.09 9.10 32.62
N VAL G 347 -23.54 9.07 33.84
CA VAL G 347 -22.82 10.19 34.46
C VAL G 347 -21.60 9.59 35.15
N THR G 348 -20.40 10.08 34.83
CA THR G 348 -19.17 9.56 35.43
C THR G 348 -18.65 10.42 36.60
N MET G 349 -19.10 11.66 36.70
CA MET G 349 -18.66 12.57 37.78
C MET G 349 -19.72 13.64 38.02
N THR G 350 -19.95 13.96 39.30
CA THR G 350 -21.01 14.91 39.70
C THR G 350 -20.47 16.20 40.34
N PHE G 351 -19.19 16.52 40.09
CA PHE G 351 -18.58 17.73 40.66
C PHE G 351 -19.03 18.98 39.88
N LEU G 352 -19.89 19.77 40.52
CA LEU G 352 -20.45 21.01 39.99
C LEU G 352 -21.26 20.83 38.68
N GLY G 353 -21.86 19.65 38.51
CA GLY G 353 -22.62 19.33 37.31
C GLY G 353 -22.55 17.84 37.03
N ASN G 354 -23.50 17.34 36.26
CA ASN G 354 -23.48 15.95 35.82
C ASN G 354 -22.63 15.87 34.56
N THR G 355 -21.42 15.32 34.68
CA THR G 355 -20.46 15.28 33.56
C THR G 355 -20.07 13.87 33.17
N THR G 356 -19.54 13.76 31.95
CA THR G 356 -19.00 12.51 31.43
C THR G 356 -17.60 12.78 30.91
N PHE G 357 -16.66 11.87 31.15
CA PHE G 357 -15.27 12.06 30.72
C PHE G 357 -15.16 11.81 29.22
N PHE G 358 -14.33 12.61 28.55
CA PHE G 358 -13.95 12.27 27.17
C PHE G 358 -13.10 11.00 27.23
N ASP G 359 -13.16 10.23 26.15
CA ASP G 359 -12.50 8.94 26.10
C ASP G 359 -11.10 9.12 25.52
N ALA G 360 -10.12 9.18 26.40
CA ALA G 360 -8.70 9.33 26.02
C ALA G 360 -8.09 8.12 25.28
N THR G 361 -8.76 6.97 25.27
CA THR G 361 -8.31 5.83 24.48
C THR G 361 -8.87 5.81 23.04
N HIS G 362 -9.77 6.74 22.74
CA HIS G 362 -10.39 6.89 21.42
C HIS G 362 -9.59 7.94 20.65
N PRO G 363 -8.89 7.54 19.55
CA PRO G 363 -8.10 8.52 18.76
C PRO G 363 -8.89 9.74 18.28
N GLY G 364 -10.14 9.51 17.85
CA GLY G 364 -11.06 10.58 17.46
C GLY G 364 -11.40 11.56 18.57
N ALA G 365 -11.64 11.05 19.77
CA ALA G 365 -11.93 11.89 20.94
C ALA G 365 -10.71 12.71 21.36
N ARG G 366 -9.53 12.08 21.32
CA ARG G 366 -8.28 12.81 21.58
C ARG G 366 -8.14 14.01 20.66
N LYS G 367 -8.38 13.79 19.36
CA LYS G 367 -8.26 14.86 18.37
C LYS G 367 -9.32 15.94 18.60
N TYR G 368 -10.57 15.53 18.85
CA TYR G 368 -11.67 16.47 19.13
C TYR G 368 -11.32 17.44 20.26
N VAL G 369 -10.89 16.90 21.39
CA VAL G 369 -10.60 17.69 22.59
C VAL G 369 -9.37 18.57 22.39
N TRP G 370 -8.35 18.03 21.72
CA TRP G 370 -7.17 18.84 21.36
C TRP G 370 -7.60 20.05 20.52
N GLU G 371 -8.38 19.81 19.47
CA GLU G 371 -8.80 20.87 18.56
C GLU G 371 -9.66 21.95 19.23
N GLN G 372 -10.45 21.57 20.24
CA GLN G 372 -11.14 22.55 21.09
C GLN G 372 -10.12 23.39 21.86
N ALA G 373 -9.18 22.72 22.54
CA ALA G 373 -8.10 23.40 23.26
C ALA G 373 -7.21 24.26 22.35
N LYS G 374 -6.98 23.80 21.12
CA LYS G 374 -6.17 24.56 20.15
C LYS G 374 -6.83 25.89 19.80
N LYS G 375 -8.10 25.79 19.43
CA LYS G 375 -8.89 26.94 19.00
C LYS G 375 -9.00 28.03 20.06
N ASN G 376 -9.21 27.63 21.31
CA ASN G 376 -9.55 28.54 22.40
C ASN G 376 -8.39 28.96 23.29
N TYR G 377 -7.29 28.22 23.26
CA TYR G 377 -6.12 28.50 24.10
C TYR G 377 -4.80 28.55 23.33
N HIS G 378 -4.47 27.49 22.60
CA HIS G 378 -3.16 27.39 21.92
C HIS G 378 -2.98 28.43 20.82
N ASP G 379 -4.05 28.68 20.04
CA ASP G 379 -4.04 29.75 19.04
C ASP G 379 -3.81 31.15 19.62
N LEU G 380 -4.12 31.35 20.91
CA LEU G 380 -3.87 32.64 21.58
C LEU G 380 -2.44 32.79 22.12
N GLY G 381 -1.67 31.71 22.17
CA GLY G 381 -0.29 31.74 22.66
C GLY G 381 -0.03 30.96 23.93
N ILE G 382 -1.03 30.23 24.44
CA ILE G 382 -0.83 29.33 25.57
C ILE G 382 -0.14 28.09 25.04
N LYS G 383 0.98 27.71 25.64
CA LYS G 383 1.71 26.52 25.20
C LYS G 383 2.09 25.52 26.31
N ILE G 384 1.44 25.65 27.47
CA ILE G 384 1.52 24.67 28.56
C ILE G 384 0.08 24.41 28.99
N PHE G 385 -0.31 23.15 29.05
CA PHE G 385 -1.63 22.80 29.58
C PHE G 385 -1.55 21.99 30.86
N TRP G 386 -2.50 22.23 31.74
CA TRP G 386 -2.61 21.55 33.01
C TRP G 386 -3.68 20.48 32.83
N LEU G 387 -3.23 19.26 32.55
CA LEU G 387 -4.11 18.13 32.26
C LEU G 387 -4.48 17.44 33.56
N ASP G 388 -5.49 18.02 34.20
CA ASP G 388 -5.93 17.64 35.54
C ASP G 388 -6.98 16.53 35.44
N GLU G 389 -7.28 15.89 36.57
CA GLU G 389 -8.28 14.81 36.65
C GLU G 389 -7.93 13.66 35.70
N ALA G 390 -6.63 13.37 35.61
CA ALA G 390 -6.08 12.57 34.52
C ALA G 390 -6.28 11.06 34.66
N GLU G 391 -6.87 10.62 35.77
CA GLU G 391 -6.97 9.20 36.10
C GLU G 391 -7.93 8.35 35.22
N PRO G 392 -9.17 8.78 34.94
CA PRO G 392 -9.81 10.00 35.41
C PRO G 392 -10.53 9.83 36.76
N GLU G 393 -10.83 10.94 37.43
CA GLU G 393 -11.38 10.90 38.80
C GLU G 393 -12.88 10.68 38.83
N TYR G 394 -13.28 9.42 38.65
CA TYR G 394 -14.69 9.03 38.85
C TYR G 394 -15.11 9.43 40.26
N SER G 395 -16.32 9.97 40.38
CA SER G 395 -16.91 10.23 41.69
C SER G 395 -16.91 8.98 42.57
N VAL G 396 -17.08 7.82 41.93
CA VAL G 396 -16.96 6.53 42.59
C VAL G 396 -16.06 5.62 41.74
N TYR G 397 -14.97 5.12 42.32
CA TYR G 397 -14.01 4.27 41.61
C TYR G 397 -14.51 2.82 41.41
N ASP G 398 -15.70 2.67 40.83
CA ASP G 398 -16.22 1.36 40.48
C ASP G 398 -15.78 1.05 39.07
N PHE G 399 -14.56 0.53 38.93
CA PHE G 399 -13.91 0.33 37.63
C PHE G 399 -14.72 -0.58 36.72
N GLU G 400 -15.28 -1.63 37.32
CA GLU G 400 -16.19 -2.55 36.67
C GLU G 400 -17.40 -1.91 35.95
N ASN G 401 -17.76 -0.68 36.34
CA ASN G 401 -18.94 0.00 35.81
C ASN G 401 -18.68 0.97 34.66
N TYR G 402 -17.49 0.97 34.08
CA TYR G 402 -17.16 1.91 33.00
C TYR G 402 -16.44 1.22 31.85
N ARG G 403 -16.61 1.77 30.66
CA ARG G 403 -16.09 1.18 29.43
C ARG G 403 -15.48 2.24 28.53
N TYR G 404 -14.32 1.91 27.97
CA TYR G 404 -13.64 2.77 27.02
C TYR G 404 -13.72 2.15 25.63
N HIS G 405 -13.31 2.95 24.64
CA HIS G 405 -13.15 2.57 23.24
C HIS G 405 -12.36 1.28 23.08
N LEU G 406 -11.24 1.18 23.81
CA LEU G 406 -10.38 0.00 23.74
C LEU G 406 -10.86 -1.18 24.61
N GLY G 407 -11.89 -0.96 25.43
CA GLY G 407 -12.57 -2.05 26.13
C GLY G 407 -13.02 -1.65 27.54
N PRO G 408 -13.52 -2.63 28.31
CA PRO G 408 -13.87 -2.36 29.71
C PRO G 408 -12.68 -1.76 30.47
N VAL G 409 -12.97 -0.88 31.42
CA VAL G 409 -11.92 -0.25 32.22
C VAL G 409 -11.11 -1.29 32.99
N LEU G 410 -11.77 -2.39 33.39
CA LEU G 410 -11.07 -3.53 34.01
C LEU G 410 -9.94 -4.09 33.15
N GLU G 411 -10.13 -4.07 31.82
CA GLU G 411 -9.12 -4.58 30.88
C GLU G 411 -8.07 -3.57 30.46
N VAL G 412 -8.46 -2.31 30.29
CA VAL G 412 -7.57 -1.30 29.66
C VAL G 412 -7.45 0.02 30.42
N GLY G 413 -8.08 0.11 31.60
CA GLY G 413 -8.29 1.39 32.26
C GLY G 413 -7.06 2.23 32.56
N ASN G 414 -5.95 1.57 32.91
CA ASN G 414 -4.77 2.30 33.39
C ASN G 414 -4.05 3.12 32.29
N ILE G 415 -4.34 2.87 31.01
CA ILE G 415 -3.72 3.64 29.92
C ILE G 415 -4.38 5.00 29.66
N TYR G 416 -5.53 5.28 30.28
CA TYR G 416 -6.21 6.57 30.11
C TYR G 416 -5.29 7.80 30.25
N PRO G 417 -4.56 7.93 31.37
CA PRO G 417 -3.69 9.12 31.50
C PRO G 417 -2.62 9.28 30.41
N ARG G 418 -2.14 8.17 29.87
CA ARG G 418 -1.18 8.16 28.77
C ARG G 418 -1.83 8.73 27.51
N GLY G 419 -3.06 8.31 27.22
CA GLY G 419 -3.84 8.84 26.09
C GLY G 419 -4.13 10.33 26.23
N TYR G 420 -4.42 10.75 27.46
CA TYR G 420 -4.75 12.14 27.76
C TYR G 420 -3.52 13.03 27.51
N ALA G 421 -2.36 12.59 27.98
CA ALA G 421 -1.09 13.26 27.68
C ALA G 421 -0.79 13.26 26.18
N GLN G 422 -0.99 12.10 25.53
CA GLN G 422 -0.78 11.91 24.09
C GLN G 422 -1.61 12.88 23.24
N ALA G 423 -2.90 13.00 23.58
CA ALA G 423 -3.80 13.91 22.87
C ALA G 423 -3.19 15.29 22.70
N PHE G 424 -2.67 15.84 23.80
CA PHE G 424 -2.12 17.20 23.80
C PHE G 424 -0.72 17.28 23.20
N TYR G 425 0.15 16.33 23.54
CA TYR G 425 1.49 16.27 22.95
C TYR G 425 1.44 16.17 21.42
N GLU G 426 0.64 15.24 20.88
CA GLU G 426 0.58 15.05 19.42
C GLU G 426 -0.02 16.26 18.70
N GLY G 427 -1.07 16.83 19.29
CA GLY G 427 -1.68 18.05 18.74
C GLY G 427 -0.76 19.25 18.72
N MET G 428 -0.06 19.47 19.83
CA MET G 428 0.89 20.59 19.95
C MET G 428 2.07 20.41 18.99
N GLU G 429 2.53 19.17 18.86
CA GLU G 429 3.58 18.83 17.88
C GLU G 429 3.11 19.11 16.46
N GLU G 430 1.92 18.62 16.12
CA GLU G 430 1.29 18.87 14.82
C GLU G 430 1.12 20.38 14.53
N ALA G 431 0.89 21.18 15.57
CA ALA G 431 0.79 22.64 15.43
C ALA G 431 2.12 23.39 15.33
N GLY G 432 3.25 22.69 15.37
CA GLY G 432 4.58 23.30 15.21
C GLY G 432 5.37 23.53 16.48
N GLN G 433 4.82 23.19 17.65
CA GLN G 433 5.55 23.32 18.91
C GLN G 433 6.55 22.17 19.06
N THR G 434 7.82 22.51 19.26
CA THR G 434 8.90 21.52 19.27
C THR G 434 9.18 21.00 20.68
N GLU G 435 9.25 21.92 21.64
CA GLU G 435 9.51 21.56 23.02
C GLU G 435 8.21 21.71 23.82
N ILE G 436 7.77 20.59 24.38
CA ILE G 436 6.43 20.46 24.96
C ILE G 436 6.53 19.86 26.36
N VAL G 437 5.90 20.54 27.31
CA VAL G 437 5.64 19.98 28.64
C VAL G 437 4.20 20.33 29.03
N ASN G 438 3.47 19.34 29.54
CA ASN G 438 2.13 19.55 30.10
C ASN G 438 2.11 18.95 31.50
N LEU G 439 1.34 19.56 32.40
CA LEU G 439 1.23 19.09 33.79
C LEU G 439 0.13 18.06 33.90
N LEU G 440 0.52 16.80 34.11
CA LEU G 440 -0.40 15.65 34.17
C LEU G 440 -0.57 15.21 35.62
N ARG G 441 -1.79 14.89 36.04
CA ARG G 441 -1.98 14.37 37.40
C ARG G 441 -1.72 12.88 37.52
N CYS G 442 -1.65 12.18 36.38
CA CYS G 442 -1.44 10.74 36.39
C CYS G 442 -0.66 10.32 35.16
N ALA G 443 -0.30 9.04 35.13
CA ALA G 443 0.51 8.49 34.06
C ALA G 443 0.41 6.97 34.04
N TRP G 444 0.81 6.40 32.91
CA TRP G 444 1.05 4.95 32.81
C TRP G 444 2.45 4.79 32.21
N ALA G 445 2.89 3.54 32.08
CA ALA G 445 4.14 3.22 31.39
C ALA G 445 4.23 3.96 30.07
N GLY G 446 5.34 4.66 29.87
CA GLY G 446 5.58 5.37 28.62
C GLY G 446 5.05 6.80 28.52
N SER G 447 4.33 7.27 29.55
CA SER G 447 3.83 8.67 29.59
C SER G 447 4.93 9.71 29.39
N GLN G 448 6.14 9.39 29.85
CA GLN G 448 7.30 10.29 29.69
C GLN G 448 7.55 10.75 28.24
N ARG G 449 7.21 9.91 27.25
CA ARG G 449 7.41 10.26 25.84
C ARG G 449 6.44 11.34 25.33
N TYR G 450 5.33 11.54 26.03
CA TYR G 450 4.36 12.60 25.69
C TYR G 450 4.53 13.87 26.54
N GLY G 451 5.77 14.13 26.99
CA GLY G 451 6.08 15.33 27.75
C GLY G 451 5.30 15.51 29.04
N ALA G 452 5.01 14.38 29.71
CA ALA G 452 4.22 14.39 30.93
C ALA G 452 5.07 14.79 32.12
N LEU G 453 4.87 16.02 32.59
CA LEU G 453 5.30 16.43 33.91
C LEU G 453 4.19 16.00 34.87
N VAL G 454 4.47 15.04 35.75
CA VAL G 454 3.44 14.51 36.66
C VAL G 454 3.55 15.16 38.04
N TRP G 455 2.42 15.47 38.68
CA TRP G 455 2.41 15.89 40.09
C TRP G 455 1.50 15.00 40.93
N SER G 456 1.75 15.00 42.24
CA SER G 456 1.19 13.97 43.13
C SER G 456 -0.22 14.25 43.67
N GLY G 457 -0.93 15.20 43.07
CA GLY G 457 -2.35 15.36 43.31
C GLY G 457 -2.73 16.00 44.63
N ASP G 458 -3.97 15.75 45.03
CA ASP G 458 -4.63 16.50 46.09
C ASP G 458 -4.36 15.94 47.49
N ILE G 459 -3.06 15.83 47.81
CA ILE G 459 -2.60 15.36 49.12
C ILE G 459 -2.84 16.41 50.20
N ASN G 460 -2.90 15.97 51.45
CA ASN G 460 -3.07 16.91 52.56
C ASN G 460 -1.75 17.64 52.88
N SER G 461 -1.87 18.78 53.55
CA SER G 461 -0.72 19.60 53.94
C SER G 461 -0.17 19.20 55.32
N THR G 462 0.57 18.08 55.35
CA THR G 462 1.25 17.62 56.59
C THR G 462 2.66 17.14 56.29
N PHE G 463 3.45 16.99 57.36
CA PHE G 463 4.80 16.43 57.26
C PHE G 463 4.76 14.94 56.89
N GLY G 464 3.74 14.23 57.36
CA GLY G 464 3.46 12.86 56.92
C GLY G 464 3.29 12.77 55.40
N ALA G 465 2.54 13.71 54.84
CA ALA G 465 2.37 13.80 53.39
C ALA G 465 3.70 14.09 52.70
N LEU G 466 4.49 15.01 53.27
CA LEU G 466 5.79 15.40 52.70
C LEU G 466 6.74 14.19 52.58
N ARG G 467 6.85 13.42 53.66
CA ARG G 467 7.63 12.16 53.65
C ARG G 467 7.15 11.20 52.55
N ASN G 468 5.83 11.01 52.42
CA ASN G 468 5.27 10.16 51.35
C ASN G 468 5.67 10.64 49.95
N GLN G 469 5.65 11.96 49.74
CA GLN G 469 5.91 12.52 48.40
C GLN G 469 7.35 12.29 47.98
N LEU G 470 8.27 12.39 48.93
CA LEU G 470 9.68 12.11 48.63
C LEU G 470 9.84 10.69 48.10
N MET G 471 9.20 9.72 48.77
CA MET G 471 9.26 8.32 48.35
C MET G 471 8.65 8.14 46.96
N ALA G 472 7.50 8.79 46.75
CA ALA G 472 6.73 8.63 45.52
C ALA G 472 7.45 9.20 44.29
N GLY G 473 8.07 10.38 44.45
CA GLY G 473 8.81 11.00 43.35
C GLY G 473 10.04 10.20 42.95
N LEU G 474 10.77 9.70 43.94
CA LEU G 474 11.93 8.83 43.67
C LEU G 474 11.51 7.55 42.95
N ASN G 475 10.44 6.91 43.42
CA ASN G 475 9.92 5.71 42.74
C ASN G 475 9.35 6.02 41.35
N MET G 476 8.77 7.20 41.16
CA MET G 476 8.31 7.64 39.83
C MET G 476 9.48 7.78 38.85
N GLY G 477 10.61 8.30 39.33
CA GLY G 477 11.82 8.37 38.51
C GLY G 477 12.34 6.99 38.11
N ILE G 478 12.32 6.04 39.04
CA ILE G 478 12.69 4.65 38.76
C ILE G 478 11.73 4.00 37.76
N ALA G 479 10.45 4.39 37.82
CA ALA G 479 9.44 3.95 36.85
C ALA G 479 9.50 4.71 35.52
N GLY G 480 10.52 5.52 35.30
CA GLY G 480 10.79 6.16 34.01
C GLY G 480 10.07 7.47 33.78
N ILE G 481 9.64 8.12 34.85
CA ILE G 481 8.98 9.42 34.79
C ILE G 481 9.90 10.44 35.44
N PRO G 482 10.84 11.02 34.66
CA PRO G 482 11.80 11.97 35.24
C PRO G 482 11.21 13.36 35.59
N TRP G 483 10.20 13.80 34.84
CA TRP G 483 9.56 15.09 35.08
C TRP G 483 8.46 14.87 36.12
N TRP G 484 8.77 15.23 37.37
CA TRP G 484 7.84 15.01 38.46
C TRP G 484 7.96 16.16 39.46
N THR G 485 6.85 16.46 40.13
CA THR G 485 6.81 17.53 41.11
C THR G 485 5.62 17.37 42.08
N THR G 486 5.44 18.35 42.96
CA THR G 486 4.33 18.38 43.90
C THR G 486 3.80 19.80 44.05
N ASP G 487 2.66 19.90 44.73
CA ASP G 487 2.21 21.16 45.30
C ASP G 487 3.10 21.49 46.49
N ILE G 488 3.95 22.49 46.36
CA ILE G 488 4.71 22.98 47.51
C ILE G 488 3.75 23.39 48.63
N GLY G 489 3.96 22.81 49.80
CA GLY G 489 3.06 22.93 50.95
C GLY G 489 1.93 21.93 51.00
N GLY G 490 1.83 21.03 50.01
CA GLY G 490 0.68 20.14 49.91
C GLY G 490 -0.55 20.85 49.38
N PHE G 491 -1.59 20.09 49.08
CA PHE G 491 -2.81 20.65 48.49
C PHE G 491 -3.80 21.17 49.53
N ASP G 492 -4.19 20.32 50.47
CA ASP G 492 -5.39 20.53 51.28
C ASP G 492 -5.08 20.70 52.76
N GLY G 493 -5.55 21.78 53.36
CA GLY G 493 -5.52 21.96 54.82
C GLY G 493 -4.59 23.03 55.39
N GLY G 494 -3.79 23.69 54.56
CA GLY G 494 -2.84 24.69 55.04
C GLY G 494 -3.48 26.05 55.23
N ASP G 495 -3.60 26.48 56.49
CA ASP G 495 -4.11 27.82 56.80
C ASP G 495 -2.94 28.79 56.74
N ILE G 496 -3.07 29.83 55.91
CA ILE G 496 -1.95 30.75 55.66
C ILE G 496 -1.49 31.56 56.89
N ASN G 497 -2.34 31.63 57.91
CA ASN G 497 -2.02 32.31 59.17
C ASN G 497 -1.51 31.38 60.28
N ASP G 498 -1.41 30.08 60.01
CA ASP G 498 -1.01 29.10 61.01
C ASP G 498 0.53 28.95 61.02
N PRO G 499 1.18 29.20 62.18
CA PRO G 499 2.65 29.08 62.19
C PRO G 499 3.18 27.68 61.87
N ALA G 500 2.43 26.65 62.31
CA ALA G 500 2.80 25.25 62.03
C ALA G 500 2.74 24.91 60.55
N PHE G 501 1.71 25.40 59.85
CA PHE G 501 1.66 25.23 58.41
C PHE G 501 2.78 26.03 57.71
N GLN G 502 3.05 27.24 58.18
CA GLN G 502 4.13 28.07 57.62
C GLN G 502 5.50 27.37 57.69
N GLU G 503 5.76 26.66 58.79
CA GLU G 503 6.97 25.84 58.90
C GLU G 503 6.99 24.71 57.88
N LEU G 504 5.88 23.98 57.74
CA LEU G 504 5.79 22.93 56.72
C LEU G 504 6.05 23.50 55.34
N LEU G 505 5.41 24.64 55.04
CA LEU G 505 5.55 25.30 53.74
C LEU G 505 7.01 25.57 53.41
N ILE G 506 7.77 26.10 54.38
CA ILE G 506 9.17 26.43 54.19
C ILE G 506 9.98 25.16 53.89
N ARG G 507 9.80 24.11 54.68
CA ARG G 507 10.52 22.85 54.47
C ARG G 507 10.20 22.20 53.12
N TRP G 508 8.94 22.27 52.72
CA TRP G 508 8.46 21.73 51.45
C TRP G 508 9.01 22.57 50.28
N PHE G 509 9.08 23.88 50.47
CA PHE G 509 9.62 24.80 49.48
C PHE G 509 11.12 24.55 49.26
N GLN G 510 11.87 24.41 50.35
CA GLN G 510 13.32 24.13 50.29
C GLN G 510 13.59 22.80 49.57
N TRP G 511 12.75 21.80 49.84
CA TRP G 511 12.78 20.55 49.08
C TRP G 511 12.46 20.82 47.60
N GLY G 512 11.39 21.56 47.36
CA GLY G 512 10.92 21.92 46.02
C GLY G 512 11.95 22.55 45.10
N VAL G 513 12.86 23.35 45.67
CA VAL G 513 14.02 23.90 44.95
C VAL G 513 14.86 22.77 44.29
N PHE G 514 14.97 21.63 44.98
CA PHE G 514 15.70 20.45 44.48
C PHE G 514 14.79 19.31 44.01
N CYS G 515 13.64 19.68 43.45
CA CYS G 515 12.77 18.75 42.72
C CYS G 515 12.91 19.05 41.23
N PRO G 516 12.51 18.10 40.36
CA PRO G 516 12.66 18.32 38.92
C PRO G 516 11.98 19.61 38.42
N VAL G 517 10.82 19.94 38.98
CA VAL G 517 10.17 21.24 38.75
C VAL G 517 9.80 21.85 40.11
N THR G 518 10.05 23.15 40.27
CA THR G 518 9.75 23.91 41.47
C THR G 518 8.43 24.66 41.29
N ARG G 519 7.38 24.20 41.97
CA ARG G 519 6.01 24.66 41.72
C ARG G 519 5.22 24.87 43.00
N LEU G 520 4.79 26.11 43.22
CA LEU G 520 3.95 26.49 44.32
C LEU G 520 2.48 26.37 43.90
N HIS G 521 1.72 25.58 44.63
CA HIS G 521 0.28 25.41 44.43
C HIS G 521 -0.35 24.97 45.74
N GLY G 522 -1.65 25.20 45.88
CA GLY G 522 -2.41 24.68 46.98
C GLY G 522 -3.83 25.24 47.03
N PHE G 523 -4.64 24.60 47.86
CA PHE G 523 -5.96 25.07 48.20
C PHE G 523 -5.85 25.51 49.67
N ARG G 524 -5.49 26.78 49.86
CA ARG G 524 -5.18 27.29 51.19
C ARG G 524 -6.43 27.76 51.93
N GLN G 525 -6.37 27.64 53.24
CA GLN G 525 -7.42 28.12 54.14
C GLN G 525 -7.02 29.52 54.63
N PRO G 526 -7.98 30.36 55.02
CA PRO G 526 -9.43 30.06 55.01
C PRO G 526 -10.04 30.20 53.60
N MET G 527 -10.83 29.22 53.21
CA MET G 527 -11.46 29.21 51.89
C MET G 527 -12.61 30.21 51.84
N GLU G 528 -12.99 30.60 50.63
CA GLU G 528 -14.06 31.55 50.39
C GLU G 528 -15.07 30.92 49.43
N GLU G 529 -16.31 30.76 49.90
CA GLU G 529 -17.43 30.32 49.07
C GLU G 529 -17.68 31.38 48.00
N PRO G 530 -18.19 30.97 46.82
CA PRO G 530 -18.50 31.99 45.80
C PRO G 530 -19.65 32.90 46.24
N ALA G 531 -19.61 34.15 45.80
CA ALA G 531 -20.64 35.14 46.11
C ALA G 531 -22.04 34.64 45.75
N GLU G 532 -22.15 34.05 44.57
CA GLU G 532 -23.38 33.40 44.12
C GLU G 532 -23.10 31.90 43.98
N THR G 533 -23.95 31.07 44.59
CA THR G 533 -23.81 29.61 44.54
C THR G 533 -23.98 29.09 43.12
N TYR G 534 -24.95 29.67 42.41
CA TYR G 534 -25.22 29.33 41.02
C TYR G 534 -25.23 30.58 40.15
N ARG G 535 -24.94 30.38 38.86
CA ARG G 535 -25.15 31.38 37.82
C ARG G 535 -25.60 30.63 36.58
N ASP G 536 -26.75 31.01 36.02
CA ASP G 536 -27.37 30.33 34.86
C ASP G 536 -27.64 28.83 35.15
N GLY G 537 -27.92 28.50 36.42
CA GLY G 537 -28.07 27.10 36.85
C GLY G 537 -26.79 26.26 36.95
N ILE G 538 -25.63 26.87 36.68
CA ILE G 538 -24.34 26.19 36.75
C ILE G 538 -23.74 26.54 38.11
N ALA G 539 -23.50 25.53 38.94
CA ALA G 539 -22.88 25.70 40.25
C ALA G 539 -21.48 26.31 40.11
N GLN G 540 -21.19 27.34 40.93
CA GLN G 540 -19.93 28.10 40.84
C GLN G 540 -18.88 27.55 41.78
N CYS G 541 -17.61 27.68 41.36
CA CYS G 541 -16.49 27.12 42.09
C CYS G 541 -15.89 28.12 43.09
N MET G 542 -15.70 27.63 44.31
CA MET G 542 -15.02 28.39 45.37
C MET G 542 -13.54 28.69 45.06
N THR G 543 -12.91 29.43 45.97
CA THR G 543 -11.46 29.64 45.96
C THR G 543 -10.89 29.42 47.37
N GLY G 544 -9.60 29.09 47.43
CA GLY G 544 -8.84 29.14 48.66
C GLY G 544 -8.29 30.53 48.88
N ALA G 545 -7.51 30.67 49.95
CA ALA G 545 -6.82 31.91 50.29
C ALA G 545 -5.60 32.15 49.38
N ALA G 546 -4.90 33.26 49.61
CA ALA G 546 -3.71 33.61 48.84
C ALA G 546 -2.59 32.55 48.99
N ASN G 547 -1.75 32.43 47.98
CA ASN G 547 -0.64 31.47 48.03
C ASN G 547 0.56 31.97 47.24
N GLU G 548 0.95 33.21 47.52
CA GLU G 548 2.11 33.83 46.87
C GLU G 548 3.22 33.93 47.92
N ILE G 549 4.47 34.12 47.50
CA ILE G 549 5.58 34.05 48.47
C ILE G 549 5.61 35.19 49.51
N TRP G 550 4.81 36.23 49.27
CA TRP G 550 4.61 37.33 50.24
C TRP G 550 3.37 37.15 51.13
N SER G 551 2.64 36.05 50.97
CA SER G 551 1.36 35.85 51.68
C SER G 551 1.49 35.30 53.10
N TYR G 552 2.71 35.02 53.56
CA TYR G 552 2.94 34.31 54.82
C TYR G 552 3.85 35.09 55.80
N GLY G 553 3.85 36.42 55.68
CA GLY G 553 4.69 37.29 56.51
C GLY G 553 6.03 37.59 55.88
N GLU G 554 6.71 38.60 56.42
CA GLU G 554 7.96 39.09 55.83
C GLU G 554 9.14 38.14 56.11
N ASP G 555 9.15 37.51 57.29
CA ASP G 555 10.18 36.53 57.63
C ASP G 555 10.22 35.33 56.67
N ASN G 556 9.05 34.80 56.34
CA ASN G 556 8.93 33.67 55.41
C ASN G 556 9.17 34.13 53.96
N TYR G 557 8.82 35.38 53.65
CA TYR G 557 9.11 35.97 52.33
C TYR G 557 10.60 35.97 51.99
N ALA G 558 11.41 36.36 52.96
CA ALA G 558 12.87 36.38 52.82
C ALA G 558 13.44 35.00 52.53
N ILE G 559 12.92 33.99 53.21
CA ILE G 559 13.37 32.60 53.00
C ILE G 559 12.97 32.15 51.59
N MET G 560 11.69 32.30 51.24
CA MET G 560 11.20 31.86 49.93
C MET G 560 11.82 32.65 48.77
N LYS G 561 12.11 33.93 48.99
CA LYS G 561 12.84 34.74 48.00
C LYS G 561 14.22 34.16 47.72
N SER G 562 14.94 33.82 48.78
CA SER G 562 16.27 33.21 48.61
C SER G 562 16.20 31.81 47.96
N CYS G 563 15.12 31.06 48.25
CA CYS G 563 14.84 29.79 47.56
C CYS G 563 14.69 29.99 46.05
N LEU G 564 13.92 31.02 45.66
CA LEU G 564 13.77 31.33 44.23
C LEU G 564 15.11 31.74 43.59
N GLU G 565 15.90 32.55 44.27
CA GLU G 565 17.22 32.95 43.78
C GLU G 565 18.17 31.74 43.63
N LEU G 566 18.11 30.81 44.57
CA LEU G 566 18.88 29.55 44.48
C LEU G 566 18.43 28.72 43.28
N ARG G 567 17.12 28.62 43.05
CA ARG G 567 16.59 27.84 41.93
C ARG G 567 17.05 28.39 40.59
N GLU G 568 17.09 29.72 40.47
CA GLU G 568 17.61 30.36 39.27
C GLU G 568 19.09 30.02 39.04
N ARG G 569 19.91 30.04 40.09
CA ARG G 569 21.32 29.62 40.00
C ARG G 569 21.48 28.14 39.59
N LEU G 570 20.53 27.32 39.98
CA LEU G 570 20.49 25.88 39.61
C LEU G 570 20.06 25.57 38.16
N ARG G 571 19.55 26.55 37.42
CA ARG G 571 18.91 26.26 36.13
C ARG G 571 19.82 25.61 35.09
N PRO G 572 21.06 26.11 34.91
CA PRO G 572 21.92 25.40 33.95
C PRO G 572 22.17 23.93 34.32
N TYR G 573 22.35 23.65 35.62
CA TYR G 573 22.49 22.28 36.09
C TYR G 573 21.23 21.46 35.86
N VAL G 574 20.06 22.03 36.18
CA VAL G 574 18.77 21.36 35.92
C VAL G 574 18.65 20.97 34.44
N MET G 575 18.99 21.88 33.53
CA MET G 575 18.91 21.60 32.08
C MET G 575 19.91 20.53 31.64
N ARG G 576 21.09 20.49 32.26
CA ARG G 576 22.07 19.42 32.00
C ARG G 576 21.52 18.06 32.43
N VAL G 577 20.91 18.01 33.62
CA VAL G 577 20.31 16.78 34.14
C VAL G 577 19.06 16.38 33.33
N MET G 578 18.30 17.37 32.87
CA MET G 578 17.14 17.11 32.00
C MET G 578 17.56 16.53 30.64
N LYS G 579 18.61 17.08 30.05
CA LYS G 579 19.19 16.54 28.81
C LYS G 579 19.67 15.10 29.01
N ALA G 580 20.31 14.84 30.15
CA ALA G 580 20.73 13.48 30.51
C ALA G 580 19.55 12.52 30.66
N ALA G 581 18.43 12.99 31.22
CA ALA G 581 17.20 12.18 31.29
C ALA G 581 16.70 11.83 29.90
N HIS G 582 16.76 12.81 29.00
CA HIS G 582 16.37 12.61 27.60
C HIS G 582 17.33 11.65 26.89
N ASP G 583 18.63 11.82 27.12
CA ASP G 583 19.66 11.00 26.45
C ASP G 583 19.78 9.58 26.98
N THR G 584 19.65 9.39 28.30
CA THR G 584 20.00 8.12 28.93
C THR G 584 18.89 7.47 29.77
N GLY G 585 17.73 8.12 29.90
CA GLY G 585 16.64 7.60 30.72
C GLY G 585 16.86 7.67 32.22
N ALA G 586 17.91 8.37 32.66
CA ALA G 586 18.20 8.50 34.09
C ALA G 586 17.19 9.48 34.68
N PRO G 587 16.68 9.20 35.90
CA PRO G 587 15.83 10.20 36.54
C PRO G 587 16.59 11.45 36.99
N VAL G 588 15.83 12.48 37.34
CA VAL G 588 16.39 13.77 37.75
C VAL G 588 16.64 13.71 39.26
N MET G 589 15.59 13.41 40.02
CA MET G 589 15.73 13.06 41.43
C MET G 589 15.86 11.53 41.49
N ARG G 590 16.94 11.05 42.10
CA ARG G 590 17.29 9.62 42.11
C ARG G 590 17.57 9.12 43.52
N PRO G 591 17.22 7.85 43.81
CA PRO G 591 17.72 7.25 45.04
C PRO G 591 19.26 7.20 45.04
N LEU G 592 19.84 7.12 46.24
CA LEU G 592 21.29 7.09 46.40
C LEU G 592 21.94 5.95 45.65
N PHE G 593 21.28 4.80 45.58
CA PHE G 593 21.82 3.62 44.87
C PHE G 593 21.97 3.81 43.36
N PHE G 594 21.25 4.77 42.78
CA PHE G 594 21.39 5.08 41.36
C PHE G 594 22.79 5.60 41.03
N ASP G 595 23.33 6.44 41.90
CA ASP G 595 24.68 7.00 41.72
C ASP G 595 25.78 6.24 42.46
N PHE G 596 25.43 5.53 43.53
CA PHE G 596 26.38 4.77 44.34
C PHE G 596 25.89 3.33 44.57
N PRO G 597 25.69 2.57 43.48
CA PRO G 597 25.10 1.22 43.59
C PRO G 597 25.98 0.19 44.33
N ASP G 598 27.28 0.44 44.42
CA ASP G 598 28.21 -0.45 45.13
C ASP G 598 28.26 -0.28 46.65
N GLN G 599 27.55 0.71 47.19
CA GLN G 599 27.62 1.03 48.62
C GLN G 599 26.33 0.63 49.33
N ALA G 600 26.45 -0.16 50.39
CA ALA G 600 25.29 -0.77 51.08
C ALA G 600 24.30 0.26 51.60
N GLU G 601 24.81 1.34 52.17
CA GLU G 601 23.98 2.40 52.75
C GLU G 601 23.10 3.08 51.70
N ALA G 602 23.56 3.13 50.45
CA ALA G 602 22.78 3.68 49.33
C ALA G 602 21.46 2.93 49.06
N TRP G 603 21.43 1.63 49.36
CA TRP G 603 20.23 0.80 49.26
C TRP G 603 19.37 0.77 50.55
N GLN G 604 19.81 1.43 51.61
CA GLN G 604 19.08 1.49 52.89
C GLN G 604 18.42 2.85 53.16
N ILE G 605 19.10 3.93 52.79
CA ILE G 605 18.66 5.29 53.13
C ILE G 605 17.51 5.75 52.24
N GLU G 606 16.41 6.14 52.88
CA GLU G 606 15.20 6.58 52.18
C GLU G 606 14.82 8.03 52.49
N ASP G 607 15.64 8.79 53.25
CA ASP G 607 15.37 10.21 53.52
C ASP G 607 16.46 11.15 52.99
N GLN G 608 17.23 10.65 52.03
CA GLN G 608 18.21 11.40 51.27
C GLN G 608 18.07 10.97 49.83
N TYR G 609 18.51 11.83 48.91
CA TYR G 609 18.50 11.50 47.50
C TYR G 609 19.50 12.32 46.73
N MET G 610 19.71 11.96 45.47
CA MET G 610 20.57 12.73 44.58
C MET G 610 19.71 13.53 43.62
N PHE G 611 19.92 14.85 43.59
CA PHE G 611 19.33 15.72 42.57
C PHE G 611 20.37 15.82 41.47
N GLY G 612 20.23 14.95 40.47
CA GLY G 612 21.29 14.72 39.49
C GLY G 612 22.52 14.08 40.11
N PRO G 613 23.61 13.94 39.34
CA PRO G 613 24.77 13.25 39.85
C PRO G 613 25.63 14.03 40.86
N ASP G 614 25.42 15.34 41.01
CA ASP G 614 26.33 16.20 41.77
C ASP G 614 25.77 16.82 43.05
N ILE G 615 24.48 16.63 43.35
CA ILE G 615 23.88 17.27 44.53
C ILE G 615 23.18 16.26 45.43
N LEU G 616 23.65 16.17 46.67
CA LEU G 616 23.08 15.32 47.69
C LEU G 616 22.14 16.17 48.53
N VAL G 617 20.91 15.72 48.67
CA VAL G 617 19.86 16.47 49.37
C VAL G 617 19.37 15.63 50.53
N ALA G 618 19.29 16.24 51.71
CA ALA G 618 18.83 15.59 52.93
C ALA G 618 17.69 16.42 53.52
N PRO G 619 16.47 16.28 52.95
CA PRO G 619 15.36 17.13 53.41
C PRO G 619 15.00 16.97 54.88
N VAL G 620 14.47 18.04 55.47
CA VAL G 620 13.90 17.98 56.83
C VAL G 620 12.43 17.61 56.70
N LEU G 621 12.05 16.52 57.37
CA LEU G 621 10.73 15.90 57.21
C LEU G 621 9.93 15.84 58.51
N GLU G 622 10.30 16.67 59.49
CA GLU G 622 9.60 16.74 60.78
C GLU G 622 9.48 18.17 61.26
N ALA G 623 8.32 18.50 61.83
CA ALA G 623 8.09 19.78 62.47
C ALA G 623 9.08 19.99 63.62
N GLY G 624 9.63 21.20 63.74
CA GLY G 624 10.52 21.56 64.85
C GLY G 624 11.96 21.09 64.74
N GLN G 625 12.29 20.30 63.72
CA GLN G 625 13.61 19.72 63.60
C GLN G 625 14.60 20.78 63.15
N ARG G 626 15.71 20.91 63.87
CA ARG G 626 16.72 21.92 63.57
C ARG G 626 18.12 21.35 63.28
N SER G 627 18.22 20.02 63.27
CA SER G 627 19.40 19.34 62.74
C SER G 627 19.03 17.91 62.38
N ARG G 628 19.87 17.27 61.57
CA ARG G 628 19.65 15.86 61.23
C ARG G 628 20.93 15.20 60.78
N LYS G 629 20.92 13.87 60.83
CA LYS G 629 22.04 13.05 60.39
C LYS G 629 22.02 12.94 58.87
N VAL G 630 23.20 13.00 58.26
CA VAL G 630 23.35 12.89 56.82
C VAL G 630 24.53 11.96 56.50
N TRP G 631 24.26 10.88 55.78
CA TRP G 631 25.31 10.03 55.25
C TRP G 631 25.88 10.62 53.97
N LEU G 632 27.20 10.78 53.94
CA LEU G 632 27.92 11.24 52.76
C LEU G 632 28.50 10.03 52.04
N PRO G 633 28.08 9.77 50.78
CA PRO G 633 28.64 8.62 50.04
C PRO G 633 30.15 8.68 49.84
N GLU G 634 30.78 7.51 49.85
CA GLU G 634 32.22 7.36 49.62
C GLU G 634 32.55 7.59 48.14
N GLY G 635 33.79 8.03 47.88
CA GLY G 635 34.33 8.13 46.52
C GLY G 635 34.59 9.54 46.02
N CYS G 636 34.08 10.52 46.76
CA CYS G 636 34.34 11.92 46.46
C CYS G 636 34.23 12.73 47.74
N ALA G 637 34.78 13.93 47.70
CA ALA G 637 34.60 14.91 48.77
C ALA G 637 33.32 15.70 48.49
N TRP G 638 32.74 16.25 49.54
CA TRP G 638 31.44 16.92 49.49
C TRP G 638 31.56 18.34 50.05
N ILE G 639 30.97 19.30 49.34
CA ILE G 639 30.97 20.71 49.75
C ILE G 639 29.59 21.08 50.32
N ASP G 640 29.56 21.49 51.59
CA ASP G 640 28.34 21.97 52.25
C ASP G 640 27.87 23.26 51.56
N LEU G 641 26.68 23.22 50.96
CA LEU G 641 26.13 24.36 50.20
C LEU G 641 25.95 25.64 51.03
N ASN G 642 25.66 25.48 52.32
CA ASN G 642 25.33 26.62 53.19
C ASN G 642 26.53 27.21 53.95
N THR G 643 27.56 26.40 54.22
CA THR G 643 28.80 26.89 54.87
C THR G 643 30.05 26.91 53.97
N GLY G 644 30.03 26.19 52.85
CA GLY G 644 31.23 26.02 52.02
C GLY G 644 32.26 25.04 52.56
N ALA G 645 31.95 24.35 53.66
CA ALA G 645 32.92 23.42 54.29
C ALA G 645 33.06 22.14 53.46
N ARG G 646 34.29 21.61 53.44
CA ARG G 646 34.62 20.39 52.72
C ARG G 646 34.57 19.22 53.69
N GLN G 647 33.87 18.16 53.27
CA GLN G 647 33.71 16.95 54.09
C GLN G 647 34.10 15.78 53.21
N ASN G 648 34.93 14.88 53.76
CA ASN G 648 35.29 13.65 53.05
C ASN G 648 34.08 12.73 52.95
N GLY G 649 33.97 12.01 51.84
CA GLY G 649 32.92 11.02 51.66
C GLY G 649 33.13 9.79 52.55
N GLY G 650 32.05 9.04 52.74
CA GLY G 650 32.09 7.79 53.48
C GLY G 650 32.02 8.01 54.98
N GLN G 651 31.11 8.87 55.41
CA GLN G 651 30.88 9.13 56.83
C GLN G 651 29.50 9.70 57.07
N TRP G 652 29.04 9.57 58.32
CA TRP G 652 27.81 10.21 58.79
C TRP G 652 28.17 11.55 59.44
N CYS G 653 27.38 12.58 59.12
CA CYS G 653 27.55 13.93 59.69
C CYS G 653 26.27 14.33 60.40
N ASP G 654 26.42 15.01 61.54
CA ASP G 654 25.28 15.65 62.19
C ASP G 654 25.24 17.08 61.65
N CYS G 655 24.26 17.36 60.78
CA CYS G 655 24.21 18.62 60.04
C CYS G 655 23.22 19.60 60.62
N ASP G 656 23.65 20.85 60.70
CA ASP G 656 22.81 21.96 61.12
C ASP G 656 21.69 22.15 60.08
N ALA G 657 20.46 22.27 60.55
CA ALA G 657 19.30 22.42 59.68
C ALA G 657 18.33 23.45 60.27
N PRO G 658 18.75 24.74 60.31
CA PRO G 658 17.86 25.79 60.81
C PRO G 658 16.69 26.00 59.86
N LEU G 659 15.69 26.77 60.27
CA LEU G 659 14.52 27.02 59.43
C LEU G 659 14.88 27.55 58.02
N GLU G 660 15.98 28.31 57.93
CA GLU G 660 16.40 28.96 56.68
C GLU G 660 17.14 28.04 55.68
N ALA G 661 17.50 26.81 56.06
CA ALA G 661 18.17 25.88 55.12
C ALA G 661 18.01 24.41 55.50
N ILE G 662 17.95 23.55 54.48
CA ILE G 662 18.07 22.11 54.69
C ILE G 662 19.48 21.70 54.27
N PRO G 663 20.00 20.59 54.82
CA PRO G 663 21.36 20.17 54.42
C PRO G 663 21.43 19.72 52.96
N VAL G 664 22.33 20.36 52.21
CA VAL G 664 22.61 20.02 50.82
C VAL G 664 24.12 20.00 50.65
N PHE G 665 24.63 18.99 49.92
CA PHE G 665 26.06 18.86 49.63
C PHE G 665 26.30 18.75 48.13
N ILE G 666 27.37 19.39 47.67
CA ILE G 666 27.76 19.38 46.25
C ILE G 666 29.00 18.50 46.11
N ARG G 667 29.00 17.63 45.09
CA ARG G 667 30.18 16.86 44.73
C ARG G 667 31.32 17.83 44.40
N GLU G 668 32.46 17.65 45.06
CA GLU G 668 33.60 18.57 44.89
C GLU G 668 34.06 18.57 43.44
N ALA G 669 34.36 19.77 42.93
CA ALA G 669 34.84 19.98 41.56
C ALA G 669 33.80 19.78 40.44
N ALA G 670 32.55 19.48 40.79
CA ALA G 670 31.48 19.45 39.78
C ALA G 670 31.25 20.88 39.33
N ALA G 671 30.87 21.05 38.06
CA ALA G 671 30.65 22.39 37.50
C ALA G 671 29.60 23.20 38.29
N VAL G 672 28.59 22.52 38.81
CA VAL G 672 27.53 23.18 39.59
C VAL G 672 28.06 23.87 40.87
N GLN G 673 29.16 23.37 41.45
CA GLN G 673 29.77 24.01 42.64
C GLN G 673 30.08 25.51 42.40
N ALA G 674 30.74 25.82 41.29
CA ALA G 674 31.04 27.21 40.92
C ALA G 674 29.77 28.02 40.59
N GLU G 675 28.79 27.37 39.97
CA GLU G 675 27.50 28.00 39.65
C GLU G 675 26.69 28.44 40.90
N LEU G 676 26.85 27.73 42.01
CA LEU G 676 26.13 28.05 43.26
C LEU G 676 26.87 29.00 44.21
N SER G 677 28.18 29.16 44.03
CA SER G 677 29.01 30.12 44.79
C SER G 677 28.85 30.04 46.32
N SER H 2 15.77 37.58 -59.06
CA SER H 2 15.40 36.59 -60.11
C SER H 2 16.15 36.93 -61.39
N GLU H 3 16.90 35.95 -61.93
CA GLU H 3 17.76 36.18 -63.08
C GLU H 3 17.73 34.97 -64.02
N PHE H 4 17.54 35.24 -65.32
CA PHE H 4 17.69 34.25 -66.36
C PHE H 4 19.07 34.35 -67.00
N ILE H 5 19.70 33.20 -67.23
CA ILE H 5 20.90 33.11 -68.07
C ILE H 5 20.47 32.28 -69.26
N LEU H 6 20.37 32.91 -70.44
CA LEU H 6 19.85 32.25 -71.63
C LEU H 6 20.92 32.13 -72.71
N THR H 7 21.00 30.96 -73.33
CA THR H 7 21.78 30.75 -74.55
C THR H 7 20.83 30.17 -75.60
N SER H 8 21.35 29.89 -76.78
CA SER H 8 20.54 29.37 -77.90
C SER H 8 19.84 28.03 -77.60
N ASP H 9 20.44 27.19 -76.75
CA ASP H 9 19.89 25.86 -76.43
C ASP H 9 19.87 25.51 -74.93
N LYS H 10 19.82 26.52 -74.06
CA LYS H 10 19.80 26.28 -72.60
C LYS H 10 19.08 27.42 -71.87
N LEU H 11 18.17 27.05 -70.98
CA LEU H 11 17.49 28.01 -70.09
C LEU H 11 18.00 27.76 -68.68
N VAL H 12 18.62 28.77 -68.08
CA VAL H 12 18.99 28.73 -66.66
C VAL H 12 18.25 29.86 -65.94
N TRP H 13 17.66 29.54 -64.78
CA TRP H 13 17.09 30.54 -63.87
C TRP H 13 17.77 30.38 -62.51
N THR H 14 18.01 31.49 -61.84
CA THR H 14 18.65 31.46 -60.53
C THR H 14 18.15 32.51 -59.54
N TYR H 15 18.06 32.10 -58.28
CA TYR H 15 17.80 32.99 -57.16
C TYR H 15 18.38 32.34 -55.90
N ASP H 16 19.07 33.15 -55.10
CA ASP H 16 19.67 32.72 -53.84
C ASP H 16 20.45 31.39 -53.91
N GLY H 17 21.27 31.26 -54.95
CA GLY H 17 22.06 30.05 -55.15
C GLY H 17 21.32 28.85 -55.73
N HIS H 18 19.98 28.90 -55.81
CA HIS H 18 19.19 27.88 -56.48
C HIS H 18 19.38 28.06 -57.98
N LYS H 19 19.88 27.04 -58.66
CA LYS H 19 20.07 27.04 -60.12
C LYS H 19 19.11 26.05 -60.71
N LEU H 20 18.25 26.51 -61.62
CA LEU H 20 17.35 25.64 -62.38
C LEU H 20 17.84 25.67 -63.83
N GLN H 21 18.12 24.49 -64.40
CA GLN H 21 18.68 24.38 -65.75
C GLN H 21 17.82 23.43 -66.59
N ILE H 22 17.32 23.95 -67.72
CA ILE H 22 16.47 23.19 -68.64
C ILE H 22 17.13 23.21 -70.00
N GLU H 23 17.22 22.04 -70.64
CA GLU H 23 17.91 21.90 -71.92
C GLU H 23 17.33 20.75 -72.72
N PRO H 24 17.50 20.78 -74.05
CA PRO H 24 17.09 19.62 -74.86
C PRO H 24 17.87 18.36 -74.49
N TRP H 25 17.19 17.22 -74.55
CA TRP H 25 17.85 15.93 -74.32
C TRP H 25 17.16 14.85 -75.17
N GLY H 26 17.37 14.96 -76.48
CA GLY H 26 16.72 14.11 -77.48
C GLY H 26 15.49 14.83 -78.02
N GLU H 27 15.03 14.38 -79.19
CA GLU H 27 13.87 15.00 -79.85
C GLU H 27 12.64 15.01 -78.93
N ASN H 28 11.92 16.13 -78.92
CA ASN H 28 10.66 16.30 -78.17
C ASN H 28 10.80 16.12 -76.66
N SER H 29 12.01 16.34 -76.15
CA SER H 29 12.37 16.00 -74.78
C SER H 29 13.24 17.09 -74.14
N LEU H 30 13.08 17.27 -72.83
CA LEU H 30 13.91 18.19 -72.06
C LEU H 30 14.47 17.50 -70.81
N ARG H 31 15.66 17.94 -70.39
CA ARG H 31 16.22 17.53 -69.12
C ARG H 31 16.12 18.72 -68.17
N VAL H 32 15.69 18.45 -66.94
CA VAL H 32 15.52 19.48 -65.90
C VAL H 32 16.43 19.15 -64.72
N ARG H 33 17.31 20.08 -64.37
CA ARG H 33 18.17 19.92 -63.20
C ARG H 33 18.09 21.15 -62.30
N ALA H 34 18.20 20.93 -61.00
CA ALA H 34 18.24 22.01 -60.02
C ALA H 34 19.15 21.66 -58.85
N THR H 35 19.89 22.66 -58.36
CA THR H 35 20.79 22.48 -57.23
C THR H 35 20.97 23.78 -56.47
N VAL H 36 21.36 23.68 -55.19
CA VAL H 36 21.82 24.84 -54.42
C VAL H 36 23.33 24.76 -54.12
N ALA H 37 24.02 23.77 -54.69
CA ALA H 37 25.46 23.66 -54.60
C ALA H 37 26.06 24.64 -55.60
N PRO H 38 27.39 24.88 -55.54
CA PRO H 38 28.00 25.84 -56.49
C PRO H 38 27.63 25.59 -57.96
N GLU H 39 27.70 24.34 -58.39
CA GLU H 39 27.39 23.93 -59.76
C GLU H 39 26.66 22.60 -59.78
N LEU H 40 26.06 22.28 -60.92
CA LEU H 40 25.57 20.93 -61.18
C LEU H 40 26.76 19.96 -61.20
N ASN H 41 26.54 18.74 -60.71
CA ASN H 41 27.58 17.70 -60.76
C ASN H 41 27.55 17.01 -62.14
N GLY H 42 28.42 16.02 -62.34
CA GLY H 42 28.51 15.28 -63.60
C GLY H 42 27.73 13.97 -63.65
N ASN H 43 26.81 13.74 -62.72
CA ASN H 43 26.04 12.49 -62.70
C ASN H 43 24.91 12.53 -63.73
N ASP H 44 25.00 11.66 -64.73
CA ASP H 44 23.92 11.47 -65.71
C ASP H 44 23.07 10.23 -65.44
N TRP H 45 23.50 9.38 -64.51
CA TRP H 45 22.75 8.18 -64.10
C TRP H 45 22.26 7.31 -65.29
N ALA H 46 20.96 7.37 -65.63
CA ALA H 46 20.41 6.53 -66.71
C ALA H 46 20.41 7.20 -68.09
N LEU H 47 20.65 8.50 -68.14
CA LEU H 47 20.55 9.22 -69.41
C LEU H 47 21.82 9.07 -70.23
N LEU H 48 21.65 8.54 -71.44
CA LEU H 48 22.73 8.43 -72.40
C LEU H 48 22.96 9.80 -73.04
N PRO H 49 24.15 10.01 -73.66
CA PRO H 49 24.39 11.29 -74.34
C PRO H 49 23.31 11.59 -75.37
N ALA H 50 22.81 12.82 -75.36
CA ALA H 50 21.67 13.20 -76.20
C ALA H 50 22.11 13.47 -77.62
N LYS H 51 21.29 13.05 -78.59
CA LYS H 51 21.48 13.44 -79.99
C LYS H 51 21.04 14.91 -80.10
N PRO H 52 21.86 15.77 -80.75
CA PRO H 52 21.53 17.20 -80.81
C PRO H 52 20.23 17.45 -81.59
N SER H 53 19.37 18.31 -81.05
CA SER H 53 18.00 18.45 -81.55
C SER H 53 17.90 19.43 -82.74
N THR H 54 16.89 19.24 -83.58
CA THR H 54 16.73 20.00 -84.82
C THR H 54 16.38 21.47 -84.56
N LYS H 55 15.20 21.71 -83.99
CA LYS H 55 14.70 23.07 -83.78
C LYS H 55 14.45 23.35 -82.31
N VAL H 56 15.51 23.77 -81.63
CA VAL H 56 15.46 24.23 -80.25
C VAL H 56 15.42 25.75 -80.29
N LYS H 57 14.49 26.34 -79.55
CA LYS H 57 14.37 27.79 -79.46
C LYS H 57 14.21 28.22 -78.01
N VAL H 58 15.06 29.15 -77.59
CA VAL H 58 14.98 29.75 -76.26
C VAL H 58 14.62 31.22 -76.46
N SER H 59 13.66 31.71 -75.68
CA SER H 59 13.28 33.11 -75.73
C SER H 59 12.78 33.62 -74.38
N GLU H 60 12.89 34.94 -74.20
CA GLU H 60 12.33 35.61 -73.02
C GLU H 60 11.18 36.50 -73.45
N PHE H 61 10.14 36.54 -72.62
CA PHE H 61 8.93 37.33 -72.90
C PHE H 61 8.35 37.79 -71.57
N GLU H 62 8.02 39.08 -71.49
CA GLU H 62 7.55 39.73 -70.26
C GLU H 62 8.61 39.49 -69.16
N ASP H 63 8.25 38.88 -68.02
CA ASP H 63 9.22 38.50 -66.99
C ASP H 63 9.47 36.98 -66.95
N SER H 64 9.14 36.28 -68.04
CA SER H 64 9.31 34.83 -68.14
C SER H 64 10.38 34.44 -69.16
N ALA H 65 10.70 33.15 -69.20
CA ALA H 65 11.47 32.56 -70.28
C ALA H 65 10.85 31.23 -70.70
N ARG H 66 11.16 30.85 -71.94
CA ARG H 66 10.58 29.69 -72.58
C ARG H 66 11.69 28.92 -73.29
N ILE H 67 11.63 27.59 -73.25
CA ILE H 67 12.47 26.75 -74.10
C ILE H 67 11.57 25.72 -74.79
N VAL H 68 11.62 25.71 -76.13
CA VAL H 68 10.86 24.75 -76.93
C VAL H 68 11.84 23.79 -77.58
N ASN H 69 11.50 22.50 -77.55
CA ASN H 69 12.23 21.47 -78.28
C ASN H 69 11.21 20.53 -78.92
N GLY H 70 10.88 20.83 -80.18
CA GLY H 70 9.88 20.07 -80.92
C GLY H 70 8.51 20.15 -80.29
N ASN H 71 7.99 19.01 -79.87
CA ASN H 71 6.64 18.89 -79.34
C ASN H 71 6.50 19.12 -77.83
N ILE H 72 7.57 19.53 -77.16
CA ILE H 72 7.50 19.93 -75.75
C ILE H 72 8.08 21.33 -75.57
N SER H 73 7.51 22.08 -74.62
CA SER H 73 8.07 23.37 -74.23
C SER H 73 7.97 23.52 -72.71
N ALA H 74 8.91 24.27 -72.15
CA ALA H 74 8.94 24.57 -70.73
C ALA H 74 8.87 26.06 -70.55
N VAL H 75 7.98 26.53 -69.68
CA VAL H 75 7.87 27.95 -69.36
C VAL H 75 8.27 28.15 -67.89
N VAL H 76 9.21 29.06 -67.66
CA VAL H 76 9.63 29.45 -66.31
C VAL H 76 9.28 30.92 -66.14
N ASN H 77 8.43 31.23 -65.17
CA ASN H 77 8.05 32.62 -64.89
C ASN H 77 9.11 33.34 -64.05
N GLY H 78 8.88 34.61 -63.75
CA GLY H 78 9.83 35.42 -62.99
C GLY H 78 10.01 35.02 -61.52
N ARG H 79 9.11 34.18 -61.02
CA ARG H 79 9.24 33.59 -59.67
C ARG H 79 9.91 32.21 -59.68
N GLY H 80 10.49 31.81 -60.82
CA GLY H 80 11.16 30.52 -60.96
C GLY H 80 10.25 29.31 -61.02
N GLN H 81 8.96 29.53 -61.33
CA GLN H 81 7.96 28.47 -61.30
C GLN H 81 7.78 27.93 -62.73
N LEU H 82 7.77 26.59 -62.82
CA LEU H 82 7.94 25.87 -64.09
C LEU H 82 6.67 25.10 -64.48
N SER H 83 6.34 25.14 -65.77
CA SER H 83 5.26 24.35 -66.33
C SER H 83 5.63 23.90 -67.75
N PHE H 84 5.04 22.79 -68.19
CA PHE H 84 5.36 22.17 -69.48
C PHE H 84 4.13 22.10 -70.37
N TYR H 85 4.32 22.36 -71.67
CA TYR H 85 3.24 22.33 -72.66
C TYR H 85 3.69 21.56 -73.91
N ASN H 86 2.71 21.03 -74.64
CA ASN H 86 2.97 20.35 -75.92
C ASN H 86 2.83 21.32 -77.12
N GLN H 87 3.03 20.81 -78.33
CA GLN H 87 2.93 21.62 -79.57
C GLN H 87 1.56 22.27 -79.83
N ASN H 88 0.50 21.77 -79.18
CA ASN H 88 -0.85 22.34 -79.29
C ASN H 88 -1.19 23.31 -78.14
N GLY H 89 -0.19 23.68 -77.35
CA GLY H 89 -0.41 24.57 -76.22
C GLY H 89 -1.12 23.96 -75.02
N LYS H 90 -1.28 22.63 -74.99
CA LYS H 90 -1.98 21.96 -73.89
C LYS H 90 -1.04 21.77 -72.70
N LEU H 91 -1.53 22.04 -71.50
CA LEU H 91 -0.76 21.83 -70.27
C LEU H 91 -0.51 20.33 -70.04
N LEU H 92 0.76 19.96 -69.88
CA LEU H 92 1.16 18.58 -69.58
C LEU H 92 1.39 18.37 -68.08
N LEU H 93 2.21 19.26 -67.50
CA LEU H 93 2.69 19.12 -66.11
C LEU H 93 3.03 20.49 -65.57
N GLU H 94 2.53 20.82 -64.38
CA GLU H 94 2.85 22.09 -63.71
C GLU H 94 3.34 21.87 -62.29
N GLU H 95 4.34 22.66 -61.89
CA GLU H 95 4.87 22.61 -60.53
C GLU H 95 3.82 23.04 -59.51
N TYR H 96 3.95 22.49 -58.31
CA TYR H 96 3.06 22.77 -57.17
C TYR H 96 3.81 23.72 -56.25
N TRP H 97 3.32 24.96 -56.18
CA TRP H 97 3.81 25.96 -55.24
C TRP H 97 2.64 26.39 -54.37
N ARG H 98 2.90 26.53 -53.08
CA ARG H 98 1.92 27.08 -52.12
C ARG H 98 2.65 28.01 -51.14
N THR H 99 2.85 29.28 -51.54
CA THR H 99 3.62 30.25 -50.75
C THR H 99 2.99 31.64 -50.89
N ARG H 100 3.34 32.54 -49.97
CA ARG H 100 3.01 33.95 -50.09
C ARG H 100 4.17 34.79 -50.61
N PHE H 101 5.37 34.21 -50.64
CA PHE H 101 6.58 34.92 -50.98
C PHE H 101 7.53 33.90 -51.60
N VAL H 102 8.07 34.20 -52.77
CA VAL H 102 8.93 33.27 -53.50
C VAL H 102 9.85 34.05 -54.43
N ALA H 103 11.11 33.62 -54.51
CA ALA H 103 12.12 34.26 -55.33
C ALA H 103 12.23 35.78 -55.07
N GLY H 104 12.16 36.15 -53.79
CA GLY H 104 12.24 37.56 -53.38
C GLY H 104 11.03 38.43 -53.69
N GLN H 105 9.90 37.82 -54.02
CA GLN H 105 8.73 38.52 -54.54
C GLN H 105 7.46 37.99 -53.90
N GLY H 106 6.49 38.87 -53.69
CA GLY H 106 5.16 38.48 -53.23
C GLY H 106 4.50 37.61 -54.28
N GLU H 107 3.78 36.60 -53.83
CA GLU H 107 3.06 35.71 -54.74
C GLU H 107 1.77 36.40 -55.19
N ASP H 108 1.29 36.02 -56.37
CA ASP H 108 0.06 36.55 -56.96
C ASP H 108 -1.16 36.00 -56.21
N THR H 109 -1.93 36.89 -55.57
CA THR H 109 -3.14 36.49 -54.83
C THR H 109 -4.28 35.90 -55.69
N SER H 110 -4.28 36.15 -57.00
CA SER H 110 -5.28 35.56 -57.91
C SER H 110 -4.99 34.10 -58.29
N SER H 111 -3.79 33.60 -57.94
CA SER H 111 -3.35 32.27 -58.34
C SER H 111 -3.58 31.26 -57.22
N LYS H 112 -3.79 30.00 -57.61
CA LYS H 112 -3.85 28.90 -56.65
C LYS H 112 -2.50 28.66 -55.92
N TYR H 113 -1.42 29.23 -56.47
CA TYR H 113 -0.12 29.22 -55.79
C TYR H 113 -0.05 30.04 -54.50
N PHE H 114 -0.95 31.01 -54.31
CA PHE H 114 -0.95 31.83 -53.11
C PHE H 114 -1.49 31.08 -51.90
N SER H 115 -0.64 30.90 -50.90
CA SER H 115 -0.99 30.16 -49.69
C SER H 115 0.04 30.41 -48.58
N PRO H 116 -0.41 30.57 -47.33
CA PRO H 116 0.53 30.64 -46.20
C PRO H 116 1.21 29.32 -45.80
N LEU H 117 0.84 28.20 -46.43
CA LEU H 117 1.39 26.88 -46.06
C LEU H 117 2.90 26.77 -46.29
N THR H 118 3.41 27.39 -47.36
CA THR H 118 4.85 27.47 -47.66
C THR H 118 5.44 26.11 -48.07
N HIS H 119 4.92 25.59 -49.19
CA HIS H 119 5.47 24.42 -49.84
C HIS H 119 6.10 24.86 -51.15
N GLU H 120 7.35 24.47 -51.36
CA GLU H 120 8.08 24.72 -52.60
C GLU H 120 7.95 23.53 -53.54
N ALA H 121 8.00 23.81 -54.86
CA ALA H 121 7.97 22.76 -55.88
C ALA H 121 9.31 22.02 -55.97
N ARG H 122 10.40 22.73 -55.72
CA ARG H 122 11.74 22.17 -55.74
C ARG H 122 12.34 22.43 -54.36
N GLU H 123 12.06 21.51 -53.43
CA GLU H 123 12.52 21.62 -52.04
C GLU H 123 13.80 20.82 -51.89
N LEU H 124 14.93 21.52 -51.83
CA LEU H 124 16.24 20.92 -51.54
C LEU H 124 16.58 21.22 -50.09
N LYS H 125 16.09 20.37 -49.19
CA LYS H 125 16.20 20.57 -47.76
C LYS H 125 17.56 20.08 -47.25
N PRO H 126 18.40 21.00 -46.73
CA PRO H 126 19.73 20.57 -46.32
C PRO H 126 19.73 19.58 -45.15
N ILE H 127 20.48 18.50 -45.30
CA ILE H 127 20.71 17.54 -44.23
C ILE H 127 21.92 18.05 -43.45
N GLN H 128 21.82 18.08 -42.13
CA GLN H 128 22.86 18.67 -41.30
C GLN H 128 24.17 17.90 -41.46
N GLY H 129 25.23 18.63 -41.77
CA GLY H 129 26.53 18.05 -42.05
C GLY H 129 26.66 17.33 -43.38
N GLY H 130 25.61 17.30 -44.19
CA GLY H 130 25.53 16.41 -45.34
C GLY H 130 24.97 17.07 -46.57
N LYS H 131 24.19 16.29 -47.33
CA LYS H 131 23.71 16.72 -48.65
C LYS H 131 22.26 17.23 -48.53
N PHE H 132 21.34 16.75 -49.37
CA PHE H 132 19.97 17.31 -49.40
C PHE H 132 18.92 16.22 -49.45
N GLU H 133 17.83 16.46 -48.75
CA GLU H 133 16.60 15.70 -48.86
C GLU H 133 15.73 16.45 -49.89
N LEU H 134 15.38 15.78 -50.99
CA LEU H 134 14.71 16.42 -52.13
C LEU H 134 13.24 16.04 -52.22
N ARG H 135 12.37 17.03 -52.34
CA ARG H 135 10.97 16.81 -52.74
C ARG H 135 10.64 17.68 -53.95
N ALA H 136 10.19 17.03 -55.02
CA ALA H 136 9.73 17.69 -56.23
C ALA H 136 8.21 17.54 -56.29
N ARG H 137 7.49 18.66 -56.22
CA ARG H 137 6.03 18.65 -56.18
C ARG H 137 5.41 19.18 -57.48
N PHE H 138 4.38 18.49 -57.96
CA PHE H 138 3.64 18.89 -59.15
C PHE H 138 2.16 18.83 -58.86
N GLU H 139 1.38 19.67 -59.53
CA GLU H 139 -0.07 19.65 -59.34
C GLU H 139 -0.59 18.33 -59.87
N SER H 140 -1.52 17.72 -59.15
CA SER H 140 -2.30 16.63 -59.70
C SER H 140 -3.26 17.23 -60.76
N GLN H 141 -3.75 16.38 -61.66
CA GLN H 141 -4.71 16.78 -62.69
C GLN H 141 -5.90 15.83 -62.66
N PRO H 142 -7.14 16.36 -62.83
CA PRO H 142 -8.37 15.57 -62.56
C PRO H 142 -8.53 14.26 -63.35
N ASP H 143 -8.19 14.25 -64.64
CA ASP H 143 -8.37 13.04 -65.46
C ASP H 143 -7.04 12.38 -65.84
N GLU H 144 -5.96 12.68 -65.10
CA GLU H 144 -4.67 12.10 -65.40
C GLU H 144 -4.62 10.64 -64.96
N ARG H 145 -4.24 9.76 -65.87
CA ARG H 145 -4.00 8.35 -65.58
C ARG H 145 -2.51 8.11 -65.81
N ILE H 146 -1.90 7.35 -64.90
CA ILE H 146 -0.44 7.23 -64.85
C ILE H 146 -0.03 5.77 -64.88
N TYR H 147 1.02 5.48 -65.66
CA TYR H 147 1.48 4.12 -65.87
C TYR H 147 3.00 4.04 -65.77
N GLY H 148 3.50 2.82 -65.60
CA GLY H 148 4.93 2.56 -65.54
C GLY H 148 5.43 2.42 -64.12
N LEU H 149 6.54 3.10 -63.83
CA LEU H 149 7.24 3.08 -62.51
C LEU H 149 8.01 1.80 -62.17
N GLY H 150 7.76 0.71 -62.90
CA GLY H 150 8.46 -0.54 -62.69
C GLY H 150 7.52 -1.67 -62.29
N GLN H 151 7.91 -2.39 -61.24
CA GLN H 151 7.27 -3.65 -60.85
C GLN H 151 6.87 -3.60 -59.39
N TYR H 152 5.58 -3.39 -59.14
CA TYR H 152 5.04 -3.34 -57.78
C TYR H 152 3.98 -4.42 -57.59
N GLN H 153 3.90 -4.93 -56.36
CA GLN H 153 3.03 -6.04 -56.03
C GLN H 153 1.69 -5.52 -55.58
N GLN H 154 0.90 -5.11 -56.56
CA GLN H 154 -0.36 -4.41 -56.30
C GLN H 154 -1.30 -4.52 -57.52
N PRO H 155 -2.63 -4.64 -57.27
CA PRO H 155 -3.62 -4.85 -58.33
C PRO H 155 -4.11 -3.55 -59.00
N PHE H 156 -3.17 -2.76 -59.50
CA PHE H 156 -3.46 -1.47 -60.12
C PHE H 156 -2.56 -1.31 -61.33
N LEU H 157 -3.15 -1.15 -62.51
CA LEU H 157 -2.39 -0.80 -63.71
C LEU H 157 -2.20 0.71 -63.73
N ASN H 158 -3.32 1.45 -63.71
CA ASN H 158 -3.30 2.90 -63.51
C ASN H 158 -2.92 3.13 -62.05
N VAL H 159 -1.83 3.89 -61.83
CA VAL H 159 -1.33 4.12 -60.47
C VAL H 159 -1.58 5.55 -59.96
N LYS H 160 -2.41 6.31 -60.67
CA LYS H 160 -2.96 7.56 -60.12
C LYS H 160 -3.70 7.23 -58.83
N GLY H 161 -3.36 7.95 -57.75
CA GLY H 161 -3.88 7.65 -56.41
C GLY H 161 -3.02 6.72 -55.57
N CYS H 162 -1.98 6.13 -56.18
CA CYS H 162 -1.08 5.19 -55.50
C CYS H 162 0.23 5.85 -55.13
N THR H 163 0.85 5.32 -54.08
CA THR H 163 2.16 5.75 -53.63
C THR H 163 3.11 4.56 -53.72
N MET H 164 4.23 4.76 -54.40
CA MET H 164 5.21 3.71 -54.66
C MET H 164 6.54 4.05 -54.00
N GLU H 165 7.11 3.06 -53.30
CA GLU H 165 8.43 3.19 -52.70
C GLU H 165 9.49 3.11 -53.80
N LEU H 166 10.40 4.09 -53.82
CA LEU H 166 11.57 4.04 -54.70
C LEU H 166 12.69 3.30 -53.97
N ALA H 167 12.58 1.98 -53.99
CA ALA H 167 13.56 1.08 -53.39
C ALA H 167 13.45 -0.29 -54.03
N GLN H 168 14.52 -1.06 -53.85
CA GLN H 168 14.63 -2.39 -54.42
C GLN H 168 14.51 -3.45 -53.31
N ARG H 169 13.46 -4.26 -53.41
CA ARG H 169 13.21 -5.40 -52.54
C ARG H 169 12.78 -6.60 -53.39
N ASN H 170 12.96 -7.79 -52.86
CA ASN H 170 12.57 -9.04 -53.54
C ASN H 170 11.08 -8.99 -53.94
N SER H 171 10.84 -9.09 -55.25
CA SER H 171 9.52 -9.00 -55.90
C SER H 171 9.10 -7.58 -56.34
N GLN H 172 9.95 -6.59 -56.06
CA GLN H 172 9.70 -5.21 -56.44
C GLN H 172 10.89 -4.67 -57.24
N ALA H 173 10.61 -3.81 -58.22
CA ALA H 173 11.64 -3.13 -58.99
C ALA H 173 11.23 -1.70 -59.26
N SER H 174 11.99 -0.75 -58.72
CA SER H 174 11.78 0.66 -59.02
C SER H 174 12.49 0.97 -60.35
N VAL H 175 11.70 1.22 -61.39
CA VAL H 175 12.19 1.64 -62.71
C VAL H 175 11.42 2.93 -63.01
N PRO H 176 11.91 4.08 -62.52
CA PRO H 176 11.04 5.24 -62.37
C PRO H 176 10.83 6.09 -63.63
N PHE H 177 10.40 5.44 -64.71
CA PHE H 177 9.84 6.17 -65.84
C PHE H 177 8.33 6.01 -65.77
N MET H 178 7.63 7.13 -65.84
CA MET H 178 6.16 7.13 -65.84
C MET H 178 5.66 7.64 -67.19
N MET H 179 4.48 7.18 -67.58
CA MET H 179 3.78 7.66 -68.78
C MET H 179 2.39 8.11 -68.34
N SER H 180 2.05 9.34 -68.71
CA SER H 180 0.77 9.93 -68.39
C SER H 180 -0.17 9.95 -69.60
N SER H 181 -1.45 9.74 -69.33
CA SER H 181 -2.49 9.85 -70.35
C SER H 181 -2.64 11.25 -70.94
N LEU H 182 -2.12 12.27 -70.25
CA LEU H 182 -2.10 13.64 -70.77
C LEU H 182 -1.12 13.86 -71.94
N GLY H 183 -0.29 12.87 -72.27
CA GLY H 183 0.58 12.92 -73.44
C GLY H 183 2.04 13.26 -73.17
N TYR H 184 2.52 12.92 -71.97
CA TYR H 184 3.95 13.03 -71.65
C TYR H 184 4.44 11.81 -70.89
N GLY H 185 5.76 11.66 -70.86
CA GLY H 185 6.44 10.70 -70.01
C GLY H 185 7.52 11.40 -69.21
N MET H 186 7.86 10.85 -68.05
CA MET H 186 8.84 11.47 -67.15
C MET H 186 9.72 10.42 -66.48
N LEU H 187 11.04 10.58 -66.61
CA LEU H 187 12.02 9.76 -65.91
C LEU H 187 12.54 10.54 -64.71
N TRP H 188 12.40 9.95 -63.53
CA TRP H 188 13.05 10.47 -62.32
C TRP H 188 14.47 9.92 -62.36
N ASN H 189 15.40 10.73 -62.85
CA ASN H 189 16.75 10.29 -63.11
C ASN H 189 17.60 10.47 -61.86
N ASN H 190 17.27 9.68 -60.85
CA ASN H 190 17.85 9.84 -59.52
C ASN H 190 17.70 8.51 -58.79
N PRO H 191 18.83 7.83 -58.49
CA PRO H 191 18.82 6.50 -57.88
C PRO H 191 18.64 6.45 -56.34
N ALA H 192 18.31 7.58 -55.72
CA ALA H 192 18.17 7.66 -54.27
C ALA H 192 16.97 6.86 -53.76
N ILE H 193 17.10 6.36 -52.54
CA ILE H 193 15.98 5.76 -51.84
C ILE H 193 14.98 6.89 -51.64
N GLY H 194 13.71 6.58 -51.86
CA GLY H 194 12.68 7.57 -51.68
C GLY H 194 11.29 7.06 -51.97
N GLU H 195 10.48 7.90 -52.61
CA GLU H 195 9.08 7.61 -52.81
C GLU H 195 8.49 8.48 -53.92
N VAL H 196 7.50 7.92 -54.63
CA VAL H 196 6.68 8.72 -55.53
C VAL H 196 5.23 8.56 -55.13
N SER H 197 4.59 9.69 -54.88
CA SER H 197 3.24 9.76 -54.38
C SER H 197 2.38 10.43 -55.46
N PHE H 198 1.53 9.66 -56.15
CA PHE H 198 0.59 10.23 -57.14
C PHE H 198 -0.77 10.45 -56.47
N ALA H 199 -0.76 11.26 -55.41
CA ALA H 199 -1.96 11.50 -54.63
C ALA H 199 -2.93 12.39 -55.40
N ASN H 200 -4.22 12.24 -55.13
CA ASN H 200 -5.24 13.04 -55.82
C ASN H 200 -5.04 14.55 -55.61
N ASN H 201 -4.53 14.91 -54.44
CA ASN H 201 -4.32 16.33 -54.05
C ASN H 201 -2.97 16.93 -54.46
N VAL H 202 -1.96 16.09 -54.72
CA VAL H 202 -0.62 16.57 -55.14
C VAL H 202 0.28 15.39 -55.54
N THR H 203 1.17 15.61 -56.52
CA THR H 203 2.19 14.62 -56.91
C THR H 203 3.53 15.02 -56.29
N THR H 204 4.15 14.08 -55.58
CA THR H 204 5.40 14.34 -54.87
C THR H 204 6.38 13.21 -55.13
N TRP H 205 7.53 13.57 -55.72
CA TRP H 205 8.69 12.68 -55.85
C TRP H 205 9.66 13.05 -54.73
N MET H 206 10.23 12.04 -54.06
CA MET H 206 11.11 12.27 -52.90
C MET H 206 12.38 11.44 -52.99
N ALA H 207 13.51 12.06 -52.67
CA ALA H 207 14.81 11.40 -52.53
C ALA H 207 15.32 11.67 -51.12
N ARG H 208 15.70 10.62 -50.40
CA ARG H 208 16.15 10.76 -49.01
C ARG H 208 17.47 11.53 -48.89
N VAL H 209 18.40 11.24 -49.80
CA VAL H 209 19.70 11.90 -49.85
C VAL H 209 20.07 12.08 -51.33
N THR H 210 20.38 13.30 -51.72
CA THR H 210 20.83 13.57 -53.08
C THR H 210 21.59 14.88 -53.16
N GLU H 211 22.36 15.04 -54.23
CA GLU H 211 23.06 16.29 -54.50
C GLU H 211 22.22 17.32 -55.26
N GLN H 212 21.28 16.84 -56.08
CA GLN H 212 20.56 17.71 -57.00
C GLN H 212 19.29 17.06 -57.57
N LEU H 213 18.37 17.92 -58.01
CA LEU H 213 17.19 17.50 -58.75
C LEU H 213 17.62 17.16 -60.18
N ASP H 214 17.06 16.06 -60.72
CA ASP H 214 17.34 15.63 -62.09
C ASP H 214 16.17 14.80 -62.62
N TYR H 215 15.49 15.31 -63.64
CA TYR H 215 14.48 14.55 -64.36
C TYR H 215 14.46 14.87 -65.85
N TRP H 216 13.90 13.94 -66.60
CA TRP H 216 13.82 14.00 -68.05
C TRP H 216 12.35 13.86 -68.40
N ILE H 217 11.86 14.75 -69.27
CA ILE H 217 10.45 14.80 -69.63
C ILE H 217 10.31 14.84 -71.15
N THR H 218 9.33 14.11 -71.67
CA THR H 218 9.15 13.92 -73.11
C THR H 218 7.68 14.01 -73.47
N ALA H 219 7.38 14.50 -74.68
CA ALA H 219 6.00 14.72 -75.13
C ALA H 219 5.77 14.09 -76.50
N ALA H 220 4.66 13.41 -76.65
CA ALA H 220 4.22 12.91 -77.95
C ALA H 220 2.73 12.63 -77.96
N ASP H 221 2.13 12.65 -79.15
CA ASP H 221 0.69 12.44 -79.31
C ASP H 221 0.23 11.01 -79.01
N THR H 222 1.15 10.05 -79.07
CA THR H 222 0.80 8.65 -78.81
C THR H 222 1.75 8.00 -77.80
N PRO H 223 1.24 7.03 -77.02
CA PRO H 223 2.09 6.22 -76.14
C PRO H 223 3.30 5.58 -76.84
N ALA H 224 3.13 5.12 -78.08
CA ALA H 224 4.23 4.47 -78.81
C ALA H 224 5.43 5.40 -79.03
N GLU H 225 5.15 6.65 -79.39
CA GLU H 225 6.21 7.66 -79.56
C GLU H 225 6.93 7.99 -78.23
N ILE H 226 6.19 8.00 -77.12
CA ILE H 226 6.76 8.26 -75.79
C ILE H 226 7.74 7.15 -75.44
N SER H 227 7.29 5.90 -75.59
CA SER H 227 8.14 4.72 -75.39
C SER H 227 9.39 4.74 -76.27
N GLN H 228 9.23 5.14 -77.54
CA GLN H 228 10.38 5.28 -78.44
C GLN H 228 11.35 6.35 -77.96
N GLN H 229 10.82 7.51 -77.57
CA GLN H 229 11.63 8.63 -77.10
C GLN H 229 12.38 8.25 -75.80
N TYR H 230 11.70 7.53 -74.92
CA TYR H 230 12.33 7.00 -73.70
C TYR H 230 13.48 6.02 -73.99
N ALA H 231 13.26 5.09 -74.93
CA ALA H 231 14.31 4.12 -75.31
C ALA H 231 15.55 4.80 -75.91
N ALA H 232 15.33 5.85 -76.70
CA ALA H 232 16.46 6.66 -77.20
C ALA H 232 17.26 7.29 -76.07
N ALA H 233 16.57 7.74 -75.02
CA ALA H 233 17.20 8.41 -73.87
C ALA H 233 17.99 7.47 -72.94
N THR H 234 17.43 6.30 -72.65
CA THR H 234 18.04 5.35 -71.71
C THR H 234 18.61 4.07 -72.33
N GLY H 235 18.42 3.88 -73.64
CA GLY H 235 18.99 2.73 -74.37
C GLY H 235 17.95 1.71 -74.82
N ALA H 236 18.14 1.21 -76.04
CA ALA H 236 17.27 0.19 -76.61
C ALA H 236 17.58 -1.18 -75.99
N ALA H 237 16.55 -2.01 -75.83
CA ALA H 237 16.76 -3.43 -75.55
C ALA H 237 17.52 -4.02 -76.73
N PRO H 238 18.45 -4.98 -76.49
CA PRO H 238 19.08 -5.60 -77.65
C PRO H 238 18.10 -6.54 -78.36
N MET H 239 18.56 -7.19 -79.42
CA MET H 239 17.76 -8.21 -80.07
C MET H 239 17.80 -9.47 -79.19
N LEU H 240 16.64 -10.06 -78.92
CA LEU H 240 16.54 -11.28 -78.14
C LEU H 240 17.07 -12.47 -78.96
N PRO H 241 17.89 -13.35 -78.36
CA PRO H 241 18.32 -14.55 -79.08
C PRO H 241 17.17 -15.54 -79.27
N ASP H 242 17.21 -16.30 -80.36
CA ASP H 242 16.12 -17.25 -80.74
C ASP H 242 15.67 -18.15 -79.60
N TYR H 243 16.63 -18.75 -78.91
CA TYR H 243 16.34 -19.72 -77.84
C TYR H 243 15.49 -19.16 -76.68
N ALA H 244 15.61 -17.86 -76.42
CA ALA H 244 14.87 -17.22 -75.33
C ALA H 244 13.34 -17.20 -75.53
N ALA H 245 12.87 -17.29 -76.78
CA ALA H 245 11.43 -17.34 -77.09
C ALA H 245 10.79 -18.73 -76.90
N GLY H 246 11.60 -19.77 -76.73
CA GLY H 246 11.10 -21.12 -76.43
C GLY H 246 10.82 -21.34 -74.95
N PHE H 247 10.75 -22.60 -74.53
CA PHE H 247 10.37 -22.96 -73.16
C PHE H 247 11.56 -23.08 -72.20
N TRP H 248 11.45 -22.39 -71.06
CA TRP H 248 12.46 -22.40 -70.00
C TRP H 248 11.93 -23.30 -68.89
N GLN H 249 12.68 -24.36 -68.56
CA GLN H 249 12.29 -25.32 -67.53
C GLN H 249 13.18 -25.13 -66.31
N CYS H 250 12.55 -24.90 -65.16
CA CYS H 250 13.30 -24.65 -63.93
C CYS H 250 12.50 -25.10 -62.72
N LYS H 251 13.23 -25.39 -61.64
CA LYS H 251 12.63 -25.56 -60.32
C LYS H 251 13.68 -25.25 -59.26
N LEU H 252 13.20 -25.06 -58.04
CA LEU H 252 14.06 -25.05 -56.87
C LEU H 252 13.97 -26.45 -56.26
N ARG H 253 15.00 -27.29 -56.39
CA ARG H 253 16.16 -27.09 -57.28
C ARG H 253 16.66 -28.44 -57.78
N TYR H 254 17.22 -28.48 -58.99
CA TYR H 254 17.92 -29.67 -59.47
C TYR H 254 19.27 -29.68 -58.76
N ARG H 255 19.45 -30.64 -57.85
CA ARG H 255 20.57 -30.68 -56.91
C ARG H 255 21.85 -31.29 -57.50
N THR H 256 21.70 -32.11 -58.54
CA THR H 256 22.83 -32.83 -59.14
C THR H 256 22.76 -32.75 -60.66
N GLN H 257 23.90 -32.95 -61.29
CA GLN H 257 24.00 -33.05 -62.75
C GLN H 257 23.07 -34.13 -63.31
N ASP H 258 23.08 -35.31 -62.69
CA ASP H 258 22.20 -36.42 -63.09
C ASP H 258 20.72 -36.04 -63.05
N GLU H 259 20.31 -35.31 -62.01
CA GLU H 259 18.91 -34.94 -61.83
C GLU H 259 18.43 -33.93 -62.89
N LEU H 260 19.28 -32.96 -63.21
CA LEU H 260 18.97 -31.97 -64.23
C LEU H 260 18.91 -32.65 -65.61
N MET H 261 19.94 -33.42 -65.92
CA MET H 261 20.01 -34.11 -67.20
C MET H 261 18.88 -35.10 -67.42
N GLU H 262 18.42 -35.77 -66.36
CA GLU H 262 17.28 -36.69 -66.45
C GLU H 262 15.96 -36.00 -66.77
N VAL H 263 15.80 -34.77 -66.29
CA VAL H 263 14.66 -33.94 -66.68
C VAL H 263 14.78 -33.51 -68.15
N ALA H 264 15.96 -33.06 -68.57
CA ALA H 264 16.18 -32.63 -69.95
C ALA H 264 15.90 -33.78 -70.93
N ARG H 265 16.47 -34.94 -70.64
CA ARG H 265 16.27 -36.16 -71.44
C ARG H 265 14.81 -36.56 -71.53
N GLU H 266 14.09 -36.53 -70.42
CA GLU H 266 12.65 -36.84 -70.41
C GLU H 266 11.83 -35.87 -71.31
N TYR H 267 12.13 -34.57 -71.26
CA TYR H 267 11.46 -33.60 -72.14
C TYR H 267 11.66 -33.95 -73.62
N LYS H 268 12.90 -34.29 -73.99
CA LYS H 268 13.23 -34.70 -75.37
C LYS H 268 12.62 -36.06 -75.72
N ARG H 269 12.66 -37.00 -74.78
CA ARG H 269 12.08 -38.34 -74.96
C ARG H 269 10.56 -38.29 -75.24
N ARG H 270 9.86 -37.35 -74.60
CA ARG H 270 8.42 -37.14 -74.84
C ARG H 270 8.11 -36.23 -76.06
N SER H 271 9.13 -35.87 -76.85
CA SER H 271 9.00 -34.91 -77.96
C SER H 271 8.43 -33.54 -77.54
N LEU H 272 8.69 -33.13 -76.30
CA LEU H 272 8.18 -31.86 -75.79
C LEU H 272 9.17 -30.75 -76.09
N PRO H 273 8.68 -29.54 -76.44
CA PRO H 273 9.60 -28.41 -76.62
C PRO H 273 10.36 -28.04 -75.33
N ILE H 274 11.64 -27.75 -75.47
CA ILE H 274 12.44 -27.23 -74.36
C ILE H 274 13.65 -26.52 -74.94
N SER H 275 13.76 -25.21 -74.66
CA SER H 275 14.88 -24.40 -75.14
C SER H 275 15.94 -24.09 -74.09
N VAL H 276 15.52 -23.94 -72.82
CA VAL H 276 16.42 -23.63 -71.71
C VAL H 276 16.09 -24.51 -70.51
N ILE H 277 17.13 -25.03 -69.84
CA ILE H 277 16.99 -25.73 -68.56
C ILE H 277 17.96 -25.07 -67.58
N VAL H 278 17.63 -25.10 -66.29
CA VAL H 278 18.29 -24.23 -65.31
C VAL H 278 18.79 -24.95 -64.06
N ALA H 279 20.06 -24.70 -63.73
CA ALA H 279 20.62 -25.08 -62.43
C ALA H 279 20.42 -23.92 -61.44
N ASP H 280 19.54 -24.12 -60.46
CA ASP H 280 19.22 -23.12 -59.45
C ASP H 280 20.37 -23.02 -58.44
N PHE H 281 20.17 -22.20 -57.41
CA PHE H 281 21.16 -21.90 -56.39
C PHE H 281 21.69 -23.09 -55.55
N PHE H 282 22.85 -22.83 -54.93
CA PHE H 282 23.54 -23.76 -54.05
C PHE H 282 23.94 -25.09 -54.72
N HIS H 283 24.33 -24.94 -55.98
CA HIS H 283 25.04 -25.96 -56.76
C HIS H 283 26.56 -25.78 -56.61
N TRP H 284 26.95 -24.83 -55.76
CA TRP H 284 28.33 -24.39 -55.59
C TRP H 284 28.85 -24.85 -54.23
N PRO H 285 30.19 -24.97 -54.06
CA PRO H 285 30.72 -25.34 -52.74
C PRO H 285 30.39 -24.32 -51.63
N ASN H 286 30.54 -23.03 -51.95
CA ASN H 286 30.18 -21.97 -51.02
C ASN H 286 29.83 -20.71 -51.80
N GLN H 287 29.11 -19.80 -51.14
CA GLN H 287 28.71 -18.54 -51.75
C GLN H 287 29.96 -17.70 -52.00
N GLY H 288 30.10 -17.21 -53.23
CA GLY H 288 31.30 -16.46 -53.64
C GLY H 288 32.36 -17.31 -54.34
N ASP H 289 32.12 -18.61 -54.49
CA ASP H 289 33.01 -19.46 -55.29
C ASP H 289 32.68 -19.34 -56.77
N TRP H 290 31.40 -19.17 -57.10
CA TRP H 290 30.95 -19.06 -58.49
C TRP H 290 31.48 -20.19 -59.37
N CYS H 291 31.22 -21.42 -58.94
CA CYS H 291 31.57 -22.62 -59.71
C CYS H 291 30.70 -23.79 -59.26
N PHE H 292 30.62 -24.81 -60.11
CA PHE H 292 29.91 -26.05 -59.76
C PHE H 292 30.66 -26.80 -58.67
N ASP H 293 29.91 -27.34 -57.72
CA ASP H 293 30.46 -28.28 -56.73
C ASP H 293 30.61 -29.65 -57.42
N THR H 294 31.85 -30.10 -57.63
CA THR H 294 32.10 -31.34 -58.38
C THR H 294 31.54 -32.62 -57.73
N ARG H 295 31.27 -32.57 -56.42
CA ARG H 295 30.62 -33.68 -55.72
C ARG H 295 29.20 -33.98 -56.23
N GLU H 296 28.46 -32.93 -56.60
CA GLU H 296 27.12 -33.09 -57.17
C GLU H 296 27.09 -32.88 -58.69
N TRP H 297 28.13 -32.24 -59.23
CA TRP H 297 28.21 -31.89 -60.65
C TRP H 297 29.57 -32.33 -61.19
N PRO H 298 29.77 -33.65 -61.39
CA PRO H 298 31.12 -34.18 -61.66
C PRO H 298 31.76 -33.76 -62.98
N ASP H 299 30.97 -33.53 -64.03
CA ASP H 299 31.51 -33.17 -65.34
C ASP H 299 30.59 -32.14 -66.01
N PRO H 300 30.71 -30.85 -65.60
CA PRO H 300 29.87 -29.78 -66.15
C PRO H 300 29.97 -29.58 -67.67
N LYS H 301 31.17 -29.67 -68.21
CA LYS H 301 31.41 -29.59 -69.65
C LYS H 301 30.64 -30.67 -70.43
N ALA H 302 30.59 -31.90 -69.89
CA ALA H 302 29.84 -33.01 -70.51
C ALA H 302 28.34 -32.74 -70.53
N MET H 303 27.82 -32.20 -69.42
CA MET H 303 26.41 -31.78 -69.32
C MET H 303 26.04 -30.75 -70.39
N ILE H 304 26.88 -29.72 -70.52
CA ILE H 304 26.64 -28.64 -71.48
C ILE H 304 26.72 -29.16 -72.92
N ASP H 305 27.72 -29.99 -73.20
CA ASP H 305 27.87 -30.62 -74.53
C ASP H 305 26.67 -31.49 -74.91
N GLU H 306 26.15 -32.26 -73.95
CA GLU H 306 24.98 -33.09 -74.23
C GLU H 306 23.73 -32.24 -74.46
N LEU H 307 23.55 -31.22 -73.63
CA LEU H 307 22.43 -30.29 -73.80
C LEU H 307 22.51 -29.54 -75.15
N LYS H 308 23.72 -29.18 -75.57
CA LYS H 308 23.96 -28.61 -76.91
C LYS H 308 23.46 -29.57 -78.00
N GLU H 309 23.81 -30.85 -77.89
CA GLU H 309 23.34 -31.89 -78.82
C GLU H 309 21.79 -31.99 -78.83
N MET H 310 21.17 -31.84 -77.66
CA MET H 310 19.71 -31.87 -77.52
C MET H 310 19.01 -30.56 -77.93
N GLY H 311 19.77 -29.53 -78.32
CA GLY H 311 19.22 -28.23 -78.69
C GLY H 311 18.81 -27.35 -77.50
N ILE H 312 19.46 -27.56 -76.35
CA ILE H 312 19.07 -26.91 -75.09
C ILE H 312 20.24 -26.07 -74.54
N GLU H 313 19.94 -24.83 -74.15
CA GLU H 313 20.89 -23.97 -73.42
C GLU H 313 20.78 -24.17 -71.92
N LEU H 314 21.91 -24.23 -71.24
CA LEU H 314 21.94 -24.26 -69.77
C LEU H 314 22.04 -22.83 -69.24
N MET H 315 21.21 -22.49 -68.26
CA MET H 315 21.38 -21.28 -67.44
C MET H 315 21.75 -21.68 -66.01
N VAL H 316 22.68 -20.94 -65.39
CA VAL H 316 23.12 -21.22 -64.02
C VAL H 316 22.87 -20.05 -63.08
N SER H 317 22.47 -20.36 -61.85
CA SER H 317 22.29 -19.37 -60.79
C SER H 317 23.60 -18.67 -60.44
N ILE H 318 23.56 -17.34 -60.41
CA ILE H 318 24.61 -16.53 -59.83
C ILE H 318 23.99 -15.82 -58.64
N TRP H 319 24.62 -15.97 -57.48
CA TRP H 319 24.30 -15.17 -56.31
C TRP H 319 25.41 -14.13 -56.11
N PRO H 320 25.04 -12.88 -55.77
CA PRO H 320 26.00 -11.79 -55.56
C PRO H 320 26.58 -11.78 -54.14
N THR H 321 26.29 -12.82 -53.37
CA THR H 321 26.80 -12.99 -52.02
C THR H 321 28.21 -13.60 -52.03
N VAL H 322 29.02 -13.19 -51.05
CA VAL H 322 30.37 -13.71 -50.86
C VAL H 322 30.51 -14.10 -49.38
N ASP H 323 30.58 -15.41 -49.13
CA ASP H 323 30.68 -15.95 -47.77
C ASP H 323 32.08 -15.64 -47.22
N ASN H 324 32.13 -15.22 -45.95
CA ASN H 324 33.40 -14.72 -45.37
C ASN H 324 34.50 -15.79 -45.12
N ARG H 325 34.17 -17.06 -45.31
CA ARG H 325 35.17 -18.14 -45.28
C ARG H 325 35.85 -18.43 -46.64
N THR H 326 35.39 -17.81 -47.72
CA THR H 326 35.89 -18.15 -49.07
C THR H 326 37.16 -17.40 -49.42
N GLU H 327 37.86 -17.92 -50.43
CA GLU H 327 39.07 -17.30 -50.95
C GLU H 327 38.74 -15.95 -51.61
N ASN H 328 37.68 -15.91 -52.40
CA ASN H 328 37.25 -14.66 -53.04
C ASN H 328 36.86 -13.56 -52.04
N TYR H 329 36.33 -13.91 -50.87
CA TYR H 329 36.04 -12.90 -49.84
C TYR H 329 37.30 -12.14 -49.46
N LYS H 330 38.36 -12.91 -49.16
CA LYS H 330 39.66 -12.37 -48.78
C LYS H 330 40.22 -11.41 -49.82
N ILE H 331 40.19 -11.83 -51.08
CA ILE H 331 40.74 -11.02 -52.19
C ILE H 331 39.87 -9.80 -52.47
N MET H 332 38.55 -9.99 -52.48
CA MET H 332 37.61 -8.90 -52.72
C MET H 332 37.59 -7.88 -51.59
N LYS H 333 37.74 -8.35 -50.35
CA LYS H 333 37.93 -7.46 -49.20
C LYS H 333 39.25 -6.71 -49.29
N GLU H 334 40.33 -7.39 -49.68
CA GLU H 334 41.62 -6.72 -49.94
C GLU H 334 41.47 -5.54 -50.91
N LYS H 335 40.72 -5.76 -51.98
CA LYS H 335 40.58 -4.79 -53.08
C LYS H 335 39.48 -3.75 -52.87
N GLY H 336 38.62 -3.95 -51.88
CA GLY H 336 37.51 -3.04 -51.62
C GLY H 336 36.35 -3.22 -52.59
N TYR H 337 36.10 -4.48 -52.99
CA TYR H 337 35.05 -4.82 -53.95
C TYR H 337 33.72 -5.24 -53.29
N LEU H 338 33.64 -5.17 -51.95
CA LEU H 338 32.44 -5.57 -51.22
C LEU H 338 31.63 -4.36 -50.72
N VAL H 339 30.32 -4.57 -50.59
CA VAL H 339 29.42 -3.62 -49.94
C VAL H 339 29.82 -3.51 -48.47
N LYS H 340 29.62 -2.34 -47.87
CA LYS H 340 29.99 -2.12 -46.47
C LYS H 340 28.78 -1.82 -45.60
N ALA H 341 28.78 -2.38 -44.39
CA ALA H 341 27.82 -2.02 -43.35
C ALA H 341 28.33 -0.77 -42.65
N GLU H 342 27.46 0.22 -42.48
CA GLU H 342 27.82 1.47 -41.82
C GLU H 342 28.05 1.25 -40.32
N ARG H 343 27.20 0.40 -39.72
CA ARG H 343 27.26 0.08 -38.31
C ARG H 343 26.94 -1.40 -38.10
N GLY H 344 27.42 -1.95 -37.00
CA GLY H 344 27.13 -3.32 -36.62
C GLY H 344 28.02 -4.31 -37.34
N VAL H 345 27.69 -5.59 -37.20
CA VAL H 345 28.51 -6.66 -37.79
C VAL H 345 28.63 -6.49 -39.32
N PRO H 346 29.83 -6.73 -39.87
CA PRO H 346 30.06 -6.50 -41.30
C PRO H 346 29.50 -7.65 -42.18
N VAL H 347 28.19 -7.84 -42.10
CA VAL H 347 27.47 -8.92 -42.75
C VAL H 347 26.20 -8.32 -43.34
N THR H 348 25.97 -8.51 -44.64
CA THR H 348 24.76 -7.99 -45.28
C THR H 348 23.63 -9.00 -45.40
N MET H 349 23.96 -10.28 -45.40
CA MET H 349 22.95 -11.34 -45.45
C MET H 349 23.39 -12.58 -44.66
N THR H 350 22.43 -13.24 -44.01
CA THR H 350 22.71 -14.40 -43.15
C THR H 350 22.14 -15.74 -43.68
N PHE H 351 21.70 -15.77 -44.94
CA PHE H 351 21.09 -16.97 -45.53
C PHE H 351 22.13 -18.04 -45.85
N LEU H 352 22.09 -19.14 -45.09
CA LEU H 352 23.03 -20.27 -45.22
C LEU H 352 24.52 -19.90 -45.05
N GLY H 353 24.78 -18.84 -44.26
CA GLY H 353 26.13 -18.33 -44.01
C GLY H 353 26.14 -16.82 -43.87
N ASN H 354 27.18 -16.27 -43.25
CA ASN H 354 27.34 -14.82 -43.15
C ASN H 354 28.03 -14.33 -44.42
N THR H 355 27.28 -13.63 -45.27
CA THR H 355 27.79 -13.16 -46.55
C THR H 355 27.76 -11.64 -46.66
N THR H 356 28.59 -11.12 -47.57
CA THR H 356 28.61 -9.72 -47.95
C THR H 356 28.42 -9.64 -49.48
N PHE H 357 27.58 -8.71 -49.94
CA PHE H 357 27.34 -8.53 -51.36
C PHE H 357 28.55 -7.92 -52.07
N PHE H 358 28.81 -8.38 -53.29
CA PHE H 358 29.77 -7.69 -54.16
C PHE H 358 29.14 -6.35 -54.54
N ASP H 359 29.99 -5.34 -54.69
CA ASP H 359 29.53 -4.00 -54.98
C ASP H 359 29.40 -3.80 -56.49
N ALA H 360 28.16 -3.86 -56.98
CA ALA H 360 27.85 -3.71 -58.40
C ALA H 360 28.00 -2.29 -58.94
N THR H 361 28.10 -1.29 -58.06
CA THR H 361 28.42 0.08 -58.48
C THR H 361 29.93 0.33 -58.61
N HIS H 362 30.75 -0.65 -58.22
CA HIS H 362 32.21 -0.57 -58.30
C HIS H 362 32.64 -1.24 -59.60
N PRO H 363 33.23 -0.47 -60.55
CA PRO H 363 33.66 -1.06 -61.84
C PRO H 363 34.61 -2.25 -61.72
N GLY H 364 35.58 -2.15 -60.81
CA GLY H 364 36.50 -3.25 -60.52
C GLY H 364 35.85 -4.49 -59.96
N ALA H 365 34.84 -4.32 -59.10
CA ALA H 365 34.09 -5.46 -58.54
C ALA H 365 33.26 -6.16 -59.62
N ARG H 366 32.58 -5.36 -60.46
CA ARG H 366 31.87 -5.88 -61.63
C ARG H 366 32.77 -6.78 -62.46
N LYS H 367 33.95 -6.26 -62.81
CA LYS H 367 34.92 -6.99 -63.61
C LYS H 367 35.43 -8.24 -62.91
N TYR H 368 35.71 -8.14 -61.62
CA TYR H 368 36.17 -9.29 -60.83
C TYR H 368 35.17 -10.45 -60.86
N VAL H 369 33.90 -10.15 -60.58
CA VAL H 369 32.85 -11.19 -60.50
C VAL H 369 32.60 -11.80 -61.89
N TRP H 370 32.51 -10.95 -62.92
CA TRP H 370 32.39 -11.46 -64.29
C TRP H 370 33.49 -12.47 -64.62
N GLU H 371 34.74 -12.11 -64.35
CA GLU H 371 35.88 -12.98 -64.66
C GLU H 371 35.88 -14.30 -63.89
N GLN H 372 35.33 -14.31 -62.67
CA GLN H 372 35.09 -15.57 -61.96
C GLN H 372 34.04 -16.41 -62.72
N ALA H 373 32.93 -15.79 -63.09
CA ALA H 373 31.87 -16.46 -63.84
C ALA H 373 32.33 -16.90 -65.23
N LYS H 374 33.21 -16.10 -65.85
CA LYS H 374 33.75 -16.43 -67.17
C LYS H 374 34.61 -17.71 -67.11
N LYS H 375 35.55 -17.72 -66.18
CA LYS H 375 36.45 -18.85 -65.96
C LYS H 375 35.73 -20.16 -65.64
N ASN H 376 34.70 -20.10 -64.77
CA ASN H 376 34.04 -21.30 -64.26
C ASN H 376 32.74 -21.70 -64.97
N TYR H 377 32.13 -20.79 -65.73
CA TYR H 377 30.88 -21.07 -66.44
C TYR H 377 30.95 -20.73 -67.93
N HIS H 378 31.18 -19.46 -68.27
CA HIS H 378 31.10 -19.01 -69.67
C HIS H 378 32.09 -19.72 -70.61
N ASP H 379 33.33 -19.95 -70.14
CA ASP H 379 34.34 -20.68 -70.93
C ASP H 379 33.95 -22.14 -71.24
N LEU H 380 33.09 -22.73 -70.41
CA LEU H 380 32.54 -24.07 -70.65
C LEU H 380 31.43 -24.12 -71.71
N GLY H 381 30.87 -22.96 -72.07
CA GLY H 381 29.80 -22.88 -73.07
C GLY H 381 28.45 -22.41 -72.56
N ILE H 382 28.36 -22.05 -71.27
CA ILE H 382 27.14 -21.46 -70.71
C ILE H 382 26.99 -20.03 -71.26
N LYS H 383 25.80 -19.73 -71.78
CA LYS H 383 25.52 -18.45 -72.46
C LYS H 383 24.43 -17.60 -71.79
N ILE H 384 23.85 -18.10 -70.70
CA ILE H 384 22.77 -17.43 -69.98
C ILE H 384 23.05 -17.52 -68.47
N PHE H 385 22.98 -16.40 -67.78
CA PHE H 385 23.15 -16.37 -66.34
C PHE H 385 21.88 -15.91 -65.64
N TRP H 386 21.64 -16.52 -64.48
CA TRP H 386 20.51 -16.19 -63.64
C TRP H 386 21.06 -15.28 -62.53
N LEU H 387 20.92 -13.97 -62.75
CA LEU H 387 21.43 -12.97 -61.81
C LEU H 387 20.38 -12.73 -60.72
N ASP H 388 20.39 -13.62 -59.75
CA ASP H 388 19.40 -13.67 -58.67
C ASP H 388 19.83 -12.70 -57.55
N GLU H 389 18.90 -12.37 -56.64
CA GLU H 389 19.18 -11.50 -55.47
C GLU H 389 19.68 -10.14 -55.90
N ALA H 390 19.08 -9.59 -56.96
CA ALA H 390 19.67 -8.47 -57.69
C ALA H 390 19.41 -7.08 -57.10
N GLU H 391 18.68 -7.03 -55.97
CA GLU H 391 18.25 -5.77 -55.36
C GLU H 391 19.36 -4.92 -54.69
N PRO H 392 20.25 -5.48 -53.85
CA PRO H 392 20.31 -6.88 -53.42
C PRO H 392 19.48 -7.15 -52.18
N GLU H 393 19.24 -8.44 -51.88
CA GLU H 393 18.32 -8.82 -50.81
C GLU H 393 19.03 -8.85 -49.48
N TYR H 394 19.16 -7.67 -48.88
CA TYR H 394 19.63 -7.55 -47.49
C TYR H 394 18.68 -8.37 -46.63
N SER H 395 19.23 -9.09 -45.65
CA SER H 395 18.39 -9.78 -44.67
C SER H 395 17.48 -8.79 -43.93
N VAL H 396 17.95 -7.55 -43.78
CA VAL H 396 17.15 -6.46 -43.25
C VAL H 396 17.30 -5.24 -44.16
N TYR H 397 16.19 -4.72 -44.68
CA TYR H 397 16.23 -3.59 -45.64
C TYR H 397 16.45 -2.22 -44.95
N ASP H 398 17.47 -2.11 -44.12
CA ASP H 398 17.81 -0.83 -43.48
C ASP H 398 18.80 -0.12 -44.38
N PHE H 399 18.26 0.61 -45.36
CA PHE H 399 19.05 1.19 -46.45
C PHE H 399 20.10 2.19 -45.93
N GLU H 400 19.73 2.93 -44.88
CA GLU H 400 20.64 3.82 -44.16
C GLU H 400 21.92 3.16 -43.63
N ASN H 401 21.90 1.83 -43.40
CA ASN H 401 23.03 1.11 -42.83
C ASN H 401 24.06 0.55 -43.83
N TYR H 402 23.91 0.82 -45.13
CA TYR H 402 24.83 0.27 -46.13
C TYR H 402 25.38 1.34 -47.07
N ARG H 403 26.58 1.09 -47.59
CA ARG H 403 27.28 2.05 -48.44
C ARG H 403 27.94 1.34 -49.61
N TYR H 404 27.84 1.96 -50.78
CA TYR H 404 28.47 1.46 -52.01
C TYR H 404 29.61 2.38 -52.41
N HIS H 405 30.35 1.93 -53.41
CA HIS H 405 31.45 2.68 -54.05
C HIS H 405 31.00 4.10 -54.43
N LEU H 406 29.80 4.23 -54.97
CA LEU H 406 29.26 5.52 -55.43
C LEU H 406 28.57 6.37 -54.34
N GLY H 407 28.50 5.84 -53.13
CA GLY H 407 28.02 6.58 -51.96
C GLY H 407 27.09 5.74 -51.13
N PRO H 408 26.49 6.36 -50.08
CA PRO H 408 25.48 5.67 -49.26
C PRO H 408 24.33 5.12 -50.11
N VAL H 409 23.78 3.99 -49.69
CA VAL H 409 22.65 3.36 -50.39
C VAL H 409 21.46 4.32 -50.48
N LEU H 410 21.25 5.15 -49.45
CA LEU H 410 20.21 6.20 -49.49
C LEU H 410 20.37 7.15 -50.69
N GLU H 411 21.59 7.43 -51.12
CA GLU H 411 21.85 8.30 -52.26
C GLU H 411 21.82 7.59 -53.62
N VAL H 412 22.39 6.39 -53.70
CA VAL H 412 22.62 5.73 -55.00
C VAL H 412 22.07 4.30 -55.14
N GLY H 413 21.35 3.83 -54.13
CA GLY H 413 21.08 2.40 -53.96
C GLY H 413 20.35 1.71 -55.09
N ASN H 414 19.40 2.41 -55.69
CA ASN H 414 18.52 1.77 -56.67
C ASN H 414 19.20 1.38 -57.98
N ILE H 415 20.38 1.93 -58.27
CA ILE H 415 21.13 1.56 -59.49
C ILE H 415 21.89 0.22 -59.40
N TYR H 416 21.95 -0.41 -58.21
CA TYR H 416 22.66 -1.69 -58.04
C TYR H 416 22.31 -2.79 -59.07
N PRO H 417 21.00 -3.10 -59.26
CA PRO H 417 20.64 -4.14 -60.24
C PRO H 417 21.06 -3.84 -61.69
N ARG H 418 21.07 -2.56 -62.07
CA ARG H 418 21.58 -2.15 -63.38
C ARG H 418 23.07 -2.48 -63.48
N GLY H 419 23.82 -2.13 -62.45
CA GLY H 419 25.25 -2.49 -62.37
C GLY H 419 25.48 -3.98 -62.44
N TYR H 420 24.65 -4.74 -61.74
CA TYR H 420 24.74 -6.20 -61.72
C TYR H 420 24.55 -6.78 -63.14
N ALA H 421 23.52 -6.33 -63.84
CA ALA H 421 23.29 -6.71 -65.25
C ALA H 421 24.43 -6.28 -66.16
N GLN H 422 24.86 -5.02 -65.98
CA GLN H 422 25.98 -4.44 -66.74
C GLN H 422 27.25 -5.29 -66.63
N ALA H 423 27.53 -5.81 -65.43
CA ALA H 423 28.74 -6.59 -65.17
C ALA H 423 28.83 -7.82 -66.10
N PHE H 424 27.73 -8.54 -66.20
CA PHE H 424 27.65 -9.72 -67.06
C PHE H 424 27.48 -9.38 -68.55
N TYR H 425 26.68 -8.35 -68.89
CA TYR H 425 26.48 -7.97 -70.29
C TYR H 425 27.78 -7.49 -70.95
N GLU H 426 28.48 -6.58 -70.28
CA GLU H 426 29.75 -6.04 -70.80
C GLU H 426 30.79 -7.14 -70.94
N GLY H 427 30.88 -8.01 -69.93
CA GLY H 427 31.82 -9.14 -69.96
C GLY H 427 31.53 -10.15 -71.05
N MET H 428 30.26 -10.53 -71.18
CA MET H 428 29.82 -11.48 -72.20
C MET H 428 30.03 -10.91 -73.61
N GLU H 429 29.73 -9.63 -73.80
CA GLU H 429 30.01 -8.93 -75.06
C GLU H 429 31.49 -8.84 -75.36
N GLU H 430 32.30 -8.51 -74.35
CA GLU H 430 33.75 -8.49 -74.49
C GLU H 430 34.29 -9.88 -74.86
N ALA H 431 33.67 -10.93 -74.32
CA ALA H 431 34.06 -12.31 -74.62
C ALA H 431 33.66 -12.83 -76.00
N GLY H 432 32.91 -12.05 -76.77
CA GLY H 432 32.54 -12.39 -78.15
C GLY H 432 31.10 -12.81 -78.35
N GLN H 433 30.28 -12.76 -77.29
CA GLN H 433 28.87 -13.13 -77.41
C GLN H 433 28.03 -11.95 -77.91
N THR H 434 27.13 -12.23 -78.85
CA THR H 434 26.10 -11.29 -79.31
C THR H 434 24.73 -11.80 -78.84
N GLU H 435 23.73 -10.94 -78.92
CA GLU H 435 22.36 -11.27 -78.50
C GLU H 435 22.30 -11.87 -77.09
N ILE H 436 22.80 -11.11 -76.12
CA ILE H 436 22.91 -11.55 -74.74
C ILE H 436 21.58 -11.37 -74.02
N VAL H 437 21.18 -12.39 -73.25
CA VAL H 437 20.07 -12.28 -72.31
C VAL H 437 20.45 -12.97 -71.00
N ASN H 438 20.23 -12.25 -69.88
CA ASN H 438 20.38 -12.80 -68.54
C ASN H 438 19.10 -12.56 -67.76
N LEU H 439 18.80 -13.46 -66.83
CA LEU H 439 17.60 -13.38 -66.00
C LEU H 439 17.92 -12.59 -64.74
N LEU H 440 17.36 -11.38 -64.63
CA LEU H 440 17.60 -10.46 -63.50
C LEU H 440 16.37 -10.42 -62.61
N ARG H 441 16.56 -10.46 -61.28
CA ARG H 441 15.42 -10.31 -60.38
C ARG H 441 14.95 -8.87 -60.20
N CYS H 442 15.80 -7.91 -60.56
CA CYS H 442 15.48 -6.50 -60.35
C CYS H 442 16.12 -5.66 -61.44
N ALA H 443 15.70 -4.40 -61.51
CA ALA H 443 16.21 -3.48 -62.52
C ALA H 443 16.09 -2.05 -62.04
N TRP H 444 16.83 -1.16 -62.70
CA TRP H 444 16.58 0.27 -62.63
C TRP H 444 16.40 0.79 -64.06
N ALA H 445 16.12 2.08 -64.20
CA ALA H 445 16.07 2.76 -65.50
C ALA H 445 17.31 2.44 -66.34
N GLY H 446 17.07 2.03 -67.58
CA GLY H 446 18.13 1.65 -68.49
C GLY H 446 18.61 0.21 -68.41
N SER H 447 18.07 -0.60 -67.49
CA SER H 447 18.48 -2.01 -67.38
C SER H 447 18.30 -2.78 -68.69
N GLN H 448 17.27 -2.43 -69.46
CA GLN H 448 17.00 -3.05 -70.76
C GLN H 448 18.21 -3.12 -71.69
N ARG H 449 19.09 -2.13 -71.65
CA ARG H 449 20.26 -2.10 -72.55
C ARG H 449 21.33 -3.15 -72.22
N TYR H 450 21.28 -3.69 -71.01
CA TYR H 450 22.19 -4.75 -70.58
C TYR H 450 21.55 -6.15 -70.65
N GLY H 451 20.56 -6.31 -71.53
CA GLY H 451 19.98 -7.60 -71.82
C GLY H 451 19.22 -8.22 -70.68
N ALA H 452 18.59 -7.37 -69.86
CA ALA H 452 17.98 -7.80 -68.61
C ALA H 452 16.56 -8.32 -68.85
N LEU H 453 16.42 -9.65 -68.83
CA LEU H 453 15.12 -10.30 -68.71
C LEU H 453 14.77 -10.27 -67.23
N VAL H 454 13.80 -9.46 -66.84
CA VAL H 454 13.43 -9.33 -65.43
C VAL H 454 12.29 -10.30 -65.09
N TRP H 455 12.35 -10.92 -63.92
CA TRP H 455 11.20 -11.69 -63.42
C TRP H 455 10.80 -11.20 -62.04
N SER H 456 9.55 -11.47 -61.66
CA SER H 456 8.92 -10.79 -60.50
C SER H 456 9.20 -11.40 -59.12
N GLY H 457 10.24 -12.21 -59.01
CA GLY H 457 10.73 -12.69 -57.71
C GLY H 457 9.86 -13.69 -57.00
N ASP H 458 10.07 -13.80 -55.68
CA ASP H 458 9.58 -14.91 -54.87
C ASP H 458 8.18 -14.68 -54.32
N ILE H 459 7.24 -14.40 -55.22
CA ILE H 459 5.83 -14.21 -54.89
C ILE H 459 5.17 -15.51 -54.45
N ASN H 460 4.04 -15.39 -53.78
CA ASN H 460 3.27 -16.57 -53.35
C ASN H 460 2.41 -17.14 -54.49
N SER H 461 1.95 -18.38 -54.31
CA SER H 461 1.20 -19.11 -55.34
C SER H 461 -0.30 -19.01 -55.08
N THR H 462 -0.86 -17.86 -55.44
CA THR H 462 -2.28 -17.58 -55.33
C THR H 462 -2.76 -16.85 -56.57
N PHE H 463 -4.07 -16.79 -56.74
CA PHE H 463 -4.71 -16.00 -57.80
C PHE H 463 -4.58 -14.49 -57.56
N GLY H 464 -4.56 -14.08 -56.29
CA GLY H 464 -4.23 -12.69 -55.93
C GLY H 464 -2.88 -12.25 -56.48
N ALA H 465 -1.88 -13.11 -56.30
CA ALA H 465 -0.54 -12.87 -56.84
C ALA H 465 -0.54 -12.79 -58.37
N LEU H 466 -1.31 -13.67 -59.03
CA LEU H 466 -1.39 -13.69 -60.49
C LEU H 466 -1.94 -12.37 -61.05
N ARG H 467 -2.98 -11.83 -60.42
CA ARG H 467 -3.54 -10.54 -60.80
C ARG H 467 -2.51 -9.41 -60.68
N ASN H 468 -1.75 -9.41 -59.59
CA ASN H 468 -0.66 -8.45 -59.37
C ASN H 468 0.42 -8.53 -60.45
N GLN H 469 0.78 -9.74 -60.85
CA GLN H 469 1.84 -9.96 -61.84
C GLN H 469 1.47 -9.42 -63.21
N LEU H 470 0.20 -9.59 -63.58
CA LEU H 470 -0.29 -9.03 -64.85
C LEU H 470 -0.05 -7.53 -64.89
N MET H 471 -0.48 -6.83 -63.84
CA MET H 471 -0.35 -5.37 -63.74
C MET H 471 1.10 -4.93 -63.75
N ALA H 472 1.92 -5.64 -62.96
CA ALA H 472 3.33 -5.33 -62.81
C ALA H 472 4.10 -5.47 -64.12
N GLY H 473 3.84 -6.56 -64.85
CA GLY H 473 4.49 -6.83 -66.12
C GLY H 473 4.14 -5.84 -67.21
N LEU H 474 2.87 -5.43 -67.25
CA LEU H 474 2.45 -4.36 -68.14
C LEU H 474 3.12 -3.04 -67.81
N ASN H 475 3.14 -2.69 -66.53
CA ASN H 475 3.80 -1.47 -66.08
C ASN H 475 5.32 -1.50 -66.28
N MET H 476 5.94 -2.68 -66.14
CA MET H 476 7.37 -2.83 -66.45
C MET H 476 7.67 -2.52 -67.92
N GLY H 477 6.79 -2.97 -68.81
CA GLY H 477 6.88 -2.66 -70.23
C GLY H 477 6.80 -1.16 -70.51
N ILE H 478 5.86 -0.48 -69.85
CA ILE H 478 5.72 0.98 -69.98
C ILE H 478 6.98 1.69 -69.44
N ALA H 479 7.54 1.15 -68.35
CA ALA H 479 8.83 1.60 -67.79
C ALA H 479 10.07 1.26 -68.65
N GLY H 480 9.87 0.64 -69.82
CA GLY H 480 10.97 0.39 -70.77
C GLY H 480 11.71 -0.93 -70.56
N ILE H 481 11.09 -1.88 -69.87
CA ILE H 481 11.63 -3.21 -69.66
C ILE H 481 10.76 -4.21 -70.44
N PRO H 482 11.05 -4.42 -71.75
CA PRO H 482 10.22 -5.30 -72.58
C PRO H 482 10.40 -6.79 -72.28
N TRP H 483 11.59 -7.19 -71.85
CA TRP H 483 11.85 -8.59 -71.51
C TRP H 483 11.48 -8.80 -70.05
N TRP H 484 10.29 -9.36 -69.83
CA TRP H 484 9.76 -9.59 -68.50
C TRP H 484 9.02 -10.91 -68.43
N THR H 485 9.06 -11.56 -67.27
CA THR H 485 8.39 -12.85 -67.07
C THR H 485 8.08 -13.10 -65.59
N THR H 486 7.48 -14.25 -65.28
CA THR H 486 7.22 -14.68 -63.90
C THR H 486 7.59 -16.13 -63.72
N ASP H 487 7.58 -16.57 -62.47
CA ASP H 487 7.53 -18.00 -62.18
C ASP H 487 6.11 -18.44 -62.51
N ILE H 488 5.95 -19.33 -63.49
CA ILE H 488 4.62 -19.91 -63.77
C ILE H 488 4.22 -20.75 -62.57
N GLY H 489 3.04 -20.44 -62.03
CA GLY H 489 2.52 -20.99 -60.79
C GLY H 489 2.82 -20.16 -59.55
N GLY H 490 3.66 -19.13 -59.69
CA GLY H 490 4.22 -18.42 -58.54
C GLY H 490 5.39 -19.19 -57.94
N PHE H 491 6.06 -18.58 -56.96
CA PHE H 491 7.23 -19.18 -56.33
C PHE H 491 6.87 -20.07 -55.15
N ASP H 492 6.15 -19.51 -54.16
CA ASP H 492 6.03 -20.08 -52.82
C ASP H 492 4.60 -20.53 -52.50
N GLY H 493 4.45 -21.78 -52.05
CA GLY H 493 3.19 -22.29 -51.48
C GLY H 493 2.40 -23.30 -52.29
N GLY H 494 2.87 -23.65 -53.48
CA GLY H 494 2.15 -24.56 -54.38
C GLY H 494 2.44 -26.02 -54.08
N ASP H 495 1.45 -26.74 -53.53
CA ASP H 495 1.57 -28.17 -53.31
C ASP H 495 1.17 -28.89 -54.60
N ILE H 496 2.06 -29.72 -55.14
CA ILE H 496 1.82 -30.39 -56.43
C ILE H 496 0.64 -31.39 -56.44
N ASN H 497 0.23 -31.83 -55.26
CA ASN H 497 -0.91 -32.75 -55.09
C ASN H 497 -2.23 -32.04 -54.76
N ASP H 498 -2.20 -30.71 -54.65
CA ASP H 498 -3.38 -29.92 -54.28
C ASP H 498 -4.14 -29.51 -55.56
N PRO H 499 -5.42 -29.91 -55.71
CA PRO H 499 -6.22 -29.51 -56.87
C PRO H 499 -6.39 -27.99 -57.05
N ALA H 500 -6.48 -27.25 -55.94
CA ALA H 500 -6.59 -25.77 -56.00
C ALA H 500 -5.36 -25.14 -56.65
N PHE H 501 -4.18 -25.56 -56.23
CA PHE H 501 -2.94 -25.07 -56.85
C PHE H 501 -2.85 -25.47 -58.32
N GLN H 502 -3.19 -26.73 -58.62
CA GLN H 502 -3.21 -27.23 -60.00
C GLN H 502 -4.05 -26.35 -60.94
N GLU H 503 -5.22 -25.88 -60.49
CA GLU H 503 -6.02 -24.97 -61.32
C GLU H 503 -5.31 -23.63 -61.54
N LEU H 504 -4.73 -23.07 -60.48
CA LEU H 504 -3.93 -21.85 -60.58
C LEU H 504 -2.78 -22.03 -61.57
N LEU H 505 -2.05 -23.13 -61.42
CA LEU H 505 -0.93 -23.46 -62.31
C LEU H 505 -1.32 -23.43 -63.79
N ILE H 506 -2.48 -24.01 -64.12
CA ILE H 506 -2.97 -24.05 -65.50
C ILE H 506 -3.29 -22.66 -66.00
N ARG H 507 -3.98 -21.86 -65.19
CA ARG H 507 -4.32 -20.49 -65.56
C ARG H 507 -3.08 -19.61 -65.73
N TRP H 508 -2.10 -19.82 -64.85
CA TRP H 508 -0.83 -19.10 -64.90
C TRP H 508 -0.01 -19.53 -66.13
N PHE H 509 -0.02 -20.83 -66.44
CA PHE H 509 0.70 -21.34 -67.63
C PHE H 509 0.10 -20.78 -68.92
N GLN H 510 -1.22 -20.80 -69.00
CA GLN H 510 -1.94 -20.24 -70.14
C GLN H 510 -1.63 -18.77 -70.39
N TRP H 511 -1.59 -17.98 -69.32
CA TRP H 511 -1.12 -16.59 -69.41
C TRP H 511 0.35 -16.54 -69.81
N GLY H 512 1.15 -17.46 -69.25
CA GLY H 512 2.58 -17.58 -69.55
C GLY H 512 2.96 -17.79 -71.01
N VAL H 513 2.07 -18.46 -71.76
CA VAL H 513 2.26 -18.63 -73.20
C VAL H 513 2.34 -17.26 -73.88
N PHE H 514 1.52 -16.31 -73.41
CA PHE H 514 1.48 -14.95 -73.95
C PHE H 514 2.19 -13.93 -73.05
N CYS H 515 3.26 -14.37 -72.39
CA CYS H 515 4.21 -13.46 -71.72
C CYS H 515 5.46 -13.37 -72.58
N PRO H 516 6.24 -12.28 -72.43
CA PRO H 516 7.43 -12.10 -73.28
C PRO H 516 8.38 -13.31 -73.29
N VAL H 517 8.59 -13.93 -72.12
CA VAL H 517 9.28 -15.21 -71.99
C VAL H 517 8.36 -16.18 -71.26
N THR H 518 8.32 -17.43 -71.73
CA THR H 518 7.51 -18.50 -71.13
C THR H 518 8.44 -19.39 -70.31
N ARG H 519 8.30 -19.29 -68.98
CA ARG H 519 9.24 -19.91 -68.04
C ARG H 519 8.52 -20.55 -66.87
N LEU H 520 8.74 -21.85 -66.68
CA LEU H 520 8.20 -22.59 -65.53
C LEU H 520 9.24 -22.60 -64.44
N HIS H 521 8.86 -22.15 -63.25
CA HIS H 521 9.71 -22.21 -62.05
C HIS H 521 8.85 -22.19 -60.79
N GLY H 522 9.41 -22.71 -59.70
CA GLY H 522 8.83 -22.54 -58.38
C GLY H 522 9.55 -23.31 -57.30
N PHE H 523 9.09 -23.11 -56.07
CA PHE H 523 9.51 -23.86 -54.90
C PHE H 523 8.27 -24.60 -54.44
N ARG H 524 8.10 -25.81 -54.96
CA ARG H 524 6.85 -26.58 -54.80
C ARG H 524 6.89 -27.43 -53.55
N GLN H 525 5.73 -27.57 -52.90
CA GLN H 525 5.57 -28.45 -51.74
C GLN H 525 5.10 -29.84 -52.21
N PRO H 526 5.36 -30.91 -51.45
CA PRO H 526 6.08 -30.90 -50.18
C PRO H 526 7.59 -30.76 -50.37
N MET H 527 8.20 -29.82 -49.64
CA MET H 527 9.64 -29.58 -49.70
C MET H 527 10.41 -30.69 -48.98
N GLU H 528 11.67 -30.86 -49.37
CA GLU H 528 12.54 -31.91 -48.83
C GLU H 528 13.81 -31.29 -48.22
N GLU H 529 14.02 -31.51 -46.92
CA GLU H 529 15.24 -31.07 -46.23
C GLU H 529 16.45 -31.84 -46.79
N PRO H 530 17.64 -31.23 -46.75
CA PRO H 530 18.83 -31.94 -47.25
C PRO H 530 19.20 -33.12 -46.35
N ALA H 531 19.91 -34.09 -46.92
CA ALA H 531 20.28 -35.33 -46.22
C ALA H 531 20.97 -35.01 -44.89
N GLU H 532 22.05 -34.23 -44.98
CA GLU H 532 22.69 -33.66 -43.80
C GLU H 532 22.55 -32.13 -43.82
N THR H 533 22.32 -31.55 -42.65
CA THR H 533 22.10 -30.12 -42.51
C THR H 533 23.35 -29.31 -42.89
N TYR H 534 24.51 -29.81 -42.48
CA TYR H 534 25.80 -29.20 -42.79
C TYR H 534 26.74 -30.19 -43.48
N ARG H 535 27.63 -29.66 -44.31
CA ARG H 535 28.78 -30.40 -44.83
C ARG H 535 29.95 -29.43 -44.79
N ASP H 536 31.05 -29.84 -44.14
CA ASP H 536 32.24 -29.00 -43.94
C ASP H 536 31.91 -27.66 -43.23
N GLY H 537 30.93 -27.68 -42.32
CA GLY H 537 30.45 -26.48 -41.63
C GLY H 537 29.58 -25.53 -42.42
N ILE H 538 29.26 -25.87 -43.67
CA ILE H 538 28.52 -25.02 -44.58
C ILE H 538 27.08 -25.54 -44.63
N ALA H 539 26.12 -24.68 -44.27
CA ALA H 539 24.71 -25.06 -44.26
C ALA H 539 24.28 -25.47 -45.67
N GLN H 540 23.59 -26.61 -45.77
CA GLN H 540 23.17 -27.18 -47.06
C GLN H 540 21.78 -26.71 -47.44
N CYS H 541 21.57 -26.51 -48.74
CA CYS H 541 20.31 -25.98 -49.25
C CYS H 541 19.31 -27.09 -49.57
N MET H 542 18.08 -26.92 -49.07
CA MET H 542 16.96 -27.82 -49.39
C MET H 542 16.54 -27.78 -50.87
N THR H 543 15.57 -28.62 -51.21
CA THR H 543 14.87 -28.58 -52.49
C THR H 543 13.35 -28.68 -52.27
N GLY H 544 12.60 -28.09 -53.20
CA GLY H 544 11.16 -28.34 -53.32
C GLY H 544 10.87 -29.62 -54.10
N ALA H 545 9.59 -29.93 -54.26
CA ALA H 545 9.14 -31.11 -55.00
C ALA H 545 9.31 -30.92 -56.51
N ALA H 546 8.90 -31.92 -57.30
CA ALA H 546 9.02 -31.86 -58.77
C ALA H 546 8.19 -30.73 -59.37
N ASN H 547 8.65 -30.20 -60.51
CA ASN H 547 7.98 -29.08 -61.19
C ASN H 547 8.19 -29.16 -62.71
N GLU H 548 7.82 -30.30 -63.26
CA GLU H 548 7.86 -30.55 -64.71
C GLU H 548 6.41 -30.65 -65.17
N ILE H 549 6.13 -30.48 -66.48
CA ILE H 549 4.73 -30.42 -66.92
C ILE H 549 3.93 -31.73 -66.76
N TRP H 550 4.64 -32.85 -66.58
CA TRP H 550 4.04 -34.16 -66.26
C TRP H 550 3.86 -34.45 -64.77
N SER H 551 4.33 -33.55 -63.90
CA SER H 551 4.35 -33.79 -62.46
C SER H 551 3.00 -33.59 -61.75
N TYR H 552 1.98 -33.14 -62.49
CA TYR H 552 0.68 -32.75 -61.91
C TYR H 552 -0.51 -33.57 -62.47
N GLY H 553 -0.27 -34.82 -62.86
CA GLY H 553 -1.32 -35.70 -63.41
C GLY H 553 -1.50 -35.58 -64.91
N GLU H 554 -2.16 -36.58 -65.50
CA GLU H 554 -2.26 -36.69 -66.97
C GLU H 554 -3.12 -35.61 -67.62
N ASP H 555 -4.25 -35.27 -67.01
CA ASP H 555 -5.15 -34.24 -67.56
C ASP H 555 -4.48 -32.84 -67.59
N ASN H 556 -3.75 -32.50 -66.52
CA ASN H 556 -2.99 -31.25 -66.48
C ASN H 556 -1.81 -31.29 -67.44
N TYR H 557 -1.15 -32.44 -67.55
CA TYR H 557 -0.08 -32.66 -68.53
C TYR H 557 -0.53 -32.39 -69.95
N ALA H 558 -1.73 -32.84 -70.30
CA ALA H 558 -2.32 -32.59 -71.62
C ALA H 558 -2.50 -31.10 -71.92
N ILE H 559 -2.97 -30.34 -70.93
CA ILE H 559 -3.16 -28.90 -71.08
C ILE H 559 -1.81 -28.18 -71.27
N MET H 560 -0.86 -28.44 -70.37
CA MET H 560 0.46 -27.81 -70.44
C MET H 560 1.25 -28.22 -71.69
N LYS H 561 1.06 -29.45 -72.16
CA LYS H 561 1.66 -29.92 -73.41
C LYS H 561 1.20 -29.08 -74.61
N SER H 562 -0.10 -28.81 -74.70
CA SER H 562 -0.64 -27.98 -75.79
C SER H 562 -0.27 -26.49 -75.63
N CYS H 563 -0.07 -26.04 -74.39
CA CYS H 563 0.51 -24.71 -74.13
C CYS H 563 1.90 -24.58 -74.73
N LEU H 564 2.76 -25.57 -74.49
CA LEU H 564 4.11 -25.56 -75.06
C LEU H 564 4.09 -25.58 -76.58
N GLU H 565 3.24 -26.43 -77.15
CA GLU H 565 3.09 -26.51 -78.61
C GLU H 565 2.59 -25.19 -79.21
N LEU H 566 1.60 -24.58 -78.56
CA LEU H 566 1.10 -23.25 -78.95
C LEU H 566 2.21 -22.19 -78.91
N ARG H 567 3.04 -22.24 -77.86
CA ARG H 567 4.15 -21.30 -77.71
C ARG H 567 5.16 -21.43 -78.84
N GLU H 568 5.47 -22.67 -79.25
CA GLU H 568 6.37 -22.90 -80.40
C GLU H 568 5.84 -22.33 -81.70
N ARG H 569 4.52 -22.45 -81.93
CA ARG H 569 3.86 -21.84 -83.09
C ARG H 569 3.92 -20.31 -83.09
N LEU H 570 3.92 -19.72 -81.89
CA LEU H 570 4.02 -18.26 -81.73
C LEU H 570 5.44 -17.70 -81.85
N ARG H 571 6.47 -18.55 -81.80
CA ARG H 571 7.86 -18.08 -81.75
C ARG H 571 8.26 -17.10 -82.87
N PRO H 572 7.87 -17.37 -84.13
CA PRO H 572 8.12 -16.38 -85.18
C PRO H 572 7.52 -15.01 -84.88
N TYR H 573 6.27 -14.99 -84.42
CA TYR H 573 5.60 -13.75 -84.02
C TYR H 573 6.28 -13.07 -82.83
N VAL H 574 6.60 -13.86 -81.81
CA VAL H 574 7.35 -13.37 -80.64
C VAL H 574 8.67 -12.69 -81.09
N MET H 575 9.42 -13.35 -81.97
CA MET H 575 10.68 -12.77 -82.45
C MET H 575 10.48 -11.47 -83.25
N ARG H 576 9.39 -11.36 -84.00
CA ARG H 576 9.04 -10.11 -84.69
C ARG H 576 8.72 -8.99 -83.68
N VAL H 577 7.98 -9.32 -82.63
CA VAL H 577 7.62 -8.33 -81.60
C VAL H 577 8.86 -7.92 -80.78
N MET H 578 9.77 -8.87 -80.56
CA MET H 578 11.07 -8.59 -79.91
C MET H 578 11.94 -7.66 -80.75
N LYS H 579 11.95 -7.86 -82.07
CA LYS H 579 12.69 -6.97 -82.97
C LYS H 579 12.12 -5.56 -82.93
N ALA H 580 10.79 -5.44 -82.95
CA ALA H 580 10.13 -4.14 -82.82
C ALA H 580 10.45 -3.45 -81.50
N ALA H 581 10.54 -4.22 -80.42
CA ALA H 581 10.97 -3.69 -79.11
C ALA H 581 12.37 -3.10 -79.18
N HIS H 582 13.27 -3.82 -79.84
CA HIS H 582 14.65 -3.37 -80.07
C HIS H 582 14.70 -2.13 -80.97
N ASP H 583 13.89 -2.09 -82.02
CA ASP H 583 13.91 -0.98 -82.99
C ASP H 583 13.17 0.27 -82.53
N THR H 584 12.08 0.11 -81.74
CA THR H 584 11.18 1.22 -81.42
C THR H 584 10.92 1.47 -79.93
N GLY H 585 11.44 0.64 -79.03
CA GLY H 585 11.19 0.79 -77.59
C GLY H 585 9.81 0.37 -77.11
N ALA H 586 9.01 -0.24 -77.99
CA ALA H 586 7.67 -0.69 -77.64
C ALA H 586 7.78 -1.96 -76.79
N PRO H 587 6.93 -2.08 -75.74
CA PRO H 587 6.93 -3.32 -74.96
C PRO H 587 6.33 -4.53 -75.70
N VAL H 588 6.57 -5.71 -75.17
CA VAL H 588 6.09 -6.94 -75.79
C VAL H 588 4.66 -7.19 -75.34
N MET H 589 4.44 -7.29 -74.04
CA MET H 589 3.08 -7.27 -73.47
C MET H 589 2.74 -5.80 -73.17
N ARG H 590 1.65 -5.31 -73.79
CA ARG H 590 1.28 -3.89 -73.73
C ARG H 590 -0.15 -3.73 -73.20
N PRO H 591 -0.43 -2.64 -72.45
CA PRO H 591 -1.83 -2.33 -72.17
C PRO H 591 -2.59 -1.98 -73.45
N LEU H 592 -3.91 -2.07 -73.41
CA LEU H 592 -4.75 -1.85 -74.59
C LEU H 592 -4.57 -0.46 -75.21
N PHE H 593 -4.32 0.54 -74.37
CA PHE H 593 -4.10 1.92 -74.85
C PHE H 593 -2.84 2.12 -75.70
N PHE H 594 -1.88 1.20 -75.59
CA PHE H 594 -0.67 1.27 -76.42
C PHE H 594 -1.00 1.11 -77.92
N ASP H 595 -1.89 0.16 -78.23
CA ASP H 595 -2.32 -0.10 -79.63
C ASP H 595 -3.62 0.61 -80.02
N PHE H 596 -4.43 1.01 -79.03
CA PHE H 596 -5.70 1.70 -79.29
C PHE H 596 -5.86 2.93 -78.38
N PRO H 597 -4.93 3.91 -78.52
CA PRO H 597 -4.92 5.11 -77.66
C PRO H 597 -6.14 6.03 -77.79
N ASP H 598 -6.81 6.02 -78.96
CA ASP H 598 -7.99 6.87 -79.21
C ASP H 598 -9.31 6.30 -78.66
N GLN H 599 -9.30 5.12 -78.05
CA GLN H 599 -10.52 4.47 -77.55
C GLN H 599 -10.58 4.49 -76.02
N ALA H 600 -11.68 4.99 -75.48
CA ALA H 600 -11.82 5.22 -74.03
C ALA H 600 -11.66 3.94 -73.20
N GLU H 601 -12.21 2.83 -73.67
CA GLU H 601 -12.16 1.55 -72.93
C GLU H 601 -10.73 1.02 -72.77
N ALA H 602 -9.87 1.31 -73.75
CA ALA H 602 -8.46 0.91 -73.71
C ALA H 602 -7.72 1.49 -72.50
N TRP H 603 -8.12 2.68 -72.06
CA TRP H 603 -7.58 3.31 -70.85
C TRP H 603 -8.23 2.87 -69.53
N GLN H 604 -9.34 2.13 -69.60
CA GLN H 604 -10.07 1.64 -68.40
C GLN H 604 -9.81 0.17 -68.05
N ILE H 605 -9.64 -0.67 -69.08
CA ILE H 605 -9.53 -2.12 -68.89
C ILE H 605 -8.14 -2.53 -68.41
N GLU H 606 -8.11 -3.28 -67.30
CA GLU H 606 -6.87 -3.73 -66.68
C GLU H 606 -6.73 -5.25 -66.57
N ASP H 607 -7.71 -6.01 -67.08
CA ASP H 607 -7.63 -7.48 -67.10
C ASP H 607 -7.58 -8.06 -68.53
N GLN H 608 -7.24 -7.21 -69.49
CA GLN H 608 -6.91 -7.64 -70.85
C GLN H 608 -5.68 -6.88 -71.27
N TYR H 609 -4.97 -7.42 -72.26
CA TYR H 609 -3.80 -6.77 -72.80
C TYR H 609 -3.51 -7.25 -74.23
N MET H 610 -2.55 -6.57 -74.87
CA MET H 610 -2.09 -6.91 -76.20
C MET H 610 -0.72 -7.58 -76.10
N PHE H 611 -0.62 -8.80 -76.64
CA PHE H 611 0.65 -9.48 -76.79
C PHE H 611 1.14 -9.17 -78.20
N GLY H 612 2.01 -8.16 -78.29
CA GLY H 612 2.33 -7.52 -79.57
C GLY H 612 1.08 -6.86 -80.14
N PRO H 613 1.16 -6.33 -81.37
CA PRO H 613 0.02 -5.58 -81.91
C PRO H 613 -1.16 -6.43 -82.44
N ASP H 614 -1.00 -7.75 -82.51
CA ASP H 614 -1.94 -8.63 -83.23
C ASP H 614 -2.67 -9.69 -82.39
N ILE H 615 -2.39 -9.78 -81.08
CA ILE H 615 -3.02 -10.78 -80.21
C ILE H 615 -3.59 -10.11 -78.96
N LEU H 616 -4.91 -10.17 -78.82
CA LEU H 616 -5.62 -9.68 -77.65
C LEU H 616 -5.77 -10.83 -76.67
N VAL H 617 -5.25 -10.68 -75.45
CA VAL H 617 -5.27 -11.72 -74.44
C VAL H 617 -6.16 -11.29 -73.28
N ALA H 618 -6.96 -12.21 -72.78
CA ALA H 618 -7.89 -11.95 -71.69
C ALA H 618 -7.75 -13.08 -70.67
N PRO H 619 -6.73 -12.99 -69.79
CA PRO H 619 -6.49 -14.09 -68.85
C PRO H 619 -7.62 -14.30 -67.85
N VAL H 620 -7.74 -15.52 -67.34
CA VAL H 620 -8.64 -15.84 -66.24
C VAL H 620 -7.85 -15.69 -64.94
N LEU H 621 -8.38 -14.88 -64.03
CA LEU H 621 -7.69 -14.45 -62.81
C LEU H 621 -8.43 -14.85 -61.54
N GLU H 622 -9.36 -15.81 -61.63
CA GLU H 622 -10.12 -16.30 -60.48
C GLU H 622 -10.26 -17.82 -60.52
N ALA H 623 -10.25 -18.44 -59.35
CA ALA H 623 -10.47 -19.88 -59.22
C ALA H 623 -11.93 -20.23 -59.54
N GLY H 624 -12.13 -21.31 -60.30
CA GLY H 624 -13.47 -21.79 -60.66
C GLY H 624 -14.18 -21.05 -61.78
N GLN H 625 -13.56 -19.99 -62.30
CA GLN H 625 -14.16 -19.19 -63.37
C GLN H 625 -14.07 -19.98 -64.68
N ARG H 626 -15.22 -20.12 -65.35
CA ARG H 626 -15.30 -20.84 -66.62
C ARG H 626 -15.82 -20.01 -67.81
N SER H 627 -16.05 -18.72 -67.57
CA SER H 627 -16.33 -17.76 -68.63
C SER H 627 -16.03 -16.35 -68.11
N ARG H 628 -15.85 -15.41 -69.04
CA ARG H 628 -15.60 -14.02 -68.67
C ARG H 628 -15.94 -13.05 -69.80
N LYS H 629 -16.13 -11.79 -69.43
CA LYS H 629 -16.39 -10.70 -70.36
C LYS H 629 -15.08 -10.28 -71.03
N VAL H 630 -15.15 -9.99 -72.34
CA VAL H 630 -13.98 -9.55 -73.12
C VAL H 630 -14.41 -8.42 -74.07
N TRP H 631 -13.79 -7.24 -73.90
CA TRP H 631 -13.99 -6.12 -74.83
C TRP H 631 -13.08 -6.29 -76.04
N LEU H 632 -13.66 -6.20 -77.24
CA LEU H 632 -12.90 -6.26 -78.48
C LEU H 632 -12.70 -4.83 -78.99
N PRO H 633 -11.45 -4.40 -79.19
CA PRO H 633 -11.20 -3.05 -79.71
C PRO H 633 -11.79 -2.77 -81.09
N GLU H 634 -12.25 -1.54 -81.30
CA GLU H 634 -12.77 -1.09 -82.59
C GLU H 634 -11.65 -0.88 -83.60
N GLY H 635 -12.00 -0.91 -84.88
CA GLY H 635 -11.06 -0.63 -85.97
C GLY H 635 -10.59 -1.84 -86.76
N CYS H 636 -10.89 -3.04 -86.26
CA CYS H 636 -10.57 -4.28 -86.96
C CYS H 636 -11.47 -5.41 -86.47
N ALA H 637 -11.47 -6.51 -87.21
CA ALA H 637 -12.16 -7.73 -86.81
C ALA H 637 -11.20 -8.63 -86.04
N TRP H 638 -11.77 -9.53 -85.24
CA TRP H 638 -11.00 -10.37 -84.31
C TRP H 638 -11.35 -11.85 -84.49
N ILE H 639 -10.32 -12.69 -84.67
CA ILE H 639 -10.48 -14.13 -84.83
C ILE H 639 -10.23 -14.84 -83.50
N ASP H 640 -11.24 -15.52 -82.98
CA ASP H 640 -11.11 -16.33 -81.76
C ASP H 640 -10.13 -17.47 -82.01
N LEU H 641 -9.04 -17.49 -81.24
CA LEU H 641 -8.01 -18.53 -81.37
C LEU H 641 -8.52 -19.95 -81.10
N ASN H 642 -9.49 -20.08 -80.18
CA ASN H 642 -9.96 -21.40 -79.74
C ASN H 642 -11.03 -22.02 -80.64
N THR H 643 -11.92 -21.21 -81.20
CA THR H 643 -12.99 -21.67 -82.11
C THR H 643 -12.73 -21.37 -83.60
N GLY H 644 -12.06 -20.25 -83.90
CA GLY H 644 -11.89 -19.76 -85.26
C GLY H 644 -12.99 -18.79 -85.70
N ALA H 645 -13.94 -18.49 -84.83
CA ALA H 645 -15.07 -17.62 -85.15
C ALA H 645 -14.64 -16.16 -85.29
N ARG H 646 -15.19 -15.50 -86.31
CA ARG H 646 -14.93 -14.08 -86.57
C ARG H 646 -15.82 -13.21 -85.69
N GLN H 647 -15.26 -12.12 -85.18
CA GLN H 647 -15.99 -11.15 -84.35
C GLN H 647 -15.64 -9.73 -84.77
N ASN H 648 -16.64 -8.89 -84.94
CA ASN H 648 -16.44 -7.48 -85.26
C ASN H 648 -15.88 -6.76 -84.03
N GLY H 649 -14.98 -5.81 -84.26
CA GLY H 649 -14.46 -4.96 -83.19
C GLY H 649 -15.50 -3.96 -82.69
N GLY H 650 -15.30 -3.49 -81.47
CA GLY H 650 -16.15 -2.45 -80.87
C GLY H 650 -17.35 -3.00 -80.13
N GLN H 651 -17.15 -4.07 -79.36
CA GLN H 651 -18.21 -4.71 -78.58
C GLN H 651 -17.66 -5.54 -77.43
N TRP H 652 -18.54 -5.86 -76.48
CA TRP H 652 -18.25 -6.79 -75.40
C TRP H 652 -18.82 -8.17 -75.71
N CYS H 653 -18.05 -9.23 -75.41
CA CYS H 653 -18.45 -10.61 -75.64
C CYS H 653 -18.40 -11.40 -74.34
N ASP H 654 -19.37 -12.29 -74.14
CA ASP H 654 -19.25 -13.38 -73.17
C ASP H 654 -18.43 -14.46 -73.86
N CYS H 655 -17.25 -14.76 -73.33
CA CYS H 655 -16.38 -15.76 -73.93
C CYS H 655 -16.26 -16.98 -73.04
N ASP H 656 -16.33 -18.15 -73.67
CA ASP H 656 -16.14 -19.42 -73.00
C ASP H 656 -14.67 -19.48 -72.55
N ALA H 657 -14.46 -19.88 -71.30
CA ALA H 657 -13.13 -19.98 -70.72
C ALA H 657 -13.03 -21.26 -69.89
N PRO H 658 -13.10 -22.43 -70.55
CA PRO H 658 -12.96 -23.68 -69.81
C PRO H 658 -11.55 -23.82 -69.25
N LEU H 659 -11.31 -24.81 -68.40
CA LEU H 659 -9.97 -25.03 -67.84
C LEU H 659 -8.89 -25.18 -68.92
N GLU H 660 -9.27 -25.68 -70.10
CA GLU H 660 -8.32 -25.99 -71.17
C GLU H 660 -7.91 -24.80 -72.04
N ALA H 661 -8.53 -23.63 -71.86
CA ALA H 661 -8.13 -22.42 -72.59
C ALA H 661 -8.57 -21.10 -71.93
N ILE H 662 -7.84 -20.03 -72.24
CA ILE H 662 -8.27 -18.67 -71.87
C ILE H 662 -8.68 -17.94 -73.15
N PRO H 663 -9.61 -16.96 -73.04
CA PRO H 663 -10.00 -16.23 -74.26
C PRO H 663 -8.85 -15.44 -74.87
N VAL H 664 -8.51 -15.77 -76.12
CA VAL H 664 -7.51 -15.06 -76.92
C VAL H 664 -8.08 -14.77 -78.31
N PHE H 665 -7.80 -13.59 -78.83
CA PHE H 665 -8.26 -13.17 -80.15
C PHE H 665 -7.11 -12.63 -80.98
N ILE H 666 -7.16 -12.89 -82.28
CA ILE H 666 -6.12 -12.49 -83.23
C ILE H 666 -6.68 -11.43 -84.17
N ARG H 667 -5.91 -10.38 -84.43
CA ARG H 667 -6.28 -9.35 -85.43
C ARG H 667 -6.45 -10.03 -86.79
N GLU H 668 -7.60 -9.84 -87.42
CA GLU H 668 -7.92 -10.50 -88.69
C GLU H 668 -6.91 -10.11 -89.77
N ALA H 669 -6.47 -11.12 -90.53
CA ALA H 669 -5.50 -10.95 -91.63
C ALA H 669 -4.07 -10.59 -91.17
N ALA H 670 -3.80 -10.72 -89.88
CA ALA H 670 -2.45 -10.51 -89.36
C ALA H 670 -1.64 -11.75 -89.70
N ALA H 671 -0.35 -11.55 -89.97
CA ALA H 671 0.56 -12.64 -90.30
C ALA H 671 0.52 -13.80 -89.30
N VAL H 672 0.35 -13.49 -88.01
CA VAL H 672 0.26 -14.52 -86.96
C VAL H 672 -1.00 -15.41 -87.09
N GLN H 673 -2.08 -14.87 -87.67
CA GLN H 673 -3.25 -15.70 -88.01
C GLN H 673 -2.88 -16.78 -89.01
N ALA H 674 -2.15 -16.39 -90.06
CA ALA H 674 -1.63 -17.34 -91.06
C ALA H 674 -0.69 -18.40 -90.45
N GLU H 675 0.14 -18.00 -89.50
CA GLU H 675 1.09 -18.92 -88.85
C GLU H 675 0.46 -19.91 -87.87
N LEU H 676 -0.60 -19.48 -87.18
CA LEU H 676 -1.31 -20.35 -86.22
C LEU H 676 -2.23 -21.37 -86.91
N SER H 677 -2.83 -20.98 -88.05
CA SER H 677 -3.67 -21.88 -88.85
C SER H 677 -2.87 -22.75 -89.85
N ILE H 678 -1.55 -22.52 -89.96
CA ILE H 678 -0.62 -23.43 -90.66
C ILE H 678 0.14 -24.23 -89.60
#